data_7RAK
#
_entry.id   7RAK
#
loop_
_entity.id
_entity.type
_entity.pdbx_description
1 polymer Chaperonin
2 non-polymer "ADENOSINE-5'-TRIPHOSPHATE"
#
_entity_poly.entity_id   1
_entity_poly.type   'polypeptide(L)'
_entity_poly.pdbx_seq_one_letter_code
;MGRDAQRMNILAGRIIAETVRSTLGPKGMDKMLVDDLGDVVVTNDGVTILREMSVEHPAAKMLIEVAKTQEKEVGDGTTT
AVVVAGELLRKAEELLDQNVHPTIVVKGYQAAAQKAQELLKTIACEVGAQDKEILTKIAMTSITGKGAEKAKEKLAEIIV
EAVSAVVDDEGKVDKDLIKIEKKSGASIDDTELIKGVLVDKERVSAQMPKKVTDAKIALLNCAIEIKETETDAEIRITDP
AKLMEFIEQEEKMLKDMVAEIKASGANVLFCQKGIDDLAQHYLAKEGIVAARRVKKSDMEKLAKATGANVITNIKDLSAQ
DLGDAGLVEERKISGDSMIFVEECKHPKAVTMLIRGTTEHVIEEVARAVDDAVGVVGCTIEDGRIVSGGGSTEVELSMKL
REYAEGISGREQLAVRAFADALEVIPRTLAENAGLDAIEILVKVRAAHASNGNKCAGLNVFTGAVEDMCENGVVEPLRVK
TQAIQSAAESTEMLLRIDDVIAAEKLR
;
_entity_poly.pdbx_strand_id   U,A,B,C,D,E,F,G,H,I,J,K,L,M,N,O
#
# COMPACT_ATOMS: atom_id res chain seq x y z
N MET A 1 15.88 -29.02 24.81
CA MET A 1 14.85 -30.05 24.83
C MET A 1 14.59 -30.55 26.25
N GLY A 2 15.67 -30.75 27.01
CA GLY A 2 15.53 -31.23 28.37
C GLY A 2 14.99 -30.17 29.31
N ARG A 3 15.26 -28.89 29.04
CA ARG A 3 14.80 -27.80 29.87
C ARG A 3 13.61 -27.06 29.28
N ASP A 4 13.21 -27.38 28.05
CA ASP A 4 12.07 -26.71 27.43
C ASP A 4 10.76 -27.40 27.80
N ALA A 5 10.71 -28.73 27.65
CA ALA A 5 9.51 -29.49 27.98
C ALA A 5 9.33 -29.71 29.48
N GLN A 6 10.35 -29.42 30.28
CA GLN A 6 10.28 -29.59 31.73
C GLN A 6 9.61 -28.42 32.43
N ARG A 7 9.91 -27.19 32.03
CA ARG A 7 9.30 -26.03 32.67
C ARG A 7 7.82 -25.90 32.31
N MET A 8 7.44 -26.32 31.10
CA MET A 8 6.04 -26.24 30.70
C MET A 8 5.17 -27.18 31.53
N ASN A 9 5.69 -28.37 31.85
CA ASN A 9 4.93 -29.31 32.67
C ASN A 9 4.72 -28.78 34.08
N ILE A 10 5.67 -28.00 34.59
CA ILE A 10 5.52 -27.42 35.92
C ILE A 10 4.58 -26.22 35.89
N LEU A 11 4.66 -25.41 34.82
CA LEU A 11 3.77 -24.26 34.69
C LEU A 11 2.32 -24.70 34.48
N ALA A 12 2.10 -25.82 33.79
CA ALA A 12 0.75 -26.31 33.61
C ALA A 12 0.17 -26.88 34.90
N GLY A 13 1.03 -27.37 35.79
CA GLY A 13 0.55 -27.89 37.06
C GLY A 13 0.37 -26.83 38.12
N ARG A 14 1.18 -25.78 38.09
CA ARG A 14 1.04 -24.70 39.07
C ARG A 14 -0.25 -23.92 38.89
N ILE A 15 -0.83 -23.92 37.69
CA ILE A 15 -2.09 -23.23 37.47
C ILE A 15 -3.24 -23.96 38.15
N ILE A 16 -3.29 -25.28 37.98
CA ILE A 16 -4.35 -26.07 38.59
C ILE A 16 -4.08 -26.36 40.07
N ALA A 17 -2.85 -26.17 40.53
CA ALA A 17 -2.54 -26.41 41.93
C ALA A 17 -2.96 -25.23 42.81
N GLU A 18 -2.87 -24.02 42.28
CA GLU A 18 -3.24 -22.82 43.03
C GLU A 18 -4.71 -22.47 42.87
N THR A 19 -5.50 -23.30 42.18
CA THR A 19 -6.93 -22.99 42.01
C THR A 19 -7.69 -23.25 43.30
N VAL A 20 -7.39 -24.33 44.00
CA VAL A 20 -8.07 -24.68 45.24
C VAL A 20 -7.28 -24.13 46.43
N ARG A 21 -6.43 -23.14 46.18
CA ARG A 21 -5.65 -22.55 47.27
C ARG A 21 -6.53 -21.75 48.22
N SER A 22 -7.47 -20.97 47.68
CA SER A 22 -8.36 -20.18 48.50
C SER A 22 -9.43 -21.01 49.21
N THR A 23 -9.75 -22.19 48.70
CA THR A 23 -10.75 -23.07 49.29
C THR A 23 -10.10 -24.07 50.24
N LEU A 24 -9.43 -23.57 51.27
CA LEU A 24 -8.77 -24.40 52.26
C LEU A 24 -9.15 -24.05 53.69
N GLY A 25 -9.20 -22.77 54.02
CA GLY A 25 -9.55 -22.34 55.35
C GLY A 25 -11.03 -22.50 55.64
N PRO A 26 -11.42 -22.36 56.91
CA PRO A 26 -12.85 -22.50 57.26
C PRO A 26 -13.70 -21.35 56.76
N LYS A 27 -13.13 -20.14 56.65
CA LYS A 27 -13.89 -18.99 56.18
C LYS A 27 -13.34 -18.48 54.85
N GLY A 28 -13.22 -19.38 53.86
CA GLY A 28 -12.71 -19.00 52.57
C GLY A 28 -13.81 -18.76 51.55
N MET A 29 -13.41 -18.18 50.42
CA MET A 29 -14.35 -17.88 49.35
C MET A 29 -14.72 -19.16 48.60
N ASP A 30 -15.88 -19.13 47.95
CA ASP A 30 -16.38 -20.26 47.19
C ASP A 30 -15.96 -20.14 45.74
N LYS A 31 -16.42 -21.09 44.92
CA LYS A 31 -16.10 -21.13 43.50
C LYS A 31 -17.38 -21.25 42.70
N MET A 32 -17.54 -20.39 41.71
CA MET A 32 -18.70 -20.39 40.82
C MET A 32 -18.33 -21.11 39.53
N LEU A 33 -19.04 -22.20 39.25
CA LEU A 33 -18.79 -23.02 38.07
C LEU A 33 -19.95 -22.92 37.11
N VAL A 34 -19.66 -22.57 35.86
CA VAL A 34 -20.68 -22.46 34.82
C VAL A 34 -20.44 -23.55 33.78
N ASP A 35 -21.48 -23.85 33.02
CA ASP A 35 -21.43 -24.87 31.98
C ASP A 35 -21.88 -24.25 30.65
N ASP A 36 -21.86 -25.07 29.60
CA ASP A 36 -22.27 -24.60 28.28
C ASP A 36 -23.77 -24.40 28.18
N LEU A 37 -24.55 -25.27 28.84
CA LEU A 37 -26.01 -25.13 28.80
C LEU A 37 -26.48 -23.96 29.66
N GLY A 38 -25.72 -23.60 30.70
CA GLY A 38 -26.09 -22.51 31.57
C GLY A 38 -26.40 -22.95 32.98
N ASP A 39 -25.59 -23.86 33.52
CA ASP A 39 -25.76 -24.36 34.87
C ASP A 39 -24.74 -23.70 35.78
N VAL A 40 -25.19 -22.74 36.58
CA VAL A 40 -24.33 -22.00 37.50
C VAL A 40 -24.44 -22.65 38.88
N VAL A 41 -23.35 -23.23 39.34
CA VAL A 41 -23.32 -23.89 40.65
C VAL A 41 -22.23 -23.26 41.50
N VAL A 42 -22.36 -23.45 42.81
CA VAL A 42 -21.43 -22.92 43.80
C VAL A 42 -20.82 -24.09 44.56
N THR A 43 -19.49 -24.14 44.61
CA THR A 43 -18.78 -25.21 45.30
C THR A 43 -17.78 -24.61 46.27
N ASN A 44 -17.85 -25.01 47.53
CA ASN A 44 -16.95 -24.52 48.56
C ASN A 44 -15.77 -25.43 48.82
N ASP A 45 -15.93 -26.74 48.61
CA ASP A 45 -14.86 -27.70 48.86
C ASP A 45 -13.91 -27.72 47.66
N GLY A 46 -12.96 -28.64 47.68
CA GLY A 46 -11.99 -28.76 46.60
C GLY A 46 -12.06 -30.08 45.87
N VAL A 47 -12.86 -31.01 46.38
CA VAL A 47 -12.99 -32.31 45.73
C VAL A 47 -13.78 -32.19 44.44
N THR A 48 -14.87 -31.42 44.46
CA THR A 48 -15.67 -31.23 43.25
C THR A 48 -14.95 -30.37 42.23
N ILE A 49 -14.06 -29.48 42.69
CA ILE A 49 -13.33 -28.61 41.77
C ILE A 49 -12.39 -29.43 40.88
N LEU A 50 -11.76 -30.46 41.46
CA LEU A 50 -10.84 -31.28 40.69
C LEU A 50 -11.56 -32.12 39.64
N ARG A 51 -12.82 -32.48 39.90
CA ARG A 51 -13.58 -33.28 38.95
C ARG A 51 -14.02 -32.44 37.74
N GLU A 52 -14.87 -31.44 37.99
CA GLU A 52 -15.35 -30.55 36.93
C GLU A 52 -14.26 -29.51 36.64
N MET A 53 -13.30 -29.92 35.83
CA MET A 53 -12.19 -29.04 35.45
C MET A 53 -11.67 -29.48 34.09
N SER A 54 -11.29 -28.50 33.26
CA SER A 54 -10.77 -28.76 31.93
C SER A 54 -9.47 -29.55 32.02
N VAL A 55 -9.52 -30.85 31.72
CA VAL A 55 -8.34 -31.71 31.78
C VAL A 55 -7.77 -31.88 30.38
N GLU A 56 -7.80 -30.81 29.57
CA GLU A 56 -7.29 -30.88 28.21
C GLU A 56 -5.77 -31.02 28.18
N HIS A 57 -5.07 -30.63 29.24
CA HIS A 57 -3.62 -30.75 29.24
C HIS A 57 -3.19 -32.03 29.95
N PRO A 58 -2.18 -32.73 29.42
CA PRO A 58 -1.75 -33.99 30.06
C PRO A 58 -1.22 -33.80 31.47
N ALA A 59 -0.63 -32.64 31.78
CA ALA A 59 -0.09 -32.42 33.11
C ALA A 59 -1.20 -32.26 34.15
N ALA A 60 -2.34 -31.72 33.74
CA ALA A 60 -3.48 -31.51 34.64
C ALA A 60 -4.43 -32.71 34.67
N LYS A 61 -3.90 -33.92 34.87
CA LYS A 61 -4.72 -35.11 34.90
C LYS A 61 -4.18 -36.13 35.89
N MET A 62 -2.86 -36.30 35.91
CA MET A 62 -2.25 -37.27 36.83
C MET A 62 -2.44 -36.85 38.28
N LEU A 63 -2.31 -35.55 38.57
CA LEU A 63 -2.51 -35.07 39.94
C LEU A 63 -3.94 -35.31 40.38
N ILE A 64 -4.92 -35.06 39.49
CA ILE A 64 -6.31 -35.28 39.83
C ILE A 64 -6.58 -36.77 40.03
N GLU A 65 -5.98 -37.62 39.20
CA GLU A 65 -6.16 -39.06 39.35
C GLU A 65 -5.58 -39.56 40.67
N VAL A 66 -4.43 -39.00 41.09
CA VAL A 66 -3.84 -39.39 42.36
C VAL A 66 -4.69 -38.89 43.51
N ALA A 67 -5.23 -37.67 43.41
CA ALA A 67 -6.05 -37.13 44.49
C ALA A 67 -7.36 -37.88 44.63
N LYS A 68 -7.92 -38.38 43.52
CA LYS A 68 -9.15 -39.15 43.59
C LYS A 68 -8.96 -40.47 44.31
N THR A 69 -7.77 -41.07 44.19
CA THR A 69 -7.50 -42.33 44.89
C THR A 69 -7.31 -42.11 46.38
N GLN A 70 -6.86 -40.91 46.78
CA GLN A 70 -6.69 -40.62 48.20
C GLN A 70 -7.97 -40.11 48.84
N GLU A 71 -8.84 -39.47 48.06
CA GLU A 71 -10.09 -38.96 48.61
C GLU A 71 -11.03 -40.10 49.02
N LYS A 72 -10.94 -41.24 48.36
CA LYS A 72 -11.77 -42.39 48.67
C LYS A 72 -11.31 -43.14 49.91
N GLU A 73 -10.25 -42.68 50.58
CA GLU A 73 -9.74 -43.33 51.77
C GLU A 73 -10.43 -42.82 53.04
N VAL A 74 -10.19 -41.56 53.40
CA VAL A 74 -10.80 -40.97 54.60
C VAL A 74 -11.64 -39.77 54.19
N GLY A 75 -11.31 -39.15 53.06
CA GLY A 75 -12.05 -38.01 52.57
C GLY A 75 -11.93 -36.78 53.46
N ASP A 76 -10.71 -36.27 53.59
CA ASP A 76 -10.47 -35.09 54.41
C ASP A 76 -9.20 -34.37 53.99
N GLY A 77 -8.17 -35.12 53.63
CA GLY A 77 -6.91 -34.53 53.21
C GLY A 77 -6.71 -34.54 51.71
N THR A 78 -7.62 -33.88 50.98
CA THR A 78 -7.57 -33.81 49.53
C THR A 78 -7.05 -32.48 49.02
N THR A 79 -7.64 -31.37 49.48
CA THR A 79 -7.19 -30.05 49.02
C THR A 79 -5.82 -29.71 49.59
N THR A 80 -5.59 -30.02 50.86
CA THR A 80 -4.29 -29.72 51.47
C THR A 80 -3.17 -30.49 50.79
N ALA A 81 -3.44 -31.72 50.34
CA ALA A 81 -2.42 -32.48 49.62
C ALA A 81 -2.04 -31.80 48.31
N VAL A 82 -3.04 -31.30 47.58
CA VAL A 82 -2.77 -30.59 46.33
C VAL A 82 -2.01 -29.29 46.61
N VAL A 83 -2.35 -28.61 47.70
CA VAL A 83 -1.65 -27.37 48.05
C VAL A 83 -0.18 -27.66 48.37
N VAL A 84 0.07 -28.73 49.14
CA VAL A 84 1.45 -29.09 49.48
C VAL A 84 2.22 -29.50 48.24
N ALA A 85 1.56 -30.24 47.33
CA ALA A 85 2.23 -30.65 46.09
C ALA A 85 2.58 -29.43 45.24
N GLY A 86 1.66 -28.47 45.12
CA GLY A 86 1.95 -27.27 44.37
C GLY A 86 3.06 -26.44 45.00
N GLU A 87 3.08 -26.36 46.34
CA GLU A 87 4.15 -25.65 47.01
C GLU A 87 5.50 -26.33 46.78
N LEU A 88 5.53 -27.66 46.83
CA LEU A 88 6.76 -28.39 46.56
C LEU A 88 7.24 -28.17 45.14
N LEU A 89 6.31 -28.18 44.17
CA LEU A 89 6.69 -27.94 42.78
C LEU A 89 7.22 -26.53 42.59
N ARG A 90 6.58 -25.54 43.21
CA ARG A 90 7.05 -24.16 43.09
C ARG A 90 8.41 -23.97 43.76
N LYS A 91 8.67 -24.68 44.86
CA LYS A 91 9.96 -24.57 45.53
C LYS A 91 11.05 -25.28 44.73
N ALA A 92 10.72 -26.41 44.10
CA ALA A 92 11.70 -27.14 43.31
C ALA A 92 11.96 -26.49 41.96
N GLU A 93 11.03 -25.69 41.45
CA GLU A 93 11.25 -25.01 40.17
C GLU A 93 12.39 -24.01 40.28
N GLU A 94 12.50 -23.31 41.41
CA GLU A 94 13.57 -22.34 41.59
C GLU A 94 14.92 -23.01 41.77
N LEU A 95 14.94 -24.21 42.35
CA LEU A 95 16.20 -24.93 42.57
C LEU A 95 16.82 -25.45 41.30
N LEU A 96 16.08 -25.46 40.19
CA LEU A 96 16.60 -25.95 38.91
C LEU A 96 17.46 -24.91 38.19
N ASP A 97 17.58 -23.70 38.73
CA ASP A 97 18.39 -22.66 38.10
C ASP A 97 19.88 -22.85 38.34
N GLN A 98 20.28 -23.60 39.37
CA GLN A 98 21.68 -23.85 39.66
C GLN A 98 22.28 -24.95 38.82
N ASN A 99 21.51 -25.53 37.90
CA ASN A 99 21.96 -26.60 37.00
C ASN A 99 22.49 -27.79 37.81
N VAL A 100 21.55 -28.48 38.45
CA VAL A 100 21.86 -29.66 39.23
C VAL A 100 21.09 -30.85 38.68
N HIS A 101 20.01 -30.57 37.94
CA HIS A 101 19.12 -31.53 37.28
C HIS A 101 18.36 -32.36 38.29
N PRO A 102 17.09 -32.70 38.02
CA PRO A 102 16.28 -33.39 39.02
C PRO A 102 16.70 -34.84 39.27
N THR A 103 17.32 -35.08 40.42
CA THR A 103 17.70 -36.43 40.83
C THR A 103 17.93 -36.48 42.34
N ILE A 104 18.79 -35.58 42.84
CA ILE A 104 19.07 -35.55 44.27
C ILE A 104 17.87 -35.01 45.04
N VAL A 105 17.03 -34.20 44.39
CA VAL A 105 15.85 -33.66 45.07
C VAL A 105 14.87 -34.77 45.40
N VAL A 106 14.72 -35.75 44.51
CA VAL A 106 13.82 -36.87 44.76
C VAL A 106 14.33 -37.70 45.94
N LYS A 107 15.64 -37.95 45.98
CA LYS A 107 16.21 -38.69 47.11
C LYS A 107 16.05 -37.93 48.42
N GLY A 108 16.24 -36.60 48.37
CA GLY A 108 16.04 -35.81 49.58
C GLY A 108 14.59 -35.85 50.06
N TYR A 109 13.64 -35.77 49.13
CA TYR A 109 12.23 -35.86 49.51
C TYR A 109 11.90 -37.23 50.08
N GLN A 110 12.45 -38.30 49.49
CA GLN A 110 12.19 -39.64 50.00
C GLN A 110 12.81 -39.83 51.38
N ALA A 111 13.97 -39.21 51.63
CA ALA A 111 14.59 -39.31 52.96
C ALA A 111 13.87 -38.46 53.99
N ALA A 112 13.30 -37.33 53.57
CA ALA A 112 12.58 -36.48 54.51
C ALA A 112 11.18 -37.01 54.83
N ALA A 113 10.56 -37.72 53.88
CA ALA A 113 9.23 -38.26 54.13
C ALA A 113 9.23 -39.30 55.25
N GLN A 114 10.24 -40.18 55.25
CA GLN A 114 10.34 -41.17 56.32
C GLN A 114 10.58 -40.52 57.67
N LYS A 115 11.43 -39.49 57.71
CA LYS A 115 11.66 -38.78 58.96
C LYS A 115 10.41 -38.09 59.46
N ALA A 116 9.64 -37.49 58.54
CA ALA A 116 8.39 -36.83 58.92
C ALA A 116 7.38 -37.85 59.45
N GLN A 117 7.28 -39.02 58.78
CA GLN A 117 6.36 -40.04 59.26
C GLN A 117 6.77 -40.59 60.61
N GLU A 118 8.08 -40.69 60.87
CA GLU A 118 8.54 -41.16 62.17
C GLU A 118 8.32 -40.10 63.26
N LEU A 119 8.45 -38.83 62.92
CA LEU A 119 8.24 -37.77 63.90
C LEU A 119 6.75 -37.55 64.20
N LEU A 120 5.88 -37.80 63.21
CA LEU A 120 4.45 -37.64 63.46
C LEU A 120 3.92 -38.67 64.43
N LYS A 121 4.50 -39.87 64.45
CA LYS A 121 4.06 -40.92 65.35
C LYS A 121 4.55 -40.74 66.78
N THR A 122 5.36 -39.71 67.04
CA THR A 122 5.88 -39.44 68.38
C THR A 122 5.32 -38.17 69.01
N ILE A 123 4.45 -37.44 68.32
CA ILE A 123 3.89 -36.20 68.84
C ILE A 123 2.40 -36.36 69.14
N ALA A 124 1.90 -37.58 69.20
CA ALA A 124 0.49 -37.87 69.47
C ALA A 124 0.35 -38.43 70.88
N CYS A 125 -0.89 -38.75 71.25
CA CYS A 125 -1.22 -39.30 72.55
C CYS A 125 -2.00 -40.61 72.37
N GLU A 126 -2.50 -41.14 73.48
CA GLU A 126 -3.26 -42.38 73.49
C GLU A 126 -4.70 -42.06 73.89
N VAL A 127 -5.64 -42.38 73.00
CA VAL A 127 -7.07 -42.15 73.23
C VAL A 127 -7.75 -43.51 73.26
N GLY A 128 -8.27 -43.88 74.43
CA GLY A 128 -8.95 -45.15 74.58
C GLY A 128 -10.39 -45.10 74.13
N ALA A 129 -11.07 -46.23 74.29
CA ALA A 129 -12.47 -46.36 73.91
C ALA A 129 -13.44 -45.97 75.02
N GLN A 130 -12.93 -45.67 76.22
CA GLN A 130 -13.79 -45.31 77.34
C GLN A 130 -14.07 -43.81 77.40
N ASP A 131 -13.55 -43.03 76.46
CA ASP A 131 -13.77 -41.59 76.45
C ASP A 131 -15.10 -41.25 75.79
N LYS A 132 -15.53 -39.99 75.97
CA LYS A 132 -16.77 -39.52 75.39
C LYS A 132 -16.70 -38.03 75.10
N GLU A 133 -16.11 -37.27 76.02
CA GLU A 133 -15.96 -35.82 75.82
C GLU A 133 -14.93 -35.50 74.75
N ILE A 134 -14.02 -36.43 74.45
CA ILE A 134 -13.01 -36.17 73.42
C ILE A 134 -13.57 -36.47 72.03
N LEU A 135 -14.51 -37.41 71.91
CA LEU A 135 -15.01 -37.83 70.62
C LEU A 135 -15.98 -36.83 70.00
N THR A 136 -16.37 -35.78 70.72
CA THR A 136 -17.31 -34.80 70.17
C THR A 136 -16.62 -33.58 69.57
N LYS A 137 -15.40 -33.26 70.02
CA LYS A 137 -14.69 -32.11 69.45
C LYS A 137 -14.29 -32.36 68.01
N ILE A 138 -13.93 -33.60 67.67
CA ILE A 138 -13.56 -33.91 66.29
C ILE A 138 -14.78 -33.80 65.37
N ALA A 139 -15.96 -34.16 65.88
CA ALA A 139 -17.17 -34.01 65.08
C ALA A 139 -17.61 -32.55 64.99
N MET A 140 -17.34 -31.76 66.03
CA MET A 140 -17.68 -30.35 66.00
C MET A 140 -16.78 -29.58 65.04
N THR A 141 -15.48 -29.87 65.03
CA THR A 141 -14.54 -29.19 64.15
C THR A 141 -14.59 -29.73 62.71
N SER A 142 -15.31 -30.81 62.47
CA SER A 142 -15.39 -31.36 61.11
C SER A 142 -16.30 -30.54 60.21
N ILE A 143 -17.21 -29.75 60.78
CA ILE A 143 -18.11 -28.92 60.00
C ILE A 143 -17.77 -27.45 60.23
N THR A 144 -16.89 -26.91 59.39
CA THR A 144 -16.48 -25.51 59.48
C THR A 144 -16.73 -24.75 58.18
N GLY A 145 -16.13 -25.19 57.08
CA GLY A 145 -16.35 -24.54 55.81
C GLY A 145 -17.69 -24.83 55.18
N LYS A 146 -18.42 -25.82 55.71
CA LYS A 146 -19.73 -26.15 55.16
C LYS A 146 -20.76 -25.11 55.57
N GLY A 147 -20.94 -24.90 56.88
CA GLY A 147 -21.89 -23.93 57.38
C GLY A 147 -21.94 -23.88 58.89
N ALA A 148 -21.04 -23.09 59.49
CA ALA A 148 -20.97 -22.96 60.94
C ALA A 148 -22.03 -22.04 61.52
N GLU A 149 -22.87 -21.44 60.67
CA GLU A 149 -23.92 -20.54 61.15
C GLU A 149 -25.16 -21.29 61.64
N LYS A 150 -25.16 -22.62 61.59
CA LYS A 150 -26.29 -23.40 62.05
C LYS A 150 -25.85 -24.80 62.48
N ALA A 151 -24.62 -25.17 62.16
CA ALA A 151 -24.05 -26.48 62.49
C ALA A 151 -22.78 -26.25 63.30
N LYS A 152 -22.92 -26.24 64.62
CA LYS A 152 -21.79 -26.05 65.51
C LYS A 152 -22.08 -26.60 66.90
N GLU A 153 -23.35 -26.91 67.17
CA GLU A 153 -23.74 -27.43 68.47
C GLU A 153 -24.81 -28.51 68.32
N LYS A 154 -25.79 -28.29 67.44
CA LYS A 154 -26.84 -29.28 67.24
C LYS A 154 -26.33 -30.48 66.46
N LEU A 155 -25.46 -30.25 65.47
CA LEU A 155 -24.91 -31.32 64.67
C LEU A 155 -23.69 -31.97 65.31
N ALA A 156 -23.32 -31.58 66.53
CA ALA A 156 -22.18 -32.15 67.22
C ALA A 156 -22.56 -33.10 68.35
N GLU A 157 -23.85 -33.25 68.63
CA GLU A 157 -24.31 -34.13 69.70
C GLU A 157 -25.13 -35.30 69.19
N ILE A 158 -25.44 -35.36 67.90
CA ILE A 158 -26.20 -36.47 67.35
C ILE A 158 -25.36 -37.41 66.50
N ILE A 159 -24.15 -37.01 66.12
CA ILE A 159 -23.29 -37.91 65.34
C ILE A 159 -22.55 -38.88 66.26
N VAL A 160 -22.07 -38.39 67.41
CA VAL A 160 -21.36 -39.26 68.34
C VAL A 160 -22.30 -40.28 68.94
N GLU A 161 -23.54 -39.87 69.26
CA GLU A 161 -24.51 -40.80 69.81
C GLU A 161 -24.99 -41.81 68.79
N ALA A 162 -24.84 -41.53 67.50
CA ALA A 162 -25.26 -42.46 66.46
C ALA A 162 -24.14 -43.41 66.02
N VAL A 163 -22.90 -42.93 65.97
CA VAL A 163 -21.80 -43.79 65.57
C VAL A 163 -21.42 -44.75 66.70
N SER A 164 -21.34 -44.24 67.93
CA SER A 164 -20.98 -45.07 69.07
C SER A 164 -22.08 -46.08 69.38
N ALA A 165 -22.14 -47.17 68.62
CA ALA A 165 -23.13 -48.22 68.84
C ALA A 165 -22.50 -49.59 68.64
N VAL A 166 -21.79 -49.77 67.53
CA VAL A 166 -21.09 -51.02 67.23
C VAL A 166 -19.59 -50.83 67.11
N VAL A 167 -19.08 -49.60 67.28
CA VAL A 167 -17.66 -49.36 67.17
C VAL A 167 -16.96 -49.63 68.50
N ASP A 168 -17.60 -49.25 69.61
CA ASP A 168 -16.99 -49.47 70.92
C ASP A 168 -16.95 -50.95 71.29
N ASP A 169 -17.89 -51.74 70.78
CA ASP A 169 -17.89 -53.17 71.06
C ASP A 169 -16.82 -53.89 70.24
N GLU A 170 -16.80 -53.64 68.93
CA GLU A 170 -15.83 -54.25 68.02
C GLU A 170 -14.99 -53.12 67.42
N GLY A 171 -13.76 -52.99 67.92
CA GLY A 171 -12.87 -51.94 67.45
C GLY A 171 -11.99 -52.39 66.29
N LYS A 172 -12.61 -52.87 65.22
CA LYS A 172 -11.87 -53.32 64.04
C LYS A 172 -12.72 -53.22 62.79
N VAL A 173 -13.89 -53.87 62.80
CA VAL A 173 -14.81 -53.86 61.67
C VAL A 173 -16.07 -53.12 62.08
N ASP A 174 -16.36 -52.02 61.41
CA ASP A 174 -17.54 -51.20 61.69
C ASP A 174 -18.11 -50.62 60.42
N LYS A 175 -18.15 -51.43 59.35
CA LYS A 175 -18.68 -50.99 58.07
C LYS A 175 -20.20 -50.97 58.13
N ASP A 176 -20.78 -49.77 58.13
CA ASP A 176 -22.22 -49.59 58.19
C ASP A 176 -22.71 -49.01 56.87
N LEU A 177 -24.03 -48.81 56.78
CA LEU A 177 -24.68 -48.27 55.60
C LEU A 177 -25.46 -47.02 56.02
N ILE A 178 -24.86 -45.85 55.82
CA ILE A 178 -25.48 -44.58 56.16
C ILE A 178 -25.99 -43.94 54.87
N LYS A 179 -27.28 -43.62 54.85
CA LYS A 179 -27.93 -43.01 53.70
C LYS A 179 -28.48 -41.64 54.09
N ILE A 180 -28.16 -40.63 53.29
CA ILE A 180 -28.62 -39.26 53.52
C ILE A 180 -29.60 -38.90 52.42
N GLU A 181 -30.81 -38.52 52.80
CA GLU A 181 -31.85 -38.16 51.86
C GLU A 181 -31.87 -36.65 51.67
N LYS A 182 -32.03 -36.22 50.41
CA LYS A 182 -32.05 -34.80 50.06
C LYS A 182 -33.50 -34.36 49.89
N LYS A 183 -34.07 -33.81 50.96
CA LYS A 183 -35.44 -33.33 50.94
C LYS A 183 -35.50 -31.97 51.65
N SER A 184 -36.37 -31.10 51.16
CA SER A 184 -36.54 -29.78 51.74
C SER A 184 -37.67 -29.77 52.75
N GLY A 185 -37.99 -28.58 53.25
CA GLY A 185 -39.05 -28.45 54.24
C GLY A 185 -39.54 -27.02 54.40
N ALA A 186 -39.49 -26.51 55.63
CA ALA A 186 -39.94 -25.15 55.91
C ALA A 186 -39.20 -24.57 57.10
N SER A 187 -38.61 -25.43 57.93
CA SER A 187 -37.87 -24.99 59.10
C SER A 187 -36.52 -24.43 58.69
N ILE A 188 -35.81 -23.86 59.67
CA ILE A 188 -34.49 -23.29 59.43
C ILE A 188 -33.48 -24.40 59.22
N ASP A 189 -33.24 -25.19 60.26
CA ASP A 189 -32.29 -26.31 60.19
C ASP A 189 -32.71 -27.34 61.22
N ASP A 190 -33.31 -28.43 60.76
CA ASP A 190 -33.77 -29.51 61.63
C ASP A 190 -33.03 -30.80 61.30
N THR A 191 -32.62 -31.53 62.34
CA THR A 191 -31.89 -32.78 62.18
C THR A 191 -32.62 -33.87 62.96
N GLU A 192 -33.06 -34.89 62.24
CA GLU A 192 -33.76 -36.03 62.83
C GLU A 192 -32.89 -37.28 62.73
N LEU A 193 -32.83 -38.04 63.82
CA LEU A 193 -32.05 -39.27 63.89
C LEU A 193 -33.03 -40.44 64.08
N ILE A 194 -33.40 -41.09 62.99
CA ILE A 194 -34.36 -42.18 63.03
C ILE A 194 -33.65 -43.45 63.49
N LYS A 195 -34.18 -44.07 64.55
CA LYS A 195 -33.60 -45.31 65.08
C LYS A 195 -34.40 -46.51 64.57
N GLY A 196 -34.56 -46.56 63.25
CA GLY A 196 -35.29 -47.64 62.62
C GLY A 196 -35.17 -47.67 61.12
N VAL A 197 -36.29 -47.85 60.42
CA VAL A 197 -36.33 -47.96 58.97
C VAL A 197 -37.13 -46.78 58.42
N LEU A 198 -36.60 -46.15 57.38
CA LEU A 198 -37.24 -45.01 56.72
C LEU A 198 -37.49 -45.38 55.26
N VAL A 199 -38.75 -45.26 54.83
CA VAL A 199 -39.15 -45.54 53.46
C VAL A 199 -39.65 -44.24 52.83
N ASP A 200 -39.09 -43.89 51.68
CA ASP A 200 -39.43 -42.65 50.97
C ASP A 200 -40.36 -42.99 49.81
N LYS A 201 -41.62 -43.25 50.13
CA LYS A 201 -42.63 -43.56 49.12
C LYS A 201 -44.00 -43.29 49.70
N GLU A 202 -44.84 -42.62 48.92
CA GLU A 202 -46.20 -42.28 49.31
C GLU A 202 -47.17 -43.31 48.76
N ARG A 203 -48.46 -42.97 48.77
CA ARG A 203 -49.50 -43.85 48.25
C ARG A 203 -50.47 -43.00 47.42
N VAL A 204 -51.66 -43.55 47.18
CA VAL A 204 -52.67 -42.86 46.39
C VAL A 204 -54.05 -43.14 47.00
N SER A 205 -54.14 -44.22 47.78
CA SER A 205 -55.38 -44.62 48.42
C SER A 205 -55.15 -44.64 49.94
N ALA A 206 -55.64 -43.60 50.62
CA ALA A 206 -55.48 -43.49 52.07
C ALA A 206 -56.68 -44.15 52.77
N GLN A 207 -56.75 -45.47 52.60
CA GLN A 207 -57.81 -46.27 53.20
C GLN A 207 -57.26 -47.41 54.06
N MET A 208 -56.02 -47.29 54.53
CA MET A 208 -55.40 -48.31 55.34
C MET A 208 -54.90 -47.71 56.64
N PRO A 209 -54.99 -48.44 57.75
CA PRO A 209 -54.49 -47.94 59.03
C PRO A 209 -52.98 -47.75 59.01
N LYS A 210 -52.50 -46.97 59.98
CA LYS A 210 -51.07 -46.68 60.09
C LYS A 210 -50.61 -46.71 61.54
N LYS A 211 -51.23 -47.55 62.37
CA LYS A 211 -50.85 -47.64 63.77
C LYS A 211 -51.18 -49.07 64.24
N VAL A 212 -50.19 -49.96 64.12
CA VAL A 212 -50.32 -51.35 64.53
C VAL A 212 -49.24 -51.64 65.56
N THR A 213 -49.65 -52.24 66.68
CA THR A 213 -48.71 -52.54 67.76
C THR A 213 -48.05 -53.90 67.53
N ASP A 214 -46.75 -53.97 67.83
CA ASP A 214 -45.93 -55.17 67.69
C ASP A 214 -46.23 -55.92 66.39
N ALA A 215 -46.24 -55.17 65.29
CA ALA A 215 -46.49 -55.76 63.99
C ALA A 215 -45.27 -56.54 63.51
N LYS A 216 -45.50 -57.44 62.56
CA LYS A 216 -44.45 -58.26 61.98
C LYS A 216 -44.30 -57.94 60.50
N ILE A 217 -43.05 -57.80 60.05
CA ILE A 217 -42.75 -57.45 58.68
C ILE A 217 -42.55 -58.74 57.87
N ALA A 218 -43.26 -58.85 56.76
CA ALA A 218 -43.16 -60.00 55.87
C ALA A 218 -42.74 -59.51 54.49
N LEU A 219 -41.58 -59.97 54.03
CA LEU A 219 -41.02 -59.55 52.75
C LEU A 219 -41.51 -60.50 51.66
N LEU A 220 -42.27 -59.96 50.70
CA LEU A 220 -42.80 -60.73 49.58
C LEU A 220 -42.41 -60.02 48.29
N ASN A 221 -41.83 -60.78 47.36
CA ASN A 221 -41.41 -60.22 46.08
C ASN A 221 -42.55 -60.25 45.07
N CYS A 222 -42.26 -60.69 43.85
CA CYS A 222 -43.27 -60.75 42.79
C CYS A 222 -43.97 -62.09 42.78
N ALA A 223 -44.48 -62.50 41.61
CA ALA A 223 -45.19 -63.77 41.44
C ALA A 223 -46.39 -63.86 42.39
N ILE A 224 -47.12 -62.76 42.54
CA ILE A 224 -48.29 -62.70 43.40
C ILE A 224 -49.56 -62.39 42.61
N GLU A 225 -49.49 -61.44 41.68
CA GLU A 225 -50.66 -61.07 40.90
C GLU A 225 -51.01 -62.17 39.90
N ILE A 226 -52.09 -61.95 39.16
CA ILE A 226 -52.56 -62.94 38.19
C ILE A 226 -51.68 -62.93 36.95
N LYS A 227 -51.27 -61.74 36.48
CA LYS A 227 -50.46 -61.60 35.29
C LYS A 227 -49.31 -60.65 35.60
N GLU A 228 -48.08 -61.16 35.55
CA GLU A 228 -46.89 -60.34 35.80
C GLU A 228 -45.73 -60.80 34.93
N THR A 229 -45.79 -62.05 34.47
CA THR A 229 -44.73 -62.60 33.63
C THR A 229 -45.31 -63.15 32.33
N GLU A 230 -44.95 -64.38 31.98
CA GLU A 230 -45.44 -65.02 30.78
C GLU A 230 -45.63 -66.51 31.04
N THR A 231 -46.35 -67.18 30.14
CA THR A 231 -46.62 -68.60 30.24
C THR A 231 -46.38 -69.25 28.89
N ASP A 232 -45.52 -70.28 28.88
CA ASP A 232 -45.21 -70.96 27.63
C ASP A 232 -46.31 -71.95 27.24
N ALA A 233 -46.81 -72.72 28.20
CA ALA A 233 -47.87 -73.70 27.95
C ALA A 233 -49.19 -72.97 27.80
N GLU A 234 -49.64 -72.82 26.55
CA GLU A 234 -50.90 -72.13 26.29
C GLU A 234 -52.09 -73.02 26.68
N ILE A 235 -53.21 -72.36 26.97
CA ILE A 235 -54.43 -73.04 27.36
C ILE A 235 -55.52 -72.72 26.33
N ARG A 236 -56.63 -73.44 26.43
CA ARG A 236 -57.77 -73.28 25.54
C ARG A 236 -59.04 -73.14 26.37
N ILE A 237 -60.13 -72.80 25.68
CA ILE A 237 -61.43 -72.62 26.31
C ILE A 237 -62.44 -73.55 25.65
N THR A 238 -63.39 -74.03 26.44
CA THR A 238 -64.43 -74.92 25.95
C THR A 238 -65.82 -74.34 26.21
N ASP A 239 -66.19 -74.11 27.46
CA ASP A 239 -67.50 -73.57 27.80
C ASP A 239 -67.37 -72.17 28.38
N PRO A 240 -68.30 -71.26 28.06
CA PRO A 240 -68.22 -69.91 28.62
C PRO A 240 -68.37 -69.85 30.14
N ALA A 241 -69.01 -70.85 30.75
CA ALA A 241 -69.19 -70.87 32.20
C ALA A 241 -67.95 -71.36 32.95
N LYS A 242 -66.88 -71.72 32.24
CA LYS A 242 -65.66 -72.19 32.87
C LYS A 242 -64.64 -71.08 33.10
N LEU A 243 -64.50 -70.16 32.15
CA LEU A 243 -63.55 -69.06 32.32
C LEU A 243 -63.97 -68.14 33.45
N MET A 244 -65.27 -67.84 33.54
CA MET A 244 -65.75 -67.00 34.64
C MET A 244 -65.57 -67.69 35.99
N GLU A 245 -65.79 -69.00 36.03
CA GLU A 245 -65.57 -69.75 37.28
C GLU A 245 -64.11 -69.74 37.67
N PHE A 246 -63.21 -69.89 36.70
CA PHE A 246 -61.78 -69.85 37.01
C PHE A 246 -61.37 -68.47 37.50
N ILE A 247 -61.91 -67.42 36.88
CA ILE A 247 -61.59 -66.05 37.31
C ILE A 247 -62.10 -65.81 38.73
N GLU A 248 -63.32 -66.28 39.03
CA GLU A 248 -63.85 -66.12 40.39
C GLU A 248 -63.02 -66.90 41.40
N GLN A 249 -62.56 -68.10 41.03
CA GLN A 249 -61.72 -68.88 41.94
C GLN A 249 -60.38 -68.20 42.18
N GLU A 250 -59.75 -67.67 41.13
CA GLU A 250 -58.49 -66.97 41.30
C GLU A 250 -58.66 -65.68 42.09
N GLU A 251 -59.83 -65.06 42.00
CA GLU A 251 -60.08 -63.85 42.79
C GLU A 251 -60.30 -64.19 44.26
N LYS A 252 -61.04 -65.26 44.54
CA LYS A 252 -61.29 -65.67 45.91
C LYS A 252 -60.07 -66.34 46.56
N MET A 253 -59.11 -66.79 45.76
CA MET A 253 -57.89 -67.38 46.33
C MET A 253 -57.12 -66.38 47.16
N LEU A 254 -57.22 -65.09 46.83
CA LEU A 254 -56.51 -64.06 47.58
C LEU A 254 -56.98 -64.00 49.02
N LYS A 255 -58.25 -64.31 49.28
CA LYS A 255 -58.76 -64.31 50.64
C LYS A 255 -58.01 -65.31 51.51
N ASP A 256 -57.95 -66.56 51.07
CA ASP A 256 -57.22 -67.57 51.84
C ASP A 256 -55.72 -67.31 51.83
N MET A 257 -55.20 -66.70 50.76
CA MET A 257 -53.78 -66.36 50.73
C MET A 257 -53.44 -65.35 51.82
N VAL A 258 -54.29 -64.34 52.01
CA VAL A 258 -54.06 -63.37 53.08
C VAL A 258 -54.35 -63.99 54.45
N ALA A 259 -55.33 -64.89 54.52
CA ALA A 259 -55.63 -65.54 55.80
C ALA A 259 -54.46 -66.40 56.27
N GLU A 260 -53.77 -67.06 55.33
CA GLU A 260 -52.61 -67.86 55.70
C GLU A 260 -51.49 -66.99 56.25
N ILE A 261 -51.25 -65.84 55.64
CA ILE A 261 -50.23 -64.93 56.14
C ILE A 261 -50.62 -64.38 57.51
N LYS A 262 -51.91 -64.11 57.71
CA LYS A 262 -52.37 -63.62 59.01
C LYS A 262 -52.19 -64.68 60.08
N ALA A 263 -52.51 -65.94 59.77
CA ALA A 263 -52.35 -67.01 60.74
C ALA A 263 -50.90 -67.34 60.99
N SER A 264 -50.01 -67.08 60.01
CA SER A 264 -48.60 -67.35 60.20
C SER A 264 -47.97 -66.36 61.17
N GLY A 265 -48.50 -65.14 61.25
CA GLY A 265 -47.97 -64.13 62.16
C GLY A 265 -47.28 -63.00 61.45
N ALA A 266 -48.03 -62.21 60.68
CA ALA A 266 -47.49 -61.08 59.96
C ALA A 266 -48.57 -60.02 59.79
N ASN A 267 -48.17 -58.75 59.92
CA ASN A 267 -49.10 -57.64 59.79
C ASN A 267 -48.59 -56.53 58.87
N VAL A 268 -47.38 -56.66 58.32
CA VAL A 268 -46.81 -55.66 57.43
C VAL A 268 -46.52 -56.35 56.10
N LEU A 269 -46.97 -55.73 55.01
CA LEU A 269 -46.79 -56.27 53.66
C LEU A 269 -45.93 -55.30 52.86
N PHE A 270 -44.76 -55.76 52.44
CA PHE A 270 -43.83 -54.97 51.62
C PHE A 270 -43.66 -55.68 50.28
N CYS A 271 -44.24 -55.11 49.22
CA CYS A 271 -44.15 -55.66 47.88
C CYS A 271 -43.24 -54.80 47.02
N GLN A 272 -42.58 -55.45 46.05
CA GLN A 272 -41.68 -54.72 45.17
C GLN A 272 -42.44 -53.83 44.19
N LYS A 273 -43.51 -54.37 43.60
CA LYS A 273 -44.30 -53.59 42.65
C LYS A 273 -45.43 -52.85 43.36
N GLY A 274 -46.53 -52.63 42.67
CA GLY A 274 -47.67 -51.91 43.22
C GLY A 274 -48.79 -52.85 43.61
N ILE A 275 -49.59 -52.42 44.59
CA ILE A 275 -50.72 -53.19 45.08
C ILE A 275 -52.00 -52.61 44.48
N ASP A 276 -52.83 -53.48 43.91
CA ASP A 276 -54.07 -53.05 43.30
C ASP A 276 -55.05 -52.56 44.37
N ASP A 277 -55.98 -51.69 43.93
CA ASP A 277 -56.96 -51.13 44.87
C ASP A 277 -57.95 -52.18 45.34
N LEU A 278 -58.19 -53.22 44.54
CA LEU A 278 -59.12 -54.27 44.94
C LEU A 278 -58.55 -55.17 46.03
N ALA A 279 -57.24 -55.19 46.20
CA ALA A 279 -56.59 -56.01 47.22
C ALA A 279 -56.36 -55.26 48.52
N GLN A 280 -56.97 -54.08 48.67
CA GLN A 280 -56.81 -53.29 49.89
C GLN A 280 -57.84 -53.64 50.95
N HIS A 281 -59.10 -53.83 50.55
CA HIS A 281 -60.15 -54.16 51.51
C HIS A 281 -59.84 -55.47 52.23
N TYR A 282 -59.32 -56.46 51.51
CA TYR A 282 -58.93 -57.72 52.14
C TYR A 282 -57.84 -57.53 53.18
N LEU A 283 -57.06 -56.46 53.08
CA LEU A 283 -56.04 -56.14 54.06
C LEU A 283 -56.55 -55.21 55.15
N ALA A 284 -57.79 -54.73 55.04
CA ALA A 284 -58.36 -53.82 56.03
C ALA A 284 -59.23 -54.52 57.06
N LYS A 285 -59.85 -55.64 56.71
CA LYS A 285 -60.70 -56.37 57.64
C LYS A 285 -59.90 -57.25 58.59
N GLU A 286 -58.58 -57.31 58.46
CA GLU A 286 -57.75 -58.12 59.33
C GLU A 286 -56.67 -57.33 60.05
N GLY A 287 -56.48 -56.05 59.74
CA GLY A 287 -55.47 -55.24 60.40
C GLY A 287 -54.07 -55.54 59.91
N ILE A 288 -53.84 -55.41 58.60
CA ILE A 288 -52.54 -55.66 57.99
C ILE A 288 -52.10 -54.39 57.28
N VAL A 289 -50.86 -53.98 57.54
CA VAL A 289 -50.32 -52.78 56.91
C VAL A 289 -50.09 -53.04 55.44
N ALA A 290 -50.63 -52.16 54.59
CA ALA A 290 -50.51 -52.29 53.15
C ALA A 290 -49.49 -51.27 52.63
N ALA A 291 -48.53 -51.74 51.85
CA ALA A 291 -47.51 -50.88 51.27
C ALA A 291 -47.16 -51.40 49.87
N ARG A 292 -46.55 -50.51 49.07
CA ARG A 292 -46.20 -50.84 47.71
C ARG A 292 -44.99 -50.01 47.29
N ARG A 293 -44.35 -50.45 46.20
CA ARG A 293 -43.19 -49.77 45.63
C ARG A 293 -42.07 -49.64 46.66
N VAL A 294 -41.32 -50.71 46.88
CA VAL A 294 -40.20 -50.73 47.81
C VAL A 294 -38.91 -50.79 47.02
N LYS A 295 -38.07 -49.77 47.18
CA LYS A 295 -36.80 -49.73 46.48
C LYS A 295 -35.84 -50.78 47.03
N LYS A 296 -34.95 -51.26 46.16
CA LYS A 296 -33.99 -52.27 46.58
C LYS A 296 -33.05 -51.73 47.64
N SER A 297 -32.68 -50.45 47.55
CA SER A 297 -31.82 -49.85 48.55
C SER A 297 -32.51 -49.79 49.92
N ASP A 298 -33.83 -49.63 49.93
CA ASP A 298 -34.59 -49.64 51.18
C ASP A 298 -35.03 -51.04 51.59
N MET A 299 -35.03 -52.00 50.66
CA MET A 299 -35.40 -53.37 50.97
C MET A 299 -34.23 -54.19 51.51
N GLU A 300 -33.00 -53.89 51.07
CA GLU A 300 -31.84 -54.62 51.56
C GLU A 300 -31.55 -54.37 53.03
N LYS A 301 -32.09 -53.29 53.59
CA LYS A 301 -31.89 -52.96 55.00
C LYS A 301 -32.90 -53.65 55.91
N LEU A 302 -33.70 -54.57 55.39
CA LEU A 302 -34.69 -55.28 56.19
C LEU A 302 -34.26 -56.68 56.59
N ALA A 303 -33.34 -57.30 55.84
CA ALA A 303 -32.87 -58.65 56.17
C ALA A 303 -31.82 -58.67 57.26
N LYS A 304 -31.02 -57.61 57.39
CA LYS A 304 -29.98 -57.53 58.39
C LYS A 304 -30.43 -56.79 59.65
N ALA A 305 -31.62 -56.19 59.65
CA ALA A 305 -32.13 -55.46 60.81
C ALA A 305 -33.29 -56.19 61.47
N THR A 306 -34.37 -56.47 60.73
CA THR A 306 -35.51 -57.16 61.31
C THR A 306 -35.28 -58.66 61.38
N GLY A 307 -34.66 -59.24 60.34
CA GLY A 307 -34.40 -60.66 60.32
C GLY A 307 -35.46 -61.45 59.60
N ALA A 308 -35.45 -61.41 58.27
CA ALA A 308 -36.42 -62.13 57.46
C ALA A 308 -35.82 -62.45 56.11
N ASN A 309 -36.36 -63.48 55.46
CA ASN A 309 -35.89 -63.91 54.15
C ASN A 309 -36.84 -63.42 53.06
N VAL A 310 -36.53 -63.76 51.82
CA VAL A 310 -37.34 -63.36 50.68
C VAL A 310 -37.97 -64.60 50.08
N ILE A 311 -39.09 -64.39 49.37
CA ILE A 311 -39.83 -65.45 48.72
C ILE A 311 -39.93 -65.11 47.24
N THR A 312 -39.39 -65.98 46.39
CA THR A 312 -39.43 -65.75 44.95
C THR A 312 -40.79 -66.05 44.33
N ASN A 313 -41.63 -66.83 45.02
CA ASN A 313 -42.95 -67.16 44.49
C ASN A 313 -44.04 -66.63 45.41
N ILE A 314 -45.03 -67.47 45.71
CA ILE A 314 -46.14 -67.08 46.58
C ILE A 314 -46.48 -68.24 47.50
N LYS A 315 -46.25 -69.46 47.02
CA LYS A 315 -46.53 -70.67 47.80
C LYS A 315 -45.34 -71.15 48.62
N ASP A 316 -44.24 -70.40 48.62
CA ASP A 316 -43.04 -70.77 49.37
C ASP A 316 -42.95 -70.05 50.71
N LEU A 317 -44.06 -69.50 51.20
CA LEU A 317 -44.10 -68.79 52.46
C LEU A 317 -44.65 -69.71 53.54
N SER A 318 -43.93 -69.83 54.66
CA SER A 318 -44.36 -70.68 55.76
C SER A 318 -44.42 -69.90 57.05
N ALA A 319 -43.47 -70.16 57.96
CA ALA A 319 -43.42 -69.47 59.25
C ALA A 319 -42.03 -68.96 59.62
N GLN A 320 -40.97 -69.53 59.07
CA GLN A 320 -39.61 -69.08 59.39
C GLN A 320 -39.18 -67.90 58.55
N ASP A 321 -39.92 -67.55 57.51
CA ASP A 321 -39.58 -66.41 56.64
C ASP A 321 -40.27 -65.13 57.08
N LEU A 322 -40.43 -64.92 58.37
CA LEU A 322 -41.09 -63.74 58.91
C LEU A 322 -40.13 -62.98 59.83
N GLY A 323 -40.40 -61.69 60.01
CA GLY A 323 -39.58 -60.86 60.86
C GLY A 323 -40.32 -60.32 62.06
N ASP A 324 -39.83 -59.21 62.61
CA ASP A 324 -40.45 -58.58 63.77
C ASP A 324 -40.18 -57.09 63.73
N ALA A 325 -41.19 -56.30 64.08
CA ALA A 325 -41.06 -54.85 64.08
C ALA A 325 -41.63 -54.26 65.37
N GLY A 326 -41.77 -52.94 65.41
CA GLY A 326 -42.29 -52.27 66.59
C GLY A 326 -43.50 -51.42 66.30
N LEU A 327 -43.32 -50.33 65.55
CA LEU A 327 -44.43 -49.44 65.22
C LEU A 327 -44.21 -48.88 63.83
N VAL A 328 -45.17 -49.10 62.94
CA VAL A 328 -45.12 -48.61 61.57
C VAL A 328 -46.10 -47.45 61.45
N GLU A 329 -45.61 -46.29 61.03
CA GLU A 329 -46.41 -45.09 60.93
C GLU A 329 -46.12 -44.40 59.59
N GLU A 330 -47.10 -43.63 59.12
CA GLU A 330 -46.99 -42.87 57.87
C GLU A 330 -47.41 -41.43 58.17
N ARG A 331 -46.43 -40.59 58.46
CA ARG A 331 -46.66 -39.19 58.78
C ARG A 331 -46.27 -38.30 57.61
N LYS A 332 -46.92 -37.14 57.52
CA LYS A 332 -46.66 -36.16 56.47
C LYS A 332 -45.81 -35.06 57.08
N ILE A 333 -44.48 -35.20 56.97
CA ILE A 333 -43.53 -34.26 57.53
C ILE A 333 -42.70 -33.68 56.39
N SER A 334 -42.46 -32.37 56.44
CA SER A 334 -41.68 -31.65 55.42
C SER A 334 -42.29 -31.82 54.04
N GLY A 335 -43.62 -31.72 53.95
CA GLY A 335 -44.30 -31.80 52.67
C GLY A 335 -44.61 -33.22 52.24
N ASP A 336 -43.57 -33.98 51.90
CA ASP A 336 -43.76 -35.34 51.43
C ASP A 336 -44.15 -36.26 52.59
N SER A 337 -44.62 -37.46 52.24
CA SER A 337 -45.04 -38.46 53.21
C SER A 337 -44.04 -39.61 53.18
N MET A 338 -43.56 -40.00 54.37
CA MET A 338 -42.59 -41.08 54.51
C MET A 338 -43.09 -42.09 55.53
N ILE A 339 -42.57 -43.30 55.43
CA ILE A 339 -42.94 -44.41 56.32
C ILE A 339 -41.83 -44.61 57.33
N PHE A 340 -42.19 -44.60 58.62
CA PHE A 340 -41.25 -44.79 59.71
C PHE A 340 -41.57 -46.08 60.43
N VAL A 341 -40.60 -46.98 60.50
CA VAL A 341 -40.72 -48.25 61.22
C VAL A 341 -39.76 -48.19 62.39
N GLU A 342 -40.29 -48.03 63.60
CA GLU A 342 -39.50 -47.92 64.81
C GLU A 342 -39.50 -49.24 65.58
N GLU A 343 -38.46 -49.42 66.39
CA GLU A 343 -38.25 -50.61 67.20
C GLU A 343 -38.14 -51.86 66.32
N CYS A 344 -36.93 -52.17 65.87
CA CYS A 344 -36.71 -53.35 65.04
C CYS A 344 -36.21 -54.51 65.89
N LYS A 345 -34.92 -54.82 65.80
CA LYS A 345 -34.33 -55.90 66.57
C LYS A 345 -32.83 -55.70 66.73
N HIS A 346 -32.12 -55.52 65.62
CA HIS A 346 -30.67 -55.29 65.61
C HIS A 346 -30.39 -53.91 65.04
N PRO A 347 -30.28 -52.88 65.89
CA PRO A 347 -29.99 -51.53 65.38
C PRO A 347 -28.56 -51.39 64.90
N LYS A 348 -28.29 -51.87 63.68
CA LYS A 348 -26.94 -51.77 63.12
C LYS A 348 -26.67 -50.38 62.56
N ALA A 349 -27.36 -50.01 61.49
CA ALA A 349 -27.19 -48.72 60.86
C ALA A 349 -28.15 -47.70 61.48
N VAL A 350 -28.11 -46.48 60.96
CA VAL A 350 -28.96 -45.39 61.43
C VAL A 350 -29.26 -44.47 60.26
N THR A 351 -30.36 -43.72 60.38
CA THR A 351 -30.82 -42.82 59.34
C THR A 351 -30.83 -41.39 59.86
N MET A 352 -30.28 -40.47 59.06
CA MET A 352 -30.22 -39.05 59.41
C MET A 352 -30.98 -38.25 58.36
N LEU A 353 -31.90 -37.41 58.81
CA LEU A 353 -32.72 -36.57 57.94
C LEU A 353 -32.43 -35.11 58.25
N ILE A 354 -32.17 -34.32 57.20
CA ILE A 354 -31.87 -32.90 57.32
C ILE A 354 -32.97 -32.12 56.61
N ARG A 355 -33.53 -31.14 57.32
CA ARG A 355 -34.60 -30.29 56.78
C ARG A 355 -34.13 -28.85 56.83
N GLY A 356 -34.17 -28.17 55.68
CA GLY A 356 -33.76 -26.80 55.56
C GLY A 356 -34.87 -25.94 54.99
N THR A 357 -34.46 -24.89 54.27
CA THR A 357 -35.40 -23.95 53.67
C THR A 357 -35.53 -24.20 52.17
N THR A 358 -34.53 -23.80 51.40
CA THR A 358 -34.57 -23.95 49.95
C THR A 358 -34.14 -25.36 49.54
N GLU A 359 -33.33 -25.44 48.48
CA GLU A 359 -32.86 -26.73 47.97
C GLU A 359 -31.34 -26.88 47.99
N HIS A 360 -30.60 -25.78 48.04
CA HIS A 360 -29.14 -25.83 48.07
C HIS A 360 -28.57 -25.93 49.48
N VAL A 361 -29.40 -25.73 50.50
CA VAL A 361 -28.91 -25.82 51.88
C VAL A 361 -28.78 -27.28 52.31
N ILE A 362 -29.82 -28.07 52.06
CA ILE A 362 -29.80 -29.49 52.43
C ILE A 362 -28.65 -30.20 51.72
N GLU A 363 -28.44 -29.91 50.44
CA GLU A 363 -27.32 -30.48 49.71
C GLU A 363 -26.00 -30.07 50.36
N GLU A 364 -25.94 -28.85 50.90
CA GLU A 364 -24.74 -28.42 51.61
C GLU A 364 -24.45 -29.31 52.82
N VAL A 365 -25.49 -29.87 53.43
CA VAL A 365 -25.29 -30.82 54.52
C VAL A 365 -24.96 -32.20 53.97
N ALA A 366 -25.40 -32.50 52.74
CA ALA A 366 -25.12 -33.80 52.15
C ALA A 366 -23.62 -34.04 51.97
N ARG A 367 -22.87 -32.99 51.67
CA ARG A 367 -21.42 -33.07 51.57
C ARG A 367 -20.73 -32.83 52.89
N ALA A 368 -21.48 -32.74 54.00
CA ALA A 368 -20.91 -32.51 55.31
C ALA A 368 -21.02 -33.71 56.25
N VAL A 369 -22.05 -34.54 56.09
CA VAL A 369 -22.21 -35.70 56.96
C VAL A 369 -21.18 -36.78 56.62
N ASP A 370 -21.00 -37.05 55.32
CA ASP A 370 -20.03 -38.07 54.92
C ASP A 370 -18.60 -37.71 55.33
N ASP A 371 -18.30 -36.41 55.39
CA ASP A 371 -17.00 -35.95 55.86
C ASP A 371 -16.94 -35.80 57.38
N ALA A 372 -18.02 -36.08 58.09
CA ALA A 372 -18.05 -35.97 59.54
C ALA A 372 -17.98 -37.31 60.25
N VAL A 373 -18.37 -38.39 59.58
CA VAL A 373 -18.33 -39.73 60.19
C VAL A 373 -17.01 -40.39 59.82
N GLY A 374 -16.45 -40.01 58.67
CA GLY A 374 -15.19 -40.60 58.23
C GLY A 374 -14.04 -40.31 59.17
N VAL A 375 -14.10 -39.18 59.88
CA VAL A 375 -13.06 -38.85 60.86
C VAL A 375 -13.31 -39.50 62.20
N VAL A 376 -14.40 -40.25 62.36
CA VAL A 376 -14.70 -40.91 63.63
C VAL A 376 -14.28 -42.37 63.61
N GLY A 377 -14.57 -43.07 62.51
CA GLY A 377 -14.19 -44.47 62.41
C GLY A 377 -12.69 -44.68 62.44
N CYS A 378 -11.92 -43.69 61.99
CA CYS A 378 -10.47 -43.76 62.05
C CYS A 378 -9.91 -43.26 63.37
N THR A 379 -10.77 -42.91 64.33
CA THR A 379 -10.32 -42.43 65.64
C THR A 379 -10.27 -43.55 66.66
N ILE A 380 -11.33 -44.37 66.73
CA ILE A 380 -11.35 -45.47 67.69
C ILE A 380 -10.38 -46.57 67.28
N GLU A 381 -10.29 -46.85 65.98
CA GLU A 381 -9.39 -47.90 65.52
C GLU A 381 -7.92 -47.48 65.67
N ASP A 382 -7.64 -46.19 65.65
CA ASP A 382 -6.26 -45.71 65.79
C ASP A 382 -6.05 -45.09 67.16
N GLY A 383 -6.37 -43.81 67.31
CA GLY A 383 -6.22 -43.11 68.57
C GLY A 383 -5.02 -42.19 68.66
N ARG A 384 -4.33 -41.92 67.55
CA ARG A 384 -3.16 -41.05 67.56
C ARG A 384 -3.59 -39.63 67.16
N ILE A 385 -4.41 -39.04 68.02
CA ILE A 385 -4.92 -37.69 67.79
C ILE A 385 -3.82 -36.68 68.07
N VAL A 386 -3.54 -35.82 67.10
CA VAL A 386 -2.50 -34.80 67.24
C VAL A 386 -3.17 -33.43 67.39
N SER A 387 -2.37 -32.39 67.48
CA SER A 387 -2.86 -31.02 67.62
C SER A 387 -3.11 -30.44 66.24
N GLY A 388 -4.38 -30.21 65.90
CA GLY A 388 -4.74 -29.66 64.62
C GLY A 388 -4.63 -28.15 64.57
N GLY A 389 -5.04 -27.60 63.44
CA GLY A 389 -4.98 -26.17 63.24
C GLY A 389 -3.68 -25.64 62.69
N GLY A 390 -2.93 -26.46 61.97
CA GLY A 390 -1.67 -26.02 61.41
C GLY A 390 -0.52 -25.96 62.40
N SER A 391 -0.46 -26.92 63.33
CA SER A 391 0.60 -26.96 64.32
C SER A 391 1.60 -28.09 64.11
N THR A 392 1.23 -29.14 63.37
CA THR A 392 2.16 -30.23 63.14
C THR A 392 3.23 -29.85 62.12
N GLU A 393 2.86 -29.09 61.09
CA GLU A 393 3.83 -28.68 60.09
C GLU A 393 4.87 -27.75 60.68
N VAL A 394 4.46 -26.79 61.51
CA VAL A 394 5.39 -25.88 62.15
C VAL A 394 6.30 -26.63 63.11
N GLU A 395 5.78 -27.66 63.78
CA GLU A 395 6.61 -28.44 64.69
C GLU A 395 7.63 -29.28 63.94
N LEU A 396 7.24 -29.85 62.79
CA LEU A 396 8.17 -30.66 62.02
C LEU A 396 9.19 -29.80 61.27
N SER A 397 8.84 -28.56 60.97
CA SER A 397 9.78 -27.67 60.30
C SER A 397 10.94 -27.28 61.21
N MET A 398 10.69 -27.15 62.51
CA MET A 398 11.76 -26.84 63.45
C MET A 398 12.68 -28.04 63.69
N LYS A 399 12.19 -29.25 63.44
CA LYS A 399 12.99 -30.46 63.61
C LYS A 399 13.76 -30.85 62.35
N LEU A 400 13.17 -30.64 61.18
CA LEU A 400 13.87 -30.98 59.94
C LEU A 400 15.11 -30.10 59.72
N ARG A 401 15.05 -28.84 60.16
CA ARG A 401 16.20 -27.97 60.01
C ARG A 401 17.41 -28.48 60.78
N GLU A 402 17.20 -28.96 62.01
CA GLU A 402 18.29 -29.49 62.80
C GLU A 402 18.62 -30.93 62.43
N TYR A 403 17.70 -31.66 61.79
CA TYR A 403 18.00 -33.01 61.35
C TYR A 403 18.82 -33.02 60.05
N ALA A 404 18.62 -32.02 59.18
CA ALA A 404 19.36 -31.95 57.93
C ALA A 404 20.81 -31.53 58.11
N GLU A 405 21.20 -31.11 59.32
CA GLU A 405 22.58 -30.70 59.59
C GLU A 405 23.53 -31.87 59.76
N GLY A 406 23.02 -33.07 60.01
CA GLY A 406 23.87 -34.23 60.20
C GLY A 406 24.36 -34.89 58.93
N ILE A 407 23.89 -34.43 57.77
CA ILE A 407 24.30 -34.98 56.49
C ILE A 407 25.07 -33.93 55.70
N SER A 408 25.89 -34.39 54.78
CA SER A 408 26.70 -33.52 53.93
C SER A 408 26.47 -33.89 52.48
N GLY A 409 26.38 -32.90 51.62
CA GLY A 409 26.16 -33.12 50.20
C GLY A 409 25.07 -32.20 49.68
N ARG A 410 24.68 -32.45 48.44
CA ARG A 410 23.64 -31.66 47.79
C ARG A 410 22.23 -32.06 48.23
N GLU A 411 22.09 -33.13 49.01
CA GLU A 411 20.78 -33.57 49.48
C GLU A 411 20.26 -32.73 50.63
N GLN A 412 21.10 -31.89 51.25
CA GLN A 412 20.63 -31.04 52.34
C GLN A 412 19.71 -29.95 51.84
N LEU A 413 19.97 -29.41 50.65
CA LEU A 413 19.11 -28.36 50.09
C LEU A 413 17.71 -28.89 49.79
N ALA A 414 17.59 -30.18 49.45
CA ALA A 414 16.27 -30.75 49.21
C ALA A 414 15.49 -30.88 50.52
N VAL A 415 16.16 -31.33 51.58
CA VAL A 415 15.49 -31.45 52.87
C VAL A 415 15.10 -30.07 53.40
N ARG A 416 15.98 -29.08 53.23
CA ARG A 416 15.66 -27.73 53.67
C ARG A 416 14.49 -27.16 52.88
N ALA A 417 14.45 -27.44 51.57
CA ALA A 417 13.33 -26.96 50.76
C ALA A 417 12.03 -27.64 51.17
N PHE A 418 12.07 -28.94 51.45
CA PHE A 418 10.87 -29.65 51.90
C PHE A 418 10.40 -29.12 53.26
N ALA A 419 11.34 -28.75 54.13
CA ALA A 419 10.97 -28.22 55.42
C ALA A 419 10.37 -26.82 55.30
N ASP A 420 10.93 -25.99 54.41
CA ASP A 420 10.40 -24.65 54.21
C ASP A 420 9.06 -24.66 53.50
N ALA A 421 8.81 -25.67 52.67
CA ALA A 421 7.53 -25.76 51.97
C ALA A 421 6.38 -26.15 52.89
N LEU A 422 6.67 -26.71 54.06
CA LEU A 422 5.62 -27.09 55.00
C LEU A 422 4.99 -25.89 55.68
N GLU A 423 5.58 -24.70 55.57
CA GLU A 423 5.04 -23.50 56.17
C GLU A 423 3.98 -22.82 55.30
N VAL A 424 3.48 -23.51 54.27
CA VAL A 424 2.46 -22.92 53.41
C VAL A 424 1.07 -23.05 54.02
N ILE A 425 0.85 -24.02 54.91
CA ILE A 425 -0.44 -24.23 55.54
C ILE A 425 -0.79 -23.05 56.45
N PRO A 426 0.10 -22.59 57.35
CA PRO A 426 -0.25 -21.41 58.16
C PRO A 426 -0.39 -20.14 57.36
N ARG A 427 0.31 -20.02 56.22
CA ARG A 427 0.15 -18.84 55.39
C ARG A 427 -1.18 -18.84 54.66
N THR A 428 -1.68 -20.02 54.28
CA THR A 428 -2.98 -20.09 53.63
C THR A 428 -4.13 -20.00 54.62
N LEU A 429 -3.95 -20.51 55.84
CA LEU A 429 -4.99 -20.40 56.86
C LEU A 429 -5.10 -18.99 57.42
N ALA A 430 -4.06 -18.18 57.29
CA ALA A 430 -4.07 -16.80 57.78
C ALA A 430 -4.30 -15.78 56.67
N GLU A 431 -4.27 -16.20 55.40
CA GLU A 431 -4.51 -15.27 54.30
C GLU A 431 -5.96 -14.84 54.23
N ASN A 432 -6.88 -15.68 54.71
CA ASN A 432 -8.29 -15.34 54.68
C ASN A 432 -8.65 -14.21 55.62
N ALA A 433 -7.77 -13.88 56.57
CA ALA A 433 -8.00 -12.79 57.51
C ALA A 433 -7.30 -11.53 57.04
N GLY A 434 -7.47 -10.46 57.83
CA GLY A 434 -6.89 -9.18 57.50
C GLY A 434 -5.84 -8.73 58.50
N LEU A 435 -6.01 -9.09 59.77
CA LEU A 435 -5.10 -8.72 60.83
C LEU A 435 -4.00 -9.76 61.05
N ASP A 436 -3.79 -10.66 60.09
CA ASP A 436 -2.77 -11.70 60.20
C ASP A 436 -1.55 -11.36 59.35
N ALA A 437 -1.70 -11.26 58.03
CA ALA A 437 -0.63 -10.94 57.10
C ALA A 437 0.55 -11.91 57.25
N ILE A 438 1.59 -11.50 57.97
CA ILE A 438 2.78 -12.32 58.14
C ILE A 438 3.28 -12.35 59.57
N GLU A 439 2.78 -11.47 60.45
CA GLU A 439 3.25 -11.45 61.82
C GLU A 439 2.85 -12.71 62.58
N ILE A 440 1.73 -13.32 62.21
CA ILE A 440 1.28 -14.54 62.88
C ILE A 440 2.28 -15.67 62.67
N LEU A 441 2.79 -15.80 61.44
CA LEU A 441 3.75 -16.86 61.15
C LEU A 441 5.05 -16.65 61.90
N VAL A 442 5.45 -15.39 62.10
CA VAL A 442 6.68 -15.12 62.84
C VAL A 442 6.48 -15.36 64.33
N LYS A 443 5.27 -15.08 64.84
CA LYS A 443 5.01 -15.28 66.26
C LYS A 443 4.86 -16.75 66.61
N VAL A 444 4.24 -17.54 65.73
CA VAL A 444 4.08 -18.96 66.00
C VAL A 444 5.33 -19.77 65.72
N ARG A 445 6.36 -19.15 65.14
CA ARG A 445 7.60 -19.86 64.84
C ARG A 445 8.58 -19.85 66.01
N ALA A 446 8.74 -18.69 66.66
CA ALA A 446 9.64 -18.60 67.81
C ALA A 446 9.01 -19.07 69.10
N ALA A 447 7.72 -19.41 69.10
CA ALA A 447 7.07 -19.87 70.32
C ALA A 447 7.42 -21.31 70.65
N HIS A 448 7.66 -22.15 69.63
CA HIS A 448 8.01 -23.55 69.83
C HIS A 448 9.51 -23.77 69.93
N ALA A 449 10.29 -22.72 70.19
CA ALA A 449 11.73 -22.84 70.31
C ALA A 449 12.19 -23.24 71.71
N SER A 450 11.26 -23.38 72.66
CA SER A 450 11.62 -23.76 74.02
C SER A 450 11.56 -25.27 74.19
N ASN A 451 11.20 -25.73 75.39
CA ASN A 451 11.12 -27.17 75.65
C ASN A 451 9.75 -27.71 75.25
N GLY A 452 8.70 -27.31 75.96
CA GLY A 452 7.36 -27.76 75.66
C GLY A 452 6.67 -26.90 74.61
N ASN A 453 5.42 -26.51 74.91
CA ASN A 453 4.62 -25.68 74.00
C ASN A 453 4.47 -26.35 72.64
N LYS A 454 3.55 -27.29 72.52
CA LYS A 454 3.31 -28.01 71.29
C LYS A 454 1.87 -27.92 70.80
N CYS A 455 0.89 -27.89 71.72
CA CYS A 455 -0.50 -27.84 71.34
C CYS A 455 -0.93 -26.48 70.79
N ALA A 456 -0.07 -25.46 70.89
CA ALA A 456 -0.42 -24.14 70.39
C ALA A 456 -0.39 -24.12 68.87
N GLY A 457 -1.34 -23.41 68.26
CA GLY A 457 -1.41 -23.31 66.82
C GLY A 457 -1.95 -21.98 66.34
N LEU A 458 -3.10 -22.00 65.70
CA LEU A 458 -3.71 -20.77 65.18
C LEU A 458 -5.21 -20.98 65.03
N ASN A 459 -5.99 -20.01 65.49
CA ASN A 459 -7.44 -20.04 65.38
C ASN A 459 -7.93 -18.76 64.75
N VAL A 460 -8.82 -18.89 63.76
CA VAL A 460 -9.33 -17.72 63.05
C VAL A 460 -10.54 -17.09 63.74
N PHE A 461 -10.91 -17.56 64.93
CA PHE A 461 -12.04 -17.03 65.67
C PHE A 461 -11.62 -16.14 66.82
N THR A 462 -10.36 -15.70 66.87
CA THR A 462 -9.88 -14.84 67.94
C THR A 462 -8.89 -13.81 67.41
N GLY A 463 -7.72 -14.26 66.98
CA GLY A 463 -6.71 -13.37 66.45
C GLY A 463 -5.36 -13.56 67.10
N ALA A 464 -5.35 -13.90 68.39
CA ALA A 464 -4.12 -14.11 69.13
C ALA A 464 -3.69 -15.57 68.96
N VAL A 465 -2.76 -16.03 69.80
CA VAL A 465 -2.25 -17.39 69.76
C VAL A 465 -2.58 -18.08 71.08
N GLU A 466 -3.00 -19.33 71.00
CA GLU A 466 -3.33 -20.12 72.18
C GLU A 466 -3.29 -21.60 71.81
N ASP A 467 -3.62 -22.44 72.78
CA ASP A 467 -3.62 -23.88 72.56
C ASP A 467 -4.82 -24.28 71.70
N MET A 468 -4.64 -25.35 70.93
CA MET A 468 -5.70 -25.85 70.05
C MET A 468 -6.49 -27.01 70.66
N CYS A 469 -5.89 -27.77 71.58
CA CYS A 469 -6.61 -28.88 72.19
C CYS A 469 -7.66 -28.43 73.19
N GLU A 470 -7.54 -27.22 73.73
CA GLU A 470 -8.51 -26.71 74.69
C GLU A 470 -9.70 -26.03 74.02
N ASN A 471 -9.59 -25.66 72.75
CA ASN A 471 -10.70 -25.01 72.05
C ASN A 471 -11.69 -26.05 71.54
N GLY A 472 -11.26 -26.92 70.64
CA GLY A 472 -12.11 -27.95 70.09
C GLY A 472 -11.66 -28.45 68.73
N VAL A 473 -10.39 -28.30 68.44
CA VAL A 473 -9.80 -28.72 67.16
C VAL A 473 -8.86 -29.89 67.46
N VAL A 474 -9.27 -31.09 67.05
CA VAL A 474 -8.47 -32.29 67.26
C VAL A 474 -8.41 -33.10 65.97
N GLU A 475 -7.73 -32.55 64.96
CA GLU A 475 -7.62 -33.24 63.69
C GLU A 475 -6.76 -34.50 63.84
N PRO A 476 -7.19 -35.64 63.30
CA PRO A 476 -6.41 -36.87 63.46
C PRO A 476 -5.09 -36.84 62.68
N LEU A 477 -4.30 -37.90 62.82
CA LEU A 477 -3.00 -37.97 62.17
C LEU A 477 -3.05 -38.68 60.82
N ARG A 478 -4.00 -39.61 60.63
CA ARG A 478 -4.07 -40.34 59.37
C ARG A 478 -4.34 -39.41 58.20
N VAL A 479 -5.22 -38.42 58.40
CA VAL A 479 -5.52 -37.47 57.33
C VAL A 479 -4.31 -36.63 56.96
N LYS A 480 -3.34 -36.50 57.86
CA LYS A 480 -2.10 -35.79 57.56
C LYS A 480 -1.06 -36.70 56.92
N THR A 481 -0.93 -37.93 57.43
CA THR A 481 0.05 -38.86 56.86
C THR A 481 -0.32 -39.23 55.43
N GLN A 482 -1.61 -39.51 55.17
CA GLN A 482 -2.02 -39.84 53.81
C GLN A 482 -1.83 -38.65 52.87
N ALA A 483 -2.09 -37.44 53.36
CA ALA A 483 -1.89 -36.26 52.52
C ALA A 483 -0.41 -36.06 52.20
N ILE A 484 0.46 -36.25 53.19
CA ILE A 484 1.90 -36.11 52.95
C ILE A 484 2.37 -37.18 51.98
N GLN A 485 1.87 -38.40 52.11
CA GLN A 485 2.26 -39.47 51.19
C GLN A 485 1.80 -39.16 49.77
N SER A 486 0.57 -38.67 49.62
CA SER A 486 0.07 -38.32 48.30
C SER A 486 0.87 -37.16 47.69
N ALA A 487 1.23 -36.18 48.51
CA ALA A 487 2.02 -35.05 48.00
C ALA A 487 3.42 -35.49 47.60
N ALA A 488 4.01 -36.43 48.34
CA ALA A 488 5.34 -36.92 47.99
C ALA A 488 5.31 -37.84 46.78
N GLU A 489 4.20 -38.54 46.55
CA GLU A 489 4.09 -39.41 45.39
C GLU A 489 3.73 -38.64 44.13
N SER A 490 2.97 -37.55 44.26
CA SER A 490 2.56 -36.79 43.09
C SER A 490 3.67 -35.88 42.58
N THR A 491 4.57 -35.42 43.46
CA THR A 491 5.64 -34.52 43.04
C THR A 491 6.74 -35.23 42.28
N GLU A 492 6.77 -36.57 42.29
CA GLU A 492 7.79 -37.33 41.59
C GLU A 492 7.33 -37.82 40.22
N MET A 493 6.03 -37.75 39.93
CA MET A 493 5.52 -38.18 38.64
C MET A 493 5.65 -37.12 37.56
N LEU A 494 6.16 -35.94 37.89
CA LEU A 494 6.34 -34.85 36.95
C LEU A 494 7.79 -34.51 36.67
N LEU A 495 8.66 -34.59 37.69
CA LEU A 495 10.07 -34.30 37.49
C LEU A 495 10.81 -35.41 36.76
N ARG A 496 10.26 -36.62 36.75
CA ARG A 496 10.87 -37.76 36.08
C ARG A 496 10.37 -37.93 34.64
N ILE A 497 9.86 -36.87 34.03
CA ILE A 497 9.35 -36.92 32.67
C ILE A 497 10.34 -36.31 31.69
N ASP A 498 10.87 -35.12 32.00
CA ASP A 498 11.83 -34.42 31.16
C ASP A 498 11.28 -34.19 29.75
N ASP A 499 11.42 -35.18 28.88
CA ASP A 499 10.94 -35.08 27.51
C ASP A 499 9.56 -35.73 27.38
N VAL A 500 8.88 -35.38 26.29
CA VAL A 500 7.54 -35.90 26.01
C VAL A 500 7.41 -36.08 24.50
N ILE A 501 6.94 -37.25 24.08
CA ILE A 501 6.77 -37.56 22.66
C ILE A 501 5.29 -37.83 22.38
N ALA A 502 4.99 -38.22 21.14
CA ALA A 502 3.62 -38.52 20.74
C ALA A 502 3.63 -39.67 19.74
N ALA A 503 2.47 -40.29 19.58
CA ALA A 503 2.32 -41.41 18.66
C ALA A 503 0.88 -41.46 18.16
N GLU A 504 0.68 -42.22 17.09
CA GLU A 504 -0.63 -42.38 16.47
C GLU A 504 -1.24 -43.75 16.74
N LYS A 505 -0.59 -44.57 17.56
CA LYS A 505 -1.09 -45.90 17.89
C LYS A 505 -1.85 -45.86 19.21
N LEU A 506 -2.99 -46.54 19.24
CA LEU A 506 -3.82 -46.57 20.45
C LEU A 506 -3.13 -47.41 21.52
N ARG A 507 -3.06 -46.85 22.73
CA ARG A 507 -2.42 -47.52 23.87
C ARG A 507 -0.99 -47.93 23.57
N MET B 1 24.33 -33.14 -4.50
CA MET B 1 23.39 -34.25 -4.44
C MET B 1 23.92 -35.36 -3.54
N GLY B 2 25.22 -35.66 -3.67
CA GLY B 2 25.80 -36.70 -2.84
C GLY B 2 25.97 -36.31 -1.40
N ARG B 3 26.15 -35.01 -1.12
CA ARG B 3 26.32 -34.51 0.23
C ARG B 3 25.07 -33.85 0.79
N ASP B 4 24.03 -33.66 -0.03
CA ASP B 4 22.80 -33.04 0.44
C ASP B 4 21.86 -34.07 1.06
N ALA B 5 21.62 -35.17 0.34
CA ALA B 5 20.74 -36.23 0.83
C ALA B 5 21.39 -37.11 1.88
N GLN B 6 22.71 -37.01 2.06
CA GLN B 6 23.44 -37.82 3.04
C GLN B 6 23.37 -37.24 4.45
N ARG B 7 23.50 -35.92 4.60
CA ARG B 7 23.44 -35.31 5.91
C ARG B 7 22.03 -35.34 6.49
N MET B 8 21.01 -35.25 5.63
CA MET B 8 19.63 -35.28 6.10
C MET B 8 19.29 -36.65 6.70
N ASN B 9 19.78 -37.72 6.09
CA ASN B 9 19.52 -39.05 6.62
C ASN B 9 20.17 -39.26 7.98
N ILE B 10 21.32 -38.61 8.23
CA ILE B 10 21.97 -38.72 9.53
C ILE B 10 21.28 -37.84 10.56
N LEU B 11 20.83 -36.65 10.14
CA LEU B 11 20.11 -35.78 11.07
C LEU B 11 18.76 -36.35 11.46
N ALA B 12 18.10 -37.07 10.55
CA ALA B 12 16.83 -37.70 10.89
C ALA B 12 17.02 -38.88 11.83
N GLY B 13 18.18 -39.53 11.79
CA GLY B 13 18.43 -40.64 12.68
C GLY B 13 18.96 -40.21 14.04
N ARG B 14 19.71 -39.12 14.10
CA ARG B 14 20.22 -38.64 15.37
C ARG B 14 19.12 -38.13 16.29
N ILE B 15 17.97 -37.72 15.75
CA ILE B 15 16.86 -37.27 16.58
C ILE B 15 16.22 -38.45 17.30
N ILE B 16 15.97 -39.53 16.57
CA ILE B 16 15.35 -40.71 17.19
C ILE B 16 16.36 -41.56 17.96
N ALA B 17 17.67 -41.36 17.73
CA ALA B 17 18.67 -42.11 18.45
C ALA B 17 18.89 -41.56 19.85
N GLU B 18 18.80 -40.23 20.01
CA GLU B 18 19.00 -39.59 21.30
C GLU B 18 17.72 -39.50 22.13
N THR B 19 16.62 -40.09 21.65
CA THR B 19 15.37 -40.04 22.41
C THR B 19 15.41 -40.99 23.60
N VAL B 20 15.96 -42.19 23.43
CA VAL B 20 16.05 -43.17 24.50
C VAL B 20 17.40 -43.06 25.19
N ARG B 21 18.06 -41.91 25.05
CA ARG B 21 19.36 -41.72 25.69
C ARG B 21 19.21 -41.61 27.21
N SER B 22 18.20 -40.89 27.68
CA SER B 22 17.99 -40.73 29.11
C SER B 22 17.42 -41.98 29.77
N THR B 23 16.78 -42.85 29.00
CA THR B 23 16.19 -44.09 29.53
C THR B 23 17.17 -45.26 29.39
N LEU B 24 18.33 -45.14 30.01
CA LEU B 24 19.35 -46.18 29.97
C LEU B 24 19.86 -46.57 31.35
N GLY B 25 20.10 -45.60 32.22
CA GLY B 25 20.58 -45.89 33.56
C GLY B 25 19.49 -46.45 34.45
N PRO B 26 19.88 -46.97 35.61
CA PRO B 26 18.87 -47.53 36.53
C PRO B 26 17.99 -46.48 37.17
N LYS B 27 18.50 -45.26 37.38
CA LYS B 27 17.72 -44.20 37.98
C LYS B 27 17.49 -43.06 37.00
N GLY B 28 16.97 -43.38 35.81
CA GLY B 28 16.71 -42.38 34.80
C GLY B 28 15.26 -41.93 34.77
N MET B 29 15.02 -40.86 34.04
CA MET B 29 13.68 -40.31 33.91
C MET B 29 12.84 -41.16 32.95
N ASP B 30 11.53 -41.09 33.13
CA ASP B 30 10.60 -41.84 32.30
C ASP B 30 10.16 -41.01 31.10
N LYS B 31 9.24 -41.57 30.31
CA LYS B 31 8.73 -40.92 29.12
C LYS B 31 7.21 -40.92 29.15
N MET B 32 6.61 -39.76 28.95
CA MET B 32 5.16 -39.61 28.93
C MET B 32 4.69 -39.60 27.48
N LEU B 33 3.85 -40.57 27.11
CA LEU B 33 3.35 -40.71 25.76
C LEU B 33 1.84 -40.43 25.74
N VAL B 34 1.44 -39.52 24.86
CA VAL B 34 0.03 -39.17 24.71
C VAL B 34 -0.43 -39.61 23.33
N ASP B 35 -1.74 -39.75 23.18
CA ASP B 35 -2.37 -40.16 21.94
C ASP B 35 -3.41 -39.13 21.52
N ASP B 36 -4.05 -39.38 20.37
CA ASP B 36 -5.07 -38.46 19.88
C ASP B 36 -6.36 -38.57 20.68
N LEU B 37 -6.71 -39.77 21.14
CA LEU B 37 -7.93 -39.92 21.94
C LEU B 37 -7.75 -39.38 23.35
N GLY B 38 -6.52 -39.37 23.86
CA GLY B 38 -6.25 -38.86 25.18
C GLY B 38 -5.77 -39.94 26.15
N ASP B 39 -4.88 -40.80 25.67
CA ASP B 39 -4.33 -41.88 26.48
C ASP B 39 -2.92 -41.50 26.91
N VAL B 40 -2.77 -41.09 28.16
CA VAL B 40 -1.48 -40.68 28.73
C VAL B 40 -0.89 -41.88 29.45
N VAL B 41 0.24 -42.37 28.94
CA VAL B 41 0.92 -43.53 29.52
C VAL B 41 2.35 -43.13 29.88
N VAL B 42 2.95 -43.90 30.78
CA VAL B 42 4.31 -43.68 31.24
C VAL B 42 5.13 -44.92 30.92
N THR B 43 6.26 -44.72 30.24
CA THR B 43 7.13 -45.81 29.84
C THR B 43 8.55 -45.51 30.29
N ASN B 44 9.15 -46.44 31.04
CA ASN B 44 10.51 -46.29 31.54
C ASN B 44 11.55 -46.97 30.67
N ASP B 45 11.19 -48.05 29.98
CA ASP B 45 12.12 -48.78 29.15
C ASP B 45 12.26 -48.07 27.80
N GLY B 46 12.98 -48.70 26.86
CA GLY B 46 13.18 -48.12 25.55
C GLY B 46 12.62 -48.97 24.44
N VAL B 47 12.15 -50.17 24.77
CA VAL B 47 11.57 -51.06 23.75
C VAL B 47 10.21 -50.53 23.31
N THR B 48 9.38 -50.09 24.26
CA THR B 48 8.07 -49.56 23.91
C THR B 48 8.18 -48.20 23.22
N ILE B 49 9.25 -47.44 23.50
CA ILE B 49 9.43 -46.14 22.88
C ILE B 49 9.64 -46.28 21.38
N LEU B 50 10.40 -47.30 20.97
CA LEU B 50 10.67 -47.49 19.55
C LEU B 50 9.42 -47.91 18.78
N ARG B 51 8.48 -48.58 19.45
CA ARG B 51 7.26 -49.02 18.78
C ARG B 51 6.30 -47.85 18.57
N GLU B 52 5.82 -47.25 19.66
CA GLU B 52 4.92 -46.10 19.57
C GLU B 52 5.75 -44.85 19.30
N MET B 53 6.07 -44.64 18.03
CA MET B 53 6.86 -43.50 17.61
C MET B 53 6.50 -43.17 16.16
N SER B 54 6.45 -41.88 15.85
CA SER B 54 6.13 -41.41 14.51
C SER B 54 7.19 -41.87 13.52
N VAL B 55 6.87 -42.89 12.71
CA VAL B 55 7.81 -43.43 11.73
C VAL B 55 7.50 -42.86 10.36
N GLU B 56 7.12 -41.57 10.31
CA GLU B 56 6.80 -40.94 9.05
C GLU B 56 8.02 -40.73 8.17
N HIS B 57 9.22 -40.71 8.75
CA HIS B 57 10.42 -40.53 7.94
C HIS B 57 11.05 -41.87 7.61
N PRO B 58 11.54 -42.04 6.38
CA PRO B 58 12.14 -43.34 6.01
C PRO B 58 13.37 -43.69 6.82
N ALA B 59 14.13 -42.70 7.29
CA ALA B 59 15.33 -42.99 8.06
C ALA B 59 15.00 -43.53 9.44
N ALA B 60 13.87 -43.10 10.01
CA ALA B 60 13.44 -43.55 11.34
C ALA B 60 12.56 -44.79 11.28
N LYS B 61 13.01 -45.83 10.57
CA LYS B 61 12.23 -47.06 10.44
C LYS B 61 13.15 -48.28 10.38
N MET B 62 14.24 -48.17 9.63
CA MET B 62 15.17 -49.30 9.50
C MET B 62 15.85 -49.61 10.83
N LEU B 63 16.23 -48.58 11.58
CA LEU B 63 16.85 -48.80 12.88
C LEU B 63 15.88 -49.50 13.84
N ILE B 64 14.61 -49.08 13.83
CA ILE B 64 13.61 -49.70 14.68
C ILE B 64 13.37 -51.15 14.26
N GLU B 65 13.35 -51.41 12.95
CA GLU B 65 13.15 -52.77 12.46
C GLU B 65 14.32 -53.67 12.86
N VAL B 66 15.54 -53.12 12.83
CA VAL B 66 16.71 -53.91 13.24
C VAL B 66 16.68 -54.15 14.73
N ALA B 67 16.28 -53.16 15.52
CA ALA B 67 16.24 -53.31 16.97
C ALA B 67 15.15 -54.30 17.39
N LYS B 68 14.04 -54.36 16.65
CA LYS B 68 12.99 -55.31 16.99
C LYS B 68 13.43 -56.75 16.76
N THR B 69 14.30 -56.98 15.77
CA THR B 69 14.80 -58.34 15.53
C THR B 69 15.80 -58.76 16.59
N GLN B 70 16.49 -57.81 17.21
CA GLN B 70 17.45 -58.14 18.26
C GLN B 70 16.77 -58.23 19.62
N GLU B 71 15.68 -57.50 19.84
CA GLU B 71 14.99 -57.56 21.12
C GLU B 71 14.34 -58.92 21.35
N LYS B 72 13.95 -59.61 20.28
CA LYS B 72 13.32 -60.92 20.39
C LYS B 72 14.33 -62.04 20.67
N GLU B 73 15.61 -61.71 20.82
CA GLU B 73 16.64 -62.70 21.09
C GLU B 73 16.81 -62.95 22.58
N VAL B 74 17.31 -61.96 23.32
CA VAL B 74 17.51 -62.10 24.76
C VAL B 74 16.70 -61.04 25.49
N GLY B 75 16.41 -59.93 24.81
CA GLY B 75 15.62 -58.87 25.39
C GLY B 75 16.32 -58.16 26.54
N ASP B 76 17.45 -57.52 26.25
CA ASP B 76 18.20 -56.81 27.28
C ASP B 76 19.07 -55.73 26.66
N GLY B 77 19.67 -56.03 25.50
CA GLY B 77 20.54 -55.08 24.84
C GLY B 77 19.88 -54.38 23.67
N THR B 78 18.79 -53.67 23.94
CA THR B 78 18.03 -52.95 22.92
C THR B 78 18.30 -51.46 22.93
N THR B 79 18.15 -50.80 24.09
CA THR B 79 18.39 -49.36 24.16
C THR B 79 19.88 -49.04 24.01
N THR B 80 20.74 -49.82 24.64
CA THR B 80 22.17 -49.56 24.54
C THR B 80 22.67 -49.72 23.11
N ALA B 81 22.09 -50.64 22.34
CA ALA B 81 22.47 -50.79 20.95
C ALA B 81 22.12 -49.53 20.15
N VAL B 82 20.94 -48.98 20.38
CA VAL B 82 20.54 -47.75 19.70
C VAL B 82 21.44 -46.60 20.11
N VAL B 83 21.81 -46.54 21.40
CA VAL B 83 22.69 -45.47 21.87
C VAL B 83 24.06 -45.58 21.19
N VAL B 84 24.60 -46.79 21.11
CA VAL B 84 25.91 -46.99 20.46
C VAL B 84 25.82 -46.65 18.98
N ALA B 85 24.72 -47.02 18.32
CA ALA B 85 24.56 -46.69 16.91
C ALA B 85 24.48 -45.18 16.70
N GLY B 86 23.74 -44.48 17.55
CA GLY B 86 23.68 -43.03 17.44
C GLY B 86 25.01 -42.36 17.70
N GLU B 87 25.76 -42.88 18.67
CA GLU B 87 27.09 -42.34 18.93
C GLU B 87 28.03 -42.56 17.75
N LEU B 88 27.96 -43.75 17.13
CA LEU B 88 28.78 -44.02 15.96
C LEU B 88 28.40 -43.11 14.81
N LEU B 89 27.10 -42.88 14.60
CA LEU B 89 26.68 -41.98 13.53
C LEU B 89 27.13 -40.54 13.79
N ARG B 90 27.03 -40.08 15.03
CA ARG B 90 27.47 -38.73 15.37
C ARG B 90 28.98 -38.59 15.22
N LYS B 91 29.73 -39.65 15.52
CA LYS B 91 31.19 -39.58 15.38
C LYS B 91 31.60 -39.62 13.92
N ALA B 92 30.88 -40.40 13.11
CA ALA B 92 31.19 -40.50 11.69
C ALA B 92 30.72 -39.28 10.89
N GLU B 93 29.74 -38.55 11.41
CA GLU B 93 29.29 -37.34 10.71
C GLU B 93 30.38 -36.28 10.67
N GLU B 94 31.15 -36.16 11.75
CA GLU B 94 32.22 -35.16 11.79
C GLU B 94 33.38 -35.56 10.90
N LEU B 95 33.61 -36.87 10.72
CA LEU B 95 34.72 -37.33 9.88
C LEU B 95 34.48 -37.10 8.40
N LEU B 96 33.26 -36.77 7.99
CA LEU B 96 32.95 -36.52 6.60
C LEU B 96 33.35 -35.13 6.13
N ASP B 97 33.86 -34.29 7.03
CA ASP B 97 34.28 -32.94 6.66
C ASP B 97 35.63 -32.90 5.96
N GLN B 98 36.46 -33.93 6.12
CA GLN B 98 37.77 -34.00 5.49
C GLN B 98 37.70 -34.47 4.05
N ASN B 99 36.50 -34.74 3.53
CA ASN B 99 36.29 -35.18 2.14
C ASN B 99 37.07 -36.46 1.86
N VAL B 100 36.58 -37.54 2.48
CA VAL B 100 37.17 -38.86 2.31
C VAL B 100 36.12 -39.80 1.74
N HIS B 101 34.84 -39.45 1.93
CA HIS B 101 33.65 -40.17 1.46
C HIS B 101 33.51 -41.51 2.18
N PRO B 102 32.28 -41.94 2.48
CA PRO B 102 32.09 -43.15 3.28
C PRO B 102 32.46 -44.43 2.55
N THR B 103 33.58 -45.03 2.93
CA THR B 103 34.02 -46.32 2.38
C THR B 103 35.03 -46.98 3.30
N ILE B 104 36.09 -46.24 3.64
CA ILE B 104 37.12 -46.78 4.53
C ILE B 104 36.59 -46.90 5.95
N VAL B 105 35.61 -46.08 6.32
CA VAL B 105 35.05 -46.14 7.66
C VAL B 105 34.32 -47.46 7.88
N VAL B 106 33.61 -47.95 6.85
CA VAL B 106 32.92 -49.23 6.96
C VAL B 106 33.92 -50.37 7.14
N LYS B 107 35.01 -50.34 6.38
CA LYS B 107 36.03 -51.37 6.52
C LYS B 107 36.68 -51.31 7.90
N GLY B 108 36.93 -50.10 8.40
CA GLY B 108 37.49 -49.97 9.74
C GLY B 108 36.56 -50.50 10.81
N TYR B 109 35.26 -50.22 10.69
CA TYR B 109 34.29 -50.75 11.64
C TYR B 109 34.21 -52.27 11.57
N GLN B 110 34.25 -52.83 10.35
CA GLN B 110 34.21 -54.28 10.21
C GLN B 110 35.46 -54.93 10.78
N ALA B 111 36.61 -54.26 10.65
CA ALA B 111 37.85 -54.82 11.21
C ALA B 111 37.88 -54.68 12.73
N ALA B 112 37.28 -53.62 13.27
CA ALA B 112 37.27 -53.43 14.71
C ALA B 112 36.24 -54.31 15.41
N ALA B 113 35.15 -54.64 14.72
CA ALA B 113 34.12 -55.50 15.34
C ALA B 113 34.66 -56.89 15.62
N GLN B 114 35.42 -57.46 14.69
CA GLN B 114 36.00 -58.78 14.92
C GLN B 114 36.99 -58.75 16.07
N LYS B 115 37.82 -57.71 16.14
CA LYS B 115 38.76 -57.59 17.24
C LYS B 115 38.04 -57.45 18.58
N ALA B 116 36.96 -56.68 18.61
CA ALA B 116 36.20 -56.53 19.84
C ALA B 116 35.55 -57.85 20.26
N GLN B 117 35.00 -58.59 19.29
CA GLN B 117 34.41 -59.89 19.60
C GLN B 117 35.45 -60.89 20.08
N GLU B 118 36.68 -60.82 19.55
CA GLU B 118 37.73 -61.71 20.02
C GLU B 118 38.23 -61.32 21.40
N LEU B 119 38.27 -60.02 21.70
CA LEU B 119 38.72 -59.57 23.02
C LEU B 119 37.67 -59.82 24.09
N LEU B 120 36.38 -59.77 23.73
CA LEU B 120 35.33 -60.02 24.73
C LEU B 120 35.34 -61.46 25.21
N LYS B 121 35.74 -62.41 24.34
CA LYS B 121 35.78 -63.81 24.70
C LYS B 121 36.98 -64.18 25.56
N THR B 122 37.89 -63.24 25.81
CA THR B 122 39.07 -63.49 26.61
C THR B 122 39.07 -62.77 27.95
N ILE B 123 38.03 -61.99 28.26
CA ILE B 123 37.96 -61.25 29.52
C ILE B 123 36.88 -61.82 30.44
N ALA B 124 36.39 -63.02 30.15
CA ALA B 124 35.36 -63.68 30.94
C ALA B 124 35.97 -64.83 31.74
N CYS B 125 35.11 -65.51 32.49
CA CYS B 125 35.49 -66.63 33.33
C CYS B 125 34.64 -67.85 32.98
N GLU B 126 34.78 -68.91 33.76
CA GLU B 126 34.04 -70.15 33.58
C GLU B 126 33.10 -70.34 34.76
N VAL B 127 31.80 -70.41 34.47
CA VAL B 127 30.77 -70.60 35.48
C VAL B 127 30.10 -71.94 35.21
N GLY B 128 30.28 -72.88 36.12
CA GLY B 128 29.69 -74.20 35.99
C GLY B 128 28.24 -74.24 36.44
N ALA B 129 27.67 -75.44 36.36
CA ALA B 129 26.28 -75.66 36.76
C ALA B 129 26.13 -76.01 38.24
N GLN B 130 27.24 -76.18 38.97
CA GLN B 130 27.17 -76.52 40.38
C GLN B 130 27.09 -75.30 41.28
N ASP B 131 27.07 -74.10 40.72
CA ASP B 131 27.02 -72.88 41.52
C ASP B 131 25.58 -72.56 41.90
N LYS B 132 25.43 -71.63 42.84
CA LYS B 132 24.12 -71.21 43.30
C LYS B 132 24.14 -69.76 43.77
N GLU B 133 25.21 -69.38 44.48
CA GLU B 133 25.35 -68.01 44.95
C GLU B 133 25.65 -67.04 43.82
N ILE B 134 26.15 -67.54 42.69
CA ILE B 134 26.44 -66.65 41.55
C ILE B 134 25.20 -66.41 40.71
N LEU B 135 24.27 -67.37 40.68
CA LEU B 135 23.10 -67.27 39.81
C LEU B 135 22.04 -66.32 40.35
N THR B 136 22.20 -65.79 41.57
CA THR B 136 21.21 -64.89 42.14
C THR B 136 21.56 -63.42 41.94
N LYS B 137 22.85 -63.09 41.77
CA LYS B 137 23.22 -61.69 41.56
C LYS B 137 22.74 -61.19 40.20
N ILE B 138 22.75 -62.05 39.18
CA ILE B 138 22.26 -61.65 37.87
C ILE B 138 20.76 -61.38 37.90
N ALA B 139 20.02 -62.15 38.69
CA ALA B 139 18.59 -61.91 38.84
C ALA B 139 18.31 -60.69 39.69
N MET B 140 19.18 -60.40 40.67
CA MET B 140 18.99 -59.22 41.50
C MET B 140 19.27 -57.95 40.72
N THR B 141 20.33 -57.95 39.90
CA THR B 141 20.67 -56.77 39.11
C THR B 141 19.81 -56.61 37.87
N SER B 142 18.97 -57.60 37.54
CA SER B 142 18.12 -57.49 36.37
C SER B 142 16.94 -56.55 36.59
N ILE B 143 16.56 -56.30 37.84
CA ILE B 143 15.45 -55.41 38.14
C ILE B 143 15.99 -54.16 38.83
N THR B 144 16.31 -53.14 38.04
CA THR B 144 16.83 -51.88 38.56
C THR B 144 15.96 -50.69 38.13
N GLY B 145 15.82 -50.46 36.83
CA GLY B 145 14.99 -49.36 36.35
C GLY B 145 13.51 -49.62 36.47
N LYS B 146 13.11 -50.87 36.75
CA LYS B 146 11.69 -51.18 36.88
C LYS B 146 11.15 -50.66 38.21
N GLY B 147 11.74 -51.09 39.32
CA GLY B 147 11.31 -50.65 40.64
C GLY B 147 12.10 -51.29 41.75
N ALA B 148 13.25 -50.68 42.09
CA ALA B 148 14.12 -51.20 43.14
C ALA B 148 13.63 -50.85 44.53
N GLU B 149 12.52 -50.12 44.67
CA GLU B 149 11.99 -49.76 45.97
C GLU B 149 11.17 -50.88 46.61
N LYS B 150 11.03 -52.02 45.94
CA LYS B 150 10.26 -53.14 46.48
C LYS B 150 10.75 -54.46 45.90
N ALA B 151 11.56 -54.39 44.85
CA ALA B 151 12.10 -55.57 44.17
C ALA B 151 13.62 -55.48 44.18
N LYS B 152 14.23 -56.08 45.21
CA LYS B 152 15.69 -56.08 45.33
C LYS B 152 16.16 -57.22 46.22
N GLU B 153 15.22 -57.87 46.91
CA GLU B 153 15.57 -58.98 47.79
C GLU B 153 14.51 -60.08 47.71
N LYS B 154 13.23 -59.68 47.71
CA LYS B 154 12.16 -60.67 47.64
C LYS B 154 12.05 -61.28 46.26
N LEU B 155 12.24 -60.47 45.22
CA LEU B 155 12.17 -60.94 43.84
C LEU B 155 13.48 -61.54 43.35
N ALA B 156 14.49 -61.67 44.22
CA ALA B 156 15.77 -62.24 43.84
C ALA B 156 15.99 -63.64 44.39
N GLU B 157 15.06 -64.16 45.18
CA GLU B 157 15.19 -65.49 45.76
C GLU B 157 14.13 -66.47 45.27
N ILE B 158 13.15 -66.01 44.48
CA ILE B 158 12.11 -66.88 43.96
C ILE B 158 12.28 -67.17 42.47
N ILE B 159 13.11 -66.41 41.76
CA ILE B 159 13.31 -66.67 40.34
C ILE B 159 14.35 -67.78 40.14
N VAL B 160 15.43 -67.76 40.94
CA VAL B 160 16.46 -68.78 40.82
C VAL B 160 15.91 -70.14 41.25
N GLU B 161 15.10 -70.16 42.30
CA GLU B 161 14.52 -71.42 42.75
C GLU B 161 13.45 -71.95 41.80
N ALA B 162 12.90 -71.10 40.94
CA ALA B 162 11.90 -71.54 39.97
C ALA B 162 12.50 -71.96 38.64
N VAL B 163 13.55 -71.26 38.18
CA VAL B 163 14.17 -71.62 36.92
C VAL B 163 15.03 -72.87 37.06
N SER B 164 15.81 -72.96 38.14
CA SER B 164 16.66 -74.12 38.36
C SER B 164 15.83 -75.36 38.68
N ALA B 165 15.28 -75.99 37.64
CA ALA B 165 14.48 -77.20 37.81
C ALA B 165 14.78 -78.19 36.69
N VAL B 166 14.74 -77.71 35.44
CA VAL B 166 15.04 -78.52 34.28
C VAL B 166 16.25 -78.01 33.50
N VAL B 167 16.86 -76.91 33.94
CA VAL B 167 18.02 -76.36 33.24
C VAL B 167 19.30 -77.04 33.69
N ASP B 168 19.41 -77.33 34.99
CA ASP B 168 20.62 -77.97 35.51
C ASP B 168 20.73 -79.42 35.03
N ASP B 169 19.60 -80.09 34.79
CA ASP B 169 19.64 -81.46 34.30
C ASP B 169 19.99 -81.51 32.83
N GLU B 170 19.32 -80.71 32.00
CA GLU B 170 19.56 -80.64 30.57
C GLU B 170 20.04 -79.23 30.24
N GLY B 171 21.35 -79.07 30.03
CA GLY B 171 21.91 -77.78 29.72
C GLY B 171 21.98 -77.48 28.23
N LYS B 172 20.82 -77.56 27.56
CA LYS B 172 20.76 -77.29 26.13
C LYS B 172 19.36 -76.82 25.73
N VAL B 173 18.34 -77.61 26.04
CA VAL B 173 16.96 -77.30 25.71
C VAL B 173 16.21 -77.09 27.02
N ASP B 174 15.68 -75.88 27.21
CA ASP B 174 14.94 -75.53 28.42
C ASP B 174 13.80 -74.57 28.09
N LYS B 175 13.12 -74.82 26.97
CA LYS B 175 12.01 -73.98 26.53
C LYS B 175 10.79 -74.29 27.39
N ASP B 176 10.41 -73.36 28.26
CA ASP B 176 9.26 -73.52 29.14
C ASP B 176 8.17 -72.52 28.74
N LEU B 177 7.05 -72.58 29.44
CA LEU B 177 5.90 -71.71 29.20
C LEU B 177 5.59 -70.96 30.50
N ILE B 178 6.08 -69.74 30.60
CA ILE B 178 5.87 -68.89 31.77
C ILE B 178 4.80 -67.88 31.44
N LYS B 179 3.73 -67.84 32.25
CA LYS B 179 2.62 -66.93 32.05
C LYS B 179 2.49 -66.02 33.27
N ILE B 180 2.40 -64.72 33.02
CA ILE B 180 2.28 -63.71 34.08
C ILE B 180 0.88 -63.11 33.97
N GLU B 181 0.12 -63.18 35.06
CA GLU B 181 -1.23 -62.65 35.11
C GLU B 181 -1.22 -61.26 35.70
N LYS B 182 -2.00 -60.36 35.10
CA LYS B 182 -2.10 -58.96 35.53
C LYS B 182 -3.35 -58.81 36.37
N LYS B 183 -3.20 -58.91 37.69
CA LYS B 183 -4.30 -58.75 38.62
C LYS B 183 -3.84 -57.90 39.79
N SER B 184 -4.76 -57.09 40.32
CA SER B 184 -4.46 -56.21 41.44
C SER B 184 -4.84 -56.89 42.76
N GLY B 185 -4.74 -56.14 43.85
CA GLY B 185 -5.07 -56.66 45.16
C GLY B 185 -5.26 -55.58 46.21
N ALA B 186 -4.50 -55.68 47.30
CA ALA B 186 -4.60 -54.70 48.37
C ALA B 186 -3.27 -54.57 49.12
N SER B 187 -2.41 -55.57 48.98
CA SER B 187 -1.11 -55.55 49.65
C SER B 187 -0.17 -54.61 48.92
N ILE B 188 1.02 -54.40 49.51
CA ILE B 188 2.03 -53.52 48.94
C ILE B 188 2.66 -54.21 47.72
N ASP B 189 3.35 -55.32 47.97
CA ASP B 189 4.00 -56.07 46.88
C ASP B 189 4.14 -57.51 47.34
N ASP B 190 3.30 -58.38 46.81
CA ASP B 190 3.29 -59.80 47.15
C ASP B 190 3.61 -60.63 45.92
N THR B 191 4.47 -61.64 46.09
CA THR B 191 4.88 -62.52 45.01
C THR B 191 4.60 -63.96 45.41
N GLU B 192 3.75 -64.64 44.64
CA GLU B 192 3.40 -66.02 44.89
C GLU B 192 3.95 -66.89 43.77
N LEU B 193 4.53 -68.04 44.15
CA LEU B 193 5.12 -68.99 43.20
C LEU B 193 4.32 -70.28 43.28
N ILE B 194 3.35 -70.45 42.40
CA ILE B 194 2.47 -71.62 42.41
C ILE B 194 3.20 -72.79 41.76
N LYS B 195 3.30 -73.90 42.49
CA LYS B 195 3.96 -75.10 41.98
C LYS B 195 2.92 -76.09 41.45
N GLY B 196 2.05 -75.58 40.57
CA GLY B 196 1.01 -76.40 39.99
C GLY B 196 0.28 -75.74 38.84
N VAL B 197 -1.05 -75.82 38.86
CA VAL B 197 -1.90 -75.27 37.80
C VAL B 197 -2.75 -74.16 38.38
N LEU B 198 -2.84 -73.05 37.66
CA LEU B 198 -3.63 -71.90 38.07
C LEU B 198 -4.68 -71.61 37.00
N VAL B 199 -5.94 -71.57 37.40
CA VAL B 199 -7.06 -71.29 36.50
C VAL B 199 -7.70 -69.98 36.93
N ASP B 200 -7.84 -69.06 35.99
CA ASP B 200 -8.40 -67.73 36.27
C ASP B 200 -9.84 -67.70 35.75
N LYS B 201 -10.74 -68.31 36.52
CA LYS B 201 -12.15 -68.35 36.18
C LYS B 201 -12.96 -68.64 37.43
N GLU B 202 -14.03 -67.88 37.63
CA GLU B 202 -14.90 -68.03 38.77
C GLU B 202 -16.11 -68.88 38.40
N ARG B 203 -17.15 -68.85 39.23
CA ARG B 203 -18.37 -69.59 38.99
C ARG B 203 -19.55 -68.69 39.31
N VAL B 204 -20.73 -69.30 39.50
CA VAL B 204 -21.94 -68.55 39.80
C VAL B 204 -22.77 -69.33 40.80
N SER B 205 -22.52 -70.65 40.88
CA SER B 205 -23.23 -71.53 41.80
C SER B 205 -22.21 -72.17 42.74
N ALA B 206 -22.15 -71.66 43.98
CA ALA B 206 -21.21 -72.18 44.98
C ALA B 206 -21.88 -73.29 45.77
N GLN B 207 -22.14 -74.39 45.07
CA GLN B 207 -22.77 -75.57 45.65
C GLN B 207 -21.94 -76.83 45.44
N MET B 208 -20.63 -76.68 45.20
CA MET B 208 -19.75 -77.82 44.95
C MET B 208 -18.57 -77.77 45.90
N PRO B 209 -18.10 -78.91 46.38
CA PRO B 209 -16.94 -78.94 47.28
C PRO B 209 -15.68 -78.46 46.56
N LYS B 210 -14.68 -78.10 47.36
CA LYS B 210 -13.41 -77.61 46.84
C LYS B 210 -12.23 -78.18 47.62
N LYS B 211 -12.36 -79.40 48.13
CA LYS B 211 -11.28 -80.04 48.89
C LYS B 211 -11.42 -81.55 48.71
N VAL B 212 -10.75 -82.08 47.69
CA VAL B 212 -10.75 -83.50 47.38
C VAL B 212 -9.31 -84.00 47.40
N THR B 213 -9.08 -85.10 48.13
CA THR B 213 -7.74 -85.65 48.27
C THR B 213 -7.44 -86.61 47.12
N ASP B 214 -6.19 -86.54 46.62
CA ASP B 214 -5.69 -87.37 45.51
C ASP B 214 -6.72 -87.50 44.39
N ALA B 215 -7.27 -86.37 43.98
CA ALA B 215 -8.24 -86.36 42.90
C ALA B 215 -7.56 -86.57 41.55
N LYS B 216 -8.35 -86.99 40.57
CA LYS B 216 -7.87 -87.24 39.22
C LYS B 216 -8.53 -86.28 38.25
N ILE B 217 -7.73 -85.71 37.36
CA ILE B 217 -8.21 -84.74 36.39
C ILE B 217 -8.59 -85.47 35.11
N ALA B 218 -9.81 -85.22 34.63
CA ALA B 218 -10.31 -85.81 33.39
C ALA B 218 -10.68 -84.69 32.43
N LEU B 219 -10.01 -84.65 31.28
CA LEU B 219 -10.22 -83.61 30.28
C LEU B 219 -11.31 -84.05 29.32
N LEU B 220 -12.42 -83.32 29.29
CA LEU B 220 -13.54 -83.59 28.40
C LEU B 220 -13.86 -82.33 27.61
N ASN B 221 -13.96 -82.47 26.29
CA ASN B 221 -14.26 -81.33 25.43
C ASN B 221 -15.77 -81.14 25.30
N CYS B 222 -16.24 -80.93 24.07
CA CYS B 222 -17.66 -80.71 23.82
C CYS B 222 -18.37 -82.03 23.53
N ALA B 223 -19.46 -81.97 22.78
CA ALA B 223 -20.26 -83.14 22.43
C ALA B 223 -20.74 -83.89 23.66
N ILE B 224 -21.18 -83.14 24.68
CA ILE B 224 -21.67 -83.70 25.93
C ILE B 224 -23.12 -83.33 26.18
N GLU B 225 -23.50 -82.09 25.92
CA GLU B 225 -24.87 -81.64 26.15
C GLU B 225 -25.81 -82.24 25.11
N ILE B 226 -27.10 -81.94 25.25
CA ILE B 226 -28.09 -82.47 24.33
C ILE B 226 -28.04 -81.73 22.99
N LYS B 227 -27.87 -80.41 23.03
CA LYS B 227 -27.82 -79.59 21.82
C LYS B 227 -26.62 -78.66 21.90
N GLU B 228 -25.68 -78.85 20.99
CA GLU B 228 -24.48 -78.00 20.94
C GLU B 228 -24.04 -77.78 19.50
N THR B 229 -24.44 -78.69 18.60
CA THR B 229 -24.08 -78.59 17.19
C THR B 229 -25.31 -78.60 16.32
N GLU B 230 -25.33 -79.46 15.30
CA GLU B 230 -26.45 -79.59 14.39
C GLU B 230 -26.58 -81.05 13.96
N THR B 231 -27.73 -81.37 13.38
CA THR B 231 -28.03 -82.72 12.90
C THR B 231 -28.63 -82.64 11.52
N ASP B 232 -28.01 -83.36 10.57
CA ASP B 232 -28.51 -83.35 9.20
C ASP B 232 -29.71 -84.26 9.03
N ALA B 233 -29.66 -85.46 9.60
CA ALA B 233 -30.76 -86.42 9.50
C ALA B 233 -31.89 -85.97 10.43
N GLU B 234 -32.92 -85.39 9.86
CA GLU B 234 -34.05 -84.93 10.65
C GLU B 234 -34.91 -86.10 11.12
N ILE B 235 -35.63 -85.88 12.22
CA ILE B 235 -36.49 -86.90 12.81
C ILE B 235 -37.93 -86.39 12.79
N ARG B 236 -38.85 -87.29 13.10
CA ARG B 236 -40.27 -86.98 13.14
C ARG B 236 -40.87 -87.48 14.45
N ILE B 237 -42.12 -87.09 14.70
CA ILE B 237 -42.83 -87.48 15.90
C ILE B 237 -44.12 -88.20 15.51
N THR B 238 -44.51 -89.16 16.34
CA THR B 238 -45.72 -89.93 16.11
C THR B 238 -46.68 -89.82 17.28
N ASP B 239 -46.29 -90.25 18.48
CA ASP B 239 -47.14 -90.18 19.65
C ASP B 239 -46.58 -89.18 20.66
N PRO B 240 -47.46 -88.45 21.36
CA PRO B 240 -46.97 -87.49 22.36
C PRO B 240 -46.26 -88.13 23.54
N ALA B 241 -46.54 -89.41 23.82
CA ALA B 241 -45.90 -90.11 24.94
C ALA B 241 -44.50 -90.61 24.60
N LYS B 242 -44.02 -90.40 23.37
CA LYS B 242 -42.70 -90.84 22.95
C LYS B 242 -41.64 -89.77 23.12
N LEU B 243 -41.96 -88.51 22.80
CA LEU B 243 -40.98 -87.44 22.95
C LEU B 243 -40.63 -87.22 24.42
N MET B 244 -41.63 -87.26 25.31
CA MET B 244 -41.36 -87.11 26.73
C MET B 244 -40.53 -88.27 27.26
N GLU B 245 -40.80 -89.48 26.78
CA GLU B 245 -40.00 -90.63 27.20
C GLU B 245 -38.56 -90.51 26.72
N PHE B 246 -38.36 -90.03 25.49
CA PHE B 246 -37.01 -89.85 24.99
C PHE B 246 -36.28 -88.76 25.77
N ILE B 247 -36.97 -87.68 26.13
CA ILE B 247 -36.35 -86.62 26.92
C ILE B 247 -35.97 -87.14 28.30
N GLU B 248 -36.86 -87.92 28.93
CA GLU B 248 -36.54 -88.49 30.23
C GLU B 248 -35.35 -89.45 30.15
N GLN B 249 -35.28 -90.24 29.08
CA GLN B 249 -34.17 -91.16 28.91
C GLN B 249 -32.85 -90.40 28.71
N GLU B 250 -32.86 -89.35 27.89
CA GLU B 250 -31.66 -88.56 27.69
C GLU B 250 -31.26 -87.81 28.95
N GLU B 251 -32.23 -87.47 29.81
CA GLU B 251 -31.89 -86.81 31.06
C GLU B 251 -31.30 -87.79 32.06
N LYS B 252 -31.85 -89.01 32.13
CA LYS B 252 -31.33 -90.03 33.04
C LYS B 252 -30.03 -90.64 32.55
N MET B 253 -29.70 -90.49 31.27
CA MET B 253 -28.44 -91.02 30.75
C MET B 253 -27.24 -90.35 31.41
N LEU B 254 -27.40 -89.09 31.86
CA LEU B 254 -26.30 -88.38 32.51
C LEU B 254 -25.90 -89.06 33.81
N LYS B 255 -26.85 -89.70 34.51
CA LYS B 255 -26.52 -90.40 35.74
C LYS B 255 -25.51 -91.51 35.49
N ASP B 256 -25.80 -92.40 34.53
CA ASP B 256 -24.86 -93.48 34.23
C ASP B 256 -23.60 -92.94 33.56
N MET B 257 -23.70 -91.83 32.82
CA MET B 257 -22.51 -91.24 32.23
C MET B 257 -21.53 -90.77 33.30
N VAL B 258 -22.05 -90.15 34.37
CA VAL B 258 -21.20 -89.71 35.47
C VAL B 258 -20.73 -90.92 36.28
N ALA B 259 -21.58 -91.94 36.43
CA ALA B 259 -21.18 -93.13 37.17
C ALA B 259 -20.04 -93.86 36.49
N GLU B 260 -20.03 -93.88 35.16
CA GLU B 260 -18.94 -94.51 34.43
C GLU B 260 -17.63 -93.77 34.65
N ILE B 261 -17.66 -92.43 34.65
CA ILE B 261 -16.46 -91.65 34.90
C ILE B 261 -15.99 -91.86 36.34
N LYS B 262 -16.93 -91.97 37.28
CA LYS B 262 -16.55 -92.21 38.67
C LYS B 262 -15.90 -93.58 38.84
N ALA B 263 -16.45 -94.60 38.17
CA ALA B 263 -15.88 -95.94 38.28
C ALA B 263 -14.55 -96.04 37.54
N SER B 264 -14.34 -95.21 36.52
CA SER B 264 -13.08 -95.24 35.78
C SER B 264 -11.94 -94.67 36.61
N GLY B 265 -12.23 -93.76 37.52
CA GLY B 265 -11.20 -93.17 38.37
C GLY B 265 -10.92 -91.72 38.05
N ALA B 266 -11.90 -90.85 38.28
CA ALA B 266 -11.76 -89.42 38.02
C ALA B 266 -12.65 -88.65 38.98
N ASN B 267 -12.14 -87.51 39.46
CA ASN B 267 -12.88 -86.67 40.38
C ASN B 267 -12.87 -85.20 40.00
N VAL B 268 -12.18 -84.82 38.92
CA VAL B 268 -12.12 -83.44 38.46
C VAL B 268 -12.66 -83.39 37.03
N LEU B 269 -13.59 -82.47 36.79
CA LEU B 269 -14.22 -82.30 35.48
C LEU B 269 -13.86 -80.93 34.93
N PHE B 270 -13.16 -80.91 33.81
CA PHE B 270 -12.78 -79.67 33.13
C PHE B 270 -13.43 -79.67 31.76
N CYS B 271 -14.43 -78.81 31.58
CA CYS B 271 -15.15 -78.69 30.32
C CYS B 271 -14.79 -77.38 29.64
N GLN B 272 -14.84 -77.38 28.31
CA GLN B 272 -14.51 -76.18 27.55
C GLN B 272 -15.60 -75.13 27.67
N LYS B 273 -16.86 -75.54 27.56
CA LYS B 273 -17.98 -74.60 27.67
C LYS B 273 -18.45 -74.48 29.11
N GLY B 274 -19.74 -74.21 29.30
CA GLY B 274 -20.31 -74.06 30.62
C GLY B 274 -21.12 -75.28 31.04
N ILE B 275 -21.20 -75.50 32.35
CA ILE B 275 -21.94 -76.61 32.92
C ILE B 275 -23.27 -76.10 33.43
N ASP B 276 -24.35 -76.77 33.05
CA ASP B 276 -25.69 -76.37 33.46
C ASP B 276 -25.88 -76.62 34.96
N ASP B 277 -26.80 -75.85 35.55
CA ASP B 277 -27.06 -75.97 36.98
C ASP B 277 -27.70 -77.31 37.34
N LEU B 278 -28.44 -77.91 36.40
CA LEU B 278 -29.09 -79.18 36.67
C LEU B 278 -28.09 -80.33 36.71
N ALA B 279 -26.91 -80.16 36.13
CA ALA B 279 -25.88 -81.20 36.13
C ALA B 279 -24.91 -81.07 37.30
N GLN B 280 -25.23 -80.23 38.29
CA GLN B 280 -24.36 -80.05 39.44
C GLN B 280 -24.66 -81.03 40.56
N HIS B 281 -25.94 -81.28 40.84
CA HIS B 281 -26.32 -82.20 41.90
C HIS B 281 -25.77 -83.61 41.64
N TYR B 282 -25.82 -84.05 40.38
CA TYR B 282 -25.27 -85.35 40.03
C TYR B 282 -23.78 -85.42 40.28
N LEU B 283 -23.08 -84.28 40.31
CA LEU B 283 -21.67 -84.23 40.64
C LEU B 283 -21.42 -83.99 42.13
N ALA B 284 -22.46 -83.78 42.91
CA ALA B 284 -22.31 -83.53 44.35
C ALA B 284 -22.53 -84.77 45.19
N LYS B 285 -23.34 -85.72 44.73
CA LYS B 285 -23.60 -86.94 45.48
C LYS B 285 -22.48 -87.98 45.33
N GLU B 286 -21.46 -87.69 44.52
CA GLU B 286 -20.37 -88.62 44.31
C GLU B 286 -19.00 -88.03 44.65
N GLY B 287 -18.91 -86.74 44.94
CA GLY B 287 -17.63 -86.12 45.26
C GLY B 287 -16.76 -85.88 44.05
N ILE B 288 -17.28 -85.16 43.07
CA ILE B 288 -16.56 -84.84 41.84
C ILE B 288 -16.47 -83.32 41.72
N VAL B 289 -15.27 -82.82 41.45
CA VAL B 289 -15.07 -81.39 41.30
C VAL B 289 -15.71 -80.92 40.00
N ALA B 290 -16.55 -79.89 40.10
CA ALA B 290 -17.25 -79.34 38.95
C ALA B 290 -16.60 -78.01 38.55
N ALA B 291 -16.27 -77.89 37.27
CA ALA B 291 -15.66 -76.67 36.73
C ALA B 291 -16.19 -76.44 35.33
N ARG B 292 -16.05 -75.19 34.87
CA ARG B 292 -16.52 -74.81 33.54
C ARG B 292 -15.68 -73.66 33.03
N ARG B 293 -15.79 -73.42 31.72
CA ARG B 293 -15.08 -72.35 31.03
C ARG B 293 -13.57 -72.46 31.25
N VAL B 294 -12.93 -73.35 30.49
CA VAL B 294 -11.48 -73.56 30.57
C VAL B 294 -10.86 -72.99 29.30
N LYS B 295 -9.97 -72.01 29.47
CA LYS B 295 -9.31 -71.40 28.34
C LYS B 295 -8.29 -72.37 27.73
N LYS B 296 -8.08 -72.24 26.42
CA LYS B 296 -7.13 -73.10 25.72
C LYS B 296 -5.72 -72.92 26.26
N SER B 297 -5.36 -71.68 26.61
CA SER B 297 -4.04 -71.42 27.17
C SER B 297 -3.85 -72.11 28.51
N ASP B 298 -4.93 -72.24 29.29
CA ASP B 298 -4.89 -72.96 30.55
C ASP B 298 -5.14 -74.45 30.40
N MET B 299 -5.73 -74.88 29.29
CA MET B 299 -5.98 -76.29 29.05
C MET B 299 -4.78 -77.01 28.44
N GLU B 300 -3.99 -76.31 27.64
CA GLU B 300 -2.82 -76.93 27.02
C GLU B 300 -1.74 -77.29 28.04
N LYS B 301 -1.79 -76.70 29.23
CA LYS B 301 -0.82 -77.00 30.28
C LYS B 301 -1.21 -78.21 31.13
N LEU B 302 -2.25 -78.95 30.72
CA LEU B 302 -2.69 -80.12 31.47
C LEU B 302 -2.23 -81.44 30.87
N ALA B 303 -1.93 -81.46 29.56
CA ALA B 303 -1.49 -82.69 28.91
C ALA B 303 -0.01 -82.98 29.14
N LYS B 304 0.81 -81.94 29.30
CA LYS B 304 2.23 -82.11 29.52
C LYS B 304 2.62 -82.11 31.00
N ALA B 305 1.68 -81.83 31.90
CA ALA B 305 1.95 -81.80 33.33
C ALA B 305 1.30 -82.97 34.06
N THR B 306 -0.02 -83.09 33.96
CA THR B 306 -0.71 -84.19 34.63
C THR B 306 -0.61 -85.49 33.84
N GLY B 307 -0.73 -85.41 32.52
CA GLY B 307 -0.64 -86.58 31.68
C GLY B 307 -1.99 -87.18 31.35
N ALA B 308 -2.71 -86.55 30.42
CA ALA B 308 -4.02 -87.02 30.00
C ALA B 308 -4.30 -86.58 28.58
N ASN B 309 -5.18 -87.31 27.90
CA ASN B 309 -5.55 -87.01 26.53
C ASN B 309 -6.89 -86.29 26.50
N VAL B 310 -7.36 -85.98 25.29
CA VAL B 310 -8.61 -85.29 25.08
C VAL B 310 -9.59 -86.24 24.39
N ILE B 311 -10.88 -85.96 24.58
CA ILE B 311 -11.95 -86.76 23.99
C ILE B 311 -12.83 -85.82 23.16
N THR B 312 -12.91 -86.10 21.86
CA THR B 312 -13.72 -85.27 20.96
C THR B 312 -15.21 -85.54 21.09
N ASN B 313 -15.60 -86.68 21.64
CA ASN B 313 -17.01 -87.01 21.80
C ASN B 313 -17.37 -87.18 23.27
N ILE B 314 -18.10 -88.24 23.60
CA ILE B 314 -18.51 -88.50 24.97
C ILE B 314 -18.39 -89.99 25.25
N LYS B 315 -18.56 -90.81 24.21
CA LYS B 315 -18.47 -92.26 24.34
C LYS B 315 -17.08 -92.80 24.07
N ASP B 316 -16.09 -91.92 23.85
CA ASP B 316 -14.72 -92.33 23.58
C ASP B 316 -13.85 -92.28 24.83
N LEU B 317 -14.45 -92.24 26.01
CA LEU B 317 -13.72 -92.18 27.27
C LEU B 317 -13.67 -93.58 27.89
N SER B 318 -12.47 -94.03 28.24
CA SER B 318 -12.29 -95.35 28.83
C SER B 318 -11.56 -95.25 30.16
N ALA B 319 -10.30 -95.68 30.20
CA ALA B 319 -9.49 -95.63 31.41
C ALA B 319 -8.10 -95.07 31.19
N GLN B 320 -7.55 -95.11 29.98
CA GLN B 320 -6.22 -94.60 29.71
C GLN B 320 -6.21 -93.09 29.45
N ASP B 321 -7.37 -92.48 29.27
CA ASP B 321 -7.47 -91.03 29.02
C ASP B 321 -7.70 -90.25 30.31
N LEU B 322 -7.09 -90.67 31.41
CA LEU B 322 -7.23 -90.00 32.69
C LEU B 322 -5.88 -89.56 33.20
N GLY B 323 -5.90 -88.56 34.08
CA GLY B 323 -4.67 -88.04 34.66
C GLY B 323 -4.57 -88.25 36.15
N ASP B 324 -3.77 -87.41 36.82
CA ASP B 324 -3.59 -87.52 38.26
C ASP B 324 -3.26 -86.14 38.81
N ALA B 325 -3.84 -85.80 39.95
CA ALA B 325 -3.60 -84.51 40.58
C ALA B 325 -3.31 -84.67 42.07
N GLY B 326 -3.30 -83.57 42.80
CA GLY B 326 -3.03 -83.61 44.22
C GLY B 326 -4.12 -82.97 45.06
N LEU B 327 -4.28 -81.66 44.95
CA LEU B 327 -5.30 -80.96 45.72
C LEU B 327 -5.84 -79.81 44.88
N VAL B 328 -7.15 -79.81 44.65
CA VAL B 328 -7.82 -78.76 43.88
C VAL B 328 -8.60 -77.89 44.86
N GLU B 329 -8.31 -76.59 44.86
CA GLU B 329 -8.95 -75.65 45.77
C GLU B 329 -9.37 -74.41 45.02
N GLU B 330 -10.38 -73.73 45.56
CA GLU B 330 -10.92 -72.49 44.98
C GLU B 330 -10.97 -71.44 46.10
N ARG B 331 -9.92 -70.63 46.18
CA ARG B 331 -9.82 -69.60 47.20
C ARG B 331 -10.06 -68.22 46.59
N LYS B 332 -10.55 -67.31 47.42
CA LYS B 332 -10.83 -65.93 47.01
C LYS B 332 -9.69 -65.06 47.53
N ILE B 333 -8.66 -64.88 46.69
CA ILE B 333 -7.48 -64.10 47.05
C ILE B 333 -7.37 -62.92 46.08
N SER B 334 -7.03 -61.75 46.62
CA SER B 334 -6.88 -60.53 45.84
C SER B 334 -8.16 -60.18 45.08
N GLY B 335 -9.30 -60.32 45.77
CA GLY B 335 -10.58 -59.97 45.18
C GLY B 335 -11.19 -61.09 44.35
N ASP B 336 -10.59 -61.39 43.21
CA ASP B 336 -11.13 -62.41 42.32
C ASP B 336 -10.89 -63.80 42.91
N SER B 337 -11.58 -64.79 42.34
CA SER B 337 -11.46 -66.18 42.76
C SER B 337 -10.75 -66.98 41.67
N MET B 338 -9.74 -67.74 42.08
CA MET B 338 -8.96 -68.55 41.17
C MET B 338 -8.88 -69.98 41.66
N ILE B 339 -8.62 -70.90 40.74
CA ILE B 339 -8.54 -72.32 41.04
C ILE B 339 -7.07 -72.73 41.08
N PHE B 340 -6.66 -73.36 42.18
CA PHE B 340 -5.29 -73.81 42.38
C PHE B 340 -5.28 -75.34 42.44
N VAL B 341 -4.51 -75.96 41.56
CA VAL B 341 -4.32 -77.40 41.53
C VAL B 341 -2.87 -77.68 41.89
N GLU B 342 -2.64 -78.18 43.09
CA GLU B 342 -1.31 -78.46 43.59
C GLU B 342 -1.00 -79.95 43.51
N GLU B 343 0.30 -80.25 43.46
CA GLU B 343 0.81 -81.62 43.35
C GLU B 343 0.31 -82.30 42.09
N CYS B 344 1.04 -82.12 40.98
CA CYS B 344 0.67 -82.75 39.72
C CYS B 344 1.45 -84.03 39.51
N LYS B 345 2.44 -84.00 38.62
CA LYS B 345 3.26 -85.17 38.35
C LYS B 345 4.61 -84.76 37.79
N HIS B 346 4.61 -83.96 36.71
CA HIS B 346 5.83 -83.48 36.07
C HIS B 346 5.87 -81.96 36.18
N PRO B 347 6.53 -81.42 37.20
CA PRO B 347 6.59 -79.95 37.34
C PRO B 347 7.53 -79.32 36.31
N LYS B 348 7.04 -79.15 35.09
CA LYS B 348 7.86 -78.56 34.04
C LYS B 348 7.90 -77.03 34.17
N ALA B 349 6.77 -76.38 33.95
CA ALA B 349 6.68 -74.93 34.02
C ALA B 349 6.30 -74.50 35.44
N VAL B 350 6.15 -73.20 35.64
CA VAL B 350 5.81 -72.63 36.94
C VAL B 350 4.99 -71.37 36.71
N THR B 351 4.21 -70.99 37.71
CA THR B 351 3.33 -69.83 37.65
C THR B 351 3.74 -68.81 38.70
N MET B 352 3.84 -67.55 38.30
CA MET B 352 4.20 -66.45 39.18
C MET B 352 3.06 -65.44 39.22
N LEU B 353 2.62 -65.09 40.41
CA LEU B 353 1.54 -64.13 40.62
C LEU B 353 2.07 -62.93 41.39
N ILE B 354 1.77 -61.74 40.89
CA ILE B 354 2.21 -60.48 41.49
C ILE B 354 0.98 -59.71 41.94
N ARG B 355 0.97 -59.27 43.19
CA ARG B 355 -0.13 -58.52 43.77
C ARG B 355 0.41 -57.18 44.26
N GLY B 356 -0.20 -56.09 43.78
CA GLY B 356 0.20 -54.75 44.14
C GLY B 356 -0.96 -53.97 44.72
N THR B 357 -0.92 -52.64 44.49
CA THR B 357 -1.95 -51.76 45.01
C THR B 357 -2.92 -51.34 43.90
N THR B 358 -2.46 -50.44 43.02
CA THR B 358 -3.31 -49.95 41.94
C THR B 358 -3.30 -50.90 40.76
N GLU B 359 -3.22 -50.35 39.54
CA GLU B 359 -3.22 -51.16 38.33
C GLU B 359 -1.96 -50.99 37.48
N HIS B 360 -1.22 -49.90 37.66
CA HIS B 360 0.00 -49.67 36.89
C HIS B 360 1.24 -50.26 37.55
N VAL B 361 1.14 -50.70 38.80
CA VAL B 361 2.29 -51.29 39.48
C VAL B 361 2.50 -52.74 39.03
N ILE B 362 1.43 -53.53 39.00
CA ILE B 362 1.54 -54.92 38.58
C ILE B 362 2.04 -55.00 37.15
N GLU B 363 1.52 -54.14 36.27
CA GLU B 363 2.01 -54.08 34.89
C GLU B 363 3.50 -53.74 34.86
N GLU B 364 3.96 -52.91 35.79
CA GLU B 364 5.38 -52.61 35.88
C GLU B 364 6.20 -53.87 36.16
N VAL B 365 5.63 -54.83 36.88
CA VAL B 365 6.32 -56.10 37.08
C VAL B 365 6.17 -57.00 35.86
N ALA B 366 5.11 -56.80 35.07
CA ALA B 366 4.90 -57.63 33.89
C ALA B 366 6.01 -57.45 32.88
N ARG B 367 6.57 -56.25 32.77
CA ARG B 367 7.71 -55.99 31.91
C ARG B 367 9.04 -56.23 32.61
N ALA B 368 9.02 -56.78 33.81
CA ALA B 368 10.24 -57.05 34.57
C ALA B 368 10.56 -58.54 34.71
N VAL B 369 9.54 -59.39 34.73
CA VAL B 369 9.79 -60.83 34.89
C VAL B 369 10.36 -61.41 33.60
N ASP B 370 9.79 -61.04 32.44
CA ASP B 370 10.27 -61.56 31.17
C ASP B 370 11.71 -61.13 30.90
N ASP B 371 12.11 -59.97 31.41
CA ASP B 371 13.50 -59.52 31.28
C ASP B 371 14.40 -60.03 32.39
N ALA B 372 13.86 -60.81 33.33
CA ALA B 372 14.65 -61.35 34.42
C ALA B 372 14.99 -62.83 34.25
N VAL B 373 14.19 -63.57 33.47
CA VAL B 373 14.45 -64.99 33.24
C VAL B 373 15.28 -65.14 31.98
N GLY B 374 15.14 -64.19 31.05
CA GLY B 374 15.90 -64.26 29.81
C GLY B 374 17.40 -64.18 30.01
N VAL B 375 17.84 -63.53 31.09
CA VAL B 375 19.27 -63.46 31.39
C VAL B 375 19.75 -64.68 32.17
N VAL B 376 18.86 -65.60 32.50
CA VAL B 376 19.25 -66.81 33.23
C VAL B 376 19.46 -67.99 32.30
N GLY B 377 18.55 -68.19 31.34
CA GLY B 377 18.69 -69.29 30.40
C GLY B 377 19.94 -69.18 29.56
N CYS B 378 20.41 -67.97 29.29
CA CYS B 378 21.64 -67.76 28.55
C CYS B 378 22.88 -67.80 29.43
N THR B 379 22.72 -68.09 30.72
CA THR B 379 23.85 -68.16 31.65
C THR B 379 24.37 -69.58 31.82
N ILE B 380 23.46 -70.53 32.02
CA ILE B 380 23.86 -71.92 32.19
C ILE B 380 24.35 -72.51 30.88
N GLU B 381 23.70 -72.17 29.77
CA GLU B 381 24.10 -72.69 28.46
C GLU B 381 25.43 -72.10 28.01
N ASP B 382 25.77 -70.90 28.48
CA ASP B 382 27.02 -70.27 28.10
C ASP B 382 28.01 -70.29 29.25
N GLY B 383 27.94 -69.30 30.13
CA GLY B 383 28.82 -69.21 31.27
C GLY B 383 29.95 -68.21 31.15
N ARG B 384 29.93 -67.35 30.14
CA ARG B 384 30.98 -66.34 29.96
C ARG B 384 30.54 -65.02 30.58
N ILE B 385 30.37 -65.05 31.90
CA ILE B 385 29.94 -63.87 32.64
C ILE B 385 31.10 -62.90 32.75
N VAL B 386 30.87 -61.66 32.32
CA VAL B 386 31.88 -60.61 32.37
C VAL B 386 31.54 -59.63 33.48
N SER B 387 32.35 -58.58 33.61
CA SER B 387 32.14 -57.55 34.63
C SER B 387 31.22 -56.48 34.06
N GLY B 388 30.00 -56.39 34.58
CA GLY B 388 29.04 -55.41 34.13
C GLY B 388 29.24 -54.05 34.76
N GLY B 389 28.32 -53.15 34.43
CA GLY B 389 28.38 -51.80 34.96
C GLY B 389 29.21 -50.83 34.13
N GLY B 390 29.37 -51.08 32.84
CA GLY B 390 30.14 -50.19 32.00
C GLY B 390 31.64 -50.35 32.13
N SER B 391 32.12 -51.58 32.30
CA SER B 391 33.55 -51.85 32.45
C SER B 391 34.17 -52.53 31.24
N THR B 392 33.37 -53.20 30.40
CA THR B 392 33.91 -53.87 29.22
C THR B 392 34.27 -52.87 28.13
N GLU B 393 33.46 -51.81 27.96
CA GLU B 393 33.75 -50.82 26.93
C GLU B 393 35.03 -50.06 27.26
N VAL B 394 35.22 -49.67 28.52
CA VAL B 394 36.43 -48.96 28.91
C VAL B 394 37.65 -49.87 28.76
N GLU B 395 37.49 -51.17 29.01
CA GLU B 395 38.61 -52.09 28.87
C GLU B 395 38.97 -52.29 27.41
N LEU B 396 37.96 -52.36 26.53
CA LEU B 396 38.24 -52.54 25.10
C LEU B 396 38.76 -51.26 24.46
N SER B 397 38.41 -50.09 25.02
CA SER B 397 38.89 -48.84 24.47
C SER B 397 40.40 -48.67 24.70
N MET B 398 40.91 -49.18 25.82
CA MET B 398 42.35 -49.11 26.08
C MET B 398 43.14 -50.08 25.20
N LYS B 399 42.50 -51.13 24.69
CA LYS B 399 43.15 -52.10 23.82
C LYS B 399 43.06 -51.73 22.34
N LEU B 400 41.94 -51.14 21.91
CA LEU B 400 41.81 -50.76 20.51
C LEU B 400 42.79 -49.65 20.14
N ARG B 401 43.10 -48.76 21.08
CA ARG B 401 44.05 -47.67 20.79
C ARG B 401 45.43 -48.22 20.47
N GLU B 402 45.89 -49.24 21.22
CA GLU B 402 47.18 -49.83 20.96
C GLU B 402 47.13 -50.86 19.83
N TYR B 403 45.95 -51.40 19.52
CA TYR B 403 45.84 -52.32 18.40
C TYR B 403 45.81 -51.59 17.06
N ALA B 404 45.25 -50.38 17.02
CA ALA B 404 45.18 -49.62 15.78
C ALA B 404 46.53 -49.04 15.36
N GLU B 405 47.55 -49.12 16.21
CA GLU B 405 48.87 -48.61 15.88
C GLU B 405 49.66 -49.50 14.94
N GLY B 406 49.27 -50.77 14.82
CA GLY B 406 49.98 -51.70 13.95
C GLY B 406 49.64 -51.62 12.48
N ILE B 407 48.64 -50.80 12.13
CA ILE B 407 48.23 -50.64 10.74
C ILE B 407 48.52 -49.21 10.30
N SER B 408 48.66 -49.03 8.98
CA SER B 408 48.94 -47.74 8.39
C SER B 408 47.92 -47.47 7.30
N GLY B 409 47.47 -46.23 7.21
CA GLY B 409 46.49 -45.83 6.21
C GLY B 409 45.38 -45.04 6.84
N ARG B 410 44.34 -44.78 6.04
CA ARG B 410 43.19 -44.02 6.50
C ARG B 410 42.22 -44.85 7.35
N GLU B 411 42.45 -46.16 7.47
CA GLU B 411 41.59 -47.01 8.27
C GLU B 411 41.85 -46.90 9.77
N GLN B 412 42.96 -46.27 10.16
CA GLN B 412 43.25 -46.11 11.58
C GLN B 412 42.30 -45.10 12.24
N LEU B 413 41.91 -44.06 11.50
CA LEU B 413 40.99 -43.08 12.06
C LEU B 413 39.61 -43.68 12.32
N ALA B 414 39.21 -44.68 11.53
CA ALA B 414 37.93 -45.34 11.77
C ALA B 414 37.99 -46.18 13.03
N VAL B 415 39.09 -46.92 13.24
CA VAL B 415 39.23 -47.72 14.45
C VAL B 415 39.32 -46.84 15.67
N ARG B 416 40.05 -45.72 15.57
CA ARG B 416 40.14 -44.79 16.69
C ARG B 416 38.78 -44.17 17.01
N ALA B 417 38.01 -43.85 15.98
CA ALA B 417 36.67 -43.30 16.21
C ALA B 417 35.76 -44.33 16.86
N PHE B 418 35.83 -45.59 16.41
CA PHE B 418 35.02 -46.64 17.01
C PHE B 418 35.42 -46.88 18.46
N ALA B 419 36.71 -46.75 18.77
CA ALA B 419 37.16 -46.93 20.14
C ALA B 419 36.72 -45.77 21.02
N ASP B 420 36.76 -44.54 20.49
CA ASP B 420 36.34 -43.39 21.28
C ASP B 420 34.83 -43.35 21.46
N ALA B 421 34.07 -43.92 20.52
CA ALA B 421 32.62 -43.94 20.64
C ALA B 421 32.14 -44.92 21.70
N LEU B 422 32.98 -45.87 22.12
CA LEU B 422 32.59 -46.82 23.16
C LEU B 422 32.54 -46.20 24.54
N GLU B 423 33.07 -44.99 24.71
CA GLU B 423 33.05 -44.31 26.01
C GLU B 423 31.75 -43.55 26.26
N VAL B 424 30.71 -43.80 25.46
CA VAL B 424 29.44 -43.11 25.66
C VAL B 424 28.60 -43.78 26.75
N ILE B 425 28.82 -45.06 27.02
CA ILE B 425 28.09 -45.78 28.06
C ILE B 425 28.41 -45.22 29.43
N PRO B 426 29.68 -45.04 29.82
CA PRO B 426 29.93 -44.46 31.15
C PRO B 426 29.48 -43.00 31.26
N ARG B 427 29.44 -42.26 30.14
CA ARG B 427 28.96 -40.89 30.20
C ARG B 427 27.45 -40.84 30.38
N THR B 428 26.72 -41.80 29.81
CA THR B 428 25.27 -41.84 29.98
C THR B 428 24.88 -42.43 31.33
N LEU B 429 25.67 -43.38 31.86
CA LEU B 429 25.36 -43.94 33.17
C LEU B 429 25.71 -42.99 34.30
N ALA B 430 26.57 -42.01 34.05
CA ALA B 430 26.94 -41.02 35.07
C ALA B 430 26.23 -39.69 34.88
N GLU B 431 25.52 -39.49 33.78
CA GLU B 431 24.81 -38.23 33.56
C GLU B 431 23.60 -38.11 34.47
N ASN B 432 23.02 -39.24 34.89
CA ASN B 432 21.86 -39.21 35.77
C ASN B 432 22.19 -38.70 37.16
N ALA B 433 23.46 -38.66 37.53
CA ALA B 433 23.89 -38.18 38.83
C ALA B 433 24.33 -36.72 38.75
N GLY B 434 24.70 -36.17 39.90
CA GLY B 434 25.13 -34.78 39.96
C GLY B 434 26.58 -34.62 40.34
N LEU B 435 27.10 -35.54 41.15
CA LEU B 435 28.49 -35.50 41.61
C LEU B 435 29.42 -36.29 40.70
N ASP B 436 29.00 -36.60 39.47
CA ASP B 436 29.82 -37.35 38.53
C ASP B 436 30.40 -36.43 37.46
N ALA B 437 29.54 -35.79 36.65
CA ALA B 437 29.96 -34.88 35.59
C ALA B 437 30.93 -35.56 34.62
N ILE B 438 32.22 -35.32 34.79
CA ILE B 438 33.23 -35.87 33.90
C ILE B 438 34.44 -36.43 34.64
N GLU B 439 34.58 -36.15 35.94
CA GLU B 439 35.73 -36.65 36.68
C GLU B 439 35.70 -38.16 36.82
N ILE B 440 34.51 -38.76 36.86
CA ILE B 440 34.40 -40.21 36.98
C ILE B 440 35.00 -40.90 35.77
N LEU B 441 34.75 -40.37 34.57
CA LEU B 441 35.29 -40.98 33.36
C LEU B 441 36.81 -40.87 33.32
N VAL B 442 37.37 -39.78 33.85
CA VAL B 442 38.82 -39.63 33.87
C VAL B 442 39.43 -40.55 34.91
N LYS B 443 38.74 -40.75 36.03
CA LYS B 443 39.29 -41.60 37.09
C LYS B 443 39.22 -43.08 36.71
N VAL B 444 38.15 -43.50 36.02
CA VAL B 444 38.04 -44.90 35.62
C VAL B 444 38.87 -45.22 34.38
N ARG B 445 39.46 -44.22 33.73
CA ARG B 445 40.26 -44.45 32.54
C ARG B 445 41.72 -44.77 32.87
N ALA B 446 42.32 -44.02 33.79
CA ALA B 446 43.71 -44.26 34.19
C ALA B 446 43.85 -45.38 35.22
N ALA B 447 42.74 -45.92 35.72
CA ALA B 447 42.83 -46.99 36.71
C ALA B 447 43.18 -48.34 36.07
N HIS B 448 42.75 -48.56 34.83
CA HIS B 448 43.02 -49.81 34.12
C HIS B 448 44.31 -49.75 33.30
N ALA B 449 45.19 -48.78 33.59
CA ALA B 449 46.44 -48.64 32.86
C ALA B 449 47.55 -49.52 33.43
N SER B 450 47.30 -50.25 34.52
CA SER B 450 48.31 -51.11 35.11
C SER B 450 48.23 -52.52 34.54
N ASN B 451 48.55 -53.52 35.36
CA ASN B 451 48.49 -54.91 34.91
C ASN B 451 47.09 -55.48 35.07
N GLY B 452 46.65 -55.65 36.32
CA GLY B 452 45.33 -56.18 36.58
C GLY B 452 44.25 -55.12 36.60
N ASN B 453 43.41 -55.15 37.65
CA ASN B 453 42.32 -54.20 37.81
C ASN B 453 41.39 -54.19 36.62
N LYS B 454 40.47 -55.16 36.57
CA LYS B 454 39.53 -55.29 35.46
C LYS B 454 38.08 -55.29 35.91
N CYS B 455 37.78 -55.86 37.08
CA CYS B 455 36.40 -55.93 37.56
C CYS B 455 35.88 -54.59 38.04
N ALA B 456 36.73 -53.58 38.15
CA ALA B 456 36.28 -52.27 38.60
C ALA B 456 35.47 -51.56 37.52
N GLY B 457 34.41 -50.87 37.93
CA GLY B 457 33.57 -50.16 37.00
C GLY B 457 32.98 -48.89 37.57
N LEU B 458 31.65 -48.85 37.70
CA LEU B 458 30.97 -47.67 38.23
C LEU B 458 29.63 -48.10 38.80
N ASN B 459 29.31 -47.60 40.00
CA ASN B 459 28.05 -47.88 40.66
C ASN B 459 27.40 -46.57 41.07
N VAL B 460 26.11 -46.42 40.77
CA VAL B 460 25.39 -45.20 41.10
C VAL B 460 24.83 -45.18 42.51
N PHE B 461 25.14 -46.20 43.32
CA PHE B 461 24.65 -46.29 44.68
C PHE B 461 25.71 -45.93 45.72
N THR B 462 26.82 -45.32 45.30
CA THR B 462 27.88 -44.94 46.22
C THR B 462 28.50 -43.62 45.83
N GLY B 463 29.19 -43.59 44.70
CA GLY B 463 29.83 -42.37 44.23
C GLY B 463 31.29 -42.54 43.89
N ALA B 464 31.97 -43.41 44.63
CA ALA B 464 33.38 -43.67 44.42
C ALA B 464 33.52 -44.79 43.38
N VAL B 465 34.71 -45.38 43.27
CA VAL B 465 34.98 -46.45 42.32
C VAL B 465 35.39 -47.70 43.10
N GLU B 466 34.89 -48.85 42.67
CA GLU B 466 35.20 -50.12 43.31
C GLU B 466 34.90 -51.24 42.31
N ASP B 467 35.09 -52.48 42.77
CA ASP B 467 34.83 -53.63 41.93
C ASP B 467 33.33 -53.86 41.77
N MET B 468 32.96 -54.41 40.60
CA MET B 468 31.56 -54.67 40.30
C MET B 468 31.14 -56.10 40.58
N CYS B 469 32.07 -57.05 40.57
CA CYS B 469 31.72 -58.45 40.84
C CYS B 469 31.43 -58.70 42.30
N GLU B 470 31.94 -57.86 43.21
CA GLU B 470 31.70 -58.02 44.64
C GLU B 470 30.40 -57.39 45.10
N ASN B 471 29.83 -56.47 44.32
CA ASN B 471 28.58 -55.83 44.71
C ASN B 471 27.38 -56.71 44.37
N GLY B 472 27.17 -56.99 43.08
CA GLY B 472 26.07 -57.82 42.65
C GLY B 472 25.66 -57.56 41.22
N VAL B 473 26.58 -57.03 40.42
CA VAL B 473 26.32 -56.74 39.00
C VAL B 473 27.15 -57.70 38.17
N VAL B 474 26.49 -58.65 37.52
CA VAL B 474 27.17 -59.63 36.69
C VAL B 474 26.43 -59.75 35.35
N GLU B 475 26.50 -58.70 34.55
CA GLU B 475 25.83 -58.71 33.25
C GLU B 475 26.51 -59.70 32.32
N PRO B 476 25.76 -60.55 31.61
CA PRO B 476 26.40 -61.54 30.72
C PRO B 476 27.06 -60.90 29.51
N LEU B 477 27.70 -61.74 28.69
CA LEU B 477 28.42 -61.25 27.51
C LEU B 477 27.58 -61.29 26.25
N ARG B 478 26.60 -62.20 26.16
CA ARG B 478 25.79 -62.31 24.96
C ARG B 478 24.99 -61.03 24.72
N VAL B 479 24.46 -60.42 25.78
CA VAL B 479 23.71 -59.19 25.63
C VAL B 479 24.58 -58.04 25.14
N LYS B 480 25.90 -58.13 25.35
CA LYS B 480 26.81 -57.13 24.83
C LYS B 480 27.25 -57.43 23.40
N THR B 481 27.54 -58.70 23.10
CA THR B 481 27.95 -59.07 21.75
C THR B 481 26.82 -58.84 20.74
N GLN B 482 25.60 -59.22 21.10
CA GLN B 482 24.48 -59.00 20.20
C GLN B 482 24.22 -57.51 19.99
N ALA B 483 24.37 -56.71 21.05
CA ALA B 483 24.18 -55.28 20.93
C ALA B 483 25.26 -54.66 20.03
N ILE B 484 26.51 -55.08 20.18
CA ILE B 484 27.57 -54.57 19.33
C ILE B 484 27.34 -54.97 17.88
N GLN B 485 26.89 -56.21 17.65
CA GLN B 485 26.63 -56.65 16.29
C GLN B 485 25.48 -55.85 15.67
N SER B 486 24.42 -55.60 16.44
CA SER B 486 23.31 -54.81 15.92
C SER B 486 23.73 -53.37 15.63
N ALA B 487 24.57 -52.80 16.49
CA ALA B 487 25.04 -51.43 16.26
C ALA B 487 25.95 -51.35 15.04
N ALA B 488 26.77 -52.38 14.82
CA ALA B 488 27.64 -52.39 13.65
C ALA B 488 26.87 -52.67 12.36
N GLU B 489 25.76 -53.41 12.44
CA GLU B 489 24.96 -53.68 11.25
C GLU B 489 24.03 -52.51 10.92
N SER B 490 23.56 -51.78 11.93
CA SER B 490 22.65 -50.68 11.67
C SER B 490 23.37 -49.43 11.17
N THR B 491 24.63 -49.24 11.55
CA THR B 491 25.37 -48.06 11.13
C THR B 491 25.81 -48.12 9.67
N GLU B 492 25.73 -49.29 9.03
CA GLU B 492 26.12 -49.44 7.64
C GLU B 492 24.95 -49.36 6.67
N MET B 493 23.72 -49.43 7.17
CA MET B 493 22.54 -49.34 6.31
C MET B 493 22.14 -47.90 5.98
N LEU B 494 22.85 -46.92 6.52
CA LEU B 494 22.57 -45.51 6.28
C LEU B 494 23.67 -44.80 5.48
N LEU B 495 24.93 -45.15 5.72
CA LEU B 495 26.02 -44.52 4.99
C LEU B 495 26.13 -45.02 3.55
N ARG B 496 25.57 -46.19 3.26
CA ARG B 496 25.61 -46.75 1.92
C ARG B 496 24.38 -46.38 1.09
N ILE B 497 23.72 -45.28 1.41
CA ILE B 497 22.55 -44.82 0.69
C ILE B 497 22.88 -43.66 -0.24
N ASP B 498 23.58 -42.65 0.30
CA ASP B 498 23.99 -41.47 -0.47
C ASP B 498 22.78 -40.76 -1.08
N ASP B 499 22.33 -41.21 -2.23
CA ASP B 499 21.19 -40.63 -2.91
C ASP B 499 19.91 -41.41 -2.60
N VAL B 500 18.77 -40.76 -2.84
CA VAL B 500 17.46 -41.36 -2.60
C VAL B 500 16.52 -40.87 -3.69
N ILE B 501 15.78 -41.81 -4.30
CA ILE B 501 14.84 -41.48 -5.36
C ILE B 501 13.44 -41.90 -4.93
N ALA B 502 12.46 -41.76 -5.83
CA ALA B 502 11.08 -42.11 -5.56
C ALA B 502 10.44 -42.68 -6.81
N ALA B 503 9.33 -43.38 -6.63
CA ALA B 503 8.62 -43.99 -7.73
C ALA B 503 7.14 -44.09 -7.37
N GLU B 504 6.31 -44.33 -8.39
CA GLU B 504 4.87 -44.46 -8.22
C GLU B 504 4.40 -45.90 -8.36
N LYS B 505 5.31 -46.85 -8.51
CA LYS B 505 4.97 -48.25 -8.65
C LYS B 505 5.06 -48.96 -7.30
N LEU B 506 4.07 -49.79 -7.00
CA LEU B 506 4.05 -50.51 -5.75
C LEU B 506 5.14 -51.59 -5.74
N ARG B 507 5.91 -51.62 -4.65
CA ARG B 507 7.01 -52.58 -4.48
C ARG B 507 8.00 -52.52 -5.65
N MET C 1 14.87 -22.10 -31.63
CA MET C 1 14.02 -23.28 -31.64
C MET C 1 14.85 -24.55 -31.80
N GLY C 2 15.84 -24.50 -32.71
CA GLY C 2 16.69 -25.65 -32.93
C GLY C 2 17.66 -25.91 -31.79
N ARG C 3 18.07 -24.86 -31.08
CA ARG C 3 19.01 -25.00 -29.97
C ARG C 3 18.33 -24.91 -28.61
N ASP C 4 17.03 -24.59 -28.57
CA ASP C 4 16.33 -24.51 -27.29
C ASP C 4 15.79 -25.86 -26.86
N ALA C 5 15.10 -26.56 -27.76
CA ALA C 5 14.55 -27.87 -27.47
C ALA C 5 15.60 -28.98 -27.49
N GLN C 6 16.80 -28.71 -27.99
CA GLN C 6 17.87 -29.70 -28.06
C GLN C 6 18.63 -29.83 -26.75
N ARG C 7 18.94 -28.71 -26.09
CA ARG C 7 19.67 -28.78 -24.82
C ARG C 7 18.81 -29.33 -23.70
N MET C 8 17.49 -29.08 -23.73
CA MET C 8 16.61 -29.61 -22.70
C MET C 8 16.53 -31.12 -22.74
N ASN C 9 16.52 -31.70 -23.95
CA ASN C 9 16.48 -33.15 -24.09
C ASN C 9 17.76 -33.80 -23.55
N ILE C 10 18.90 -33.11 -23.66
CA ILE C 10 20.14 -33.65 -23.13
C ILE C 10 20.20 -33.48 -21.62
N LEU C 11 19.71 -32.35 -21.11
CA LEU C 11 19.70 -32.13 -19.67
C LEU C 11 18.74 -33.07 -18.96
N ALA C 12 17.63 -33.43 -19.61
CA ALA C 12 16.71 -34.39 -19.00
C ALA C 12 17.28 -35.80 -19.00
N GLY C 13 18.16 -36.11 -19.94
CA GLY C 13 18.77 -37.43 -19.97
C GLY C 13 19.99 -37.55 -19.07
N ARG C 14 20.74 -36.47 -18.90
CA ARG C 14 21.91 -36.50 -18.03
C ARG C 14 21.54 -36.70 -16.57
N ILE C 15 20.32 -36.33 -16.17
CA ILE C 15 19.90 -36.51 -14.78
C ILE C 15 19.66 -37.99 -14.50
N ILE C 16 18.96 -38.68 -15.40
CA ILE C 16 18.69 -40.09 -15.21
C ILE C 16 19.87 -40.97 -15.60
N ALA C 17 20.84 -40.44 -16.34
CA ALA C 17 22.01 -41.22 -16.71
C ALA C 17 23.02 -41.30 -15.56
N GLU C 18 23.13 -40.23 -14.78
CA GLU C 18 24.07 -40.21 -13.65
C GLU C 18 23.47 -40.76 -12.37
N THR C 19 22.24 -41.27 -12.41
CA THR C 19 21.63 -41.82 -11.20
C THR C 19 22.24 -43.16 -10.83
N VAL C 20 22.50 -44.02 -11.82
CA VAL C 20 23.07 -45.33 -11.57
C VAL C 20 24.59 -45.27 -11.73
N ARG C 21 25.15 -44.07 -11.61
CA ARG C 21 26.59 -43.92 -11.74
C ARG C 21 27.32 -44.53 -10.54
N SER C 22 26.80 -44.31 -9.34
CA SER C 22 27.43 -44.85 -8.14
C SER C 22 27.22 -46.35 -7.98
N THR C 23 26.17 -46.90 -8.59
CA THR C 23 25.87 -48.33 -8.51
C THR C 23 26.50 -49.10 -9.67
N LEU C 24 27.83 -49.03 -9.78
CA LEU C 24 28.56 -49.71 -10.84
C LEU C 24 29.71 -50.57 -10.31
N GLY C 25 30.48 -50.06 -9.36
CA GLY C 25 31.57 -50.80 -8.79
C GLY C 25 31.12 -51.90 -7.86
N PRO C 26 32.04 -52.79 -7.48
CA PRO C 26 31.66 -53.88 -6.58
C PRO C 26 31.36 -53.43 -5.16
N LYS C 27 32.01 -52.35 -4.71
CA LYS C 27 31.78 -51.85 -3.35
C LYS C 27 31.15 -50.46 -3.39
N GLY C 28 30.04 -50.33 -4.11
CA GLY C 28 29.36 -49.05 -4.22
C GLY C 28 28.17 -48.94 -3.28
N MET C 29 27.67 -47.73 -3.16
CA MET C 29 26.53 -47.46 -2.30
C MET C 29 25.23 -47.96 -2.95
N ASP C 30 24.24 -48.23 -2.10
CA ASP C 30 22.96 -48.71 -2.56
C ASP C 30 22.00 -47.54 -2.80
N LYS C 31 20.76 -47.87 -3.14
CA LYS C 31 19.73 -46.87 -3.41
C LYS C 31 18.49 -47.20 -2.60
N MET C 32 17.97 -46.21 -1.87
CA MET C 32 16.77 -46.37 -1.07
C MET C 32 15.58 -45.82 -1.85
N LEU C 33 14.61 -46.67 -2.14
CA LEU C 33 13.43 -46.29 -2.91
C LEU C 33 12.19 -46.35 -2.00
N VAL C 34 11.45 -45.25 -1.97
CA VAL C 34 10.23 -45.15 -1.20
C VAL C 34 9.04 -45.03 -2.14
N ASP C 35 7.86 -45.34 -1.63
CA ASP C 35 6.62 -45.28 -2.38
C ASP C 35 5.62 -44.40 -1.65
N ASP C 36 4.44 -44.25 -2.25
CA ASP C 36 3.40 -43.43 -1.63
C ASP C 36 2.76 -44.13 -0.44
N LEU C 37 2.61 -45.46 -0.50
CA LEU C 37 2.03 -46.18 0.63
C LEU C 37 2.99 -46.29 1.79
N GLY C 38 4.29 -46.27 1.51
CA GLY C 38 5.29 -46.37 2.56
C GLY C 38 6.13 -47.62 2.48
N ASP C 39 6.53 -47.99 1.26
CA ASP C 39 7.34 -49.18 1.04
C ASP C 39 8.79 -48.75 0.79
N VAL C 40 9.64 -48.93 1.80
CA VAL C 40 11.05 -48.56 1.72
C VAL C 40 11.84 -49.80 1.35
N VAL C 41 12.45 -49.78 0.17
CA VAL C 41 13.24 -50.90 -0.31
C VAL C 41 14.65 -50.42 -0.62
N VAL C 42 15.58 -51.38 -0.66
CA VAL C 42 16.99 -51.11 -0.93
C VAL C 42 17.38 -51.90 -2.17
N THR C 43 17.96 -51.19 -3.15
CA THR C 43 18.38 -51.80 -4.41
C THR C 43 19.83 -51.45 -4.67
N ASN C 44 20.65 -52.48 -4.91
CA ASN C 44 22.07 -52.28 -5.19
C ASN C 44 22.40 -52.28 -6.66
N ASP C 45 21.63 -53.00 -7.48
CA ASP C 45 21.89 -53.08 -8.91
C ASP C 45 21.32 -51.84 -9.60
N GLY C 46 21.34 -51.83 -10.93
CA GLY C 46 20.85 -50.70 -11.69
C GLY C 46 19.68 -51.07 -12.60
N VAL C 47 19.37 -52.36 -12.68
CA VAL C 47 18.26 -52.80 -13.53
C VAL C 47 16.93 -52.42 -12.88
N THR C 48 16.80 -52.62 -11.57
CA THR C 48 15.56 -52.26 -10.89
C THR C 48 15.40 -50.74 -10.79
N ILE C 49 16.51 -50.01 -10.78
CA ILE C 49 16.42 -48.55 -10.68
C ILE C 49 15.77 -47.97 -11.93
N LEU C 50 16.08 -48.53 -13.10
CA LEU C 50 15.50 -48.01 -14.34
C LEU C 50 14.01 -48.29 -14.43
N ARG C 51 13.54 -49.36 -13.80
CA ARG C 51 12.12 -49.70 -13.84
C ARG C 51 11.31 -48.78 -12.95
N GLU C 52 11.56 -48.83 -11.63
CA GLU C 52 10.87 -47.96 -10.67
C GLU C 52 11.51 -46.58 -10.70
N MET C 53 11.10 -45.78 -11.67
CA MET C 53 11.62 -44.43 -11.84
C MET C 53 10.56 -43.58 -12.52
N SER C 54 10.46 -42.32 -12.09
CA SER C 54 9.48 -41.39 -12.66
C SER C 54 9.79 -41.14 -14.14
N VAL C 55 8.99 -41.73 -15.02
CA VAL C 55 9.18 -41.59 -16.46
C VAL C 55 8.21 -40.54 -17.00
N GLU C 56 7.99 -39.47 -16.22
CA GLU C 56 7.08 -38.42 -16.64
C GLU C 56 7.63 -37.61 -17.81
N HIS C 57 8.94 -37.61 -18.01
CA HIS C 57 9.51 -36.85 -19.12
C HIS C 57 9.74 -37.76 -20.32
N PRO C 58 9.46 -37.26 -21.53
CA PRO C 58 9.64 -38.12 -22.72
C PRO C 58 11.07 -38.52 -22.97
N ALA C 59 12.05 -37.72 -22.55
CA ALA C 59 13.45 -38.07 -22.76
C ALA C 59 13.89 -39.22 -21.86
N ALA C 60 13.29 -39.32 -20.67
CA ALA C 60 13.63 -40.39 -19.73
C ALA C 60 12.76 -41.62 -19.91
N LYS C 61 12.66 -42.13 -21.13
CA LYS C 61 11.83 -43.30 -21.40
C LYS C 61 12.45 -44.16 -22.50
N MET C 62 12.96 -43.51 -23.55
CA MET C 62 13.55 -44.25 -24.65
C MET C 62 14.83 -44.97 -24.23
N LEU C 63 15.65 -44.32 -23.39
CA LEU C 63 16.85 -44.98 -22.90
C LEU C 63 16.51 -46.20 -22.05
N ILE C 64 15.49 -46.08 -21.20
CA ILE C 64 15.08 -47.21 -20.37
C ILE C 64 14.53 -48.34 -21.24
N GLU C 65 13.76 -47.99 -22.28
CA GLU C 65 13.21 -49.01 -23.16
C GLU C 65 14.32 -49.72 -23.93
N VAL C 66 15.36 -49.00 -24.33
CA VAL C 66 16.48 -49.62 -25.02
C VAL C 66 17.27 -50.51 -24.06
N ALA C 67 17.46 -50.06 -22.81
CA ALA C 67 18.20 -50.85 -21.83
C ALA C 67 17.45 -52.11 -21.45
N LYS C 68 16.12 -52.07 -21.43
CA LYS C 68 15.34 -53.25 -21.09
C LYS C 68 15.46 -54.32 -22.18
N THR C 69 15.62 -53.91 -23.44
CA THR C 69 15.78 -54.89 -24.51
C THR C 69 17.16 -55.54 -24.48
N GLN C 70 18.16 -54.83 -23.95
CA GLN C 70 19.50 -55.39 -23.85
C GLN C 70 19.69 -56.21 -22.59
N GLU C 71 18.96 -55.88 -21.52
CA GLU C 71 19.08 -56.64 -20.27
C GLU C 71 18.56 -58.05 -20.42
N LYS C 72 17.59 -58.27 -21.30
CA LYS C 72 17.01 -59.59 -21.53
C LYS C 72 17.90 -60.49 -22.39
N GLU C 73 19.08 -60.01 -22.79
CA GLU C 73 20.00 -60.79 -23.61
C GLU C 73 20.94 -61.64 -22.75
N VAL C 74 21.84 -61.00 -22.02
CA VAL C 74 22.79 -61.71 -21.17
C VAL C 74 22.61 -61.27 -19.72
N GLY C 75 22.09 -60.07 -19.52
CA GLY C 75 21.86 -59.55 -18.20
C GLY C 75 23.12 -59.29 -17.41
N ASP C 76 23.95 -58.38 -17.89
CA ASP C 76 25.21 -58.06 -17.22
C ASP C 76 25.69 -56.66 -17.60
N GLY C 77 25.53 -56.29 -18.86
CA GLY C 77 25.96 -55.00 -19.33
C GLY C 77 24.82 -54.00 -19.49
N THR C 78 24.13 -53.72 -18.39
CA THR C 78 23.00 -52.79 -18.38
C THR C 78 23.36 -51.43 -17.80
N THR C 79 23.93 -51.40 -16.60
CA THR C 79 24.29 -50.13 -15.98
C THR C 79 25.47 -49.48 -16.70
N THR C 80 26.47 -50.27 -17.07
CA THR C 80 27.63 -49.72 -17.76
C THR C 80 27.24 -49.12 -19.11
N ALA C 81 26.26 -49.71 -19.79
CA ALA C 81 25.80 -49.14 -21.05
C ALA C 81 25.17 -47.76 -20.84
N VAL C 82 24.37 -47.62 -19.79
CA VAL C 82 23.77 -46.32 -19.49
C VAL C 82 24.84 -45.31 -19.11
N VAL C 83 25.85 -45.75 -18.37
CA VAL C 83 26.94 -44.85 -17.99
C VAL C 83 27.70 -44.38 -19.22
N VAL C 84 27.99 -45.29 -20.14
CA VAL C 84 28.70 -44.91 -21.37
C VAL C 84 27.85 -43.97 -22.21
N ALA C 85 26.54 -44.23 -22.28
CA ALA C 85 25.65 -43.35 -23.04
C ALA C 85 25.61 -41.96 -22.43
N GLY C 86 25.52 -41.87 -21.11
CA GLY C 86 25.53 -40.56 -20.46
C GLY C 86 26.84 -39.83 -20.65
N GLU C 87 27.96 -40.56 -20.60
CA GLU C 87 29.26 -39.94 -20.84
C GLU C 87 29.35 -39.42 -22.27
N LEU C 88 28.86 -40.20 -23.24
CA LEU C 88 28.87 -39.75 -24.63
C LEU C 88 28.01 -38.52 -24.81
N LEU C 89 26.83 -38.49 -24.17
CA LEU C 89 25.96 -37.32 -24.28
C LEU C 89 26.61 -36.09 -23.65
N ARG C 90 27.25 -36.25 -22.49
CA ARG C 90 27.91 -35.13 -21.85
C ARG C 90 29.10 -34.64 -22.66
N LYS C 91 29.81 -35.54 -23.34
CA LYS C 91 30.94 -35.13 -24.16
C LYS C 91 30.47 -34.44 -25.45
N ALA C 92 29.36 -34.91 -26.02
CA ALA C 92 28.84 -34.30 -27.23
C ALA C 92 28.11 -32.98 -26.97
N GLU C 93 27.65 -32.75 -25.75
CA GLU C 93 26.98 -31.49 -25.44
C GLU C 93 27.96 -30.32 -25.51
N GLU C 94 29.21 -30.54 -25.09
CA GLU C 94 30.20 -29.47 -25.15
C GLU C 94 30.64 -29.19 -26.58
N LEU C 95 30.63 -30.20 -27.44
CA LEU C 95 31.05 -30.03 -28.82
C LEU C 95 30.05 -29.22 -29.65
N LEU C 96 28.84 -28.99 -29.14
CA LEU C 96 27.83 -28.22 -29.86
C LEU C 96 28.04 -26.72 -29.74
N ASP C 97 29.02 -26.27 -28.95
CA ASP C 97 29.28 -24.85 -28.79
C ASP C 97 30.03 -24.24 -29.97
N GLN C 98 30.71 -25.05 -30.78
CA GLN C 98 31.45 -24.56 -31.93
C GLN C 98 30.56 -24.34 -33.15
N ASN C 99 29.26 -24.59 -33.03
CA ASN C 99 28.29 -24.41 -34.11
C ASN C 99 28.67 -25.26 -35.33
N VAL C 100 28.50 -26.57 -35.14
CA VAL C 100 28.79 -27.54 -36.20
C VAL C 100 27.52 -28.32 -36.51
N HIS C 101 26.59 -28.35 -35.55
CA HIS C 101 25.28 -29.01 -35.60
C HIS C 101 25.44 -30.53 -35.66
N PRO C 102 24.54 -31.28 -35.02
CA PRO C 102 24.73 -32.74 -34.93
C PRO C 102 24.52 -33.46 -36.25
N THR C 103 25.61 -33.92 -36.85
CA THR C 103 25.55 -34.72 -38.07
C THR C 103 26.85 -35.50 -38.26
N ILE C 104 27.99 -34.79 -38.22
CA ILE C 104 29.27 -35.45 -38.39
C ILE C 104 29.61 -36.29 -37.16
N VAL C 105 29.07 -35.92 -35.99
CA VAL C 105 29.33 -36.69 -34.78
C VAL C 105 28.73 -38.08 -34.88
N VAL C 106 27.54 -38.20 -35.48
CA VAL C 106 26.92 -39.49 -35.64
C VAL C 106 27.74 -40.37 -36.58
N LYS C 107 28.23 -39.80 -37.68
CA LYS C 107 29.07 -40.55 -38.60
C LYS C 107 30.37 -40.98 -37.93
N GLY C 108 30.97 -40.09 -37.12
CA GLY C 108 32.17 -40.46 -36.40
C GLY C 108 31.95 -41.59 -35.42
N TYR C 109 30.82 -41.54 -34.69
CA TYR C 109 30.50 -42.62 -33.77
C TYR C 109 30.27 -43.93 -34.50
N GLN C 110 29.58 -43.88 -35.65
CA GLN C 110 29.34 -45.10 -36.43
C GLN C 110 30.64 -45.66 -36.98
N ALA C 111 31.58 -44.80 -37.36
CA ALA C 111 32.86 -45.27 -37.86
C ALA C 111 33.74 -45.82 -36.74
N ALA C 112 33.63 -45.25 -35.53
CA ALA C 112 34.43 -45.73 -34.41
C ALA C 112 33.88 -47.00 -33.81
N ALA C 113 32.56 -47.22 -33.88
CA ALA C 113 31.97 -48.43 -33.33
C ALA C 113 32.46 -49.67 -34.06
N GLN C 114 32.54 -49.61 -35.39
CA GLN C 114 33.02 -50.75 -36.17
C GLN C 114 34.49 -51.04 -35.85
N LYS C 115 35.30 -49.99 -35.73
CA LYS C 115 36.71 -50.18 -35.38
C LYS C 115 36.86 -50.79 -33.99
N ALA C 116 36.04 -50.35 -33.04
CA ALA C 116 36.09 -50.92 -31.70
C ALA C 116 35.67 -52.38 -31.70
N GLN C 117 34.62 -52.71 -32.46
CA GLN C 117 34.18 -54.10 -32.54
C GLN C 117 35.23 -54.98 -33.22
N GLU C 118 35.96 -54.44 -34.20
CA GLU C 118 37.01 -55.21 -34.85
C GLU C 118 38.22 -55.37 -33.94
N LEU C 119 38.53 -54.36 -33.12
CA LEU C 119 39.66 -54.47 -32.21
C LEU C 119 39.37 -55.37 -31.02
N LEU C 120 38.11 -55.43 -30.58
CA LEU C 120 37.76 -56.30 -29.45
C LEU C 120 37.90 -57.77 -29.81
N LYS C 121 37.67 -58.13 -31.07
CA LYS C 121 37.79 -59.51 -31.51
C LYS C 121 39.23 -59.97 -31.71
N THR C 122 40.19 -59.07 -31.55
CA THR C 122 41.60 -59.41 -31.71
C THR C 122 42.40 -59.37 -30.42
N ILE C 123 41.78 -59.03 -29.29
CA ILE C 123 42.47 -58.96 -28.02
C ILE C 123 42.02 -60.08 -27.07
N ALA C 124 41.35 -61.10 -27.60
CA ALA C 124 40.89 -62.23 -26.81
C ALA C 124 41.72 -63.47 -27.11
N CYS C 125 41.37 -64.57 -26.44
CA CYS C 125 42.05 -65.85 -26.59
C CYS C 125 41.04 -66.92 -26.97
N GLU C 126 41.51 -68.17 -27.00
CA GLU C 126 40.68 -69.32 -27.34
C GLU C 126 40.53 -70.19 -26.10
N VAL C 127 39.28 -70.38 -25.67
CA VAL C 127 38.96 -71.20 -24.50
C VAL C 127 38.14 -72.39 -24.99
N GLY C 128 38.71 -73.59 -24.88
CA GLY C 128 38.03 -74.79 -25.30
C GLY C 128 37.08 -75.32 -24.26
N ALA C 129 36.46 -76.46 -24.59
CA ALA C 129 35.50 -77.10 -23.69
C ALA C 129 36.16 -78.09 -22.73
N GLN C 130 37.47 -78.34 -22.87
CA GLN C 130 38.16 -79.28 -21.99
C GLN C 130 38.70 -78.63 -20.73
N ASP C 131 38.48 -77.33 -20.55
CA ASP C 131 38.97 -76.62 -19.37
C ASP C 131 38.01 -76.80 -18.20
N LYS C 132 38.49 -76.43 -17.00
CA LYS C 132 37.69 -76.53 -15.79
C LYS C 132 38.09 -75.46 -14.79
N GLU C 133 39.40 -75.23 -14.65
CA GLU C 133 39.90 -74.22 -13.74
C GLU C 133 39.61 -72.80 -14.24
N ILE C 134 39.35 -72.64 -15.54
CA ILE C 134 39.05 -71.31 -16.07
C ILE C 134 37.58 -70.98 -15.91
N LEU C 135 36.71 -71.99 -15.91
CA LEU C 135 35.26 -71.76 -15.87
C LEU C 135 34.76 -71.37 -14.48
N THR C 136 35.61 -71.42 -13.45
CA THR C 136 35.18 -71.07 -12.10
C THR C 136 35.49 -69.63 -11.73
N LYS C 137 36.50 -69.02 -12.35
CA LYS C 137 36.81 -67.62 -12.04
C LYS C 137 35.70 -66.68 -12.50
N ILE C 138 35.08 -66.98 -13.64
CA ILE C 138 33.98 -66.14 -14.13
C ILE C 138 32.78 -66.23 -13.19
N ALA C 139 32.54 -67.40 -12.62
CA ALA C 139 31.45 -67.55 -11.66
C ALA C 139 31.79 -66.90 -10.33
N MET C 140 33.07 -66.92 -9.95
CA MET C 140 33.48 -66.28 -8.70
C MET C 140 33.39 -64.76 -8.79
N THR C 141 33.82 -64.19 -9.91
CA THR C 141 33.77 -62.74 -10.09
C THR C 141 32.38 -62.23 -10.45
N SER C 142 31.42 -63.13 -10.72
CA SER C 142 30.08 -62.68 -11.06
C SER C 142 29.30 -62.20 -9.84
N ILE C 143 29.70 -62.61 -8.64
CA ILE C 143 29.02 -62.18 -7.42
C ILE C 143 29.96 -61.29 -6.61
N THR C 144 29.88 -59.98 -6.86
CA THR C 144 30.69 -59.00 -6.15
C THR C 144 29.85 -57.94 -5.44
N GLY C 145 29.03 -57.20 -6.19
CA GLY C 145 28.18 -56.20 -5.57
C GLY C 145 26.98 -56.77 -4.83
N LYS C 146 26.69 -58.06 -5.03
CA LYS C 146 25.57 -58.68 -4.34
C LYS C 146 25.88 -58.92 -2.87
N GLY C 147 26.96 -59.67 -2.60
CA GLY C 147 27.36 -59.96 -1.24
C GLY C 147 28.58 -60.84 -1.15
N ALA C 148 29.77 -60.24 -1.22
CA ALA C 148 31.02 -60.97 -1.17
C ALA C 148 31.42 -61.38 0.24
N GLU C 149 30.63 -61.02 1.26
CA GLU C 149 30.94 -61.40 2.63
C GLU C 149 30.50 -62.82 2.96
N LYS C 150 29.93 -63.55 2.02
CA LYS C 150 29.50 -64.92 2.26
C LYS C 150 29.46 -65.72 0.97
N ALA C 151 29.56 -65.03 -0.17
CA ALA C 151 29.53 -65.66 -1.49
C ALA C 151 30.81 -65.28 -2.22
N LYS C 152 31.83 -66.13 -2.10
CA LYS C 152 33.11 -65.89 -2.76
C LYS C 152 33.88 -67.19 -2.93
N GLU C 153 33.43 -68.25 -2.26
CA GLU C 153 34.11 -69.54 -2.34
C GLU C 153 33.10 -70.68 -2.37
N LYS C 154 32.07 -70.59 -1.52
CA LYS C 154 31.05 -71.64 -1.49
C LYS C 154 30.14 -71.58 -2.71
N LEU C 155 29.81 -70.37 -3.16
CA LEU C 155 28.95 -70.20 -4.31
C LEU C 155 29.72 -70.24 -5.63
N ALA C 156 31.02 -70.53 -5.60
CA ALA C 156 31.82 -70.61 -6.81
C ALA C 156 32.19 -72.03 -7.20
N GLU C 157 31.81 -73.02 -6.41
CA GLU C 157 32.12 -74.41 -6.69
C GLU C 157 30.88 -75.26 -6.96
N ILE C 158 29.68 -74.71 -6.79
CA ILE C 158 28.46 -75.45 -7.04
C ILE C 158 27.75 -75.01 -8.31
N ILE C 159 28.11 -73.86 -8.89
CA ILE C 159 27.48 -73.42 -10.13
C ILE C 159 28.13 -74.10 -11.33
N VAL C 160 29.46 -74.22 -11.31
CA VAL C 160 30.17 -74.85 -12.43
C VAL C 160 29.83 -76.34 -12.49
N GLU C 161 29.73 -76.99 -11.33
CA GLU C 161 29.39 -78.41 -11.30
C GLU C 161 27.94 -78.67 -11.70
N ALA C 162 27.08 -77.65 -11.61
CA ALA C 162 25.68 -77.81 -11.98
C ALA C 162 25.41 -77.46 -13.43
N VAL C 163 26.09 -76.44 -13.97
CA VAL C 163 25.88 -76.07 -15.36
C VAL C 163 26.56 -77.06 -16.30
N SER C 164 27.79 -77.46 -15.98
CA SER C 164 28.53 -78.40 -16.83
C SER C 164 27.90 -79.79 -16.76
N ALA C 165 26.82 -80.00 -17.51
CA ALA C 165 26.14 -81.28 -17.55
C ALA C 165 25.68 -81.59 -18.97
N VAL C 166 25.01 -80.64 -19.60
CA VAL C 166 24.55 -80.77 -20.99
C VAL C 166 25.17 -79.73 -21.91
N VAL C 167 26.02 -78.85 -21.39
CA VAL C 167 26.64 -77.82 -22.23
C VAL C 167 27.90 -78.36 -22.89
N ASP C 168 28.68 -79.17 -22.16
CA ASP C 168 29.91 -79.71 -22.73
C ASP C 168 29.62 -80.75 -23.82
N ASP C 169 28.48 -81.45 -23.72
CA ASP C 169 28.13 -82.42 -24.74
C ASP C 169 27.60 -81.74 -26.00
N GLU C 170 26.67 -80.82 -25.85
CA GLU C 170 26.09 -80.07 -26.97
C GLU C 170 26.42 -78.59 -26.77
N GLY C 171 27.41 -78.11 -27.53
CA GLY C 171 27.82 -76.72 -27.42
C GLY C 171 27.07 -75.80 -28.37
N LYS C 172 25.75 -75.79 -28.27
CA LYS C 172 24.93 -74.95 -29.14
C LYS C 172 23.59 -74.64 -28.47
N VAL C 173 22.84 -75.68 -28.11
CA VAL C 173 21.54 -75.53 -27.46
C VAL C 173 21.65 -76.08 -26.04
N ASP C 174 21.43 -75.22 -25.06
CA ASP C 174 21.50 -75.59 -23.65
C ASP C 174 20.47 -74.84 -22.84
N LYS C 175 19.26 -74.69 -23.39
CA LYS C 175 18.17 -73.99 -22.72
C LYS C 175 17.60 -74.89 -21.63
N ASP C 176 17.84 -74.54 -20.37
CA ASP C 176 17.36 -75.28 -19.23
C ASP C 176 16.32 -74.45 -18.47
N LEU C 177 15.77 -75.05 -17.42
CA LEU C 177 14.76 -74.41 -16.57
C LEU C 177 15.28 -74.39 -15.15
N ILE C 178 15.85 -73.27 -14.74
CA ILE C 178 16.39 -73.09 -13.40
C ILE C 178 15.40 -72.27 -12.59
N LYS C 179 14.96 -72.81 -11.45
CA LYS C 179 14.01 -72.15 -10.57
C LYS C 179 14.65 -71.92 -9.21
N ILE C 180 14.56 -70.68 -8.72
CA ILE C 180 15.13 -70.30 -7.43
C ILE C 180 13.96 -70.01 -6.49
N GLU C 181 13.92 -70.70 -5.36
CA GLU C 181 12.86 -70.53 -4.38
C GLU C 181 13.32 -69.57 -3.28
N LYS C 182 12.41 -68.68 -2.88
CA LYS C 182 12.69 -67.67 -1.87
C LYS C 182 12.13 -68.16 -0.53
N LYS C 183 12.98 -68.79 0.27
CA LYS C 183 12.59 -69.29 1.58
C LYS C 183 13.69 -68.97 2.59
N SER C 184 13.28 -68.68 3.81
CA SER C 184 14.22 -68.35 4.88
C SER C 184 14.57 -69.59 5.69
N GLY C 185 15.32 -69.41 6.76
CA GLY C 185 15.73 -70.51 7.61
C GLY C 185 16.24 -70.05 8.97
N ALA C 186 17.46 -70.47 9.31
CA ALA C 186 18.06 -70.11 10.59
C ALA C 186 19.58 -70.06 10.49
N SER C 187 20.14 -70.69 9.47
CA SER C 187 21.57 -70.71 9.27
C SER C 187 22.05 -69.37 8.71
N ILE C 188 23.37 -69.22 8.62
CA ILE C 188 23.97 -68.00 8.10
C ILE C 188 23.76 -67.93 6.59
N ASP C 189 24.38 -68.87 5.87
CA ASP C 189 24.26 -68.92 4.41
C ASP C 189 24.51 -70.36 3.98
N ASP C 190 23.43 -71.06 3.62
CA ASP C 190 23.50 -72.44 3.19
C ASP C 190 23.01 -72.56 1.75
N THR C 191 23.72 -73.35 0.95
CA THR C 191 23.41 -73.56 -0.45
C THR C 191 23.26 -75.05 -0.71
N GLU C 192 22.08 -75.47 -1.14
CA GLU C 192 21.80 -76.87 -1.45
C GLU C 192 21.57 -77.02 -2.95
N LEU C 193 22.15 -78.07 -3.53
CA LEU C 193 22.04 -78.37 -4.95
C LEU C 193 21.32 -79.70 -5.09
N ILE C 194 20.00 -79.64 -5.30
CA ILE C 194 19.19 -80.85 -5.40
C ILE C 194 19.34 -81.44 -6.79
N LYS C 195 19.72 -82.71 -6.86
CA LYS C 195 19.88 -83.40 -8.13
C LYS C 195 18.64 -84.25 -8.45
N GLY C 196 17.49 -83.59 -8.37
CA GLY C 196 16.21 -84.26 -8.62
C GLY C 196 15.04 -83.31 -8.74
N VAL C 197 13.94 -83.67 -8.09
CA VAL C 197 12.70 -82.89 -8.14
C VAL C 197 12.41 -82.35 -6.75
N LEU C 198 12.04 -81.07 -6.67
CA LEU C 198 11.70 -80.41 -5.43
C LEU C 198 10.27 -79.90 -5.51
N VAL C 199 9.44 -80.29 -4.55
CA VAL C 199 8.05 -79.87 -4.48
C VAL C 199 7.87 -79.06 -3.21
N ASP C 200 7.30 -77.85 -3.37
CA ASP C 200 7.11 -76.93 -2.24
C ASP C 200 5.63 -76.96 -1.85
N LYS C 201 5.26 -78.02 -1.14
CA LYS C 201 3.89 -78.18 -0.65
C LYS C 201 3.89 -79.15 0.51
N GLU C 202 3.17 -78.79 1.57
CA GLU C 202 3.06 -79.60 2.77
C GLU C 202 1.78 -80.42 2.72
N ARG C 203 1.38 -80.97 3.87
CA ARG C 203 0.17 -81.77 3.97
C ARG C 203 -0.57 -81.35 5.25
N VAL C 204 -1.49 -82.20 5.69
CA VAL C 204 -2.27 -81.93 6.90
C VAL C 204 -2.47 -83.23 7.66
N SER C 205 -2.33 -84.36 6.97
CA SER C 205 -2.49 -85.68 7.56
C SER C 205 -1.18 -86.44 7.40
N ALA C 206 -0.41 -86.53 8.49
CA ALA C 206 0.87 -87.23 8.46
C ALA C 206 0.66 -88.70 8.83
N GLN C 207 -0.05 -89.40 7.95
CA GLN C 207 -0.34 -90.82 8.12
C GLN C 207 0.13 -91.66 6.94
N MET C 208 1.08 -91.15 6.15
CA MET C 208 1.58 -91.86 4.99
C MET C 208 3.10 -92.00 5.07
N PRO C 209 3.64 -93.12 4.62
CA PRO C 209 5.11 -93.30 4.65
C PRO C 209 5.79 -92.32 3.71
N LYS C 210 7.10 -92.15 3.94
CA LYS C 210 7.90 -91.24 3.14
C LYS C 210 9.27 -91.85 2.80
N LYS C 211 9.34 -93.17 2.65
CA LYS C 211 10.60 -93.84 2.32
C LYS C 211 10.25 -95.11 1.55
N VAL C 212 10.20 -94.99 0.22
CA VAL C 212 9.91 -96.09 -0.68
C VAL C 212 11.07 -96.25 -1.64
N THR C 213 11.57 -97.48 -1.77
CA THR C 213 12.71 -97.76 -2.64
C THR C 213 12.24 -98.03 -4.07
N ASP C 214 13.01 -97.50 -5.03
CA ASP C 214 12.75 -97.63 -6.46
C ASP C 214 11.26 -97.46 -6.79
N ALA C 215 10.68 -96.39 -6.25
CA ALA C 215 9.28 -96.11 -6.52
C ALA C 215 9.09 -95.57 -7.93
N LYS C 216 7.85 -95.67 -8.41
CA LYS C 216 7.49 -95.18 -9.74
C LYS C 216 6.49 -94.05 -9.63
N ILE C 217 6.71 -92.99 -10.39
CA ILE C 217 5.86 -91.81 -10.37
C ILE C 217 4.78 -91.96 -11.43
N ALA C 218 3.52 -91.78 -11.03
CA ALA C 218 2.37 -91.86 -11.92
C ALA C 218 1.64 -90.51 -11.88
N LEU C 219 1.57 -89.84 -13.03
CA LEU C 219 0.94 -88.54 -13.12
C LEU C 219 -0.54 -88.72 -13.45
N LEU C 220 -1.41 -88.28 -12.54
CA LEU C 220 -2.85 -88.36 -12.73
C LEU C 220 -3.45 -86.98 -12.51
N ASN C 221 -4.26 -86.53 -13.46
CA ASN C 221 -4.89 -85.21 -13.38
C ASN C 221 -6.20 -85.29 -12.60
N CYS C 222 -7.26 -84.66 -13.13
CA CYS C 222 -8.55 -84.65 -12.46
C CYS C 222 -9.41 -85.82 -12.92
N ALA C 223 -10.74 -85.65 -12.86
CA ALA C 223 -11.69 -86.68 -13.26
C ALA C 223 -11.46 -87.98 -12.48
N ILE C 224 -11.21 -87.85 -11.18
CA ILE C 224 -10.97 -88.99 -10.31
C ILE C 224 -12.02 -89.08 -9.21
N GLU C 225 -12.37 -87.95 -8.59
CA GLU C 225 -13.34 -87.94 -7.50
C GLU C 225 -14.75 -88.19 -8.04
N ILE C 226 -15.71 -88.25 -7.12
CA ILE C 226 -17.08 -88.51 -7.52
C ILE C 226 -17.72 -87.27 -8.13
N LYS C 227 -17.45 -86.09 -7.58
CA LYS C 227 -18.00 -84.84 -8.06
C LYS C 227 -16.89 -83.81 -8.19
N GLU C 228 -16.61 -83.38 -9.42
CA GLU C 228 -15.57 -82.38 -9.66
C GLU C 228 -15.97 -81.47 -10.81
N THR C 229 -16.87 -81.94 -11.68
CA THR C 229 -17.34 -81.15 -12.81
C THR C 229 -18.86 -81.03 -12.79
N GLU C 230 -19.49 -81.33 -13.93
CA GLU C 230 -20.94 -81.27 -14.05
C GLU C 230 -21.41 -82.39 -14.98
N THR C 231 -22.72 -82.64 -14.95
CA THR C 231 -23.33 -83.68 -15.77
C THR C 231 -24.59 -83.11 -16.42
N ASP C 232 -24.66 -83.19 -17.75
CA ASP C 232 -25.83 -82.68 -18.45
C ASP C 232 -27.01 -83.65 -18.39
N ALA C 233 -26.75 -84.94 -18.57
CA ALA C 233 -27.80 -85.95 -18.53
C ALA C 233 -28.19 -86.20 -17.08
N GLU C 234 -29.32 -85.64 -16.66
CA GLU C 234 -29.78 -85.82 -15.29
C GLU C 234 -30.34 -87.23 -15.08
N ILE C 235 -30.30 -87.67 -13.83
CA ILE C 235 -30.79 -88.99 -13.44
C ILE C 235 -31.94 -88.82 -12.46
N ARG C 236 -32.62 -89.93 -12.20
CA ARG C 236 -33.76 -89.96 -11.28
C ARG C 236 -33.57 -91.10 -10.28
N ILE C 237 -34.44 -91.12 -9.28
CA ILE C 237 -34.41 -92.13 -8.23
C ILE C 237 -35.75 -92.84 -8.19
N THR C 238 -35.70 -94.14 -7.85
CA THR C 238 -36.91 -94.95 -7.76
C THR C 238 -37.05 -95.56 -6.37
N ASP C 239 -36.09 -96.38 -5.93
CA ASP C 239 -36.15 -97.01 -4.62
C ASP C 239 -35.05 -96.48 -3.71
N PRO C 240 -35.33 -96.32 -2.42
CA PRO C 240 -34.28 -95.82 -1.51
C PRO C 240 -33.11 -96.77 -1.36
N ALA C 241 -33.29 -98.06 -1.61
CA ALA C 241 -32.20 -99.03 -1.49
C ALA C 241 -31.28 -99.05 -2.70
N LYS C 242 -31.54 -98.23 -3.71
CA LYS C 242 -30.71 -98.16 -4.91
C LYS C 242 -29.64 -97.08 -4.83
N LEU C 243 -29.97 -95.91 -4.29
CA LEU C 243 -28.99 -94.84 -4.18
C LEU C 243 -27.87 -95.23 -3.21
N MET C 244 -28.21 -95.85 -2.09
CA MET C 244 -27.19 -96.29 -1.14
C MET C 244 -26.31 -97.36 -1.76
N GLU C 245 -26.91 -98.28 -2.53
CA GLU C 245 -26.11 -99.31 -3.20
C GLU C 245 -25.16 -98.70 -4.22
N PHE C 246 -25.63 -97.71 -4.98
CA PHE C 246 -24.77 -97.04 -5.94
C PHE C 246 -23.64 -96.30 -5.25
N ILE C 247 -23.93 -95.65 -4.12
CA ILE C 247 -22.89 -94.94 -3.38
C ILE C 247 -21.86 -95.93 -2.85
N GLU C 248 -22.31 -97.07 -2.32
CA GLU C 248 -21.39 -98.08 -1.82
C GLU C 248 -20.53 -98.64 -2.95
N GLN C 249 -21.13 -98.85 -4.12
CA GLN C 249 -20.37 -99.35 -5.27
C GLN C 249 -19.32 -98.34 -5.72
N GLU C 250 -19.69 -97.06 -5.79
CA GLU C 250 -18.73 -96.03 -6.19
C GLU C 250 -17.64 -95.86 -5.15
N GLU C 251 -17.94 -96.13 -3.87
CA GLU C 251 -16.91 -96.03 -2.84
C GLU C 251 -15.96 -97.22 -2.90
N LYS C 252 -16.49 -98.42 -3.16
CA LYS C 252 -15.65 -99.61 -3.27
C LYS C 252 -14.88 -99.67 -4.58
N MET C 253 -15.31 -98.91 -5.60
CA MET C 253 -14.59 -98.89 -6.86
C MET C 253 -13.17 -98.35 -6.70
N LEU C 254 -12.95 -97.48 -5.70
CA LEU C 254 -11.62 -96.93 -5.47
C LEU C 254 -10.62 -98.02 -5.09
N LYS C 255 -11.08 -99.07 -4.41
CA LYS C 255 -10.19 -100.17 -4.03
C LYS C 255 -9.59 -100.82 -5.28
N ASP C 256 -10.43 -101.24 -6.21
CA ASP C 256 -9.92 -101.85 -7.43
C ASP C 256 -9.19 -100.84 -8.31
N MET C 257 -9.58 -99.56 -8.24
CA MET C 257 -8.86 -98.54 -9.00
C MET C 257 -7.42 -98.41 -8.52
N VAL C 258 -7.22 -98.43 -7.20
CA VAL C 258 -5.86 -98.38 -6.66
C VAL C 258 -5.13 -99.69 -6.90
N ALA C 259 -5.85 -100.82 -6.84
CA ALA C 259 -5.21 -102.11 -7.08
C ALA C 259 -4.69 -102.21 -8.52
N GLU C 260 -5.44 -101.64 -9.47
CA GLU C 260 -4.97 -101.65 -10.86
C GLU C 260 -3.70 -100.84 -11.02
N ILE C 261 -3.62 -99.68 -10.37
CA ILE C 261 -2.40 -98.87 -10.45
C ILE C 261 -1.24 -99.58 -9.76
N LYS C 262 -1.52 -100.28 -8.67
CA LYS C 262 -0.46 -101.03 -7.99
C LYS C 262 0.05 -102.17 -8.86
N ALA C 263 -0.85 -102.89 -9.53
CA ALA C 263 -0.43 -103.98 -10.40
C ALA C 263 0.25 -103.48 -11.67
N SER C 264 -0.07 -102.26 -12.10
CA SER C 264 0.58 -101.71 -13.28
C SER C 264 2.04 -101.35 -13.02
N GLY C 265 2.37 -101.01 -11.78
CA GLY C 265 3.73 -100.67 -11.44
C GLY C 265 3.93 -99.20 -11.12
N ALA C 266 3.31 -98.74 -10.03
CA ALA C 266 3.40 -97.35 -9.61
C ALA C 266 3.26 -97.27 -8.10
N ASN C 267 4.05 -96.39 -7.48
CA ASN C 267 4.02 -96.20 -6.04
C ASN C 267 3.94 -94.75 -5.61
N VAL C 268 3.96 -93.80 -6.56
CA VAL C 268 3.87 -92.38 -6.26
C VAL C 268 2.64 -91.81 -6.96
N LEU C 269 1.82 -91.08 -6.22
CA LEU C 269 0.59 -90.49 -6.73
C LEU C 269 0.70 -88.98 -6.65
N PHE C 270 0.66 -88.32 -7.81
CA PHE C 270 0.72 -86.86 -7.91
C PHE C 270 -0.58 -86.38 -8.54
N CYS C 271 -1.44 -85.77 -7.73
CA CYS C 271 -2.71 -85.24 -8.18
C CYS C 271 -2.67 -83.72 -8.23
N GLN C 272 -3.46 -83.15 -9.15
CA GLN C 272 -3.48 -81.69 -9.28
C GLN C 272 -4.23 -81.05 -8.13
N LYS C 273 -5.38 -81.61 -7.74
CA LYS C 273 -6.17 -81.07 -6.64
C LYS C 273 -5.76 -81.70 -5.32
N GLY C 274 -6.70 -81.80 -4.39
CA GLY C 274 -6.44 -82.37 -3.08
C GLY C 274 -6.99 -83.78 -2.96
N ILE C 275 -6.35 -84.56 -2.09
CA ILE C 275 -6.74 -85.94 -1.83
C ILE C 275 -7.53 -85.99 -0.52
N ASP C 276 -8.70 -86.63 -0.56
CA ASP C 276 -9.54 -86.72 0.61
C ASP C 276 -8.90 -87.64 1.67
N ASP C 277 -9.27 -87.42 2.93
CA ASP C 277 -8.70 -88.20 4.02
C ASP C 277 -9.17 -89.66 3.98
N LEU C 278 -10.34 -89.91 3.40
CA LEU C 278 -10.85 -91.28 3.32
C LEU C 278 -10.10 -92.11 2.29
N ALA C 279 -9.42 -91.46 1.33
CA ALA C 279 -8.66 -92.16 0.31
C ALA C 279 -7.19 -92.37 0.70
N GLN C 280 -6.84 -92.14 1.96
CA GLN C 280 -5.46 -92.31 2.41
C GLN C 280 -5.19 -93.72 2.89
N HIS C 281 -6.12 -94.32 3.64
CA HIS C 281 -5.91 -95.67 4.15
C HIS C 281 -5.74 -96.67 3.00
N TYR C 282 -6.52 -96.51 1.93
CA TYR C 282 -6.37 -97.38 0.77
C TYR C 282 -4.98 -97.26 0.14
N LEU C 283 -4.30 -96.14 0.35
CA LEU C 283 -2.93 -95.95 -0.13
C LEU C 283 -1.89 -96.35 0.91
N ALA C 284 -2.30 -96.72 2.12
CA ALA C 284 -1.37 -97.10 3.16
C ALA C 284 -1.19 -98.61 3.29
N LYS C 285 -2.20 -99.40 2.93
CA LYS C 285 -2.11 -100.85 3.01
C LYS C 285 -1.36 -101.46 1.83
N GLU C 286 -0.93 -100.65 0.86
CA GLU C 286 -0.21 -101.15 -0.30
C GLU C 286 1.16 -100.51 -0.49
N GLY C 287 1.51 -99.49 0.28
CA GLY C 287 2.79 -98.84 0.15
C GLY C 287 2.88 -97.91 -1.05
N ILE C 288 1.96 -96.95 -1.12
CA ILE C 288 1.92 -95.99 -2.22
C ILE C 288 2.04 -94.59 -1.64
N VAL C 289 2.95 -93.80 -2.22
CA VAL C 289 3.16 -92.43 -1.74
C VAL C 289 1.96 -91.58 -2.10
N ALA C 290 1.40 -90.89 -1.10
CA ALA C 290 0.24 -90.04 -1.29
C ALA C 290 0.66 -88.58 -1.28
N ALA C 291 0.25 -87.83 -2.30
CA ALA C 291 0.56 -86.42 -2.42
C ALA C 291 -0.64 -85.69 -3.02
N ARG C 292 -0.66 -84.37 -2.83
CA ARG C 292 -1.75 -83.55 -3.33
C ARG C 292 -1.23 -82.14 -3.59
N ARG C 293 -2.02 -81.38 -4.35
CA ARG C 293 -1.71 -79.99 -4.70
C ARG C 293 -0.36 -79.88 -5.38
N VAL C 294 -0.31 -80.20 -6.66
CA VAL C 294 0.91 -80.13 -7.46
C VAL C 294 0.79 -78.95 -8.42
N LYS C 295 1.70 -77.99 -8.28
CA LYS C 295 1.68 -76.81 -9.16
C LYS C 295 2.10 -77.20 -10.57
N LYS C 296 1.57 -76.45 -11.54
CA LYS C 296 1.90 -76.72 -12.94
C LYS C 296 3.39 -76.51 -13.21
N SER C 297 3.98 -75.50 -12.56
CA SER C 297 5.41 -75.26 -12.73
C SER C 297 6.24 -76.42 -12.19
N ASP C 298 5.76 -77.09 -11.15
CA ASP C 298 6.44 -78.27 -10.62
C ASP C 298 6.01 -79.56 -11.30
N MET C 299 4.88 -79.56 -11.99
CA MET C 299 4.41 -80.74 -12.70
C MET C 299 5.00 -80.85 -14.10
N GLU C 300 5.28 -79.73 -14.75
CA GLU C 300 5.86 -79.77 -16.09
C GLU C 300 7.28 -80.33 -16.10
N LYS C 301 7.96 -80.34 -14.95
CA LYS C 301 9.31 -80.87 -14.85
C LYS C 301 9.35 -82.38 -14.62
N LEU C 302 8.21 -83.06 -14.72
CA LEU C 302 8.14 -84.49 -14.53
C LEU C 302 8.08 -85.29 -15.82
N ALA C 303 7.61 -84.67 -16.91
CA ALA C 303 7.51 -85.37 -18.19
C ALA C 303 8.83 -85.42 -18.94
N LYS C 304 9.70 -84.43 -18.74
CA LYS C 304 11.00 -84.38 -19.41
C LYS C 304 12.12 -84.97 -18.57
N ALA C 305 11.87 -85.30 -17.30
CA ALA C 305 12.88 -85.86 -16.42
C ALA C 305 12.63 -87.33 -16.12
N THR C 306 11.47 -87.66 -15.56
CA THR C 306 11.17 -89.05 -15.25
C THR C 306 10.71 -89.81 -16.48
N GLY C 307 9.89 -89.18 -17.32
CA GLY C 307 9.40 -89.83 -18.52
C GLY C 307 8.04 -90.47 -18.34
N ALA C 308 6.99 -89.66 -18.33
CA ALA C 308 5.63 -90.16 -18.17
C ALA C 308 4.67 -89.19 -18.82
N ASN C 309 3.50 -89.71 -19.19
CA ASN C 309 2.45 -88.91 -19.83
C ASN C 309 1.38 -88.55 -18.81
N VAL C 310 0.36 -87.83 -19.29
CA VAL C 310 -0.75 -87.39 -18.44
C VAL C 310 -2.01 -88.11 -18.88
N ILE C 311 -2.96 -88.21 -17.95
CA ILE C 311 -4.24 -88.86 -18.18
C ILE C 311 -5.34 -87.85 -17.88
N THR C 312 -6.16 -87.54 -18.89
CA THR C 312 -7.24 -86.58 -18.71
C THR C 312 -8.43 -87.17 -17.96
N ASN C 313 -8.56 -88.49 -17.92
CA ASN C 313 -9.67 -89.13 -17.24
C ASN C 313 -9.17 -89.99 -16.09
N ILE C 314 -9.69 -91.22 -15.98
CA ILE C 314 -9.29 -92.14 -14.92
C ILE C 314 -9.18 -93.54 -15.50
N LYS C 315 -9.96 -93.83 -16.53
CA LYS C 315 -9.95 -95.13 -17.18
C LYS C 315 -8.98 -95.21 -18.36
N ASP C 316 -8.21 -94.15 -18.60
CA ASP C 316 -7.25 -94.12 -19.69
C ASP C 316 -5.83 -94.45 -19.24
N LEU C 317 -5.68 -95.05 -18.07
CA LEU C 317 -4.38 -95.41 -17.53
C LEU C 317 -4.12 -96.89 -17.78
N SER C 318 -2.96 -97.20 -18.37
CA SER C 318 -2.60 -98.58 -18.68
C SER C 318 -1.25 -98.93 -18.06
N ALA C 319 -0.22 -99.07 -18.90
CA ALA C 319 1.11 -99.40 -18.44
C ALA C 319 2.21 -98.53 -19.05
N GLN C 320 1.98 -97.93 -20.22
CA GLN C 320 2.99 -97.09 -20.85
C GLN C 320 2.99 -95.66 -20.32
N ASP C 321 1.97 -95.27 -19.55
CA ASP C 321 1.88 -93.93 -18.99
C ASP C 321 2.47 -93.85 -17.58
N LEU C 322 3.54 -94.58 -17.32
CA LEU C 322 4.18 -94.59 -16.01
C LEU C 322 5.63 -94.15 -16.15
N GLY C 323 6.19 -93.68 -15.04
CA GLY C 323 7.57 -93.23 -15.01
C GLY C 323 8.45 -94.05 -14.10
N ASP C 324 9.55 -93.46 -13.65
CA ASP C 324 10.49 -94.15 -12.77
C ASP C 324 11.19 -93.11 -11.89
N ALA C 325 11.35 -93.44 -10.62
CA ALA C 325 12.02 -92.54 -9.68
C ALA C 325 13.06 -93.28 -8.86
N GLY C 326 13.57 -92.64 -7.81
CA GLY C 326 14.57 -93.25 -6.97
C GLY C 326 14.18 -93.28 -5.50
N LEU C 327 14.10 -92.11 -4.87
CA LEU C 327 13.74 -92.03 -3.46
C LEU C 327 12.93 -90.78 -3.23
N VAL C 328 11.71 -90.93 -2.71
CA VAL C 328 10.83 -89.81 -2.41
C VAL C 328 10.80 -89.64 -0.90
N GLU C 329 11.14 -88.45 -0.43
CA GLU C 329 11.19 -88.16 1.00
C GLU C 329 10.53 -86.82 1.28
N GLU C 330 10.05 -86.67 2.51
CA GLU C 330 9.40 -85.44 2.97
C GLU C 330 10.06 -85.02 4.28
N ARG C 331 11.05 -84.15 4.19
CA ARG C 331 11.79 -83.66 5.35
C ARG C 331 11.37 -82.25 5.70
N LYS C 332 11.50 -81.91 6.98
CA LYS C 332 11.16 -80.57 7.49
C LYS C 332 12.47 -79.81 7.68
N ILE C 333 12.88 -79.09 6.65
CA ILE C 333 14.12 -78.33 6.65
C ILE C 333 13.78 -76.85 6.47
N SER C 334 14.46 -75.99 7.23
CA SER C 334 14.26 -74.54 7.19
C SER C 334 12.81 -74.16 7.49
N GLY C 335 12.23 -74.81 8.49
CA GLY C 335 10.87 -74.51 8.90
C GLY C 335 9.82 -75.24 8.11
N ASP C 336 9.66 -74.87 6.84
CA ASP C 336 8.64 -75.50 6.01
C ASP C 336 9.04 -76.93 5.63
N SER C 337 8.07 -77.67 5.11
CA SER C 337 8.27 -79.05 4.69
C SER C 337 8.20 -79.13 3.17
N MET C 338 9.19 -79.77 2.57
CA MET C 338 9.27 -79.91 1.13
C MET C 338 9.48 -81.38 0.76
N ILE C 339 9.12 -81.71 -0.47
CA ILE C 339 9.23 -83.07 -0.99
C ILE C 339 10.43 -83.15 -1.91
N PHE C 340 11.32 -84.11 -1.64
CA PHE C 340 12.53 -84.32 -2.43
C PHE C 340 12.44 -85.67 -3.12
N VAL C 341 12.54 -85.67 -4.44
CA VAL C 341 12.55 -86.89 -5.25
C VAL C 341 13.93 -87.00 -5.88
N GLU C 342 14.74 -87.92 -5.38
CA GLU C 342 16.10 -88.11 -5.85
C GLU C 342 16.19 -89.32 -6.78
N GLU C 343 17.20 -89.30 -7.64
CA GLU C 343 17.45 -90.34 -8.63
C GLU C 343 16.29 -90.48 -9.59
N CYS C 344 16.30 -89.70 -10.67
CA CYS C 344 15.24 -89.75 -11.66
C CYS C 344 15.66 -90.62 -12.84
N LYS C 345 16.00 -90.01 -13.97
CA LYS C 345 16.43 -90.75 -15.15
C LYS C 345 17.28 -89.87 -16.05
N HIS C 346 16.76 -88.70 -16.43
CA HIS C 346 17.45 -87.75 -17.30
C HIS C 346 17.67 -86.46 -16.52
N PRO C 347 18.84 -86.31 -15.85
CA PRO C 347 19.10 -85.08 -15.10
C PRO C 347 19.36 -83.88 -16.01
N LYS C 348 18.29 -83.29 -16.55
CA LYS C 348 18.45 -82.13 -17.43
C LYS C 348 18.69 -80.85 -16.64
N ALA C 349 17.68 -80.41 -15.90
CA ALA C 349 17.78 -79.20 -15.09
C ALA C 349 18.28 -79.53 -13.69
N VAL C 350 18.38 -78.50 -12.86
CA VAL C 350 18.85 -78.65 -11.48
C VAL C 350 18.15 -77.61 -10.62
N THR C 351 18.09 -77.88 -9.33
CA THR C 351 17.44 -77.01 -8.36
C THR C 351 18.44 -76.50 -7.34
N MET C 352 18.40 -75.20 -7.08
CA MET C 352 19.28 -74.56 -6.11
C MET C 352 18.45 -73.92 -5.01
N LEU C 353 18.77 -74.23 -3.76
CA LEU C 353 18.07 -73.70 -2.60
C LEU C 353 19.04 -72.88 -1.76
N ILE C 354 18.61 -71.68 -1.38
CA ILE C 354 19.42 -70.76 -0.59
C ILE C 354 18.71 -70.52 0.73
N ARG C 355 19.44 -70.70 1.84
CA ARG C 355 18.90 -70.51 3.18
C ARG C 355 19.73 -69.45 3.88
N GLY C 356 19.06 -68.41 4.38
CA GLY C 356 19.71 -67.32 5.06
C GLY C 356 19.13 -67.11 6.45
N THR C 357 19.15 -65.86 6.90
CA THR C 357 18.65 -65.52 8.23
C THR C 357 17.28 -64.86 8.14
N THR C 358 17.25 -63.59 7.71
CA THR C 358 16.00 -62.85 7.62
C THR C 358 15.26 -63.16 6.32
N GLU C 359 14.71 -62.13 5.67
CA GLU C 359 13.98 -62.30 4.43
C GLU C 359 14.58 -61.52 3.26
N HIS C 360 15.38 -60.50 3.52
CA HIS C 360 15.99 -59.72 2.45
C HIS C 360 17.33 -60.26 2.00
N VAL C 361 17.90 -61.23 2.72
CA VAL C 361 19.18 -61.81 2.32
C VAL C 361 18.98 -62.83 1.20
N ILE C 362 18.01 -63.74 1.37
CA ILE C 362 17.74 -64.74 0.35
C ILE C 362 17.37 -64.08 -0.97
N GLU C 363 16.52 -63.04 -0.91
CA GLU C 363 16.19 -62.29 -2.12
C GLU C 363 17.43 -61.68 -2.75
N GLU C 364 18.40 -61.28 -1.92
CA GLU C 364 19.66 -60.76 -2.46
C GLU C 364 20.38 -61.82 -3.29
N VAL C 365 20.21 -63.09 -2.95
CA VAL C 365 20.78 -64.15 -3.76
C VAL C 365 19.92 -64.43 -4.98
N ALA C 366 18.62 -64.12 -4.89
CA ALA C 366 17.72 -64.37 -6.02
C ALA C 366 18.11 -63.55 -7.23
N ARG C 367 18.62 -62.33 -7.02
CA ARG C 367 19.10 -61.50 -8.10
C ARG C 367 20.57 -61.74 -8.41
N ALA C 368 21.18 -62.76 -7.81
CA ALA C 368 22.59 -63.09 -8.04
C ALA C 368 22.80 -64.38 -8.80
N VAL C 369 21.90 -65.35 -8.67
CA VAL C 369 22.06 -66.62 -9.37
C VAL C 369 21.77 -66.45 -10.86
N ASP C 370 20.69 -65.73 -11.21
CA ASP C 370 20.36 -65.52 -12.61
C ASP C 370 21.44 -64.74 -13.34
N ASP C 371 22.15 -63.87 -12.64
CA ASP C 371 23.27 -63.14 -13.23
C ASP C 371 24.57 -63.90 -13.16
N ALA C 372 24.58 -65.10 -12.58
CA ALA C 372 25.80 -65.90 -12.47
C ALA C 372 25.85 -67.05 -13.48
N VAL C 373 24.70 -67.51 -13.97
CA VAL C 373 24.66 -68.60 -14.95
C VAL C 373 24.65 -68.00 -16.35
N GLY C 374 24.10 -66.79 -16.48
CA GLY C 374 24.04 -66.16 -17.78
C GLY C 374 25.40 -65.88 -18.39
N VAL C 375 26.42 -65.68 -17.54
CA VAL C 375 27.78 -65.48 -18.03
C VAL C 375 28.50 -66.78 -18.31
N VAL C 376 27.87 -67.93 -18.06
CA VAL C 376 28.48 -69.22 -18.31
C VAL C 376 28.05 -69.79 -19.66
N GLY C 377 26.74 -69.74 -19.95
CA GLY C 377 26.26 -70.26 -21.21
C GLY C 377 26.83 -69.53 -22.41
N CYS C 378 27.18 -68.26 -22.25
CA CYS C 378 27.82 -67.50 -23.33
C CYS C 378 29.33 -67.67 -23.36
N THR C 379 29.89 -68.54 -22.50
CA THR C 379 31.32 -68.78 -22.47
C THR C 379 31.72 -69.99 -23.29
N ILE C 380 30.98 -71.10 -23.13
CA ILE C 380 31.31 -72.31 -23.88
C ILE C 380 30.95 -72.14 -25.35
N GLU C 381 29.81 -71.49 -25.63
CA GLU C 381 29.39 -71.29 -27.02
C GLU C 381 30.29 -70.31 -27.75
N ASP C 382 30.93 -69.39 -27.02
CA ASP C 382 31.82 -68.41 -27.64
C ASP C 382 33.28 -68.74 -27.35
N GLY C 383 33.78 -68.28 -26.21
CA GLY C 383 35.15 -68.53 -25.82
C GLY C 383 36.11 -67.38 -26.01
N ARG C 384 35.61 -66.17 -26.30
CA ARG C 384 36.47 -65.01 -26.50
C ARG C 384 36.56 -64.21 -25.20
N ILE C 385 37.15 -64.85 -24.20
CA ILE C 385 37.29 -64.24 -22.88
C ILE C 385 38.41 -63.20 -22.94
N VAL C 386 38.08 -61.97 -22.53
CA VAL C 386 39.05 -60.88 -22.53
C VAL C 386 39.46 -60.58 -21.09
N SER C 387 40.29 -59.56 -20.91
CA SER C 387 40.76 -59.16 -19.59
C SER C 387 39.77 -58.14 -19.01
N GLY C 388 39.06 -58.54 -17.97
CA GLY C 388 38.09 -57.68 -17.33
C GLY C 388 38.73 -56.72 -16.34
N GLY C 389 37.86 -55.97 -15.65
CA GLY C 389 38.32 -55.01 -14.67
C GLY C 389 38.63 -53.64 -15.21
N GLY C 390 38.03 -53.26 -16.34
CA GLY C 390 38.30 -51.95 -16.91
C GLY C 390 39.61 -51.85 -17.67
N SER C 391 39.98 -52.91 -18.39
CA SER C 391 41.23 -52.91 -19.15
C SER C 391 41.02 -52.85 -20.66
N THR C 392 39.84 -53.22 -21.15
CA THR C 392 39.58 -53.18 -22.60
C THR C 392 39.37 -51.75 -23.07
N GLU C 393 38.69 -50.93 -22.28
CA GLU C 393 38.45 -49.54 -22.68
C GLU C 393 39.76 -48.76 -22.75
N VAL C 394 40.64 -48.95 -21.76
CA VAL C 394 41.93 -48.25 -21.78
C VAL C 394 42.78 -48.73 -22.95
N GLU C 395 42.67 -50.01 -23.31
CA GLU C 395 43.44 -50.53 -24.43
C GLU C 395 42.92 -49.98 -25.75
N LEU C 396 41.59 -49.86 -25.89
CA LEU C 396 41.02 -49.33 -27.13
C LEU C 396 41.21 -47.83 -27.24
N SER C 397 41.33 -47.13 -26.11
CA SER C 397 41.55 -45.68 -26.15
C SER C 397 42.93 -45.34 -26.69
N MET C 398 43.93 -46.17 -26.40
CA MET C 398 45.27 -45.94 -26.94
C MET C 398 45.36 -46.24 -28.43
N LYS C 399 44.45 -47.06 -28.95
CA LYS C 399 44.43 -47.39 -30.38
C LYS C 399 43.58 -46.45 -31.20
N LEU C 400 42.47 -45.96 -30.65
CA LEU C 400 41.62 -45.03 -31.39
C LEU C 400 42.33 -43.70 -31.63
N ARG C 401 43.18 -43.27 -30.70
CA ARG C 401 43.91 -42.01 -30.87
C ARG C 401 44.83 -42.07 -32.08
N GLU C 402 45.53 -43.19 -32.26
CA GLU C 402 46.41 -43.33 -33.42
C GLU C 402 45.66 -43.75 -34.68
N TYR C 403 44.46 -44.31 -34.54
CA TYR C 403 43.67 -44.65 -35.72
C TYR C 403 42.97 -43.43 -36.31
N ALA C 404 42.59 -42.46 -35.46
CA ALA C 404 41.93 -41.27 -35.95
C ALA C 404 42.85 -40.31 -36.67
N GLU C 405 44.16 -40.55 -36.64
CA GLU C 405 45.12 -39.68 -37.31
C GLU C 405 45.19 -39.90 -38.81
N GLY C 406 44.69 -41.04 -39.31
CA GLY C 406 44.72 -41.33 -40.72
C GLY C 406 43.62 -40.66 -41.54
N ILE C 407 42.68 -39.99 -40.90
CA ILE C 407 41.59 -39.32 -41.58
C ILE C 407 41.72 -37.83 -41.38
N SER C 408 41.11 -37.07 -42.30
CA SER C 408 41.14 -35.61 -42.25
C SER C 408 39.71 -35.10 -42.36
N GLY C 409 39.38 -34.07 -41.59
CA GLY C 409 38.06 -33.50 -41.60
C GLY C 409 37.56 -33.30 -40.20
N ARG C 410 36.28 -32.92 -40.11
CA ARG C 410 35.65 -32.69 -38.81
C ARG C 410 35.24 -33.98 -38.11
N GLU C 411 35.37 -35.13 -38.76
CA GLU C 411 35.02 -36.40 -38.15
C GLU C 411 36.08 -36.90 -37.18
N GLN C 412 37.27 -36.30 -37.17
CA GLN C 412 38.30 -36.74 -36.24
C GLN C 412 37.97 -36.34 -34.80
N LEU C 413 37.32 -35.18 -34.62
CA LEU C 413 36.95 -34.75 -33.28
C LEU C 413 35.90 -35.67 -32.67
N ALA C 414 35.04 -36.28 -33.49
CA ALA C 414 34.06 -37.22 -32.97
C ALA C 414 34.73 -38.51 -32.52
N VAL C 415 35.68 -39.01 -33.30
CA VAL C 415 36.41 -40.22 -32.90
C VAL C 415 37.23 -39.96 -31.64
N ARG C 416 37.87 -38.79 -31.56
CA ARG C 416 38.64 -38.46 -30.37
C ARG C 416 37.74 -38.34 -29.15
N ALA C 417 36.55 -37.75 -29.32
CA ALA C 417 35.62 -37.65 -28.20
C ALA C 417 35.13 -39.02 -27.76
N PHE C 418 34.84 -39.90 -28.72
CA PHE C 418 34.40 -41.25 -28.38
C PHE C 418 35.51 -42.02 -27.67
N ALA C 419 36.77 -41.78 -28.06
CA ALA C 419 37.89 -42.46 -27.40
C ALA C 419 38.10 -41.92 -25.99
N ASP C 420 37.95 -40.61 -25.81
CA ASP C 420 38.13 -40.03 -24.47
C ASP C 420 36.97 -40.38 -23.55
N ALA C 421 35.78 -40.62 -24.10
CA ALA C 421 34.65 -40.99 -23.26
C ALA C 421 34.74 -42.40 -22.73
N LEU C 422 35.59 -43.25 -23.33
CA LEU C 422 35.75 -44.62 -22.84
C LEU C 422 36.52 -44.70 -21.54
N GLU C 423 37.16 -43.61 -21.11
CA GLU C 423 37.92 -43.59 -19.86
C GLU C 423 37.05 -43.30 -18.66
N VAL C 424 35.72 -43.36 -18.80
CA VAL C 424 34.84 -43.11 -17.67
C VAL C 424 34.69 -44.33 -16.77
N ILE C 425 34.91 -45.54 -17.30
CA ILE C 425 34.80 -46.77 -16.54
C ILE C 425 35.88 -46.84 -15.45
N PRO C 426 37.16 -46.59 -15.75
CA PRO C 426 38.15 -46.60 -14.66
C PRO C 426 37.96 -45.47 -13.66
N ARG C 427 37.39 -44.34 -14.08
CA ARG C 427 37.13 -43.26 -13.12
C ARG C 427 35.98 -43.60 -12.19
N THR C 428 34.98 -44.34 -12.69
CA THR C 428 33.87 -44.75 -11.83
C THR C 428 34.23 -45.92 -10.95
N LEU C 429 35.09 -46.83 -11.43
CA LEU C 429 35.51 -47.96 -10.61
C LEU C 429 36.50 -47.55 -9.53
N ALA C 430 37.16 -46.41 -9.68
CA ALA C 430 38.12 -45.92 -8.69
C ALA C 430 37.55 -44.81 -7.82
N GLU C 431 36.36 -44.30 -8.14
CA GLU C 431 35.76 -43.24 -7.33
C GLU C 431 35.25 -43.79 -5.99
N ASN C 432 34.92 -45.08 -5.95
CA ASN C 432 34.42 -45.67 -4.71
C ASN C 432 35.51 -45.78 -3.64
N ALA C 433 36.77 -45.65 -4.02
CA ALA C 433 37.89 -45.72 -3.09
C ALA C 433 38.33 -44.32 -2.67
N GLY C 434 39.33 -44.28 -1.80
CA GLY C 434 39.84 -43.01 -1.30
C GLY C 434 41.27 -42.74 -1.71
N LEU C 435 42.07 -43.79 -1.84
CA LEU C 435 43.48 -43.68 -2.22
C LEU C 435 43.69 -43.77 -3.73
N ASP C 436 42.63 -43.60 -4.52
CA ASP C 436 42.72 -43.68 -5.98
C ASP C 436 42.69 -42.29 -6.59
N ALA C 437 41.59 -41.54 -6.43
CA ALA C 437 41.43 -40.20 -6.97
C ALA C 437 41.64 -40.16 -8.47
N ILE C 438 42.83 -39.76 -8.90
CA ILE C 438 43.13 -39.65 -10.33
C ILE C 438 44.50 -40.22 -10.69
N GLU C 439 45.36 -40.52 -9.70
CA GLU C 439 46.68 -41.05 -10.02
C GLU C 439 46.60 -42.44 -10.64
N ILE C 440 45.57 -43.22 -10.28
CA ILE C 440 45.43 -44.57 -10.82
C ILE C 440 45.21 -44.52 -12.33
N LEU C 441 44.39 -43.57 -12.78
CA LEU C 441 44.12 -43.46 -14.21
C LEU C 441 45.37 -43.05 -14.98
N VAL C 442 46.21 -42.20 -14.37
CA VAL C 442 47.44 -41.78 -15.03
C VAL C 442 48.46 -42.92 -15.05
N LYS C 443 48.48 -43.74 -14.00
CA LYS C 443 49.44 -44.83 -13.94
C LYS C 443 49.06 -45.96 -14.89
N VAL C 444 47.76 -46.26 -15.01
CA VAL C 444 47.33 -47.33 -15.91
C VAL C 444 47.30 -46.91 -17.37
N ARG C 445 47.51 -45.62 -17.65
CA ARG C 445 47.50 -45.14 -19.04
C ARG C 445 48.87 -45.27 -19.70
N ALA C 446 49.94 -44.90 -19.00
CA ALA C 446 51.28 -44.99 -19.55
C ALA C 446 51.87 -46.40 -19.44
N ALA C 447 51.19 -47.33 -18.78
CA ALA C 447 51.70 -48.68 -18.63
C ALA C 447 51.53 -49.50 -19.91
N HIS C 448 50.46 -49.24 -20.67
CA HIS C 448 50.20 -49.96 -21.91
C HIS C 448 50.82 -49.28 -23.12
N ALA C 449 51.79 -48.39 -22.92
CA ALA C 449 52.45 -47.70 -24.02
C ALA C 449 53.60 -48.49 -24.62
N SER C 450 53.93 -49.66 -24.06
CA SER C 450 55.02 -50.48 -24.58
C SER C 450 54.51 -51.48 -25.62
N ASN C 451 55.15 -52.64 -25.68
CA ASN C 451 54.73 -53.67 -26.63
C ASN C 451 53.60 -54.52 -26.06
N GLY C 452 53.91 -55.31 -25.03
CA GLY C 452 52.91 -56.16 -24.41
C GLY C 452 52.13 -55.46 -23.32
N ASN C 453 51.99 -56.10 -22.16
CA ASN C 453 51.27 -55.57 -21.02
C ASN C 453 49.84 -55.23 -21.39
N LYS C 454 48.96 -56.23 -21.41
CA LYS C 454 47.56 -56.05 -21.76
C LYS C 454 46.60 -56.54 -20.69
N CYS C 455 46.94 -57.61 -19.98
CA CYS C 455 46.05 -58.16 -18.96
C CYS C 455 46.00 -57.30 -17.71
N ALA C 456 46.86 -56.30 -17.58
CA ALA C 456 46.85 -55.45 -16.40
C ALA C 456 45.63 -54.52 -16.42
N GLY C 457 45.04 -54.31 -15.25
CA GLY C 457 43.89 -53.44 -15.14
C GLY C 457 43.83 -52.70 -13.81
N LEU C 458 42.80 -52.99 -13.01
CA LEU C 458 42.63 -52.33 -11.73
C LEU C 458 41.79 -53.23 -10.83
N ASN C 459 42.23 -53.38 -9.57
CA ASN C 459 41.52 -54.18 -8.59
C ASN C 459 41.33 -53.34 -7.33
N VAL C 460 40.10 -53.34 -6.80
CA VAL C 460 39.78 -52.55 -5.61
C VAL C 460 40.09 -53.29 -4.32
N PHE C 461 40.71 -54.46 -4.39
CA PHE C 461 41.04 -55.25 -3.21
C PHE C 461 42.52 -55.18 -2.85
N THR C 462 43.27 -54.24 -3.44
CA THR C 462 44.69 -54.11 -3.15
C THR C 462 45.10 -52.64 -3.12
N GLY C 463 45.06 -51.97 -4.27
CA GLY C 463 45.43 -50.57 -4.35
C GLY C 463 46.45 -50.29 -5.42
N ALA C 464 47.35 -51.24 -5.66
CA ALA C 464 48.38 -51.09 -6.67
C ALA C 464 47.83 -51.57 -8.02
N VAL C 465 48.72 -51.80 -8.99
CA VAL C 465 48.33 -52.27 -10.32
C VAL C 465 48.98 -53.62 -10.57
N GLU C 466 48.23 -54.53 -11.17
CA GLU C 466 48.72 -55.87 -11.48
C GLU C 466 47.84 -56.47 -12.57
N ASP C 467 48.14 -57.71 -12.93
CA ASP C 467 47.36 -58.40 -13.94
C ASP C 467 45.99 -58.82 -13.39
N MET C 468 45.00 -58.88 -14.28
CA MET C 468 43.65 -59.25 -13.91
C MET C 468 43.33 -60.71 -14.17
N CYS C 469 44.02 -61.35 -15.12
CA CYS C 469 43.75 -62.75 -15.41
C CYS C 469 44.30 -63.69 -14.33
N GLU C 470 45.29 -63.24 -13.56
CA GLU C 470 45.87 -64.06 -12.51
C GLU C 470 45.09 -63.98 -11.19
N ASN C 471 44.27 -62.94 -11.02
CA ASN C 471 43.50 -62.81 -9.78
C ASN C 471 42.24 -63.66 -9.82
N GLY C 472 41.35 -63.38 -10.77
CA GLY C 472 40.11 -64.14 -10.89
C GLY C 472 39.00 -63.36 -11.56
N VAL C 473 39.36 -62.37 -12.36
CA VAL C 473 38.41 -61.54 -13.08
C VAL C 473 38.56 -61.84 -14.56
N VAL C 474 37.57 -62.51 -15.14
CA VAL C 474 37.58 -62.88 -16.55
C VAL C 474 36.24 -62.54 -17.17
N GLU C 475 35.93 -61.26 -17.28
CA GLU C 475 34.66 -60.83 -17.85
C GLU C 475 34.63 -61.14 -19.34
N PRO C 476 33.54 -61.71 -19.86
CA PRO C 476 33.50 -62.06 -21.28
C PRO C 476 33.43 -60.85 -22.19
N LEU C 477 33.45 -61.08 -23.50
CA LEU C 477 33.44 -59.99 -24.47
C LEU C 477 32.04 -59.63 -24.95
N ARG C 478 31.11 -60.59 -24.94
CA ARG C 478 29.76 -60.31 -25.43
C ARG C 478 29.08 -59.25 -24.58
N VAL C 479 29.28 -59.30 -23.26
CA VAL C 479 28.67 -58.30 -22.37
C VAL C 479 29.22 -56.91 -22.63
N LYS C 480 30.42 -56.81 -23.22
CA LYS C 480 30.99 -55.52 -23.58
C LYS C 480 30.54 -55.07 -24.96
N THR C 481 30.50 -55.99 -25.93
CA THR C 481 30.07 -55.63 -27.28
C THR C 481 28.61 -55.21 -27.30
N GLN C 482 27.75 -55.95 -26.60
CA GLN C 482 26.34 -55.59 -26.54
C GLN C 482 26.14 -54.24 -25.85
N ALA C 483 26.91 -53.99 -24.79
CA ALA C 483 26.82 -52.71 -24.09
C ALA C 483 27.26 -51.56 -24.99
N ILE C 484 28.35 -51.74 -25.74
CA ILE C 484 28.82 -50.71 -26.65
C ILE C 484 27.79 -50.46 -27.76
N GLN C 485 27.18 -51.54 -28.27
CA GLN C 485 26.17 -51.38 -29.31
C GLN C 485 24.95 -50.64 -28.78
N SER C 486 24.51 -50.97 -27.56
CA SER C 486 23.37 -50.27 -26.97
C SER C 486 23.69 -48.80 -26.71
N ALA C 487 24.92 -48.51 -26.26
CA ALA C 487 25.30 -47.12 -26.02
C ALA C 487 25.39 -46.33 -27.31
N ALA C 488 25.85 -46.96 -28.39
CA ALA C 488 25.93 -46.28 -29.68
C ALA C 488 24.56 -46.11 -30.32
N GLU C 489 23.62 -47.02 -30.04
CA GLU C 489 22.28 -46.89 -30.59
C GLU C 489 21.42 -45.91 -29.80
N SER C 490 21.65 -45.81 -28.49
CA SER C 490 20.84 -44.91 -27.67
C SER C 490 21.28 -43.46 -27.80
N THR C 491 22.55 -43.21 -28.10
CA THR C 491 23.03 -41.84 -28.21
C THR C 491 22.59 -41.16 -29.51
N GLU C 492 22.07 -41.92 -30.48
CA GLU C 492 21.61 -41.35 -31.74
C GLU C 492 20.12 -41.09 -31.77
N MET C 493 19.36 -41.63 -30.81
CA MET C 493 17.92 -41.40 -30.76
C MET C 493 17.54 -40.08 -30.11
N LEU C 494 18.51 -39.31 -29.63
CA LEU C 494 18.26 -38.03 -28.99
C LEU C 494 18.80 -36.84 -29.78
N LEU C 495 19.95 -36.99 -30.43
CA LEU C 495 20.51 -35.89 -31.21
C LEU C 495 19.76 -35.68 -32.52
N ARG C 496 19.04 -36.68 -33.00
CA ARG C 496 18.28 -36.59 -34.25
C ARG C 496 16.84 -36.13 -34.02
N ILE C 497 16.56 -35.45 -32.92
CA ILE C 497 15.23 -34.97 -32.60
C ILE C 497 15.10 -33.48 -32.87
N ASP C 498 16.06 -32.69 -32.39
CA ASP C 498 16.08 -31.23 -32.59
C ASP C 498 14.81 -30.59 -32.04
N ASP C 499 13.76 -30.56 -32.85
CA ASP C 499 12.47 -29.98 -32.45
C ASP C 499 11.52 -31.06 -31.94
N VAL C 500 10.50 -30.61 -31.22
CA VAL C 500 9.50 -31.50 -30.65
C VAL C 500 8.14 -30.79 -30.70
N ILE C 501 7.12 -31.49 -31.19
CA ILE C 501 5.78 -30.93 -31.30
C ILE C 501 4.82 -31.76 -30.46
N ALA C 502 3.53 -31.43 -30.53
CA ALA C 502 2.51 -32.14 -29.79
C ALA C 502 1.23 -32.21 -30.62
N ALA C 503 0.35 -33.14 -30.24
CA ALA C 503 -0.90 -33.33 -30.94
C ALA C 503 -1.93 -33.87 -29.97
N GLU C 504 -3.20 -33.79 -30.38
CA GLU C 504 -4.32 -34.27 -29.57
C GLU C 504 -4.92 -35.57 -30.11
N LYS C 505 -4.32 -36.15 -31.15
CA LYS C 505 -4.81 -37.39 -31.74
C LYS C 505 -4.04 -38.57 -31.17
N LEU C 506 -4.78 -39.64 -30.84
CA LEU C 506 -4.17 -40.83 -30.28
C LEU C 506 -3.35 -41.55 -31.35
N ARG C 507 -2.11 -41.90 -31.00
CA ARG C 507 -1.20 -42.59 -31.91
C ARG C 507 -1.01 -41.83 -33.22
N MET D 1 -6.96 -2.38 -40.70
CA MET D 1 -7.78 -3.58 -40.82
C MET D 1 -7.29 -4.44 -41.97
N GLY D 2 -6.96 -3.81 -43.10
CA GLY D 2 -6.49 -4.55 -44.26
C GLY D 2 -5.10 -5.10 -44.09
N ARG D 3 -4.25 -4.42 -43.31
CA ARG D 3 -2.89 -4.86 -43.08
C ARG D 3 -2.71 -5.53 -41.72
N ASP D 4 -3.70 -5.46 -40.83
CA ASP D 4 -3.58 -6.09 -39.52
C ASP D 4 -3.90 -7.57 -39.59
N ALA D 5 -5.03 -7.94 -40.20
CA ALA D 5 -5.42 -9.33 -40.31
C ALA D 5 -4.66 -10.08 -41.41
N GLN D 6 -3.92 -9.38 -42.26
CA GLN D 6 -3.16 -10.00 -43.33
C GLN D 6 -1.81 -10.54 -42.86
N ARG D 7 -1.09 -9.79 -42.02
CA ARG D 7 0.20 -10.25 -41.54
C ARG D 7 0.06 -11.41 -40.56
N MET D 8 -1.03 -11.44 -39.78
CA MET D 8 -1.23 -12.53 -38.84
C MET D 8 -1.46 -13.85 -39.56
N ASN D 9 -2.18 -13.83 -40.69
CA ASN D 9 -2.41 -15.05 -41.44
C ASN D 9 -1.12 -15.59 -42.04
N ILE D 10 -0.17 -14.71 -42.37
CA ILE D 10 1.11 -15.16 -42.90
C ILE D 10 2.00 -15.66 -41.79
N LEU D 11 1.97 -15.00 -40.63
CA LEU D 11 2.78 -15.45 -39.50
C LEU D 11 2.29 -16.78 -38.94
N ALA D 12 0.98 -17.04 -39.00
CA ALA D 12 0.46 -18.33 -38.54
C ALA D 12 0.82 -19.44 -39.51
N GLY D 13 1.00 -19.13 -40.79
CA GLY D 13 1.38 -20.15 -41.76
C GLY D 13 2.87 -20.40 -41.82
N ARG D 14 3.69 -19.37 -41.57
CA ARG D 14 5.14 -19.56 -41.58
C ARG D 14 5.61 -20.45 -40.44
N ILE D 15 4.86 -20.54 -39.34
CA ILE D 15 5.26 -21.40 -38.24
C ILE D 15 5.08 -22.86 -38.62
N ILE D 16 3.94 -23.21 -39.22
CA ILE D 16 3.69 -24.59 -39.61
C ILE D 16 4.39 -24.95 -40.93
N ALA D 17 4.84 -23.95 -41.70
CA ALA D 17 5.54 -24.25 -42.95
C ALA D 17 7.00 -24.62 -42.69
N GLU D 18 7.62 -24.01 -41.69
CA GLU D 18 9.01 -24.30 -41.37
C GLU D 18 9.17 -25.47 -40.40
N THR D 19 8.09 -26.15 -40.05
CA THR D 19 8.20 -27.28 -39.13
C THR D 19 8.79 -28.50 -39.82
N VAL D 20 8.38 -28.76 -41.06
CA VAL D 20 8.88 -29.90 -41.82
C VAL D 20 10.06 -29.48 -42.68
N ARG D 21 10.69 -28.36 -42.32
CA ARG D 21 11.84 -27.88 -43.09
C ARG D 21 13.04 -28.79 -42.91
N SER D 22 13.30 -29.24 -41.68
CA SER D 22 14.44 -30.12 -41.41
C SER D 22 14.21 -31.54 -41.90
N THR D 23 12.95 -31.96 -42.07
CA THR D 23 12.64 -33.31 -42.53
C THR D 23 12.45 -33.34 -44.04
N LEU D 24 13.49 -32.97 -44.78
CA LEU D 24 13.47 -32.95 -46.24
C LEU D 24 14.63 -33.69 -46.86
N GLY D 25 15.84 -33.52 -46.34
CA GLY D 25 17.00 -34.20 -46.86
C GLY D 25 17.03 -35.66 -46.50
N PRO D 26 17.94 -36.42 -47.13
CA PRO D 26 18.02 -37.85 -46.82
C PRO D 26 18.60 -38.14 -45.44
N LYS D 27 19.48 -37.27 -44.94
CA LYS D 27 20.07 -37.47 -43.62
C LYS D 27 19.65 -36.37 -42.66
N GLY D 28 18.34 -36.15 -42.53
CA GLY D 28 17.83 -35.13 -41.65
C GLY D 28 17.36 -35.70 -40.31
N MET D 29 17.12 -34.78 -39.37
CA MET D 29 16.67 -35.16 -38.05
C MET D 29 15.19 -35.56 -38.08
N ASP D 30 14.81 -36.38 -37.09
CA ASP D 30 13.44 -36.85 -36.98
C ASP D 30 12.62 -35.92 -36.09
N LYS D 31 11.37 -36.30 -35.85
CA LYS D 31 10.45 -35.52 -35.03
C LYS D 31 9.84 -36.42 -33.97
N MET D 32 9.90 -35.97 -32.71
CA MET D 32 9.33 -36.70 -31.59
C MET D 32 7.96 -36.11 -31.26
N LEU D 33 6.92 -36.94 -31.36
CA LEU D 33 5.55 -36.51 -31.12
C LEU D 33 5.02 -37.20 -29.87
N VAL D 34 4.51 -36.40 -28.94
CA VAL D 34 3.94 -36.91 -27.69
C VAL D 34 2.44 -36.61 -27.70
N ASP D 35 1.71 -37.36 -26.88
CA ASP D 35 0.27 -37.22 -26.74
C ASP D 35 -0.09 -36.98 -25.27
N ASP D 36 -1.39 -36.81 -25.01
CA ASP D 36 -1.84 -36.57 -23.64
C ASP D 36 -1.77 -37.85 -22.80
N LEU D 37 -2.04 -39.01 -23.40
CA LEU D 37 -1.97 -40.26 -22.64
C LEU D 37 -0.53 -40.67 -22.37
N GLY D 38 0.40 -40.27 -23.23
CA GLY D 38 1.80 -40.61 -23.05
C GLY D 38 2.34 -41.50 -24.15
N ASP D 39 1.97 -41.21 -25.40
CA ASP D 39 2.42 -41.99 -26.55
C ASP D 39 3.51 -41.21 -27.26
N VAL D 40 4.76 -41.64 -27.07
CA VAL D 40 5.92 -41.01 -27.68
C VAL D 40 6.27 -41.77 -28.95
N VAL D 41 6.13 -41.11 -30.09
CA VAL D 41 6.42 -41.71 -31.39
C VAL D 41 7.47 -40.88 -32.11
N VAL D 42 8.13 -41.51 -33.07
CA VAL D 42 9.17 -40.87 -33.87
C VAL D 42 8.75 -40.93 -35.32
N THR D 43 8.75 -39.77 -35.99
CA THR D 43 8.36 -39.66 -37.39
C THR D 43 9.45 -38.94 -38.16
N ASN D 44 9.92 -39.57 -39.23
CA ASN D 44 10.97 -38.99 -40.08
C ASN D 44 10.41 -38.28 -41.30
N ASP D 45 9.27 -38.70 -41.83
CA ASP D 45 8.68 -38.09 -43.01
C ASP D 45 7.95 -36.81 -42.61
N GLY D 46 7.24 -36.21 -43.56
CA GLY D 46 6.50 -34.99 -43.31
C GLY D 46 5.01 -35.14 -43.52
N VAL D 47 4.59 -36.30 -44.04
CA VAL D 47 3.16 -36.53 -44.26
C VAL D 47 2.44 -36.76 -42.94
N THR D 48 3.04 -37.53 -42.04
CA THR D 48 2.42 -37.77 -40.74
C THR D 48 2.47 -36.53 -39.86
N ILE D 49 3.46 -35.66 -40.07
CA ILE D 49 3.57 -34.44 -39.27
C ILE D 49 2.39 -33.52 -39.54
N LEU D 50 1.95 -33.41 -40.79
CA LEU D 50 0.84 -32.54 -41.13
C LEU D 50 -0.48 -33.04 -40.55
N ARG D 51 -0.62 -34.36 -40.37
CA ARG D 51 -1.85 -34.92 -39.83
C ARG D 51 -1.95 -34.67 -38.32
N GLU D 52 -1.02 -35.23 -37.55
CA GLU D 52 -1.00 -35.05 -36.10
C GLU D 52 -0.35 -33.70 -35.79
N MET D 53 -1.16 -32.66 -35.89
CA MET D 53 -0.70 -31.29 -35.62
C MET D 53 -1.88 -30.46 -35.14
N SER D 54 -1.62 -29.57 -34.19
CA SER D 54 -2.66 -28.71 -33.65
C SER D 54 -3.20 -27.76 -34.73
N VAL D 55 -4.41 -28.06 -35.22
CA VAL D 55 -5.02 -27.26 -36.28
C VAL D 55 -6.03 -26.30 -35.66
N GLU D 56 -5.69 -25.76 -34.49
CA GLU D 56 -6.59 -24.83 -33.81
C GLU D 56 -6.70 -23.50 -34.53
N HIS D 57 -5.72 -23.14 -35.35
CA HIS D 57 -5.80 -21.87 -36.06
C HIS D 57 -6.35 -22.08 -37.46
N PRO D 58 -7.21 -21.19 -37.94
CA PRO D 58 -7.79 -21.36 -39.29
C PRO D 58 -6.76 -21.33 -40.40
N ALA D 59 -5.65 -20.60 -40.23
CA ALA D 59 -4.65 -20.54 -41.28
C ALA D 59 -3.88 -21.85 -41.41
N ALA D 60 -3.72 -22.59 -40.31
CA ALA D 60 -3.02 -23.87 -40.33
C ALA D 60 -3.95 -25.04 -40.59
N LYS D 61 -4.75 -24.97 -41.65
CA LYS D 61 -5.69 -26.05 -41.98
C LYS D 61 -5.85 -26.18 -43.48
N MET D 62 -5.95 -25.05 -44.19
CA MET D 62 -6.12 -25.09 -45.64
C MET D 62 -4.89 -25.67 -46.34
N LEU D 63 -3.70 -25.30 -45.86
CA LEU D 63 -2.47 -25.84 -46.45
C LEU D 63 -2.39 -27.36 -46.25
N ILE D 64 -2.78 -27.84 -45.06
CA ILE D 64 -2.76 -29.27 -44.80
C ILE D 64 -3.80 -29.98 -45.66
N GLU D 65 -4.97 -29.37 -45.84
CA GLU D 65 -6.01 -29.98 -46.66
C GLU D 65 -5.56 -30.05 -48.13
N VAL D 66 -4.85 -29.03 -48.61
CA VAL D 66 -4.35 -29.05 -49.98
C VAL D 66 -3.24 -30.09 -50.12
N ALA D 67 -2.37 -30.20 -49.12
CA ALA D 67 -1.29 -31.18 -49.19
C ALA D 67 -1.82 -32.61 -49.13
N LYS D 68 -2.90 -32.84 -48.39
CA LYS D 68 -3.47 -34.18 -48.33
C LYS D 68 -4.05 -34.62 -49.67
N THR D 69 -4.58 -33.67 -50.45
CA THR D 69 -5.12 -34.02 -51.76
C THR D 69 -4.01 -34.32 -52.76
N GLN D 70 -2.82 -33.74 -52.57
CA GLN D 70 -1.71 -33.99 -53.46
C GLN D 70 -0.93 -35.24 -53.05
N GLU D 71 -0.92 -35.57 -51.76
CA GLU D 71 -0.20 -36.76 -51.31
C GLU D 71 -0.84 -38.04 -51.81
N LYS D 72 -2.16 -38.02 -52.04
CA LYS D 72 -2.87 -39.20 -52.54
C LYS D 72 -2.68 -39.42 -54.03
N GLU D 73 -1.89 -38.59 -54.70
CA GLU D 73 -1.63 -38.73 -56.13
C GLU D 73 -0.45 -39.65 -56.42
N VAL D 74 0.75 -39.24 -56.06
CA VAL D 74 1.95 -40.05 -56.29
C VAL D 74 2.63 -40.34 -54.96
N GLY D 75 2.41 -39.47 -53.97
CA GLY D 75 2.99 -39.65 -52.66
C GLY D 75 4.50 -39.52 -52.64
N ASP D 76 5.01 -38.34 -52.98
CA ASP D 76 6.45 -38.10 -52.99
C ASP D 76 6.75 -36.62 -52.85
N GLY D 77 5.95 -35.77 -53.49
CA GLY D 77 6.16 -34.34 -53.43
C GLY D 77 5.23 -33.64 -52.47
N THR D 78 5.28 -34.01 -51.19
CA THR D 78 4.43 -33.42 -50.16
C THR D 78 5.16 -32.43 -49.29
N THR D 79 6.31 -32.82 -48.72
CA THR D 79 7.06 -31.90 -47.86
C THR D 79 7.70 -30.78 -48.67
N THR D 80 8.26 -31.10 -49.83
CA THR D 80 8.88 -30.08 -50.67
C THR D 80 7.87 -29.04 -51.14
N ALA D 81 6.63 -29.45 -51.38
CA ALA D 81 5.60 -28.48 -51.76
C ALA D 81 5.32 -27.51 -50.64
N VAL D 82 5.23 -28.00 -49.40
CA VAL D 82 5.01 -27.13 -48.25
C VAL D 82 6.21 -26.21 -48.06
N VAL D 83 7.42 -26.71 -48.28
CA VAL D 83 8.61 -25.87 -48.14
C VAL D 83 8.60 -24.76 -49.18
N VAL D 84 8.26 -25.08 -50.43
CA VAL D 84 8.21 -24.08 -51.48
C VAL D 84 7.11 -23.06 -51.19
N ALA D 85 5.97 -23.51 -50.68
CA ALA D 85 4.89 -22.58 -50.34
C ALA D 85 5.31 -21.64 -49.22
N GLY D 86 5.98 -22.16 -48.20
CA GLY D 86 6.45 -21.31 -47.12
C GLY D 86 7.50 -20.33 -47.58
N GLU D 87 8.39 -20.76 -48.48
CA GLU D 87 9.39 -19.84 -49.03
C GLU D 87 8.73 -18.74 -49.84
N LEU D 88 7.72 -19.10 -50.65
CA LEU D 88 6.99 -18.09 -51.42
C LEU D 88 6.29 -17.10 -50.51
N LEU D 89 5.67 -17.59 -49.43
CA LEU D 89 5.00 -16.69 -48.50
C LEU D 89 5.99 -15.77 -47.80
N ARG D 90 7.14 -16.30 -47.39
CA ARG D 90 8.14 -15.46 -46.75
C ARG D 90 8.73 -14.43 -47.71
N LYS D 91 8.86 -14.79 -48.98
CA LYS D 91 9.38 -13.83 -49.96
C LYS D 91 8.34 -12.76 -50.29
N ALA D 92 7.06 -13.13 -50.34
CA ALA D 92 6.01 -12.17 -50.64
C ALA D 92 5.67 -11.28 -49.45
N GLU D 93 5.97 -11.72 -48.23
CA GLU D 93 5.71 -10.88 -47.07
C GLU D 93 6.59 -9.64 -47.07
N GLU D 94 7.83 -9.76 -47.53
CA GLU D 94 8.73 -8.60 -47.57
C GLU D 94 8.33 -7.64 -48.69
N LEU D 95 7.74 -8.15 -49.77
CA LEU D 95 7.34 -7.30 -50.88
C LEU D 95 6.13 -6.43 -50.57
N LEU D 96 5.44 -6.68 -49.46
CA LEU D 96 4.28 -5.88 -49.08
C LEU D 96 4.66 -4.59 -48.37
N ASP D 97 5.94 -4.35 -48.12
CA ASP D 97 6.39 -3.13 -47.45
C ASP D 97 6.44 -1.92 -48.37
N GLN D 98 6.42 -2.14 -49.68
CA GLN D 98 6.46 -1.04 -50.65
C GLN D 98 5.09 -0.49 -50.98
N ASN D 99 4.05 -0.92 -50.25
CA ASN D 99 2.67 -0.47 -50.45
C ASN D 99 2.22 -0.71 -51.90
N VAL D 100 2.14 -2.00 -52.23
CA VAL D 100 1.71 -2.43 -53.54
C VAL D 100 0.40 -3.23 -53.51
N HIS D 101 0.07 -3.86 -52.38
CA HIS D 101 -1.13 -4.65 -52.12
C HIS D 101 -1.16 -5.91 -53.00
N PRO D 102 -1.64 -7.04 -52.46
CA PRO D 102 -1.57 -8.30 -53.22
C PRO D 102 -2.53 -8.37 -54.40
N THR D 103 -1.98 -8.29 -55.61
CA THR D 103 -2.77 -8.43 -56.83
C THR D 103 -1.85 -8.76 -58.01
N ILE D 104 -0.84 -7.93 -58.24
CA ILE D 104 0.09 -8.17 -59.34
C ILE D 104 0.97 -9.37 -59.04
N VAL D 105 1.20 -9.68 -57.77
CA VAL D 105 2.03 -10.82 -57.42
C VAL D 105 1.36 -12.13 -57.83
N VAL D 106 0.04 -12.20 -57.69
CA VAL D 106 -0.69 -13.39 -58.12
C VAL D 106 -0.59 -13.58 -59.61
N LYS D 107 -0.74 -12.49 -60.38
CA LYS D 107 -0.61 -12.58 -61.83
C LYS D 107 0.80 -12.98 -62.24
N GLY D 108 1.80 -12.44 -61.55
CA GLY D 108 3.17 -12.83 -61.83
C GLY D 108 3.44 -14.30 -61.55
N TYR D 109 2.91 -14.81 -60.44
CA TYR D 109 3.05 -16.23 -60.13
C TYR D 109 2.35 -17.10 -61.15
N GLN D 110 1.15 -16.68 -61.58
CA GLN D 110 0.42 -17.47 -62.58
C GLN D 110 1.14 -17.45 -63.93
N ALA D 111 1.79 -16.33 -64.27
CA ALA D 111 2.54 -16.27 -65.52
C ALA D 111 3.85 -17.06 -65.44
N ALA D 112 4.46 -17.12 -64.25
CA ALA D 112 5.70 -17.86 -64.09
C ALA D 112 5.47 -19.37 -63.99
N ALA D 113 4.31 -19.79 -63.46
CA ALA D 113 4.03 -21.21 -63.34
C ALA D 113 3.93 -21.87 -64.71
N GLN D 114 3.26 -21.22 -65.66
CA GLN D 114 3.13 -21.78 -67.00
C GLN D 114 4.50 -21.87 -67.68
N LYS D 115 5.34 -20.84 -67.51
CA LYS D 115 6.68 -20.89 -68.09
C LYS D 115 7.51 -22.00 -67.47
N ALA D 116 7.40 -22.19 -66.15
CA ALA D 116 8.13 -23.28 -65.50
C ALA D 116 7.65 -24.64 -65.98
N GLN D 117 6.34 -24.80 -66.14
CA GLN D 117 5.82 -26.08 -66.64
C GLN D 117 6.23 -26.33 -68.08
N GLU D 118 6.34 -25.28 -68.89
CA GLU D 118 6.80 -25.45 -70.26
C GLU D 118 8.28 -25.76 -70.33
N LEU D 119 9.08 -25.18 -69.43
CA LEU D 119 10.51 -25.44 -69.42
C LEU D 119 10.85 -26.81 -68.84
N LEU D 120 10.04 -27.31 -67.92
CA LEU D 120 10.29 -28.63 -67.35
C LEU D 120 10.08 -29.73 -68.37
N LYS D 121 9.17 -29.54 -69.32
CA LYS D 121 8.90 -30.53 -70.36
C LYS D 121 9.95 -30.55 -71.46
N THR D 122 10.93 -29.64 -71.42
CA THR D 122 11.97 -29.58 -72.43
C THR D 122 13.35 -29.96 -71.90
N ILE D 123 13.48 -30.30 -70.62
CA ILE D 123 14.77 -30.66 -70.04
C ILE D 123 14.81 -32.14 -69.67
N ALA D 124 13.88 -32.94 -70.19
CA ALA D 124 13.82 -34.37 -69.92
C ALA D 124 14.25 -35.16 -71.15
N CYS D 125 14.21 -36.48 -71.03
CA CYS D 125 14.59 -37.39 -72.11
C CYS D 125 13.45 -38.36 -72.37
N GLU D 126 13.73 -39.36 -73.22
CA GLU D 126 12.75 -40.37 -73.58
C GLU D 126 13.23 -41.71 -73.05
N VAL D 127 12.42 -42.33 -72.18
CA VAL D 127 12.73 -43.62 -71.58
C VAL D 127 11.68 -44.62 -72.06
N GLY D 128 12.10 -45.60 -72.86
CA GLY D 128 11.20 -46.59 -73.38
C GLY D 128 10.93 -47.71 -72.39
N ALA D 129 10.14 -48.69 -72.85
CA ALA D 129 9.79 -49.84 -72.02
C ALA D 129 10.77 -50.99 -72.15
N GLN D 130 11.76 -50.88 -73.05
CA GLN D 130 12.74 -51.96 -73.23
C GLN D 130 13.94 -51.82 -72.31
N ASP D 131 13.97 -50.81 -71.44
CA ASP D 131 15.09 -50.63 -70.54
C ASP D 131 14.93 -51.49 -69.29
N LYS D 132 16.00 -51.60 -68.52
CA LYS D 132 15.99 -52.38 -67.29
C LYS D 132 16.98 -51.81 -66.28
N GLU D 133 18.17 -51.40 -66.75
CA GLU D 133 19.16 -50.82 -65.87
C GLU D 133 18.77 -49.42 -65.40
N ILE D 134 17.86 -48.75 -66.11
CA ILE D 134 17.43 -47.42 -65.70
C ILE D 134 16.32 -47.49 -64.66
N LEU D 135 15.51 -48.56 -64.69
CA LEU D 135 14.36 -48.66 -63.79
C LEU D 135 14.74 -49.04 -62.37
N THR D 136 16.01 -49.37 -62.10
CA THR D 136 16.42 -49.74 -60.76
C THR D 136 17.01 -48.58 -59.96
N LYS D 137 17.55 -47.56 -60.64
CA LYS D 137 18.11 -46.42 -59.91
C LYS D 137 17.01 -45.61 -59.22
N ILE D 138 15.84 -45.50 -59.84
CA ILE D 138 14.74 -44.77 -59.22
C ILE D 138 14.25 -45.50 -57.98
N ALA D 139 14.26 -46.83 -58.00
CA ALA D 139 13.86 -47.60 -56.83
C ALA D 139 14.94 -47.56 -55.75
N MET D 140 16.21 -47.48 -56.15
CA MET D 140 17.30 -47.40 -55.18
C MET D 140 17.30 -46.05 -54.47
N THR D 141 17.09 -44.96 -55.22
CA THR D 141 17.07 -43.62 -54.63
C THR D 141 15.76 -43.30 -53.92
N SER D 142 14.75 -44.15 -54.04
CA SER D 142 13.48 -43.89 -53.36
C SER D 142 13.55 -44.15 -51.87
N ILE D 143 14.50 -44.96 -51.42
CA ILE D 143 14.65 -45.26 -50.00
C ILE D 143 15.94 -44.65 -49.49
N THR D 144 15.86 -43.42 -48.99
CA THR D 144 17.01 -42.71 -48.44
C THR D 144 16.79 -42.27 -47.01
N GLY D 145 15.76 -41.45 -46.75
CA GLY D 145 15.48 -41.03 -45.39
C GLY D 145 14.84 -42.09 -44.53
N LYS D 146 14.39 -43.20 -45.13
CA LYS D 146 13.77 -44.26 -44.35
C LYS D 146 14.83 -45.06 -43.59
N GLY D 147 15.81 -45.61 -44.31
CA GLY D 147 16.86 -46.38 -43.69
C GLY D 147 17.84 -46.95 -44.69
N ALA D 148 18.85 -46.14 -45.06
CA ALA D 148 19.84 -46.57 -46.03
C ALA D 148 20.92 -47.47 -45.43
N GLU D 149 20.85 -47.76 -44.13
CA GLU D 149 21.84 -48.64 -43.50
C GLU D 149 21.54 -50.11 -43.70
N LYS D 150 20.47 -50.45 -44.43
CA LYS D 150 20.12 -51.84 -44.68
C LYS D 150 19.31 -51.97 -45.96
N ALA D 151 18.85 -50.85 -46.49
CA ALA D 151 18.03 -50.82 -47.71
C ALA D 151 18.73 -49.91 -48.72
N LYS D 152 19.57 -50.50 -49.57
CA LYS D 152 20.29 -49.74 -50.59
C LYS D 152 20.73 -50.65 -51.73
N GLU D 153 20.63 -51.96 -51.53
CA GLU D 153 21.03 -52.92 -52.56
C GLU D 153 20.08 -54.11 -52.59
N LYS D 154 19.69 -54.61 -51.42
CA LYS D 154 18.78 -55.75 -51.36
C LYS D 154 17.36 -55.34 -51.72
N LEU D 155 16.94 -54.16 -51.29
CA LEU D 155 15.60 -53.66 -51.59
C LEU D 155 15.51 -52.96 -52.94
N ALA D 156 16.58 -52.97 -53.73
CA ALA D 156 16.58 -52.33 -55.05
C ALA D 156 16.55 -53.34 -56.19
N GLU D 157 16.58 -54.64 -55.90
CA GLU D 157 16.56 -55.66 -56.93
C GLU D 157 15.32 -56.54 -56.88
N ILE D 158 14.46 -56.37 -55.88
CA ILE D 158 13.24 -57.16 -55.77
C ILE D 158 11.99 -56.35 -56.10
N ILE D 159 12.07 -55.02 -56.14
CA ILE D 159 10.91 -54.22 -56.49
C ILE D 159 10.73 -54.15 -58.00
N VAL D 160 11.83 -53.99 -58.73
CA VAL D 160 11.75 -53.91 -60.18
C VAL D 160 11.31 -55.25 -60.77
N GLU D 161 11.81 -56.35 -60.21
CA GLU D 161 11.42 -57.67 -60.68
C GLU D 161 9.97 -58.01 -60.33
N ALA D 162 9.39 -57.34 -59.34
CA ALA D 162 8.01 -57.60 -58.95
C ALA D 162 7.02 -56.71 -59.68
N VAL D 163 7.38 -55.44 -59.93
CA VAL D 163 6.47 -54.54 -60.63
C VAL D 163 6.43 -54.86 -62.12
N SER D 164 7.60 -55.10 -62.72
CA SER D 164 7.66 -55.40 -64.14
C SER D 164 7.06 -56.77 -64.44
N ALA D 165 5.73 -56.83 -64.51
CA ALA D 165 5.03 -58.08 -64.80
C ALA D 165 3.84 -57.82 -65.72
N VAL D 166 3.02 -56.84 -65.37
CA VAL D 166 1.87 -56.44 -66.17
C VAL D 166 1.96 -55.00 -66.65
N VAL D 167 3.03 -54.28 -66.30
CA VAL D 167 3.17 -52.89 -66.73
C VAL D 167 3.80 -52.81 -68.11
N ASP D 168 4.78 -53.68 -68.38
CA ASP D 168 5.44 -53.67 -69.69
C ASP D 168 4.51 -54.14 -70.79
N ASP D 169 3.56 -55.02 -70.47
CA ASP D 169 2.62 -55.51 -71.47
C ASP D 169 1.56 -54.46 -71.77
N GLU D 170 0.95 -53.91 -70.74
CA GLU D 170 -0.09 -52.88 -70.87
C GLU D 170 0.43 -51.61 -70.21
N GLY D 171 0.87 -50.64 -71.02
CA GLY D 171 1.39 -49.40 -70.50
C GLY D 171 0.33 -48.32 -70.34
N LYS D 172 -0.73 -48.63 -69.58
CA LYS D 172 -1.80 -47.67 -69.37
C LYS D 172 -2.52 -47.96 -68.05
N VAL D 173 -3.03 -49.19 -67.90
CA VAL D 173 -3.74 -49.60 -66.70
C VAL D 173 -2.92 -50.69 -66.01
N ASP D 174 -2.49 -50.41 -64.78
CA ASP D 174 -1.69 -51.35 -64.00
C ASP D 174 -2.04 -51.25 -62.53
N LYS D 175 -3.33 -51.13 -62.23
CA LYS D 175 -3.80 -51.02 -60.85
C LYS D 175 -3.76 -52.41 -60.21
N ASP D 176 -2.83 -52.61 -59.28
CA ASP D 176 -2.67 -53.86 -58.56
C ASP D 176 -3.04 -53.68 -57.11
N LEU D 177 -2.97 -54.78 -56.35
CA LEU D 177 -3.29 -54.80 -54.93
C LEU D 177 -2.07 -55.31 -54.17
N ILE D 178 -1.27 -54.38 -53.64
CA ILE D 178 -0.07 -54.72 -52.88
C ILE D 178 -0.37 -54.55 -51.40
N LYS D 179 -0.16 -55.61 -50.64
CA LYS D 179 -0.42 -55.61 -49.19
C LYS D 179 0.89 -55.88 -48.45
N ILE D 180 1.19 -55.04 -47.47
CA ILE D 180 2.40 -55.16 -46.66
C ILE D 180 1.97 -55.55 -45.25
N GLU D 181 2.50 -56.67 -44.76
CA GLU D 181 2.18 -57.18 -43.43
C GLU D 181 3.24 -56.71 -42.44
N LYS D 182 2.79 -56.29 -41.26
CA LYS D 182 3.67 -55.80 -40.20
C LYS D 182 3.88 -56.93 -39.20
N LYS D 183 4.98 -57.67 -39.38
CA LYS D 183 5.33 -58.76 -38.48
C LYS D 183 6.83 -58.70 -38.18
N SER D 184 7.19 -59.08 -36.96
CA SER D 184 8.58 -59.07 -36.54
C SER D 184 9.21 -60.45 -36.74
N GLY D 185 10.45 -60.60 -36.28
CA GLY D 185 11.15 -61.85 -36.41
C GLY D 185 12.36 -61.95 -35.50
N ALA D 186 13.53 -62.22 -36.09
CA ALA D 186 14.75 -62.36 -35.32
C ALA D 186 15.97 -61.97 -36.15
N SER D 187 15.81 -61.95 -37.47
CA SER D 187 16.90 -61.60 -38.37
C SER D 187 17.11 -60.08 -38.38
N ILE D 188 18.17 -59.64 -39.05
CA ILE D 188 18.49 -58.22 -39.15
C ILE D 188 17.49 -57.54 -40.08
N ASP D 189 17.52 -57.92 -41.36
CA ASP D 189 16.62 -57.34 -42.35
C ASP D 189 16.46 -58.36 -43.48
N ASP D 190 15.30 -59.02 -43.51
CA ASP D 190 15.00 -60.03 -44.51
C ASP D 190 13.80 -59.60 -45.33
N THR D 191 13.90 -59.80 -46.65
CA THR D 191 12.83 -59.43 -47.58
C THR D 191 12.44 -60.65 -48.39
N GLU D 192 11.18 -61.06 -48.28
CA GLU D 192 10.67 -62.20 -49.02
C GLU D 192 9.64 -61.72 -50.04
N LEU D 193 9.72 -62.27 -51.25
CA LEU D 193 8.82 -61.92 -52.34
C LEU D 193 8.01 -63.17 -52.71
N ILE D 194 6.81 -63.28 -52.15
CA ILE D 194 5.98 -64.47 -52.36
C ILE D 194 5.28 -64.33 -53.70
N LYS D 195 5.45 -65.34 -54.56
CA LYS D 195 4.83 -65.36 -55.89
C LYS D 195 3.55 -66.20 -55.86
N GLY D 196 2.68 -65.90 -54.89
CA GLY D 196 1.44 -66.62 -54.74
C GLY D 196 0.48 -65.98 -53.76
N VAL D 197 -0.11 -66.79 -52.88
CA VAL D 197 -1.10 -66.34 -51.92
C VAL D 197 -0.53 -66.54 -50.52
N LEU D 198 -0.68 -65.53 -49.67
CA LEU D 198 -0.22 -65.57 -48.29
C LEU D 198 -1.41 -65.38 -47.36
N VAL D 199 -1.60 -66.31 -46.44
CA VAL D 199 -2.69 -66.26 -45.46
C VAL D 199 -2.07 -66.13 -44.08
N ASP D 200 -2.51 -65.12 -43.33
CA ASP D 200 -1.99 -64.86 -41.99
C ASP D 200 -2.99 -65.36 -40.96
N LYS D 201 -3.00 -66.67 -40.76
CA LYS D 201 -3.89 -67.29 -39.79
C LYS D 201 -3.34 -68.66 -39.43
N GLU D 202 -3.32 -68.96 -38.12
CA GLU D 202 -2.82 -70.23 -37.61
C GLU D 202 -3.98 -71.18 -37.37
N ARG D 203 -3.73 -72.24 -36.61
CA ARG D 203 -4.75 -73.22 -36.29
C ARG D 203 -4.63 -73.57 -34.81
N VAL D 204 -5.22 -74.70 -34.41
CA VAL D 204 -5.18 -75.15 -33.03
C VAL D 204 -5.04 -76.66 -32.99
N SER D 205 -5.41 -77.32 -34.10
CA SER D 205 -5.33 -78.76 -34.23
C SER D 205 -4.40 -79.09 -35.39
N ALA D 206 -3.17 -79.50 -35.07
CA ALA D 206 -2.17 -79.84 -36.08
C ALA D 206 -2.26 -81.34 -36.40
N GLN D 207 -3.39 -81.70 -37.01
CA GLN D 207 -3.67 -83.08 -37.40
C GLN D 207 -4.01 -83.19 -38.88
N MET D 208 -3.60 -82.21 -39.69
CA MET D 208 -3.89 -82.22 -41.11
C MET D 208 -2.59 -82.07 -41.91
N PRO D 209 -2.48 -82.75 -43.05
CA PRO D 209 -1.27 -82.61 -43.88
C PRO D 209 -1.13 -81.21 -44.43
N LYS D 210 0.10 -80.90 -44.87
CA LYS D 210 0.40 -79.58 -45.42
C LYS D 210 1.30 -79.69 -46.65
N LYS D 211 1.15 -80.77 -47.43
CA LYS D 211 1.96 -80.97 -48.63
C LYS D 211 1.13 -81.80 -49.61
N VAL D 212 0.38 -81.11 -50.47
CA VAL D 212 -0.45 -81.75 -51.48
C VAL D 212 -0.03 -81.22 -52.84
N THR D 213 0.20 -82.14 -53.78
CA THR D 213 0.65 -81.77 -55.11
C THR D 213 -0.54 -81.47 -56.01
N ASP D 214 -0.39 -80.44 -56.84
CA ASP D 214 -1.41 -79.96 -57.79
C ASP D 214 -2.81 -79.97 -57.17
N ALA D 215 -2.91 -79.40 -55.98
CA ALA D 215 -4.18 -79.31 -55.29
C ALA D 215 -5.08 -78.25 -55.94
N LYS D 216 -6.38 -78.37 -55.69
CA LYS D 216 -7.38 -77.44 -56.21
C LYS D 216 -8.04 -76.70 -55.07
N ILE D 217 -8.19 -75.39 -55.23
CA ILE D 217 -8.78 -74.54 -54.21
C ILE D 217 -10.28 -74.42 -54.47
N ALA D 218 -11.07 -74.69 -53.44
CA ALA D 218 -12.53 -74.59 -53.51
C ALA D 218 -13.00 -73.59 -52.47
N LEU D 219 -13.63 -72.51 -52.92
CA LEU D 219 -14.10 -71.45 -52.03
C LEU D 219 -15.52 -71.76 -51.59
N LEU D 220 -15.70 -71.95 -50.29
CA LEU D 220 -17.01 -72.23 -49.70
C LEU D 220 -17.28 -71.23 -48.59
N ASN D 221 -18.43 -70.59 -48.62
CA ASN D 221 -18.79 -69.61 -47.60
C ASN D 221 -19.46 -70.28 -46.41
N CYS D 222 -20.57 -69.70 -45.94
CA CYS D 222 -21.28 -70.25 -44.78
C CYS D 222 -22.35 -71.24 -45.23
N ALA D 223 -23.40 -71.39 -44.41
CA ALA D 223 -24.50 -72.30 -44.69
C ALA D 223 -24.01 -73.74 -44.89
N ILE D 224 -23.07 -74.15 -44.03
CA ILE D 224 -22.50 -75.49 -44.08
C ILE D 224 -22.76 -76.26 -42.80
N GLU D 225 -22.60 -75.62 -41.64
CA GLU D 225 -22.81 -76.28 -40.37
C GLU D 225 -24.30 -76.54 -40.13
N ILE D 226 -24.60 -77.19 -39.01
CA ILE D 226 -25.99 -77.52 -38.69
C ILE D 226 -26.74 -76.29 -38.21
N LYS D 227 -26.10 -75.45 -37.40
CA LYS D 227 -26.73 -74.25 -36.85
C LYS D 227 -25.78 -73.08 -37.03
N GLU D 228 -26.19 -72.09 -37.84
CA GLU D 228 -25.38 -70.91 -38.08
C GLU D 228 -26.26 -69.68 -38.25
N THR D 229 -27.53 -69.90 -38.61
CA THR D 229 -28.47 -68.81 -38.80
C THR D 229 -29.72 -69.02 -37.95
N GLU D 230 -30.89 -68.90 -38.56
CA GLU D 230 -32.15 -69.09 -37.87
C GLU D 230 -33.16 -69.75 -38.81
N THR D 231 -34.24 -70.25 -38.24
CA THR D 231 -35.29 -70.91 -38.99
C THR D 231 -36.65 -70.39 -38.53
N ASP D 232 -37.44 -69.89 -39.47
CA ASP D 232 -38.76 -69.36 -39.12
C ASP D 232 -39.78 -70.47 -38.92
N ALA D 233 -39.78 -71.47 -39.82
CA ALA D 233 -40.72 -72.59 -39.72
C ALA D 233 -40.26 -73.51 -38.61
N GLU D 234 -40.93 -73.45 -37.46
CA GLU D 234 -40.57 -74.29 -36.33
C GLU D 234 -41.04 -75.73 -36.57
N ILE D 235 -40.36 -76.66 -35.90
CA ILE D 235 -40.66 -78.08 -36.01
C ILE D 235 -41.07 -78.60 -34.64
N ARG D 236 -41.58 -79.83 -34.62
CA ARG D 236 -42.03 -80.49 -33.40
C ARG D 236 -41.42 -81.88 -33.33
N ILE D 237 -41.59 -82.52 -32.17
CA ILE D 237 -41.07 -83.86 -31.94
C ILE D 237 -42.23 -84.78 -31.55
N THR D 238 -42.11 -86.04 -31.96
CA THR D 238 -43.15 -87.04 -31.65
C THR D 238 -42.55 -88.21 -30.89
N ASP D 239 -41.58 -88.93 -31.46
CA ASP D 239 -40.97 -90.07 -30.80
C ASP D 239 -39.52 -89.79 -30.48
N PRO D 240 -39.01 -90.27 -29.34
CA PRO D 240 -37.60 -90.03 -28.99
C PRO D 240 -36.62 -90.68 -29.95
N ALA D 241 -37.02 -91.75 -30.65
CA ALA D 241 -36.14 -92.43 -31.59
C ALA D 241 -36.03 -91.72 -32.93
N LYS D 242 -36.74 -90.61 -33.12
CA LYS D 242 -36.71 -89.85 -34.37
C LYS D 242 -35.67 -88.73 -34.37
N LEU D 243 -35.55 -88.01 -33.25
CA LEU D 243 -34.58 -86.93 -33.16
C LEU D 243 -33.15 -87.47 -33.25
N MET D 244 -32.88 -88.58 -32.57
CA MET D 244 -31.55 -89.17 -32.64
C MET D 244 -31.25 -89.66 -34.05
N GLU D 245 -32.24 -90.25 -34.72
CA GLU D 245 -32.04 -90.69 -36.10
C GLU D 245 -31.76 -89.51 -37.02
N PHE D 246 -32.48 -88.40 -36.84
CA PHE D 246 -32.24 -87.23 -37.66
C PHE D 246 -30.86 -86.65 -37.40
N ILE D 247 -30.42 -86.65 -36.13
CA ILE D 247 -29.09 -86.14 -35.81
C ILE D 247 -28.02 -87.03 -36.44
N GLU D 248 -28.20 -88.35 -36.37
CA GLU D 248 -27.25 -89.27 -36.99
C GLU D 248 -27.20 -89.09 -38.50
N GLN D 249 -28.36 -88.87 -39.12
CA GLN D 249 -28.40 -88.66 -40.57
C GLN D 249 -27.70 -87.37 -40.95
N GLU D 250 -27.94 -86.28 -40.20
CA GLU D 250 -27.27 -85.02 -40.48
C GLU D 250 -25.77 -85.11 -40.23
N GLU D 251 -25.35 -85.97 -39.30
CA GLU D 251 -23.92 -86.14 -39.06
C GLU D 251 -23.27 -86.95 -40.18
N LYS D 252 -23.94 -88.00 -40.65
CA LYS D 252 -23.41 -88.82 -41.73
C LYS D 252 -23.51 -88.14 -43.09
N MET D 253 -24.35 -87.11 -43.22
CA MET D 253 -24.44 -86.39 -44.48
C MET D 253 -23.12 -85.71 -44.84
N LEU D 254 -22.33 -85.34 -43.83
CA LEU D 254 -21.05 -84.69 -44.10
C LEU D 254 -20.10 -85.61 -44.86
N LYS D 255 -20.20 -86.92 -44.64
CA LYS D 255 -19.35 -87.87 -45.37
C LYS D 255 -19.58 -87.78 -46.87
N ASP D 256 -20.84 -87.90 -47.30
CA ASP D 256 -21.14 -87.78 -48.73
C ASP D 256 -20.92 -86.36 -49.23
N MET D 257 -21.10 -85.36 -48.38
CA MET D 257 -20.83 -83.98 -48.80
C MET D 257 -19.36 -83.80 -49.14
N VAL D 258 -18.46 -84.36 -48.33
CA VAL D 258 -17.04 -84.26 -48.62
C VAL D 258 -16.68 -85.18 -49.79
N ALA D 259 -17.34 -86.33 -49.92
CA ALA D 259 -17.06 -87.22 -51.04
C ALA D 259 -17.42 -86.58 -52.37
N GLU D 260 -18.52 -85.80 -52.40
CA GLU D 260 -18.89 -85.11 -53.62
C GLU D 260 -17.86 -84.06 -54.02
N ILE D 261 -17.33 -83.32 -53.04
CA ILE D 261 -16.29 -82.33 -53.34
C ILE D 261 -15.02 -83.02 -53.80
N LYS D 262 -14.70 -84.18 -53.21
CA LYS D 262 -13.51 -84.92 -53.63
C LYS D 262 -13.67 -85.44 -55.06
N ALA D 263 -14.85 -85.95 -55.41
CA ALA D 263 -15.08 -86.44 -56.77
C ALA D 263 -15.16 -85.30 -57.78
N SER D 264 -15.56 -84.11 -57.34
CA SER D 264 -15.63 -82.97 -58.26
C SER D 264 -14.24 -82.49 -58.65
N GLY D 265 -13.25 -82.66 -57.78
CA GLY D 265 -11.89 -82.23 -58.08
C GLY D 265 -11.44 -81.06 -57.25
N ALA D 266 -11.31 -81.26 -55.94
CA ALA D 266 -10.88 -80.21 -55.04
C ALA D 266 -10.16 -80.83 -53.85
N ASN D 267 -9.09 -80.18 -53.40
CA ASN D 267 -8.31 -80.66 -52.27
C ASN D 267 -8.01 -79.59 -51.24
N VAL D 268 -8.45 -78.34 -51.46
CA VAL D 268 -8.22 -77.25 -50.53
C VAL D 268 -9.58 -76.69 -50.12
N LEU D 269 -9.79 -76.55 -48.81
CA LEU D 269 -11.04 -76.06 -48.25
C LEU D 269 -10.77 -74.74 -47.53
N PHE D 270 -11.39 -73.66 -48.03
CA PHE D 270 -11.27 -72.33 -47.43
C PHE D 270 -12.65 -71.90 -46.97
N CYS D 271 -12.86 -71.88 -45.66
CA CYS D 271 -14.13 -71.49 -45.06
C CYS D 271 -13.99 -70.13 -44.40
N GLN D 272 -15.10 -69.38 -44.38
CA GLN D 272 -15.08 -68.05 -43.76
C GLN D 272 -15.01 -68.14 -42.24
N LYS D 273 -15.79 -69.04 -41.64
CA LYS D 273 -15.80 -69.20 -40.19
C LYS D 273 -14.78 -70.26 -39.77
N GLY D 274 -15.05 -70.94 -38.66
CA GLY D 274 -14.16 -71.96 -38.14
C GLY D 274 -14.67 -73.36 -38.44
N ILE D 275 -13.73 -74.30 -38.52
CA ILE D 275 -14.05 -75.69 -38.80
C ILE D 275 -13.99 -76.47 -37.48
N ASP D 276 -15.03 -77.25 -37.22
CA ASP D 276 -15.10 -78.03 -35.99
C ASP D 276 -14.06 -79.16 -36.03
N ASP D 277 -13.65 -79.60 -34.83
CA ASP D 277 -12.65 -80.65 -34.73
C ASP D 277 -13.19 -82.00 -35.21
N LEU D 278 -14.51 -82.21 -35.13
CA LEU D 278 -15.08 -83.47 -35.57
C LEU D 278 -15.10 -83.59 -37.09
N ALA D 279 -15.00 -82.47 -37.82
CA ALA D 279 -14.99 -82.48 -39.27
C ALA D 279 -13.59 -82.54 -39.85
N GLN D 280 -12.58 -82.82 -39.03
CA GLN D 280 -11.20 -82.89 -39.51
C GLN D 280 -10.82 -84.29 -39.98
N HIS D 281 -11.24 -85.32 -39.25
CA HIS D 281 -10.91 -86.69 -39.64
C HIS D 281 -11.48 -87.03 -41.01
N TYR D 282 -12.70 -86.57 -41.31
CA TYR D 282 -13.29 -86.78 -42.62
C TYR D 282 -12.47 -86.12 -43.72
N LEU D 283 -11.69 -85.09 -43.40
CA LEU D 283 -10.81 -84.45 -44.36
C LEU D 283 -9.41 -85.04 -44.35
N ALA D 284 -9.11 -85.98 -43.46
CA ALA D 284 -7.80 -86.60 -43.37
C ALA D 284 -7.71 -87.93 -44.10
N LYS D 285 -8.82 -88.66 -44.21
CA LYS D 285 -8.83 -89.95 -44.90
C LYS D 285 -8.90 -89.82 -46.41
N GLU D 286 -9.01 -88.60 -46.94
CA GLU D 286 -9.09 -88.37 -48.37
C GLU D 286 -8.00 -87.45 -48.91
N GLY D 287 -7.20 -86.83 -48.05
CA GLY D 287 -6.15 -85.94 -48.51
C GLY D 287 -6.66 -84.59 -48.97
N ILE D 288 -7.37 -83.89 -48.08
CA ILE D 288 -7.93 -82.58 -48.38
C ILE D 288 -7.38 -81.59 -47.37
N VAL D 289 -6.88 -80.46 -47.86
CA VAL D 289 -6.33 -79.44 -46.99
C VAL D 289 -7.45 -78.77 -46.20
N ALA D 290 -7.30 -78.72 -44.88
CA ALA D 290 -8.29 -78.13 -43.99
C ALA D 290 -7.82 -76.77 -43.51
N ALA D 291 -8.66 -75.75 -43.67
CA ALA D 291 -8.34 -74.40 -43.24
C ALA D 291 -9.60 -73.74 -42.70
N ARG D 292 -9.40 -72.68 -41.93
CA ARG D 292 -10.51 -71.96 -41.32
C ARG D 292 -10.10 -70.50 -41.10
N ARG D 293 -11.12 -69.67 -40.86
CA ARG D 293 -10.92 -68.24 -40.61
C ARG D 293 -10.16 -67.56 -41.74
N VAL D 294 -10.86 -67.25 -42.83
CA VAL D 294 -10.28 -66.60 -43.99
C VAL D 294 -10.80 -65.17 -44.03
N LYS D 295 -9.89 -64.20 -43.96
CA LYS D 295 -10.28 -62.80 -44.00
C LYS D 295 -10.74 -62.42 -45.41
N LYS D 296 -11.66 -61.45 -45.48
CA LYS D 296 -12.17 -61.00 -46.77
C LYS D 296 -11.07 -60.40 -47.62
N SER D 297 -10.12 -59.69 -47.00
CA SER D 297 -9.01 -59.11 -47.74
C SER D 297 -8.13 -60.20 -48.35
N ASP D 298 -8.01 -61.35 -47.68
CA ASP D 298 -7.25 -62.47 -48.21
C ASP D 298 -8.10 -63.38 -49.09
N MET D 299 -9.42 -63.31 -48.99
CA MET D 299 -10.31 -64.12 -49.81
C MET D 299 -10.60 -63.49 -51.17
N GLU D 300 -10.62 -62.15 -51.24
CA GLU D 300 -10.88 -61.49 -52.51
C GLU D 300 -9.75 -61.69 -53.52
N LYS D 301 -8.56 -62.06 -53.06
CA LYS D 301 -7.43 -62.31 -53.95
C LYS D 301 -7.41 -63.72 -54.52
N LEU D 302 -8.47 -64.49 -54.33
CA LEU D 302 -8.53 -65.85 -54.84
C LEU D 302 -9.37 -65.98 -56.11
N ALA D 303 -10.30 -65.06 -56.35
CA ALA D 303 -11.14 -65.13 -57.53
C ALA D 303 -10.46 -64.57 -58.77
N LYS D 304 -9.55 -63.61 -58.62
CA LYS D 304 -8.85 -63.02 -59.74
C LYS D 304 -7.49 -63.67 -60.01
N ALA D 305 -7.04 -64.57 -59.13
CA ALA D 305 -5.76 -65.24 -59.29
C ALA D 305 -5.94 -66.71 -59.66
N THR D 306 -6.62 -67.49 -58.81
CA THR D 306 -6.81 -68.90 -59.11
C THR D 306 -7.94 -69.12 -60.10
N GLY D 307 -9.03 -68.36 -59.98
CA GLY D 307 -10.15 -68.49 -60.88
C GLY D 307 -11.23 -69.41 -60.36
N ALA D 308 -12.03 -68.91 -59.41
CA ALA D 308 -13.11 -69.69 -58.83
C ALA D 308 -14.19 -68.76 -58.32
N ASN D 309 -15.42 -69.28 -58.22
CA ASN D 309 -16.56 -68.51 -57.77
C ASN D 309 -16.86 -68.85 -56.31
N VAL D 310 -17.90 -68.22 -55.77
CA VAL D 310 -18.32 -68.44 -54.39
C VAL D 310 -19.68 -69.13 -54.38
N ILE D 311 -19.96 -69.82 -53.28
CA ILE D 311 -21.21 -70.54 -53.09
C ILE D 311 -21.86 -70.02 -51.82
N THR D 312 -23.08 -69.46 -51.96
CA THR D 312 -23.79 -68.92 -50.82
C THR D 312 -24.43 -70.00 -49.96
N ASN D 313 -24.62 -71.20 -50.50
CA ASN D 313 -25.22 -72.29 -49.74
C ASN D 313 -24.25 -73.45 -49.59
N ILE D 314 -24.73 -74.68 -49.83
CA ILE D 314 -23.90 -75.87 -49.72
C ILE D 314 -24.24 -76.81 -50.86
N LYS D 315 -25.48 -76.77 -51.33
CA LYS D 315 -25.95 -77.61 -52.42
C LYS D 315 -25.79 -76.96 -53.79
N ASP D 316 -25.19 -75.78 -53.85
CA ASP D 316 -25.00 -75.07 -55.11
C ASP D 316 -23.59 -75.28 -55.69
N LEU D 317 -22.87 -76.29 -55.22
CA LEU D 317 -21.53 -76.59 -55.69
C LEU D 317 -21.58 -77.72 -56.71
N SER D 318 -20.97 -77.49 -57.87
CA SER D 318 -20.96 -78.49 -58.94
C SER D 318 -19.53 -78.79 -59.36
N ALA D 319 -19.15 -78.35 -60.56
CA ALA D 319 -17.82 -78.57 -61.09
C ALA D 319 -17.16 -77.32 -61.68
N GLN D 320 -17.94 -76.32 -62.10
CA GLN D 320 -17.38 -75.11 -62.66
C GLN D 320 -16.97 -74.09 -61.61
N ASP D 321 -17.36 -74.29 -60.35
CA ASP D 321 -17.00 -73.39 -59.26
C ASP D 321 -15.74 -73.81 -58.52
N LEU D 322 -14.77 -74.36 -59.25
CA LEU D 322 -13.52 -74.81 -58.66
C LEU D 322 -12.34 -74.09 -59.30
N GLY D 323 -11.23 -74.05 -58.57
CA GLY D 323 -10.04 -73.38 -59.06
C GLY D 323 -8.87 -74.33 -59.26
N ASP D 324 -7.65 -73.79 -59.24
CA ASP D 324 -6.46 -74.59 -59.42
C ASP D 324 -5.31 -73.93 -58.67
N ALA D 325 -4.49 -74.74 -58.01
CA ALA D 325 -3.35 -74.24 -57.26
C ALA D 325 -2.09 -75.04 -57.57
N GLY D 326 -1.03 -74.83 -56.80
CA GLY D 326 0.21 -75.54 -57.01
C GLY D 326 0.68 -76.30 -55.78
N LEU D 327 1.06 -75.57 -54.73
CA LEU D 327 1.54 -76.20 -53.50
C LEU D 327 1.11 -75.36 -52.32
N VAL D 328 0.37 -75.97 -51.40
CA VAL D 328 -0.10 -75.30 -50.19
C VAL D 328 0.72 -75.83 -49.01
N GLU D 329 1.38 -74.92 -48.29
CA GLU D 329 2.23 -75.29 -47.17
C GLU D 329 1.94 -74.38 -45.99
N GLU D 330 2.24 -74.88 -44.79
CA GLU D 330 2.05 -74.14 -43.54
C GLU D 330 3.35 -74.22 -42.76
N ARG D 331 4.21 -73.21 -42.92
CA ARG D 331 5.50 -73.17 -42.25
C ARG D 331 5.46 -72.16 -41.11
N LYS D 332 6.30 -72.40 -40.10
CA LYS D 332 6.42 -71.52 -38.94
C LYS D 332 7.67 -70.68 -39.11
N ILE D 333 7.51 -69.51 -39.71
CA ILE D 333 8.60 -68.59 -39.99
C ILE D 333 8.36 -67.29 -39.24
N SER D 334 9.42 -66.75 -38.64
CA SER D 334 9.35 -65.49 -37.88
C SER D 334 8.35 -65.58 -36.74
N GLY D 335 8.36 -66.72 -36.02
CA GLY D 335 7.48 -66.90 -34.89
C GLY D 335 6.10 -67.41 -35.25
N ASP D 336 5.30 -66.56 -35.89
CA ASP D 336 3.95 -66.93 -36.26
C ASP D 336 3.96 -67.94 -37.41
N SER D 337 2.79 -68.55 -37.63
CA SER D 337 2.61 -69.54 -38.69
C SER D 337 1.71 -68.94 -39.76
N MET D 338 2.14 -69.05 -41.02
CA MET D 338 1.41 -68.51 -42.15
C MET D 338 1.25 -69.59 -43.21
N ILE D 339 0.24 -69.42 -44.06
CA ILE D 339 -0.07 -70.37 -45.13
C ILE D 339 0.42 -69.78 -46.45
N PHE D 340 1.23 -70.56 -47.17
CA PHE D 340 1.78 -70.15 -48.46
C PHE D 340 1.21 -71.04 -49.55
N VAL D 341 0.57 -70.43 -50.55
CA VAL D 341 0.03 -71.15 -51.69
C VAL D 341 0.81 -70.68 -52.91
N GLU D 342 1.68 -71.55 -53.43
CA GLU D 342 2.54 -71.23 -54.56
C GLU D 342 1.99 -71.87 -55.83
N GLU D 343 2.37 -71.27 -56.97
CA GLU D 343 1.94 -71.70 -58.29
C GLU D 343 0.42 -71.62 -58.43
N CYS D 344 -0.09 -70.46 -58.83
CA CYS D 344 -1.52 -70.28 -59.02
C CYS D 344 -1.89 -70.45 -60.48
N LYS D 345 -2.18 -69.33 -61.16
CA LYS D 345 -2.54 -69.37 -62.58
C LYS D 345 -2.25 -68.03 -63.24
N HIS D 346 -2.79 -66.95 -62.68
CA HIS D 346 -2.60 -65.60 -63.20
C HIS D 346 -1.87 -64.77 -62.14
N PRO D 347 -0.54 -64.69 -62.21
CA PRO D 347 0.19 -63.90 -61.22
C PRO D 347 0.02 -62.40 -61.43
N LYS D 348 -1.11 -61.85 -60.98
CA LYS D 348 -1.36 -60.42 -61.13
C LYS D 348 -0.63 -59.61 -60.08
N ALA D 349 -1.01 -59.75 -58.82
CA ALA D 349 -0.39 -59.03 -57.73
C ALA D 349 0.78 -59.84 -57.15
N VAL D 350 1.41 -59.29 -56.12
CA VAL D 350 2.54 -59.92 -55.47
C VAL D 350 2.52 -59.53 -53.99
N THR D 351 3.17 -60.35 -53.17
CA THR D 351 3.22 -60.14 -51.72
C THR D 351 4.66 -59.96 -51.29
N MET D 352 4.89 -58.94 -50.45
CA MET D 352 6.21 -58.64 -49.92
C MET D 352 6.18 -58.72 -48.40
N LEU D 353 7.10 -59.48 -47.84
CA LEU D 353 7.20 -59.67 -46.40
C LEU D 353 8.54 -59.13 -45.92
N ILE D 354 8.51 -58.33 -44.85
CA ILE D 354 9.69 -57.71 -44.27
C ILE D 354 9.85 -58.23 -42.85
N ARG D 355 11.04 -58.74 -42.53
CA ARG D 355 11.35 -59.27 -41.21
C ARG D 355 12.52 -58.48 -40.63
N GLY D 356 12.32 -57.93 -39.43
CA GLY D 356 13.33 -57.14 -38.76
C GLY D 356 13.63 -57.70 -37.38
N THR D 357 14.01 -56.80 -36.48
CA THR D 357 14.35 -57.17 -35.11
C THR D 357 13.22 -56.83 -34.15
N THR D 358 13.07 -55.54 -33.83
CA THR D 358 12.04 -55.11 -32.89
C THR D 358 10.69 -54.95 -33.59
N GLU D 359 9.97 -53.88 -33.26
CA GLU D 359 8.66 -53.62 -33.84
C GLU D 359 8.57 -52.32 -34.61
N HIS D 360 9.47 -51.37 -34.36
CA HIS D 360 9.46 -50.09 -35.05
C HIS D 360 10.29 -50.11 -36.35
N VAL D 361 11.07 -51.16 -36.58
CA VAL D 361 11.86 -51.23 -37.80
C VAL D 361 10.99 -51.66 -38.98
N ILE D 362 10.20 -52.72 -38.79
CA ILE D 362 9.33 -53.21 -39.86
C ILE D 362 8.35 -52.12 -40.28
N GLU D 363 7.78 -51.40 -39.31
CA GLU D 363 6.89 -50.29 -39.63
C GLU D 363 7.63 -49.23 -40.44
N GLU D 364 8.92 -49.04 -40.16
CA GLU D 364 9.72 -48.10 -40.95
C GLU D 364 9.77 -48.51 -42.40
N VAL D 365 9.71 -49.81 -42.69
CA VAL D 365 9.65 -50.26 -44.06
C VAL D 365 8.24 -50.15 -44.61
N ALA D 366 7.23 -50.18 -43.73
CA ALA D 366 5.84 -50.08 -44.18
C ALA D 366 5.57 -48.74 -44.86
N ARG D 367 6.21 -47.67 -44.39
CA ARG D 367 6.10 -46.36 -45.00
C ARG D 367 7.12 -46.14 -46.10
N ALA D 368 7.87 -47.18 -46.48
CA ALA D 368 8.88 -47.08 -47.53
C ALA D 368 8.53 -47.83 -48.79
N VAL D 369 7.77 -48.92 -48.69
CA VAL D 369 7.39 -49.69 -49.89
C VAL D 369 6.36 -48.93 -50.71
N ASP D 370 5.34 -48.38 -50.05
CA ASP D 370 4.31 -47.65 -50.77
C ASP D 370 4.87 -46.43 -51.48
N ASP D 371 5.93 -45.82 -50.94
CA ASP D 371 6.59 -44.69 -51.59
C ASP D 371 7.66 -45.13 -52.58
N ALA D 372 7.87 -46.44 -52.75
CA ALA D 372 8.86 -46.94 -53.69
C ALA D 372 8.26 -47.49 -54.97
N VAL D 373 7.00 -47.91 -54.94
CA VAL D 373 6.33 -48.44 -56.13
C VAL D 373 5.60 -47.30 -56.83
N GLY D 374 5.18 -46.29 -56.07
CA GLY D 374 4.46 -45.17 -56.65
C GLY D 374 5.29 -44.39 -57.66
N VAL D 375 6.62 -44.40 -57.49
CA VAL D 375 7.49 -43.72 -58.45
C VAL D 375 7.84 -44.59 -59.65
N VAL D 376 7.34 -45.83 -59.68
CA VAL D 376 7.61 -46.73 -60.80
C VAL D 376 6.45 -46.73 -61.81
N GLY D 377 5.22 -46.80 -61.30
CA GLY D 377 4.07 -46.80 -62.19
C GLY D 377 3.94 -45.52 -63.00
N CYS D 378 4.43 -44.40 -62.47
CA CYS D 378 4.45 -43.14 -63.19
C CYS D 378 5.66 -42.98 -64.09
N THR D 379 6.52 -43.99 -64.18
CA THR D 379 7.71 -43.92 -65.00
C THR D 379 7.50 -44.55 -66.38
N ILE D 380 6.87 -45.73 -66.42
CA ILE D 380 6.62 -46.39 -67.69
C ILE D 380 5.52 -45.67 -68.47
N GLU D 381 4.49 -45.20 -67.76
CA GLU D 381 3.39 -44.51 -68.43
C GLU D 381 3.82 -43.14 -68.95
N ASP D 382 4.83 -42.54 -68.33
CA ASP D 382 5.31 -41.23 -68.77
C ASP D 382 6.66 -41.35 -69.47
N GLY D 383 7.74 -41.35 -68.70
CA GLY D 383 9.07 -41.47 -69.25
C GLY D 383 9.86 -40.18 -69.34
N ARG D 384 9.39 -39.10 -68.72
CA ARG D 384 10.09 -37.82 -68.75
C ARG D 384 10.95 -37.68 -67.48
N ILE D 385 11.94 -38.56 -67.39
CA ILE D 385 12.84 -38.57 -66.24
C ILE D 385 13.82 -37.42 -66.36
N VAL D 386 13.88 -36.59 -65.32
CA VAL D 386 14.78 -35.45 -65.29
C VAL D 386 15.93 -35.73 -64.34
N SER D 387 16.82 -34.75 -64.16
CA SER D 387 17.97 -34.88 -63.27
C SER D 387 17.55 -34.45 -61.87
N GLY D 388 17.50 -35.42 -60.95
CA GLY D 388 17.12 -35.13 -59.58
C GLY D 388 18.28 -34.61 -58.75
N GLY D 389 18.00 -34.42 -57.47
CA GLY D 389 19.00 -33.92 -56.54
C GLY D 389 19.08 -32.42 -56.44
N GLY D 390 18.00 -31.71 -56.74
CA GLY D 390 18.01 -30.26 -56.66
C GLY D 390 18.69 -29.57 -57.83
N SER D 391 18.52 -30.10 -59.05
CA SER D 391 19.12 -29.53 -60.24
C SER D 391 18.12 -28.86 -61.17
N THR D 392 16.84 -29.20 -61.08
CA THR D 392 15.85 -28.57 -61.95
C THR D 392 15.53 -27.16 -61.51
N GLU D 393 15.47 -26.93 -60.19
CA GLU D 393 15.18 -25.58 -59.69
C GLU D 393 16.30 -24.61 -60.04
N VAL D 394 17.55 -25.03 -59.89
CA VAL D 394 18.68 -24.16 -60.24
C VAL D 394 18.70 -23.89 -61.74
N GLU D 395 18.30 -24.87 -62.55
CA GLU D 395 18.28 -24.67 -63.99
C GLU D 395 17.15 -23.71 -64.40
N LEU D 396 15.99 -23.81 -63.75
CA LEU D 396 14.88 -22.92 -64.08
C LEU D 396 15.12 -21.51 -63.53
N SER D 397 15.90 -21.38 -62.46
CA SER D 397 16.18 -20.06 -61.91
C SER D 397 17.05 -19.24 -62.85
N MET D 398 17.98 -19.89 -63.56
CA MET D 398 18.81 -19.18 -64.53
C MET D 398 18.05 -18.77 -65.77
N LYS D 399 16.93 -19.43 -66.06
CA LYS D 399 16.10 -19.11 -67.22
C LYS D 399 15.02 -18.08 -66.91
N LEU D 400 14.44 -18.12 -65.70
CA LEU D 400 13.42 -17.16 -65.34
C LEU D 400 13.98 -15.75 -65.25
N ARG D 401 15.24 -15.61 -64.82
CA ARG D 401 15.84 -14.29 -64.73
C ARG D 401 15.95 -13.62 -66.10
N GLU D 402 16.33 -14.38 -67.12
CA GLU D 402 16.42 -13.82 -68.47
C GLU D 402 15.07 -13.78 -69.17
N TYR D 403 14.09 -14.57 -68.72
CA TYR D 403 12.76 -14.50 -69.30
C TYR D 403 11.96 -13.31 -68.77
N ALA D 404 12.19 -12.92 -67.51
CA ALA D 404 11.47 -11.79 -66.94
C ALA D 404 11.94 -10.44 -67.47
N GLU D 405 13.01 -10.41 -68.25
CA GLU D 405 13.53 -9.16 -68.81
C GLU D 405 12.73 -8.68 -70.01
N GLY D 406 11.94 -9.55 -70.64
CA GLY D 406 11.16 -9.17 -71.80
C GLY D 406 9.85 -8.46 -71.50
N ILE D 407 9.49 -8.34 -70.23
CA ILE D 407 8.26 -7.67 -69.83
C ILE D 407 8.60 -6.42 -69.03
N SER D 408 7.66 -5.48 -69.00
CA SER D 408 7.83 -4.22 -68.28
C SER D 408 6.63 -4.02 -67.38
N GLY D 409 6.87 -3.51 -66.18
CA GLY D 409 5.81 -3.27 -65.23
C GLY D 409 6.18 -3.82 -63.86
N ARG D 410 5.20 -3.80 -62.96
CA ARG D 410 5.41 -4.29 -61.61
C ARG D 410 5.35 -5.82 -61.51
N GLU D 411 4.99 -6.50 -62.60
CA GLU D 411 4.94 -7.95 -62.59
C GLU D 411 6.30 -8.62 -62.69
N GLN D 412 7.35 -7.86 -63.02
CA GLN D 412 8.69 -8.43 -63.10
C GLN D 412 9.23 -8.78 -61.73
N LEU D 413 8.90 -7.99 -60.70
CA LEU D 413 9.36 -8.27 -59.35
C LEU D 413 8.76 -9.56 -58.81
N ALA D 414 7.54 -9.89 -59.23
CA ALA D 414 6.93 -11.15 -58.81
C ALA D 414 7.62 -12.34 -59.45
N VAL D 415 7.95 -12.25 -60.73
CA VAL D 415 8.65 -13.33 -61.41
C VAL D 415 10.05 -13.49 -60.83
N ARG D 416 10.73 -12.38 -60.55
CA ARG D 416 12.06 -12.46 -59.95
C ARG D 416 11.99 -13.08 -58.55
N ALA D 417 10.97 -12.73 -57.78
CA ALA D 417 10.81 -13.32 -56.45
C ALA D 417 10.53 -14.81 -56.54
N PHE D 418 9.68 -15.21 -57.49
CA PHE D 418 9.40 -16.64 -57.67
C PHE D 418 10.64 -17.40 -58.11
N ALA D 419 11.49 -16.76 -58.92
CA ALA D 419 12.72 -17.42 -59.35
C ALA D 419 13.72 -17.53 -58.21
N ASP D 420 13.82 -16.50 -57.38
CA ASP D 420 14.75 -16.53 -56.25
C ASP D 420 14.27 -17.49 -55.16
N ALA D 421 12.95 -17.70 -55.05
CA ALA D 421 12.44 -18.61 -54.04
C ALA D 421 12.69 -20.07 -54.39
N LEU D 422 12.99 -20.38 -55.65
CA LEU D 422 13.28 -21.75 -56.05
C LEU D 422 14.63 -22.24 -55.56
N GLU D 423 15.48 -21.35 -55.07
CA GLU D 423 16.80 -21.73 -54.58
C GLU D 423 16.76 -22.18 -53.12
N VAL D 424 15.58 -22.44 -52.57
CA VAL D 424 15.50 -22.91 -51.18
C VAL D 424 15.75 -24.40 -51.06
N ILE D 425 15.54 -25.17 -52.13
CA ILE D 425 15.77 -26.61 -52.12
C ILE D 425 17.25 -26.92 -51.93
N PRO D 426 18.18 -26.31 -52.69
CA PRO D 426 19.60 -26.61 -52.43
C PRO D 426 20.09 -26.11 -51.09
N ARG D 427 19.47 -25.05 -50.55
CA ARG D 427 19.88 -24.58 -49.23
C ARG D 427 19.40 -25.51 -48.13
N THR D 428 18.25 -26.14 -48.31
CA THR D 428 17.76 -27.10 -47.32
C THR D 428 18.43 -28.45 -47.45
N LEU D 429 18.81 -28.85 -48.66
CA LEU D 429 19.52 -30.12 -48.84
C LEU D 429 20.96 -30.05 -48.40
N ALA D 430 21.53 -28.83 -48.31
CA ALA D 430 22.91 -28.66 -47.86
C ALA D 430 23.01 -28.19 -46.42
N GLU D 431 21.89 -27.83 -45.79
CA GLU D 431 21.93 -27.40 -44.40
C GLU D 431 22.20 -28.56 -43.45
N ASN D 432 21.83 -29.78 -43.85
CA ASN D 432 22.05 -30.95 -43.00
C ASN D 432 23.53 -31.29 -42.87
N ALA D 433 24.39 -30.75 -43.73
CA ALA D 433 25.82 -30.99 -43.68
C ALA D 433 26.53 -29.86 -42.95
N GLY D 434 27.85 -30.01 -42.81
CA GLY D 434 28.66 -29.02 -42.12
C GLY D 434 29.64 -28.31 -43.03
N LEU D 435 30.15 -29.03 -44.04
CA LEU D 435 31.11 -28.48 -44.99
C LEU D 435 30.45 -27.86 -46.21
N ASP D 436 29.15 -27.56 -46.14
CA ASP D 436 28.43 -26.97 -47.26
C ASP D 436 28.18 -25.48 -47.02
N ALA D 437 27.42 -25.14 -45.98
CA ALA D 437 27.11 -23.75 -45.64
C ALA D 437 26.45 -23.02 -46.80
N ILE D 438 27.24 -22.23 -47.53
CA ILE D 438 26.73 -21.44 -48.64
C ILE D 438 27.61 -21.51 -49.88
N GLU D 439 28.83 -22.03 -49.77
CA GLU D 439 29.71 -22.09 -50.93
C GLU D 439 29.19 -23.05 -51.99
N ILE D 440 28.47 -24.10 -51.57
CA ILE D 440 27.93 -25.06 -52.53
C ILE D 440 26.93 -24.40 -53.46
N LEU D 441 26.07 -23.54 -52.91
CA LEU D 441 25.06 -22.86 -53.73
C LEU D 441 25.73 -21.91 -54.72
N VAL D 442 26.83 -21.27 -54.33
CA VAL D 442 27.52 -20.36 -55.23
C VAL D 442 28.26 -21.15 -56.31
N LYS D 443 28.78 -22.32 -55.96
CA LYS D 443 29.52 -23.12 -56.95
C LYS D 443 28.58 -23.77 -57.96
N VAL D 444 27.41 -24.22 -57.51
CA VAL D 444 26.46 -24.85 -58.43
C VAL D 444 25.67 -23.85 -59.25
N ARG D 445 25.80 -22.55 -58.95
CA ARG D 445 25.08 -21.51 -59.70
C ARG D 445 25.84 -21.07 -60.93
N ALA D 446 27.15 -20.84 -60.82
CA ALA D 446 27.95 -20.41 -61.96
C ALA D 446 28.38 -21.57 -62.85
N ALA D 447 28.10 -22.81 -62.47
CA ALA D 447 28.49 -23.95 -63.28
C ALA D 447 27.58 -24.14 -64.48
N HIS D 448 26.29 -23.79 -64.35
CA HIS D 448 25.33 -23.93 -65.44
C HIS D 448 25.23 -22.68 -66.30
N ALA D 449 26.23 -21.80 -66.23
CA ALA D 449 26.23 -20.57 -67.02
C ALA D 449 26.79 -20.76 -68.42
N SER D 450 27.26 -21.96 -68.76
CA SER D 450 27.82 -22.22 -70.08
C SER D 450 26.75 -22.75 -71.02
N ASN D 451 27.14 -23.62 -71.96
CA ASN D 451 26.17 -24.18 -72.91
C ASN D 451 25.48 -25.40 -72.32
N GLY D 452 26.23 -26.48 -72.12
CA GLY D 452 25.67 -27.70 -71.57
C GLY D 452 25.67 -27.73 -70.06
N ASN D 453 26.14 -28.83 -69.48
CA ASN D 453 26.22 -29.01 -68.03
C ASN D 453 24.85 -28.84 -67.39
N LYS D 454 24.03 -29.88 -67.43
CA LYS D 454 22.68 -29.85 -66.87
C LYS D 454 22.44 -30.94 -65.83
N CYS D 455 23.02 -32.12 -66.03
CA CYS D 455 22.80 -33.24 -65.11
C CYS D 455 23.52 -33.05 -63.78
N ALA D 456 24.39 -32.05 -63.65
CA ALA D 456 25.10 -31.83 -62.41
C ALA D 456 24.17 -31.25 -61.35
N GLY D 457 24.34 -31.70 -60.11
CA GLY D 457 23.51 -31.23 -59.02
C GLY D 457 24.25 -31.18 -57.70
N LEU D 458 23.81 -31.99 -56.74
CA LEU D 458 24.43 -32.02 -55.41
C LEU D 458 24.16 -33.37 -54.77
N ASN D 459 25.20 -33.97 -54.19
CA ASN D 459 25.08 -35.25 -53.49
C ASN D 459 25.68 -35.10 -52.10
N VAL D 460 24.94 -35.58 -51.09
CA VAL D 460 25.41 -35.48 -49.71
C VAL D 460 26.32 -36.63 -49.30
N PHE D 461 26.68 -37.51 -50.24
CA PHE D 461 27.55 -38.64 -49.94
C PHE D 461 28.98 -38.44 -50.43
N THR D 462 29.36 -37.21 -50.78
CA THR D 462 30.71 -36.93 -51.26
C THR D 462 31.20 -35.59 -50.74
N GLY D 463 30.58 -34.51 -51.22
CA GLY D 463 30.98 -33.17 -50.79
C GLY D 463 31.26 -32.24 -51.95
N ALA D 464 31.78 -32.79 -53.04
CA ALA D 464 32.09 -32.00 -54.23
C ALA D 464 30.86 -31.94 -55.13
N VAL D 465 31.04 -31.53 -56.38
CA VAL D 465 29.95 -31.43 -57.35
C VAL D 465 30.24 -32.38 -58.51
N GLU D 466 29.20 -33.06 -58.98
CA GLU D 466 29.33 -34.00 -60.09
C GLU D 466 27.94 -34.22 -60.69
N ASP D 467 27.88 -35.08 -61.70
CA ASP D 467 26.61 -35.39 -62.35
C ASP D 467 25.76 -36.28 -61.45
N MET D 468 24.44 -36.13 -61.59
CA MET D 468 23.49 -36.90 -60.79
C MET D 468 22.95 -38.13 -61.51
N CYS D 469 22.95 -38.13 -62.84
CA CYS D 469 22.44 -39.28 -63.58
C CYS D 469 23.41 -40.46 -63.55
N GLU D 470 24.69 -40.22 -63.31
CA GLU D 470 25.68 -41.29 -63.25
C GLU D 470 25.77 -41.94 -61.88
N ASN D 471 25.27 -41.28 -60.83
CA ASN D 471 25.32 -41.86 -59.49
C ASN D 471 24.18 -42.85 -59.27
N GLY D 472 22.94 -42.37 -59.34
CA GLY D 472 21.79 -43.22 -59.16
C GLY D 472 20.55 -42.47 -58.69
N VAL D 473 20.51 -41.17 -58.96
CA VAL D 473 19.39 -40.32 -58.58
C VAL D 473 18.67 -39.89 -59.85
N VAL D 474 17.47 -40.44 -60.06
CA VAL D 474 16.68 -40.12 -61.24
C VAL D 474 15.24 -39.82 -60.83
N GLU D 475 15.04 -38.71 -60.13
CA GLU D 475 13.72 -38.35 -59.67
C GLU D 475 12.84 -37.97 -60.87
N PRO D 476 11.60 -38.47 -60.94
CA PRO D 476 10.75 -38.14 -62.10
C PRO D 476 10.30 -36.69 -62.12
N LEU D 477 9.58 -36.31 -63.17
CA LEU D 477 9.13 -34.94 -63.33
C LEU D 477 7.73 -34.69 -62.78
N ARG D 478 6.88 -35.72 -62.75
CA ARG D 478 5.51 -35.54 -62.26
C ARG D 478 5.50 -35.12 -60.79
N VAL D 479 6.39 -35.71 -59.98
CA VAL D 479 6.46 -35.35 -58.57
C VAL D 479 6.90 -33.90 -58.38
N LYS D 480 7.58 -33.32 -59.36
CA LYS D 480 7.97 -31.91 -59.30
C LYS D 480 6.87 -31.00 -59.84
N THR D 481 6.23 -31.39 -60.94
CA THR D 481 5.16 -30.56 -61.50
C THR D 481 3.97 -30.49 -60.56
N GLN D 482 3.57 -31.62 -59.96
CA GLN D 482 2.46 -31.60 -59.02
C GLN D 482 2.81 -30.77 -57.78
N ALA D 483 4.05 -30.85 -57.31
CA ALA D 483 4.46 -30.07 -56.16
C ALA D 483 4.44 -28.57 -56.47
N ILE D 484 4.92 -28.19 -57.67
CA ILE D 484 4.89 -26.79 -58.06
C ILE D 484 3.46 -26.29 -58.19
N GLN D 485 2.58 -27.11 -58.76
CA GLN D 485 1.18 -26.73 -58.88
C GLN D 485 0.52 -26.55 -57.52
N SER D 486 0.79 -27.47 -56.59
CA SER D 486 0.23 -27.35 -55.25
C SER D 486 0.77 -26.12 -54.53
N ALA D 487 2.05 -25.82 -54.71
CA ALA D 487 2.63 -24.64 -54.06
C ALA D 487 2.06 -23.35 -54.65
N ALA D 488 1.80 -23.34 -55.97
CA ALA D 488 1.21 -22.16 -56.59
C ALA D 488 -0.26 -22.00 -56.26
N GLU D 489 -0.96 -23.10 -56.00
CA GLU D 489 -2.37 -23.01 -55.64
C GLU D 489 -2.56 -22.68 -54.16
N SER D 490 -1.64 -23.11 -53.30
CA SER D 490 -1.79 -22.85 -51.87
C SER D 490 -1.38 -21.45 -51.49
N THR D 491 -0.46 -20.83 -52.23
CA THR D 491 0.00 -19.48 -51.93
C THR D 491 -1.02 -18.41 -52.29
N GLU D 492 -2.04 -18.74 -53.06
CA GLU D 492 -3.07 -17.79 -53.46
C GLU D 492 -4.30 -17.83 -52.58
N MET D 493 -4.46 -18.87 -51.75
CA MET D 493 -5.61 -18.97 -50.86
C MET D 493 -5.42 -18.20 -49.56
N LEU D 494 -4.29 -17.54 -49.37
CA LEU D 494 -4.01 -16.77 -48.17
C LEU D 494 -3.88 -15.27 -48.43
N LEU D 495 -3.30 -14.89 -49.57
CA LEU D 495 -3.15 -13.47 -49.88
C LEU D 495 -4.47 -12.83 -50.31
N ARG D 496 -5.44 -13.63 -50.76
CA ARG D 496 -6.74 -13.13 -51.19
C ARG D 496 -7.76 -13.12 -50.05
N ILE D 497 -7.31 -13.11 -48.81
CA ILE D 497 -8.21 -13.10 -47.65
C ILE D 497 -8.36 -11.69 -47.08
N ASP D 498 -7.24 -11.00 -46.89
CA ASP D 498 -7.23 -9.64 -46.36
C ASP D 498 -7.90 -9.56 -45.00
N ASP D 499 -9.23 -9.41 -44.99
CA ASP D 499 -10.00 -9.34 -43.75
C ASP D 499 -10.59 -10.69 -43.40
N VAL D 500 -11.04 -10.81 -42.15
CA VAL D 500 -11.64 -12.04 -41.65
C VAL D 500 -12.73 -11.67 -40.65
N ILE D 501 -13.91 -12.28 -40.82
CA ILE D 501 -15.04 -12.02 -39.93
C ILE D 501 -15.45 -13.31 -39.24
N ALA D 502 -16.53 -13.26 -38.47
CA ALA D 502 -17.03 -14.43 -37.76
C ALA D 502 -18.55 -14.36 -37.71
N ALA D 503 -19.16 -15.51 -37.43
CA ALA D 503 -20.61 -15.62 -37.35
C ALA D 503 -20.98 -16.73 -36.39
N GLU D 504 -22.25 -16.76 -36.00
CA GLU D 504 -22.78 -17.76 -35.08
C GLU D 504 -23.68 -18.78 -35.77
N LYS D 505 -23.79 -18.71 -37.09
CA LYS D 505 -24.63 -19.63 -37.85
C LYS D 505 -23.79 -20.78 -38.40
N LEU D 506 -24.32 -21.99 -38.29
CA LEU D 506 -23.62 -23.17 -38.77
C LEU D 506 -23.57 -23.17 -40.30
N ARG D 507 -22.38 -23.39 -40.86
CA ARG D 507 -22.17 -23.41 -42.30
C ARG D 507 -22.65 -22.13 -42.97
N MET E 1 -28.24 14.63 -26.36
CA MET E 1 -29.08 13.47 -26.61
C MET E 1 -29.39 13.32 -28.09
N GLY E 2 -29.67 14.44 -28.76
CA GLY E 2 -29.97 14.40 -30.17
C GLY E 2 -28.75 14.14 -31.03
N ARG E 3 -27.57 14.56 -30.58
CA ARG E 3 -26.33 14.36 -31.31
C ARG E 3 -25.48 13.22 -30.76
N ASP E 4 -25.87 12.64 -29.63
CA ASP E 4 -25.10 11.53 -29.06
C ASP E 4 -25.53 10.19 -29.65
N ALA E 5 -26.84 9.93 -29.67
CA ALA E 5 -27.37 8.70 -30.22
C ALA E 5 -27.41 8.67 -31.74
N GLN E 6 -27.19 9.81 -32.39
CA GLN E 6 -27.19 9.89 -33.85
C GLN E 6 -25.86 9.49 -34.48
N ARG E 7 -24.74 9.91 -33.89
CA ARG E 7 -23.44 9.55 -34.44
C ARG E 7 -23.13 8.07 -34.22
N MET E 8 -23.61 7.49 -33.11
CA MET E 8 -23.35 6.08 -32.86
C MET E 8 -24.05 5.20 -33.89
N ASN E 9 -25.26 5.57 -34.29
CA ASN E 9 -25.98 4.79 -35.30
C ASN E 9 -25.28 4.84 -36.65
N ILE E 10 -24.61 5.95 -36.97
CA ILE E 10 -23.87 6.05 -38.22
C ILE E 10 -22.56 5.29 -38.14
N LEU E 11 -21.89 5.35 -36.98
CA LEU E 11 -20.64 4.62 -36.81
C LEU E 11 -20.85 3.11 -36.81
N ALA E 12 -22.00 2.65 -36.29
CA ALA E 12 -22.29 1.22 -36.31
C ALA E 12 -22.62 0.74 -37.72
N GLY E 13 -23.14 1.63 -38.57
CA GLY E 13 -23.44 1.24 -39.93
C GLY E 13 -22.27 1.33 -40.87
N ARG E 14 -21.36 2.29 -40.62
CA ARG E 14 -20.17 2.41 -41.46
C ARG E 14 -19.22 1.24 -41.33
N ILE E 15 -19.27 0.52 -40.20
CA ILE E 15 -18.40 -0.64 -40.03
C ILE E 15 -18.89 -1.80 -40.90
N ILE E 16 -20.20 -2.06 -40.89
CA ILE E 16 -20.74 -3.14 -41.71
C ILE E 16 -20.89 -2.74 -43.17
N ALA E 17 -20.86 -1.45 -43.48
CA ALA E 17 -20.98 -1.01 -44.87
C ALA E 17 -19.66 -1.15 -45.62
N GLU E 18 -18.53 -0.93 -44.95
CA GLU E 18 -17.22 -1.03 -45.57
C GLU E 18 -16.66 -2.45 -45.54
N THR E 19 -17.43 -3.42 -45.05
CA THR E 19 -16.94 -4.80 -45.01
C THR E 19 -16.94 -5.44 -46.39
N VAL E 20 -17.98 -5.20 -47.18
CA VAL E 20 -18.09 -5.77 -48.52
C VAL E 20 -17.55 -4.78 -49.54
N ARG E 21 -16.72 -3.84 -49.08
CA ARG E 21 -16.15 -2.86 -50.00
C ARG E 21 -15.12 -3.49 -50.93
N SER E 22 -14.29 -4.38 -50.40
CA SER E 22 -13.27 -5.03 -51.22
C SER E 22 -13.86 -6.11 -52.13
N THR E 23 -15.02 -6.66 -51.79
CA THR E 23 -15.66 -7.70 -52.60
C THR E 23 -16.64 -7.09 -53.59
N LEU E 24 -16.15 -6.21 -54.47
CA LEU E 24 -16.98 -5.57 -55.47
C LEU E 24 -16.41 -5.70 -56.88
N GLY E 25 -15.11 -5.54 -57.05
CA GLY E 25 -14.49 -5.66 -58.35
C GLY E 25 -14.39 -7.10 -58.82
N PRO E 26 -14.05 -7.30 -60.09
CA PRO E 26 -13.94 -8.68 -60.60
C PRO E 26 -12.73 -9.41 -60.06
N LYS E 27 -11.64 -8.69 -59.74
CA LYS E 27 -10.44 -9.33 -59.22
C LYS E 27 -10.17 -8.89 -57.78
N GLY E 28 -11.18 -9.03 -56.91
CA GLY E 28 -11.02 -8.64 -55.53
C GLY E 28 -10.74 -9.82 -54.61
N MET E 29 -10.33 -9.49 -53.39
CA MET E 29 -10.02 -10.50 -52.40
C MET E 29 -11.30 -11.13 -51.85
N ASP E 30 -11.16 -12.35 -51.34
CA ASP E 30 -12.28 -13.09 -50.79
C ASP E 30 -12.38 -12.84 -49.27
N LYS E 31 -13.33 -13.52 -48.64
CA LYS E 31 -13.56 -13.39 -47.21
C LYS E 31 -13.58 -14.77 -46.56
N MET E 32 -12.81 -14.92 -45.50
CA MET E 32 -12.73 -16.17 -44.75
C MET E 32 -13.63 -16.08 -43.54
N LEU E 33 -14.62 -16.97 -43.46
CA LEU E 33 -15.60 -16.97 -42.38
C LEU E 33 -15.41 -18.23 -41.54
N VAL E 34 -15.25 -18.05 -40.23
CA VAL E 34 -15.09 -19.15 -39.30
C VAL E 34 -16.30 -19.19 -38.37
N ASP E 35 -16.51 -20.35 -37.77
CA ASP E 35 -17.62 -20.57 -36.84
C ASP E 35 -17.07 -21.08 -35.51
N ASP E 36 -17.99 -21.31 -34.57
CA ASP E 36 -17.59 -21.79 -33.25
C ASP E 36 -17.19 -23.25 -33.29
N LEU E 37 -17.84 -24.07 -34.13
CA LEU E 37 -17.47 -25.47 -34.23
C LEU E 37 -16.17 -25.66 -34.99
N GLY E 38 -15.86 -24.76 -35.91
CA GLY E 38 -14.62 -24.87 -36.67
C GLY E 38 -14.86 -25.04 -38.16
N ASP E 39 -15.84 -24.34 -38.70
CA ASP E 39 -16.18 -24.41 -40.12
C ASP E 39 -15.58 -23.19 -40.82
N VAL E 40 -14.49 -23.41 -41.54
CA VAL E 40 -13.80 -22.35 -42.28
C VAL E 40 -14.28 -22.38 -43.72
N VAL E 41 -14.97 -21.33 -44.15
CA VAL E 41 -15.48 -21.23 -45.50
C VAL E 41 -14.93 -19.97 -46.15
N VAL E 42 -14.96 -19.96 -47.49
CA VAL E 42 -14.48 -18.84 -48.29
C VAL E 42 -15.64 -18.32 -49.12
N THR E 43 -15.88 -17.01 -49.04
CA THR E 43 -16.97 -16.37 -49.78
C THR E 43 -16.42 -15.18 -50.55
N ASN E 44 -16.68 -15.16 -51.86
CA ASN E 44 -16.22 -14.09 -52.72
C ASN E 44 -17.28 -13.02 -52.95
N ASP E 45 -18.56 -13.38 -52.93
CA ASP E 45 -19.64 -12.43 -53.17
C ASP E 45 -19.92 -11.65 -51.88
N GLY E 46 -20.97 -10.84 -51.91
CA GLY E 46 -21.34 -10.04 -50.75
C GLY E 46 -22.71 -10.38 -50.19
N VAL E 47 -23.44 -11.24 -50.91
CA VAL E 47 -24.77 -11.63 -50.44
C VAL E 47 -24.66 -12.55 -49.22
N THR E 48 -23.75 -13.51 -49.27
CA THR E 48 -23.57 -14.42 -48.14
C THR E 48 -22.93 -13.70 -46.95
N ILE E 49 -22.14 -12.65 -47.20
CA ILE E 49 -21.51 -11.92 -46.11
C ILE E 49 -22.55 -11.23 -45.25
N LEU E 50 -23.59 -10.68 -45.87
CA LEU E 50 -24.62 -9.98 -45.10
C LEU E 50 -25.45 -10.95 -44.26
N ARG E 51 -25.58 -12.20 -44.69
CA ARG E 51 -26.36 -13.17 -43.92
C ARG E 51 -25.59 -13.64 -42.69
N GLU E 52 -24.45 -14.29 -42.89
CA GLU E 52 -23.61 -14.77 -41.79
C GLU E 52 -22.79 -13.60 -41.27
N MET E 53 -23.42 -12.80 -40.41
CA MET E 53 -22.77 -11.64 -39.82
C MET E 53 -23.42 -11.36 -38.47
N SER E 54 -22.60 -10.95 -37.50
CA SER E 54 -23.09 -10.64 -36.16
C SER E 54 -24.05 -9.46 -36.19
N VAL E 55 -25.35 -9.73 -36.06
CA VAL E 55 -26.37 -8.69 -36.11
C VAL E 55 -26.78 -8.32 -34.68
N GLU E 56 -25.81 -8.30 -33.77
CA GLU E 56 -26.10 -7.97 -32.38
C GLU E 56 -26.48 -6.51 -32.20
N HIS E 57 -26.08 -5.64 -33.12
CA HIS E 57 -26.43 -4.22 -32.99
C HIS E 57 -27.67 -3.90 -33.80
N PRO E 58 -28.58 -3.07 -33.26
CA PRO E 58 -29.81 -2.75 -34.00
C PRO E 58 -29.56 -2.03 -35.31
N ALA E 59 -28.48 -1.25 -35.41
CA ALA E 59 -28.21 -0.53 -36.65
C ALA E 59 -27.77 -1.46 -37.76
N ALA E 60 -27.11 -2.56 -37.42
CA ALA E 60 -26.63 -3.54 -38.41
C ALA E 60 -27.66 -4.63 -38.67
N LYS E 61 -28.90 -4.26 -38.97
CA LYS E 61 -29.95 -5.24 -39.22
C LYS E 61 -30.92 -4.73 -40.27
N MET E 62 -31.30 -3.45 -40.18
CA MET E 62 -32.24 -2.88 -41.14
C MET E 62 -31.65 -2.82 -42.54
N LEU E 63 -30.37 -2.47 -42.65
CA LEU E 63 -29.72 -2.45 -43.96
C LEU E 63 -29.68 -3.84 -44.58
N ILE E 64 -29.38 -4.86 -43.77
CA ILE E 64 -29.35 -6.22 -44.28
C ILE E 64 -30.74 -6.67 -44.69
N GLU E 65 -31.76 -6.30 -43.91
CA GLU E 65 -33.13 -6.67 -44.26
C GLU E 65 -33.57 -6.01 -45.56
N VAL E 66 -33.15 -4.76 -45.77
CA VAL E 66 -33.49 -4.07 -47.02
C VAL E 66 -32.75 -4.70 -48.20
N ALA E 67 -31.47 -5.05 -47.99
CA ALA E 67 -30.70 -5.66 -49.07
C ALA E 67 -31.22 -7.04 -49.44
N LYS E 68 -31.74 -7.78 -48.47
CA LYS E 68 -32.29 -9.10 -48.77
C LYS E 68 -33.56 -9.01 -49.61
N THR E 69 -34.34 -7.94 -49.44
CA THR E 69 -35.54 -7.78 -50.25
C THR E 69 -35.19 -7.38 -51.68
N GLN E 70 -34.05 -6.71 -51.89
CA GLN E 70 -33.64 -6.32 -53.23
C GLN E 70 -32.88 -7.43 -53.94
N GLU E 71 -32.19 -8.28 -53.18
CA GLU E 71 -31.44 -9.38 -53.80
C GLU E 71 -32.36 -10.41 -54.44
N LYS E 72 -33.57 -10.56 -53.90
CA LYS E 72 -34.54 -11.51 -54.44
C LYS E 72 -35.22 -11.01 -55.72
N GLU E 73 -34.86 -9.83 -56.21
CA GLU E 73 -35.45 -9.27 -57.42
C GLU E 73 -34.70 -9.72 -58.67
N VAL E 74 -33.47 -9.27 -58.85
CA VAL E 74 -32.67 -9.63 -60.01
C VAL E 74 -31.40 -10.34 -59.56
N GLY E 75 -30.97 -10.06 -58.34
CA GLY E 75 -29.78 -10.68 -57.80
C GLY E 75 -28.50 -10.29 -58.51
N ASP E 76 -28.17 -8.99 -58.45
CA ASP E 76 -26.96 -8.49 -59.10
C ASP E 76 -26.49 -7.20 -58.44
N GLY E 77 -27.44 -6.34 -58.08
CA GLY E 77 -27.10 -5.07 -57.46
C GLY E 77 -27.30 -5.06 -55.96
N THR E 78 -26.58 -5.95 -55.26
CA THR E 78 -26.68 -6.06 -53.80
C THR E 78 -25.50 -5.42 -53.09
N THR E 79 -24.27 -5.78 -53.46
CA THR E 79 -23.10 -5.22 -52.81
C THR E 79 -22.91 -3.75 -53.17
N THR E 80 -23.12 -3.41 -54.45
CA THR E 80 -22.96 -2.01 -54.88
C THR E 80 -23.97 -1.10 -54.19
N ALA E 81 -25.18 -1.61 -53.91
CA ALA E 81 -26.16 -0.80 -53.19
C ALA E 81 -25.69 -0.50 -51.77
N VAL E 82 -25.12 -1.49 -51.09
CA VAL E 82 -24.60 -1.27 -49.74
C VAL E 82 -23.42 -0.31 -49.78
N VAL E 83 -22.58 -0.41 -50.81
CA VAL E 83 -21.43 0.50 -50.93
C VAL E 83 -21.92 1.93 -51.12
N VAL E 84 -22.92 2.12 -51.99
CA VAL E 84 -23.45 3.46 -52.24
C VAL E 84 -24.11 4.00 -50.97
N ALA E 85 -24.83 3.15 -50.23
CA ALA E 85 -25.45 3.59 -49.00
C ALA E 85 -24.41 4.01 -47.96
N GLY E 86 -23.34 3.23 -47.83
CA GLY E 86 -22.28 3.60 -46.90
C GLY E 86 -21.58 4.88 -47.30
N GLU E 87 -21.37 5.08 -48.61
CA GLU E 87 -20.76 6.31 -49.07
C GLU E 87 -21.66 7.51 -48.80
N LEU E 88 -22.97 7.35 -49.00
CA LEU E 88 -23.91 8.43 -48.71
C LEU E 88 -23.92 8.75 -47.22
N LEU E 89 -23.89 7.72 -46.37
CA LEU E 89 -23.85 7.96 -44.93
C LEU E 89 -22.56 8.66 -44.51
N ARG E 90 -21.43 8.24 -45.06
CA ARG E 90 -20.16 8.89 -44.72
C ARG E 90 -20.11 10.33 -45.22
N LYS E 91 -20.74 10.61 -46.37
CA LYS E 91 -20.76 11.98 -46.87
C LYS E 91 -21.71 12.87 -46.06
N ALA E 92 -22.83 12.30 -45.61
CA ALA E 92 -23.79 13.06 -44.83
C ALA E 92 -23.34 13.25 -43.38
N GLU E 93 -22.45 12.38 -42.87
CA GLU E 93 -21.96 12.54 -41.51
C GLU E 93 -21.14 13.82 -41.37
N GLU E 94 -20.36 14.16 -42.40
CA GLU E 94 -19.55 15.38 -42.34
C GLU E 94 -20.40 16.62 -42.46
N LEU E 95 -21.53 16.55 -43.18
CA LEU E 95 -22.40 17.70 -43.35
C LEU E 95 -23.16 18.08 -42.08
N LEU E 96 -23.16 17.22 -41.07
CA LEU E 96 -23.84 17.50 -39.81
C LEU E 96 -23.04 18.41 -38.90
N ASP E 97 -21.82 18.77 -39.26
CA ASP E 97 -20.98 19.63 -38.43
C ASP E 97 -21.37 21.10 -38.53
N GLN E 98 -22.08 21.51 -39.59
CA GLN E 98 -22.50 22.88 -39.78
C GLN E 98 -23.77 23.22 -39.01
N ASN E 99 -24.32 22.26 -38.26
CA ASN E 99 -25.53 22.44 -37.46
C ASN E 99 -26.70 22.89 -38.33
N VAL E 100 -27.16 21.94 -39.14
CA VAL E 100 -28.30 22.17 -40.03
C VAL E 100 -29.40 21.18 -39.71
N HIS E 101 -29.03 20.07 -39.06
CA HIS E 101 -29.89 18.98 -38.62
C HIS E 101 -30.49 18.24 -39.81
N PRO E 102 -30.65 16.91 -39.71
CA PRO E 102 -31.10 16.13 -40.87
C PRO E 102 -32.55 16.37 -41.25
N THR E 103 -32.77 17.08 -42.35
CA THR E 103 -34.11 17.32 -42.88
C THR E 103 -34.03 17.73 -44.35
N ILE E 104 -33.24 18.75 -44.65
CA ILE E 104 -33.09 19.21 -46.02
C ILE E 104 -32.30 18.21 -46.85
N VAL E 105 -31.45 17.42 -46.20
CA VAL E 105 -30.66 16.42 -46.92
C VAL E 105 -31.57 15.33 -47.49
N VAL E 106 -32.60 14.95 -46.74
CA VAL E 106 -33.53 13.94 -47.23
C VAL E 106 -34.30 14.46 -48.44
N LYS E 107 -34.75 15.72 -48.38
CA LYS E 107 -35.45 16.31 -49.51
C LYS E 107 -34.53 16.42 -50.72
N GLY E 108 -33.26 16.78 -50.50
CA GLY E 108 -32.33 16.84 -51.61
C GLY E 108 -32.08 15.49 -52.25
N TYR E 109 -31.95 14.45 -51.42
CA TYR E 109 -31.78 13.10 -51.95
C TYR E 109 -33.02 12.64 -52.72
N GLN E 110 -34.21 12.95 -52.21
CA GLN E 110 -35.44 12.58 -52.92
C GLN E 110 -35.57 13.33 -54.23
N ALA E 111 -35.12 14.58 -54.28
CA ALA E 111 -35.18 15.34 -55.53
C ALA E 111 -34.13 14.87 -56.52
N ALA E 112 -32.97 14.42 -56.03
CA ALA E 112 -31.92 13.95 -56.93
C ALA E 112 -32.19 12.55 -57.44
N ALA E 113 -32.90 11.72 -56.67
CA ALA E 113 -33.18 10.36 -57.12
C ALA E 113 -34.09 10.36 -58.35
N GLN E 114 -35.10 11.22 -58.36
CA GLN E 114 -35.99 11.30 -59.51
C GLN E 114 -35.24 11.80 -60.75
N LYS E 115 -34.36 12.79 -60.57
CA LYS E 115 -33.57 13.28 -61.70
C LYS E 115 -32.64 12.19 -62.23
N ALA E 116 -32.03 11.42 -61.33
CA ALA E 116 -31.16 10.33 -61.76
C ALA E 116 -31.94 9.26 -62.51
N GLN E 117 -33.13 8.92 -62.02
CA GLN E 117 -33.95 7.93 -62.70
C GLN E 117 -34.41 8.42 -64.06
N GLU E 118 -34.69 9.72 -64.18
CA GLU E 118 -35.08 10.26 -65.49
C GLU E 118 -33.90 10.33 -66.45
N LEU E 119 -32.69 10.60 -65.95
CA LEU E 119 -31.52 10.65 -66.81
C LEU E 119 -31.05 9.27 -67.23
N LEU E 120 -31.25 8.25 -66.39
CA LEU E 120 -30.84 6.89 -66.75
C LEU E 120 -31.68 6.35 -67.90
N LYS E 121 -32.94 6.76 -68.01
CA LYS E 121 -33.82 6.29 -69.07
C LYS E 121 -33.56 6.97 -70.40
N THR E 122 -32.64 7.95 -70.45
CA THR E 122 -32.32 8.65 -71.68
C THR E 122 -30.92 8.37 -72.20
N ILE E 123 -30.14 7.53 -71.52
CA ILE E 123 -28.78 7.22 -71.95
C ILE E 123 -28.67 5.76 -72.42
N ALA E 124 -29.80 5.11 -72.68
CA ALA E 124 -29.82 3.73 -73.14
C ALA E 124 -30.21 3.68 -74.61
N CYS E 125 -30.28 2.46 -75.14
CA CYS E 125 -30.64 2.21 -76.53
C CYS E 125 -31.82 1.24 -76.59
N GLU E 126 -32.15 0.81 -77.80
CA GLU E 126 -33.24 -0.12 -78.05
C GLU E 126 -32.67 -1.44 -78.55
N VAL E 127 -32.92 -2.51 -77.82
CA VAL E 127 -32.45 -3.85 -78.16
C VAL E 127 -33.67 -4.72 -78.43
N GLY E 128 -33.83 -5.14 -79.68
CA GLY E 128 -34.96 -5.96 -80.06
C GLY E 128 -34.73 -7.43 -79.75
N ALA E 129 -35.72 -8.25 -80.13
CA ALA E 129 -35.66 -9.68 -79.91
C ALA E 129 -35.02 -10.44 -81.06
N GLN E 130 -34.68 -9.74 -82.17
CA GLN E 130 -34.06 -10.41 -83.31
C GLN E 130 -32.54 -10.46 -83.22
N ASP E 131 -31.96 -9.95 -82.14
CA ASP E 131 -30.51 -9.97 -81.98
C ASP E 131 -30.04 -11.30 -81.43
N LYS E 132 -28.72 -11.52 -81.49
CA LYS E 132 -28.12 -12.74 -81.00
C LYS E 132 -26.71 -12.49 -80.51
N GLU E 133 -25.95 -11.69 -81.27
CA GLU E 133 -24.58 -11.37 -80.88
C GLU E 133 -24.53 -10.43 -79.69
N ILE E 134 -25.62 -9.72 -79.40
CA ILE E 134 -25.63 -8.82 -78.25
C ILE E 134 -25.99 -9.57 -76.97
N LEU E 135 -26.77 -10.65 -77.07
CA LEU E 135 -27.24 -11.36 -75.89
C LEU E 135 -26.17 -12.25 -75.25
N THR E 136 -25.00 -12.39 -75.88
CA THR E 136 -23.95 -13.23 -75.33
C THR E 136 -22.92 -12.45 -74.51
N LYS E 137 -22.75 -11.15 -74.79
CA LYS E 137 -21.80 -10.36 -74.01
C LYS E 137 -22.26 -10.19 -72.57
N ILE E 138 -23.57 -10.05 -72.35
CA ILE E 138 -24.08 -9.90 -70.99
C ILE E 138 -23.86 -11.19 -70.20
N ALA E 139 -23.99 -12.34 -70.86
CA ALA E 139 -23.73 -13.61 -70.19
C ALA E 139 -22.24 -13.84 -69.97
N MET E 140 -21.40 -13.32 -70.87
CA MET E 140 -19.95 -13.47 -70.70
C MET E 140 -19.44 -12.59 -69.57
N THR E 141 -19.94 -11.36 -69.45
CA THR E 141 -19.51 -10.46 -68.40
C THR E 141 -20.18 -10.75 -67.07
N SER E 142 -21.16 -11.65 -67.02
CA SER E 142 -21.83 -11.97 -65.77
C SER E 142 -20.97 -12.86 -64.87
N ILE E 143 -19.99 -13.56 -65.43
CA ILE E 143 -19.12 -14.42 -64.64
C ILE E 143 -17.71 -13.85 -64.66
N THR E 144 -17.40 -13.01 -63.68
CA THR E 144 -16.09 -12.40 -63.55
C THR E 144 -15.43 -12.70 -62.21
N GLY E 145 -16.07 -12.30 -61.11
CA GLY E 145 -15.53 -12.58 -59.79
C GLY E 145 -15.68 -14.03 -59.35
N LYS E 146 -16.47 -14.81 -60.07
CA LYS E 146 -16.66 -16.22 -59.71
C LYS E 146 -15.43 -17.03 -60.10
N GLY E 147 -15.05 -17.01 -61.38
CA GLY E 147 -13.91 -17.74 -61.85
C GLY E 147 -13.69 -17.60 -63.35
N ALA E 148 -12.99 -16.53 -63.75
CA ALA E 148 -12.73 -16.27 -65.15
C ALA E 148 -11.58 -17.10 -65.72
N GLU E 149 -10.95 -17.95 -64.90
CA GLU E 149 -9.86 -18.80 -65.37
C GLU E 149 -10.35 -20.05 -66.07
N LYS E 150 -11.67 -20.24 -66.19
CA LYS E 150 -12.21 -21.42 -66.85
C LYS E 150 -13.60 -21.13 -67.40
N ALA E 151 -14.20 -20.01 -67.00
CA ALA E 151 -15.53 -19.61 -67.44
C ALA E 151 -15.43 -18.23 -68.06
N LYS E 152 -15.25 -18.20 -69.38
CA LYS E 152 -15.14 -16.95 -70.13
C LYS E 152 -15.48 -17.15 -71.59
N GLU E 153 -15.57 -18.40 -72.03
CA GLU E 153 -15.88 -18.71 -73.42
C GLU E 153 -16.80 -19.92 -73.51
N LYS E 154 -16.52 -20.96 -72.73
CA LYS E 154 -17.34 -22.16 -72.75
C LYS E 154 -18.69 -21.93 -72.08
N LEU E 155 -18.69 -21.16 -70.99
CA LEU E 155 -19.92 -20.87 -70.27
C LEU E 155 -20.69 -19.69 -70.85
N ALA E 156 -20.23 -19.12 -71.97
CA ALA E 156 -20.89 -17.99 -72.59
C ALA E 156 -21.64 -18.37 -73.86
N GLU E 157 -21.57 -19.62 -74.30
CA GLU E 157 -22.24 -20.07 -75.51
C GLU E 157 -23.32 -21.11 -75.25
N ILE E 158 -23.47 -21.58 -74.01
CA ILE E 158 -24.49 -22.56 -73.68
C ILE E 158 -25.64 -21.97 -72.87
N ILE E 159 -25.48 -20.76 -72.31
CA ILE E 159 -26.57 -20.14 -71.57
C ILE E 159 -27.53 -19.45 -72.51
N VAL E 160 -27.01 -18.77 -73.54
CA VAL E 160 -27.89 -18.07 -74.48
C VAL E 160 -28.68 -19.07 -75.31
N GLU E 161 -28.06 -20.19 -75.69
CA GLU E 161 -28.76 -21.21 -76.46
C GLU E 161 -29.78 -21.95 -75.63
N ALA E 162 -29.67 -21.92 -74.29
CA ALA E 162 -30.62 -22.60 -73.43
C ALA E 162 -31.77 -21.69 -73.00
N VAL E 163 -31.50 -20.40 -72.76
CA VAL E 163 -32.56 -19.49 -72.35
C VAL E 163 -33.44 -19.11 -73.54
N SER E 164 -32.83 -18.82 -74.69
CA SER E 164 -33.58 -18.44 -75.88
C SER E 164 -34.37 -19.64 -76.43
N ALA E 165 -35.51 -19.93 -75.82
CA ALA E 165 -36.36 -21.03 -76.26
C ALA E 165 -37.83 -20.64 -76.17
N VAL E 166 -38.23 -20.10 -75.02
CA VAL E 166 -39.60 -19.63 -74.80
C VAL E 166 -39.66 -18.14 -74.50
N VAL E 167 -38.52 -17.46 -74.46
CA VAL E 167 -38.51 -16.02 -74.18
C VAL E 167 -38.74 -15.21 -75.45
N ASP E 168 -38.16 -15.66 -76.57
CA ASP E 168 -38.32 -14.93 -77.82
C ASP E 168 -39.74 -15.05 -78.36
N ASP E 169 -40.43 -16.16 -78.06
CA ASP E 169 -41.81 -16.32 -78.52
C ASP E 169 -42.77 -15.49 -77.67
N GLU E 170 -42.66 -15.59 -76.36
CA GLU E 170 -43.50 -14.84 -75.42
C GLU E 170 -42.59 -13.92 -74.61
N GLY E 171 -42.59 -12.62 -74.95
CA GLY E 171 -41.77 -11.66 -74.25
C GLY E 171 -42.46 -11.00 -73.09
N LYS E 172 -42.94 -11.81 -72.15
CA LYS E 172 -43.65 -11.30 -70.98
C LYS E 172 -43.54 -12.27 -69.81
N VAL E 173 -43.99 -13.50 -70.02
CA VAL E 173 -43.96 -14.55 -69.00
C VAL E 173 -42.99 -15.63 -69.46
N ASP E 174 -41.93 -15.84 -68.68
CA ASP E 174 -40.91 -16.84 -68.99
C ASP E 174 -40.39 -17.49 -67.71
N LYS E 175 -41.29 -17.77 -66.77
CA LYS E 175 -40.91 -18.39 -65.51
C LYS E 175 -40.64 -19.86 -65.73
N ASP E 176 -39.38 -20.26 -65.65
CA ASP E 176 -38.96 -21.64 -65.83
C ASP E 176 -38.45 -22.21 -64.51
N LEU E 177 -38.07 -23.48 -64.53
CA LEU E 177 -37.56 -24.19 -63.36
C LEU E 177 -36.17 -24.73 -63.70
N ILE E 178 -35.14 -24.00 -63.30
CA ILE E 178 -33.76 -24.38 -63.55
C ILE E 178 -33.18 -24.95 -62.26
N LYS E 179 -32.66 -26.17 -62.33
CA LYS E 179 -32.09 -26.85 -61.19
C LYS E 179 -30.62 -27.16 -61.47
N ILE E 180 -29.75 -26.79 -60.52
CA ILE E 180 -28.32 -27.02 -60.64
C ILE E 180 -27.93 -28.07 -59.60
N GLU E 181 -27.32 -29.15 -60.06
CA GLU E 181 -26.90 -30.24 -59.20
C GLU E 181 -25.43 -30.07 -58.82
N LYS E 182 -25.12 -30.31 -57.54
CA LYS E 182 -23.76 -30.17 -57.03
C LYS E 182 -23.13 -31.56 -56.96
N LYS E 183 -22.38 -31.90 -58.01
CA LYS E 183 -21.68 -33.18 -58.08
C LYS E 183 -20.28 -32.97 -58.61
N SER E 184 -19.34 -33.75 -58.11
CA SER E 184 -17.95 -33.65 -58.52
C SER E 184 -17.66 -34.64 -59.66
N GLY E 185 -16.39 -34.74 -60.04
CA GLY E 185 -15.98 -35.64 -61.10
C GLY E 185 -14.49 -35.88 -61.15
N ALA E 186 -13.87 -35.62 -62.29
CA ALA E 186 -12.43 -35.82 -62.44
C ALA E 186 -11.85 -34.87 -63.48
N SER E 187 -12.71 -34.31 -64.33
CA SER E 187 -12.26 -33.39 -65.36
C SER E 187 -11.97 -32.02 -64.74
N ILE E 188 -11.42 -31.11 -65.57
CA ILE E 188 -11.09 -29.77 -65.12
C ILE E 188 -12.36 -28.96 -64.94
N ASP E 189 -13.08 -28.72 -66.04
CA ASP E 189 -14.32 -27.96 -66.00
C ASP E 189 -15.16 -28.39 -67.21
N ASP E 190 -16.19 -29.18 -66.94
CA ASP E 190 -17.09 -29.69 -67.98
C ASP E 190 -18.50 -29.19 -67.73
N THR E 191 -19.16 -28.77 -68.81
CA THR E 191 -20.53 -28.24 -68.73
C THR E 191 -21.40 -29.03 -69.70
N GLU E 192 -22.42 -29.70 -69.17
CA GLU E 192 -23.36 -30.47 -69.96
C GLU E 192 -24.73 -29.81 -69.92
N LEU E 193 -25.38 -29.73 -71.08
CA LEU E 193 -26.70 -29.12 -71.22
C LEU E 193 -27.67 -30.22 -71.66
N ILE E 194 -28.36 -30.81 -70.69
CA ILE E 194 -29.28 -31.91 -70.98
C ILE E 194 -30.59 -31.34 -71.51
N LYS E 195 -31.01 -31.81 -72.68
CA LYS E 195 -32.26 -31.37 -73.30
C LYS E 195 -33.37 -32.38 -73.03
N GLY E 196 -33.53 -32.71 -71.75
CA GLY E 196 -34.55 -33.66 -71.34
C GLY E 196 -34.75 -33.73 -69.84
N VAL E 197 -34.83 -34.94 -69.30
CA VAL E 197 -35.08 -35.18 -67.88
C VAL E 197 -33.85 -35.85 -67.28
N LEU E 198 -33.43 -35.37 -66.12
CA LEU E 198 -32.28 -35.92 -65.40
C LEU E 198 -32.75 -36.40 -64.03
N VAL E 199 -32.48 -37.67 -63.72
CA VAL E 199 -32.83 -38.27 -62.45
C VAL E 199 -31.55 -38.65 -61.72
N ASP E 200 -31.42 -38.19 -60.48
CA ASP E 200 -30.22 -38.45 -59.68
C ASP E 200 -30.54 -39.53 -58.66
N LYS E 201 -30.56 -40.78 -59.14
CA LYS E 201 -30.81 -41.93 -58.29
C LYS E 201 -30.27 -43.17 -58.97
N GLU E 202 -29.56 -43.99 -58.20
CA GLU E 202 -28.97 -45.23 -58.70
C GLU E 202 -29.90 -46.41 -58.38
N ARG E 203 -29.35 -47.62 -58.48
CA ARG E 203 -30.11 -48.82 -58.19
C ARG E 203 -29.22 -49.76 -57.37
N VAL E 204 -29.59 -51.05 -57.32
CA VAL E 204 -28.84 -52.04 -56.57
C VAL E 204 -28.84 -53.35 -57.35
N SER E 205 -29.80 -53.51 -58.25
CA SER E 205 -29.94 -54.70 -59.08
C SER E 205 -29.83 -54.29 -60.54
N ALA E 206 -28.66 -54.53 -61.14
CA ALA E 206 -28.42 -54.19 -62.53
C ALA E 206 -28.81 -55.36 -63.43
N GLN E 207 -30.11 -55.66 -63.45
CA GLN E 207 -30.68 -56.74 -64.24
C GLN E 207 -31.78 -56.26 -65.17
N MET E 208 -31.80 -54.96 -65.49
CA MET E 208 -32.83 -54.39 -66.35
C MET E 208 -32.17 -53.66 -67.52
N PRO E 209 -32.77 -53.72 -68.70
CA PRO E 209 -32.21 -53.00 -69.86
C PRO E 209 -32.27 -51.50 -69.65
N LYS E 210 -31.48 -50.78 -70.46
CA LYS E 210 -31.40 -49.33 -70.38
C LYS E 210 -31.35 -48.70 -71.76
N LYS E 211 -31.99 -49.33 -72.75
CA LYS E 211 -32.00 -48.80 -74.11
C LYS E 211 -33.29 -49.27 -74.78
N VAL E 212 -34.34 -48.44 -74.67
CA VAL E 212 -35.64 -48.71 -75.26
C VAL E 212 -35.98 -47.57 -76.20
N THR E 213 -36.38 -47.91 -77.41
CA THR E 213 -36.72 -46.90 -78.42
C THR E 213 -38.17 -46.49 -78.29
N ASP E 214 -38.42 -45.18 -78.47
CA ASP E 214 -39.75 -44.57 -78.38
C ASP E 214 -40.57 -45.12 -77.23
N ALA E 215 -39.94 -45.16 -76.05
CA ALA E 215 -40.62 -45.65 -74.85
C ALA E 215 -41.63 -44.63 -74.35
N LYS E 216 -42.58 -45.10 -73.56
CA LYS E 216 -43.61 -44.25 -72.97
C LYS E 216 -43.47 -44.24 -71.45
N ILE E 217 -43.57 -43.05 -70.87
CA ILE E 217 -43.43 -42.88 -69.43
C ILE E 217 -44.80 -42.96 -68.78
N ALA E 218 -44.92 -43.81 -67.76
CA ALA E 218 -46.17 -43.98 -67.02
C ALA E 218 -45.90 -43.66 -65.55
N LEU E 219 -46.57 -42.64 -65.04
CA LEU E 219 -46.38 -42.20 -63.65
C LEU E 219 -47.35 -42.95 -62.75
N LEU E 220 -46.81 -43.74 -61.83
CA LEU E 220 -47.59 -44.49 -60.87
C LEU E 220 -47.10 -44.18 -59.46
N ASN E 221 -48.03 -43.83 -58.56
CA ASN E 221 -47.69 -43.50 -57.19
C ASN E 221 -47.64 -44.74 -56.32
N CYS E 222 -48.26 -44.67 -55.14
CA CYS E 222 -48.26 -45.80 -54.22
C CYS E 222 -49.47 -46.69 -54.45
N ALA E 223 -49.91 -47.39 -53.39
CA ALA E 223 -51.06 -48.29 -53.46
C ALA E 223 -50.87 -49.36 -54.53
N ILE E 224 -49.66 -49.90 -54.62
CA ILE E 224 -49.32 -50.93 -55.58
C ILE E 224 -48.90 -52.23 -54.91
N GLU E 225 -48.09 -52.15 -53.85
CA GLU E 225 -47.61 -53.33 -53.16
C GLU E 225 -48.75 -53.97 -52.35
N ILE E 226 -48.44 -55.08 -51.71
CA ILE E 226 -49.44 -55.80 -50.92
C ILE E 226 -49.70 -55.08 -49.59
N LYS E 227 -48.65 -54.58 -48.95
CA LYS E 227 -48.77 -53.90 -47.67
C LYS E 227 -47.98 -52.60 -47.74
N GLU E 228 -48.67 -51.47 -47.63
CA GLU E 228 -48.03 -50.17 -47.65
C GLU E 228 -48.76 -49.19 -46.72
N THR E 229 -50.02 -49.48 -46.43
CA THR E 229 -50.81 -48.62 -45.55
C THR E 229 -51.40 -49.43 -44.40
N GLU E 230 -52.70 -49.30 -44.18
CA GLU E 230 -53.38 -50.02 -43.10
C GLU E 230 -54.79 -50.38 -43.57
N THR E 231 -55.42 -51.30 -42.84
CA THR E 231 -56.77 -51.76 -43.14
C THR E 231 -57.59 -51.77 -41.86
N ASP E 232 -58.73 -51.08 -41.88
CA ASP E 232 -59.58 -51.03 -40.70
C ASP E 232 -60.42 -52.29 -40.56
N ALA E 233 -60.99 -52.78 -41.66
CA ALA E 233 -61.83 -53.99 -41.64
C ALA E 233 -60.91 -55.20 -41.54
N GLU E 234 -60.83 -55.78 -40.35
CA GLU E 234 -59.98 -56.95 -40.14
C GLU E 234 -60.62 -58.19 -40.74
N ILE E 235 -59.78 -59.16 -41.07
CA ILE E 235 -60.21 -60.42 -41.66
C ILE E 235 -59.84 -61.56 -40.72
N ARG E 236 -60.36 -62.74 -41.03
CA ARG E 236 -60.11 -63.94 -40.26
C ARG E 236 -59.69 -65.07 -41.18
N ILE E 237 -59.26 -66.18 -40.58
CA ILE E 237 -58.81 -67.35 -41.32
C ILE E 237 -59.64 -68.55 -40.88
N THR E 238 -59.87 -69.47 -41.83
CA THR E 238 -60.65 -70.68 -41.56
C THR E 238 -59.83 -71.92 -41.88
N ASP E 239 -59.41 -72.10 -43.14
CA ASP E 239 -58.64 -73.26 -43.54
C ASP E 239 -57.21 -72.86 -43.92
N PRO E 240 -56.22 -73.69 -43.61
CA PRO E 240 -54.84 -73.36 -43.98
C PRO E 240 -54.61 -73.30 -45.49
N ALA E 241 -55.42 -74.00 -46.28
CA ALA E 241 -55.26 -74.01 -47.73
C ALA E 241 -55.85 -72.77 -48.40
N LYS E 242 -56.44 -71.86 -47.63
CA LYS E 242 -57.04 -70.63 -48.18
C LYS E 242 -56.09 -69.46 -48.17
N LEU E 243 -55.30 -69.30 -47.09
CA LEU E 243 -54.35 -68.19 -47.03
C LEU E 243 -53.27 -68.33 -48.09
N MET E 244 -52.75 -69.55 -48.27
CA MET E 244 -51.74 -69.78 -49.30
C MET E 244 -52.30 -69.53 -50.69
N GLU E 245 -53.56 -69.93 -50.93
CA GLU E 245 -54.19 -69.67 -52.22
C GLU E 245 -54.37 -68.18 -52.46
N PHE E 246 -54.76 -67.44 -51.43
CA PHE E 246 -54.92 -65.99 -51.57
C PHE E 246 -53.57 -65.32 -51.83
N ILE E 247 -52.51 -65.79 -51.16
CA ILE E 247 -51.18 -65.23 -51.39
C ILE E 247 -50.72 -65.51 -52.81
N GLU E 248 -50.95 -66.73 -53.29
CA GLU E 248 -50.57 -67.07 -54.66
C GLU E 248 -51.36 -66.24 -55.68
N GLN E 249 -52.64 -66.01 -55.41
CA GLN E 249 -53.45 -65.19 -56.31
C GLN E 249 -52.96 -63.75 -56.33
N GLU E 250 -52.65 -63.19 -55.15
CA GLU E 250 -52.15 -61.82 -55.10
C GLU E 250 -50.77 -61.71 -55.74
N GLU E 251 -49.97 -62.78 -55.71
CA GLU E 251 -48.68 -62.76 -56.36
C GLU E 251 -48.82 -62.84 -57.88
N LYS E 252 -49.73 -63.69 -58.36
CA LYS E 252 -49.95 -63.82 -59.80
C LYS E 252 -50.72 -62.64 -60.39
N MET E 253 -51.40 -61.86 -59.55
CA MET E 253 -52.11 -60.68 -60.06
C MET E 253 -51.16 -59.67 -60.66
N LEU E 254 -49.91 -59.63 -60.20
CA LEU E 254 -48.93 -58.69 -60.74
C LEU E 254 -48.65 -58.96 -62.21
N LYS E 255 -48.72 -60.23 -62.63
CA LYS E 255 -48.50 -60.56 -64.03
C LYS E 255 -49.51 -59.87 -64.93
N ASP E 256 -50.81 -60.03 -64.64
CA ASP E 256 -51.82 -59.37 -65.45
C ASP E 256 -51.80 -57.86 -65.24
N MET E 257 -51.39 -57.39 -64.06
CA MET E 257 -51.29 -55.95 -63.84
C MET E 257 -50.23 -55.33 -64.76
N VAL E 258 -49.09 -56.00 -64.92
CA VAL E 258 -48.06 -55.52 -65.82
C VAL E 258 -48.48 -55.71 -67.28
N ALA E 259 -49.20 -56.80 -67.57
CA ALA E 259 -49.66 -57.03 -68.94
C ALA E 259 -50.64 -55.95 -69.38
N GLU E 260 -51.49 -55.49 -68.46
CA GLU E 260 -52.43 -54.41 -68.80
C GLU E 260 -51.69 -53.12 -69.13
N ILE E 261 -50.65 -52.80 -68.35
CA ILE E 261 -49.87 -51.60 -68.63
C ILE E 261 -49.12 -51.74 -69.95
N LYS E 262 -48.63 -52.94 -70.26
CA LYS E 262 -47.95 -53.16 -71.52
C LYS E 262 -48.90 -53.01 -72.70
N ALA E 263 -50.12 -53.54 -72.57
CA ALA E 263 -51.09 -53.42 -73.65
C ALA E 263 -51.62 -52.00 -73.79
N SER E 264 -51.61 -51.22 -72.70
CA SER E 264 -52.07 -49.85 -72.77
C SER E 264 -51.10 -48.96 -73.54
N GLY E 265 -49.81 -49.29 -73.52
CA GLY E 265 -48.81 -48.53 -74.23
C GLY E 265 -47.87 -47.77 -73.32
N ALA E 266 -47.07 -48.50 -72.55
CA ALA E 266 -46.11 -47.90 -71.64
C ALA E 266 -44.92 -48.81 -71.46
N ASN E 267 -43.72 -48.23 -71.39
CA ASN E 267 -42.50 -48.99 -71.23
C ASN E 267 -41.59 -48.45 -70.13
N VAL E 268 -41.96 -47.35 -69.48
CA VAL E 268 -41.18 -46.76 -68.40
C VAL E 268 -42.02 -46.72 -67.14
N LEU E 269 -41.47 -47.22 -66.04
CA LEU E 269 -42.17 -47.29 -64.76
C LEU E 269 -41.44 -46.40 -63.76
N PHE E 270 -42.11 -45.36 -63.27
CA PHE E 270 -41.57 -44.44 -62.29
C PHE E 270 -42.43 -44.54 -61.03
N CYS E 271 -41.89 -45.15 -59.98
CA CYS E 271 -42.58 -45.31 -58.71
C CYS E 271 -41.98 -44.39 -57.66
N GLN E 272 -42.81 -43.97 -56.71
CA GLN E 272 -42.34 -43.08 -55.66
C GLN E 272 -41.45 -43.82 -54.66
N LYS E 273 -41.86 -45.02 -54.25
CA LYS E 273 -41.09 -45.81 -53.30
C LYS E 273 -40.10 -46.72 -54.03
N GLY E 274 -39.78 -47.86 -53.44
CA GLY E 274 -38.85 -48.80 -54.02
C GLY E 274 -39.55 -50.00 -54.64
N ILE E 275 -38.90 -50.60 -55.63
CA ILE E 275 -39.42 -51.75 -56.33
C ILE E 275 -38.72 -53.00 -55.80
N ASP E 276 -39.51 -54.02 -55.44
CA ASP E 276 -38.95 -55.24 -54.91
C ASP E 276 -38.20 -56.01 -56.00
N ASP E 277 -37.26 -56.84 -55.57
CA ASP E 277 -36.45 -57.61 -56.53
C ASP E 277 -37.28 -58.67 -57.23
N LEU E 278 -38.34 -59.16 -56.59
CA LEU E 278 -39.19 -60.18 -57.20
C LEU E 278 -40.04 -59.62 -58.33
N ALA E 279 -40.26 -58.31 -58.36
CA ALA E 279 -41.05 -57.66 -59.40
C ALA E 279 -40.22 -57.17 -60.57
N GLN E 280 -38.94 -57.58 -60.65
CA GLN E 280 -38.07 -57.15 -61.74
C GLN E 280 -38.14 -58.09 -62.93
N HIS E 281 -38.18 -59.41 -62.69
CA HIS E 281 -38.24 -60.37 -63.79
C HIS E 281 -39.49 -60.16 -64.64
N TYR E 282 -40.63 -59.88 -63.98
CA TYR E 282 -41.85 -59.60 -64.72
C TYR E 282 -41.74 -58.38 -65.60
N LEU E 283 -40.81 -57.46 -65.29
CA LEU E 283 -40.55 -56.30 -66.12
C LEU E 283 -39.44 -56.53 -67.13
N ALA E 284 -38.79 -57.70 -67.09
CA ALA E 284 -37.70 -58.01 -68.01
C ALA E 284 -38.14 -58.83 -69.21
N LYS E 285 -39.18 -59.65 -69.06
CA LYS E 285 -39.68 -60.47 -70.16
C LYS E 285 -40.57 -59.70 -71.13
N GLU E 286 -40.83 -58.43 -70.87
CA GLU E 286 -41.67 -57.61 -71.73
C GLU E 286 -40.99 -56.36 -72.24
N GLY E 287 -39.79 -56.02 -71.75
CA GLY E 287 -39.09 -54.84 -72.20
C GLY E 287 -39.66 -53.56 -71.61
N ILE E 288 -39.70 -53.48 -70.28
CA ILE E 288 -40.22 -52.32 -69.57
C ILE E 288 -39.11 -51.78 -68.66
N VAL E 289 -38.87 -50.47 -68.73
CA VAL E 289 -37.84 -49.86 -67.91
C VAL E 289 -38.29 -49.85 -66.46
N ALA E 290 -37.43 -50.35 -65.58
CA ALA E 290 -37.72 -50.43 -64.15
C ALA E 290 -36.93 -49.35 -63.42
N ALA E 291 -37.64 -48.56 -62.60
CA ALA E 291 -37.02 -47.51 -61.82
C ALA E 291 -37.71 -47.42 -60.46
N ARG E 292 -37.03 -46.79 -59.51
CA ARG E 292 -37.55 -46.65 -58.16
C ARG E 292 -36.97 -45.40 -57.52
N ARG E 293 -37.60 -44.97 -56.43
CA ARG E 293 -37.18 -43.80 -55.66
C ARG E 293 -37.12 -42.55 -56.54
N VAL E 294 -38.28 -41.95 -56.81
CA VAL E 294 -38.37 -40.74 -57.62
C VAL E 294 -38.71 -39.58 -56.71
N LYS E 295 -37.83 -38.58 -56.66
CA LYS E 295 -38.06 -37.41 -55.82
C LYS E 295 -39.18 -36.56 -56.39
N LYS E 296 -39.89 -35.87 -55.50
CA LYS E 296 -40.99 -35.01 -55.93
C LYS E 296 -40.48 -33.88 -56.83
N SER E 297 -39.30 -33.34 -56.53
CA SER E 297 -38.73 -32.29 -57.37
C SER E 297 -38.43 -32.79 -58.77
N ASP E 298 -38.06 -34.07 -58.91
CA ASP E 298 -37.83 -34.66 -60.21
C ASP E 298 -39.09 -35.24 -60.84
N MET E 299 -40.12 -35.48 -60.03
CA MET E 299 -41.39 -36.01 -60.55
C MET E 299 -42.31 -34.92 -61.06
N GLU E 300 -42.26 -33.72 -60.47
CA GLU E 300 -43.11 -32.62 -60.91
C GLU E 300 -42.75 -32.13 -62.30
N LYS E 301 -41.54 -32.43 -62.79
CA LYS E 301 -41.10 -32.01 -64.11
C LYS E 301 -41.52 -32.99 -65.20
N LEU E 302 -42.37 -33.96 -64.88
CA LEU E 302 -42.82 -34.95 -65.86
C LEU E 302 -44.22 -34.67 -66.39
N ALA E 303 -45.05 -33.96 -65.63
CA ALA E 303 -46.41 -33.65 -66.06
C ALA E 303 -46.48 -32.49 -67.04
N LYS E 304 -45.55 -31.53 -66.94
CA LYS E 304 -45.53 -30.38 -67.83
C LYS E 304 -44.61 -30.56 -69.02
N ALA E 305 -43.83 -31.63 -69.07
CA ALA E 305 -42.91 -31.89 -70.16
C ALA E 305 -43.39 -33.06 -71.04
N THR E 306 -43.55 -34.24 -70.45
CA THR E 306 -44.00 -35.40 -71.23
C THR E 306 -45.51 -35.37 -71.46
N GLY E 307 -46.27 -34.98 -70.44
CA GLY E 307 -47.72 -34.92 -70.56
C GLY E 307 -48.41 -36.17 -70.07
N ALA E 308 -48.50 -36.32 -68.74
CA ALA E 308 -49.15 -37.48 -68.15
C ALA E 308 -49.69 -37.09 -66.78
N ASN E 309 -50.69 -37.85 -66.32
CA ASN E 309 -51.32 -37.61 -65.04
C ASN E 309 -50.80 -38.61 -64.01
N VAL E 310 -51.32 -38.51 -62.79
CA VAL E 310 -50.93 -39.38 -61.69
C VAL E 310 -52.11 -40.26 -61.31
N ILE E 311 -51.80 -41.41 -60.71
CA ILE E 311 -52.79 -42.38 -60.28
C ILE E 311 -52.60 -42.60 -58.79
N THR E 312 -53.63 -42.30 -58.00
CA THR E 312 -53.55 -42.48 -56.55
C THR E 312 -53.70 -43.93 -56.13
N ASN E 313 -54.26 -44.79 -56.98
CA ASN E 313 -54.43 -46.19 -56.64
C ASN E 313 -53.64 -47.08 -57.60
N ILE E 314 -54.27 -48.13 -58.11
CA ILE E 314 -53.63 -49.05 -59.03
C ILE E 314 -54.62 -49.46 -60.12
N LYS E 315 -55.91 -49.46 -59.78
CA LYS E 315 -56.96 -49.81 -60.72
C LYS E 315 -57.53 -48.61 -61.46
N ASP E 316 -56.97 -47.41 -61.25
CA ASP E 316 -57.44 -46.21 -61.91
C ASP E 316 -56.61 -45.85 -63.14
N LEU E 317 -55.85 -46.80 -63.66
CA LEU E 317 -55.01 -46.58 -64.84
C LEU E 317 -55.71 -47.13 -66.07
N SER E 318 -55.83 -46.30 -67.10
CA SER E 318 -56.48 -46.70 -68.34
C SER E 318 -55.56 -46.49 -69.54
N ALA E 319 -55.87 -45.49 -70.36
CA ALA E 319 -55.07 -45.18 -71.54
C ALA E 319 -54.74 -43.71 -71.70
N GLN E 320 -55.53 -42.80 -71.11
CA GLN E 320 -55.27 -41.38 -71.23
C GLN E 320 -54.26 -40.87 -70.21
N ASP E 321 -53.90 -41.68 -69.21
CA ASP E 321 -52.94 -41.29 -68.19
C ASP E 321 -51.53 -41.73 -68.53
N LEU E 322 -51.16 -41.70 -69.81
CA LEU E 322 -49.84 -42.11 -70.26
C LEU E 322 -49.15 -40.95 -70.97
N GLY E 323 -47.82 -41.01 -71.01
CA GLY E 323 -47.04 -39.97 -71.66
C GLY E 323 -46.26 -40.48 -72.87
N ASP E 324 -45.19 -39.77 -73.21
CA ASP E 324 -44.37 -40.16 -74.36
C ASP E 324 -42.95 -39.67 -74.11
N ALA E 325 -41.97 -40.51 -74.46
CA ALA E 325 -40.58 -40.18 -74.28
C ALA E 325 -39.76 -40.49 -75.52
N GLY E 326 -38.44 -40.43 -75.42
CA GLY E 326 -37.58 -40.71 -76.56
C GLY E 326 -36.59 -41.82 -76.29
N LEU E 327 -35.63 -41.58 -75.41
CA LEU E 327 -34.61 -42.57 -75.08
C LEU E 327 -34.25 -42.44 -73.61
N VAL E 328 -34.40 -43.53 -72.87
CA VAL E 328 -34.07 -43.58 -71.45
C VAL E 328 -32.79 -44.39 -71.30
N GLU E 329 -31.78 -43.79 -70.68
CA GLU E 329 -30.49 -44.43 -70.52
C GLU E 329 -29.99 -44.20 -69.10
N GLU E 330 -29.12 -45.12 -68.64
CA GLU E 330 -28.53 -45.06 -67.30
C GLU E 330 -27.02 -45.21 -67.46
N ARG E 331 -26.32 -44.09 -67.54
CA ARG E 331 -24.87 -44.08 -67.71
C ARG E 331 -24.18 -43.71 -66.40
N LYS E 332 -22.95 -44.20 -66.24
CA LYS E 332 -22.14 -43.93 -65.06
C LYS E 332 -21.13 -42.86 -65.43
N ILE E 333 -21.49 -41.60 -65.21
CA ILE E 333 -20.65 -40.46 -65.53
C ILE E 333 -20.34 -39.70 -64.26
N SER E 334 -19.07 -39.27 -64.12
CA SER E 334 -18.60 -38.53 -62.95
C SER E 334 -18.82 -39.32 -61.66
N GLY E 335 -18.51 -40.61 -61.70
CA GLY E 335 -18.63 -41.46 -60.53
C GLY E 335 -20.02 -42.02 -60.32
N ASP E 336 -20.96 -41.15 -59.95
CA ASP E 336 -22.33 -41.59 -59.68
C ASP E 336 -23.04 -41.96 -60.98
N SER E 337 -24.18 -42.63 -60.83
CA SER E 337 -25.00 -43.06 -61.95
C SER E 337 -26.29 -42.25 -61.96
N MET E 338 -26.61 -41.70 -63.13
CA MET E 338 -27.81 -40.88 -63.30
C MET E 338 -28.62 -41.39 -64.48
N ILE E 339 -29.90 -41.07 -64.48
CA ILE E 339 -30.83 -41.49 -65.53
C ILE E 339 -31.10 -40.30 -66.44
N PHE E 340 -30.90 -40.49 -67.74
CA PHE E 340 -31.12 -39.45 -68.74
C PHE E 340 -32.27 -39.87 -69.65
N VAL E 341 -33.30 -39.03 -69.73
CA VAL E 341 -34.44 -39.25 -70.60
C VAL E 341 -34.42 -38.15 -71.65
N GLU E 342 -34.05 -38.51 -72.88
CA GLU E 342 -33.93 -37.56 -73.97
C GLU E 342 -35.15 -37.66 -74.89
N GLU E 343 -35.40 -36.56 -75.61
CA GLU E 343 -36.53 -36.43 -76.53
C GLU E 343 -37.85 -36.61 -75.81
N CYS E 344 -38.40 -35.52 -75.26
CA CYS E 344 -39.67 -35.57 -74.58
C CYS E 344 -40.81 -35.14 -75.50
N LYS E 345 -41.32 -33.93 -75.30
CA LYS E 345 -42.39 -33.42 -76.14
C LYS E 345 -42.40 -31.89 -76.13
N HIS E 346 -42.45 -31.30 -74.92
CA HIS E 346 -42.47 -29.85 -74.75
C HIS E 346 -41.21 -29.45 -73.98
N PRO E 347 -40.13 -29.09 -74.68
CA PRO E 347 -38.91 -28.67 -73.98
C PRO E 347 -39.04 -27.30 -73.33
N LYS E 348 -39.68 -27.26 -72.16
CA LYS E 348 -39.86 -25.99 -71.46
C LYS E 348 -38.59 -25.58 -70.71
N ALA E 349 -38.23 -26.35 -69.68
CA ALA E 349 -37.05 -26.08 -68.87
C ALA E 349 -35.84 -26.79 -69.47
N VAL E 350 -34.70 -26.64 -68.79
CA VAL E 350 -33.45 -27.26 -69.22
C VAL E 350 -32.62 -27.58 -67.99
N THR E 351 -31.70 -28.53 -68.12
CA THR E 351 -30.86 -28.98 -67.03
C THR E 351 -29.39 -28.72 -67.38
N MET E 352 -28.65 -28.14 -66.43
CA MET E 352 -27.24 -27.85 -66.58
C MET E 352 -26.45 -28.61 -65.53
N LEU E 353 -25.43 -29.33 -65.97
CA LEU E 353 -24.56 -30.12 -65.09
C LEU E 353 -23.14 -29.58 -65.19
N ILE E 354 -22.53 -29.35 -64.03
CA ILE E 354 -21.17 -28.84 -63.94
C ILE E 354 -20.29 -29.89 -63.27
N ARG E 355 -19.18 -30.23 -63.90
CA ARG E 355 -18.23 -31.22 -63.38
C ARG E 355 -16.88 -30.55 -63.20
N GLY E 356 -16.34 -30.63 -61.99
CA GLY E 356 -15.05 -30.03 -61.66
C GLY E 356 -14.10 -31.07 -61.10
N THR E 357 -13.21 -30.60 -60.22
CA THR E 357 -12.21 -31.46 -59.62
C THR E 357 -12.58 -31.82 -58.18
N THR E 358 -12.43 -30.87 -57.26
CA THR E 358 -12.73 -31.10 -55.85
C THR E 358 -14.21 -30.94 -55.57
N GLU E 359 -14.54 -30.29 -54.45
CA GLU E 359 -15.93 -30.07 -54.06
C GLU E 359 -16.31 -28.60 -53.93
N HIS E 360 -15.34 -27.70 -53.78
CA HIS E 360 -15.62 -26.28 -53.66
C HIS E 360 -15.66 -25.56 -55.00
N VAL E 361 -15.22 -26.21 -56.07
CA VAL E 361 -15.24 -25.58 -57.39
C VAL E 361 -16.65 -25.61 -57.98
N ILE E 362 -17.29 -26.79 -57.94
CA ILE E 362 -18.64 -26.91 -58.48
C ILE E 362 -19.60 -25.97 -57.75
N GLU E 363 -19.47 -25.89 -56.43
CA GLU E 363 -20.29 -24.95 -55.66
C GLU E 363 -20.03 -23.53 -56.10
N GLU E 364 -18.79 -23.22 -56.49
CA GLU E 364 -18.48 -21.89 -57.01
C GLU E 364 -19.27 -21.59 -58.27
N VAL E 365 -19.59 -22.62 -59.06
CA VAL E 365 -20.44 -22.42 -60.23
C VAL E 365 -21.90 -22.36 -59.82
N ALA E 366 -22.26 -22.98 -58.69
CA ALA E 366 -23.65 -22.97 -58.24
C ALA E 366 -24.13 -21.55 -57.93
N ARG E 367 -23.25 -20.70 -57.43
CA ARG E 367 -23.58 -19.31 -57.18
C ARG E 367 -23.30 -18.42 -58.39
N ALA E 368 -22.98 -19.02 -59.55
CA ALA E 368 -22.71 -18.27 -60.76
C ALA E 368 -23.77 -18.43 -61.84
N VAL E 369 -24.43 -19.59 -61.89
CA VAL E 369 -25.46 -19.81 -62.91
C VAL E 369 -26.71 -18.99 -62.60
N ASP E 370 -27.14 -18.99 -61.33
CA ASP E 370 -28.34 -18.24 -60.96
C ASP E 370 -28.16 -16.75 -61.17
N ASP E 371 -26.93 -16.25 -61.04
CA ASP E 371 -26.64 -14.85 -61.31
C ASP E 371 -26.33 -14.58 -62.78
N ALA E 372 -26.37 -15.60 -63.63
CA ALA E 372 -26.09 -15.43 -65.05
C ALA E 372 -27.35 -15.46 -65.91
N VAL E 373 -28.42 -16.09 -65.44
CA VAL E 373 -29.68 -16.17 -66.18
C VAL E 373 -30.57 -15.01 -65.76
N GLY E 374 -30.41 -14.55 -64.52
CA GLY E 374 -31.23 -13.46 -64.03
C GLY E 374 -31.03 -12.16 -64.79
N VAL E 375 -29.84 -11.97 -65.36
CA VAL E 375 -29.57 -10.79 -66.18
C VAL E 375 -30.03 -10.96 -67.63
N VAL E 376 -30.57 -12.12 -67.98
CA VAL E 376 -31.04 -12.35 -69.34
C VAL E 376 -32.54 -12.14 -69.45
N GLY E 377 -33.31 -12.67 -68.49
CA GLY E 377 -34.75 -12.51 -68.52
C GLY E 377 -35.18 -11.06 -68.43
N CYS E 378 -34.39 -10.23 -67.77
CA CYS E 378 -34.67 -8.80 -67.68
C CYS E 378 -34.13 -8.01 -68.87
N THR E 379 -33.56 -8.69 -69.87
CA THR E 379 -33.02 -8.02 -71.05
C THR E 379 -34.01 -8.01 -72.19
N ILE E 380 -34.65 -9.15 -72.47
CA ILE E 380 -35.62 -9.22 -73.55
C ILE E 380 -36.90 -8.47 -73.18
N GLU E 381 -37.33 -8.57 -71.93
CA GLU E 381 -38.55 -7.89 -71.50
C GLU E 381 -38.36 -6.38 -71.44
N ASP E 382 -37.13 -5.92 -71.24
CA ASP E 382 -36.85 -4.49 -71.17
C ASP E 382 -36.14 -4.02 -72.43
N GLY E 383 -34.80 -4.13 -72.44
CA GLY E 383 -34.02 -3.72 -73.59
C GLY E 383 -33.29 -2.40 -73.44
N ARG E 384 -33.25 -1.83 -72.25
CA ARG E 384 -32.57 -0.55 -72.02
C ARG E 384 -31.15 -0.81 -71.50
N ILE E 385 -30.36 -1.43 -72.36
CA ILE E 385 -28.98 -1.77 -72.02
C ILE E 385 -28.13 -0.51 -72.06
N VAL E 386 -27.43 -0.23 -70.97
CA VAL E 386 -26.58 0.94 -70.87
C VAL E 386 -25.11 0.50 -70.93
N SER E 387 -24.20 1.46 -70.80
CA SER E 387 -22.76 1.18 -70.82
C SER E 387 -22.30 0.85 -69.42
N GLY E 388 -21.92 -0.40 -69.18
CA GLY E 388 -21.46 -0.84 -67.89
C GLY E 388 -20.00 -0.52 -67.65
N GLY E 389 -19.50 -0.97 -66.50
CA GLY E 389 -18.12 -0.74 -66.13
C GLY E 389 -17.87 0.54 -65.38
N GLY E 390 -18.88 1.08 -64.69
CA GLY E 390 -18.69 2.31 -63.95
C GLY E 390 -18.71 3.56 -64.80
N SER E 391 -19.56 3.60 -65.82
CA SER E 391 -19.65 4.76 -66.71
C SER E 391 -20.94 5.56 -66.53
N THR E 392 -21.99 4.96 -65.97
CA THR E 392 -23.24 5.68 -65.77
C THR E 392 -23.14 6.66 -64.61
N GLU E 393 -22.44 6.28 -63.53
CA GLU E 393 -22.30 7.17 -62.39
C GLU E 393 -21.49 8.41 -62.75
N VAL E 394 -20.39 8.23 -63.49
CA VAL E 394 -19.58 9.38 -63.90
C VAL E 394 -20.36 10.27 -64.86
N GLU E 395 -21.22 9.69 -65.70
CA GLU E 395 -22.02 10.49 -66.61
C GLU E 395 -23.09 11.28 -65.87
N LEU E 396 -23.71 10.68 -64.86
CA LEU E 396 -24.73 11.37 -64.09
C LEU E 396 -24.13 12.40 -63.15
N SER E 397 -22.88 12.21 -62.72
CA SER E 397 -22.24 13.18 -61.84
C SER E 397 -21.97 14.49 -62.57
N MET E 398 -21.64 14.42 -63.86
CA MET E 398 -21.41 15.65 -64.63
C MET E 398 -22.70 16.39 -64.94
N LYS E 399 -23.84 15.71 -64.88
CA LYS E 399 -25.13 16.34 -65.13
C LYS E 399 -25.77 16.89 -63.86
N LEU E 400 -25.59 16.20 -62.73
CA LEU E 400 -26.14 16.69 -61.48
C LEU E 400 -25.50 17.99 -61.03
N ARG E 401 -24.21 18.17 -61.33
CA ARG E 401 -23.53 19.41 -60.94
C ARG E 401 -24.15 20.61 -61.64
N GLU E 402 -24.47 20.49 -62.93
CA GLU E 402 -25.09 21.59 -63.66
C GLU E 402 -26.59 21.66 -63.43
N TYR E 403 -27.22 20.57 -62.98
CA TYR E 403 -28.65 20.63 -62.67
C TYR E 403 -28.90 21.27 -61.31
N ALA E 404 -27.98 21.10 -60.36
CA ALA E 404 -28.17 21.69 -59.03
C ALA E 404 -27.95 23.19 -59.01
N GLU E 405 -27.48 23.78 -60.10
CA GLU E 405 -27.26 25.23 -60.17
C GLU E 405 -28.55 26.01 -60.38
N GLY E 406 -29.63 25.38 -60.84
CA GLY E 406 -30.88 26.06 -61.07
C GLY E 406 -31.73 26.29 -59.84
N ILE E 407 -31.33 25.76 -58.70
CA ILE E 407 -32.08 25.92 -57.46
C ILE E 407 -31.23 26.73 -56.49
N SER E 408 -31.93 27.36 -55.53
CA SER E 408 -31.28 28.17 -54.51
C SER E 408 -31.76 27.72 -53.15
N GLY E 409 -30.86 27.67 -52.18
CA GLY E 409 -31.19 27.25 -50.83
C GLY E 409 -30.18 26.24 -50.32
N ARG E 410 -30.49 25.68 -49.17
CA ARG E 410 -29.61 24.69 -48.54
C ARG E 410 -29.75 23.31 -49.17
N GLU E 411 -30.70 23.11 -50.09
CA GLU E 411 -30.87 21.82 -50.73
C GLU E 411 -29.84 21.56 -51.84
N GLN E 412 -29.09 22.58 -52.24
CA GLN E 412 -28.07 22.38 -53.28
C GLN E 412 -26.89 21.57 -52.74
N LEU E 413 -26.54 21.76 -51.47
CA LEU E 413 -25.43 21.00 -50.89
C LEU E 413 -25.77 19.51 -50.80
N ALA E 414 -27.04 19.16 -50.63
CA ALA E 414 -27.43 17.76 -50.61
C ALA E 414 -27.29 17.13 -51.99
N VAL E 415 -27.72 17.85 -53.03
CA VAL E 415 -27.60 17.33 -54.39
C VAL E 415 -26.14 17.22 -54.78
N ARG E 416 -25.32 18.20 -54.40
CA ARG E 416 -23.89 18.13 -54.70
C ARG E 416 -23.24 16.97 -53.97
N ALA E 417 -23.63 16.72 -52.72
CA ALA E 417 -23.09 15.60 -51.98
C ALA E 417 -23.50 14.27 -52.61
N PHE E 418 -24.76 14.17 -53.04
CA PHE E 418 -25.22 12.94 -53.69
C PHE E 418 -24.49 12.72 -55.01
N ALA E 419 -24.18 13.80 -55.72
CA ALA E 419 -23.45 13.67 -56.99
C ALA E 419 -22.00 13.27 -56.74
N ASP E 420 -21.37 13.83 -55.70
CA ASP E 420 -19.98 13.48 -55.42
C ASP E 420 -19.87 12.07 -54.85
N ALA E 421 -20.91 11.57 -54.19
CA ALA E 421 -20.86 10.23 -53.63
C ALA E 421 -20.96 9.15 -54.71
N LEU E 422 -21.44 9.50 -55.91
CA LEU E 422 -21.54 8.53 -56.98
C LEU E 422 -20.19 8.16 -57.58
N GLU E 423 -19.14 8.90 -57.26
CA GLU E 423 -17.80 8.60 -57.76
C GLU E 423 -17.07 7.56 -56.94
N VAL E 424 -17.76 6.84 -56.05
CA VAL E 424 -17.13 5.82 -55.24
C VAL E 424 -16.98 4.50 -56.00
N ILE E 425 -17.80 4.27 -57.01
CA ILE E 425 -17.73 3.04 -57.81
C ILE E 425 -16.42 2.98 -58.59
N PRO E 426 -16.01 4.03 -59.32
CA PRO E 426 -14.72 3.93 -60.03
C PRO E 426 -13.53 3.88 -59.08
N ARG E 427 -13.64 4.44 -57.88
CA ARG E 427 -12.55 4.36 -56.92
C ARG E 427 -12.43 2.96 -56.33
N THR E 428 -13.53 2.23 -56.20
CA THR E 428 -13.48 0.87 -55.70
C THR E 428 -13.11 -0.13 -56.79
N LEU E 429 -13.53 0.14 -58.03
CA LEU E 429 -13.18 -0.76 -59.14
C LEU E 429 -11.72 -0.61 -59.54
N ALA E 430 -11.08 0.52 -59.24
CA ALA E 430 -9.68 0.74 -59.56
C ALA E 430 -8.76 0.54 -58.37
N GLU E 431 -9.30 0.32 -57.17
CA GLU E 431 -8.45 0.11 -56.00
C GLU E 431 -7.78 -1.25 -56.04
N ASN E 432 -8.38 -2.23 -56.72
CA ASN E 432 -7.79 -3.56 -56.80
C ASN E 432 -6.51 -3.57 -57.62
N ALA E 433 -6.28 -2.56 -58.45
CA ALA E 433 -5.07 -2.47 -59.26
C ALA E 433 -4.04 -1.61 -58.57
N GLY E 434 -2.82 -1.62 -59.13
CA GLY E 434 -1.73 -0.86 -58.58
C GLY E 434 -1.34 0.34 -59.41
N LEU E 435 -1.58 0.26 -60.71
CA LEU E 435 -1.24 1.34 -61.64
C LEU E 435 -2.41 2.30 -61.87
N ASP E 436 -3.43 2.27 -61.00
CA ASP E 436 -4.59 3.14 -61.14
C ASP E 436 -4.53 4.28 -60.12
N ALA E 437 -4.55 3.97 -58.82
CA ALA E 437 -4.50 4.96 -57.76
C ALA E 437 -5.62 5.99 -57.89
N ILE E 438 -5.30 7.16 -58.43
CA ILE E 438 -6.28 8.24 -58.57
C ILE E 438 -6.23 8.90 -59.95
N GLU E 439 -5.21 8.65 -60.75
CA GLU E 439 -5.11 9.29 -62.07
C GLU E 439 -6.22 8.81 -62.99
N ILE E 440 -6.67 7.57 -62.83
CA ILE E 440 -7.72 7.03 -63.70
C ILE E 440 -9.01 7.83 -63.51
N LEU E 441 -9.35 8.16 -62.26
CA LEU E 441 -10.58 8.91 -62.00
C LEU E 441 -10.49 10.31 -62.59
N VAL E 442 -9.30 10.92 -62.59
CA VAL E 442 -9.14 12.25 -63.14
C VAL E 442 -9.20 12.20 -64.67
N LYS E 443 -8.67 11.12 -65.26
CA LYS E 443 -8.68 11.02 -66.72
C LYS E 443 -10.06 10.70 -67.26
N VAL E 444 -10.83 9.86 -66.55
CA VAL E 444 -12.18 9.53 -67.01
C VAL E 444 -13.20 10.61 -66.70
N ARG E 445 -12.82 11.64 -65.95
CA ARG E 445 -13.73 12.72 -65.60
C ARG E 445 -13.76 13.82 -66.65
N ALA E 446 -12.59 14.23 -67.14
CA ALA E 446 -12.50 15.27 -68.17
C ALA E 446 -12.74 14.74 -69.57
N ALA E 447 -12.86 13.42 -69.74
CA ALA E 447 -13.09 12.86 -71.07
C ALA E 447 -14.53 13.05 -71.53
N HIS E 448 -15.49 13.04 -70.62
CA HIS E 448 -16.90 13.20 -70.94
C HIS E 448 -17.34 14.65 -70.92
N ALA E 449 -16.40 15.60 -70.96
CA ALA E 449 -16.73 17.02 -70.94
C ALA E 449 -17.05 17.57 -72.32
N SER E 450 -16.94 16.77 -73.37
CA SER E 450 -17.23 17.23 -74.72
C SER E 450 -18.69 16.98 -75.08
N ASN E 451 -18.95 16.71 -76.36
CA ASN E 451 -20.32 16.45 -76.80
C ASN E 451 -20.68 14.98 -76.62
N GLY E 452 -20.04 14.10 -77.38
CA GLY E 452 -20.31 12.68 -77.28
C GLY E 452 -19.48 11.98 -76.22
N ASN E 453 -18.86 10.86 -76.58
CA ASN E 453 -18.03 10.08 -75.69
C ASN E 453 -18.79 9.67 -74.43
N LYS E 454 -19.59 8.61 -74.53
CA LYS E 454 -20.39 8.12 -73.42
C LYS E 454 -20.12 6.66 -73.08
N CYS E 455 -19.85 5.82 -74.09
CA CYS E 455 -19.62 4.40 -73.84
C CYS E 455 -18.27 4.12 -73.19
N ALA E 456 -17.40 5.12 -73.07
CA ALA E 456 -16.10 4.91 -72.45
C ALA E 456 -16.24 4.76 -70.94
N GLY E 457 -15.46 3.85 -70.37
CA GLY E 457 -15.50 3.61 -68.94
C GLY E 457 -14.16 3.22 -68.36
N LEU E 458 -14.06 2.00 -67.84
CA LEU E 458 -12.83 1.52 -67.24
C LEU E 458 -12.81 0.00 -67.28
N ASN E 459 -11.69 -0.58 -67.69
CA ASN E 459 -11.50 -2.02 -67.75
C ASN E 459 -10.24 -2.39 -67.01
N VAL E 460 -10.32 -3.40 -66.15
CA VAL E 460 -9.17 -3.84 -65.36
C VAL E 460 -8.29 -4.84 -66.08
N PHE E 461 -8.56 -5.12 -67.36
CA PHE E 461 -7.80 -6.06 -68.15
C PHE E 461 -6.86 -5.39 -69.14
N THR E 462 -6.63 -4.08 -68.99
CA THR E 462 -5.74 -3.36 -69.90
C THR E 462 -4.94 -2.30 -69.14
N GLY E 463 -5.61 -1.27 -68.66
CA GLY E 463 -4.94 -0.20 -67.93
C GLY E 463 -5.28 1.17 -68.44
N ALA E 464 -5.47 1.30 -69.76
CA ALA E 464 -5.80 2.56 -70.39
C ALA E 464 -7.32 2.76 -70.35
N VAL E 465 -7.83 3.71 -71.13
CA VAL E 465 -9.25 4.01 -71.20
C VAL E 465 -9.74 3.75 -72.62
N GLU E 466 -10.91 3.14 -72.74
CA GLU E 466 -11.50 2.85 -74.05
C GLU E 466 -13.00 2.63 -73.85
N ASP E 467 -13.68 2.31 -74.94
CA ASP E 467 -15.11 2.06 -74.90
C ASP E 467 -15.41 0.72 -74.24
N MET E 468 -16.57 0.65 -73.58
CA MET E 468 -16.99 -0.56 -72.89
C MET E 468 -17.94 -1.43 -73.71
N CYS E 469 -18.68 -0.85 -74.66
CA CYS E 469 -19.60 -1.62 -75.46
C CYS E 469 -18.88 -2.49 -76.50
N GLU E 470 -17.65 -2.11 -76.88
CA GLU E 470 -16.90 -2.88 -77.87
C GLU E 470 -16.13 -4.04 -77.25
N ASN E 471 -15.91 -4.02 -75.93
CA ASN E 471 -15.18 -5.11 -75.28
C ASN E 471 -16.09 -6.30 -75.00
N GLY E 472 -17.12 -6.10 -74.18
CA GLY E 472 -18.05 -7.16 -73.86
C GLY E 472 -18.75 -6.96 -72.53
N VAL E 473 -18.83 -5.71 -72.08
CA VAL E 473 -19.48 -5.36 -70.82
C VAL E 473 -20.73 -4.57 -71.15
N VAL E 474 -21.89 -5.19 -70.94
CA VAL E 474 -23.18 -4.55 -71.21
C VAL E 474 -24.11 -4.77 -70.03
N GLU E 475 -23.80 -4.15 -68.90
CA GLU E 475 -24.62 -4.30 -67.71
C GLU E 475 -25.97 -3.61 -67.92
N PRO E 476 -27.08 -4.26 -67.58
CA PRO E 476 -28.39 -3.64 -67.80
C PRO E 476 -28.66 -2.45 -66.90
N LEU E 477 -29.80 -1.80 -67.07
CA LEU E 477 -30.15 -0.61 -66.31
C LEU E 477 -30.98 -0.92 -65.07
N ARG E 478 -31.76 -2.02 -65.09
CA ARG E 478 -32.60 -2.35 -63.95
C ARG E 478 -31.77 -2.63 -62.70
N VAL E 479 -30.64 -3.32 -62.87
CA VAL E 479 -29.78 -3.62 -61.74
C VAL E 479 -29.17 -2.35 -61.14
N LYS E 480 -29.10 -1.27 -61.91
CA LYS E 480 -28.63 0.01 -61.40
C LYS E 480 -29.75 0.82 -60.77
N THR E 481 -30.93 0.84 -61.40
CA THR E 481 -32.05 1.59 -60.85
C THR E 481 -32.51 1.01 -59.53
N GLN E 482 -32.61 -0.33 -59.44
CA GLN E 482 -33.02 -0.95 -58.19
C GLN E 482 -31.98 -0.70 -57.10
N ALA E 483 -30.69 -0.73 -57.45
CA ALA E 483 -29.65 -0.46 -56.46
C ALA E 483 -29.72 0.98 -55.96
N ILE E 484 -29.94 1.93 -56.87
CA ILE E 484 -30.05 3.33 -56.47
C ILE E 484 -31.28 3.53 -55.58
N GLN E 485 -32.39 2.87 -55.92
CA GLN E 485 -33.59 2.99 -55.10
C GLN E 485 -33.37 2.40 -53.71
N SER E 486 -32.71 1.26 -53.63
CA SER E 486 -32.43 0.65 -52.33
C SER E 486 -31.48 1.52 -51.51
N ALA E 487 -30.48 2.12 -52.16
CA ALA E 487 -29.55 2.99 -51.44
C ALA E 487 -30.24 4.25 -50.95
N ALA E 488 -31.17 4.79 -51.73
CA ALA E 488 -31.91 5.99 -51.32
C ALA E 488 -32.93 5.68 -50.23
N GLU E 489 -33.47 4.46 -50.22
CA GLU E 489 -34.43 4.09 -49.18
C GLU E 489 -33.75 3.69 -47.88
N SER E 490 -32.55 3.11 -47.96
CA SER E 490 -31.86 2.68 -46.75
C SER E 490 -31.19 3.83 -46.02
N THR E 491 -30.79 4.89 -46.74
CA THR E 491 -30.12 6.01 -46.10
C THR E 491 -31.07 6.91 -45.32
N GLU E 492 -32.39 6.75 -45.50
CA GLU E 492 -33.37 7.55 -44.79
C GLU E 492 -33.92 6.87 -43.55
N MET E 493 -33.68 5.56 -43.39
CA MET E 493 -34.16 4.84 -42.22
C MET E 493 -33.26 4.99 -41.00
N LEU E 494 -32.14 5.70 -41.14
CA LEU E 494 -31.20 5.91 -40.05
C LEU E 494 -31.13 7.36 -39.59
N LEU E 495 -31.24 8.32 -40.51
CA LEU E 495 -31.18 9.73 -40.12
C LEU E 495 -32.47 10.19 -39.46
N ARG E 496 -33.57 9.48 -39.66
CA ARG E 496 -34.85 9.84 -39.07
C ARG E 496 -35.10 9.15 -37.73
N ILE E 497 -34.04 8.72 -37.05
CA ILE E 497 -34.15 8.05 -35.76
C ILE E 497 -33.81 8.99 -34.61
N ASP E 498 -32.69 9.70 -34.72
CA ASP E 498 -32.24 10.66 -33.70
C ASP E 498 -32.07 9.99 -32.35
N ASP E 499 -33.16 9.86 -31.60
CA ASP E 499 -33.14 9.24 -30.29
C ASP E 499 -33.57 7.78 -30.38
N VAL E 500 -33.24 7.02 -29.33
CA VAL E 500 -33.56 5.60 -29.25
C VAL E 500 -33.88 5.27 -27.80
N ILE E 501 -35.00 4.57 -27.58
CA ILE E 501 -35.42 4.19 -26.24
C ILE E 501 -35.49 2.67 -26.15
N ALA E 502 -35.95 2.17 -25.01
CA ALA E 502 -36.08 0.73 -24.79
C ALA E 502 -37.31 0.45 -23.95
N ALA E 503 -37.76 -0.80 -23.99
CA ALA E 503 -38.94 -1.22 -23.24
C ALA E 503 -38.81 -2.69 -22.89
N GLU E 504 -39.64 -3.13 -21.95
CA GLU E 504 -39.66 -4.52 -21.50
C GLU E 504 -40.87 -5.28 -22.00
N LYS E 505 -41.70 -4.66 -22.84
CA LYS E 505 -42.89 -5.30 -23.38
C LYS E 505 -42.59 -5.89 -24.76
N LEU E 506 -43.08 -7.10 -25.00
CA LEU E 506 -42.86 -7.76 -26.27
C LEU E 506 -43.67 -7.08 -27.36
N ARG E 507 -43.01 -6.77 -28.48
CA ARG E 507 -43.63 -6.11 -29.62
C ARG E 507 -44.30 -4.79 -29.22
N MET F 1 -36.68 18.75 2.96
CA MET F 1 -37.62 17.67 2.67
C MET F 1 -38.71 18.14 1.69
N GLY F 2 -39.21 19.35 1.91
CA GLY F 2 -40.24 19.88 1.05
C GLY F 2 -39.73 20.28 -0.32
N ARG F 3 -38.46 20.69 -0.41
CA ARG F 3 -37.86 21.08 -1.67
C ARG F 3 -36.95 20.01 -2.27
N ASP F 4 -36.69 18.92 -1.54
CA ASP F 4 -35.84 17.86 -2.06
C ASP F 4 -36.64 16.87 -2.90
N ALA F 5 -37.75 16.38 -2.36
CA ALA F 5 -38.60 15.42 -3.06
C ALA F 5 -39.47 16.08 -4.13
N GLN F 6 -39.55 17.40 -4.16
CA GLN F 6 -40.34 18.12 -5.15
C GLN F 6 -39.62 18.30 -6.48
N ARG F 7 -38.33 18.64 -6.44
CA ARG F 7 -37.58 18.83 -7.68
C ARG F 7 -37.34 17.51 -8.39
N MET F 8 -37.17 16.42 -7.64
CA MET F 8 -36.94 15.13 -8.27
C MET F 8 -38.16 14.66 -9.06
N ASN F 9 -39.36 14.92 -8.53
CA ASN F 9 -40.58 14.55 -9.25
C ASN F 9 -40.74 15.32 -10.55
N ILE F 10 -40.25 16.56 -10.58
CA ILE F 10 -40.33 17.35 -11.81
C ILE F 10 -39.25 16.92 -12.80
N LEU F 11 -38.05 16.60 -12.30
CA LEU F 11 -36.99 16.13 -13.17
C LEU F 11 -37.30 14.77 -13.77
N ALA F 12 -37.99 13.91 -13.02
CA ALA F 12 -38.37 12.61 -13.58
C ALA F 12 -39.46 12.74 -14.63
N GLY F 13 -40.29 13.79 -14.54
CA GLY F 13 -41.32 13.98 -15.53
C GLY F 13 -40.85 14.72 -16.77
N ARG F 14 -39.87 15.63 -16.61
CA ARG F 14 -39.35 16.36 -17.76
C ARG F 14 -38.59 15.45 -18.73
N ILE F 15 -38.07 14.33 -18.24
CA ILE F 15 -37.36 13.41 -19.14
C ILE F 15 -38.34 12.69 -20.06
N ILE F 16 -39.45 12.20 -19.49
CA ILE F 16 -40.44 11.51 -20.31
C ILE F 16 -41.34 12.47 -21.07
N ALA F 17 -41.38 13.75 -20.68
CA ALA F 17 -42.21 14.71 -21.38
C ALA F 17 -41.54 15.19 -22.68
N GLU F 18 -40.22 15.30 -22.68
CA GLU F 18 -39.48 15.74 -23.86
C GLU F 18 -39.12 14.60 -24.79
N THR F 19 -39.56 13.38 -24.51
CA THR F 19 -39.23 12.25 -25.39
C THR F 19 -40.04 12.31 -26.68
N VAL F 20 -41.32 12.66 -26.58
CA VAL F 20 -42.20 12.73 -27.75
C VAL F 20 -42.22 14.16 -28.28
N ARG F 21 -41.21 14.95 -27.93
CA ARG F 21 -41.16 16.33 -28.40
C ARG F 21 -40.88 16.39 -29.90
N SER F 22 -39.95 15.56 -30.39
CA SER F 22 -39.62 15.55 -31.81
C SER F 22 -40.69 14.89 -32.67
N THR F 23 -41.53 14.04 -32.09
CA THR F 23 -42.59 13.35 -32.82
C THR F 23 -43.90 14.13 -32.73
N LEU F 24 -43.90 15.37 -33.19
CA LEU F 24 -45.09 16.21 -33.17
C LEU F 24 -45.41 16.82 -34.53
N GLY F 25 -44.41 17.31 -35.25
CA GLY F 25 -44.62 17.90 -36.55
C GLY F 25 -44.91 16.86 -37.62
N PRO F 26 -45.35 17.31 -38.79
CA PRO F 26 -45.65 16.35 -39.87
C PRO F 26 -44.40 15.71 -40.47
N LYS F 27 -43.27 16.42 -40.46
CA LYS F 27 -42.04 15.88 -41.02
C LYS F 27 -40.99 15.69 -39.93
N GLY F 28 -41.35 14.99 -38.86
CA GLY F 28 -40.43 14.75 -37.76
C GLY F 28 -39.78 13.39 -37.83
N MET F 29 -38.75 13.22 -36.99
CA MET F 29 -38.02 11.97 -36.94
C MET F 29 -38.84 10.91 -36.20
N ASP F 30 -38.54 9.65 -36.49
CA ASP F 30 -39.22 8.52 -35.87
C ASP F 30 -38.46 8.06 -34.63
N LYS F 31 -38.95 6.99 -34.01
CA LYS F 31 -38.34 6.43 -32.81
C LYS F 31 -38.11 4.95 -33.01
N MET F 32 -36.90 4.49 -32.72
CA MET F 32 -36.53 3.09 -32.84
C MET F 32 -36.59 2.45 -31.46
N LEU F 33 -37.46 1.44 -31.31
CA LEU F 33 -37.66 0.77 -30.05
C LEU F 33 -37.16 -0.68 -30.15
N VAL F 34 -36.29 -1.05 -29.21
CA VAL F 34 -35.74 -2.40 -29.17
C VAL F 34 -36.24 -3.08 -27.90
N ASP F 35 -36.20 -4.42 -27.91
CA ASP F 35 -36.63 -5.24 -26.80
C ASP F 35 -35.50 -6.17 -26.38
N ASP F 36 -35.77 -6.97 -25.35
CA ASP F 36 -34.76 -7.90 -24.84
C ASP F 36 -34.57 -9.09 -25.79
N LEU F 37 -35.64 -9.55 -26.42
CA LEU F 37 -35.51 -10.67 -27.36
C LEU F 37 -34.87 -10.24 -28.67
N GLY F 38 -35.00 -8.98 -29.04
CA GLY F 38 -34.41 -8.48 -30.27
C GLY F 38 -35.43 -8.03 -31.28
N ASP F 39 -36.48 -7.35 -30.83
CA ASP F 39 -37.54 -6.85 -31.70
C ASP F 39 -37.33 -5.35 -31.93
N VAL F 40 -36.82 -5.00 -33.11
CA VAL F 40 -36.57 -3.62 -33.47
C VAL F 40 -37.76 -3.10 -34.27
N VAL F 41 -38.47 -2.14 -33.71
CA VAL F 41 -39.65 -1.56 -34.35
C VAL F 41 -39.44 -0.05 -34.50
N VAL F 42 -40.20 0.53 -35.42
CA VAL F 42 -40.14 1.95 -35.71
C VAL F 42 -41.52 2.54 -35.46
N THR F 43 -41.58 3.59 -34.64
CA THR F 43 -42.83 4.25 -34.30
C THR F 43 -42.71 5.75 -34.56
N ASN F 44 -43.64 6.29 -35.34
CA ASN F 44 -43.65 7.71 -35.67
C ASN F 44 -44.57 8.52 -34.79
N ASP F 45 -45.65 7.93 -34.29
CA ASP F 45 -46.60 8.65 -33.44
C ASP F 45 -46.06 8.72 -32.01
N GLY F 46 -46.89 9.22 -31.10
CA GLY F 46 -46.50 9.33 -29.71
C GLY F 46 -47.36 8.52 -28.76
N VAL F 47 -48.43 7.93 -29.30
CA VAL F 47 -49.31 7.11 -28.47
C VAL F 47 -48.63 5.79 -28.10
N THR F 48 -47.97 5.16 -29.07
CA THR F 48 -47.28 3.91 -28.79
C THR F 48 -46.04 4.12 -27.94
N ILE F 49 -45.43 5.32 -28.02
CA ILE F 49 -44.25 5.60 -27.23
C ILE F 49 -44.57 5.62 -25.74
N LEU F 50 -45.74 6.16 -25.38
CA LEU F 50 -46.11 6.22 -23.97
C LEU F 50 -46.42 4.84 -23.40
N ARG F 51 -46.86 3.91 -24.24
CA ARG F 51 -47.17 2.56 -23.76
C ARG F 51 -45.90 1.76 -23.50
N GLU F 52 -45.12 1.51 -24.56
CA GLU F 52 -43.85 0.78 -24.44
C GLU F 52 -42.77 1.74 -23.93
N MET F 53 -42.76 1.92 -22.61
CA MET F 53 -41.80 2.81 -21.97
C MET F 53 -41.58 2.33 -20.53
N SER F 54 -40.33 2.43 -20.08
CA SER F 54 -39.97 2.01 -18.73
C SER F 54 -40.69 2.88 -17.69
N VAL F 55 -41.73 2.31 -17.06
CA VAL F 55 -42.50 3.03 -16.06
C VAL F 55 -42.03 2.65 -14.67
N GLU F 56 -40.72 2.45 -14.51
CA GLU F 56 -40.18 2.07 -13.22
C GLU F 56 -40.26 3.19 -12.19
N HIS F 57 -40.37 4.45 -12.63
CA HIS F 57 -40.46 5.55 -11.69
C HIS F 57 -41.91 5.94 -11.46
N PRO F 58 -42.29 6.24 -10.21
CA PRO F 58 -43.69 6.60 -9.95
C PRO F 58 -44.15 7.86 -10.65
N ALA F 59 -43.24 8.81 -10.91
CA ALA F 59 -43.64 10.04 -11.58
C ALA F 59 -43.96 9.80 -13.06
N ALA F 60 -43.32 8.82 -13.68
CA ALA F 60 -43.55 8.50 -15.10
C ALA F 60 -44.63 7.45 -15.27
N LYS F 61 -45.79 7.66 -14.66
CA LYS F 61 -46.90 6.70 -14.76
C LYS F 61 -48.24 7.42 -14.75
N MET F 62 -48.39 8.42 -13.89
CA MET F 62 -49.65 9.15 -13.80
C MET F 62 -49.92 9.94 -15.08
N LEU F 63 -48.89 10.55 -15.66
CA LEU F 63 -49.07 11.28 -16.91
C LEU F 63 -49.50 10.35 -18.03
N ILE F 64 -48.90 9.17 -18.10
CA ILE F 64 -49.27 8.19 -19.13
C ILE F 64 -50.69 7.70 -18.92
N GLU F 65 -51.08 7.48 -17.66
CA GLU F 65 -52.43 7.03 -17.37
C GLU F 65 -53.45 8.10 -17.74
N VAL F 66 -53.12 9.37 -17.51
CA VAL F 66 -54.03 10.46 -17.89
C VAL F 66 -54.11 10.58 -19.41
N ALA F 67 -52.98 10.43 -20.10
CA ALA F 67 -52.97 10.54 -21.55
C ALA F 67 -53.73 9.38 -22.20
N LYS F 68 -53.69 8.19 -21.59
CA LYS F 68 -54.43 7.06 -22.15
C LYS F 68 -55.94 7.27 -22.05
N THR F 69 -56.40 7.96 -21.02
CA THR F 69 -57.83 8.23 -20.89
C THR F 69 -58.30 9.28 -21.90
N GLN F 70 -57.40 10.17 -22.32
CA GLN F 70 -57.77 11.20 -23.29
C GLN F 70 -57.62 10.68 -24.72
N GLU F 71 -56.70 9.74 -24.95
CA GLU F 71 -56.51 9.21 -26.30
C GLU F 71 -57.72 8.41 -26.76
N LYS F 72 -58.45 7.79 -25.83
CA LYS F 72 -59.63 7.01 -26.17
C LYS F 72 -60.85 7.87 -26.48
N GLU F 73 -60.72 9.19 -26.45
CA GLU F 73 -61.83 10.10 -26.73
C GLU F 73 -61.94 10.41 -28.22
N VAL F 74 -60.97 11.13 -28.77
CA VAL F 74 -60.98 11.50 -30.18
C VAL F 74 -59.74 10.93 -30.86
N GLY F 75 -58.68 10.72 -30.08
CA GLY F 75 -57.44 10.17 -30.61
C GLY F 75 -56.75 11.10 -31.59
N ASP F 76 -56.32 12.27 -31.10
CA ASP F 76 -55.63 13.23 -31.94
C ASP F 76 -54.77 14.18 -31.10
N GLY F 77 -55.29 14.57 -29.95
CA GLY F 77 -54.55 15.47 -29.08
C GLY F 77 -53.89 14.78 -27.91
N THR F 78 -53.00 13.84 -28.21
CA THR F 78 -52.27 13.08 -27.19
C THR F 78 -50.84 13.57 -26.99
N THR F 79 -50.06 13.66 -28.06
CA THR F 79 -48.67 14.10 -27.94
C THR F 79 -48.60 15.58 -27.59
N THR F 80 -49.45 16.40 -28.22
CA THR F 80 -49.43 17.84 -27.94
C THR F 80 -49.81 18.13 -26.50
N ALA F 81 -50.70 17.33 -25.91
CA ALA F 81 -51.05 17.52 -24.51
C ALA F 81 -49.86 17.25 -23.61
N VAL F 82 -49.10 16.19 -23.90
CA VAL F 82 -47.90 15.90 -23.11
C VAL F 82 -46.85 16.99 -23.28
N VAL F 83 -46.73 17.53 -24.50
CA VAL F 83 -45.77 18.60 -24.74
C VAL F 83 -46.16 19.85 -23.95
N VAL F 84 -47.45 20.19 -23.96
CA VAL F 84 -47.91 21.36 -23.20
C VAL F 84 -47.72 21.15 -21.71
N ALA F 85 -47.98 19.93 -21.22
CA ALA F 85 -47.78 19.64 -19.80
C ALA F 85 -46.31 19.77 -19.42
N GLY F 86 -45.41 19.25 -20.25
CA GLY F 86 -43.99 19.37 -19.97
C GLY F 86 -43.52 20.81 -20.00
N GLU F 87 -44.04 21.60 -20.95
CA GLU F 87 -43.69 23.01 -21.01
C GLU F 87 -44.18 23.75 -19.76
N LEU F 88 -45.40 23.43 -19.31
CA LEU F 88 -45.92 24.05 -18.10
C LEU F 88 -45.08 23.68 -16.89
N LEU F 89 -44.67 22.41 -16.80
CA LEU F 89 -43.84 21.99 -15.68
C LEU F 89 -42.48 22.67 -15.71
N ARG F 90 -41.87 22.79 -16.89
CA ARG F 90 -40.58 23.46 -17.00
C ARG F 90 -40.69 24.94 -16.69
N LYS F 91 -41.81 25.58 -17.03
CA LYS F 91 -41.98 26.99 -16.73
C LYS F 91 -42.25 27.21 -15.25
N ALA F 92 -42.99 26.30 -14.61
CA ALA F 92 -43.28 26.42 -13.19
C ALA F 92 -42.11 26.03 -12.31
N GLU F 93 -41.16 25.23 -12.83
CA GLU F 93 -39.98 24.87 -12.04
C GLU F 93 -39.12 26.09 -11.76
N GLU F 94 -39.01 27.01 -12.73
CA GLU F 94 -38.19 28.20 -12.53
C GLU F 94 -38.86 29.18 -11.57
N LEU F 95 -40.19 29.19 -11.54
CA LEU F 95 -40.92 30.11 -10.66
C LEU F 95 -40.81 29.72 -9.19
N LEU F 96 -40.33 28.53 -8.88
CA LEU F 96 -40.19 28.08 -7.49
C LEU F 96 -38.94 28.63 -6.82
N ASP F 97 -38.09 29.35 -7.55
CA ASP F 97 -36.87 29.91 -6.98
C ASP F 97 -37.12 31.16 -6.15
N GLN F 98 -38.25 31.83 -6.35
CA GLN F 98 -38.58 33.04 -5.60
C GLN F 98 -39.19 32.73 -4.23
N ASN F 99 -39.32 31.45 -3.87
CA ASN F 99 -39.86 31.01 -2.59
C ASN F 99 -41.28 31.56 -2.39
N VAL F 100 -42.19 31.01 -3.19
CA VAL F 100 -43.60 31.37 -3.12
C VAL F 100 -44.42 30.13 -2.79
N HIS F 101 -43.85 28.95 -3.04
CA HIS F 101 -44.43 27.62 -2.80
C HIS F 101 -45.65 27.38 -3.69
N PRO F 102 -45.84 26.15 -4.17
CA PRO F 102 -46.92 25.89 -5.13
C PRO F 102 -48.31 25.97 -4.53
N THR F 103 -49.04 27.03 -4.86
CA THR F 103 -50.42 27.20 -4.43
C THR F 103 -51.13 28.22 -5.31
N ILE F 104 -50.54 29.41 -5.44
CA ILE F 104 -51.14 30.46 -6.27
C ILE F 104 -51.03 30.09 -7.75
N VAL F 105 -50.02 29.29 -8.11
CA VAL F 105 -49.85 28.90 -9.51
C VAL F 105 -51.02 28.02 -9.96
N VAL F 106 -51.49 27.14 -9.08
CA VAL F 106 -52.62 26.28 -9.43
C VAL F 106 -53.88 27.11 -9.63
N LYS F 107 -54.11 28.10 -8.76
CA LYS F 107 -55.26 28.98 -8.92
C LYS F 107 -55.16 29.80 -10.20
N GLY F 108 -53.96 30.27 -10.53
CA GLY F 108 -53.78 31.00 -11.77
C GLY F 108 -54.04 30.14 -12.99
N TYR F 109 -53.58 28.89 -12.97
CA TYR F 109 -53.84 27.98 -14.08
C TYR F 109 -55.32 27.68 -14.20
N GLN F 110 -56.01 27.49 -13.07
CA GLN F 110 -57.45 27.23 -13.11
C GLN F 110 -58.23 28.43 -13.62
N ALA F 111 -57.77 29.64 -13.30
CA ALA F 111 -58.44 30.84 -13.77
C ALA F 111 -58.15 31.08 -15.25
N ALA F 112 -56.96 30.70 -15.73
CA ALA F 112 -56.62 30.90 -17.13
C ALA F 112 -57.25 29.85 -18.02
N ALA F 113 -57.48 28.64 -17.51
CA ALA F 113 -58.08 27.59 -18.32
C ALA F 113 -59.51 27.95 -18.72
N GLN F 114 -60.29 28.51 -17.79
CA GLN F 114 -61.66 28.91 -18.12
C GLN F 114 -61.66 30.03 -19.14
N LYS F 115 -60.76 31.00 -19.00
CA LYS F 115 -60.68 32.09 -19.98
C LYS F 115 -60.28 31.56 -21.35
N ALA F 116 -59.35 30.61 -21.41
CA ALA F 116 -58.95 30.03 -22.68
C ALA F 116 -60.10 29.26 -23.32
N GLN F 117 -60.85 28.50 -22.51
CA GLN F 117 -62.00 27.77 -23.05
C GLN F 117 -63.09 28.71 -23.53
N GLU F 118 -63.27 29.85 -22.86
CA GLU F 118 -64.26 30.82 -23.32
C GLU F 118 -63.81 31.54 -24.58
N LEU F 119 -62.51 31.79 -24.72
CA LEU F 119 -62.01 32.46 -25.92
C LEU F 119 -61.97 31.53 -27.12
N LEU F 120 -61.76 30.23 -26.90
CA LEU F 120 -61.73 29.29 -28.02
C LEU F 120 -63.10 29.14 -28.66
N LYS F 121 -64.18 29.29 -27.89
CA LYS F 121 -65.53 29.18 -28.41
C LYS F 121 -65.99 30.41 -29.17
N THR F 122 -65.17 31.47 -29.21
CA THR F 122 -65.52 32.70 -29.91
C THR F 122 -64.67 32.96 -31.14
N ILE F 123 -63.72 32.09 -31.47
CA ILE F 123 -62.86 32.27 -32.62
C ILE F 123 -63.15 31.23 -33.71
N ALA F 124 -64.28 30.55 -33.62
CA ALA F 124 -64.68 29.54 -34.60
C ALA F 124 -65.81 30.06 -35.46
N CYS F 125 -66.27 29.22 -36.37
CA CYS F 125 -67.35 29.55 -37.30
C CYS F 125 -68.45 28.48 -37.19
N GLU F 126 -69.43 28.57 -38.09
CA GLU F 126 -70.55 27.66 -38.13
C GLU F 126 -70.46 26.83 -39.42
N VAL F 127 -70.36 25.52 -39.28
CA VAL F 127 -70.27 24.60 -40.40
C VAL F 127 -71.51 23.72 -40.38
N GLY F 128 -72.37 23.87 -41.38
CA GLY F 128 -73.59 23.08 -41.46
C GLY F 128 -73.36 21.71 -42.06
N ALA F 129 -74.46 20.97 -42.20
CA ALA F 129 -74.41 19.63 -42.76
C ALA F 129 -74.57 19.61 -44.28
N GLN F 130 -74.84 20.76 -44.91
CA GLN F 130 -75.02 20.82 -46.35
C GLN F 130 -73.71 21.03 -47.10
N ASP F 131 -72.58 21.12 -46.40
CA ASP F 131 -71.30 21.33 -47.04
C ASP F 131 -70.71 20.02 -47.53
N LYS F 132 -69.68 20.12 -48.36
CA LYS F 132 -69.01 18.94 -48.91
C LYS F 132 -67.54 19.24 -49.18
N GLU F 133 -67.26 20.42 -49.72
CA GLU F 133 -65.88 20.81 -50.01
C GLU F 133 -65.09 21.11 -48.74
N ILE F 134 -65.79 21.38 -47.63
CA ILE F 134 -65.08 21.66 -46.38
C ILE F 134 -64.75 20.37 -45.64
N LEU F 135 -65.54 19.31 -45.83
CA LEU F 135 -65.35 18.07 -45.09
C LEU F 135 -64.19 17.23 -45.62
N THR F 136 -63.58 17.62 -46.73
CA THR F 136 -62.46 16.85 -47.29
C THR F 136 -61.10 17.38 -46.86
N LYS F 137 -60.99 18.67 -46.54
CA LYS F 137 -59.71 19.21 -46.11
C LYS F 137 -59.28 18.64 -44.76
N ILE F 138 -60.23 18.41 -43.86
CA ILE F 138 -59.90 17.82 -42.56
C ILE F 138 -59.40 16.40 -42.72
N ALA F 139 -59.96 15.65 -43.68
CA ALA F 139 -59.49 14.30 -43.94
C ALA F 139 -58.16 14.30 -44.66
N MET F 140 -57.91 15.32 -45.50
CA MET F 140 -56.63 15.40 -46.19
C MET F 140 -55.50 15.77 -45.23
N THR F 141 -55.75 16.71 -44.31
CA THR F 141 -54.73 17.12 -43.35
C THR F 141 -54.58 16.13 -42.21
N SER F 142 -55.45 15.14 -42.09
CA SER F 142 -55.33 14.17 -41.01
C SER F 142 -54.21 13.17 -41.23
N ILE F 143 -53.77 12.99 -42.48
CA ILE F 143 -52.68 12.06 -42.79
C ILE F 143 -51.47 12.86 -43.26
N THR F 144 -50.60 13.22 -42.31
CA THR F 144 -49.38 13.97 -42.62
C THR F 144 -48.13 13.25 -42.14
N GLY F 145 -48.03 12.97 -40.84
CA GLY F 145 -46.87 12.26 -40.33
C GLY F 145 -46.88 10.77 -40.63
N LYS F 146 -48.01 10.24 -41.10
CA LYS F 146 -48.07 8.82 -41.42
C LYS F 146 -47.34 8.52 -42.72
N GLY F 147 -47.73 9.18 -43.81
CA GLY F 147 -47.11 8.98 -45.09
C GLY F 147 -47.74 9.81 -46.20
N ALA F 148 -47.28 11.06 -46.34
CA ALA F 148 -47.82 11.96 -47.35
C ALA F 148 -47.25 11.71 -48.73
N GLU F 149 -46.35 10.75 -48.89
CA GLU F 149 -45.77 10.43 -50.19
C GLU F 149 -46.68 9.54 -51.04
N LYS F 150 -47.85 9.16 -50.53
CA LYS F 150 -48.77 8.31 -51.28
C LYS F 150 -50.20 8.53 -50.81
N ALA F 151 -50.37 9.21 -49.69
CA ALA F 151 -51.68 9.49 -49.10
C ALA F 151 -51.83 11.00 -48.95
N LYS F 152 -52.41 11.63 -49.97
CA LYS F 152 -52.62 13.08 -49.94
C LYS F 152 -53.73 13.48 -50.90
N GLU F 153 -54.14 12.56 -51.76
CA GLU F 153 -55.20 12.84 -52.73
C GLU F 153 -56.11 11.64 -52.91
N LYS F 154 -55.53 10.44 -52.98
CA LYS F 154 -56.34 9.23 -53.16
C LYS F 154 -57.06 8.87 -51.87
N LEU F 155 -56.41 9.05 -50.72
CA LEU F 155 -57.01 8.75 -49.43
C LEU F 155 -57.85 9.89 -48.88
N ALA F 156 -58.05 10.96 -49.64
CA ALA F 156 -58.85 12.09 -49.20
C ALA F 156 -60.20 12.18 -49.90
N GLU F 157 -60.48 11.29 -50.85
CA GLU F 157 -61.75 11.30 -51.57
C GLU F 157 -62.59 10.05 -51.32
N ILE F 158 -62.07 9.07 -50.59
CA ILE F 158 -62.82 7.86 -50.29
C ILE F 158 -63.28 7.79 -48.84
N ILE F 159 -62.73 8.63 -47.95
CA ILE F 159 -63.18 8.63 -46.56
C ILE F 159 -64.45 9.45 -46.39
N VAL F 160 -64.51 10.61 -47.06
CA VAL F 160 -65.69 11.45 -46.95
C VAL F 160 -66.89 10.79 -47.61
N GLU F 161 -66.68 10.10 -48.74
CA GLU F 161 -67.78 9.41 -49.40
C GLU F 161 -68.24 8.18 -48.63
N ALA F 162 -67.40 7.65 -47.73
CA ALA F 162 -67.78 6.49 -46.95
C ALA F 162 -68.42 6.85 -45.62
N VAL F 163 -67.95 7.93 -44.97
CA VAL F 163 -68.53 8.33 -43.69
C VAL F 163 -69.88 9.01 -43.90
N SER F 164 -69.98 9.89 -44.89
CA SER F 164 -71.22 10.60 -45.17
C SER F 164 -72.28 9.65 -45.72
N ALA F 165 -72.92 8.89 -44.83
CA ALA F 165 -73.96 7.95 -45.23
C ALA F 165 -75.10 7.96 -44.21
N VAL F 166 -74.75 7.84 -42.93
CA VAL F 166 -75.73 7.88 -41.85
C VAL F 166 -75.49 9.03 -40.89
N VAL F 167 -74.46 9.85 -41.13
CA VAL F 167 -74.18 10.97 -40.25
C VAL F 167 -75.00 12.20 -40.64
N ASP F 168 -75.16 12.43 -41.95
CA ASP F 168 -75.93 13.58 -42.41
C ASP F 168 -77.41 13.43 -42.10
N ASP F 169 -77.92 12.19 -42.06
CA ASP F 169 -79.33 11.97 -41.75
C ASP F 169 -79.58 12.13 -40.26
N GLU F 170 -78.78 11.48 -39.42
CA GLU F 170 -78.90 11.56 -37.97
C GLU F 170 -77.62 12.19 -37.43
N GLY F 171 -77.71 13.47 -37.05
CA GLY F 171 -76.55 14.17 -36.53
C GLY F 171 -76.43 14.10 -35.03
N LYS F 172 -76.38 12.87 -34.49
CA LYS F 172 -76.26 12.67 -33.06
C LYS F 172 -75.62 11.31 -32.75
N VAL F 173 -76.22 10.24 -33.26
CA VAL F 173 -75.72 8.89 -33.04
C VAL F 173 -75.27 8.34 -34.38
N ASP F 174 -73.98 8.02 -34.48
CA ASP F 174 -73.39 7.48 -35.71
C ASP F 174 -72.31 6.46 -35.39
N LYS F 175 -72.56 5.62 -34.39
CA LYS F 175 -71.61 4.61 -33.97
C LYS F 175 -71.63 3.46 -34.98
N ASP F 176 -70.57 3.33 -35.76
CA ASP F 176 -70.44 2.29 -36.77
C ASP F 176 -69.34 1.31 -36.37
N LEU F 177 -69.15 0.28 -37.20
CA LEU F 177 -68.14 -0.74 -36.96
C LEU F 177 -67.23 -0.79 -38.19
N ILE F 178 -66.09 -0.11 -38.09
CA ILE F 178 -65.11 -0.06 -39.17
C ILE F 178 -63.96 -1.01 -38.82
N LYS F 179 -63.68 -1.95 -39.72
CA LYS F 179 -62.63 -2.93 -39.54
C LYS F 179 -61.59 -2.78 -40.64
N ILE F 180 -60.32 -2.70 -40.25
CA ILE F 180 -59.21 -2.57 -41.18
C ILE F 180 -58.40 -3.86 -41.15
N GLU F 181 -58.25 -4.49 -42.30
CA GLU F 181 -57.52 -5.73 -42.43
C GLU F 181 -56.08 -5.45 -42.85
N LYS F 182 -55.14 -6.17 -42.23
CA LYS F 182 -53.71 -6.01 -42.48
C LYS F 182 -53.27 -7.11 -43.43
N LYS F 183 -53.26 -6.81 -44.73
CA LYS F 183 -52.83 -7.75 -45.75
C LYS F 183 -51.93 -7.04 -46.75
N SER F 184 -50.95 -7.77 -47.27
CA SER F 184 -50.01 -7.21 -48.24
C SER F 184 -50.47 -7.52 -49.66
N GLY F 185 -49.64 -7.18 -50.63
CA GLY F 185 -49.96 -7.41 -52.03
C GLY F 185 -48.77 -7.31 -52.94
N ALA F 186 -48.86 -6.45 -53.96
CA ALA F 186 -47.77 -6.27 -54.91
C ALA F 186 -47.78 -4.87 -55.49
N SER F 187 -48.91 -4.17 -55.38
CA SER F 187 -49.03 -2.82 -55.90
C SER F 187 -48.32 -1.84 -54.97
N ILE F 188 -48.24 -0.57 -55.40
CA ILE F 188 -47.59 0.47 -54.62
C ILE F 188 -48.50 0.84 -53.45
N ASP F 189 -49.67 1.39 -53.74
CA ASP F 189 -50.62 1.80 -52.70
C ASP F 189 -52.01 1.78 -53.31
N ASP F 190 -52.79 0.76 -52.98
CA ASP F 190 -54.15 0.60 -53.49
C ASP F 190 -55.14 0.65 -52.34
N THR F 191 -56.24 1.35 -52.56
CA THR F 191 -57.30 1.50 -51.55
C THR F 191 -58.62 1.07 -52.16
N GLU F 192 -59.23 0.05 -51.56
CA GLU F 192 -60.52 -0.47 -52.02
C GLU F 192 -61.57 -0.19 -50.96
N LEU F 193 -62.74 0.26 -51.41
CA LEU F 193 -63.87 0.59 -50.53
C LEU F 193 -65.00 -0.37 -50.86
N ILE F 194 -65.11 -1.45 -50.10
CA ILE F 194 -66.12 -2.48 -50.35
C ILE F 194 -67.45 -2.01 -49.77
N LYS F 195 -68.48 -1.98 -50.61
CA LYS F 195 -69.82 -1.57 -50.19
C LYS F 195 -70.69 -2.81 -49.89
N GLY F 196 -70.14 -3.68 -49.07
CA GLY F 196 -70.84 -4.91 -48.70
C GLY F 196 -70.20 -5.67 -47.57
N VAL F 197 -70.06 -6.98 -47.73
CA VAL F 197 -69.51 -7.86 -46.71
C VAL F 197 -68.23 -8.47 -47.24
N LEU F 198 -67.19 -8.49 -46.40
CA LEU F 198 -65.90 -9.05 -46.75
C LEU F 198 -65.57 -10.16 -45.77
N VAL F 199 -65.29 -11.35 -46.29
CA VAL F 199 -64.93 -12.52 -45.48
C VAL F 199 -63.50 -12.91 -45.82
N ASP F 200 -62.67 -13.03 -44.79
CA ASP F 200 -61.25 -13.36 -44.96
C ASP F 200 -61.05 -14.83 -44.60
N LYS F 201 -61.44 -15.71 -45.53
CA LYS F 201 -61.28 -17.14 -45.34
C LYS F 201 -61.32 -17.82 -46.70
N GLU F 202 -60.37 -18.74 -46.91
CA GLU F 202 -60.26 -19.48 -48.16
C GLU F 202 -60.95 -20.84 -48.02
N ARG F 203 -60.66 -21.74 -48.95
CA ARG F 203 -61.24 -23.08 -48.93
C ARG F 203 -60.13 -24.08 -49.25
N VAL F 204 -60.53 -25.29 -49.63
CA VAL F 204 -59.57 -26.35 -49.96
C VAL F 204 -60.11 -27.15 -51.15
N SER F 205 -61.43 -27.07 -51.36
CA SER F 205 -62.09 -27.79 -52.45
C SER F 205 -62.77 -26.76 -53.34
N ALA F 206 -62.15 -26.48 -54.49
CA ALA F 206 -62.70 -25.51 -55.44
C ALA F 206 -63.61 -26.22 -56.44
N GLN F 207 -64.72 -26.73 -55.90
CA GLN F 207 -65.72 -27.43 -56.70
C GLN F 207 -67.11 -26.83 -56.55
N MET F 208 -67.19 -25.56 -56.15
CA MET F 208 -68.47 -24.89 -55.96
C MET F 208 -68.50 -23.60 -56.77
N PRO F 209 -69.65 -23.25 -57.33
CA PRO F 209 -69.76 -22.00 -58.09
C PRO F 209 -69.57 -20.79 -57.20
N LYS F 210 -69.29 -19.65 -57.84
CA LYS F 210 -69.06 -18.40 -57.14
C LYS F 210 -69.73 -17.22 -57.84
N LYS F 211 -70.85 -17.47 -58.51
CA LYS F 211 -71.57 -16.40 -59.23
C LYS F 211 -73.05 -16.78 -59.25
N VAL F 212 -73.78 -16.31 -58.24
CA VAL F 212 -75.21 -16.55 -58.10
C VAL F 212 -75.91 -15.21 -58.04
N THR F 213 -76.96 -15.06 -58.86
CA THR F 213 -77.69 -13.80 -58.92
C THR F 213 -78.79 -13.78 -57.87
N ASP F 214 -78.98 -12.62 -57.25
CA ASP F 214 -79.99 -12.38 -56.20
C ASP F 214 -80.08 -13.54 -55.22
N ALA F 215 -78.92 -13.97 -54.74
CA ALA F 215 -78.87 -15.06 -53.76
C ALA F 215 -79.33 -14.58 -52.39
N LYS F 216 -79.72 -15.54 -51.56
CA LYS F 216 -80.19 -15.27 -50.21
C LYS F 216 -79.24 -15.90 -49.19
N ILE F 217 -78.90 -15.14 -48.17
CA ILE F 217 -77.97 -15.60 -47.13
C ILE F 217 -78.76 -16.23 -46.00
N ALA F 218 -78.38 -17.45 -45.63
CA ALA F 218 -79.01 -18.17 -44.54
C ALA F 218 -77.96 -18.49 -43.48
N LEU F 219 -78.15 -17.97 -42.28
CA LEU F 219 -77.19 -18.15 -41.19
C LEU F 219 -77.56 -19.40 -40.41
N LEU F 220 -76.67 -20.38 -40.41
CA LEU F 220 -76.85 -21.63 -39.67
C LEU F 220 -75.66 -21.87 -38.78
N ASN F 221 -75.91 -22.15 -37.50
CA ASN F 221 -74.83 -22.39 -36.55
C ASN F 221 -74.42 -23.85 -36.55
N CYS F 222 -74.27 -24.44 -35.36
CA CYS F 222 -73.86 -25.84 -35.24
C CYS F 222 -75.08 -26.75 -35.20
N ALA F 223 -74.93 -27.92 -34.55
CA ALA F 223 -75.99 -28.91 -34.42
C ALA F 223 -76.52 -29.33 -35.80
N ILE F 224 -75.61 -29.53 -36.75
CA ILE F 224 -75.95 -29.94 -38.10
C ILE F 224 -75.34 -31.29 -38.46
N GLU F 225 -74.08 -31.51 -38.10
CA GLU F 225 -73.41 -32.76 -38.42
C GLU F 225 -73.95 -33.89 -37.56
N ILE F 226 -73.44 -35.10 -37.79
CA ILE F 226 -73.90 -36.27 -37.06
C ILE F 226 -73.33 -36.28 -35.65
N LYS F 227 -72.05 -35.91 -35.49
CA LYS F 227 -71.39 -35.90 -34.20
C LYS F 227 -70.65 -34.58 -34.03
N GLU F 228 -71.08 -33.78 -33.06
CA GLU F 228 -70.44 -32.50 -32.78
C GLU F 228 -70.45 -32.21 -31.29
N THR F 229 -71.36 -32.84 -30.56
CA THR F 229 -71.47 -32.64 -29.12
C THR F 229 -71.38 -33.97 -28.38
N GLU F 230 -72.33 -34.23 -27.48
CA GLU F 230 -72.38 -35.46 -26.72
C GLU F 230 -73.84 -35.85 -26.49
N THR F 231 -74.04 -37.10 -26.07
CA THR F 231 -75.36 -37.64 -25.81
C THR F 231 -75.34 -38.39 -24.48
N ASP F 232 -76.24 -38.00 -23.58
CA ASP F 232 -76.29 -38.66 -22.27
C ASP F 232 -77.02 -39.99 -22.34
N ALA F 233 -78.14 -40.04 -23.05
CA ALA F 233 -78.93 -41.27 -23.19
C ALA F 233 -78.21 -42.19 -24.17
N GLU F 234 -77.55 -43.21 -23.64
CA GLU F 234 -76.82 -44.15 -24.48
C GLU F 234 -77.80 -45.10 -25.18
N ILE F 235 -77.36 -45.64 -26.31
CA ILE F 235 -78.15 -46.56 -27.11
C ILE F 235 -77.43 -47.90 -27.18
N ARG F 236 -78.14 -48.91 -27.69
CA ARG F 236 -77.61 -50.25 -27.85
C ARG F 236 -77.86 -50.74 -29.27
N ILE F 237 -77.26 -51.88 -29.59
CA ILE F 237 -77.40 -52.49 -30.91
C ILE F 237 -77.95 -53.91 -30.74
N THR F 238 -78.75 -54.33 -31.72
CA THR F 238 -79.35 -55.67 -31.70
C THR F 238 -78.96 -56.44 -32.95
N ASP F 239 -79.32 -55.97 -34.15
CA ASP F 239 -78.99 -56.66 -35.38
C ASP F 239 -77.99 -55.85 -36.21
N PRO F 240 -77.06 -56.51 -36.90
CA PRO F 240 -76.09 -55.76 -37.71
C PRO F 240 -76.72 -55.02 -38.88
N ALA F 241 -77.89 -55.44 -39.35
CA ALA F 241 -78.56 -54.77 -40.46
C ALA F 241 -79.31 -53.52 -40.04
N LYS F 242 -79.30 -53.17 -38.75
CA LYS F 242 -79.99 -51.99 -38.26
C LYS F 242 -79.08 -50.77 -38.18
N LEU F 243 -77.83 -50.94 -37.75
CA LEU F 243 -76.92 -49.81 -37.66
C LEU F 243 -76.60 -49.26 -39.05
N MET F 244 -76.39 -50.13 -40.03
CA MET F 244 -76.13 -49.68 -41.39
C MET F 244 -77.34 -48.95 -41.97
N GLU F 245 -78.55 -49.46 -41.68
CA GLU F 245 -79.76 -48.79 -42.14
C GLU F 245 -79.90 -47.41 -41.51
N PHE F 246 -79.61 -47.30 -40.21
CA PHE F 246 -79.68 -46.00 -39.54
C PHE F 246 -78.65 -45.03 -40.12
N ILE F 247 -77.45 -45.52 -40.41
CA ILE F 247 -76.42 -44.67 -40.99
C ILE F 247 -76.84 -44.19 -42.37
N GLU F 248 -77.41 -45.09 -43.18
CA GLU F 248 -77.87 -44.70 -44.51
C GLU F 248 -79.01 -43.69 -44.42
N GLN F 249 -79.91 -43.87 -43.45
CA GLN F 249 -81.00 -42.92 -43.29
C GLN F 249 -80.48 -41.54 -42.86
N GLU F 250 -79.53 -41.51 -41.92
CA GLU F 250 -78.97 -40.24 -41.49
C GLU F 250 -78.17 -39.58 -42.61
N GLU F 251 -77.59 -40.37 -43.51
CA GLU F 251 -76.86 -39.80 -44.63
C GLU F 251 -77.82 -39.23 -45.68
N LYS F 252 -78.92 -39.94 -45.95
CA LYS F 252 -79.90 -39.47 -46.92
C LYS F 252 -80.76 -38.33 -46.37
N MET F 253 -80.80 -38.15 -45.05
CA MET F 253 -81.57 -37.05 -44.48
C MET F 253 -81.03 -35.70 -44.93
N LEU F 254 -79.72 -35.63 -45.22
CA LEU F 254 -79.14 -34.36 -45.66
C LEU F 254 -79.73 -33.90 -46.98
N LYS F 255 -80.13 -34.84 -47.85
CA LYS F 255 -80.74 -34.46 -49.12
C LYS F 255 -82.02 -33.66 -48.90
N ASP F 256 -82.95 -34.20 -48.10
CA ASP F 256 -84.18 -33.47 -47.83
C ASP F 256 -83.93 -32.23 -46.97
N MET F 257 -82.89 -32.26 -46.12
CA MET F 257 -82.55 -31.07 -45.34
C MET F 257 -82.13 -29.92 -46.24
N VAL F 258 -81.33 -30.21 -47.27
CA VAL F 258 -80.93 -29.17 -48.21
C VAL F 258 -82.09 -28.78 -49.12
N ALA F 259 -82.95 -29.75 -49.47
CA ALA F 259 -84.10 -29.44 -50.31
C ALA F 259 -85.07 -28.50 -49.60
N GLU F 260 -85.23 -28.66 -48.28
CA GLU F 260 -86.10 -27.77 -47.54
C GLU F 260 -85.56 -26.34 -47.53
N ILE F 261 -84.24 -26.20 -47.36
CA ILE F 261 -83.63 -24.86 -47.39
C ILE F 261 -83.76 -24.26 -48.78
N LYS F 262 -83.62 -25.07 -49.82
CA LYS F 262 -83.76 -24.57 -51.19
C LYS F 262 -85.19 -24.11 -51.46
N ALA F 263 -86.18 -24.88 -50.97
CA ALA F 263 -87.57 -24.50 -51.19
C ALA F 263 -87.96 -23.30 -50.32
N SER F 264 -87.28 -23.10 -49.19
CA SER F 264 -87.59 -21.95 -48.34
C SER F 264 -87.12 -20.65 -48.97
N GLY F 265 -86.08 -20.70 -49.79
CA GLY F 265 -85.58 -19.49 -50.45
C GLY F 265 -84.23 -19.04 -49.93
N ALA F 266 -83.20 -19.86 -50.14
CA ALA F 266 -81.85 -19.55 -49.71
C ALA F 266 -80.85 -20.20 -50.65
N ASN F 267 -79.76 -19.47 -50.93
CA ASN F 267 -78.71 -19.96 -51.81
C ASN F 267 -77.31 -19.79 -51.25
N VAL F 268 -77.17 -19.19 -50.07
CA VAL F 268 -75.87 -18.99 -49.43
C VAL F 268 -75.88 -19.68 -48.08
N LEU F 269 -74.86 -20.50 -47.82
CA LEU F 269 -74.74 -21.25 -46.58
C LEU F 269 -73.49 -20.77 -45.84
N PHE F 270 -73.71 -20.21 -44.64
CA PHE F 270 -72.63 -19.75 -43.79
C PHE F 270 -72.66 -20.55 -42.50
N CYS F 271 -71.69 -21.44 -42.32
CA CYS F 271 -71.58 -22.28 -41.14
C CYS F 271 -70.42 -21.82 -40.27
N GLN F 272 -70.56 -22.04 -38.97
CA GLN F 272 -69.51 -21.63 -38.03
C GLN F 272 -68.29 -22.53 -38.15
N LYS F 273 -68.51 -23.85 -38.21
CA LYS F 273 -67.41 -24.80 -38.32
C LYS F 273 -67.07 -25.08 -39.78
N GLY F 274 -66.57 -26.27 -40.07
CA GLY F 274 -66.20 -26.65 -41.41
C GLY F 274 -67.23 -27.57 -42.06
N ILE F 275 -67.29 -27.52 -43.39
CA ILE F 275 -68.21 -28.34 -44.17
C ILE F 275 -67.44 -29.52 -44.75
N ASP F 276 -67.98 -30.72 -44.57
CA ASP F 276 -67.33 -31.91 -45.08
C ASP F 276 -67.38 -31.95 -46.60
N ASP F 277 -66.42 -32.68 -47.18
CA ASP F 277 -66.35 -32.77 -48.64
C ASP F 277 -67.52 -33.56 -49.21
N LEU F 278 -68.09 -34.48 -48.44
CA LEU F 278 -69.22 -35.27 -48.93
C LEU F 278 -70.50 -34.45 -49.01
N ALA F 279 -70.58 -33.33 -48.30
CA ALA F 279 -71.76 -32.47 -48.31
C ALA F 279 -71.66 -31.36 -49.35
N GLN F 280 -70.69 -31.42 -50.26
CA GLN F 280 -70.52 -30.40 -51.28
C GLN F 280 -71.32 -30.70 -52.54
N HIS F 281 -71.34 -31.96 -52.97
CA HIS F 281 -72.07 -32.32 -54.18
C HIS F 281 -73.55 -32.03 -54.04
N TYR F 282 -74.11 -32.30 -52.84
CA TYR F 282 -75.51 -31.98 -52.59
C TYR F 282 -75.79 -30.50 -52.70
N LEU F 283 -74.78 -29.65 -52.52
CA LEU F 283 -74.92 -28.21 -52.69
C LEU F 283 -74.57 -27.75 -54.10
N ALA F 284 -74.12 -28.65 -54.97
CA ALA F 284 -73.74 -28.30 -56.33
C ALA F 284 -74.84 -28.58 -57.34
N LYS F 285 -75.69 -29.57 -57.09
CA LYS F 285 -76.78 -29.91 -58.00
C LYS F 285 -77.98 -28.98 -57.86
N GLU F 286 -77.94 -28.03 -56.92
CA GLU F 286 -79.05 -27.11 -56.71
C GLU F 286 -78.66 -25.65 -56.83
N GLY F 287 -77.37 -25.33 -56.95
CA GLY F 287 -76.93 -23.96 -57.06
C GLY F 287 -76.95 -23.21 -55.74
N ILE F 288 -76.25 -23.74 -54.74
CA ILE F 288 -76.19 -23.14 -53.41
C ILE F 288 -74.73 -22.86 -53.09
N VAL F 289 -74.46 -21.63 -52.64
CA VAL F 289 -73.10 -21.24 -52.30
C VAL F 289 -72.67 -21.97 -51.03
N ALA F 290 -71.51 -22.63 -51.09
CA ALA F 290 -70.98 -23.38 -49.96
C ALA F 290 -69.82 -22.60 -49.33
N ALA F 291 -69.90 -22.42 -48.02
CA ALA F 291 -68.86 -21.71 -47.28
C ALA F 291 -68.68 -22.36 -45.91
N ARG F 292 -67.54 -22.11 -45.30
CA ARG F 292 -67.22 -22.68 -44.00
C ARG F 292 -66.27 -21.75 -43.25
N ARG F 293 -66.16 -21.98 -41.95
CA ARG F 293 -65.29 -21.21 -41.06
C ARG F 293 -65.62 -19.72 -41.12
N VAL F 294 -66.67 -19.31 -40.43
CA VAL F 294 -67.09 -17.91 -40.38
C VAL F 294 -66.77 -17.37 -38.99
N LYS F 295 -65.92 -16.35 -38.94
CA LYS F 295 -65.55 -15.74 -37.67
C LYS F 295 -66.72 -14.97 -37.09
N LYS F 296 -66.76 -14.89 -35.76
CA LYS F 296 -67.84 -14.17 -35.08
C LYS F 296 -67.82 -12.69 -35.43
N SER F 297 -66.62 -12.12 -35.59
CA SER F 297 -66.51 -10.71 -35.97
C SER F 297 -67.08 -10.47 -37.36
N ASP F 298 -66.97 -11.45 -38.26
CA ASP F 298 -67.54 -11.35 -39.59
C ASP F 298 -68.98 -11.83 -39.65
N MET F 299 -69.42 -12.61 -38.66
CA MET F 299 -70.79 -13.10 -38.63
C MET F 299 -71.75 -12.10 -37.99
N GLU F 300 -71.27 -11.31 -37.02
CA GLU F 300 -72.13 -10.32 -36.37
C GLU F 300 -72.55 -9.20 -37.32
N LYS F 301 -71.84 -9.01 -38.42
CA LYS F 301 -72.17 -7.97 -39.39
C LYS F 301 -73.21 -8.43 -40.41
N LEU F 302 -73.81 -9.59 -40.21
CA LEU F 302 -74.82 -10.11 -41.14
C LEU F 302 -76.25 -9.92 -40.65
N ALA F 303 -76.46 -9.79 -39.35
CA ALA F 303 -77.80 -9.61 -38.81
C ALA F 303 -78.29 -8.17 -38.90
N LYS F 304 -77.38 -7.20 -38.86
CA LYS F 304 -77.75 -5.79 -38.95
C LYS F 304 -77.66 -5.24 -40.36
N ALA F 305 -77.13 -6.00 -41.30
CA ALA F 305 -77.00 -5.56 -42.70
C ALA F 305 -77.97 -6.28 -43.62
N THR F 306 -77.89 -7.62 -43.68
CA THR F 306 -78.78 -8.37 -44.55
C THR F 306 -80.16 -8.55 -43.92
N GLY F 307 -80.20 -8.81 -42.62
CA GLY F 307 -81.47 -9.00 -41.92
C GLY F 307 -81.87 -10.45 -41.81
N ALA F 308 -81.24 -11.18 -40.89
CA ALA F 308 -81.55 -12.59 -40.68
C ALA F 308 -81.21 -12.97 -39.25
N ASN F 309 -81.86 -14.02 -38.76
CA ASN F 309 -81.66 -14.51 -37.41
C ASN F 309 -80.75 -15.74 -37.43
N VAL F 310 -80.50 -16.29 -36.25
CA VAL F 310 -79.64 -17.45 -36.10
C VAL F 310 -80.50 -18.64 -35.63
N ILE F 311 -80.00 -19.84 -35.91
CA ILE F 311 -80.67 -21.08 -35.55
C ILE F 311 -79.71 -21.89 -34.70
N THR F 312 -80.10 -22.19 -33.47
CA THR F 312 -79.26 -22.96 -32.56
C THR F 312 -79.27 -24.45 -32.88
N ASN F 313 -80.28 -24.94 -33.61
CA ASN F 313 -80.37 -26.34 -33.95
C ASN F 313 -80.31 -26.55 -35.46
N ILE F 314 -81.21 -27.37 -35.98
CA ILE F 314 -81.26 -27.64 -37.42
C ILE F 314 -82.71 -27.70 -37.86
N LYS F 315 -83.59 -28.11 -36.95
CA LYS F 315 -85.02 -28.23 -37.25
C LYS F 315 -85.80 -26.96 -36.90
N ASP F 316 -85.12 -25.90 -36.48
CA ASP F 316 -85.76 -24.64 -36.11
C ASP F 316 -85.72 -23.63 -37.25
N LEU F 317 -85.46 -24.07 -38.48
CA LEU F 317 -85.39 -23.19 -39.63
C LEU F 317 -86.70 -23.27 -40.41
N SER F 318 -87.29 -22.11 -40.69
CA SER F 318 -88.54 -22.04 -41.41
C SER F 318 -88.42 -21.14 -42.64
N ALA F 319 -89.04 -19.96 -42.59
CA ALA F 319 -89.00 -19.02 -43.69
C ALA F 319 -88.68 -17.59 -43.27
N GLN F 320 -88.95 -17.22 -42.02
CA GLN F 320 -88.67 -15.87 -41.55
C GLN F 320 -87.23 -15.68 -41.11
N ASP F 321 -86.45 -16.75 -40.98
CA ASP F 321 -85.05 -16.67 -40.57
C ASP F 321 -84.11 -16.63 -41.75
N LEU F 322 -84.49 -15.95 -42.83
CA LEU F 322 -83.68 -15.84 -44.03
C LEU F 322 -83.41 -14.38 -44.34
N GLY F 323 -82.33 -14.15 -45.10
CA GLY F 323 -81.95 -12.80 -45.46
C GLY F 323 -82.01 -12.54 -46.95
N ASP F 324 -81.25 -11.56 -47.43
CA ASP F 324 -81.23 -11.23 -48.84
C ASP F 324 -79.86 -10.63 -49.17
N ALA F 325 -79.32 -11.01 -50.33
CA ALA F 325 -78.03 -10.52 -50.77
C ALA F 325 -78.08 -10.08 -52.23
N GLY F 326 -76.91 -9.82 -52.81
CA GLY F 326 -76.84 -9.38 -54.19
C GLY F 326 -75.97 -10.26 -55.05
N LEU F 327 -74.66 -10.24 -54.80
CA LEU F 327 -73.73 -11.05 -55.58
C LEU F 327 -72.61 -11.52 -54.66
N VAL F 328 -72.42 -12.83 -54.58
CA VAL F 328 -71.37 -13.43 -53.77
C VAL F 328 -70.29 -13.95 -54.71
N GLU F 329 -69.07 -13.49 -54.51
CA GLU F 329 -67.95 -13.86 -55.36
C GLU F 329 -66.74 -14.20 -54.51
N GLU F 330 -65.84 -15.03 -55.07
CA GLU F 330 -64.61 -15.44 -54.40
C GLU F 330 -63.46 -15.21 -55.38
N ARG F 331 -62.82 -14.05 -55.26
CA ARG F 331 -61.71 -13.68 -56.13
C ARG F 331 -60.38 -13.79 -55.38
N LYS F 332 -59.32 -14.04 -56.14
CA LYS F 332 -57.97 -14.17 -55.59
C LYS F 332 -57.24 -12.85 -55.87
N ILE F 333 -57.31 -11.93 -54.92
CA ILE F 333 -56.69 -10.61 -55.05
C ILE F 333 -55.66 -10.45 -53.94
N SER F 334 -54.51 -9.88 -54.29
CA SER F 334 -53.40 -9.66 -53.36
C SER F 334 -52.94 -10.96 -52.71
N GLY F 335 -52.83 -12.01 -53.51
CA GLY F 335 -52.36 -13.29 -53.03
C GLY F 335 -53.43 -14.15 -52.42
N ASP F 336 -53.95 -13.75 -51.25
CA ASP F 336 -54.96 -14.53 -50.57
C ASP F 336 -56.31 -14.42 -51.30
N SER F 337 -57.23 -15.31 -50.93
CA SER F 337 -58.57 -15.35 -51.50
C SER F 337 -59.57 -14.89 -50.45
N MET F 338 -60.44 -13.97 -50.83
CA MET F 338 -61.46 -13.42 -49.94
C MET F 338 -62.82 -13.49 -50.61
N ILE F 339 -63.86 -13.48 -49.78
CA ILE F 339 -65.24 -13.56 -50.25
C ILE F 339 -65.87 -12.17 -50.18
N PHE F 340 -66.43 -11.72 -51.30
CA PHE F 340 -67.07 -10.42 -51.41
C PHE F 340 -68.56 -10.62 -51.64
N VAL F 341 -69.38 -10.06 -50.77
CA VAL F 341 -70.83 -10.10 -50.91
C VAL F 341 -71.29 -8.67 -51.14
N GLU F 342 -71.69 -8.36 -52.37
CA GLU F 342 -72.13 -7.03 -52.76
C GLU F 342 -73.65 -6.95 -52.82
N GLU F 343 -74.15 -5.73 -52.67
CA GLU F 343 -75.59 -5.44 -52.68
C GLU F 343 -76.31 -6.18 -51.57
N CYS F 344 -76.36 -5.57 -50.38
CA CYS F 344 -77.05 -6.18 -49.25
C CYS F 344 -78.46 -5.62 -49.12
N LYS F 345 -78.67 -4.76 -48.13
CA LYS F 345 -79.98 -4.15 -47.92
C LYS F 345 -79.85 -2.82 -47.17
N HIS F 346 -79.18 -2.85 -46.01
CA HIS F 346 -78.97 -1.67 -45.19
C HIS F 346 -77.47 -1.39 -45.11
N PRO F 347 -76.93 -0.55 -45.99
CA PRO F 347 -75.48 -0.25 -45.93
C PRO F 347 -75.12 0.63 -44.75
N LYS F 348 -75.00 0.03 -43.56
CA LYS F 348 -74.66 0.79 -42.37
C LYS F 348 -73.16 1.06 -42.30
N ALA F 349 -72.36 0.02 -42.13
CA ALA F 349 -70.91 0.14 -42.04
C ALA F 349 -70.30 0.01 -43.43
N VAL F 350 -68.96 0.08 -43.47
CA VAL F 350 -68.21 -0.03 -44.72
C VAL F 350 -66.88 -0.68 -44.43
N THR F 351 -66.27 -1.26 -45.45
CA THR F 351 -65.00 -1.96 -45.34
C THR F 351 -63.95 -1.29 -46.21
N MET F 352 -62.77 -1.07 -45.65
CA MET F 352 -61.66 -0.45 -46.36
C MET F 352 -60.48 -1.41 -46.37
N LEU F 353 -59.95 -1.65 -47.57
CA LEU F 353 -58.82 -2.55 -47.76
C LEU F 353 -57.63 -1.76 -48.32
N ILE F 354 -56.46 -1.95 -47.71
CA ILE F 354 -55.25 -1.26 -48.11
C ILE F 354 -54.24 -2.30 -48.57
N ARG F 355 -53.68 -2.09 -49.77
CA ARG F 355 -52.71 -2.99 -50.36
C ARG F 355 -51.42 -2.21 -50.62
N GLY F 356 -50.32 -2.71 -50.08
CA GLY F 356 -49.02 -2.09 -50.24
C GLY F 356 -48.00 -3.05 -50.82
N THR F 357 -46.75 -2.85 -50.44
CA THR F 357 -45.65 -3.67 -50.95
C THR F 357 -45.21 -4.69 -49.90
N THR F 358 -44.49 -4.23 -48.88
CA THR F 358 -43.99 -5.12 -47.84
C THR F 358 -45.05 -5.39 -46.78
N GLU F 359 -44.65 -5.38 -45.51
CA GLU F 359 -45.57 -5.64 -44.41
C GLU F 359 -45.69 -4.49 -43.42
N HIS F 360 -44.72 -3.58 -43.39
CA HIS F 360 -44.76 -2.45 -42.47
C HIS F 360 -45.46 -1.23 -43.06
N VAL F 361 -45.76 -1.24 -44.36
CA VAL F 361 -46.44 -0.11 -44.98
C VAL F 361 -47.94 -0.16 -44.69
N ILE F 362 -48.55 -1.33 -44.88
CA ILE F 362 -49.98 -1.48 -44.62
C ILE F 362 -50.29 -1.18 -43.16
N GLU F 363 -49.45 -1.67 -42.24
CA GLU F 363 -49.62 -1.34 -40.83
C GLU F 363 -49.53 0.16 -40.60
N GLU F 364 -48.68 0.85 -41.38
CA GLU F 364 -48.60 2.30 -41.28
C GLU F 364 -49.93 2.96 -41.61
N VAL F 365 -50.71 2.35 -42.50
CA VAL F 365 -52.04 2.86 -42.78
C VAL F 365 -53.03 2.44 -41.71
N ALA F 366 -52.76 1.33 -41.01
CA ALA F 366 -53.67 0.86 -39.97
C ALA F 366 -53.77 1.86 -38.83
N ARG F 367 -52.69 2.56 -38.52
CA ARG F 367 -52.70 3.60 -37.52
C ARG F 367 -53.07 4.97 -38.09
N ALA F 368 -53.49 5.02 -39.36
CA ALA F 368 -53.86 6.28 -40.01
C ALA F 368 -55.34 6.39 -40.30
N VAL F 369 -56.03 5.28 -40.54
CA VAL F 369 -57.46 5.32 -40.83
C VAL F 369 -58.26 5.65 -39.58
N ASP F 370 -57.93 5.00 -38.45
CA ASP F 370 -58.65 5.25 -37.21
C ASP F 370 -58.49 6.69 -36.74
N ASP F 371 -57.35 7.31 -37.06
CA ASP F 371 -57.13 8.71 -36.72
C ASP F 371 -57.67 9.66 -37.79
N ALA F 372 -58.24 9.13 -38.87
CA ALA F 372 -58.79 9.97 -39.93
C ALA F 372 -60.31 10.06 -39.91
N VAL F 373 -60.99 9.08 -39.31
CA VAL F 373 -62.45 9.10 -39.23
C VAL F 373 -62.86 9.75 -37.91
N GLY F 374 -62.00 9.63 -36.89
CA GLY F 374 -62.32 10.21 -35.60
C GLY F 374 -62.46 11.71 -35.63
N VAL F 375 -61.77 12.37 -36.56
CA VAL F 375 -61.90 13.82 -36.71
C VAL F 375 -63.08 14.22 -37.58
N VAL F 376 -63.83 13.26 -38.10
CA VAL F 376 -64.99 13.55 -38.94
C VAL F 376 -66.28 13.49 -38.14
N GLY F 377 -66.43 12.44 -37.31
CA GLY F 377 -67.64 12.31 -36.50
C GLY F 377 -67.82 13.44 -35.51
N CYS F 378 -66.72 14.05 -35.07
CA CYS F 378 -66.78 15.20 -34.18
C CYS F 378 -66.92 16.52 -34.93
N THR F 379 -67.05 16.48 -36.26
CA THR F 379 -67.19 17.69 -37.05
C THR F 379 -68.66 18.02 -37.35
N ILE F 380 -69.43 17.01 -37.75
CA ILE F 380 -70.84 17.23 -38.05
C ILE F 380 -71.63 17.47 -36.78
N GLU F 381 -71.31 16.74 -35.71
CA GLU F 381 -72.02 16.90 -34.45
C GLU F 381 -71.70 18.23 -33.79
N ASP F 382 -70.53 18.80 -34.06
CA ASP F 382 -70.14 20.07 -33.47
C ASP F 382 -70.19 21.18 -34.51
N GLY F 383 -69.11 21.35 -35.27
CA GLY F 383 -69.05 22.37 -36.29
C GLY F 383 -68.26 23.61 -35.93
N ARG F 384 -67.51 23.59 -34.83
CA ARG F 384 -66.71 24.74 -34.41
C ARG F 384 -65.27 24.57 -34.90
N ILE F 385 -65.13 24.57 -36.23
CA ILE F 385 -63.83 24.40 -36.87
C ILE F 385 -63.04 25.70 -36.73
N VAL F 386 -61.84 25.59 -36.19
CA VAL F 386 -60.97 26.76 -36.00
C VAL F 386 -59.83 26.69 -37.01
N SER F 387 -58.90 27.65 -36.93
CA SER F 387 -57.76 27.71 -37.83
C SER F 387 -56.62 26.89 -37.22
N GLY F 388 -56.29 25.76 -37.87
CA GLY F 388 -55.24 24.91 -37.39
C GLY F 388 -53.86 25.39 -37.82
N GLY F 389 -52.86 24.57 -37.48
CA GLY F 389 -51.49 24.88 -37.82
C GLY F 389 -50.76 25.73 -36.82
N GLY F 390 -51.16 25.70 -35.55
CA GLY F 390 -50.50 26.49 -34.53
C GLY F 390 -50.88 27.96 -34.53
N SER F 391 -52.15 28.27 -34.79
CA SER F 391 -52.61 29.64 -34.81
C SER F 391 -53.51 30.00 -33.64
N THR F 392 -54.13 29.02 -32.97
CA THR F 392 -55.00 29.33 -31.85
C THR F 392 -54.19 29.68 -30.61
N GLU F 393 -53.05 29.01 -30.40
CA GLU F 393 -52.21 29.32 -29.24
C GLU F 393 -51.64 30.72 -29.33
N VAL F 394 -51.16 31.12 -30.52
CA VAL F 394 -50.62 32.46 -30.68
C VAL F 394 -51.70 33.51 -30.52
N GLU F 395 -52.93 33.19 -30.94
CA GLU F 395 -54.03 34.15 -30.79
C GLU F 395 -54.43 34.30 -29.33
N LEU F 396 -54.43 33.18 -28.57
CA LEU F 396 -54.80 33.26 -27.16
C LEU F 396 -53.69 33.88 -26.32
N SER F 397 -52.43 33.76 -26.77
CA SER F 397 -51.33 34.36 -26.03
C SER F 397 -51.39 35.88 -26.07
N MET F 398 -51.84 36.46 -27.18
CA MET F 398 -51.97 37.90 -27.28
C MET F 398 -53.14 38.43 -26.45
N LYS F 399 -54.12 37.59 -26.13
CA LYS F 399 -55.27 37.98 -25.33
C LYS F 399 -55.05 37.76 -23.84
N LEU F 400 -54.34 36.70 -23.46
CA LEU F 400 -54.09 36.46 -22.04
C LEU F 400 -53.19 37.53 -21.44
N ARG F 401 -52.26 38.09 -22.23
CA ARG F 401 -51.39 39.13 -21.71
C ARG F 401 -52.17 40.37 -21.31
N GLU F 402 -53.15 40.76 -22.13
CA GLU F 402 -53.98 41.92 -21.80
C GLU F 402 -55.09 41.59 -20.82
N TYR F 403 -55.47 40.31 -20.71
CA TYR F 403 -56.47 39.93 -19.72
C TYR F 403 -55.90 39.84 -18.32
N ALA F 404 -54.62 39.47 -18.19
CA ALA F 404 -53.99 39.36 -16.87
C ALA F 404 -53.68 40.70 -16.25
N GLU F 405 -53.84 41.81 -16.99
CA GLU F 405 -53.57 43.13 -16.46
C GLU F 405 -54.68 43.66 -15.58
N GLY F 406 -55.88 43.09 -15.64
CA GLY F 406 -56.98 43.54 -14.82
C GLY F 406 -57.00 43.03 -13.40
N ILE F 407 -56.09 42.14 -13.05
CA ILE F 407 -56.00 41.58 -11.71
C ILE F 407 -54.71 42.02 -11.06
N SER F 408 -54.69 42.01 -9.74
CA SER F 408 -53.53 42.40 -8.95
C SER F 408 -53.22 41.30 -7.95
N GLY F 409 -51.95 41.01 -7.77
CA GLY F 409 -51.52 39.98 -6.85
C GLY F 409 -50.49 39.08 -7.49
N ARG F 410 -50.15 38.01 -6.77
CA ARG F 410 -49.17 37.05 -7.25
C ARG F 410 -49.74 36.09 -8.29
N GLU F 411 -51.04 36.13 -8.54
CA GLU F 411 -51.66 35.25 -9.53
C GLU F 411 -51.43 35.72 -10.96
N GLN F 412 -50.94 36.94 -11.16
CA GLN F 412 -50.69 37.43 -12.51
C GLN F 412 -49.48 36.73 -13.13
N LEU F 413 -48.47 36.40 -12.32
CA LEU F 413 -47.31 35.70 -12.84
C LEU F 413 -47.65 34.30 -13.33
N ALA F 414 -48.64 33.66 -12.71
CA ALA F 414 -49.07 32.34 -13.16
C ALA F 414 -49.79 32.43 -14.51
N VAL F 415 -50.66 33.44 -14.68
CA VAL F 415 -51.35 33.61 -15.95
C VAL F 415 -50.35 33.98 -17.05
N ARG F 416 -49.38 34.84 -16.73
CA ARG F 416 -48.37 35.20 -17.72
C ARG F 416 -47.52 33.99 -18.10
N ALA F 417 -47.18 33.14 -17.12
CA ALA F 417 -46.41 31.94 -17.42
C ALA F 417 -47.21 30.98 -18.29
N PHE F 418 -48.51 30.82 -17.99
CA PHE F 418 -49.36 29.94 -18.79
C PHE F 418 -49.50 30.48 -20.22
N ALA F 419 -49.54 31.81 -20.37
CA ALA F 419 -49.64 32.39 -21.70
C ALA F 419 -48.34 32.23 -22.48
N ASP F 420 -47.20 32.38 -21.80
CA ASP F 420 -45.91 32.23 -22.47
C ASP F 420 -45.62 30.77 -22.81
N ALA F 421 -46.17 29.83 -22.03
CA ALA F 421 -45.95 28.41 -22.31
C ALA F 421 -46.72 27.93 -23.53
N LEU F 422 -47.75 28.67 -23.96
CA LEU F 422 -48.51 28.28 -25.13
C LEU F 422 -47.76 28.49 -26.44
N GLU F 423 -46.63 29.21 -26.41
CA GLU F 423 -45.83 29.44 -27.60
C GLU F 423 -44.85 28.31 -27.89
N VAL F 424 -45.01 27.16 -27.24
CA VAL F 424 -44.11 26.03 -27.49
C VAL F 424 -44.52 25.25 -28.74
N ILE F 425 -45.78 25.32 -29.14
CA ILE F 425 -46.27 24.61 -30.33
C ILE F 425 -45.62 25.18 -31.59
N PRO F 426 -45.60 26.50 -31.82
CA PRO F 426 -44.91 26.99 -33.02
C PRO F 426 -43.42 26.77 -33.00
N ARG F 427 -42.80 26.71 -31.82
CA ARG F 427 -41.37 26.44 -31.75
C ARG F 427 -41.06 24.98 -32.08
N THR F 428 -41.96 24.06 -31.71
CA THR F 428 -41.76 22.66 -32.04
C THR F 428 -42.12 22.35 -33.48
N LEU F 429 -43.12 23.05 -34.04
CA LEU F 429 -43.49 22.83 -35.43
C LEU F 429 -42.48 23.44 -36.40
N ALA F 430 -41.68 24.40 -35.94
CA ALA F 430 -40.66 25.03 -36.77
C ALA F 430 -39.25 24.50 -36.51
N GLU F 431 -39.07 23.70 -35.46
CA GLU F 431 -37.75 23.15 -35.17
C GLU F 431 -37.35 22.09 -36.18
N ASN F 432 -38.33 21.41 -36.79
CA ASN F 432 -38.03 20.38 -37.77
C ASN F 432 -37.44 20.94 -39.05
N ALA F 433 -37.55 22.24 -39.28
CA ALA F 433 -37.01 22.89 -40.46
C ALA F 433 -35.65 23.51 -40.15
N GLY F 434 -35.05 24.10 -41.18
CA GLY F 434 -33.75 24.73 -41.05
C GLY F 434 -33.78 26.23 -41.24
N LEU F 435 -34.68 26.71 -42.11
CA LEU F 435 -34.80 28.12 -42.40
C LEU F 435 -35.82 28.82 -41.51
N ASP F 436 -36.19 28.21 -40.39
CA ASP F 436 -37.16 28.79 -39.46
C ASP F 436 -36.46 29.35 -38.23
N ALA F 437 -35.79 28.51 -37.44
CA ALA F 437 -35.07 28.92 -36.24
C ALA F 437 -35.99 29.65 -35.26
N ILE F 438 -35.93 30.98 -35.25
CA ILE F 438 -36.72 31.79 -34.34
C ILE F 438 -37.37 32.98 -35.01
N GLU F 439 -36.98 33.32 -36.25
CA GLU F 439 -37.58 34.48 -36.92
C GLU F 439 -39.05 34.24 -37.23
N ILE F 440 -39.44 32.99 -37.47
CA ILE F 440 -40.84 32.70 -37.78
C ILE F 440 -41.74 33.05 -36.61
N LEU F 441 -41.31 32.72 -35.39
CA LEU F 441 -42.12 33.02 -34.21
C LEU F 441 -42.25 34.53 -34.00
N VAL F 442 -41.20 35.29 -34.33
CA VAL F 442 -41.27 36.74 -34.18
C VAL F 442 -42.15 37.35 -35.25
N LYS F 443 -42.14 36.77 -36.46
CA LYS F 443 -42.95 37.32 -37.55
C LYS F 443 -44.42 37.01 -37.35
N VAL F 444 -44.75 35.82 -36.85
CA VAL F 444 -46.15 35.45 -36.64
C VAL F 444 -46.73 36.05 -35.38
N ARG F 445 -45.91 36.69 -34.54
CA ARG F 445 -46.39 37.31 -33.31
C ARG F 445 -46.89 38.73 -33.53
N ALA F 446 -46.14 39.53 -34.29
CA ALA F 446 -46.54 40.91 -34.55
C ALA F 446 -47.55 41.03 -35.68
N ALA F 447 -47.88 39.93 -36.36
CA ALA F 447 -48.84 39.99 -37.46
C ALA F 447 -50.28 40.06 -36.96
N HIS F 448 -50.57 39.45 -35.80
CA HIS F 448 -51.91 39.45 -35.23
C HIS F 448 -52.13 40.62 -34.28
N ALA F 449 -51.30 41.66 -34.35
CA ALA F 449 -51.43 42.82 -33.49
C ALA F 449 -52.41 43.86 -34.03
N SER F 450 -52.97 43.64 -35.23
CA SER F 450 -53.92 44.58 -35.81
C SER F 450 -55.35 44.22 -35.43
N ASN F 451 -56.29 44.50 -36.33
CA ASN F 451 -57.70 44.19 -36.06
C ASN F 451 -58.02 42.75 -36.44
N GLY F 452 -57.99 42.44 -37.73
CA GLY F 452 -58.28 41.10 -38.20
C GLY F 452 -57.06 40.20 -38.20
N ASN F 453 -56.85 39.50 -39.32
CA ASN F 453 -55.72 38.59 -39.48
C ASN F 453 -55.70 37.52 -38.39
N LYS F 454 -56.51 36.48 -38.56
CA LYS F 454 -56.61 35.40 -37.59
C LYS F 454 -56.33 34.03 -38.18
N CYS F 455 -56.73 33.79 -39.44
CA CYS F 455 -56.53 32.50 -40.07
C CYS F 455 -55.08 32.23 -40.44
N ALA F 456 -54.20 33.22 -40.33
CA ALA F 456 -52.80 33.02 -40.67
C ALA F 456 -52.10 32.20 -39.60
N GLY F 457 -51.22 31.31 -40.03
CA GLY F 457 -50.48 30.46 -39.11
C GLY F 457 -49.08 30.13 -39.57
N LEU F 458 -48.82 28.85 -39.85
CA LEU F 458 -47.51 28.42 -40.29
C LEU F 458 -47.65 27.11 -41.05
N ASN F 459 -46.98 27.02 -42.20
CA ASN F 459 -47.00 25.82 -43.03
C ASN F 459 -45.56 25.43 -43.34
N VAL F 460 -45.25 24.13 -43.16
CA VAL F 460 -43.89 23.64 -43.41
C VAL F 460 -43.66 23.27 -44.86
N PHE F 461 -44.62 23.52 -45.75
CA PHE F 461 -44.48 23.20 -47.16
C PHE F 461 -44.19 24.42 -48.01
N THR F 462 -43.82 25.54 -47.41
CA THR F 462 -43.51 26.75 -48.17
C THR F 462 -42.34 27.50 -47.55
N GLY F 463 -42.54 28.05 -46.36
CA GLY F 463 -41.48 28.79 -45.68
C GLY F 463 -41.92 30.16 -45.22
N ALA F 464 -42.80 30.79 -45.99
CA ALA F 464 -43.31 32.12 -45.65
C ALA F 464 -44.53 31.98 -44.75
N VAL F 465 -45.30 33.05 -44.60
CA VAL F 465 -46.50 33.05 -43.76
C VAL F 465 -47.70 33.36 -44.65
N GLU F 466 -48.80 32.65 -44.41
CA GLU F 466 -50.03 32.84 -45.17
C GLU F 466 -51.19 32.27 -44.35
N ASP F 467 -52.38 32.34 -44.92
CA ASP F 467 -53.57 31.82 -44.27
C ASP F 467 -53.57 30.29 -44.28
N MET F 468 -54.18 29.70 -43.25
CA MET F 468 -54.25 28.25 -43.12
C MET F 468 -55.56 27.67 -43.63
N CYS F 469 -56.65 28.44 -43.64
CA CYS F 469 -57.93 27.94 -44.11
C CYS F 469 -57.98 27.79 -45.63
N GLU F 470 -57.14 28.54 -46.35
CA GLU F 470 -57.11 28.45 -47.81
C GLU F 470 -56.23 27.32 -48.32
N ASN F 471 -55.33 26.79 -47.50
CA ASN F 471 -54.46 25.70 -47.93
C ASN F 471 -55.17 24.35 -47.84
N GLY F 472 -55.54 23.96 -46.62
CA GLY F 472 -56.23 22.70 -46.41
C GLY F 472 -56.07 22.15 -45.02
N VAL F 473 -55.78 23.02 -44.06
CA VAL F 473 -55.60 22.65 -42.66
C VAL F 473 -56.75 23.23 -41.86
N VAL F 474 -57.65 22.36 -41.41
CA VAL F 474 -58.82 22.78 -40.63
C VAL F 474 -58.96 21.88 -39.41
N GLU F 475 -58.02 21.99 -38.48
CA GLU F 475 -58.06 21.18 -37.27
C GLU F 475 -59.24 21.59 -36.40
N PRO F 476 -60.03 20.65 -35.88
CA PRO F 476 -61.19 21.02 -35.07
C PRO F 476 -60.81 21.62 -33.72
N LEU F 477 -61.80 22.02 -32.94
CA LEU F 477 -61.57 22.66 -31.65
C LEU F 477 -61.60 21.67 -30.49
N ARG F 478 -62.36 20.58 -30.62
CA ARG F 478 -62.46 19.61 -29.54
C ARG F 478 -61.11 18.98 -29.22
N VAL F 479 -60.32 18.68 -30.25
CA VAL F 479 -59.01 18.09 -30.04
C VAL F 479 -58.06 19.06 -29.32
N LYS F 480 -58.33 20.36 -29.39
CA LYS F 480 -57.55 21.35 -28.66
C LYS F 480 -58.07 21.55 -27.24
N THR F 481 -59.39 21.61 -27.08
CA THR F 481 -59.95 21.81 -25.74
C THR F 481 -59.66 20.61 -24.84
N GLN F 482 -59.81 19.40 -25.36
CA GLN F 482 -59.51 18.21 -24.56
C GLN F 482 -58.02 18.15 -24.21
N ALA F 483 -57.15 18.54 -25.14
CA ALA F 483 -55.72 18.55 -24.86
C ALA F 483 -55.38 19.58 -23.78
N ILE F 484 -55.98 20.77 -23.86
CA ILE F 484 -55.74 21.78 -22.84
C ILE F 484 -56.25 21.32 -21.48
N GLN F 485 -57.41 20.68 -21.46
CA GLN F 485 -57.95 20.17 -20.20
C GLN F 485 -57.05 19.10 -19.61
N SER F 486 -56.56 18.18 -20.45
CA SER F 486 -55.66 17.14 -19.96
C SER F 486 -54.35 17.72 -19.45
N ALA F 487 -53.83 18.75 -20.14
CA ALA F 487 -52.58 19.36 -19.70
C ALA F 487 -52.78 20.11 -18.39
N ALA F 488 -53.94 20.75 -18.21
CA ALA F 488 -54.21 21.46 -16.96
C ALA F 488 -54.49 20.51 -15.80
N GLU F 489 -55.04 19.33 -16.09
CA GLU F 489 -55.30 18.35 -15.04
C GLU F 489 -54.05 17.57 -14.66
N SER F 490 -53.14 17.34 -15.61
CA SER F 490 -51.94 16.57 -15.33
C SER F 490 -50.88 17.39 -14.61
N THR F 491 -50.86 18.70 -14.82
CA THR F 491 -49.85 19.54 -14.18
C THR F 491 -50.14 19.79 -12.70
N GLU F 492 -51.34 19.46 -12.23
CA GLU F 492 -51.70 19.65 -10.83
C GLU F 492 -51.53 18.40 -9.99
N MET F 493 -51.36 17.24 -10.62
CA MET F 493 -51.18 15.99 -9.89
C MET F 493 -49.74 15.78 -9.42
N LEU F 494 -48.83 16.67 -9.77
CA LEU F 494 -47.42 16.57 -9.37
C LEU F 494 -46.99 17.64 -8.39
N LEU F 495 -47.50 18.87 -8.53
CA LEU F 495 -47.13 19.94 -7.62
C LEU F 495 -47.79 19.80 -6.26
N ARG F 496 -48.88 19.04 -6.16
CA ARG F 496 -49.58 18.83 -4.90
C ARG F 496 -49.11 17.59 -4.17
N ILE F 497 -47.89 17.13 -4.44
CA ILE F 497 -47.33 15.95 -3.78
C ILE F 497 -46.34 16.33 -2.70
N ASP F 498 -45.41 17.24 -3.01
CA ASP F 498 -44.40 17.70 -2.07
C ASP F 498 -43.57 16.56 -1.52
N ASP F 499 -44.07 15.90 -0.48
CA ASP F 499 -43.39 14.78 0.14
C ASP F 499 -43.92 13.45 -0.40
N VAL F 500 -43.13 12.40 -0.20
CA VAL F 500 -43.49 11.05 -0.64
C VAL F 500 -42.98 10.06 0.40
N ILE F 501 -43.84 9.13 0.79
CA ILE F 501 -43.50 8.12 1.79
C ILE F 501 -43.63 6.74 1.16
N ALA F 502 -43.43 5.70 1.96
CA ALA F 502 -43.54 4.33 1.50
C ALA F 502 -44.13 3.46 2.61
N ALA F 503 -44.63 2.29 2.22
CA ALA F 503 -45.22 1.36 3.16
C ALA F 503 -45.06 -0.06 2.64
N GLU F 504 -45.26 -1.03 3.52
CA GLU F 504 -45.16 -2.43 3.19
C GLU F 504 -46.51 -3.14 3.10
N LYS F 505 -47.60 -2.39 3.23
CA LYS F 505 -48.94 -2.94 3.16
C LYS F 505 -49.51 -2.78 1.75
N LEU F 506 -50.15 -3.85 1.26
CA LEU F 506 -50.72 -3.82 -0.08
C LEU F 506 -51.94 -2.90 -0.10
N ARG F 507 -51.97 -2.01 -1.09
CA ARG F 507 -53.07 -1.04 -1.26
C ARG F 507 -53.29 -0.21 0.00
N MET G 1 -27.23 7.72 30.11
CA MET G 1 -28.27 6.72 29.87
C MET G 1 -29.66 7.35 29.96
N GLY G 2 -29.85 8.21 30.96
CA GLY G 2 -31.14 8.87 31.12
C GLY G 2 -31.42 9.92 30.07
N ARG G 3 -30.38 10.56 29.55
CA ARG G 3 -30.52 11.60 28.53
C ARG G 3 -30.20 11.10 27.12
N ASP G 4 -29.69 9.88 26.99
CA ASP G 4 -29.35 9.32 25.68
C ASP G 4 -30.56 8.66 25.03
N ALA G 5 -31.24 7.77 25.75
CA ALA G 5 -32.41 7.08 25.22
C ALA G 5 -33.66 7.94 25.22
N GLN G 6 -33.64 9.09 25.89
CA GLN G 6 -34.79 10.00 25.94
C GLN G 6 -34.90 10.89 24.71
N ARG G 7 -33.77 11.43 24.23
CA ARG G 7 -33.82 12.30 23.05
C ARG G 7 -34.11 11.51 21.79
N MET G 8 -33.67 10.26 21.72
CA MET G 8 -33.92 9.44 20.54
C MET G 8 -35.41 9.14 20.39
N ASN G 9 -36.09 8.89 21.50
CA ASN G 9 -37.53 8.63 21.45
C ASN G 9 -38.31 9.85 20.99
N ILE G 10 -37.83 11.05 21.29
CA ILE G 10 -38.50 12.27 20.84
C ILE G 10 -38.18 12.55 19.38
N LEU G 11 -36.94 12.27 18.96
CA LEU G 11 -36.57 12.48 17.56
C LEU G 11 -37.27 11.49 16.65
N ALA G 12 -37.52 10.26 17.13
CA ALA G 12 -38.25 9.30 16.31
C ALA G 12 -39.72 9.66 16.19
N GLY G 13 -40.27 10.36 17.18
CA GLY G 13 -41.66 10.77 17.11
C GLY G 13 -41.88 12.05 16.34
N ARG G 14 -40.91 12.97 16.38
CA ARG G 14 -41.04 14.22 15.64
C ARG G 14 -41.02 14.02 14.14
N ILE G 15 -40.42 12.92 13.67
CA ILE G 15 -40.39 12.66 12.22
C ILE G 15 -41.78 12.23 11.74
N ILE G 16 -42.43 11.34 12.48
CA ILE G 16 -43.77 10.89 12.08
C ILE G 16 -44.85 11.89 12.47
N ALA G 17 -44.55 12.82 13.37
CA ALA G 17 -45.55 13.81 13.77
C ALA G 17 -45.66 14.93 12.74
N GLU G 18 -44.55 15.30 12.10
CA GLU G 18 -44.56 16.35 11.10
C GLU G 18 -44.87 15.84 9.69
N THR G 19 -45.19 14.56 9.54
CA THR G 19 -45.49 14.03 8.22
C THR G 19 -46.87 14.48 7.76
N VAL G 20 -47.85 14.49 8.65
CA VAL G 20 -49.22 14.89 8.31
C VAL G 20 -49.40 16.37 8.62
N ARG G 21 -48.30 17.12 8.73
CA ARG G 21 -48.40 18.53 9.02
C ARG G 21 -48.98 19.31 7.84
N SER G 22 -48.56 18.98 6.62
CA SER G 22 -49.06 19.67 5.44
C SER G 22 -50.48 19.26 5.07
N THR G 23 -50.93 18.08 5.51
CA THR G 23 -52.27 17.60 5.22
C THR G 23 -53.25 17.96 6.34
N LEU G 24 -53.39 19.26 6.59
CA LEU G 24 -54.29 19.75 7.62
C LEU G 24 -55.25 20.82 7.12
N GLY G 25 -54.77 21.76 6.32
CA GLY G 25 -55.63 22.81 5.79
C GLY G 25 -56.54 22.31 4.69
N PRO G 26 -57.52 23.14 4.30
CA PRO G 26 -58.43 22.72 3.23
C PRO G 26 -57.78 22.68 1.86
N LYS G 27 -56.78 23.51 1.61
CA LYS G 27 -56.11 23.53 0.32
C LYS G 27 -54.65 23.10 0.46
N GLY G 28 -54.43 21.94 1.07
CA GLY G 28 -53.08 21.44 1.26
C GLY G 28 -52.69 20.40 0.22
N MET G 29 -51.40 20.10 0.20
CA MET G 29 -50.86 19.12 -0.74
C MET G 29 -51.22 17.71 -0.29
N ASP G 30 -51.25 16.79 -1.26
CA ASP G 30 -51.57 15.40 -1.01
C ASP G 30 -50.29 14.60 -0.73
N LYS G 31 -50.45 13.29 -0.55
CA LYS G 31 -49.34 12.39 -0.29
C LYS G 31 -49.38 11.22 -1.25
N MET G 32 -48.26 10.95 -1.90
CA MET G 32 -48.14 9.85 -2.85
C MET G 32 -47.49 8.67 -2.13
N LEU G 33 -48.21 7.54 -2.06
CA LEU G 33 -47.74 6.35 -1.38
C LEU G 33 -47.51 5.24 -2.40
N VAL G 34 -46.30 4.67 -2.38
CA VAL G 34 -45.94 3.57 -3.27
C VAL G 34 -45.72 2.32 -2.44
N ASP G 35 -45.80 1.17 -3.10
CA ASP G 35 -45.62 -0.13 -2.49
C ASP G 35 -44.52 -0.90 -3.21
N ASP G 36 -44.25 -2.11 -2.73
CA ASP G 36 -43.22 -2.93 -3.34
C ASP G 36 -43.68 -3.52 -4.67
N LEU G 37 -44.97 -3.87 -4.79
CA LEU G 37 -45.47 -4.40 -6.05
C LEU G 37 -45.60 -3.32 -7.11
N GLY G 38 -45.81 -2.07 -6.70
CA GLY G 38 -45.95 -0.98 -7.63
C GLY G 38 -47.33 -0.35 -7.62
N ASP G 39 -47.89 -0.15 -6.43
CA ASP G 39 -49.21 0.45 -6.25
C ASP G 39 -49.03 1.89 -5.81
N VAL G 40 -49.23 2.82 -6.74
CA VAL G 40 -49.09 4.25 -6.47
C VAL G 40 -50.48 4.81 -6.18
N VAL G 41 -50.68 5.26 -4.94
CA VAL G 41 -51.96 5.83 -4.52
C VAL G 41 -51.75 7.24 -4.02
N VAL G 42 -52.82 8.01 -3.99
CA VAL G 42 -52.82 9.40 -3.54
C VAL G 42 -53.78 9.53 -2.37
N THR G 43 -53.29 10.07 -1.26
CA THR G 43 -54.08 10.24 -0.05
C THR G 43 -53.99 11.68 0.41
N ASN G 44 -55.15 12.32 0.60
CA ASN G 44 -55.21 13.70 1.05
C ASN G 44 -55.42 13.84 2.54
N ASP G 45 -56.09 12.88 3.18
CA ASP G 45 -56.35 12.94 4.61
C ASP G 45 -55.12 12.49 5.38
N GLY G 46 -55.26 12.35 6.70
CA GLY G 46 -54.16 11.92 7.54
C GLY G 46 -54.42 10.62 8.26
N VAL G 47 -55.66 10.12 8.16
CA VAL G 47 -56.00 8.86 8.82
C VAL G 47 -55.35 7.68 8.09
N THR G 48 -55.40 7.70 6.76
CA THR G 48 -54.77 6.62 6.00
C THR G 48 -53.25 6.68 6.07
N ILE G 49 -52.69 7.87 6.26
CA ILE G 49 -51.24 8.02 6.33
C ILE G 49 -50.70 7.31 7.57
N LEU G 50 -51.42 7.38 8.70
CA LEU G 50 -50.95 6.74 9.92
C LEU G 50 -51.01 5.23 9.82
N ARG G 51 -51.92 4.68 9.01
CA ARG G 51 -52.03 3.24 8.87
C ARG G 51 -50.90 2.68 8.01
N GLU G 52 -50.85 3.08 6.74
CA GLU G 52 -49.80 2.64 5.82
C GLU G 52 -48.54 3.47 6.08
N MET G 53 -47.79 3.06 7.09
CA MET G 53 -46.56 3.74 7.47
C MET G 53 -45.63 2.74 8.14
N SER G 54 -44.34 2.87 7.86
CA SER G 54 -43.33 1.98 8.44
C SER G 54 -43.28 2.14 9.96
N VAL G 55 -43.84 1.16 10.67
CA VAL G 55 -43.88 1.19 12.13
C VAL G 55 -42.75 0.32 12.69
N GLU G 56 -41.60 0.35 12.03
CA GLU G 56 -40.46 -0.44 12.48
C GLU G 56 -39.87 0.08 13.79
N HIS G 57 -40.10 1.34 14.12
CA HIS G 57 -39.55 1.87 15.37
C HIS G 57 -40.61 1.81 16.47
N PRO G 58 -40.21 1.46 17.70
CA PRO G 58 -41.20 1.37 18.79
C PRO G 58 -41.85 2.69 19.12
N ALA G 59 -41.16 3.82 18.91
CA ALA G 59 -41.75 5.11 19.23
C ALA G 59 -42.85 5.50 18.24
N ALA G 60 -42.74 5.04 16.99
CA ALA G 60 -43.74 5.33 15.97
C ALA G 60 -44.83 4.28 15.90
N LYS G 61 -45.44 3.96 17.04
CA LYS G 61 -46.49 2.94 17.08
C LYS G 61 -47.54 3.29 18.13
N MET G 62 -47.11 3.76 19.29
CA MET G 62 -48.04 4.10 20.36
C MET G 62 -48.90 5.30 19.97
N LEU G 63 -48.31 6.30 19.32
CA LEU G 63 -49.09 7.46 18.88
C LEU G 63 -50.13 7.05 17.86
N ILE G 64 -49.78 6.17 16.93
CA ILE G 64 -50.73 5.71 15.93
C ILE G 64 -51.84 4.89 16.58
N GLU G 65 -51.48 4.06 17.57
CA GLU G 65 -52.50 3.27 18.26
C GLU G 65 -53.46 4.16 19.04
N VAL G 66 -52.94 5.24 19.63
CA VAL G 66 -53.82 6.17 20.35
C VAL G 66 -54.71 6.93 19.38
N ALA G 67 -54.16 7.34 18.24
CA ALA G 67 -54.95 8.07 17.25
C ALA G 67 -56.03 7.20 16.64
N LYS G 68 -55.77 5.90 16.47
CA LYS G 68 -56.79 5.01 15.92
C LYS G 68 -57.97 4.84 16.86
N THR G 69 -57.73 4.90 18.18
CA THR G 69 -58.82 4.78 19.14
C THR G 69 -59.66 6.05 19.17
N GLN G 70 -59.08 7.20 18.84
CA GLN G 70 -59.83 8.45 18.82
C GLN G 70 -60.53 8.67 17.48
N GLU G 71 -59.98 8.13 16.39
CA GLU G 71 -60.60 8.29 15.09
C GLU G 71 -61.94 7.55 15.00
N LYS G 72 -62.09 6.47 15.75
CA LYS G 72 -63.32 5.68 15.75
C LYS G 72 -64.42 6.32 16.58
N GLU G 73 -64.19 7.50 17.16
CA GLU G 73 -65.18 8.19 17.97
C GLU G 73 -66.07 9.10 17.12
N VAL G 74 -65.50 10.17 16.57
CA VAL G 74 -66.26 11.11 15.74
C VAL G 74 -65.65 11.16 14.35
N GLY G 75 -64.37 10.84 14.25
CA GLY G 75 -63.68 10.85 12.98
C GLY G 75 -63.55 12.23 12.36
N ASP G 76 -62.83 13.12 13.04
CA ASP G 76 -62.64 14.48 12.54
C ASP G 76 -61.39 15.11 13.14
N GLY G 77 -61.13 14.84 14.43
CA GLY G 77 -59.97 15.40 15.09
C GLY G 77 -58.83 14.40 15.24
N THR G 78 -58.33 13.90 14.12
CA THR G 78 -57.25 12.92 14.11
C THR G 78 -55.90 13.54 13.74
N THR G 79 -55.84 14.26 12.61
CA THR G 79 -54.58 14.87 12.19
C THR G 79 -54.19 16.03 13.11
N THR G 80 -55.17 16.85 13.48
CA THR G 80 -54.89 17.99 14.37
C THR G 80 -54.38 17.52 15.73
N ALA G 81 -54.87 16.38 16.22
CA ALA G 81 -54.37 15.86 17.49
C ALA G 81 -52.91 15.48 17.37
N VAL G 82 -52.52 14.83 16.27
CA VAL G 82 -51.13 14.46 16.07
C VAL G 82 -50.26 15.71 15.93
N VAL G 83 -50.78 16.74 15.26
CA VAL G 83 -50.02 17.98 15.10
C VAL G 83 -49.80 18.64 16.45
N VAL G 84 -50.84 18.68 17.29
CA VAL G 84 -50.72 19.28 18.61
C VAL G 84 -49.75 18.47 19.48
N ALA G 85 -49.80 17.14 19.37
CA ALA G 85 -48.89 16.31 20.14
C ALA G 85 -47.44 16.54 19.71
N GLY G 86 -47.20 16.62 18.41
CA GLY G 86 -45.86 16.90 17.92
C GLY G 86 -45.36 18.27 18.34
N GLU G 87 -46.24 19.27 18.32
CA GLU G 87 -45.86 20.60 18.77
C GLU G 87 -45.52 20.60 20.26
N LEU G 88 -46.31 19.88 21.06
CA LEU G 88 -46.02 19.78 22.49
C LEU G 88 -44.68 19.09 22.73
N LEU G 89 -44.41 18.01 21.98
CA LEU G 89 -43.13 17.32 22.15
C LEU G 89 -41.96 18.21 21.75
N ARG G 90 -42.10 18.95 20.65
CA ARG G 90 -41.03 19.85 20.22
C ARG G 90 -40.82 20.99 21.21
N LYS G 91 -41.89 21.46 21.83
CA LYS G 91 -41.75 22.53 22.82
C LYS G 91 -41.13 22.02 24.12
N ALA G 92 -41.48 20.79 24.51
CA ALA G 92 -40.93 20.21 25.73
C ALA G 92 -39.49 19.72 25.56
N GLU G 93 -39.07 19.44 24.32
CA GLU G 93 -37.69 19.03 24.10
C GLU G 93 -36.71 20.15 24.43
N GLU G 94 -37.09 21.40 24.11
CA GLU G 94 -36.21 22.53 24.41
C GLU G 94 -36.17 22.82 25.90
N LEU G 95 -37.25 22.52 26.62
CA LEU G 95 -37.30 22.78 28.06
C LEU G 95 -36.44 21.82 28.87
N LEU G 96 -35.88 20.78 28.24
CA LEU G 96 -35.04 19.83 28.94
C LEU G 96 -33.58 20.27 29.02
N ASP G 97 -33.23 21.43 28.46
CA ASP G 97 -31.85 21.91 28.50
C ASP G 97 -31.51 22.60 29.81
N GLN G 98 -32.49 22.88 30.65
CA GLN G 98 -32.28 23.53 31.93
C GLN G 98 -32.05 22.55 33.08
N ASN G 99 -31.89 21.25 32.77
CA ASN G 99 -31.65 20.21 33.76
C ASN G 99 -32.76 20.19 34.81
N VAL G 100 -33.95 19.84 34.33
CA VAL G 100 -35.13 19.76 35.18
C VAL G 100 -35.75 18.37 35.22
N HIS G 101 -35.59 17.55 34.17
CA HIS G 101 -36.09 16.19 34.03
C HIS G 101 -37.62 16.17 34.00
N PRO G 102 -38.22 15.24 33.24
CA PRO G 102 -39.68 15.24 33.08
C PRO G 102 -40.42 14.87 34.36
N THR G 103 -41.10 15.85 34.96
CA THR G 103 -41.93 15.62 36.14
C THR G 103 -42.92 16.76 36.33
N ILE G 104 -42.41 17.99 36.47
CA ILE G 104 -43.29 19.14 36.68
C ILE G 104 -44.04 19.49 35.40
N VAL G 105 -43.48 19.14 34.24
CA VAL G 105 -44.13 19.45 32.97
C VAL G 105 -45.42 18.66 32.83
N VAL G 106 -45.41 17.39 33.28
CA VAL G 106 -46.62 16.57 33.21
C VAL G 106 -47.71 17.15 34.12
N LYS G 107 -47.34 17.57 35.32
CA LYS G 107 -48.31 18.18 36.22
C LYS G 107 -48.85 19.48 35.65
N GLY G 108 -47.99 20.28 35.02
CA GLY G 108 -48.46 21.51 34.39
C GLY G 108 -49.42 21.25 33.26
N TYR G 109 -49.12 20.23 32.43
CA TYR G 109 -50.03 19.88 31.34
C TYR G 109 -51.36 19.36 31.88
N GLN G 110 -51.34 18.56 32.94
CA GLN G 110 -52.57 18.05 33.52
C GLN G 110 -53.39 19.18 34.14
N ALA G 111 -52.73 20.18 34.71
CA ALA G 111 -53.45 21.31 35.29
C ALA G 111 -54.01 22.23 34.20
N ALA G 112 -53.30 22.35 33.08
CA ALA G 112 -53.77 23.21 31.99
C ALA G 112 -54.88 22.56 31.18
N ALA G 113 -54.89 21.22 31.10
CA ALA G 113 -55.93 20.53 30.33
C ALA G 113 -57.31 20.74 30.96
N GLN G 114 -57.39 20.66 32.28
CA GLN G 114 -58.67 20.88 32.95
C GLN G 114 -59.16 22.31 32.77
N LYS G 115 -58.23 23.28 32.86
CA LYS G 115 -58.61 24.67 32.64
C LYS G 115 -59.09 24.89 31.21
N ALA G 116 -58.42 24.28 30.23
CA ALA G 116 -58.85 24.42 28.85
C ALA G 116 -60.22 23.79 28.63
N GLN G 117 -60.47 22.62 29.23
CA GLN G 117 -61.77 21.98 29.10
C GLN G 117 -62.86 22.80 29.77
N GLU G 118 -62.55 23.47 30.88
CA GLU G 118 -63.54 24.31 31.54
C GLU G 118 -63.80 25.59 30.74
N LEU G 119 -62.77 26.14 30.10
CA LEU G 119 -62.95 27.34 29.30
C LEU G 119 -63.66 27.08 27.98
N LEU G 120 -63.49 25.88 27.42
CA LEU G 120 -64.16 25.56 26.16
C LEU G 120 -65.67 25.44 26.34
N LYS G 121 -66.12 25.02 27.52
CA LYS G 121 -67.54 24.87 27.79
C LYS G 121 -68.23 26.20 28.09
N THR G 122 -67.49 27.30 28.14
CA THR G 122 -68.07 28.61 28.41
C THR G 122 -68.01 29.56 27.22
N ILE G 123 -67.46 29.13 26.08
CA ILE G 123 -67.37 29.98 24.91
C ILE G 123 -68.30 29.50 23.79
N ALA G 124 -69.25 28.63 24.11
CA ALA G 124 -70.20 28.10 23.14
C ALA G 124 -71.58 28.72 23.37
N CYS G 125 -72.53 28.28 22.55
CA CYS G 125 -73.91 28.75 22.61
C CYS G 125 -74.84 27.56 22.75
N GLU G 126 -76.14 27.84 22.67
CA GLU G 126 -77.18 26.83 22.79
C GLU G 126 -77.89 26.69 21.45
N VAL G 127 -77.84 25.50 20.86
CA VAL G 127 -78.47 25.22 19.57
C VAL G 127 -79.55 24.18 19.81
N GLY G 128 -80.81 24.58 19.62
CA GLY G 128 -81.93 23.68 19.82
C GLY G 128 -82.19 22.80 18.62
N ALA G 129 -83.25 21.99 18.75
CA ALA G 129 -83.63 21.07 17.68
C ALA G 129 -84.60 21.69 16.69
N GLN G 130 -85.07 22.92 16.93
CA GLN G 130 -86.00 23.57 16.02
C GLN G 130 -85.31 24.35 14.91
N ASP G 131 -83.98 24.35 14.87
CA ASP G 131 -83.25 25.07 13.84
C ASP G 131 -83.15 24.25 12.56
N LYS G 132 -82.73 24.92 11.48
CA LYS G 132 -82.58 24.27 10.20
C LYS G 132 -81.49 24.94 9.38
N GLU G 133 -81.45 26.28 9.41
CA GLU G 133 -80.43 27.02 8.68
C GLU G 133 -79.05 26.87 9.32
N ILE G 134 -78.99 26.49 10.59
CA ILE G 134 -77.70 26.32 11.25
C ILE G 134 -77.12 24.94 10.97
N LEU G 135 -77.98 23.94 10.76
CA LEU G 135 -77.52 22.57 10.59
C LEU G 135 -76.92 22.29 9.21
N THR G 136 -76.99 23.25 8.28
CA THR G 136 -76.44 23.04 6.95
C THR G 136 -75.03 23.59 6.79
N LYS G 137 -74.65 24.59 7.58
CA LYS G 137 -73.30 25.13 7.47
C LYS G 137 -72.25 24.13 7.94
N ILE G 138 -72.56 23.33 8.96
CA ILE G 138 -71.62 22.32 9.42
C ILE G 138 -71.42 21.25 8.37
N ALA G 139 -72.48 20.90 7.63
CA ALA G 139 -72.34 19.92 6.55
C ALA G 139 -71.63 20.52 5.35
N MET G 140 -71.80 21.82 5.11
CA MET G 140 -71.11 22.47 4.00
C MET G 140 -69.62 22.59 4.27
N THR G 141 -69.24 22.95 5.49
CA THR G 141 -67.83 23.09 5.84
C THR G 141 -67.15 21.76 6.11
N SER G 142 -67.90 20.66 6.17
CA SER G 142 -67.30 19.35 6.41
C SER G 142 -66.56 18.81 5.20
N ILE G 143 -66.89 19.29 4.00
CA ILE G 143 -66.26 18.83 2.77
C ILE G 143 -65.44 19.98 2.19
N THR G 144 -64.16 20.06 2.57
CA THR G 144 -63.25 21.09 2.09
C THR G 144 -62.01 20.50 1.43
N GLY G 145 -61.23 19.71 2.16
CA GLY G 145 -60.05 19.08 1.59
C GLY G 145 -60.35 17.92 0.67
N LYS G 146 -61.59 17.44 0.67
CA LYS G 146 -61.96 16.33 -0.20
C LYS G 146 -62.08 16.79 -1.65
N GLY G 147 -62.95 17.76 -1.90
CA GLY G 147 -63.15 18.28 -3.24
C GLY G 147 -64.21 19.37 -3.29
N ALA G 148 -63.81 20.61 -3.03
CA ALA G 148 -64.72 21.74 -3.03
C ALA G 148 -65.04 22.25 -4.44
N GLU G 149 -64.46 21.65 -5.48
CA GLU G 149 -64.73 22.07 -6.84
C GLU G 149 -66.02 21.48 -7.40
N LYS G 150 -66.74 20.69 -6.62
CA LYS G 150 -67.99 20.09 -7.07
C LYS G 150 -68.92 19.78 -5.90
N ALA G 151 -68.37 19.85 -4.68
CA ALA G 151 -69.11 19.57 -3.46
C ALA G 151 -69.02 20.79 -2.55
N LYS G 152 -70.01 21.68 -2.66
CA LYS G 152 -70.04 22.90 -1.86
C LYS G 152 -71.46 23.45 -1.76
N GLU G 153 -72.36 22.94 -2.59
CA GLU G 153 -73.74 23.40 -2.60
C GLU G 153 -74.71 22.24 -2.82
N LYS G 154 -74.36 21.35 -3.76
CA LYS G 154 -75.23 20.20 -4.03
C LYS G 154 -75.16 19.17 -2.91
N LEU G 155 -73.97 18.96 -2.36
CA LEU G 155 -73.79 18.00 -1.28
C LEU G 155 -74.08 18.58 0.10
N ALA G 156 -74.57 19.82 0.17
CA ALA G 156 -74.89 20.46 1.43
C ALA G 156 -76.39 20.56 1.68
N GLU G 157 -77.23 20.15 0.74
CA GLU G 157 -78.67 20.21 0.88
C GLU G 157 -79.34 18.85 0.91
N ILE G 158 -78.60 17.77 0.69
CA ILE G 158 -79.16 16.43 0.71
C ILE G 158 -78.75 15.64 1.95
N ILE G 159 -77.73 16.08 2.69
CA ILE G 159 -77.34 15.38 3.91
C ILE G 159 -78.23 15.78 5.07
N VAL G 160 -78.55 17.08 5.19
CA VAL G 160 -79.40 17.53 6.28
C VAL G 160 -80.82 16.99 6.12
N GLU G 161 -81.32 16.93 4.89
CA GLU G 161 -82.65 16.40 4.65
C GLU G 161 -82.72 14.89 4.86
N ALA G 162 -81.58 14.20 4.80
CA ALA G 162 -81.56 12.76 5.00
C ALA G 162 -81.33 12.37 6.45
N VAL G 163 -80.49 13.11 7.18
CA VAL G 163 -80.24 12.79 8.58
C VAL G 163 -81.41 13.20 9.45
N SER G 164 -81.97 14.39 9.22
CA SER G 164 -83.09 14.88 10.01
C SER G 164 -84.35 14.07 9.71
N ALA G 165 -84.46 12.88 10.31
CA ALA G 165 -85.63 12.03 10.13
C ALA G 165 -86.01 11.37 11.44
N VAL G 166 -85.03 10.76 12.12
CA VAL G 166 -85.24 10.12 13.41
C VAL G 166 -84.41 10.76 14.51
N VAL G 167 -83.62 11.79 14.20
CA VAL G 167 -82.81 12.44 15.22
C VAL G 167 -83.59 13.52 15.94
N ASP G 168 -84.43 14.26 15.21
CA ASP G 168 -85.22 15.31 15.83
C ASP G 168 -86.30 14.75 16.75
N ASP G 169 -86.80 13.55 16.44
CA ASP G 169 -87.82 12.93 17.29
C ASP G 169 -87.20 12.37 18.56
N GLU G 170 -86.12 11.60 18.42
CA GLU G 170 -85.41 11.00 19.56
C GLU G 170 -84.00 11.57 19.58
N GLY G 171 -83.76 12.50 20.50
CA GLY G 171 -82.45 13.12 20.60
C GLY G 171 -81.52 12.41 21.57
N LYS G 172 -81.30 11.11 21.34
CA LYS G 172 -80.44 10.32 22.21
C LYS G 172 -79.85 9.14 21.45
N VAL G 173 -80.71 8.30 20.88
CA VAL G 173 -80.31 7.12 20.12
C VAL G 173 -80.71 7.33 18.68
N ASP G 174 -79.72 7.36 17.79
CA ASP G 174 -79.95 7.54 16.36
C ASP G 174 -78.96 6.72 15.54
N LYS G 175 -78.70 5.49 15.97
CA LYS G 175 -77.76 4.61 15.29
C LYS G 175 -78.44 4.05 14.04
N ASP G 176 -78.00 4.50 12.87
CA ASP G 176 -78.54 4.05 11.59
C ASP G 176 -77.48 3.25 10.84
N LEU G 177 -77.88 2.76 9.67
CA LEU G 177 -77.00 1.96 8.81
C LEU G 177 -76.91 2.64 7.45
N ILE G 178 -75.85 3.41 7.25
CA ILE G 178 -75.63 4.14 6.00
C ILE G 178 -74.57 3.38 5.20
N LYS G 179 -74.92 3.02 3.97
CA LYS G 179 -74.03 2.28 3.09
C LYS G 179 -73.76 3.11 1.83
N ILE G 180 -72.48 3.26 1.49
CA ILE G 180 -72.05 4.02 0.32
C ILE G 180 -71.48 3.04 -0.69
N GLU G 181 -72.05 3.03 -1.90
CA GLU G 181 -71.61 2.15 -2.96
C GLU G 181 -70.62 2.86 -3.87
N LYS G 182 -69.56 2.15 -4.25
CA LYS G 182 -68.50 2.70 -5.10
C LYS G 182 -68.75 2.23 -6.54
N LYS G 183 -69.42 3.08 -7.32
CA LYS G 183 -69.72 2.78 -8.71
C LYS G 183 -69.47 4.03 -9.55
N SER G 184 -68.99 3.82 -10.78
CA SER G 184 -68.70 4.92 -11.68
C SER G 184 -69.89 5.18 -12.59
N GLY G 185 -69.70 6.09 -13.55
CA GLY G 185 -70.76 6.42 -14.48
C GLY G 185 -70.26 7.16 -15.71
N ALA G 186 -70.83 8.35 -15.97
CA ALA G 186 -70.43 9.13 -17.12
C ALA G 186 -70.62 10.63 -16.86
N SER G 187 -71.45 10.95 -15.87
CA SER G 187 -71.71 12.35 -15.53
C SER G 187 -70.52 12.93 -14.76
N ILE G 188 -70.59 14.24 -14.51
CA ILE G 188 -69.54 14.95 -13.79
C ILE G 188 -69.61 14.57 -12.32
N ASP G 189 -70.70 14.95 -11.65
CA ASP G 189 -70.87 14.64 -10.23
C ASP G 189 -72.38 14.62 -9.95
N ASP G 190 -72.93 13.42 -9.79
CA ASP G 190 -74.34 13.24 -9.53
C ASP G 190 -74.54 12.57 -8.18
N THR G 191 -75.51 13.06 -7.42
CA THR G 191 -75.81 12.54 -6.09
C THR G 191 -77.28 12.16 -6.03
N GLU G 192 -77.56 10.89 -5.78
CA GLU G 192 -78.92 10.37 -5.68
C GLU G 192 -79.19 9.95 -4.25
N LEU G 193 -80.37 10.29 -3.75
CA LEU G 193 -80.80 9.97 -2.39
C LEU G 193 -82.00 9.05 -2.48
N ILE G 194 -81.76 7.73 -2.41
CA ILE G 194 -82.83 6.75 -2.55
C ILE G 194 -83.58 6.64 -1.22
N LYS G 195 -84.89 6.83 -1.28
CA LYS G 195 -85.74 6.73 -0.09
C LYS G 195 -86.41 5.35 -0.01
N GLY G 196 -85.57 4.32 -0.13
CA GLY G 196 -86.06 2.95 -0.10
C GLY G 196 -84.97 1.92 0.01
N VAL G 197 -85.06 0.86 -0.79
CA VAL G 197 -84.11 -0.24 -0.77
C VAL G 197 -83.39 -0.29 -2.11
N LEU G 198 -82.06 -0.45 -2.06
CA LEU G 198 -81.23 -0.54 -3.25
C LEU G 198 -80.52 -1.88 -3.25
N VAL G 199 -80.67 -2.63 -4.34
CA VAL G 199 -80.04 -3.93 -4.51
C VAL G 199 -79.06 -3.84 -5.68
N ASP G 200 -77.81 -4.24 -5.44
CA ASP G 200 -76.77 -4.17 -6.45
C ASP G 200 -76.53 -5.56 -7.00
N LYS G 201 -77.43 -6.00 -7.88
CA LYS G 201 -77.32 -7.31 -8.51
C LYS G 201 -78.15 -7.31 -9.78
N GLU G 202 -77.57 -7.83 -10.85
CA GLU G 202 -78.23 -7.91 -12.15
C GLU G 202 -78.84 -9.29 -12.34
N ARG G 203 -79.19 -9.61 -13.58
CA ARG G 203 -79.78 -10.91 -13.91
C ARG G 203 -79.12 -11.42 -15.19
N VAL G 204 -79.76 -12.39 -15.83
CA VAL G 204 -79.24 -12.97 -17.07
C VAL G 204 -80.41 -13.26 -18.01
N SER G 205 -81.61 -13.36 -17.44
CA SER G 205 -82.82 -13.65 -18.21
C SER G 205 -83.80 -12.49 -18.00
N ALA G 206 -83.89 -11.61 -19.00
CA ALA G 206 -84.78 -10.45 -18.94
C ALA G 206 -86.15 -10.82 -19.50
N GLN G 207 -86.82 -11.72 -18.79
CA GLN G 207 -88.15 -12.19 -19.17
C GLN G 207 -89.17 -12.00 -18.05
N MET G 208 -88.90 -11.09 -17.12
CA MET G 208 -89.80 -10.85 -16.01
C MET G 208 -90.16 -9.36 -15.94
N PRO G 209 -91.40 -9.04 -15.58
CA PRO G 209 -91.80 -7.63 -15.48
C PRO G 209 -91.05 -6.93 -14.35
N LYS G 210 -91.07 -5.60 -14.42
CA LYS G 210 -90.38 -4.77 -13.43
C LYS G 210 -91.22 -3.56 -13.04
N LYS G 211 -92.55 -3.70 -13.03
CA LYS G 211 -93.44 -2.60 -12.66
C LYS G 211 -94.72 -3.22 -12.09
N VAL G 212 -94.72 -3.40 -10.77
CA VAL G 212 -95.86 -3.97 -10.05
C VAL G 212 -96.30 -2.96 -9.00
N THR G 213 -97.60 -2.67 -8.97
CA THR G 213 -98.14 -1.70 -8.03
C THR G 213 -98.47 -2.37 -6.70
N ASP G 214 -98.18 -1.65 -5.61
CA ASP G 214 -98.42 -2.11 -4.23
C ASP G 214 -98.06 -3.58 -4.04
N ALA G 215 -96.87 -3.94 -4.50
CA ALA G 215 -96.39 -5.30 -4.36
C ALA G 215 -95.98 -5.59 -2.92
N LYS G 216 -95.93 -6.87 -2.58
CA LYS G 216 -95.55 -7.33 -1.26
C LYS G 216 -94.26 -8.13 -1.33
N ILE G 217 -93.34 -7.84 -0.41
CA ILE G 217 -92.04 -8.51 -0.38
C ILE G 217 -92.13 -9.73 0.54
N ALA G 218 -91.71 -10.89 0.01
CA ALA G 218 -91.70 -12.14 0.77
C ALA G 218 -90.27 -12.66 0.82
N LEU G 219 -89.72 -12.77 2.03
CA LEU G 219 -88.35 -13.22 2.21
C LEU G 219 -88.32 -14.74 2.36
N LEU G 220 -87.66 -15.42 1.43
CA LEU G 220 -87.53 -16.87 1.45
C LEU G 220 -86.06 -17.23 1.34
N ASN G 221 -85.59 -18.09 2.25
CA ASN G 221 -84.20 -18.51 2.26
C ASN G 221 -83.99 -19.70 1.34
N CYS G 222 -83.26 -20.70 1.83
CA CYS G 222 -82.97 -21.89 1.03
C CYS G 222 -84.03 -22.97 1.26
N ALA G 223 -83.66 -24.24 1.08
CA ALA G 223 -84.56 -25.37 1.25
C ALA G 223 -85.79 -25.24 0.35
N ILE G 224 -85.57 -24.81 -0.89
CA ILE G 224 -86.63 -24.64 -1.87
C ILE G 224 -86.44 -25.54 -3.09
N GLU G 225 -85.21 -25.65 -3.59
CA GLU G 225 -84.94 -26.46 -4.76
C GLU G 225 -85.02 -27.94 -4.41
N ILE G 226 -84.83 -28.79 -5.43
CA ILE G 226 -84.90 -30.23 -5.21
C ILE G 226 -83.66 -30.74 -4.52
N LYS G 227 -82.48 -30.23 -4.89
CA LYS G 227 -81.21 -30.67 -4.32
C LYS G 227 -80.40 -29.44 -3.95
N GLU G 228 -80.14 -29.26 -2.66
CA GLU G 228 -79.36 -28.13 -2.18
C GLU G 228 -78.52 -28.53 -0.98
N THR G 229 -78.93 -29.59 -0.28
CA THR G 229 -78.20 -30.08 0.88
C THR G 229 -77.84 -31.55 0.73
N GLU G 230 -78.16 -32.35 1.74
CA GLU G 230 -77.89 -33.78 1.72
C GLU G 230 -79.00 -34.51 2.45
N THR G 231 -79.05 -35.83 2.25
CA THR G 231 -80.05 -36.69 2.87
C THR G 231 -79.37 -37.91 3.44
N ASP G 232 -79.59 -38.16 4.73
CA ASP G 232 -78.97 -39.32 5.37
C ASP G 232 -79.73 -40.61 5.06
N ALA G 233 -81.06 -40.56 5.12
CA ALA G 233 -81.88 -41.73 4.84
C ALA G 233 -81.91 -41.97 3.34
N GLU G 234 -81.16 -42.95 2.88
CA GLU G 234 -81.10 -43.26 1.45
C GLU G 234 -82.37 -43.98 1.02
N ILE G 235 -82.67 -43.86 -0.27
CA ILE G 235 -83.86 -44.47 -0.86
C ILE G 235 -83.41 -45.47 -1.93
N ARG G 236 -84.37 -46.26 -2.40
CA ARG G 236 -84.12 -47.26 -3.43
C ARG G 236 -85.16 -47.12 -4.53
N ILE G 237 -84.94 -47.86 -5.62
CA ILE G 237 -85.83 -47.84 -6.77
C ILE G 237 -86.32 -49.26 -7.05
N THR G 238 -87.56 -49.35 -7.53
CA THR G 238 -88.16 -50.66 -7.85
C THR G 238 -88.59 -50.70 -9.30
N ASP G 239 -89.51 -49.82 -9.74
CA ASP G 239 -89.98 -49.82 -11.11
C ASP G 239 -89.53 -48.55 -11.82
N PRO G 240 -89.20 -48.64 -13.12
CA PRO G 240 -88.77 -47.43 -13.85
C PRO G 240 -89.87 -46.39 -13.99
N ALA G 241 -91.14 -46.78 -13.91
CA ALA G 241 -92.25 -45.85 -14.04
C ALA G 241 -92.53 -45.08 -12.75
N LYS G 242 -91.78 -45.35 -11.68
CA LYS G 242 -91.98 -44.67 -10.40
C LYS G 242 -91.09 -43.46 -10.23
N LEU G 243 -89.82 -43.55 -10.66
CA LEU G 243 -88.91 -42.41 -10.54
C LEU G 243 -89.36 -41.25 -11.42
N MET G 244 -89.81 -41.54 -12.64
CA MET G 244 -90.30 -40.48 -13.52
C MET G 244 -91.56 -39.85 -12.96
N GLU G 245 -92.44 -40.66 -12.37
CA GLU G 245 -93.64 -40.11 -11.75
C GLU G 245 -93.31 -39.21 -10.57
N PHE G 246 -92.34 -39.62 -9.74
CA PHE G 246 -91.92 -38.80 -8.62
C PHE G 246 -91.29 -37.50 -9.09
N ILE G 247 -90.49 -37.56 -10.16
CA ILE G 247 -89.88 -36.34 -10.70
C ILE G 247 -90.96 -35.41 -11.23
N GLU G 248 -91.95 -35.95 -11.94
CA GLU G 248 -93.04 -35.12 -12.46
C GLU G 248 -93.84 -34.50 -11.32
N GLN G 249 -94.08 -35.25 -10.25
CA GLN G 249 -94.80 -34.72 -9.11
C GLN G 249 -94.03 -33.61 -8.43
N GLU G 250 -92.72 -33.80 -8.23
CA GLU G 250 -91.90 -32.76 -7.62
C GLU G 250 -91.79 -31.53 -8.51
N GLU G 251 -91.87 -31.71 -9.84
CA GLU G 251 -91.83 -30.56 -10.74
C GLU G 251 -93.16 -29.81 -10.71
N LYS G 252 -94.28 -30.53 -10.67
CA LYS G 252 -95.59 -29.88 -10.61
C LYS G 252 -95.91 -29.31 -9.24
N MET G 253 -95.20 -29.74 -8.19
CA MET G 253 -95.43 -29.18 -6.87
C MET G 253 -95.11 -27.69 -6.82
N LEU G 254 -94.17 -27.23 -7.67
CA LEU G 254 -93.82 -25.82 -7.69
C LEU G 254 -95.00 -24.94 -8.10
N LYS G 255 -95.89 -25.47 -8.95
CA LYS G 255 -97.07 -24.71 -9.35
C LYS G 255 -97.93 -24.35 -8.15
N ASP G 256 -98.32 -25.36 -7.36
CA ASP G 256 -99.13 -25.09 -6.18
C ASP G 256 -98.34 -24.34 -5.12
N MET G 257 -97.02 -24.53 -5.06
CA MET G 257 -96.20 -23.77 -4.11
C MET G 257 -96.25 -22.28 -4.42
N VAL G 258 -96.16 -21.92 -5.70
CA VAL G 258 -96.26 -20.51 -6.08
C VAL G 258 -97.69 -20.01 -5.94
N ALA G 259 -98.68 -20.88 -6.20
CA ALA G 259 -100.08 -20.46 -6.06
C ALA G 259 -100.41 -20.14 -4.60
N GLU G 260 -99.83 -20.90 -3.66
CA GLU G 260 -100.06 -20.63 -2.24
C GLU G 260 -99.48 -19.28 -1.85
N ILE G 261 -98.28 -18.95 -2.34
CA ILE G 261 -97.69 -17.65 -2.05
C ILE G 261 -98.50 -16.53 -2.68
N LYS G 262 -99.03 -16.76 -3.88
CA LYS G 262 -99.86 -15.75 -4.53
C LYS G 262 -101.15 -15.52 -3.76
N ALA G 263 -101.78 -16.59 -3.27
CA ALA G 263 -103.01 -16.45 -2.51
C ALA G 263 -102.76 -15.86 -1.13
N SER G 264 -101.56 -16.05 -0.58
CA SER G 264 -101.25 -15.48 0.72
C SER G 264 -101.09 -13.97 0.66
N GLY G 265 -100.67 -13.43 -0.48
CA GLY G 265 -100.52 -12.00 -0.64
C GLY G 265 -99.07 -11.57 -0.75
N ALA G 266 -98.40 -11.97 -1.84
CA ALA G 266 -97.01 -11.62 -2.07
C ALA G 266 -96.75 -11.57 -3.57
N ASN G 267 -95.95 -10.60 -3.99
CA ASN G 267 -95.61 -10.42 -5.39
C ASN G 267 -94.11 -10.24 -5.64
N VAL G 268 -93.29 -10.21 -4.59
CA VAL G 268 -91.85 -10.05 -4.73
C VAL G 268 -91.18 -11.25 -4.09
N LEU G 269 -90.26 -11.87 -4.83
CA LEU G 269 -89.54 -13.06 -4.37
C LEU G 269 -88.06 -12.72 -4.25
N PHE G 270 -87.53 -12.80 -3.03
CA PHE G 270 -86.12 -12.56 -2.76
C PHE G 270 -85.50 -13.84 -2.21
N CYS G 271 -84.68 -14.49 -3.02
CA CYS G 271 -84.02 -15.72 -2.64
C CYS G 271 -82.53 -15.48 -2.41
N GLN G 272 -81.95 -16.27 -1.51
CA GLN G 272 -80.53 -16.12 -1.20
C GLN G 272 -79.65 -16.62 -2.35
N LYS G 273 -79.99 -17.77 -2.91
CA LYS G 273 -79.22 -18.33 -4.01
C LYS G 273 -79.77 -17.86 -5.35
N GLY G 274 -79.61 -18.69 -6.38
CA GLY G 274 -80.08 -18.35 -7.72
C GLY G 274 -81.36 -19.07 -8.07
N ILE G 275 -82.14 -18.46 -8.96
CA ILE G 275 -83.40 -19.00 -9.42
C ILE G 275 -83.18 -19.62 -10.80
N ASP G 276 -83.64 -20.87 -10.97
CA ASP G 276 -83.48 -21.56 -12.23
C ASP G 276 -84.36 -20.94 -13.30
N ASP G 277 -83.96 -21.12 -14.56
CA ASP G 277 -84.70 -20.54 -15.67
C ASP G 277 -86.06 -21.21 -15.86
N LEU G 278 -86.19 -22.47 -15.45
CA LEU G 278 -87.46 -23.17 -15.58
C LEU G 278 -88.50 -22.67 -14.58
N ALA G 279 -88.08 -22.03 -13.50
CA ALA G 279 -88.99 -21.51 -12.49
C ALA G 279 -89.38 -20.06 -12.74
N GLN G 280 -89.08 -19.52 -13.92
CA GLN G 280 -89.41 -18.14 -14.24
C GLN G 280 -90.79 -18.01 -14.86
N HIS G 281 -91.15 -18.92 -15.78
CA HIS G 281 -92.46 -18.86 -16.43
C HIS G 281 -93.59 -18.97 -15.41
N TYR G 282 -93.42 -19.83 -14.40
CA TYR G 282 -94.42 -19.95 -13.34
C TYR G 282 -94.59 -18.66 -12.57
N LEU G 283 -93.57 -17.80 -12.57
CA LEU G 283 -93.66 -16.48 -11.93
C LEU G 283 -94.10 -15.39 -12.88
N ALA G 284 -94.28 -15.70 -14.17
CA ALA G 284 -94.68 -14.72 -15.16
C ALA G 284 -96.18 -14.74 -15.44
N LYS G 285 -96.83 -15.89 -15.28
CA LYS G 285 -98.26 -16.00 -15.54
C LYS G 285 -99.10 -15.50 -14.37
N GLU G 286 -98.49 -15.08 -13.28
CA GLU G 286 -99.21 -14.58 -12.11
C GLU G 286 -98.81 -13.16 -11.69
N GLY G 287 -97.77 -12.59 -12.30
CA GLY G 287 -97.35 -11.24 -11.95
C GLY G 287 -96.59 -11.18 -10.65
N ILE G 288 -95.50 -11.94 -10.55
CA ILE G 288 -94.67 -11.99 -9.36
C ILE G 288 -93.25 -11.58 -9.75
N VAL G 289 -92.67 -10.65 -8.99
CA VAL G 289 -91.32 -10.20 -9.26
C VAL G 289 -90.33 -11.31 -8.93
N ALA G 290 -89.46 -11.63 -9.89
CA ALA G 290 -88.46 -12.67 -9.73
C ALA G 290 -87.09 -12.05 -9.51
N ALA G 291 -86.40 -12.47 -8.46
CA ALA G 291 -85.08 -11.98 -8.14
C ALA G 291 -84.25 -13.11 -7.57
N ARG G 292 -82.92 -12.93 -7.61
CA ARG G 292 -82.00 -13.94 -7.12
C ARG G 292 -80.73 -13.27 -6.64
N ARG G 293 -79.94 -14.03 -5.88
CA ARG G 293 -78.66 -13.56 -5.34
C ARG G 293 -78.83 -12.30 -4.51
N VAL G 294 -79.28 -12.46 -3.27
CA VAL G 294 -79.48 -11.34 -2.35
C VAL G 294 -78.41 -11.42 -1.27
N LYS G 295 -77.59 -10.37 -1.18
CA LYS G 295 -76.53 -10.33 -0.19
C LYS G 295 -77.11 -10.14 1.21
N LYS G 296 -76.41 -10.68 2.21
CA LYS G 296 -76.87 -10.55 3.58
C LYS G 296 -76.92 -9.11 4.03
N SER G 297 -75.96 -8.29 3.58
CA SER G 297 -75.96 -6.88 3.92
C SER G 297 -77.18 -6.16 3.34
N ASP G 298 -77.66 -6.60 2.17
CA ASP G 298 -78.86 -6.04 1.58
C ASP G 298 -80.13 -6.72 2.06
N MET G 299 -80.03 -7.93 2.61
CA MET G 299 -81.18 -8.64 3.12
C MET G 299 -81.54 -8.25 4.54
N GLU G 300 -80.55 -7.89 5.36
CA GLU G 300 -80.82 -7.48 6.74
C GLU G 300 -81.58 -6.17 6.82
N LYS G 301 -81.59 -5.38 5.76
CA LYS G 301 -82.30 -4.11 5.73
C LYS G 301 -83.76 -4.26 5.33
N LEU G 302 -84.27 -5.49 5.23
CA LEU G 302 -85.65 -5.74 4.85
C LEU G 302 -86.55 -6.07 6.02
N ALA G 303 -85.99 -6.58 7.12
CA ALA G 303 -86.79 -6.93 8.29
C ALA G 303 -87.13 -5.73 9.16
N LYS G 304 -86.28 -4.71 9.18
CA LYS G 304 -86.50 -3.52 9.99
C LYS G 304 -87.16 -2.39 9.21
N ALA G 305 -87.31 -2.53 7.89
CA ALA G 305 -87.92 -1.51 7.05
C ALA G 305 -89.30 -1.93 6.56
N THR G 306 -89.38 -3.05 5.83
CA THR G 306 -90.67 -3.50 5.32
C THR G 306 -91.48 -4.22 6.40
N GLY G 307 -90.82 -5.03 7.22
CA GLY G 307 -91.50 -5.75 8.28
C GLY G 307 -91.91 -7.16 7.88
N ALA G 308 -90.94 -8.07 7.85
CA ALA G 308 -91.19 -9.46 7.48
C ALA G 308 -90.16 -10.35 8.15
N ASN G 309 -90.53 -11.62 8.32
CA ASN G 309 -89.66 -12.60 8.95
C ASN G 309 -89.02 -13.48 7.87
N VAL G 310 -88.21 -14.44 8.32
CA VAL G 310 -87.52 -15.36 7.43
C VAL G 310 -88.07 -16.76 7.64
N ILE G 311 -87.91 -17.59 6.61
CA ILE G 311 -88.38 -18.98 6.62
C ILE G 311 -87.19 -19.86 6.33
N THR G 312 -86.86 -20.74 7.28
CA THR G 312 -85.73 -21.65 7.10
C THR G 312 -86.05 -22.82 6.17
N ASN G 313 -87.32 -23.13 5.96
CA ASN G 313 -87.70 -24.23 5.08
C ASN G 313 -88.51 -23.72 3.89
N ILE G 314 -89.62 -24.39 3.58
CA ILE G 314 -90.47 -24.00 2.46
C ILE G 314 -91.93 -24.15 2.88
N LYS G 315 -92.21 -25.10 3.78
CA LYS G 315 -93.55 -25.35 4.27
C LYS G 315 -93.90 -24.55 5.51
N ASP G 316 -93.01 -23.68 5.97
CA ASP G 316 -93.24 -22.86 7.15
C ASP G 316 -93.73 -21.46 6.82
N LEU G 317 -94.22 -21.25 5.60
CA LEU G 317 -94.73 -19.96 5.16
C LEU G 317 -96.25 -19.95 5.26
N SER G 318 -96.80 -18.94 5.93
CA SER G 318 -98.24 -18.81 6.09
C SER G 318 -98.72 -17.46 5.58
N ALA G 319 -99.11 -16.58 6.50
CA ALA G 319 -99.60 -15.25 6.16
C ALA G 319 -98.99 -14.13 6.97
N GLN G 320 -98.48 -14.40 8.18
CA GLN G 320 -97.88 -13.37 9.00
C GLN G 320 -96.42 -13.11 8.66
N ASP G 321 -95.80 -13.95 7.84
CA ASP G 321 -94.39 -13.78 7.45
C ASP G 321 -94.26 -13.02 6.13
N LEU G 322 -95.12 -12.04 5.89
CA LEU G 322 -95.10 -11.26 4.67
C LEU G 322 -94.92 -9.78 5.00
N GLY G 323 -94.42 -9.03 4.02
CA GLY G 323 -94.19 -7.61 4.21
C GLY G 323 -95.04 -6.75 3.29
N ASP G 324 -94.58 -5.53 3.04
CA ASP G 324 -95.30 -4.60 2.18
C ASP G 324 -94.30 -3.66 1.53
N ALA G 325 -94.53 -3.38 0.24
CA ALA G 325 -93.65 -2.49 -0.51
C ALA G 325 -94.45 -1.46 -1.30
N GLY G 326 -93.79 -0.75 -2.20
CA GLY G 326 -94.45 0.26 -3.00
C GLY G 326 -94.27 0.04 -4.49
N LEU G 327 -93.05 0.20 -4.98
CA LEU G 327 -92.76 0.03 -6.40
C LEU G 327 -91.37 -0.55 -6.56
N VAL G 328 -91.28 -1.70 -7.22
CA VAL G 328 -90.02 -2.38 -7.47
C VAL G 328 -89.69 -2.20 -8.95
N GLU G 329 -88.51 -1.63 -9.23
CA GLU G 329 -88.09 -1.35 -10.59
C GLU G 329 -86.65 -1.79 -10.77
N GLU G 330 -86.29 -2.08 -12.03
CA GLU G 330 -84.93 -2.50 -12.40
C GLU G 330 -84.49 -1.62 -13.57
N ARG G 331 -83.79 -0.53 -13.27
CA ARG G 331 -83.32 0.40 -14.28
C ARG G 331 -81.82 0.23 -14.49
N LYS G 332 -81.36 0.56 -15.71
CA LYS G 332 -79.95 0.49 -16.08
C LYS G 332 -79.39 1.90 -16.03
N ILE G 333 -78.85 2.28 -14.88
CA ILE G 333 -78.29 3.60 -14.66
C ILE G 333 -76.81 3.47 -14.34
N SER G 334 -75.99 4.35 -14.91
CA SER G 334 -74.55 4.36 -14.71
C SER G 334 -73.91 3.02 -15.11
N GLY G 335 -74.35 2.49 -16.24
CA GLY G 335 -73.80 1.25 -16.76
C GLY G 335 -74.44 0.00 -16.18
N ASP G 336 -74.20 -0.25 -14.89
CA ASP G 336 -74.73 -1.44 -14.25
C ASP G 336 -76.23 -1.30 -14.02
N SER G 337 -76.87 -2.42 -13.70
CA SER G 337 -78.30 -2.48 -13.42
C SER G 337 -78.52 -2.74 -11.95
N MET G 338 -79.37 -1.93 -11.33
CA MET G 338 -79.67 -2.05 -9.91
C MET G 338 -81.19 -2.10 -9.71
N ILE G 339 -81.59 -2.66 -8.58
CA ILE G 339 -83.00 -2.81 -8.23
C ILE G 339 -83.37 -1.75 -7.19
N PHE G 340 -84.42 -0.98 -7.48
CA PHE G 340 -84.89 0.07 -6.61
C PHE G 340 -86.27 -0.28 -6.09
N VAL G 341 -86.43 -0.34 -4.78
CA VAL G 341 -87.71 -0.61 -4.14
C VAL G 341 -88.10 0.65 -3.38
N GLU G 342 -89.07 1.38 -3.90
CA GLU G 342 -89.54 2.62 -3.31
C GLU G 342 -90.83 2.42 -2.54
N GLU G 343 -91.07 3.32 -1.58
CA GLU G 343 -92.23 3.30 -0.70
C GLU G 343 -92.28 2.01 0.11
N CYS G 344 -91.62 2.01 1.26
CA CYS G 344 -91.62 0.84 2.14
C CYS G 344 -92.67 0.98 3.23
N LYS G 345 -92.23 1.26 4.46
CA LYS G 345 -93.15 1.43 5.57
C LYS G 345 -92.52 2.29 6.67
N HIS G 346 -91.33 1.89 7.12
CA HIS G 346 -90.59 2.61 8.16
C HIS G 346 -89.28 3.11 7.57
N PRO G 347 -89.24 4.34 7.07
CA PRO G 347 -87.99 4.87 6.51
C PRO G 347 -86.96 5.19 7.57
N LYS G 348 -86.26 4.16 8.06
CA LYS G 348 -85.25 4.38 9.10
C LYS G 348 -83.94 4.89 8.50
N ALA G 349 -83.28 4.05 7.71
CA ALA G 349 -82.02 4.41 7.08
C ALA G 349 -82.28 5.04 5.71
N VAL G 350 -81.19 5.38 5.02
CA VAL G 350 -81.26 6.00 3.70
C VAL G 350 -80.04 5.56 2.90
N THR G 351 -80.15 5.62 1.57
CA THR G 351 -79.10 5.21 0.66
C THR G 351 -78.65 6.40 -0.18
N MET G 352 -77.34 6.58 -0.28
CA MET G 352 -76.75 7.66 -1.06
C MET G 352 -75.87 7.07 -2.16
N LEU G 353 -76.10 7.49 -3.39
CA LEU G 353 -75.34 7.02 -4.55
C LEU G 353 -74.60 8.19 -5.17
N ILE G 354 -73.31 7.99 -5.44
CA ILE G 354 -72.45 9.02 -6.03
C ILE G 354 -71.97 8.51 -7.38
N ARG G 355 -72.15 9.33 -8.42
CA ARG G 355 -71.74 9.01 -9.77
C ARG G 355 -70.74 10.06 -10.26
N GLY G 356 -69.57 9.61 -10.69
CA GLY G 356 -68.53 10.48 -11.16
C GLY G 356 -68.09 10.11 -12.57
N THR G 357 -66.82 10.37 -12.86
CA THR G 357 -66.26 10.10 -14.16
C THR G 357 -65.41 8.83 -14.14
N THR G 358 -64.20 8.92 -13.57
CA THR G 358 -63.29 7.79 -13.52
C THR G 358 -63.62 6.87 -12.35
N GLU G 359 -62.59 6.40 -11.65
CA GLU G 359 -62.77 5.49 -10.53
C GLU G 359 -62.23 6.05 -9.21
N HIS G 360 -61.32 7.02 -9.25
CA HIS G 360 -60.76 7.60 -8.04
C HIS G 360 -61.55 8.78 -7.52
N VAL G 361 -62.52 9.29 -8.29
CA VAL G 361 -63.33 10.41 -7.84
C VAL G 361 -64.41 9.94 -6.88
N ILE G 362 -65.13 8.87 -7.25
CA ILE G 362 -66.19 8.34 -6.39
C ILE G 362 -65.62 7.91 -5.05
N GLU G 363 -64.46 7.24 -5.07
CA GLU G 363 -63.80 6.86 -3.83
C GLU G 363 -63.46 8.09 -3.00
N GLU G 364 -63.13 9.20 -3.66
CA GLU G 364 -62.86 10.45 -2.94
C GLU G 364 -64.11 10.91 -2.17
N VAL G 365 -65.30 10.60 -2.68
CA VAL G 365 -66.51 10.92 -1.95
C VAL G 365 -66.78 9.87 -0.88
N ALA G 366 -66.26 8.65 -1.06
CA ALA G 366 -66.49 7.60 -0.08
C ALA G 366 -65.87 7.95 1.27
N ARG G 367 -64.73 8.64 1.26
CA ARG G 367 -64.10 9.11 2.48
C ARG G 367 -64.60 10.48 2.91
N ALA G 368 -65.64 11.01 2.26
CA ALA G 368 -66.20 12.30 2.58
C ALA G 368 -67.59 12.24 3.21
N VAL G 369 -68.38 11.23 2.86
CA VAL G 369 -69.73 11.12 3.42
C VAL G 369 -69.67 10.68 4.88
N ASP G 370 -68.84 9.68 5.20
CA ASP G 370 -68.72 9.21 6.57
C ASP G 370 -68.21 10.30 7.50
N ASP G 371 -67.38 11.21 6.99
CA ASP G 371 -66.90 12.33 7.78
C ASP G 371 -67.85 13.52 7.76
N ALA G 372 -68.97 13.42 7.04
CA ALA G 372 -69.93 14.51 6.97
C ALA G 372 -71.17 14.28 7.82
N VAL G 373 -71.50 13.02 8.13
CA VAL G 373 -72.66 12.71 8.95
C VAL G 373 -72.22 12.61 10.41
N GLY G 374 -70.96 12.23 10.63
CA GLY G 374 -70.46 12.10 11.99
C GLY G 374 -70.47 13.41 12.76
N VAL G 375 -70.35 14.54 12.05
CA VAL G 375 -70.41 15.85 12.70
C VAL G 375 -71.84 16.34 12.89
N VAL G 376 -72.82 15.57 12.45
CA VAL G 376 -74.23 15.96 12.60
C VAL G 376 -74.87 15.29 13.80
N GLY G 377 -74.63 13.98 13.97
CA GLY G 377 -75.19 13.27 15.10
C GLY G 377 -74.71 13.79 16.44
N CYS G 378 -73.50 14.34 16.48
CA CYS G 378 -72.96 14.94 17.69
C CYS G 378 -73.37 16.40 17.86
N THR G 379 -74.22 16.93 16.97
CA THR G 379 -74.67 18.31 17.06
C THR G 379 -76.02 18.42 17.76
N ILE G 380 -76.97 17.56 17.40
CA ILE G 380 -78.28 17.61 18.02
C ILE G 380 -78.22 17.10 19.46
N GLU G 381 -77.43 16.05 19.69
CA GLU G 381 -77.32 15.49 21.04
C GLU G 381 -76.57 16.43 21.98
N ASP G 382 -75.69 17.28 21.43
CA ASP G 382 -74.93 18.22 22.26
C ASP G 382 -75.46 19.63 22.08
N GLY G 383 -74.96 20.33 21.07
CA GLY G 383 -75.39 21.69 20.80
C GLY G 383 -74.42 22.77 21.23
N ARG G 384 -73.20 22.42 21.61
CA ARG G 384 -72.20 23.41 22.04
C ARG G 384 -71.30 23.77 20.87
N ILE G 385 -71.91 24.38 19.85
CA ILE G 385 -71.20 24.77 18.65
C ILE G 385 -70.35 26.01 18.94
N VAL G 386 -69.05 25.91 18.66
CA VAL G 386 -68.14 27.02 18.89
C VAL G 386 -67.75 27.63 17.56
N SER G 387 -66.86 28.63 17.60
CA SER G 387 -66.39 29.30 16.39
C SER G 387 -65.19 28.55 15.84
N GLY G 388 -65.36 27.93 14.68
CA GLY G 388 -64.29 27.18 14.06
C GLY G 388 -63.35 28.05 13.26
N GLY G 389 -62.40 27.40 12.59
CA GLY G 389 -61.43 28.10 11.79
C GLY G 389 -60.19 28.54 12.52
N GLY G 390 -59.84 27.88 13.62
CA GLY G 390 -58.66 28.25 14.37
C GLY G 390 -58.84 29.45 15.27
N SER G 391 -60.01 29.59 15.89
CA SER G 391 -60.29 30.71 16.77
C SER G 391 -60.36 30.33 18.25
N THR G 392 -60.60 29.06 18.56
CA THR G 392 -60.66 28.64 19.96
C THR G 392 -59.27 28.57 20.59
N GLU G 393 -58.27 28.12 19.83
CA GLU G 393 -56.92 28.04 20.37
C GLU G 393 -56.36 29.42 20.68
N VAL G 394 -56.57 30.39 19.77
CA VAL G 394 -56.10 31.74 20.01
C VAL G 394 -56.83 32.37 21.20
N GLU G 395 -58.11 32.04 21.38
CA GLU G 395 -58.86 32.59 22.51
C GLU G 395 -58.37 31.99 23.82
N LEU G 396 -58.06 30.69 23.84
CA LEU G 396 -57.59 30.05 25.07
C LEU G 396 -56.14 30.43 25.37
N SER G 397 -55.36 30.78 24.35
CA SER G 397 -53.98 31.20 24.60
C SER G 397 -53.91 32.54 25.32
N MET G 398 -54.86 33.44 25.04
CA MET G 398 -54.89 34.73 25.73
C MET G 398 -55.36 34.60 27.17
N LYS G 399 -56.08 33.52 27.50
CA LYS G 399 -56.56 33.28 28.86
C LYS G 399 -55.58 32.47 29.69
N LEU G 400 -54.87 31.52 29.09
CA LEU G 400 -53.90 30.73 29.84
C LEU G 400 -52.73 31.59 30.32
N ARG G 401 -52.34 32.60 29.56
CA ARG G 401 -51.24 33.46 29.95
C ARG G 401 -51.58 34.22 31.25
N GLU G 402 -52.81 34.72 31.36
CA GLU G 402 -53.21 35.43 32.57
C GLU G 402 -53.63 34.48 33.69
N TYR G 403 -53.98 33.24 33.36
CA TYR G 403 -54.31 32.27 34.39
C TYR G 403 -53.06 31.68 35.05
N ALA G 404 -51.96 31.56 34.29
CA ALA G 404 -50.73 31.01 34.85
C ALA G 404 -50.01 31.98 35.77
N GLU G 405 -50.45 33.23 35.85
CA GLU G 405 -49.82 34.23 36.71
C GLU G 405 -50.22 34.08 38.18
N GLY G 406 -51.30 33.36 38.48
CA GLY G 406 -51.74 33.17 39.85
C GLY G 406 -51.01 32.10 40.62
N ILE G 407 -50.14 31.34 39.97
CA ILE G 407 -49.39 30.28 40.62
C ILE G 407 -47.91 30.64 40.61
N SER G 408 -47.17 30.06 41.56
CA SER G 408 -45.74 30.29 41.70
C SER G 408 -45.03 28.95 41.72
N GLY G 409 -43.89 28.87 41.05
CA GLY G 409 -43.12 27.65 41.00
C GLY G 409 -42.69 27.36 39.57
N ARG G 410 -42.11 26.18 39.39
CA ARG G 410 -41.64 25.74 38.08
C ARG G 410 -42.76 25.25 37.18
N GLU G 411 -43.98 25.14 37.70
CA GLU G 411 -45.12 24.68 36.89
C GLU G 411 -45.67 25.77 35.99
N GLN G 412 -45.26 27.03 36.17
CA GLN G 412 -45.75 28.10 35.30
C GLN G 412 -45.16 27.99 33.90
N LEU G 413 -43.89 27.55 33.79
CA LEU G 413 -43.28 27.40 32.48
C LEU G 413 -43.95 26.31 31.65
N ALA G 414 -44.49 25.29 32.32
CA ALA G 414 -45.22 24.25 31.58
C ALA G 414 -46.53 24.77 31.04
N VAL G 415 -47.27 25.56 31.85
CA VAL G 415 -48.53 26.12 31.38
C VAL G 415 -48.26 27.13 30.26
N ARG G 416 -47.22 27.94 30.39
CA ARG G 416 -46.88 28.88 29.33
C ARG G 416 -46.49 28.17 28.04
N ALA G 417 -45.75 27.07 28.16
CA ALA G 417 -45.38 26.29 26.98
C ALA G 417 -46.60 25.67 26.33
N PHE G 418 -47.52 25.13 27.14
CA PHE G 418 -48.74 24.56 26.58
C PHE G 418 -49.60 25.63 25.91
N ALA G 419 -49.61 26.85 26.45
CA ALA G 419 -50.37 27.93 25.83
C ALA G 419 -49.73 28.38 24.53
N ASP G 420 -48.39 28.45 24.49
CA ASP G 420 -47.71 28.87 23.28
C ASP G 420 -47.79 27.79 22.18
N ALA G 421 -47.89 26.52 22.58
CA ALA G 421 -47.98 25.45 21.60
C ALA G 421 -49.34 25.41 20.90
N LEU G 422 -50.36 26.03 21.48
CA LEU G 422 -51.68 26.05 20.85
C LEU G 422 -51.74 26.97 19.64
N GLU G 423 -50.74 27.81 19.42
CA GLU G 423 -50.70 28.71 18.27
C GLU G 423 -50.15 28.04 17.02
N VAL G 424 -50.02 26.71 17.01
CA VAL G 424 -49.52 26.02 15.83
C VAL G 424 -50.60 25.81 14.78
N ILE G 425 -51.87 25.78 15.19
CA ILE G 425 -52.98 25.60 14.26
C ILE G 425 -53.09 26.78 13.30
N PRO G 426 -53.09 28.04 13.76
CA PRO G 426 -53.14 29.14 12.78
C PRO G 426 -51.90 29.24 11.92
N ARG G 427 -50.74 28.78 12.41
CA ARG G 427 -49.54 28.80 11.58
C ARG G 427 -49.60 27.74 10.50
N THR G 428 -50.21 26.59 10.78
CA THR G 428 -50.35 25.55 9.78
C THR G 428 -51.47 25.84 8.79
N LEU G 429 -52.55 26.49 9.25
CA LEU G 429 -53.63 26.85 8.35
C LEU G 429 -53.28 28.01 7.43
N ALA G 430 -52.28 28.82 7.80
CA ALA G 430 -51.84 29.93 6.98
C ALA G 430 -50.57 29.64 6.19
N GLU G 431 -49.91 28.51 6.45
CA GLU G 431 -48.70 28.17 5.71
C GLU G 431 -49.02 27.76 4.28
N ASN G 432 -50.22 27.25 4.03
CA ASN G 432 -50.60 26.84 2.68
C ASN G 432 -50.76 28.02 1.73
N ALA G 433 -50.87 29.24 2.26
CA ALA G 433 -51.01 30.43 1.45
C ALA G 433 -49.66 31.12 1.27
N GLY G 434 -49.67 32.20 0.50
CA GLY G 434 -48.46 32.95 0.23
C GLY G 434 -48.47 34.34 0.82
N LEU G 435 -49.65 34.95 0.90
CA LEU G 435 -49.80 36.30 1.42
C LEU G 435 -50.09 36.32 2.92
N ASP G 436 -49.83 35.21 3.62
CA ASP G 436 -50.08 35.11 5.06
C ASP G 436 -48.77 35.21 5.84
N ALA G 437 -47.85 34.26 5.65
CA ALA G 437 -46.57 34.23 6.32
C ALA G 437 -46.73 34.26 7.84
N ILE G 438 -46.55 35.43 8.44
CA ILE G 438 -46.64 35.57 9.89
C ILE G 438 -47.45 36.78 10.32
N GLU G 439 -47.77 37.70 9.41
CA GLU G 439 -48.53 38.88 9.78
C GLU G 439 -49.96 38.53 10.21
N ILE G 440 -50.52 37.46 9.65
CA ILE G 440 -51.89 37.06 10.02
C ILE G 440 -51.95 36.67 11.48
N LEU G 441 -50.95 35.93 11.96
CA LEU G 441 -50.95 35.50 13.36
C LEU G 441 -50.81 36.70 14.30
N VAL G 442 -50.05 37.72 13.89
CA VAL G 442 -49.90 38.91 14.73
C VAL G 442 -51.18 39.74 14.71
N LYS G 443 -51.88 39.77 13.58
CA LYS G 443 -53.10 40.57 13.48
C LYS G 443 -54.25 39.91 14.24
N VAL G 444 -54.35 38.58 14.20
CA VAL G 444 -55.42 37.90 14.90
C VAL G 444 -55.15 37.74 16.38
N ARG G 445 -53.96 38.10 16.85
CA ARG G 445 -53.63 38.00 18.27
C ARG G 445 -54.04 39.24 19.05
N ALA G 446 -53.77 40.43 18.52
CA ALA G 446 -54.13 41.67 19.20
C ALA G 446 -55.59 42.06 18.97
N ALA G 447 -56.32 41.34 18.13
CA ALA G 447 -57.71 41.67 17.88
C ALA G 447 -58.63 41.22 19.02
N HIS G 448 -58.29 40.12 19.69
CA HIS G 448 -59.08 39.60 20.80
C HIS G 448 -58.65 40.17 22.15
N ALA G 449 -57.90 41.27 22.16
CA ALA G 449 -57.44 41.88 23.39
C ALA G 449 -58.46 42.82 24.01
N SER G 450 -59.60 43.05 23.35
CA SER G 450 -60.62 43.95 23.87
C SER G 450 -61.64 43.18 24.72
N ASN G 451 -62.89 43.63 24.71
CA ASN G 451 -63.93 42.95 25.48
C ASN G 451 -64.54 41.79 24.70
N GLY G 452 -65.25 42.10 23.62
CA GLY G 452 -65.86 41.08 22.79
C GLY G 452 -64.94 40.54 21.73
N ASN G 453 -65.43 40.46 20.49
CA ASN G 453 -64.67 39.96 19.34
C ASN G 453 -64.15 38.56 19.60
N LYS G 454 -65.00 37.55 19.41
CA LYS G 454 -64.64 36.16 19.63
C LYS G 454 -64.85 35.28 18.41
N CYS G 455 -65.89 35.55 17.62
CA CYS G 455 -66.18 34.72 16.45
C CYS G 455 -65.21 34.96 15.30
N ALA G 456 -64.33 35.95 15.40
CA ALA G 456 -63.37 36.20 14.34
C ALA G 456 -62.27 35.15 14.35
N GLY G 457 -61.84 34.74 13.15
CA GLY G 457 -60.81 33.74 13.02
C GLY G 457 -59.93 33.94 11.80
N LEU G 458 -59.97 32.99 10.86
CA LEU G 458 -59.16 33.08 9.66
C LEU G 458 -59.81 32.25 8.57
N ASN G 459 -59.91 32.80 7.36
CA ASN G 459 -60.47 32.11 6.22
C ASN G 459 -59.49 32.19 5.06
N VAL G 460 -59.23 31.05 4.41
CA VAL G 460 -58.29 31.00 3.29
C VAL G 460 -58.92 31.36 1.97
N PHE G 461 -60.18 31.79 1.96
CA PHE G 461 -60.88 32.15 0.73
C PHE G 461 -61.00 33.66 0.54
N THR G 462 -60.26 34.46 1.31
CA THR G 462 -60.32 35.90 1.20
C THR G 462 -58.94 36.52 1.38
N GLY G 463 -58.40 36.43 2.59
CA GLY G 463 -57.09 36.99 2.88
C GLY G 463 -57.09 37.90 4.10
N ALA G 464 -58.19 38.61 4.30
CA ALA G 464 -58.31 39.52 5.44
C ALA G 464 -58.84 38.75 6.65
N VAL G 465 -59.31 39.47 7.67
CA VAL G 465 -59.84 38.87 8.88
C VAL G 465 -61.29 39.28 9.03
N GLU G 466 -62.14 38.34 9.43
CA GLU G 466 -63.56 38.59 9.63
C GLU G 466 -64.12 37.51 10.53
N ASP G 467 -65.43 37.57 10.77
CA ASP G 467 -66.09 36.58 11.61
C ASP G 467 -66.23 35.26 10.86
N MET G 468 -66.23 34.17 11.63
CA MET G 468 -66.34 32.83 11.07
C MET G 468 -67.76 32.27 11.12
N CYS G 469 -68.59 32.74 12.04
CA CYS G 469 -69.96 32.25 12.14
C CYS G 469 -70.84 32.78 11.02
N GLU G 470 -70.48 33.91 10.42
CA GLU G 470 -71.27 34.48 9.33
C GLU G 470 -70.92 33.90 7.97
N ASN G 471 -69.77 33.26 7.84
CA ASN G 471 -69.38 32.68 6.55
C ASN G 471 -70.03 31.31 6.35
N GLY G 472 -69.71 30.36 7.22
CA GLY G 472 -70.27 29.03 7.12
C GLY G 472 -69.41 27.96 7.76
N VAL G 473 -68.57 28.36 8.71
CA VAL G 473 -67.68 27.45 9.43
C VAL G 473 -68.16 27.37 10.87
N VAL G 474 -68.73 26.23 11.24
CA VAL G 474 -69.23 26.03 12.59
C VAL G 474 -68.76 24.67 13.12
N GLU G 475 -67.46 24.54 13.34
CA GLU G 475 -66.90 23.29 13.82
C GLU G 475 -67.36 23.03 15.25
N PRO G 476 -67.82 21.82 15.57
CA PRO G 476 -68.29 21.55 16.94
C PRO G 476 -67.19 21.56 17.97
N LEU G 477 -67.55 21.36 19.24
CA LEU G 477 -66.59 21.40 20.33
C LEU G 477 -66.07 20.02 20.70
N ARG G 478 -66.87 18.97 20.48
CA ARG G 478 -66.44 17.62 20.84
C ARG G 478 -65.20 17.20 20.07
N VAL G 479 -65.13 17.55 18.77
CA VAL G 479 -63.97 17.21 17.97
C VAL G 479 -62.72 17.92 18.45
N LYS G 480 -62.87 19.04 19.17
CA LYS G 480 -61.73 19.74 19.74
C LYS G 480 -61.36 19.19 21.11
N THR G 481 -62.36 18.91 21.95
CA THR G 481 -62.08 18.37 23.28
C THR G 481 -61.45 16.99 23.20
N GLN G 482 -61.96 16.12 22.32
CA GLN G 482 -61.37 14.80 22.17
C GLN G 482 -59.96 14.88 21.62
N ALA G 483 -59.71 15.81 20.69
CA ALA G 483 -58.36 15.98 20.15
C ALA G 483 -57.40 16.47 21.22
N ILE G 484 -57.84 17.43 22.06
CA ILE G 484 -56.98 17.92 23.13
C ILE G 484 -56.69 16.82 24.14
N GLN G 485 -57.71 16.00 24.46
CA GLN G 485 -57.50 14.90 25.39
C GLN G 485 -56.52 13.88 24.83
N SER G 486 -56.65 13.55 23.54
CA SER G 486 -55.73 12.60 22.92
C SER G 486 -54.32 13.16 22.88
N ALA G 487 -54.17 14.45 22.60
CA ALA G 487 -52.85 15.05 22.57
C ALA G 487 -52.21 15.09 23.95
N ALA G 488 -53.02 15.34 24.99
CA ALA G 488 -52.51 15.35 26.35
C ALA G 488 -52.19 13.95 26.86
N GLU G 489 -52.90 12.93 26.37
CA GLU G 489 -52.63 11.57 26.79
C GLU G 489 -51.44 10.96 26.04
N SER G 490 -51.23 11.37 24.78
CA SER G 490 -50.15 10.80 23.99
C SER G 490 -48.79 11.39 24.36
N THR G 491 -48.76 12.65 24.81
CA THR G 491 -47.51 13.30 25.15
C THR G 491 -46.91 12.80 26.46
N GLU G 492 -47.70 12.08 27.27
CA GLU G 492 -47.21 11.55 28.55
C GLU G 492 -46.73 10.11 28.45
N MET G 493 -47.04 9.41 27.35
CA MET G 493 -46.60 8.03 27.19
C MET G 493 -45.16 7.92 26.68
N LEU G 494 -44.51 9.04 26.38
CA LEU G 494 -43.14 9.04 25.90
C LEU G 494 -42.15 9.62 26.88
N LEU G 495 -42.54 10.64 27.65
CA LEU G 495 -41.64 11.24 28.63
C LEU G 495 -41.46 10.37 29.86
N ARG G 496 -42.39 9.45 30.12
CA ARG G 496 -42.33 8.57 31.27
C ARG G 496 -41.63 7.24 30.96
N ILE G 497 -40.78 7.21 29.94
CA ILE G 497 -40.06 6.01 29.55
C ILE G 497 -38.59 6.08 29.97
N ASP G 498 -37.93 7.20 29.66
CA ASP G 498 -36.53 7.41 29.99
C ASP G 498 -35.64 6.31 29.41
N ASP G 499 -35.52 5.20 30.13
CA ASP G 499 -34.70 4.07 29.69
C ASP G 499 -35.55 3.05 28.95
N VAL G 500 -34.88 2.22 28.15
CA VAL G 500 -35.53 1.18 27.37
C VAL G 500 -34.65 -0.06 27.40
N ILE G 501 -35.25 -1.22 27.68
CA ILE G 501 -34.51 -2.48 27.73
C ILE G 501 -35.08 -3.44 26.70
N ALA G 502 -34.57 -4.66 26.67
CA ALA G 502 -35.04 -5.68 25.74
C ALA G 502 -34.97 -7.04 26.41
N ALA G 503 -35.72 -7.99 25.84
CA ALA G 503 -35.76 -9.35 26.38
C ALA G 503 -36.03 -10.32 25.24
N GLU G 504 -35.79 -11.60 25.51
CA GLU G 504 -36.00 -12.66 24.54
C GLU G 504 -37.23 -13.51 24.85
N LYS G 505 -38.01 -13.13 25.86
CA LYS G 505 -39.20 -13.87 26.24
C LYS G 505 -40.43 -13.21 25.62
N LEU G 506 -41.32 -14.05 25.09
CA LEU G 506 -42.55 -13.55 24.46
C LEU G 506 -43.49 -12.98 25.52
N ARG G 507 -43.99 -11.78 25.28
CA ARG G 507 -44.91 -11.09 26.19
C ARG G 507 -44.31 -10.97 27.59
N MET H 1 -5.53 -12.17 39.13
CA MET H 1 -6.59 -13.15 39.04
C MET H 1 -7.65 -12.92 40.12
N GLY H 2 -7.18 -12.65 41.34
CA GLY H 2 -8.11 -12.42 42.44
C GLY H 2 -8.84 -11.09 42.35
N ARG H 3 -8.20 -10.09 41.74
CA ARG H 3 -8.80 -8.78 41.59
C ARG H 3 -9.34 -8.52 40.19
N ASP H 4 -9.10 -9.42 39.24
CA ASP H 4 -9.59 -9.22 37.88
C ASP H 4 -11.01 -9.77 37.72
N ALA H 5 -11.24 -10.99 38.17
CA ALA H 5 -12.56 -11.61 38.09
C ALA H 5 -13.52 -11.11 39.14
N GLN H 6 -13.04 -10.38 40.15
CA GLN H 6 -13.88 -9.85 41.22
C GLN H 6 -14.57 -8.55 40.83
N ARG H 7 -13.86 -7.63 40.17
CA ARG H 7 -14.47 -6.37 39.76
C ARG H 7 -15.48 -6.57 38.64
N MET H 8 -15.26 -7.54 37.77
CA MET H 8 -16.19 -7.79 36.67
C MET H 8 -17.53 -8.28 37.19
N ASN H 9 -17.51 -9.12 38.23
CA ASN H 9 -18.76 -9.62 38.80
C ASN H 9 -19.56 -8.50 39.46
N ILE H 10 -18.88 -7.49 40.00
CA ILE H 10 -19.58 -6.35 40.61
C ILE H 10 -20.09 -5.41 39.53
N LEU H 11 -19.32 -5.21 38.47
CA LEU H 11 -19.76 -4.34 37.38
C LEU H 11 -20.93 -4.94 36.62
N ALA H 12 -20.99 -6.27 36.51
CA ALA H 12 -22.12 -6.91 35.85
C ALA H 12 -23.38 -6.84 36.71
N GLY H 13 -23.23 -6.77 38.02
CA GLY H 13 -24.39 -6.66 38.89
C GLY H 13 -24.89 -5.24 39.07
N ARG H 14 -23.98 -4.26 39.04
CA ARG H 14 -24.38 -2.87 39.18
C ARG H 14 -25.21 -2.38 38.00
N ILE H 15 -25.07 -3.01 36.82
CA ILE H 15 -25.86 -2.60 35.67
C ILE H 15 -27.32 -3.03 35.85
N ILE H 16 -27.53 -4.28 36.28
CA ILE H 16 -28.90 -4.77 36.48
C ILE H 16 -29.49 -4.29 37.79
N ALA H 17 -28.67 -3.80 38.73
CA ALA H 17 -29.20 -3.31 39.99
C ALA H 17 -29.76 -1.90 39.86
N GLU H 18 -29.15 -1.07 39.00
CA GLU H 18 -29.60 0.29 38.80
C GLU H 18 -30.69 0.40 37.72
N THR H 19 -31.14 -0.72 37.17
CA THR H 19 -32.18 -0.66 36.14
C THR H 19 -33.54 -0.33 36.73
N VAL H 20 -33.87 -0.92 37.89
CA VAL H 20 -35.14 -0.68 38.54
C VAL H 20 -35.00 0.42 39.57
N ARG H 21 -33.96 1.25 39.43
CA ARG H 21 -33.75 2.34 40.37
C ARG H 21 -34.81 3.42 40.20
N SER H 22 -35.16 3.76 38.96
CA SER H 22 -36.17 4.79 38.72
C SER H 22 -37.58 4.31 38.99
N THR H 23 -37.82 3.00 38.97
CA THR H 23 -39.14 2.43 39.23
C THR H 23 -39.31 2.07 40.70
N LEU H 24 -39.18 3.05 41.58
CA LEU H 24 -39.32 2.84 43.02
C LEU H 24 -40.31 3.81 43.66
N GLY H 25 -40.27 5.08 43.29
CA GLY H 25 -41.18 6.06 43.86
C GLY H 25 -42.58 5.92 43.31
N PRO H 26 -43.53 6.61 43.93
CA PRO H 26 -44.92 6.53 43.45
C PRO H 26 -45.14 7.23 42.12
N LYS H 27 -44.38 8.28 41.83
CA LYS H 27 -44.53 9.00 40.57
C LYS H 27 -43.28 8.86 39.72
N GLY H 28 -42.84 7.62 39.48
CA GLY H 28 -41.66 7.38 38.68
C GLY H 28 -41.98 7.02 37.25
N MET H 29 -40.95 7.02 36.41
CA MET H 29 -41.11 6.69 35.00
C MET H 29 -41.28 5.19 34.83
N ASP H 30 -41.92 4.82 33.72
CA ASP H 30 -42.17 3.42 33.39
C ASP H 30 -41.03 2.87 32.55
N LYS H 31 -41.18 1.61 32.13
CA LYS H 31 -40.17 0.92 31.32
C LYS H 31 -40.84 0.32 30.10
N MET H 32 -40.28 0.60 28.92
CA MET H 32 -40.79 0.07 27.66
C MET H 32 -39.95 -1.15 27.27
N LEU H 33 -40.62 -2.29 27.14
CA LEU H 33 -39.96 -3.55 26.81
C LEU H 33 -40.42 -4.02 25.44
N VAL H 34 -39.46 -4.29 24.55
CA VAL H 34 -39.74 -4.78 23.22
C VAL H 34 -39.22 -6.20 23.10
N ASP H 35 -39.75 -6.92 22.11
CA ASP H 35 -39.38 -8.30 21.84
C ASP H 35 -38.95 -8.44 20.39
N ASP H 36 -38.55 -9.65 20.03
CA ASP H 36 -38.10 -9.90 18.66
C ASP H 36 -39.26 -9.92 17.67
N LEU H 37 -40.42 -10.42 18.09
CA LEU H 37 -41.59 -10.44 17.20
C LEU H 37 -42.20 -9.06 17.05
N GLY H 38 -42.00 -8.17 18.03
CA GLY H 38 -42.54 -6.84 17.95
C GLY H 38 -43.63 -6.58 18.97
N ASP H 39 -43.41 -7.02 20.21
CA ASP H 39 -44.37 -6.83 21.29
C ASP H 39 -43.86 -5.73 22.22
N VAL H 40 -44.44 -4.55 22.10
CA VAL H 40 -44.06 -3.39 22.90
C VAL H 40 -45.00 -3.32 24.10
N VAL H 41 -44.45 -3.51 25.30
CA VAL H 41 -45.24 -3.47 26.53
C VAL H 41 -44.66 -2.41 27.46
N VAL H 42 -45.48 -1.96 28.39
CA VAL H 42 -45.10 -0.95 29.37
C VAL H 42 -45.26 -1.55 30.76
N THR H 43 -44.19 -1.47 31.56
CA THR H 43 -44.16 -2.02 32.91
C THR H 43 -43.71 -0.94 33.87
N ASN H 44 -44.52 -0.70 34.91
CA ASN H 44 -44.20 0.31 35.92
C ASN H 44 -43.54 -0.29 37.16
N ASP H 45 -43.84 -1.54 37.49
CA ASP H 45 -43.28 -2.17 38.68
C ASP H 45 -41.87 -2.67 38.37
N GLY H 46 -41.28 -3.40 39.31
CA GLY H 46 -39.94 -3.92 39.14
C GLY H 46 -39.88 -5.43 39.17
N VAL H 47 -41.01 -6.08 39.50
CA VAL H 47 -41.04 -7.53 39.54
C VAL H 47 -41.00 -8.11 38.12
N THR H 48 -41.76 -7.53 37.20
CA THR H 48 -41.76 -8.00 35.82
C THR H 48 -40.45 -7.67 35.12
N ILE H 49 -39.77 -6.60 35.54
CA ILE H 49 -38.51 -6.22 34.91
C ILE H 49 -37.44 -7.29 35.16
N LEU H 50 -37.42 -7.85 36.37
CA LEU H 50 -36.41 -8.86 36.69
C LEU H 50 -36.65 -10.16 35.92
N ARG H 51 -37.90 -10.45 35.55
CA ARG H 51 -38.20 -11.67 34.82
C ARG H 51 -37.77 -11.55 33.36
N GLU H 52 -38.40 -10.63 32.62
CA GLU H 52 -38.06 -10.40 31.22
C GLU H 52 -36.81 -9.53 31.15
N MET H 53 -35.66 -10.19 31.28
CA MET H 53 -34.37 -9.52 31.24
C MET H 53 -33.32 -10.51 30.75
N SER H 54 -32.38 -10.01 29.95
CA SER H 54 -31.30 -10.84 29.42
C SER H 54 -30.43 -11.38 30.54
N VAL H 55 -30.58 -12.66 30.87
CA VAL H 55 -29.80 -13.28 31.93
C VAL H 55 -28.64 -14.06 31.34
N GLU H 56 -28.03 -13.52 30.28
CA GLU H 56 -26.91 -14.19 29.63
C GLU H 56 -25.66 -14.19 30.49
N HIS H 57 -25.55 -13.28 31.45
CA HIS H 57 -24.38 -13.26 32.31
C HIS H 57 -24.63 -14.00 33.61
N PRO H 58 -23.67 -14.77 34.10
CA PRO H 58 -23.90 -15.53 35.34
C PRO H 58 -24.15 -14.65 36.56
N ALA H 59 -23.59 -13.44 36.59
CA ALA H 59 -23.79 -12.56 37.75
C ALA H 59 -25.21 -12.02 37.79
N ALA H 60 -25.84 -11.84 36.64
CA ALA H 60 -27.22 -11.33 36.56
C ALA H 60 -28.25 -12.45 36.58
N LYS H 61 -28.17 -13.35 37.55
CA LYS H 61 -29.10 -14.46 37.63
C LYS H 61 -29.38 -14.83 39.09
N MET H 62 -28.32 -14.85 39.91
CA MET H 62 -28.49 -15.20 41.32
C MET H 62 -29.31 -14.16 42.06
N LEU H 63 -29.09 -12.88 41.77
CA LEU H 63 -29.88 -11.83 42.41
C LEU H 63 -31.35 -11.94 42.04
N ILE H 64 -31.63 -12.24 40.77
CA ILE H 64 -33.02 -12.40 40.34
C ILE H 64 -33.65 -13.62 40.99
N GLU H 65 -32.89 -14.72 41.11
CA GLU H 65 -33.41 -15.91 41.75
C GLU H 65 -33.70 -15.67 43.23
N VAL H 66 -32.86 -14.88 43.90
CA VAL H 66 -33.10 -14.57 45.30
C VAL H 66 -34.32 -13.65 45.43
N ALA H 67 -34.45 -12.68 44.52
CA ALA H 67 -35.59 -11.76 44.59
C ALA H 67 -36.91 -12.47 44.30
N LYS H 68 -36.88 -13.48 43.44
CA LYS H 68 -38.11 -14.22 43.15
C LYS H 68 -38.58 -15.02 44.35
N THR H 69 -37.65 -15.50 45.18
CA THR H 69 -38.05 -16.24 46.37
C THR H 69 -38.63 -15.32 47.44
N GLN H 70 -38.22 -14.05 47.45
CA GLN H 70 -38.74 -13.10 48.42
C GLN H 70 -40.05 -12.46 47.94
N GLU H 71 -40.23 -12.34 46.63
CA GLU H 71 -41.46 -11.74 46.11
C GLU H 71 -42.67 -12.62 46.38
N LYS H 72 -42.48 -13.94 46.47
CA LYS H 72 -43.58 -14.87 46.73
C LYS H 72 -43.98 -14.89 48.20
N GLU H 73 -43.36 -14.08 49.05
CA GLU H 73 -43.69 -14.03 50.48
C GLU H 73 -44.81 -13.04 50.76
N VAL H 74 -44.55 -11.75 50.60
CA VAL H 74 -45.55 -10.71 50.85
C VAL H 74 -45.81 -9.93 49.57
N GLY H 75 -44.82 -9.90 48.68
CA GLY H 75 -44.94 -9.20 47.42
C GLY H 75 -45.05 -7.69 47.58
N ASP H 76 -44.01 -7.07 48.12
CA ASP H 76 -44.01 -5.62 48.31
C ASP H 76 -42.58 -5.08 48.38
N GLY H 77 -41.68 -5.83 49.03
CA GLY H 77 -40.31 -5.41 49.17
C GLY H 77 -39.37 -6.11 48.21
N THR H 78 -39.61 -5.96 46.91
CA THR H 78 -38.80 -6.58 45.88
C THR H 78 -37.83 -5.61 45.21
N THR H 79 -38.34 -4.47 44.73
CA THR H 79 -37.48 -3.50 44.06
C THR H 79 -36.55 -2.82 45.07
N THR H 80 -37.09 -2.46 46.24
CA THR H 80 -36.26 -1.80 47.26
C THR H 80 -35.14 -2.70 47.73
N ALA H 81 -35.37 -4.02 47.79
CA ALA H 81 -34.31 -4.93 48.19
C ALA H 81 -33.18 -4.92 47.16
N VAL H 82 -33.52 -4.92 45.87
CA VAL H 82 -32.51 -4.88 44.82
C VAL H 82 -31.76 -3.55 44.88
N VAL H 83 -32.47 -2.45 45.15
CA VAL H 83 -31.82 -1.15 45.24
C VAL H 83 -30.83 -1.13 46.41
N VAL H 84 -31.23 -1.66 47.56
CA VAL H 84 -30.35 -1.70 48.72
C VAL H 84 -29.14 -2.59 48.44
N ALA H 85 -29.36 -3.72 47.76
CA ALA H 85 -28.24 -4.61 47.43
C ALA H 85 -27.26 -3.92 46.48
N GLY H 86 -27.78 -3.22 45.47
CA GLY H 86 -26.90 -2.50 44.56
C GLY H 86 -26.13 -1.38 45.26
N GLU H 87 -26.80 -0.68 46.18
CA GLU H 87 -26.11 0.36 46.94
C GLU H 87 -25.01 -0.23 47.82
N LEU H 88 -25.29 -1.37 48.45
CA LEU H 88 -24.27 -2.03 49.27
C LEU H 88 -23.09 -2.48 48.41
N LEU H 89 -23.36 -3.02 47.23
CA LEU H 89 -22.28 -3.44 46.34
C LEU H 89 -21.45 -2.25 45.88
N ARG H 90 -22.10 -1.15 45.52
CA ARG H 90 -21.37 0.04 45.09
C ARG H 90 -20.55 0.64 46.23
N LYS H 91 -21.06 0.56 47.47
CA LYS H 91 -20.30 1.10 48.59
C LYS H 91 -19.13 0.20 48.95
N ALA H 92 -19.30 -1.12 48.82
CA ALA H 92 -18.23 -2.05 49.12
C ALA H 92 -17.17 -2.12 48.02
N GLU H 93 -17.52 -1.73 46.80
CA GLU H 93 -16.54 -1.73 45.72
C GLU H 93 -15.44 -0.70 45.97
N GLU H 94 -15.81 0.46 46.53
CA GLU H 94 -14.81 1.49 46.81
C GLU H 94 -13.92 1.10 47.98
N LEU H 95 -14.45 0.32 48.93
CA LEU H 95 -13.66 -0.08 50.10
C LEU H 95 -12.58 -1.11 49.76
N LEU H 96 -12.63 -1.70 48.58
CA LEU H 96 -11.63 -2.68 48.17
C LEU H 96 -10.34 -2.05 47.68
N ASP H 97 -10.27 -0.72 47.59
CA ASP H 97 -9.06 -0.04 47.14
C ASP H 97 -7.99 0.04 48.21
N GLN H 98 -8.35 -0.10 49.48
CA GLN H 98 -7.38 -0.04 50.57
C GLN H 98 -6.66 -1.37 50.79
N ASN H 99 -6.95 -2.38 49.98
CA ASN H 99 -6.32 -3.70 50.05
C ASN H 99 -6.53 -4.33 51.44
N VAL H 100 -7.79 -4.70 51.68
CA VAL H 100 -8.18 -5.33 52.93
C VAL H 100 -8.77 -6.70 52.63
N HIS H 101 -9.22 -6.90 51.39
CA HIS H 101 -9.81 -8.13 50.85
C HIS H 101 -11.14 -8.44 51.53
N PRO H 102 -12.12 -8.98 50.79
CA PRO H 102 -13.46 -9.17 51.36
C PRO H 102 -13.52 -10.28 52.39
N THR H 103 -13.65 -9.89 53.66
CA THR H 103 -13.83 -10.84 54.77
C THR H 103 -14.42 -10.14 55.98
N ILE H 104 -13.79 -9.05 56.41
CA ILE H 104 -14.28 -8.31 57.56
C ILE H 104 -15.58 -7.58 57.22
N VAL H 105 -15.78 -7.25 55.94
CA VAL H 105 -17.00 -6.56 55.53
C VAL H 105 -18.22 -7.46 55.73
N VAL H 106 -18.07 -8.75 55.43
CA VAL H 106 -19.17 -9.69 55.63
C VAL H 106 -19.52 -9.81 57.10
N LYS H 107 -18.51 -9.89 57.96
CA LYS H 107 -18.77 -9.96 59.40
C LYS H 107 -19.43 -8.67 59.90
N GLY H 108 -19.00 -7.52 59.39
CA GLY H 108 -19.62 -6.27 59.77
C GLY H 108 -21.07 -6.19 59.34
N TYR H 109 -21.37 -6.65 58.13
CA TYR H 109 -22.75 -6.67 57.66
C TYR H 109 -23.60 -7.63 58.49
N GLN H 110 -23.06 -8.79 58.84
CA GLN H 110 -23.80 -9.74 59.66
C GLN H 110 -24.05 -9.20 61.06
N ALA H 111 -23.10 -8.44 61.60
CA ALA H 111 -23.28 -7.86 62.92
C ALA H 111 -24.25 -6.68 62.88
N ALA H 112 -24.28 -5.94 61.78
CA ALA H 112 -25.19 -4.80 61.66
C ALA H 112 -26.61 -5.24 61.35
N ALA H 113 -26.79 -6.36 60.66
CA ALA H 113 -28.14 -6.83 60.33
C ALA H 113 -28.91 -7.21 61.59
N GLN H 114 -28.26 -7.88 62.54
CA GLN H 114 -28.94 -8.24 63.78
C GLN H 114 -29.31 -7.00 64.58
N LYS H 115 -28.42 -6.01 64.64
CA LYS H 115 -28.73 -4.77 65.34
C LYS H 115 -29.88 -4.04 64.68
N ALA H 116 -29.92 -4.02 63.35
CA ALA H 116 -31.03 -3.37 62.65
C ALA H 116 -32.34 -4.10 62.91
N GLN H 117 -32.31 -5.43 62.90
CA GLN H 117 -33.53 -6.19 63.19
C GLN H 117 -34.00 -5.99 64.61
N GLU H 118 -33.07 -5.83 65.56
CA GLU H 118 -33.46 -5.58 66.95
C GLU H 118 -34.00 -4.17 67.12
N LEU H 119 -33.46 -3.20 66.39
CA LEU H 119 -33.94 -1.83 66.51
C LEU H 119 -35.27 -1.62 65.81
N LEU H 120 -35.54 -2.38 64.74
CA LEU H 120 -36.82 -2.24 64.04
C LEU H 120 -37.99 -2.74 64.90
N LYS H 121 -37.75 -3.72 65.76
CA LYS H 121 -38.79 -4.25 66.63
C LYS H 121 -39.09 -3.36 67.82
N THR H 122 -38.35 -2.27 68.00
CA THR H 122 -38.56 -1.36 69.12
C THR H 122 -39.08 0.01 68.70
N ILE H 123 -39.30 0.24 67.41
CA ILE H 123 -39.79 1.53 66.92
C ILE H 123 -41.22 1.41 66.39
N ALA H 124 -41.91 0.32 66.70
CA ALA H 124 -43.28 0.09 66.26
C ALA H 124 -44.24 0.25 67.43
N CYS H 125 -45.52 0.05 67.14
CA CYS H 125 -46.59 0.15 68.12
C CYS H 125 -47.40 -1.15 68.13
N GLU H 126 -48.50 -1.13 68.89
CA GLU H 126 -49.38 -2.27 69.01
C GLU H 126 -50.72 -1.94 68.37
N VAL H 127 -51.11 -2.71 67.36
CA VAL H 127 -52.37 -2.52 66.64
C VAL H 127 -53.22 -3.76 66.88
N GLY H 128 -54.33 -3.58 67.58
CA GLY H 128 -55.23 -4.66 67.89
C GLY H 128 -56.19 -4.96 66.75
N ALA H 129 -57.07 -5.94 67.00
CA ALA H 129 -58.05 -6.35 66.00
C ALA H 129 -59.35 -5.57 66.09
N GLN H 130 -59.50 -4.69 67.09
CA GLN H 130 -60.72 -3.91 67.24
C GLN H 130 -60.68 -2.60 66.48
N ASP H 131 -59.61 -2.31 65.74
CA ASP H 131 -59.51 -1.08 64.99
C ASP H 131 -60.19 -1.20 63.64
N LYS H 132 -60.38 -0.07 62.98
CA LYS H 132 -61.02 -0.04 61.67
C LYS H 132 -60.50 1.13 60.85
N GLU H 133 -60.34 2.30 61.48
CA GLU H 133 -59.83 3.47 60.79
C GLU H 133 -58.35 3.34 60.46
N ILE H 134 -57.62 2.46 61.15
CA ILE H 134 -56.21 2.27 60.87
C ILE H 134 -56.00 1.30 59.71
N LEU H 135 -56.91 0.35 59.52
CA LEU H 135 -56.74 -0.68 58.51
C LEU H 135 -57.02 -0.20 57.10
N THR H 136 -57.52 1.03 56.92
CA THR H 136 -57.81 1.56 55.59
C THR H 136 -56.68 2.40 55.01
N LYS H 137 -55.83 3.00 55.86
CA LYS H 137 -54.73 3.79 55.34
C LYS H 137 -53.69 2.92 54.64
N ILE H 138 -53.46 1.70 55.14
CA ILE H 138 -52.50 0.80 54.50
C ILE H 138 -53.01 0.37 53.14
N ALA H 139 -54.33 0.18 53.01
CA ALA H 139 -54.90 -0.17 51.71
C ALA H 139 -54.91 1.03 50.76
N MET H 140 -55.07 2.24 51.30
CA MET H 140 -55.06 3.43 50.46
C MET H 140 -53.66 3.71 49.93
N THR H 141 -52.64 3.57 50.78
CA THR H 141 -51.26 3.82 50.36
C THR H 141 -50.66 2.67 49.56
N SER H 142 -51.35 1.53 49.47
CA SER H 142 -50.83 0.41 48.71
C SER H 142 -50.94 0.62 47.20
N ILE H 143 -51.84 1.49 46.75
CA ILE H 143 -52.01 1.77 45.33
C ILE H 143 -51.55 3.19 45.04
N THR H 144 -50.28 3.35 44.70
CA THR H 144 -49.71 4.64 44.37
C THR H 144 -49.09 4.67 42.98
N GLY H 145 -48.10 3.81 42.72
CA GLY H 145 -47.48 3.76 41.41
C GLY H 145 -48.34 3.09 40.35
N LYS H 146 -49.42 2.41 40.76
CA LYS H 146 -50.29 1.75 39.80
C LYS H 146 -51.15 2.76 39.06
N GLY H 147 -51.92 3.55 39.81
CA GLY H 147 -52.78 4.56 39.21
C GLY H 147 -53.59 5.32 40.24
N ALA H 148 -53.01 6.37 40.80
CA ALA H 148 -53.68 7.17 41.81
C ALA H 148 -54.66 8.18 41.23
N GLU H 149 -54.80 8.23 39.90
CA GLU H 149 -55.74 9.15 39.27
C GLU H 149 -57.18 8.62 39.26
N LYS H 150 -57.42 7.43 39.82
CA LYS H 150 -58.76 6.86 39.87
C LYS H 150 -58.90 5.89 41.02
N ALA H 151 -57.78 5.52 41.64
CA ALA H 151 -57.75 4.58 42.77
C ALA H 151 -57.06 5.27 43.94
N LYS H 152 -57.87 5.90 44.80
CA LYS H 152 -57.35 6.60 45.97
C LYS H 152 -58.43 6.76 47.03
N GLU H 153 -59.68 6.50 46.65
CA GLU H 153 -60.79 6.64 47.60
C GLU H 153 -61.81 5.52 47.38
N LYS H 154 -62.12 5.21 46.13
CA LYS H 154 -63.10 4.16 45.84
C LYS H 154 -62.51 2.78 46.10
N LEU H 155 -61.23 2.59 45.77
CA LEU H 155 -60.56 1.31 45.98
C LEU H 155 -60.01 1.15 47.39
N ALA H 156 -60.27 2.11 48.28
CA ALA H 156 -59.78 2.04 49.65
C ALA H 156 -60.88 1.72 50.66
N GLU H 157 -62.13 1.61 50.22
CA GLU H 157 -63.25 1.32 51.10
C GLU H 157 -63.90 -0.03 50.82
N ILE H 158 -63.50 -0.72 49.76
CA ILE H 158 -64.07 -2.02 49.43
C ILE H 158 -63.12 -3.18 49.72
N ILE H 159 -61.83 -2.90 49.93
CA ILE H 159 -60.89 -3.98 50.25
C ILE H 159 -60.95 -4.33 51.73
N VAL H 160 -61.05 -3.31 52.60
CA VAL H 160 -61.12 -3.57 54.03
C VAL H 160 -62.43 -4.25 54.40
N GLU H 161 -63.52 -3.86 53.76
CA GLU H 161 -64.81 -4.49 54.03
C GLU H 161 -64.88 -5.91 53.49
N ALA H 162 -64.03 -6.26 52.52
CA ALA H 162 -64.03 -7.60 51.97
C ALA H 162 -63.07 -8.55 52.69
N VAL H 163 -61.91 -8.05 53.12
CA VAL H 163 -60.96 -8.89 53.83
C VAL H 163 -61.41 -9.15 55.26
N SER H 164 -61.90 -8.12 55.94
CA SER H 164 -62.36 -8.27 57.33
C SER H 164 -63.63 -9.10 57.38
N ALA H 165 -63.50 -10.42 57.30
CA ALA H 165 -64.65 -11.32 57.36
C ALA H 165 -64.30 -12.56 58.18
N VAL H 166 -63.17 -13.19 57.86
CA VAL H 166 -62.68 -14.36 58.58
C VAL H 166 -61.34 -14.12 59.24
N VAL H 167 -60.76 -12.93 59.09
CA VAL H 167 -59.47 -12.65 59.70
C VAL H 167 -59.63 -12.18 61.14
N ASP H 168 -60.66 -11.38 61.42
CA ASP H 168 -60.88 -10.88 62.77
C ASP H 168 -61.33 -12.00 63.70
N ASP H 169 -62.02 -13.02 63.19
CA ASP H 169 -62.44 -14.14 64.01
C ASP H 169 -61.28 -15.07 64.33
N GLU H 170 -60.53 -15.47 63.30
CA GLU H 170 -59.38 -16.35 63.46
C GLU H 170 -58.14 -15.58 63.01
N GLY H 171 -57.34 -15.11 63.97
CA GLY H 171 -56.15 -14.35 63.66
C GLY H 171 -54.91 -15.22 63.53
N LYS H 172 -54.96 -16.21 62.63
CA LYS H 172 -53.84 -17.10 62.42
C LYS H 172 -53.87 -17.68 61.01
N VAL H 173 -54.98 -18.34 60.66
CA VAL H 173 -55.15 -18.96 59.35
C VAL H 173 -56.26 -18.22 58.63
N ASP H 174 -55.93 -17.60 57.50
CA ASP H 174 -56.90 -16.85 56.69
C ASP H 174 -56.59 -17.01 55.21
N LYS H 175 -56.23 -18.22 54.80
CA LYS H 175 -55.92 -18.50 53.40
C LYS H 175 -57.21 -18.58 52.60
N ASP H 176 -57.46 -17.58 51.76
CA ASP H 176 -58.64 -17.52 50.92
C ASP H 176 -58.25 -17.69 49.45
N LEU H 177 -59.26 -17.67 48.59
CA LEU H 177 -59.08 -17.82 47.15
C LEU H 177 -59.68 -16.60 46.46
N ILE H 178 -58.85 -15.62 46.14
CA ILE H 178 -59.29 -14.39 45.48
C ILE H 178 -58.92 -14.49 44.01
N LYS H 179 -59.92 -14.33 43.14
CA LYS H 179 -59.73 -14.41 41.69
C LYS H 179 -60.12 -13.08 41.07
N ILE H 180 -59.23 -12.54 40.23
CA ILE H 180 -59.46 -11.27 39.54
C ILE H 180 -59.63 -11.57 38.05
N GLU H 181 -60.75 -11.15 37.49
CA GLU H 181 -61.06 -11.37 36.09
C GLU H 181 -60.67 -10.15 35.27
N LYS H 182 -60.06 -10.39 34.11
CA LYS H 182 -59.60 -9.32 33.22
C LYS H 182 -60.64 -9.15 32.12
N LYS H 183 -61.56 -8.20 32.32
CA LYS H 183 -62.59 -7.90 31.34
C LYS H 183 -62.73 -6.39 31.21
N SER H 184 -63.03 -5.93 29.99
CA SER H 184 -63.19 -4.52 29.72
C SER H 184 -64.66 -4.12 29.82
N GLY H 185 -64.96 -2.87 29.48
CA GLY H 185 -66.32 -2.37 29.52
C GLY H 185 -66.52 -1.08 28.75
N ALA H 186 -67.02 -0.05 29.42
CA ALA H 186 -67.26 1.24 28.77
C ALA H 186 -67.16 2.38 29.77
N SER H 187 -67.26 2.06 31.06
CA SER H 187 -67.16 3.07 32.10
C SER H 187 -65.72 3.48 32.31
N ILE H 188 -65.52 4.51 33.14
CA ILE H 188 -64.18 5.02 33.45
C ILE H 188 -63.46 4.02 34.35
N ASP H 189 -63.97 3.84 35.57
CA ASP H 189 -63.36 2.92 36.52
C ASP H 189 -64.46 2.48 37.49
N ASP H 190 -64.93 1.25 37.32
CA ASP H 190 -65.99 0.68 38.15
C ASP H 190 -65.46 -0.54 38.89
N THR H 191 -65.80 -0.64 40.17
CA THR H 191 -65.37 -1.74 41.02
C THR H 191 -66.59 -2.40 41.65
N GLU H 192 -66.79 -3.68 41.35
CA GLU H 192 -67.92 -4.45 41.88
C GLU H 192 -67.38 -5.51 42.84
N LEU H 193 -68.06 -5.66 43.97
CA LEU H 193 -67.69 -6.63 45.00
C LEU H 193 -68.83 -7.64 45.12
N ILE H 194 -68.70 -8.76 44.43
CA ILE H 194 -69.75 -9.78 44.40
C ILE H 194 -69.66 -10.61 45.68
N LYS H 195 -70.77 -10.69 46.42
CA LYS H 195 -70.82 -11.47 47.65
C LYS H 195 -71.45 -12.84 47.39
N GLY H 196 -70.92 -13.53 46.38
CA GLY H 196 -71.41 -14.84 46.01
C GLY H 196 -70.53 -15.57 45.03
N VAL H 197 -71.15 -16.15 44.00
CA VAL H 197 -70.44 -16.94 43.00
C VAL H 197 -70.58 -16.24 41.65
N LEU H 198 -69.47 -16.14 40.92
CA LEU H 198 -69.44 -15.52 39.60
C LEU H 198 -68.96 -16.55 38.58
N VAL H 199 -69.76 -16.76 37.54
CA VAL H 199 -69.44 -17.70 36.47
C VAL H 199 -69.26 -16.91 35.18
N ASP H 200 -68.13 -17.11 34.51
CA ASP H 200 -67.80 -16.38 33.28
C ASP H 200 -68.02 -17.32 32.10
N LYS H 201 -69.30 -17.49 31.74
CA LYS H 201 -69.67 -18.34 30.61
C LYS H 201 -71.07 -17.95 30.14
N GLU H 202 -71.21 -17.81 28.83
CA GLU H 202 -72.48 -17.43 28.22
C GLU H 202 -73.21 -18.69 27.74
N ARG H 203 -74.21 -18.50 26.88
CA ARG H 203 -74.99 -19.60 26.34
C ARG H 203 -75.19 -19.34 24.85
N VAL H 204 -76.16 -20.04 24.25
CA VAL H 204 -76.47 -19.90 22.83
C VAL H 204 -77.98 -19.97 22.64
N SER H 205 -78.68 -20.55 23.61
CA SER H 205 -80.13 -20.71 23.56
C SER H 205 -80.72 -19.99 24.77
N ALA H 206 -81.27 -18.79 24.53
CA ALA H 206 -81.87 -17.99 25.59
C ALA H 206 -83.36 -18.34 25.72
N GLN H 207 -83.60 -19.57 26.15
CA GLN H 207 -84.95 -20.09 26.34
C GLN H 207 -85.17 -20.61 27.75
N MET H 208 -84.36 -20.18 28.71
CA MET H 208 -84.47 -20.63 30.09
C MET H 208 -84.61 -19.43 31.03
N PRO H 209 -85.40 -19.57 32.08
CA PRO H 209 -85.55 -18.47 33.03
C PRO H 209 -84.26 -18.19 33.77
N LYS H 210 -84.19 -16.99 34.38
CA LYS H 210 -83.00 -16.57 35.11
C LYS H 210 -83.38 -15.86 36.40
N LYS H 211 -84.49 -16.25 37.03
CA LYS H 211 -84.94 -15.63 38.28
C LYS H 211 -85.73 -16.69 39.06
N VAL H 212 -85.03 -17.42 39.91
CA VAL H 212 -85.63 -18.47 40.75
C VAL H 212 -85.33 -18.14 42.19
N THR H 213 -86.36 -18.16 43.03
CA THR H 213 -86.21 -17.83 44.44
C THR H 213 -85.82 -19.07 45.23
N ASP H 214 -84.92 -18.87 46.20
CA ASP H 214 -84.39 -19.92 47.09
C ASP H 214 -84.12 -21.22 46.33
N ALA H 215 -83.41 -21.08 45.21
CA ALA H 215 -83.05 -22.25 44.41
C ALA H 215 -81.94 -23.05 45.08
N LYS H 216 -81.83 -24.31 44.68
CA LYS H 216 -80.82 -25.22 45.21
C LYS H 216 -79.86 -25.63 44.10
N ILE H 217 -78.57 -25.61 44.41
CA ILE H 217 -77.53 -25.95 43.44
C ILE H 217 -77.21 -27.43 43.55
N ALA H 218 -77.24 -28.13 42.42
CA ALA H 218 -76.93 -29.55 42.35
C ALA H 218 -75.77 -29.73 41.39
N LEU H 219 -74.65 -30.26 41.91
CA LEU H 219 -73.44 -30.46 41.12
C LEU H 219 -73.47 -31.85 40.49
N LEU H 220 -73.50 -31.89 39.16
CA LEU H 220 -73.50 -33.15 38.41
C LEU H 220 -72.37 -33.11 37.40
N ASN H 221 -71.55 -34.17 37.39
CA ASN H 221 -70.43 -34.26 36.47
C ASN H 221 -70.85 -34.87 35.14
N CYS H 222 -70.07 -35.81 34.63
CA CYS H 222 -70.38 -36.44 33.35
C CYS H 222 -71.23 -37.70 33.55
N ALA H 223 -71.13 -38.65 32.62
CA ALA H 223 -71.88 -39.90 32.67
C ALA H 223 -73.39 -39.64 32.73
N ILE H 224 -73.85 -38.67 31.94
CA ILE H 224 -75.25 -38.30 31.88
C ILE H 224 -75.84 -38.51 30.49
N GLU H 225 -75.11 -38.13 29.44
CA GLU H 225 -75.59 -38.27 28.09
C GLU H 225 -75.59 -39.75 27.67
N ILE H 226 -76.06 -39.99 26.45
CA ILE H 226 -76.14 -41.37 25.94
C ILE H 226 -74.76 -41.88 25.55
N LYS H 227 -73.95 -41.02 24.91
CA LYS H 227 -72.62 -41.40 24.46
C LYS H 227 -71.63 -40.32 24.88
N GLU H 228 -70.70 -40.69 25.75
CA GLU H 228 -69.68 -39.75 26.21
C GLU H 228 -68.35 -40.46 26.45
N THR H 229 -68.40 -41.78 26.64
CA THR H 229 -67.21 -42.57 26.86
C THR H 229 -67.12 -43.72 25.87
N GLU H 230 -66.90 -44.93 26.36
CA GLU H 230 -66.81 -46.11 25.52
C GLU H 230 -67.40 -47.31 26.27
N THR H 231 -67.66 -48.38 25.52
CA THR H 231 -68.22 -49.60 26.08
C THR H 231 -67.45 -50.79 25.53
N ASP H 232 -66.93 -51.62 26.45
CA ASP H 232 -66.16 -52.79 26.03
C ASP H 232 -67.08 -53.93 25.60
N ALA H 233 -68.16 -54.18 26.34
CA ALA H 233 -69.10 -55.26 26.01
C ALA H 233 -69.97 -54.80 24.86
N GLU H 234 -69.67 -55.30 23.66
CA GLU H 234 -70.44 -54.94 22.49
C GLU H 234 -71.80 -55.63 22.49
N ILE H 235 -72.75 -55.02 21.79
CA ILE H 235 -74.11 -55.53 21.69
C ILE H 235 -74.41 -55.84 20.23
N ARG H 236 -75.54 -56.52 20.01
CA ARG H 236 -75.98 -56.89 18.68
C ARG H 236 -77.44 -56.49 18.50
N ILE H 237 -77.92 -56.61 17.27
CA ILE H 237 -79.30 -56.26 16.92
C ILE H 237 -79.97 -57.47 16.30
N THR H 238 -81.28 -57.61 16.56
CA THR H 238 -82.06 -58.71 16.03
C THR H 238 -83.23 -58.20 15.19
N ASP H 239 -84.15 -57.43 15.78
CA ASP H 239 -85.29 -56.91 15.05
C ASP H 239 -85.21 -55.40 14.91
N PRO H 240 -85.64 -54.84 13.79
CA PRO H 240 -85.59 -53.38 13.62
C PRO H 240 -86.48 -52.62 14.59
N ALA H 241 -87.53 -53.26 15.12
CA ALA H 241 -88.44 -52.60 16.05
C ALA H 241 -87.91 -52.57 17.48
N LYS H 242 -86.72 -53.11 17.72
CA LYS H 242 -86.12 -53.13 19.05
C LYS H 242 -85.18 -51.96 19.28
N LEU H 243 -84.37 -51.60 18.29
CA LEU H 243 -83.45 -50.47 18.44
C LEU H 243 -84.21 -49.16 18.61
N MET H 244 -85.28 -48.96 17.82
CA MET H 244 -86.08 -47.75 17.96
C MET H 244 -86.76 -47.70 19.32
N GLU H 245 -87.24 -48.84 19.81
CA GLU H 245 -87.85 -48.88 21.14
C GLU H 245 -86.84 -48.55 22.23
N PHE H 246 -85.62 -49.08 22.11
CA PHE H 246 -84.58 -48.77 23.09
C PHE H 246 -84.21 -47.29 23.04
N ILE H 247 -84.14 -46.71 21.85
CA ILE H 247 -83.82 -45.29 21.73
C ILE H 247 -84.92 -44.45 22.35
N GLU H 248 -86.19 -44.81 22.10
CA GLU H 248 -87.30 -44.08 22.70
C GLU H 248 -87.29 -44.20 24.21
N GLN H 249 -86.96 -45.39 24.73
CA GLN H 249 -86.90 -45.57 26.18
C GLN H 249 -85.78 -44.73 26.79
N GLU H 250 -84.60 -44.73 26.16
CA GLU H 250 -83.49 -43.92 26.67
C GLU H 250 -83.79 -42.43 26.56
N GLU H 251 -84.60 -42.02 25.58
CA GLU H 251 -84.97 -40.61 25.47
C GLU H 251 -85.98 -40.23 26.55
N LYS H 252 -86.95 -41.11 26.81
CA LYS H 252 -87.96 -40.82 27.83
C LYS H 252 -87.42 -40.99 29.25
N MET H 253 -86.29 -41.69 29.41
CA MET H 253 -85.70 -41.83 30.74
C MET H 253 -85.28 -40.49 31.32
N LEU H 254 -84.93 -39.53 30.45
CA LEU H 254 -84.53 -38.21 30.93
C LEU H 254 -85.65 -37.50 31.67
N LYS H 255 -86.90 -37.76 31.28
CA LYS H 255 -88.04 -37.15 31.97
C LYS H 255 -88.07 -37.54 33.44
N ASP H 256 -88.04 -38.86 33.72
CA ASP H 256 -88.03 -39.30 35.10
C ASP H 256 -86.73 -38.96 35.80
N MET H 257 -85.62 -38.88 35.06
CA MET H 257 -84.36 -38.48 35.67
C MET H 257 -84.43 -37.04 36.19
N VAL H 258 -85.04 -36.14 35.42
CA VAL H 258 -85.22 -34.77 35.86
C VAL H 258 -86.28 -34.68 36.95
N ALA H 259 -87.32 -35.51 36.86
CA ALA H 259 -88.37 -35.51 37.89
C ALA H 259 -87.81 -35.94 39.24
N GLU H 260 -86.88 -36.89 39.25
CA GLU H 260 -86.27 -37.33 40.50
C GLU H 260 -85.45 -36.20 41.13
N ILE H 261 -84.70 -35.45 40.31
CA ILE H 261 -83.93 -34.34 40.83
C ILE H 261 -84.85 -33.24 41.34
N LYS H 262 -85.97 -33.02 40.65
CA LYS H 262 -86.93 -32.01 41.11
C LYS H 262 -87.56 -32.41 42.44
N ALA H 263 -87.91 -33.69 42.59
CA ALA H 263 -88.50 -34.15 43.84
C ALA H 263 -87.48 -34.18 44.98
N SER H 264 -86.20 -34.35 44.64
CA SER H 264 -85.17 -34.37 45.68
C SER H 264 -84.95 -32.99 46.27
N GLY H 265 -85.19 -31.93 45.50
CA GLY H 265 -85.01 -30.58 45.99
C GLY H 265 -83.84 -29.85 45.37
N ALA H 266 -83.92 -29.61 44.06
CA ALA H 266 -82.86 -28.92 43.34
C ALA H 266 -83.46 -28.16 42.17
N ASN H 267 -82.94 -26.95 41.91
CA ASN H 267 -83.41 -26.12 40.82
C ASN H 267 -82.30 -25.54 39.97
N VAL H 268 -81.04 -25.82 40.29
CA VAL H 268 -79.89 -25.33 39.53
C VAL H 268 -79.09 -26.53 39.06
N LEU H 269 -78.78 -26.56 37.76
CA LEU H 269 -78.05 -27.66 37.14
C LEU H 269 -76.72 -27.11 36.62
N PHE H 270 -75.62 -27.62 37.17
CA PHE H 270 -74.27 -27.24 36.76
C PHE H 270 -73.57 -28.48 36.22
N CYS H 271 -73.39 -28.52 34.90
CA CYS H 271 -72.73 -29.64 34.23
C CYS H 271 -71.35 -29.23 33.75
N GLN H 272 -70.43 -30.20 33.70
CA GLN H 272 -69.07 -29.91 33.26
C GLN H 272 -69.02 -29.67 31.75
N LYS H 273 -69.71 -30.50 30.97
CA LYS H 273 -69.73 -30.36 29.52
C LYS H 273 -70.87 -29.45 29.08
N GLY H 274 -71.39 -29.68 27.88
CA GLY H 274 -72.48 -28.90 27.34
C GLY H 274 -73.80 -29.64 27.41
N ILE H 275 -74.88 -28.86 27.47
CA ILE H 275 -76.24 -29.39 27.54
C ILE H 275 -76.87 -29.28 26.16
N ASP H 276 -77.44 -30.39 25.69
CA ASP H 276 -78.06 -30.41 24.37
C ASP H 276 -79.33 -29.56 24.37
N ASP H 277 -79.70 -29.07 23.18
CA ASP H 277 -80.88 -28.23 23.05
C ASP H 277 -82.17 -29.00 23.30
N LEU H 278 -82.16 -30.32 23.06
CA LEU H 278 -83.36 -31.13 23.29
C LEU H 278 -83.63 -31.35 24.77
N ALA H 279 -82.63 -31.17 25.63
CA ALA H 279 -82.78 -31.35 27.07
C ALA H 279 -83.12 -30.04 27.79
N GLN H 280 -83.47 -28.99 27.04
CA GLN H 280 -83.80 -27.71 27.65
C GLN H 280 -85.29 -27.60 27.99
N HIS H 281 -86.17 -28.07 27.10
CA HIS H 281 -87.60 -28.00 27.35
C HIS H 281 -87.99 -28.76 28.61
N TYR H 282 -87.37 -29.93 28.81
CA TYR H 282 -87.63 -30.70 30.02
C TYR H 282 -87.23 -29.94 31.28
N LEU H 283 -86.31 -28.99 31.17
CA LEU H 283 -85.91 -28.14 32.29
C LEU H 283 -86.71 -26.85 32.36
N ALA H 284 -87.59 -26.60 31.39
CA ALA H 284 -88.39 -25.38 31.38
C ALA H 284 -89.79 -25.57 31.93
N LYS H 285 -90.34 -26.78 31.84
CA LYS H 285 -91.69 -27.05 32.36
C LYS H 285 -91.70 -27.30 33.86
N GLU H 286 -90.53 -27.29 34.52
CA GLU H 286 -90.45 -27.51 35.95
C GLU H 286 -89.79 -26.38 36.71
N GLY H 287 -89.20 -25.40 36.02
CA GLY H 287 -88.55 -24.29 36.69
C GLY H 287 -87.19 -24.65 37.25
N ILE H 288 -86.29 -25.15 36.39
CA ILE H 288 -84.95 -25.55 36.78
C ILE H 288 -83.96 -24.74 35.97
N VAL H 289 -82.97 -24.15 36.64
CA VAL H 289 -81.96 -23.35 35.96
C VAL H 289 -81.06 -24.26 35.15
N ALA H 290 -80.90 -23.95 33.88
CA ALA H 290 -80.05 -24.73 32.97
C ALA H 290 -78.75 -24.00 32.71
N ALA H 291 -77.63 -24.71 32.90
CA ALA H 291 -76.31 -24.15 32.67
C ALA H 291 -75.41 -25.23 32.10
N ARG H 292 -74.31 -24.78 31.48
CA ARG H 292 -73.37 -25.70 30.85
C ARG H 292 -71.98 -25.06 30.87
N ARG H 293 -70.97 -25.91 30.62
CA ARG H 293 -69.58 -25.48 30.57
C ARG H 293 -69.15 -24.78 31.86
N VAL H 294 -68.86 -25.55 32.89
CA VAL H 294 -68.43 -25.03 34.18
C VAL H 294 -66.95 -25.35 34.34
N LYS H 295 -66.14 -24.31 34.49
CA LYS H 295 -64.69 -24.49 34.66
C LYS H 295 -64.40 -25.06 36.04
N LYS H 296 -63.31 -25.83 36.13
CA LYS H 296 -62.93 -26.43 37.40
C LYS H 296 -62.59 -25.36 38.44
N SER H 297 -61.98 -24.25 38.00
CA SER H 297 -61.67 -23.17 38.93
C SER H 297 -62.93 -22.53 39.48
N ASP H 298 -64.01 -22.50 38.70
CA ASP H 298 -65.29 -21.99 39.17
C ASP H 298 -66.14 -23.05 39.83
N MET H 299 -65.85 -24.34 39.61
CA MET H 299 -66.60 -25.41 40.23
C MET H 299 -66.08 -25.77 41.61
N GLU H 300 -64.77 -25.62 41.84
CA GLU H 300 -64.20 -25.93 43.15
C GLU H 300 -64.68 -24.97 44.24
N LYS H 301 -65.19 -23.80 43.87
CA LYS H 301 -65.70 -22.83 44.83
C LYS H 301 -67.15 -23.09 45.23
N LEU H 302 -67.72 -24.21 44.83
CA LEU H 302 -69.10 -24.53 45.15
C LEU H 302 -69.24 -25.53 46.31
N ALA H 303 -68.21 -26.35 46.55
CA ALA H 303 -68.26 -27.33 47.63
C ALA H 303 -67.97 -26.73 48.99
N LYS H 304 -67.15 -25.68 49.04
CA LYS H 304 -66.79 -25.04 50.31
C LYS H 304 -67.67 -23.84 50.63
N ALA H 305 -68.54 -23.41 49.70
CA ALA H 305 -69.42 -22.27 49.92
C ALA H 305 -70.87 -22.69 50.08
N THR H 306 -71.44 -23.37 49.08
CA THR H 306 -72.82 -23.80 49.17
C THR H 306 -72.96 -25.07 50.01
N GLY H 307 -72.03 -26.01 49.86
CA GLY H 307 -72.08 -27.24 50.62
C GLY H 307 -72.77 -28.37 49.87
N ALA H 308 -72.05 -28.97 48.92
CA ALA H 308 -72.59 -30.07 48.13
C ALA H 308 -71.45 -30.94 47.64
N ASN H 309 -71.75 -32.19 47.35
CA ASN H 309 -70.78 -33.15 46.87
C ASN H 309 -70.91 -33.32 45.35
N VAL H 310 -70.07 -34.19 44.80
CA VAL H 310 -70.07 -34.46 43.37
C VAL H 310 -70.54 -35.90 43.14
N ILE H 311 -71.05 -36.13 41.93
CA ILE H 311 -71.55 -37.44 41.52
C ILE H 311 -70.79 -37.86 40.26
N THR H 312 -70.07 -38.97 40.35
CA THR H 312 -69.31 -39.47 39.20
C THR H 312 -70.18 -40.14 38.15
N ASN H 313 -71.39 -40.57 38.52
CA ASN H 313 -72.28 -41.22 37.57
C ASN H 313 -73.56 -40.41 37.38
N ILE H 314 -74.71 -41.09 37.42
CA ILE H 314 -75.99 -40.43 37.25
C ILE H 314 -77.00 -41.03 38.23
N LYS H 315 -76.81 -42.31 38.56
CA LYS H 315 -77.69 -43.02 39.48
C LYS H 315 -77.21 -42.94 40.93
N ASP H 316 -76.15 -42.19 41.22
CA ASP H 316 -75.61 -42.05 42.56
C ASP H 316 -76.10 -40.78 43.24
N LEU H 317 -77.15 -40.16 42.73
CA LEU H 317 -77.71 -38.94 43.31
C LEU H 317 -78.91 -39.28 44.16
N SER H 318 -78.92 -38.79 45.41
CA SER H 318 -80.01 -39.05 46.33
C SER H 318 -80.58 -37.74 46.88
N ALA H 319 -80.32 -37.45 48.15
CA ALA H 319 -80.80 -36.23 48.78
C ALA H 319 -79.74 -35.49 49.58
N GLN H 320 -78.69 -36.16 50.04
CA GLN H 320 -77.64 -35.51 50.80
C GLN H 320 -76.59 -34.83 49.93
N ASP H 321 -76.59 -35.09 48.62
CA ASP H 321 -75.64 -34.47 47.70
C ASP H 321 -76.18 -33.20 47.06
N LEU H 322 -76.95 -32.41 47.80
CA LEU H 322 -77.54 -31.18 47.30
C LEU H 322 -77.07 -30.00 48.15
N GLY H 323 -77.13 -28.82 47.55
CA GLY H 323 -76.71 -27.61 48.23
C GLY H 323 -77.84 -26.63 48.45
N ASP H 324 -77.50 -25.35 48.61
CA ASP H 324 -78.49 -24.31 48.82
C ASP H 324 -77.94 -22.99 48.29
N ALA H 325 -78.81 -22.23 47.62
CA ALA H 325 -78.41 -20.94 47.07
C ALA H 325 -79.43 -19.86 47.41
N GLY H 326 -79.30 -18.70 46.77
CA GLY H 326 -80.21 -17.60 47.02
C GLY H 326 -80.90 -17.09 45.77
N LEU H 327 -80.14 -16.49 44.86
CA LEU H 327 -80.70 -15.95 43.63
C LEU H 327 -79.69 -16.12 42.52
N VAL H 328 -80.07 -16.81 41.44
CA VAL H 328 -79.22 -17.04 40.28
C VAL H 328 -79.74 -16.16 39.15
N GLU H 329 -78.87 -15.30 38.62
CA GLU H 329 -79.26 -14.38 37.56
C GLU H 329 -78.19 -14.38 36.48
N GLU H 330 -78.60 -14.02 35.27
CA GLU H 330 -77.71 -13.94 34.10
C GLU H 330 -77.91 -12.58 33.46
N ARG H 331 -77.08 -11.62 33.82
CA ARG H 331 -77.16 -10.26 33.31
C ARG H 331 -76.05 -10.01 32.29
N LYS H 332 -76.31 -9.10 31.36
CA LYS H 332 -75.35 -8.72 30.33
C LYS H 332 -74.74 -7.38 30.75
N ILE H 333 -73.61 -7.45 31.47
CA ILE H 333 -72.92 -6.27 31.96
C ILE H 333 -71.52 -6.25 31.35
N SER H 334 -71.08 -5.05 30.94
CA SER H 334 -69.76 -4.84 30.35
C SER H 334 -69.58 -5.70 29.10
N GLY H 335 -70.61 -5.77 28.26
CA GLY H 335 -70.54 -6.51 27.02
C GLY H 335 -70.86 -7.98 27.17
N ASP H 336 -69.98 -8.73 27.83
CA ASP H 336 -70.17 -10.16 27.99
C ASP H 336 -71.28 -10.44 29.01
N SER H 337 -71.73 -11.68 29.03
CA SER H 337 -72.77 -12.14 29.93
C SER H 337 -72.16 -13.07 30.98
N MET H 338 -72.46 -12.82 32.24
CA MET H 338 -71.94 -13.60 33.35
C MET H 338 -73.08 -14.03 34.25
N ILE H 339 -72.85 -15.11 35.00
CA ILE H 339 -73.84 -15.67 35.91
C ILE H 339 -73.49 -15.27 37.33
N PHE H 340 -74.44 -14.68 38.04
CA PHE H 340 -74.27 -14.24 39.42
C PHE H 340 -75.17 -15.06 40.32
N VAL H 341 -74.58 -15.73 41.30
CA VAL H 341 -75.32 -16.50 42.31
C VAL H 341 -75.11 -15.81 43.64
N GLU H 342 -76.15 -15.14 44.13
CA GLU H 342 -76.10 -14.40 45.38
C GLU H 342 -76.76 -15.19 46.50
N GLU H 343 -76.35 -14.87 47.73
CA GLU H 343 -76.84 -15.50 48.95
C GLU H 343 -76.55 -17.00 48.93
N CYS H 344 -75.36 -17.39 49.41
CA CYS H 344 -74.99 -18.79 49.47
C CYS H 344 -75.25 -19.36 50.86
N LYS H 345 -74.19 -19.56 51.63
CA LYS H 345 -74.32 -20.09 52.99
C LYS H 345 -73.11 -19.71 53.84
N HIS H 346 -71.92 -20.01 53.36
CA HIS H 346 -70.66 -19.70 54.05
C HIS H 346 -69.86 -18.73 53.19
N PRO H 347 -69.99 -17.42 53.41
CA PRO H 347 -69.22 -16.47 52.60
C PRO H 347 -67.75 -16.45 52.98
N LYS H 348 -66.99 -17.42 52.47
CA LYS H 348 -65.56 -17.49 52.78
C LYS H 348 -64.76 -16.51 51.93
N ALA H 349 -64.71 -16.76 50.62
CA ALA H 349 -63.98 -15.91 49.69
C ALA H 349 -64.90 -14.81 49.16
N VAL H 350 -64.34 -13.99 48.27
CA VAL H 350 -65.08 -12.88 47.66
C VAL H 350 -64.54 -12.67 46.25
N THR H 351 -65.36 -12.05 45.40
CA THR H 351 -65.02 -11.80 44.01
C THR H 351 -65.01 -10.29 43.75
N MET H 352 -63.96 -9.83 43.08
CA MET H 352 -63.80 -8.42 42.74
C MET H 352 -63.72 -8.28 41.23
N LEU H 353 -64.56 -7.41 40.67
CA LEU H 353 -64.61 -7.16 39.23
C LEU H 353 -64.24 -5.71 38.96
N ILE H 354 -63.33 -5.51 38.01
CA ILE H 354 -62.85 -4.18 37.63
C ILE H 354 -63.24 -3.93 36.18
N ARG H 355 -63.88 -2.78 35.93
CA ARG H 355 -64.32 -2.39 34.60
C ARG H 355 -63.66 -1.06 34.25
N GLY H 356 -62.96 -1.03 33.12
CA GLY H 356 -62.28 0.16 32.65
C GLY H 356 -62.72 0.54 31.26
N THR H 357 -61.80 1.16 30.52
CA THR H 357 -62.08 1.60 29.16
C THR H 357 -61.48 0.66 28.13
N THR H 358 -60.15 0.73 27.96
CA THR H 358 -59.47 -0.10 26.97
C THR H 358 -59.18 -1.49 27.54
N GLU H 359 -57.97 -2.01 27.28
CA GLU H 359 -57.58 -3.33 27.74
C GLU H 359 -56.36 -3.32 28.65
N HIS H 360 -55.54 -2.27 28.61
CA HIS H 360 -54.36 -2.18 29.46
C HIS H 360 -54.63 -1.53 30.81
N VAL H 361 -55.81 -0.94 31.00
CA VAL H 361 -56.14 -0.33 32.28
C VAL H 361 -56.55 -1.39 33.30
N ILE H 362 -57.45 -2.30 32.90
CA ILE H 362 -57.90 -3.34 33.80
C ILE H 362 -56.73 -4.20 34.24
N GLU H 363 -55.83 -4.54 33.31
CA GLU H 363 -54.64 -5.29 33.67
C GLU H 363 -53.79 -4.51 34.68
N GLU H 364 -53.77 -3.18 34.56
CA GLU H 364 -53.06 -2.36 35.54
C GLU H 364 -53.63 -2.55 36.94
N VAL H 365 -54.93 -2.82 37.04
CA VAL H 365 -55.51 -3.12 38.35
C VAL H 365 -55.23 -4.56 38.74
N ALA H 366 -55.02 -5.45 37.77
CA ALA H 366 -54.75 -6.85 38.08
C ALA H 366 -53.46 -7.02 38.88
N ARG H 367 -52.46 -6.17 38.62
CA ARG H 367 -51.22 -6.16 39.38
C ARG H 367 -51.28 -5.26 40.60
N ALA H 368 -52.45 -4.73 40.92
CA ALA H 368 -52.63 -3.85 42.07
C ALA H 368 -53.44 -4.46 43.19
N VAL H 369 -54.39 -5.35 42.88
CA VAL H 369 -55.20 -5.97 43.92
C VAL H 369 -54.39 -6.98 44.72
N ASP H 370 -53.61 -7.81 44.03
CA ASP H 370 -52.81 -8.81 44.72
C ASP H 370 -51.77 -8.18 45.63
N ASP H 371 -51.28 -6.99 45.28
CA ASP H 371 -50.35 -6.25 46.13
C ASP H 371 -51.05 -5.39 47.16
N ALA H 372 -52.39 -5.39 47.20
CA ALA H 372 -53.13 -4.60 48.16
C ALA H 372 -53.71 -5.43 49.30
N VAL H 373 -53.93 -6.72 49.09
CA VAL H 373 -54.47 -7.60 50.12
C VAL H 373 -53.31 -8.25 50.89
N GLY H 374 -52.18 -8.42 50.20
CA GLY H 374 -51.02 -9.03 50.85
C GLY H 374 -50.49 -8.23 52.02
N VAL H 375 -50.68 -6.91 52.00
CA VAL H 375 -50.26 -6.07 53.11
C VAL H 375 -51.30 -6.01 54.22
N VAL H 376 -52.43 -6.68 54.06
CA VAL H 376 -53.48 -6.68 55.08
C VAL H 376 -53.40 -7.93 55.95
N GLY H 377 -53.23 -9.09 55.31
CA GLY H 377 -53.14 -10.33 56.08
C GLY H 377 -51.96 -10.38 57.01
N CYS H 378 -50.88 -9.66 56.67
CA CYS H 378 -49.72 -9.57 57.55
C CYS H 378 -49.84 -8.45 58.57
N THR H 379 -50.98 -7.76 58.63
CA THR H 379 -51.19 -6.68 59.59
C THR H 379 -51.91 -7.16 60.84
N ILE H 380 -52.98 -7.94 60.66
CA ILE H 380 -53.72 -8.45 61.82
C ILE H 380 -52.92 -9.52 62.55
N GLU H 381 -52.22 -10.39 61.81
CA GLU H 381 -51.44 -11.43 62.44
C GLU H 381 -50.22 -10.88 63.16
N ASP H 382 -49.72 -9.73 62.73
CA ASP H 382 -48.55 -9.12 63.37
C ASP H 382 -48.96 -7.90 64.19
N GLY H 383 -49.04 -6.74 63.55
CA GLY H 383 -49.43 -5.52 64.22
C GLY H 383 -48.30 -4.57 64.54
N ARG H 384 -47.10 -4.80 64.01
CA ARG H 384 -45.96 -3.93 64.27
C ARG H 384 -45.81 -2.91 63.14
N ILE H 385 -46.83 -2.06 63.03
CA ILE H 385 -46.86 -1.04 62.00
C ILE H 385 -45.89 0.07 62.36
N VAL H 386 -44.98 0.38 61.45
CA VAL H 386 -43.99 1.43 61.65
C VAL H 386 -44.35 2.65 60.80
N SER H 387 -43.51 3.68 60.84
CA SER H 387 -43.72 4.89 60.06
C SER H 387 -43.09 4.71 58.69
N GLY H 388 -43.92 4.65 57.65
CA GLY H 388 -43.45 4.48 56.30
C GLY H 388 -43.03 5.78 55.67
N GLY H 389 -42.66 5.70 54.39
CA GLY H 389 -42.24 6.86 53.65
C GLY H 389 -40.76 7.18 53.74
N GLY H 390 -39.92 6.18 54.00
CA GLY H 390 -38.50 6.41 54.10
C GLY H 390 -38.05 7.03 55.41
N SER H 391 -38.67 6.64 56.53
CA SER H 391 -38.32 7.16 57.84
C SER H 391 -37.61 6.17 58.74
N THR H 392 -37.74 4.87 58.47
CA THR H 392 -37.07 3.88 59.31
C THR H 392 -35.57 3.82 59.00
N GLU H 393 -35.20 3.97 57.72
CA GLU H 393 -33.78 3.93 57.36
C GLU H 393 -33.04 5.12 57.95
N VAL H 394 -33.63 6.31 57.88
CA VAL H 394 -32.99 7.49 58.45
C VAL H 394 -32.88 7.37 59.97
N GLU H 395 -33.88 6.74 60.61
CA GLU H 395 -33.82 6.56 62.06
C GLU H 395 -32.75 5.56 62.45
N LEU H 396 -32.59 4.49 61.68
CA LEU H 396 -31.58 3.49 62.00
C LEU H 396 -30.18 3.97 61.66
N SER H 397 -30.06 4.90 60.69
CA SER H 397 -28.75 5.43 60.34
C SER H 397 -28.17 6.29 61.46
N MET H 398 -29.04 7.01 62.18
CA MET H 398 -28.57 7.82 63.31
C MET H 398 -28.18 6.97 64.50
N LYS H 399 -28.68 5.75 64.60
CA LYS H 399 -28.36 4.84 65.69
C LYS H 399 -27.15 3.97 65.39
N LEU H 400 -26.98 3.53 64.14
CA LEU H 400 -25.82 2.71 63.80
C LEU H 400 -24.52 3.49 63.94
N ARG H 401 -24.54 4.79 63.67
CA ARG H 401 -23.31 5.59 63.81
C ARG H 401 -22.82 5.61 65.24
N GLU H 402 -23.74 5.76 66.20
CA GLU H 402 -23.34 5.76 67.61
C GLU H 402 -23.16 4.35 68.16
N TYR H 403 -23.75 3.34 67.52
CA TYR H 403 -23.53 1.96 67.97
C TYR H 403 -22.19 1.41 67.50
N ALA H 404 -21.70 1.86 66.34
CA ALA H 404 -20.42 1.38 65.83
C ALA H 404 -19.22 1.96 66.57
N GLU H 405 -19.45 2.93 67.46
CA GLU H 405 -18.36 3.54 68.22
C GLU H 405 -17.89 2.68 69.38
N GLY H 406 -18.69 1.71 69.81
CA GLY H 406 -18.31 0.85 70.92
C GLY H 406 -17.38 -0.28 70.57
N ILE H 407 -17.07 -0.47 69.30
CA ILE H 407 -16.18 -1.54 68.86
C ILE H 407 -14.93 -0.92 68.26
N SER H 408 -13.85 -1.71 68.25
CA SER H 408 -12.57 -1.27 67.71
C SER H 408 -12.08 -2.32 66.73
N GLY H 409 -11.50 -1.86 65.63
CA GLY H 409 -10.99 -2.74 64.60
C GLY H 409 -11.45 -2.28 63.23
N ARG H 410 -11.17 -3.13 62.24
CA ARG H 410 -11.54 -2.83 60.86
C ARG H 410 -13.02 -3.09 60.58
N GLU H 411 -13.75 -3.67 61.52
CA GLU H 411 -15.17 -3.94 61.33
C GLU H 411 -16.04 -2.71 61.49
N GLN H 412 -15.50 -1.60 62.02
CA GLN H 412 -16.28 -0.39 62.16
C GLN H 412 -16.56 0.26 60.82
N LEU H 413 -15.62 0.18 59.88
CA LEU H 413 -15.84 0.75 58.55
C LEU H 413 -16.94 0.03 57.80
N ALA H 414 -17.13 -1.26 58.05
CA ALA H 414 -18.21 -2.00 57.42
C ALA H 414 -19.57 -1.56 57.96
N VAL H 415 -19.66 -1.39 59.28
CA VAL H 415 -20.91 -0.93 59.88
C VAL H 415 -21.23 0.49 59.44
N ARG H 416 -20.21 1.35 59.37
CA ARG H 416 -20.43 2.72 58.91
C ARG H 416 -20.88 2.74 57.45
N ALA H 417 -20.29 1.88 56.62
CA ALA H 417 -20.70 1.79 55.22
C ALA H 417 -22.14 1.29 55.09
N PHE H 418 -22.50 0.29 55.90
CA PHE H 418 -23.88 -0.22 55.87
C PHE H 418 -24.87 0.84 56.34
N ALA H 419 -24.46 1.66 57.30
CA ALA H 419 -25.34 2.73 57.79
C ALA H 419 -25.49 3.83 56.74
N ASP H 420 -24.40 4.18 56.06
CA ASP H 420 -24.46 5.22 55.04
C ASP H 420 -25.21 4.74 53.80
N ALA H 421 -25.20 3.44 53.52
CA ALA H 421 -25.90 2.92 52.36
C ALA H 421 -27.42 2.92 52.55
N LEU H 422 -27.89 3.01 53.79
CA LEU H 422 -29.33 3.04 54.05
C LEU H 422 -29.98 4.36 53.66
N GLU H 423 -29.19 5.39 53.37
CA GLU H 423 -29.71 6.69 52.97
C GLU H 423 -30.00 6.77 51.48
N VAL H 424 -30.02 5.65 50.77
CA VAL H 424 -30.31 5.67 49.34
C VAL H 424 -31.80 5.72 49.06
N ILE H 425 -32.63 5.28 49.99
CA ILE H 425 -34.09 5.30 49.83
C ILE H 425 -34.60 6.74 49.76
N PRO H 426 -34.23 7.64 50.68
CA PRO H 426 -34.71 9.02 50.55
C PRO H 426 -34.15 9.74 49.33
N ARG H 427 -32.96 9.36 48.86
CA ARG H 427 -32.41 9.98 47.66
C ARG H 427 -33.14 9.51 46.40
N THR H 428 -33.60 8.27 46.39
CA THR H 428 -34.35 7.77 45.25
C THR H 428 -35.81 8.23 45.27
N LEU H 429 -36.40 8.39 46.46
CA LEU H 429 -37.77 8.88 46.55
C LEU H 429 -37.86 10.37 46.28
N ALA H 430 -36.76 11.11 46.38
CA ALA H 430 -36.74 12.54 46.12
C ALA H 430 -36.13 12.89 44.77
N GLU H 431 -35.53 11.92 44.07
CA GLU H 431 -34.95 12.20 42.76
C GLU H 431 -36.03 12.42 41.71
N ASN H 432 -37.20 11.81 41.88
CA ASN H 432 -38.28 11.99 40.92
C ASN H 432 -38.83 13.40 40.90
N ALA H 433 -38.61 14.18 41.95
CA ALA H 433 -39.07 15.56 42.03
C ALA H 433 -38.00 16.51 41.52
N GLY H 434 -38.34 17.79 41.50
CA GLY H 434 -37.43 18.82 41.04
C GLY H 434 -36.97 19.76 42.12
N LEU H 435 -37.85 20.06 43.07
CA LEU H 435 -37.55 20.97 44.17
C LEU H 435 -36.99 20.26 45.39
N ASP H 436 -36.47 19.04 45.22
CA ASP H 436 -35.90 18.27 46.32
C ASP H 436 -34.39 18.26 46.25
N ALA H 437 -33.81 17.69 45.18
CA ALA H 437 -32.37 17.62 44.99
C ALA H 437 -31.67 16.94 46.16
N ILE H 438 -31.07 17.74 47.04
CA ILE H 438 -30.34 17.21 48.19
C ILE H 438 -30.67 17.91 49.49
N GLU H 439 -31.37 19.06 49.45
CA GLU H 439 -31.70 19.77 50.68
C GLU H 439 -32.67 18.98 51.54
N ILE H 440 -33.54 18.18 50.93
CA ILE H 440 -34.51 17.40 51.70
C ILE H 440 -33.79 16.40 52.59
N LEU H 441 -32.75 15.73 52.07
CA LEU H 441 -32.01 14.75 52.86
C LEU H 441 -31.29 15.41 54.03
N VAL H 442 -30.80 16.64 53.83
CA VAL H 442 -30.13 17.34 54.91
C VAL H 442 -31.11 17.82 55.96
N LYS H 443 -32.32 18.20 55.52
CA LYS H 443 -33.32 18.70 56.47
C LYS H 443 -33.92 17.56 57.29
N VAL H 444 -34.14 16.40 56.67
CA VAL H 444 -34.71 15.26 57.40
C VAL H 444 -33.68 14.53 58.25
N ARG H 445 -32.40 14.89 58.14
CA ARG H 445 -31.36 14.24 58.92
C ARG H 445 -31.16 14.89 60.28
N ALA H 446 -31.13 16.22 60.33
CA ALA H 446 -30.95 16.93 61.59
C ALA H 446 -32.23 17.08 62.38
N ALA H 447 -33.37 16.68 61.81
CA ALA H 447 -34.64 16.80 62.52
C ALA H 447 -34.80 15.72 63.59
N HIS H 448 -34.25 14.54 63.36
CA HIS H 448 -34.34 13.43 64.31
C HIS H 448 -33.19 13.41 65.31
N ALA H 449 -32.47 14.52 65.45
CA ALA H 449 -31.35 14.60 66.38
C ALA H 449 -31.78 14.95 67.80
N SER H 450 -33.07 15.20 68.04
CA SER H 450 -33.56 15.55 69.36
C SER H 450 -33.99 14.31 70.12
N ASN H 451 -35.01 14.44 70.98
CA ASN H 451 -35.51 13.30 71.74
C ASN H 451 -36.54 12.51 70.95
N GLY H 452 -37.69 13.12 70.70
CA GLY H 452 -38.75 12.47 69.94
C GLY H 452 -38.62 12.65 68.45
N ASN H 453 -39.71 13.03 67.79
CA ASN H 453 -39.75 13.25 66.35
C ASN H 453 -39.30 12.01 65.59
N LYS H 454 -40.20 11.05 65.42
CA LYS H 454 -39.90 9.81 64.72
C LYS H 454 -40.82 9.54 63.55
N CYS H 455 -42.10 9.91 63.66
CA CYS H 455 -43.06 9.64 62.59
C CYS H 455 -42.85 10.54 61.37
N ALA H 456 -42.00 11.55 61.46
CA ALA H 456 -41.76 12.44 60.34
C ALA H 456 -40.93 11.74 59.26
N GLY H 457 -41.26 11.98 58.00
CA GLY H 457 -40.56 11.38 56.90
C GLY H 457 -40.48 12.27 55.67
N LEU H 458 -41.10 11.85 54.58
CA LEU H 458 -41.10 12.61 53.34
C LEU H 458 -42.30 12.23 52.51
N ASN H 459 -42.99 13.24 51.97
CA ASN H 459 -44.16 13.02 51.12
C ASN H 459 -43.96 13.80 49.82
N VAL H 460 -44.22 13.14 48.69
CA VAL H 460 -44.05 13.78 47.38
C VAL H 460 -45.28 14.56 46.94
N PHE H 461 -46.29 14.69 47.80
CA PHE H 461 -47.51 15.40 47.45
C PHE H 461 -47.59 16.78 48.11
N THR H 462 -46.47 17.28 48.65
CA THR H 462 -46.47 18.59 49.29
C THR H 462 -45.17 19.33 49.00
N GLY H 463 -44.05 18.82 49.54
CA GLY H 463 -42.77 19.45 49.33
C GLY H 463 -42.01 19.70 50.62
N ALA H 464 -42.74 20.02 51.68
CA ALA H 464 -42.15 20.30 52.98
C ALA H 464 -42.00 18.97 53.74
N VAL H 465 -41.75 19.05 55.05
CA VAL H 465 -41.59 17.88 55.90
C VAL H 465 -42.68 17.88 56.96
N GLU H 466 -43.24 16.71 57.23
CA GLU H 466 -44.29 16.56 58.23
C GLU H 466 -44.36 15.10 58.64
N ASP H 467 -45.31 14.79 59.52
CA ASP H 467 -45.48 13.42 59.99
C ASP H 467 -46.12 12.56 58.91
N MET H 468 -45.78 11.27 58.93
CA MET H 468 -46.30 10.33 57.95
C MET H 468 -47.51 9.54 58.45
N CYS H 469 -47.65 9.37 59.76
CA CYS H 469 -48.78 8.62 60.30
C CYS H 469 -50.09 9.40 60.22
N GLU H 470 -50.02 10.72 60.15
CA GLU H 470 -51.22 11.56 60.06
C GLU H 470 -51.73 11.71 58.63
N ASN H 471 -50.90 11.45 57.63
CA ASN H 471 -51.33 11.58 56.24
C ASN H 471 -52.10 10.34 55.79
N GLY H 472 -51.43 9.18 55.78
CA GLY H 472 -52.08 7.96 55.37
C GLY H 472 -51.10 6.91 54.87
N VAL H 473 -49.85 7.01 55.30
CA VAL H 473 -48.79 6.09 54.91
C VAL H 473 -48.40 5.29 56.14
N VAL H 474 -48.77 4.00 56.15
CA VAL H 474 -48.45 3.12 57.28
C VAL H 474 -47.89 1.81 56.76
N GLU H 475 -46.71 1.86 56.18
CA GLU H 475 -46.08 0.66 55.63
C GLU H 475 -45.70 -0.29 56.77
N PRO H 476 -46.00 -1.58 56.65
CA PRO H 476 -45.68 -2.52 57.74
C PRO H 476 -44.18 -2.75 57.89
N LEU H 477 -43.81 -3.55 58.90
CA LEU H 477 -42.41 -3.80 59.19
C LEU H 477 -41.88 -5.07 58.52
N ARG H 478 -42.76 -6.05 58.27
CA ARG H 478 -42.32 -7.30 57.66
C ARG H 478 -41.75 -7.07 56.27
N VAL H 479 -42.37 -6.19 55.49
CA VAL H 479 -41.88 -5.90 54.15
C VAL H 479 -40.53 -5.23 54.18
N LYS H 480 -40.16 -4.60 55.30
CA LYS H 480 -38.83 -4.02 55.45
C LYS H 480 -37.82 -5.03 55.97
N THR H 481 -38.21 -5.85 56.95
CA THR H 481 -37.30 -6.85 57.48
C THR H 481 -36.93 -7.89 56.44
N GLN H 482 -37.92 -8.36 55.67
CA GLN H 482 -37.63 -9.33 54.62
C GLN H 482 -36.74 -8.74 53.54
N ALA H 483 -36.97 -7.46 53.20
CA ALA H 483 -36.13 -6.81 52.20
C ALA H 483 -34.70 -6.66 52.70
N ILE H 484 -34.52 -6.28 53.97
CA ILE H 484 -33.18 -6.15 54.52
C ILE H 484 -32.48 -7.51 54.56
N GLN H 485 -33.22 -8.56 54.93
CA GLN H 485 -32.64 -9.90 54.95
C GLN H 485 -32.22 -10.34 53.56
N SER H 486 -33.07 -10.09 52.56
CA SER H 486 -32.72 -10.46 51.19
C SER H 486 -31.52 -9.67 50.68
N ALA H 487 -31.43 -8.39 51.04
CA ALA H 487 -30.30 -7.58 50.61
C ALA H 487 -29.01 -8.03 51.29
N ALA H 488 -29.09 -8.44 52.56
CA ALA H 488 -27.92 -8.92 53.26
C ALA H 488 -27.49 -10.31 52.79
N GLU H 489 -28.44 -11.12 52.32
CA GLU H 489 -28.10 -12.45 51.83
C GLU H 489 -27.58 -12.41 50.40
N SER H 490 -28.07 -11.46 49.59
CA SER H 490 -27.64 -11.39 48.20
C SER H 490 -26.28 -10.74 48.04
N THR H 491 -25.90 -9.84 48.95
CA THR H 491 -24.61 -9.16 48.85
C THR H 491 -23.44 -10.05 49.24
N GLU H 492 -23.70 -11.21 49.86
CA GLU H 492 -22.63 -12.13 50.25
C GLU H 492 -22.40 -13.25 49.24
N MET H 493 -23.31 -13.43 48.29
CA MET H 493 -23.16 -14.48 47.28
C MET H 493 -22.26 -14.05 46.12
N LEU H 494 -21.79 -12.81 46.12
CA LEU H 494 -20.92 -12.30 45.06
C LEU H 494 -19.50 -12.01 45.53
N LEU H 495 -19.33 -11.52 46.76
CA LEU H 495 -18.00 -11.23 47.26
C LEU H 495 -17.22 -12.49 47.63
N ARG H 496 -17.93 -13.61 47.86
CA ARG H 496 -17.29 -14.87 48.22
C ARG H 496 -17.01 -15.74 47.01
N ILE H 497 -16.90 -15.15 45.82
CA ILE H 497 -16.62 -15.89 44.59
C ILE H 497 -15.16 -15.74 44.17
N ASP H 498 -14.65 -14.50 44.16
CA ASP H 498 -13.27 -14.21 43.79
C ASP H 498 -12.95 -14.72 42.38
N ASP H 499 -12.58 -15.99 42.28
CA ASP H 499 -12.26 -16.61 41.00
C ASP H 499 -13.46 -17.35 40.44
N VAL H 500 -13.40 -17.62 39.13
CA VAL H 500 -14.45 -18.33 38.42
C VAL H 500 -13.81 -19.22 37.37
N ILE H 501 -14.23 -20.48 37.32
CA ILE H 501 -13.70 -21.45 36.37
C ILE H 501 -14.83 -21.95 35.47
N ALA H 502 -14.53 -22.90 34.60
CA ALA H 502 -15.50 -23.47 33.70
C ALA H 502 -15.21 -24.96 33.50
N ALA H 503 -16.22 -25.68 33.03
CA ALA H 503 -16.09 -27.10 32.78
C ALA H 503 -17.02 -27.52 31.66
N GLU H 504 -16.80 -28.72 31.12
CA GLU H 504 -17.60 -29.26 30.04
C GLU H 504 -18.52 -30.38 30.49
N LYS H 505 -18.57 -30.65 31.79
CA LYS H 505 -19.43 -31.69 32.34
C LYS H 505 -20.73 -31.10 32.84
N LEU H 506 -21.84 -31.78 32.53
CA LEU H 506 -23.15 -31.31 32.95
C LEU H 506 -23.31 -31.46 34.46
N ARG H 507 -23.76 -30.39 35.12
CA ARG H 507 -23.97 -30.37 36.56
C ARG H 507 -22.69 -30.75 37.32
N MET I 1 26.15 -13.20 29.24
CA MET I 1 27.18 -12.17 29.24
C MET I 1 28.57 -12.80 29.26
N GLY I 2 28.73 -13.83 30.09
CA GLY I 2 30.02 -14.49 30.19
C GLY I 2 30.36 -15.34 28.98
N ARG I 3 29.34 -15.89 28.31
CA ARG I 3 29.54 -16.71 27.13
C ARG I 3 29.27 -15.98 25.83
N ASP I 4 28.73 -14.76 25.89
CA ASP I 4 28.45 -13.98 24.69
C ASP I 4 29.67 -13.21 24.21
N ALA I 5 30.31 -12.47 25.10
CA ALA I 5 31.50 -11.69 24.75
C ALA I 5 32.76 -12.54 24.64
N GLN I 6 32.72 -13.80 25.09
CA GLN I 6 33.86 -14.69 25.03
C GLN I 6 34.03 -15.36 23.66
N ARG I 7 32.93 -15.80 23.05
CA ARG I 7 33.02 -16.43 21.74
C ARG I 7 33.37 -15.43 20.65
N MET I 8 32.90 -14.18 20.79
CA MET I 8 33.21 -13.17 19.78
C MET I 8 34.69 -12.85 19.75
N ASN I 9 35.34 -12.81 20.92
CA ASN I 9 36.77 -12.54 20.97
C ASN I 9 37.57 -13.65 20.31
N ILE I 10 37.09 -14.89 20.38
CA ILE I 10 37.78 -16.01 19.75
C ILE I 10 37.51 -16.01 18.24
N LEU I 11 36.29 -15.68 17.84
CA LEU I 11 35.97 -15.63 16.41
C LEU I 11 36.71 -14.49 15.72
N ALA I 12 36.93 -13.37 16.41
CA ALA I 12 37.69 -12.27 15.82
C ALA I 12 39.16 -12.60 15.69
N GLY I 13 39.67 -13.48 16.56
CA GLY I 13 41.07 -13.87 16.46
C GLY I 13 41.33 -14.99 15.49
N ARG I 14 40.36 -15.90 15.33
CA ARG I 14 40.53 -17.00 14.39
C ARG I 14 40.56 -16.52 12.94
N ILE I 15 39.97 -15.36 12.65
CA ILE I 15 40.00 -14.83 11.28
C ILE I 15 41.40 -14.34 10.93
N ILE I 16 42.02 -13.59 11.84
CA ILE I 16 43.36 -13.07 11.58
C ILE I 16 44.44 -14.12 11.83
N ALA I 17 44.12 -15.21 12.53
CA ALA I 17 45.10 -16.25 12.78
C ALA I 17 45.26 -17.17 11.57
N GLU I 18 44.18 -17.42 10.84
CA GLU I 18 44.22 -18.27 9.65
C GLU I 18 44.58 -17.51 8.38
N THR I 19 44.90 -16.22 8.48
CA THR I 19 45.25 -15.46 7.29
C THR I 19 46.65 -15.83 6.79
N VAL I 20 47.59 -16.00 7.71
CA VAL I 20 48.97 -16.32 7.35
C VAL I 20 49.16 -17.84 7.41
N ARG I 21 48.05 -18.59 7.33
CA ARG I 21 48.15 -20.04 7.37
C ARG I 21 48.78 -20.59 6.09
N SER I 22 48.39 -20.04 4.94
CA SER I 22 48.94 -20.51 3.67
C SER I 22 50.38 -20.04 3.44
N THR I 23 50.80 -18.96 4.09
CA THR I 23 52.15 -18.43 3.94
C THR I 23 53.09 -18.99 5.00
N LEU I 24 53.23 -20.31 5.03
CA LEU I 24 54.10 -20.98 6.00
C LEU I 24 55.08 -21.94 5.35
N GLY I 25 54.64 -22.73 4.37
CA GLY I 25 55.51 -23.66 3.69
C GLY I 25 56.46 -22.98 2.74
N PRO I 26 57.45 -23.71 2.24
CA PRO I 26 58.42 -23.11 1.31
C PRO I 26 57.83 -22.82 -0.05
N LYS I 27 56.83 -23.60 -0.50
CA LYS I 27 56.21 -23.39 -1.80
C LYS I 27 54.75 -22.99 -1.64
N GLY I 28 54.49 -21.95 -0.83
CA GLY I 28 53.13 -21.50 -0.61
C GLY I 28 52.78 -20.29 -1.46
N MET I 29 51.49 -19.98 -1.48
CA MET I 29 50.99 -18.85 -2.25
C MET I 29 51.32 -17.53 -1.54
N ASP I 30 51.36 -16.47 -2.32
CA ASP I 30 51.67 -15.15 -1.80
C ASP I 30 50.38 -14.40 -1.45
N LYS I 31 50.53 -13.15 -1.03
CA LYS I 31 49.40 -12.31 -0.64
C LYS I 31 49.48 -10.99 -1.38
N MET I 32 48.38 -10.60 -2.01
CA MET I 32 48.28 -9.34 -2.74
C MET I 32 47.60 -8.31 -1.85
N LEU I 33 48.31 -7.22 -1.55
CA LEU I 33 47.81 -6.16 -0.68
C LEU I 33 47.61 -4.90 -1.49
N VAL I 34 46.41 -4.33 -1.41
CA VAL I 34 46.07 -3.09 -2.10
C VAL I 34 45.80 -2.01 -1.07
N ASP I 35 45.90 -0.76 -1.51
CA ASP I 35 45.69 0.40 -0.67
C ASP I 35 44.62 1.29 -1.29
N ASP I 36 44.32 2.40 -0.60
CA ASP I 36 43.30 3.32 -1.10
C ASP I 36 43.82 4.13 -2.28
N LEU I 37 45.10 4.49 -2.29
CA LEU I 37 45.65 5.25 -3.41
C LEU I 37 45.83 4.38 -4.64
N GLY I 38 46.04 3.07 -4.45
CA GLY I 38 46.22 2.17 -5.57
C GLY I 38 47.60 1.54 -5.61
N ASP I 39 48.11 1.15 -4.45
CA ASP I 39 49.44 0.52 -4.35
C ASP I 39 49.24 -0.98 -4.17
N VAL I 40 49.49 -1.73 -5.25
CA VAL I 40 49.35 -3.19 -5.25
C VAL I 40 50.73 -3.79 -5.00
N VAL I 41 50.89 -4.46 -3.87
CA VAL I 41 52.15 -5.08 -3.50
C VAL I 41 51.92 -6.57 -3.28
N VAL I 42 53.01 -7.34 -3.35
CA VAL I 42 52.98 -8.78 -3.16
C VAL I 42 53.90 -9.11 -1.99
N THR I 43 53.37 -9.86 -1.01
CA THR I 43 54.11 -10.24 0.18
C THR I 43 54.01 -11.75 0.36
N ASN I 44 55.17 -12.40 0.47
CA ASN I 44 55.23 -13.85 0.66
C ASN I 44 55.37 -14.26 2.12
N ASP I 45 56.01 -13.44 2.93
CA ASP I 45 56.23 -13.75 4.34
C ASP I 45 54.96 -13.44 5.14
N GLY I 46 55.05 -13.55 6.46
CA GLY I 46 53.92 -13.27 7.32
C GLY I 46 54.15 -12.12 8.28
N VAL I 47 55.38 -11.61 8.32
CA VAL I 47 55.69 -10.50 9.20
C VAL I 47 55.06 -9.21 8.68
N THR I 48 55.15 -8.98 7.37
CA THR I 48 54.56 -7.78 6.79
C THR I 48 53.03 -7.85 6.79
N ILE I 49 52.47 -9.06 6.74
CA ILE I 49 51.02 -9.22 6.74
C ILE I 49 50.43 -8.73 8.06
N LEU I 50 51.11 -9.02 9.17
CA LEU I 50 50.59 -8.61 10.47
C LEU I 50 50.64 -7.10 10.66
N ARG I 51 51.58 -6.42 9.99
CA ARG I 51 51.68 -4.97 10.12
C ARG I 51 50.58 -4.27 9.32
N GLU I 52 50.59 -4.44 8.00
CA GLU I 52 49.56 -3.83 7.14
C GLU I 52 48.31 -4.70 7.20
N MET I 53 47.52 -4.47 8.24
CA MET I 53 46.28 -5.21 8.44
C MET I 53 45.32 -4.35 9.25
N SER I 54 44.04 -4.42 8.90
CA SER I 54 43.00 -3.65 9.59
C SER I 54 42.90 -4.07 11.05
N VAL I 55 43.42 -3.25 11.95
CA VAL I 55 43.41 -3.54 13.38
C VAL I 55 42.26 -2.79 14.05
N GLU I 56 41.12 -2.70 13.35
CA GLU I 56 39.96 -2.00 13.89
C GLU I 56 39.34 -2.74 15.07
N HIS I 57 39.55 -4.05 15.17
CA HIS I 57 38.97 -4.79 16.28
C HIS I 57 39.98 -4.94 17.41
N PRO I 58 39.54 -4.81 18.67
CA PRO I 58 40.49 -4.92 19.79
C PRO I 58 41.14 -6.28 19.91
N ALA I 59 40.46 -7.35 19.47
CA ALA I 59 41.05 -8.68 19.58
C ALA I 59 42.18 -8.87 18.58
N ALA I 60 42.12 -8.21 17.43
CA ALA I 60 43.15 -8.31 16.40
C ALA I 60 44.25 -7.26 16.57
N LYS I 61 44.81 -7.15 17.78
CA LYS I 61 45.85 -6.16 18.03
C LYS I 61 46.86 -6.70 19.03
N MET I 62 46.38 -7.36 20.09
CA MET I 62 47.28 -7.89 21.10
C MET I 62 48.17 -9.00 20.54
N LEU I 63 47.60 -9.87 19.70
CA LEU I 63 48.40 -10.93 19.08
C LEU I 63 49.49 -10.34 18.19
N ILE I 64 49.16 -9.31 17.42
CA ILE I 64 50.15 -8.67 16.55
C ILE I 64 51.22 -7.98 17.40
N GLU I 65 50.83 -7.34 18.50
CA GLU I 65 51.81 -6.70 19.37
C GLU I 65 52.75 -7.71 20.00
N VAL I 66 52.22 -8.89 20.38
CA VAL I 66 53.06 -9.93 20.95
C VAL I 66 54.00 -10.50 19.89
N ALA I 67 53.50 -10.69 18.67
CA ALA I 67 54.33 -11.24 17.59
C ALA I 67 55.42 -10.27 17.19
N LYS I 68 55.17 -8.96 17.26
CA LYS I 68 56.19 -7.98 16.91
C LYS I 68 57.33 -7.99 17.91
N THR I 69 57.05 -8.28 19.19
CA THR I 69 58.10 -8.35 20.19
C THR I 69 58.96 -9.59 20.03
N GLN I 70 58.38 -10.67 19.47
CA GLN I 70 59.14 -11.90 19.25
C GLN I 70 59.90 -11.86 17.93
N GLU I 71 59.38 -11.14 16.94
CA GLU I 71 60.06 -11.07 15.65
C GLU I 71 61.39 -10.33 15.74
N LYS I 72 61.50 -9.39 16.68
CA LYS I 72 62.73 -8.62 16.87
C LYS I 72 63.81 -9.40 17.61
N GLU I 73 63.56 -10.66 17.96
CA GLU I 73 64.53 -11.49 18.67
C GLU I 73 65.45 -12.23 17.70
N VAL I 74 64.91 -13.19 16.94
CA VAL I 74 65.71 -13.96 15.99
C VAL I 74 65.15 -13.76 14.59
N GLY I 75 63.86 -13.42 14.50
CA GLY I 75 63.22 -13.20 13.22
C GLY I 75 63.13 -14.45 12.37
N ASP I 76 62.40 -15.45 12.84
CA ASP I 76 62.23 -16.70 12.11
C ASP I 76 60.95 -17.42 12.54
N GLY I 77 60.65 -17.39 13.83
CA GLY I 77 59.47 -18.06 14.34
C GLY I 77 58.32 -17.11 14.62
N THR I 78 57.86 -16.40 13.59
CA THR I 78 56.77 -15.45 13.71
C THR I 78 55.45 -15.99 13.19
N THR I 79 55.43 -16.49 11.95
CA THR I 79 54.18 -17.01 11.38
C THR I 79 53.78 -18.31 12.05
N THR I 80 54.75 -19.20 12.32
CA THR I 80 54.43 -20.47 12.96
C THR I 80 53.87 -20.26 14.36
N ALA I 81 54.35 -19.23 15.08
CA ALA I 81 53.80 -18.94 16.40
C ALA I 81 52.33 -18.54 16.31
N VAL I 82 51.98 -17.71 15.32
CA VAL I 82 50.59 -17.31 15.14
C VAL I 82 49.74 -18.51 14.73
N VAL I 83 50.29 -19.40 13.91
CA VAL I 83 49.55 -20.60 13.51
C VAL I 83 49.28 -21.49 14.71
N VAL I 84 50.29 -21.69 15.56
CA VAL I 84 50.12 -22.51 16.75
C VAL I 84 49.12 -21.87 17.70
N ALA I 85 49.16 -20.55 17.85
CA ALA I 85 48.21 -19.86 18.72
C ALA I 85 46.78 -20.01 18.20
N GLY I 86 46.59 -19.86 16.88
CA GLY I 86 45.27 -20.04 16.32
C GLY I 86 44.77 -21.46 16.47
N GLU I 87 45.66 -22.45 16.30
CA GLU I 87 45.27 -23.84 16.49
C GLU I 87 44.87 -24.10 17.93
N LEU I 88 45.63 -23.55 18.89
CA LEU I 88 45.28 -23.71 20.29
C LEU I 88 43.94 -23.06 20.61
N LEU I 89 43.68 -21.88 20.05
CA LEU I 89 42.39 -21.22 20.29
C LEU I 89 41.24 -22.02 19.69
N ARG I 90 41.43 -22.55 18.48
CA ARG I 90 40.38 -23.35 17.86
C ARG I 90 40.14 -24.65 18.62
N LYS I 91 41.20 -25.23 19.19
CA LYS I 91 41.02 -26.47 19.96
C LYS I 91 40.35 -26.19 21.31
N ALA I 92 40.68 -25.06 21.93
CA ALA I 92 40.08 -24.70 23.21
C ALA I 92 38.66 -24.20 23.07
N GLU I 93 38.27 -23.69 21.89
CA GLU I 93 36.90 -23.25 21.70
C GLU I 93 35.92 -24.41 21.78
N GLU I 94 36.31 -25.58 21.25
CA GLU I 94 35.43 -26.74 21.32
C GLU I 94 35.33 -27.30 22.73
N LEU I 95 36.39 -27.13 23.54
CA LEU I 95 36.38 -27.65 24.89
C LEU I 95 35.48 -26.85 25.83
N LEU I 96 34.95 -25.72 25.38
CA LEU I 96 34.06 -24.91 26.21
C LEU I 96 32.61 -25.35 26.15
N ASP I 97 32.29 -26.40 25.38
CA ASP I 97 30.92 -26.88 25.28
C ASP I 97 30.53 -27.80 26.43
N GLN I 98 31.48 -28.22 27.25
CA GLN I 98 31.22 -29.10 28.38
C GLN I 98 30.94 -28.34 29.66
N ASN I 99 30.78 -27.02 29.59
CA ASN I 99 30.48 -26.17 30.75
C ASN I 99 31.55 -26.33 31.83
N VAL I 100 32.77 -25.91 31.47
CA VAL I 100 33.91 -25.98 32.37
C VAL I 100 34.52 -24.62 32.68
N HIS I 101 34.39 -23.63 31.78
CA HIS I 101 34.89 -22.26 31.91
C HIS I 101 36.42 -22.23 31.95
N PRO I 102 37.04 -21.19 31.38
CA PRO I 102 38.51 -21.17 31.29
C PRO I 102 39.20 -21.02 32.64
N THR I 103 39.86 -22.09 33.10
CA THR I 103 40.63 -22.07 34.33
C THR I 103 41.64 -23.22 34.34
N ILE I 104 41.15 -24.45 34.25
CA ILE I 104 42.03 -25.61 34.29
C ILE I 104 42.83 -25.73 32.99
N VAL I 105 42.30 -25.18 31.89
CA VAL I 105 43.01 -25.25 30.62
C VAL I 105 44.29 -24.44 30.67
N VAL I 106 44.27 -23.29 31.34
CA VAL I 106 45.46 -22.46 31.47
C VAL I 106 46.52 -23.20 32.29
N LYS I 107 46.11 -23.84 33.39
CA LYS I 107 47.07 -24.60 34.19
C LYS I 107 47.63 -25.77 33.41
N GLY I 108 46.80 -26.45 32.62
CA GLY I 108 47.29 -27.54 31.79
C GLY I 108 48.29 -27.07 30.75
N TYR I 109 48.02 -25.92 30.12
CA TYR I 109 48.97 -25.39 29.15
C TYR I 109 50.27 -24.98 29.81
N GLN I 110 50.19 -24.38 31.00
CA GLN I 110 51.41 -23.98 31.71
C GLN I 110 52.22 -25.20 32.14
N ALA I 111 51.54 -26.30 32.50
CA ALA I 111 52.25 -27.51 32.88
C ALA I 111 52.85 -28.22 31.67
N ALA I 112 52.18 -28.13 30.51
CA ALA I 112 52.70 -28.78 29.31
C ALA I 112 53.83 -27.99 28.68
N ALA I 113 53.82 -26.66 28.83
CA ALA I 113 54.89 -25.85 28.24
C ALA I 113 56.24 -26.17 28.87
N GLN I 114 56.28 -26.32 30.19
CA GLN I 114 57.53 -26.66 30.86
C GLN I 114 58.03 -28.04 30.44
N LYS I 115 57.12 -29.00 30.31
CA LYS I 115 57.51 -30.34 29.87
C LYS I 115 58.04 -30.31 28.45
N ALA I 116 57.41 -29.52 27.57
CA ALA I 116 57.89 -29.41 26.20
C ALA I 116 59.27 -28.74 26.15
N GLN I 117 59.48 -27.70 26.96
CA GLN I 117 60.78 -27.05 26.99
C GLN I 117 61.86 -27.98 27.54
N GLU I 118 61.50 -28.83 28.50
CA GLU I 118 62.48 -29.78 29.03
C GLU I 118 62.78 -30.90 28.03
N LEU I 119 61.78 -31.32 27.26
CA LEU I 119 62.00 -32.37 26.27
C LEU I 119 62.75 -31.87 25.05
N LEU I 120 62.59 -30.59 24.69
CA LEU I 120 63.31 -30.05 23.55
C LEU I 120 64.80 -29.96 23.81
N LYS I 121 65.21 -29.76 25.07
CA LYS I 121 66.62 -29.66 25.41
C LYS I 121 67.31 -31.02 25.48
N THR I 122 66.56 -32.12 25.31
CA THR I 122 67.14 -33.46 25.36
C THR I 122 67.13 -34.18 24.01
N ILE I 123 66.63 -33.55 22.96
CA ILE I 123 66.58 -34.16 21.64
C ILE I 123 67.55 -33.49 20.67
N ALA I 124 68.49 -32.70 21.18
CA ALA I 124 69.47 -32.01 20.36
C ALA I 124 70.84 -32.65 20.53
N CYS I 125 71.82 -32.09 19.83
CA CYS I 125 73.19 -32.55 19.86
C CYS I 125 74.13 -31.40 20.24
N GLU I 126 75.43 -31.66 20.17
CA GLU I 126 76.45 -30.69 20.50
C GLU I 126 77.22 -30.32 19.23
N VAL I 127 77.18 -29.05 18.87
CA VAL I 127 77.85 -28.53 17.68
C VAL I 127 78.92 -27.56 18.15
N GLY I 128 80.19 -27.91 17.93
CA GLY I 128 81.29 -27.08 18.33
C GLY I 128 81.60 -25.98 17.32
N ALA I 129 82.64 -25.20 17.63
CA ALA I 129 83.06 -24.11 16.76
C ALA I 129 84.06 -24.55 15.70
N GLN I 130 84.53 -25.79 15.74
CA GLN I 130 85.50 -26.26 14.76
C GLN I 130 84.86 -26.83 13.51
N ASP I 131 83.53 -26.82 13.41
CA ASP I 131 82.84 -27.36 12.25
C ASP I 131 82.79 -26.32 11.13
N LYS I 132 82.41 -26.78 9.94
CA LYS I 132 82.31 -25.90 8.78
C LYS I 132 81.25 -26.42 7.82
N GLU I 133 81.22 -27.74 7.61
CA GLU I 133 80.23 -28.34 6.72
C GLU I 133 78.83 -28.31 7.32
N ILE I 134 78.71 -28.16 8.64
CA ILE I 134 77.41 -28.11 9.26
C ILE I 134 76.83 -26.70 9.22
N LEU I 135 77.68 -25.68 9.23
CA LEU I 135 77.22 -24.30 9.29
C LEU I 135 76.68 -23.78 7.97
N THR I 136 76.78 -24.55 6.88
CA THR I 136 76.28 -24.11 5.59
C THR I 136 74.87 -24.63 5.28
N LYS I 137 74.47 -25.75 5.86
CA LYS I 137 73.13 -26.27 5.60
C LYS I 137 72.06 -25.36 6.20
N ILE I 138 72.33 -24.76 7.36
CA ILE I 138 71.37 -23.84 7.97
C ILE I 138 71.19 -22.60 7.12
N ALA I 139 72.28 -22.13 6.50
CA ALA I 139 72.19 -20.98 5.61
C ALA I 139 71.52 -21.34 4.28
N MET I 140 71.71 -22.59 3.82
CA MET I 140 71.06 -23.01 2.59
C MET I 140 69.56 -23.18 2.78
N THR I 141 69.14 -23.76 3.90
CA THR I 141 67.72 -23.96 4.16
C THR I 141 67.02 -22.69 4.64
N SER I 142 67.76 -21.63 4.92
CA SER I 142 67.14 -20.38 5.38
C SER I 142 66.45 -19.63 4.25
N ILE I 143 66.83 -19.89 2.99
CA ILE I 143 66.22 -19.22 1.85
C ILE I 143 65.44 -20.24 1.04
N THR I 144 64.15 -20.38 1.36
CA THR I 144 63.27 -21.31 0.66
C THR I 144 62.06 -20.61 0.07
N GLY I 145 61.25 -19.96 0.90
CA GLY I 145 60.08 -19.25 0.41
C GLY I 145 60.41 -17.95 -0.28
N LYS I 146 61.64 -17.47 -0.14
CA LYS I 146 62.02 -16.21 -0.78
C LYS I 146 62.21 -16.40 -2.28
N GLY I 147 63.10 -17.32 -2.67
CA GLY I 147 63.35 -17.58 -4.07
C GLY I 147 64.41 -18.65 -4.28
N ALA I 148 64.01 -19.92 -4.26
CA ALA I 148 64.94 -21.03 -4.43
C ALA I 148 65.31 -21.27 -5.89
N GLU I 149 64.76 -20.50 -6.82
CA GLU I 149 65.08 -20.66 -8.24
C GLU I 149 66.39 -19.99 -8.63
N LYS I 150 67.08 -19.35 -7.69
CA LYS I 150 68.34 -18.68 -7.99
C LYS I 150 69.22 -18.59 -6.74
N ALA I 151 68.63 -18.87 -5.58
CA ALA I 151 69.33 -18.82 -4.29
C ALA I 151 69.20 -20.18 -3.63
N LYS I 152 70.20 -21.04 -3.86
CA LYS I 152 70.21 -22.38 -3.28
C LYS I 152 71.63 -22.94 -3.24
N GLU I 153 72.56 -22.29 -3.94
CA GLU I 153 73.94 -22.74 -3.98
C GLU I 153 74.90 -21.56 -3.95
N LYS I 154 74.60 -20.52 -4.71
CA LYS I 154 75.47 -19.34 -4.74
C LYS I 154 75.35 -18.53 -3.46
N LEU I 155 74.13 -18.42 -2.92
CA LEU I 155 73.90 -17.67 -1.69
C LEU I 155 74.15 -18.49 -0.43
N ALA I 156 74.65 -19.72 -0.57
CA ALA I 156 74.93 -20.58 0.58
C ALA I 156 76.42 -20.72 0.85
N GLU I 157 77.29 -20.15 0.03
CA GLU I 157 78.72 -20.24 0.21
C GLU I 157 79.39 -18.90 0.51
N ILE I 158 78.63 -17.80 0.45
CA ILE I 158 79.19 -16.48 0.75
C ILE I 158 78.72 -15.93 2.09
N ILE I 159 77.69 -16.51 2.70
CA ILE I 159 77.24 -16.03 4.01
C ILE I 159 78.09 -16.63 5.12
N VAL I 160 78.42 -17.92 5.01
CA VAL I 160 79.23 -18.57 6.03
C VAL I 160 80.65 -18.01 6.03
N GLU I 161 81.20 -17.74 4.84
CA GLU I 161 82.53 -17.17 4.76
C GLU I 161 82.58 -15.72 5.23
N ALA I 162 81.45 -15.03 5.26
CA ALA I 162 81.40 -13.65 5.72
C ALA I 162 81.11 -13.52 7.21
N VAL I 163 80.26 -14.39 7.76
CA VAL I 163 79.95 -14.33 9.18
C VAL I 163 81.10 -14.88 10.01
N SER I 164 81.66 -16.01 9.58
CA SER I 164 82.77 -16.63 10.32
C SER I 164 84.03 -15.79 10.22
N ALA I 165 84.10 -14.74 11.02
CA ALA I 165 85.27 -13.86 11.04
C ALA I 165 85.60 -13.44 12.47
N VAL I 166 84.59 -12.97 13.20
CA VAL I 166 84.75 -12.58 14.59
C VAL I 166 83.89 -13.40 15.53
N VAL I 167 83.11 -14.35 15.01
CA VAL I 167 82.26 -15.17 15.86
C VAL I 167 83.04 -16.37 16.41
N ASP I 168 83.90 -16.96 15.59
CA ASP I 168 84.68 -18.12 16.04
C ASP I 168 85.72 -17.72 17.08
N ASP I 169 86.22 -16.49 17.02
CA ASP I 169 87.20 -16.04 18.00
C ASP I 169 86.53 -15.71 19.33
N GLU I 170 85.46 -14.93 19.29
CA GLU I 170 84.71 -14.55 20.48
C GLU I 170 83.30 -15.11 20.36
N GLY I 171 83.02 -16.19 21.07
CA GLY I 171 81.71 -16.82 21.02
C GLY I 171 80.76 -16.29 22.07
N LYS I 172 80.53 -14.97 22.06
CA LYS I 172 79.63 -14.35 23.02
C LYS I 172 79.06 -13.05 22.47
N VAL I 173 79.94 -12.12 22.10
CA VAL I 173 79.55 -10.83 21.55
C VAL I 173 80.01 -10.77 20.10
N ASP I 174 79.06 -10.63 19.18
CA ASP I 174 79.34 -10.57 17.76
C ASP I 174 78.38 -9.61 17.07
N LYS I 175 78.09 -8.49 17.70
CA LYS I 175 77.17 -7.49 17.15
C LYS I 175 77.90 -6.72 16.05
N ASP I 176 77.50 -6.94 14.80
CA ASP I 176 78.08 -6.28 13.65
C ASP I 176 77.05 -5.34 13.02
N LEU I 177 77.48 -4.65 11.96
CA LEU I 177 76.64 -3.71 11.23
C LEU I 177 76.61 -4.14 9.77
N ILE I 178 75.55 -4.86 9.39
CA ILE I 178 75.38 -5.35 8.03
C ILE I 178 74.35 -4.46 7.34
N LYS I 179 74.74 -3.88 6.21
CA LYS I 179 73.88 -3.00 5.44
C LYS I 179 73.66 -3.59 4.05
N ILE I 180 72.40 -3.67 3.64
CA ILE I 180 72.02 -4.20 2.33
C ILE I 180 71.48 -3.06 1.49
N GLU I 181 72.09 -2.83 0.33
CA GLU I 181 71.69 -1.77 -0.57
C GLU I 181 70.74 -2.31 -1.63
N LYS I 182 69.69 -1.54 -1.92
CA LYS I 182 68.67 -1.93 -2.89
C LYS I 182 68.97 -1.22 -4.21
N LYS I 183 69.68 -1.91 -5.10
CA LYS I 183 70.01 -1.36 -6.41
C LYS I 183 69.81 -2.44 -7.46
N SER I 184 69.37 -2.01 -8.65
CA SER I 184 69.13 -2.93 -9.75
C SER I 184 70.35 -3.03 -10.65
N GLY I 185 70.21 -3.74 -11.76
CA GLY I 185 71.30 -3.90 -12.70
C GLY I 185 70.85 -4.41 -14.06
N ALA I 186 71.43 -5.52 -14.51
CA ALA I 186 71.08 -6.09 -15.80
C ALA I 186 71.28 -7.60 -15.80
N SER I 187 72.06 -8.11 -14.85
CA SER I 187 72.32 -9.54 -14.76
C SER I 187 71.11 -10.26 -14.16
N ILE I 188 71.18 -11.59 -14.14
CA ILE I 188 70.10 -12.40 -13.60
C ILE I 188 70.11 -12.31 -12.08
N ASP I 189 71.17 -12.80 -11.46
CA ASP I 189 71.31 -12.75 -9.99
C ASP I 189 72.80 -12.79 -9.66
N ASP I 190 73.33 -11.64 -9.27
CA ASP I 190 74.74 -11.50 -8.93
C ASP I 190 74.88 -11.08 -7.47
N THR I 191 75.83 -11.71 -6.76
CA THR I 191 76.07 -11.44 -5.36
C THR I 191 77.55 -11.07 -5.18
N GLU I 192 77.79 -9.86 -4.70
CA GLU I 192 79.14 -9.37 -4.45
C GLU I 192 79.36 -9.21 -2.96
N LEU I 193 80.52 -9.65 -2.48
CA LEU I 193 80.90 -9.57 -1.07
C LEU I 193 82.10 -8.65 -0.95
N ILE I 194 81.85 -7.37 -0.66
CA ILE I 194 82.91 -6.38 -0.58
C ILE I 194 83.61 -6.51 0.77
N LYS I 195 84.93 -6.68 0.74
CA LYS I 195 85.73 -6.80 1.96
C LYS I 195 86.39 -5.46 2.30
N GLY I 196 85.55 -4.43 2.34
CA GLY I 196 86.02 -3.09 2.64
C GLY I 196 84.92 -2.09 2.90
N VAL I 197 85.04 -0.91 2.30
CA VAL I 197 84.09 0.18 2.48
C VAL I 197 83.41 0.46 1.15
N LEU I 198 82.09 0.61 1.18
CA LEU I 198 81.30 0.92 -0.01
C LEU I 198 80.57 2.24 0.20
N VAL I 199 80.77 3.18 -0.72
CA VAL I 199 80.13 4.49 -0.68
C VAL I 199 79.21 4.61 -1.89
N ASP I 200 77.94 4.95 -1.62
CA ASP I 200 76.93 5.07 -2.67
C ASP I 200 76.70 6.54 -2.97
N LYS I 201 77.64 7.12 -3.72
CA LYS I 201 77.55 8.53 -4.10
C LYS I 201 78.42 8.76 -5.33
N GLU I 202 77.88 9.46 -6.31
CA GLU I 202 78.58 9.77 -7.54
C GLU I 202 79.20 11.16 -7.45
N ARG I 203 79.58 11.71 -8.60
CA ARG I 203 80.17 13.04 -8.67
C ARG I 203 79.56 13.78 -9.86
N VAL I 204 80.21 14.85 -10.30
CA VAL I 204 79.74 15.64 -11.43
C VAL I 204 80.95 16.10 -12.25
N SER I 205 82.13 16.10 -11.63
CA SER I 205 83.36 16.51 -12.29
C SER I 205 84.34 15.33 -12.26
N ALA I 206 84.47 14.64 -13.40
CA ALA I 206 85.36 13.50 -13.50
C ALA I 206 86.75 13.96 -13.95
N GLN I 207 87.39 14.72 -13.06
CA GLN I 207 88.73 15.25 -13.29
C GLN I 207 89.70 14.86 -12.19
N MET I 208 89.42 13.80 -11.45
CA MET I 208 90.28 13.35 -10.37
C MET I 208 90.64 11.89 -10.56
N PRO I 209 91.87 11.50 -10.21
CA PRO I 209 92.27 10.09 -10.35
C PRO I 209 91.48 9.20 -9.40
N LYS I 210 91.51 7.90 -9.70
CA LYS I 210 90.79 6.91 -8.91
C LYS I 210 91.62 5.65 -8.71
N LYS I 211 92.95 5.79 -8.63
CA LYS I 211 93.83 4.65 -8.43
C LYS I 211 95.08 5.15 -7.71
N VAL I 212 95.04 5.09 -6.38
CA VAL I 212 96.14 5.51 -5.52
C VAL I 212 96.55 4.33 -4.65
N THR I 213 97.85 4.04 -4.62
CA THR I 213 98.36 2.91 -3.86
C THR I 213 98.64 3.33 -2.42
N ASP I 214 98.32 2.43 -1.49
CA ASP I 214 98.50 2.63 -0.04
C ASP I 214 98.13 4.05 0.40
N ALA I 215 96.94 4.48 -0.03
CA ALA I 215 96.46 5.80 0.33
C ALA I 215 95.98 5.82 1.78
N LYS I 216 95.92 7.02 2.34
CA LYS I 216 95.48 7.23 3.71
C LYS I 216 94.19 8.03 3.74
N ILE I 217 93.24 7.60 4.55
CA ILE I 217 91.94 8.24 4.66
C ILE I 217 91.99 9.27 5.78
N ALA I 218 91.58 10.50 5.46
CA ALA I 218 91.53 11.60 6.43
C ALA I 218 90.10 12.10 6.52
N LEU I 219 89.50 12.00 7.70
CA LEU I 219 88.13 12.41 7.92
C LEU I 219 88.09 13.86 8.33
N LEU I 220 87.45 14.71 7.51
CA LEU I 220 87.31 16.13 7.79
C LEU I 220 85.84 16.50 7.69
N ASN I 221 85.34 17.18 8.72
CA ASN I 221 83.94 17.59 8.76
C ASN I 221 83.75 18.94 8.06
N CYS I 222 83.00 19.84 8.70
CA CYS I 222 82.74 21.16 8.12
C CYS I 222 83.79 22.17 8.57
N ALA I 223 83.41 23.44 8.61
CA ALA I 223 84.30 24.53 9.01
C ALA I 223 85.56 24.57 8.15
N ILE I 224 85.39 24.36 6.85
CA ILE I 224 86.49 24.38 5.90
C ILE I 224 86.34 25.48 4.85
N GLU I 225 85.13 25.67 4.33
CA GLU I 225 84.89 26.68 3.31
C GLU I 225 84.95 28.08 3.94
N ILE I 226 84.79 29.10 3.08
CA ILE I 226 84.85 30.48 3.55
C ILE I 226 83.57 30.86 4.28
N LYS I 227 82.42 30.42 3.78
CA LYS I 227 81.12 30.74 4.36
C LYS I 227 80.31 29.47 4.47
N GLU I 228 80.00 29.06 5.71
CA GLU I 228 79.20 27.87 5.94
C GLU I 228 78.31 28.04 7.16
N THR I 229 78.70 28.96 8.06
CA THR I 229 77.92 29.22 9.27
C THR I 229 77.56 30.70 9.36
N GLU I 230 77.85 31.31 10.51
CA GLU I 230 77.55 32.72 10.73
C GLU I 230 78.64 33.32 11.63
N THR I 231 78.68 34.64 11.67
CA THR I 231 79.65 35.37 12.47
C THR I 231 78.95 36.48 13.22
N ASP I 232 79.11 36.49 14.55
CA ASP I 232 78.47 37.51 15.37
C ASP I 232 79.23 38.83 15.33
N ALA I 233 80.55 38.78 15.42
CA ALA I 233 81.38 39.98 15.39
C ALA I 233 81.47 40.48 13.96
N GLU I 234 80.71 41.53 13.66
CA GLU I 234 80.71 42.09 12.31
C GLU I 234 82.00 42.88 12.06
N ILE I 235 82.36 43.00 10.78
CA ILE I 235 83.55 43.71 10.36
C ILE I 235 83.14 44.88 9.47
N ARG I 236 84.11 45.74 9.18
CA ARG I 236 83.89 46.92 8.34
C ARG I 236 84.97 46.96 7.27
N ILE I 237 84.78 47.89 6.33
CA ILE I 237 85.72 48.08 5.22
C ILE I 237 86.21 49.52 5.23
N THR I 238 87.46 49.70 4.82
CA THR I 238 88.08 51.03 4.77
C THR I 238 88.56 51.35 3.36
N ASP I 239 89.49 50.57 2.81
CA ASP I 239 90.02 50.80 1.47
C ASP I 239 89.60 49.69 0.53
N PRO I 240 89.30 50.00 -0.74
CA PRO I 240 88.93 48.95 -1.69
C PRO I 240 90.03 47.95 -1.98
N ALA I 241 91.30 48.32 -1.78
CA ALA I 241 92.41 47.43 -2.03
C ALA I 241 92.66 46.44 -0.90
N LYS I 242 91.88 46.51 0.18
CA LYS I 242 92.02 45.61 1.32
C LYS I 242 91.12 44.38 1.24
N LEU I 243 89.88 44.55 0.79
CA LEU I 243 88.98 43.42 0.67
C LEU I 243 89.47 42.43 -0.39
N MET I 244 89.95 42.94 -1.53
CA MET I 244 90.48 42.06 -2.57
C MET I 244 91.73 41.33 -2.07
N GLU I 245 92.58 42.02 -1.32
CA GLU I 245 93.77 41.37 -0.77
C GLU I 245 93.39 40.28 0.22
N PHE I 246 92.38 40.54 1.07
CA PHE I 246 91.93 39.52 2.02
C PHE I 246 91.33 38.32 1.28
N ILE I 247 90.57 38.57 0.22
CA ILE I 247 89.99 37.47 -0.55
C ILE I 247 91.09 36.65 -1.20
N GLU I 248 92.10 37.31 -1.77
CA GLU I 248 93.22 36.59 -2.38
C GLU I 248 93.98 35.78 -1.35
N GLN I 249 94.16 36.32 -0.14
CA GLN I 249 94.86 35.60 0.90
C GLN I 249 94.06 34.37 1.35
N GLU I 250 92.74 34.53 1.52
CA GLU I 250 91.91 33.40 1.90
C GLU I 250 91.85 32.35 0.80
N GLU I 251 91.97 32.77 -0.46
CA GLU I 251 91.98 31.80 -1.55
C GLU I 251 93.31 31.05 -1.61
N LYS I 252 94.42 31.75 -1.41
CA LYS I 252 95.73 31.10 -1.42
C LYS I 252 96.01 30.29 -0.16
N MET I 253 95.26 30.53 0.92
CA MET I 253 95.43 29.73 2.13
C MET I 253 95.12 28.26 1.90
N LEU I 254 94.23 27.97 0.95
CA LEU I 254 93.88 26.58 0.66
C LEU I 254 95.08 25.80 0.14
N LYS I 255 96.00 26.46 -0.56
CA LYS I 255 97.20 25.78 -1.05
C LYS I 255 98.02 25.22 0.10
N ASP I 256 98.36 26.06 1.07
CA ASP I 256 99.12 25.58 2.21
C ASP I 256 98.30 24.65 3.09
N MET I 257 96.98 24.83 3.13
CA MET I 257 96.14 23.92 3.90
C MET I 257 96.20 22.51 3.33
N VAL I 258 96.18 22.38 2.00
CA VAL I 258 96.29 21.07 1.38
C VAL I 258 97.72 20.55 1.48
N ALA I 259 98.71 21.44 1.41
CA ALA I 259 100.10 21.01 1.54
C ALA I 259 100.38 20.44 2.92
N GLU I 260 99.77 21.01 3.95
CA GLU I 260 99.95 20.49 5.31
C GLU I 260 99.36 19.09 5.43
N ILE I 261 98.18 18.85 4.85
CA ILE I 261 97.58 17.53 4.88
C ILE I 261 98.43 16.54 4.09
N LYS I 262 99.00 16.99 2.97
CA LYS I 262 99.86 16.11 2.18
C LYS I 262 101.13 15.74 2.94
N ALA I 263 101.73 16.70 3.64
CA ALA I 263 102.93 16.43 4.41
C ALA I 263 102.63 15.60 5.64
N SER I 264 101.40 15.68 6.18
CA SER I 264 101.06 14.89 7.35
C SER I 264 100.91 13.41 7.00
N GLY I 265 100.54 13.09 5.77
CA GLY I 265 100.40 11.71 5.35
C GLY I 265 98.96 11.31 5.10
N ALA I 266 98.34 11.90 4.09
CA ALA I 266 96.96 11.61 3.74
C ALA I 266 96.76 11.82 2.25
N ASN I 267 95.97 10.94 1.63
CA ASN I 267 95.68 11.02 0.21
C ASN I 267 94.20 10.89 -0.13
N VAL I 268 93.33 10.67 0.87
CA VAL I 268 91.90 10.53 0.66
C VAL I 268 91.20 11.61 1.47
N LEU I 269 90.30 12.34 0.83
CA LEU I 269 89.57 13.44 1.46
C LEU I 269 88.08 13.08 1.46
N PHE I 270 87.50 12.94 2.65
CA PHE I 270 86.09 12.65 2.82
C PHE I 270 85.45 13.81 3.57
N CYS I 271 84.65 14.60 2.86
CA CYS I 271 83.97 15.75 3.43
C CYS I 271 82.47 15.46 3.56
N GLN I 272 81.84 16.07 4.57
CA GLN I 272 80.41 15.87 4.79
C GLN I 272 79.58 16.57 3.72
N LYS I 273 79.93 17.81 3.39
CA LYS I 273 79.20 18.56 2.38
C LYS I 273 79.79 18.33 0.99
N GLY I 274 79.68 19.33 0.12
CA GLY I 274 80.20 19.25 -1.23
C GLY I 274 81.49 20.01 -1.40
N ILE I 275 82.30 19.57 -2.36
CA ILE I 275 83.58 20.20 -2.67
C ILE I 275 83.41 21.06 -3.91
N ASP I 276 83.86 22.30 -3.84
CA ASP I 276 83.74 23.21 -4.96
C ASP I 276 84.67 22.79 -6.09
N ASP I 277 84.31 23.20 -7.31
CA ASP I 277 85.10 22.83 -8.48
C ASP I 277 86.46 23.52 -8.49
N LEU I 278 86.56 24.69 -7.86
CA LEU I 278 87.84 25.39 -7.82
C LEU I 278 88.84 24.74 -6.89
N ALA I 279 88.38 23.91 -5.96
CA ALA I 279 89.26 23.21 -5.03
C ALA I 279 89.67 21.83 -5.52
N GLN I 280 89.41 21.51 -6.79
CA GLN I 280 89.77 20.22 -7.34
C GLN I 280 91.17 20.19 -7.92
N HIS I 281 91.56 21.26 -8.63
CA HIS I 281 92.89 21.30 -9.24
C HIS I 281 93.98 21.23 -8.17
N TYR I 282 93.78 21.90 -7.03
CA TYR I 282 94.73 21.83 -5.94
C TYR I 282 94.87 20.41 -5.40
N LEU I 283 93.87 19.57 -5.59
CA LEU I 283 93.93 18.17 -5.20
C LEU I 283 94.42 17.26 -6.32
N ALA I 284 94.64 17.80 -7.52
CA ALA I 284 95.09 17.01 -8.65
C ALA I 284 96.59 17.08 -8.87
N LYS I 285 97.24 18.18 -8.48
CA LYS I 285 98.68 18.34 -8.66
C LYS I 285 99.48 17.62 -7.57
N GLU I 286 98.81 17.02 -6.59
CA GLU I 286 99.50 16.32 -5.51
C GLU I 286 99.10 14.85 -5.37
N GLY I 287 98.09 14.39 -6.11
CA GLY I 287 97.67 13.01 -6.02
C GLY I 287 96.85 12.71 -4.78
N ILE I 288 95.75 13.45 -4.59
CA ILE I 288 94.87 13.28 -3.45
C ILE I 288 93.48 12.96 -3.95
N VAL I 289 92.88 11.90 -3.40
CA VAL I 289 91.54 11.50 -3.80
C VAL I 289 90.53 12.53 -3.31
N ALA I 290 89.70 13.02 -4.23
CA ALA I 290 88.68 14.01 -3.92
C ALA I 290 87.31 13.36 -3.86
N ALA I 291 86.58 13.59 -2.78
CA ALA I 291 85.25 13.05 -2.60
C ALA I 291 84.39 14.06 -1.87
N ARG I 292 83.07 13.89 -1.99
CA ARG I 292 82.12 14.80 -1.37
C ARG I 292 80.83 14.05 -1.06
N ARG I 293 80.01 14.66 -0.21
CA ARG I 293 78.72 14.11 0.19
C ARG I 293 78.87 12.72 0.79
N VAL I 294 79.28 12.65 2.05
CA VAL I 294 79.45 11.38 2.76
C VAL I 294 78.34 11.26 3.79
N LYS I 295 77.52 10.22 3.66
CA LYS I 295 76.43 10.00 4.59
C LYS I 295 76.96 9.55 5.94
N LYS I 296 76.21 9.91 7.00
CA LYS I 296 76.62 9.54 8.35
C LYS I 296 76.66 8.03 8.52
N SER I 297 75.73 7.32 7.89
CA SER I 297 75.73 5.86 7.98
C SER I 297 76.97 5.27 7.33
N ASP I 298 77.48 5.90 6.28
CA ASP I 298 78.71 5.46 5.63
C ASP I 298 79.96 6.05 6.28
N MET I 299 79.82 7.13 7.04
CA MET I 299 80.96 7.74 7.71
C MET I 299 81.27 7.10 9.05
N GLU I 300 80.24 6.59 9.75
CA GLU I 300 80.46 5.95 11.04
C GLU I 300 81.23 4.64 10.93
N LYS I 301 81.28 4.05 9.73
CA LYS I 301 82.01 2.80 9.50
C LYS I 301 83.49 3.03 9.20
N LEU I 302 83.98 4.26 9.34
CA LEU I 302 85.38 4.57 9.05
C LEU I 302 86.23 4.68 10.31
N ALA I 303 85.63 4.98 11.46
CA ALA I 303 86.39 5.12 12.70
C ALA I 303 86.70 3.78 13.35
N LYS I 304 85.84 2.78 13.16
CA LYS I 304 86.05 1.46 13.74
C LYS I 304 86.74 0.49 12.79
N ALA I 305 86.94 0.87 11.53
CA ALA I 305 87.59 0.02 10.54
C ALA I 305 88.98 0.51 10.19
N THR I 306 89.09 1.74 9.68
CA THR I 306 90.40 2.29 9.31
C THR I 306 91.16 2.80 10.52
N GLY I 307 90.46 3.45 11.46
CA GLY I 307 91.10 3.97 12.65
C GLY I 307 91.50 5.42 12.52
N ALA I 308 90.54 6.32 12.62
CA ALA I 308 90.80 7.75 12.52
C ALA I 308 89.74 8.51 13.30
N ASN I 309 90.09 9.73 13.71
CA ASN I 309 89.19 10.58 14.47
C ASN I 309 88.58 11.65 13.55
N VAL I 310 87.75 12.50 14.13
CA VAL I 310 87.08 13.56 13.39
C VAL I 310 87.62 14.91 13.87
N ILE I 311 87.51 15.91 13.00
CA ILE I 311 87.96 17.27 13.29
C ILE I 311 86.77 18.20 13.11
N THR I 312 86.40 18.89 14.19
CA THR I 312 85.28 19.81 14.14
C THR I 312 85.61 21.13 13.45
N ASN I 313 86.90 21.47 13.34
CA ASN I 313 87.30 22.70 12.69
C ASN I 313 88.15 22.42 11.47
N ILE I 314 89.27 23.14 11.32
CA ILE I 314 90.17 22.96 10.19
C ILE I 314 91.61 23.04 10.68
N LYS I 315 91.84 23.80 11.74
CA LYS I 315 93.17 23.96 12.32
C LYS I 315 93.47 22.95 13.41
N ASP I 316 92.57 22.01 13.67
CA ASP I 316 92.76 20.99 14.69
C ASP I 316 93.28 19.68 14.13
N LEU I 317 93.81 19.69 12.91
CA LEU I 317 94.35 18.51 12.27
C LEU I 317 95.86 18.47 12.42
N SER I 318 96.39 17.35 12.91
CA SER I 318 97.82 17.20 13.10
C SER I 318 98.35 15.96 12.38
N ALA I 319 98.70 14.93 13.15
CA ALA I 319 99.21 13.69 12.58
C ALA I 319 98.57 12.43 13.15
N GLN I 320 98.02 12.49 14.37
CA GLN I 320 97.39 11.33 14.97
C GLN I 320 95.95 11.13 14.53
N ASP I 321 95.35 12.11 13.86
CA ASP I 321 93.97 12.01 13.38
C ASP I 321 93.89 11.51 11.95
N LEU I 322 94.77 10.58 11.57
CA LEU I 322 94.79 10.03 10.23
C LEU I 322 94.60 8.52 10.29
N GLY I 323 94.15 7.96 9.17
CA GLY I 323 93.92 6.52 9.08
C GLY I 323 94.80 5.84 8.07
N ASP I 324 94.37 4.68 7.58
CA ASP I 324 95.13 3.93 6.59
C ASP I 324 94.16 3.13 5.74
N ALA I 325 94.44 3.08 4.44
CA ALA I 325 93.59 2.34 3.51
C ALA I 325 94.43 1.48 2.57
N GLY I 326 93.80 0.92 1.54
CA GLY I 326 94.51 0.08 0.59
C GLY I 326 94.38 0.56 -0.84
N LEU I 327 93.18 0.49 -1.40
CA LEU I 327 92.94 0.92 -2.77
C LEU I 327 91.55 1.52 -2.87
N VAL I 328 91.49 2.78 -3.32
CA VAL I 328 90.22 3.49 -3.51
C VAL I 328 89.95 3.57 -5.00
N GLU I 329 88.79 3.06 -5.41
CA GLU I 329 88.43 3.04 -6.83
C GLU I 329 86.98 3.50 -6.98
N GLU I 330 86.67 4.01 -8.17
CA GLU I 330 85.32 4.48 -8.50
C GLU I 330 84.93 3.84 -9.83
N ARG I 331 84.23 2.72 -9.76
CA ARG I 331 83.80 1.99 -10.94
C ARG I 331 82.30 2.19 -11.17
N LYS I 332 81.91 2.09 -12.45
CA LYS I 332 80.50 2.23 -12.85
C LYS I 332 79.95 0.82 -13.08
N ILE I 333 79.37 0.24 -12.04
CA ILE I 333 78.81 -1.10 -12.08
C ILE I 333 77.31 -1.02 -11.80
N SER I 334 76.53 -1.79 -12.56
CA SER I 334 75.08 -1.83 -12.41
C SER I 334 74.46 -0.45 -12.59
N GLY I 335 74.93 0.29 -13.59
CA GLY I 335 74.38 1.60 -13.89
C GLY I 335 75.00 2.71 -13.06
N ASP I 336 74.70 2.74 -11.78
CA ASP I 336 75.21 3.80 -10.90
C ASP I 336 76.70 3.61 -10.64
N SER I 337 77.32 4.66 -10.10
CA SER I 337 78.73 4.67 -9.78
C SER I 337 78.90 4.66 -8.27
N MET I 338 79.73 3.75 -7.76
CA MET I 338 79.98 3.60 -6.34
C MET I 338 81.48 3.62 -6.08
N ILE I 339 81.85 3.96 -4.84
CA ILE I 339 83.24 4.05 -4.43
C ILE I 339 83.57 2.82 -3.59
N PHE I 340 84.62 2.11 -3.97
CA PHE I 340 85.08 0.91 -3.28
C PHE I 340 86.45 1.18 -2.66
N VAL I 341 86.55 1.00 -1.35
CA VAL I 341 87.80 1.15 -0.62
C VAL I 341 88.17 -0.24 -0.09
N GLU I 342 89.18 -0.85 -0.70
CA GLU I 342 89.62 -2.19 -0.33
C GLU I 342 90.88 -2.12 0.53
N GLU I 343 91.08 -3.18 1.31
CA GLU I 343 92.22 -3.32 2.21
C GLU I 343 92.23 -2.20 3.25
N CYS I 344 91.53 -2.41 4.36
CA CYS I 344 91.49 -1.41 5.42
C CYS I 344 92.50 -1.75 6.51
N LYS I 345 92.01 -2.25 7.66
CA LYS I 345 92.89 -2.62 8.76
C LYS I 345 92.22 -3.66 9.66
N HIS I 346 91.02 -3.34 10.12
CA HIS I 346 90.25 -4.24 10.99
C HIS I 346 88.96 -4.62 10.27
N PRO I 347 88.94 -5.74 9.56
CA PRO I 347 87.73 -6.16 8.86
C PRO I 347 86.65 -6.67 9.81
N LYS I 348 85.93 -5.75 10.45
CA LYS I 348 84.89 -6.14 11.39
C LYS I 348 83.60 -6.53 10.66
N ALA I 349 82.96 -5.58 10.01
CA ALA I 349 81.72 -5.81 9.28
C ALA I 349 82.04 -6.18 7.82
N VAL I 350 80.98 -6.40 7.05
CA VAL I 350 81.11 -6.76 5.64
C VAL I 350 79.92 -6.19 4.89
N THR I 351 80.09 -6.01 3.59
CA THR I 351 79.06 -5.44 2.72
C THR I 351 78.65 -6.46 1.67
N MET I 352 77.34 -6.62 1.47
CA MET I 352 76.79 -7.54 0.49
C MET I 352 75.95 -6.76 -0.51
N LEU I 353 76.23 -6.95 -1.80
CA LEU I 353 75.51 -6.28 -2.87
C LEU I 353 74.80 -7.32 -3.73
N ILE I 354 73.53 -7.07 -4.00
CA ILE I 354 72.69 -7.98 -4.80
C ILE I 354 72.26 -7.24 -6.06
N ARG I 355 72.47 -7.86 -7.21
CA ARG I 355 72.12 -7.29 -8.50
C ARG I 355 71.15 -8.24 -9.20
N GLY I 356 69.98 -7.72 -9.58
CA GLY I 356 68.96 -8.49 -10.25
C GLY I 356 68.58 -7.87 -11.58
N THR I 357 67.32 -8.08 -11.95
CA THR I 357 66.81 -7.56 -13.22
C THR I 357 65.95 -6.33 -13.00
N THR I 358 64.73 -6.52 -12.50
CA THR I 358 63.80 -5.41 -12.28
C THR I 358 64.08 -4.73 -10.96
N GLU I 359 63.02 -4.38 -10.22
CA GLU I 359 63.16 -3.70 -8.94
C GLU I 359 62.57 -4.47 -7.77
N HIS I 360 61.67 -5.43 -8.02
CA HIS I 360 61.07 -6.22 -6.96
C HIS I 360 61.85 -7.48 -6.62
N VAL I 361 62.84 -7.83 -7.45
CA VAL I 361 63.65 -9.02 -7.17
C VAL I 361 64.69 -8.72 -6.10
N ILE I 362 65.41 -7.62 -6.25
CA ILE I 362 66.44 -7.25 -5.27
C ILE I 362 65.82 -7.06 -3.89
N GLU I 363 64.66 -6.40 -3.84
CA GLU I 363 63.94 -6.26 -2.57
C GLU I 363 63.58 -7.61 -1.99
N GLU I 364 63.28 -8.59 -2.85
CA GLU I 364 63.01 -9.94 -2.38
C GLU I 364 64.21 -10.52 -1.66
N VAL I 365 65.43 -10.15 -2.07
CA VAL I 365 66.61 -10.58 -1.35
C VAL I 365 66.83 -9.74 -0.10
N ALA I 366 66.32 -8.51 -0.07
CA ALA I 366 66.50 -7.65 1.09
C ALA I 366 65.83 -8.24 2.33
N ARG I 367 64.71 -8.92 2.15
CA ARG I 367 64.02 -9.60 3.24
C ARG I 367 64.52 -11.03 3.43
N ALA I 368 65.58 -11.42 2.73
CA ALA I 368 66.14 -12.76 2.85
C ALA I 368 67.51 -12.81 3.52
N VAL I 369 68.31 -11.75 3.39
CA VAL I 369 69.63 -11.75 4.02
C VAL I 369 69.50 -11.58 5.52
N ASP I 370 68.66 -10.66 5.97
CA ASP I 370 68.50 -10.44 7.42
C ASP I 370 67.95 -11.68 8.11
N ASP I 371 67.16 -12.48 7.42
CA ASP I 371 66.65 -13.73 7.97
C ASP I 371 67.61 -14.89 7.77
N ALA I 372 68.75 -14.67 7.12
CA ALA I 372 69.73 -15.72 6.90
C ALA I 372 70.93 -15.65 7.82
N VAL I 373 71.24 -14.47 8.36
CA VAL I 373 72.37 -14.32 9.27
C VAL I 373 71.88 -14.47 10.70
N GLY I 374 70.60 -14.14 10.94
CA GLY I 374 70.05 -14.27 12.28
C GLY I 374 70.04 -15.68 12.80
N VAL I 375 69.95 -16.67 11.91
CA VAL I 375 69.99 -18.07 12.31
C VAL I 375 71.42 -18.58 12.46
N VAL I 376 72.43 -17.76 12.20
CA VAL I 376 73.81 -18.17 12.33
C VAL I 376 74.40 -17.72 13.66
N GLY I 377 74.15 -16.46 14.05
CA GLY I 377 74.67 -15.98 15.31
C GLY I 377 74.14 -16.72 16.51
N CYS I 378 72.93 -17.27 16.41
CA CYS I 378 72.36 -18.08 17.47
C CYS I 378 72.78 -19.54 17.39
N THR I 379 73.64 -19.90 16.45
CA THR I 379 74.11 -21.28 16.31
C THR I 379 75.43 -21.53 17.02
N ILE I 380 76.39 -20.61 16.86
CA ILE I 380 77.68 -20.77 17.51
C ILE I 380 77.55 -20.53 19.02
N GLU I 381 76.75 -19.53 19.41
CA GLU I 381 76.58 -19.22 20.83
C GLU I 381 75.81 -20.31 21.55
N ASP I 382 74.96 -21.05 20.84
CA ASP I 382 74.17 -22.12 21.45
C ASP I 382 74.71 -23.49 21.04
N GLY I 383 74.26 -23.99 19.89
CA GLY I 383 74.70 -25.28 19.40
C GLY I 383 73.74 -26.42 19.58
N ARG I 384 72.49 -26.15 19.98
CA ARG I 384 71.49 -27.19 20.20
C ARG I 384 70.63 -27.33 18.93
N ILE I 385 71.29 -27.74 17.86
CA ILE I 385 70.62 -27.92 16.58
C ILE I 385 69.77 -29.19 16.62
N VAL I 386 68.49 -29.05 16.30
CA VAL I 386 67.56 -30.18 16.30
C VAL I 386 67.23 -30.54 14.86
N SER I 387 66.34 -31.52 14.68
CA SER I 387 65.93 -31.98 13.35
C SER I 387 64.75 -31.13 12.91
N GLY I 388 64.96 -30.31 11.89
CA GLY I 388 63.91 -29.45 11.37
C GLY I 388 63.00 -30.18 10.39
N GLY I 389 62.07 -29.41 9.82
CA GLY I 389 61.13 -29.95 8.86
C GLY I 389 59.87 -30.52 9.46
N GLY I 390 59.47 -30.06 10.64
CA GLY I 390 58.26 -30.56 11.27
C GLY I 390 58.43 -31.91 11.94
N SER I 391 59.57 -32.15 12.57
CA SER I 391 59.82 -33.42 13.25
C SER I 391 59.83 -33.31 14.76
N THR I 392 60.05 -32.12 15.32
CA THR I 392 60.07 -31.96 16.77
C THR I 392 58.66 -32.01 17.35
N GLU I 393 57.68 -31.42 16.65
CA GLU I 393 56.31 -31.45 17.13
C GLU I 393 55.74 -32.86 17.17
N VAL I 394 56.01 -33.65 16.12
CA VAL I 394 55.53 -35.02 16.09
C VAL I 394 56.22 -35.85 17.16
N GLU I 395 57.49 -35.56 17.46
CA GLU I 395 58.19 -36.30 18.49
C GLU I 395 57.66 -35.94 19.88
N LEU I 396 57.34 -34.67 20.11
CA LEU I 396 56.81 -34.26 21.42
C LEU I 396 55.36 -34.70 21.60
N SER I 397 54.62 -34.86 20.50
CA SER I 397 53.23 -35.32 20.61
C SER I 397 53.16 -36.76 21.08
N MET I 398 54.11 -37.60 20.68
CA MET I 398 54.12 -38.99 21.12
C MET I 398 54.54 -39.11 22.59
N LYS I 399 55.25 -38.12 23.13
CA LYS I 399 55.66 -38.13 24.52
C LYS I 399 54.65 -37.48 25.45
N LEU I 400 53.95 -36.44 25.01
CA LEU I 400 52.95 -35.80 25.85
C LEU I 400 51.77 -36.72 26.13
N ARG I 401 51.42 -37.59 25.16
CA ARG I 401 50.31 -38.51 25.37
C ARG I 401 50.59 -39.48 26.51
N GLU I 402 51.82 -39.99 26.58
CA GLU I 402 52.18 -40.91 27.65
C GLU I 402 52.56 -40.18 28.94
N TYR I 403 52.92 -38.89 28.86
CA TYR I 403 53.20 -38.13 30.06
C TYR I 403 51.92 -37.67 30.76
N ALA I 404 50.86 -37.41 30.00
CA ALA I 404 49.59 -36.97 30.60
C ALA I 404 48.85 -38.09 31.30
N GLU I 405 49.30 -39.34 31.17
CA GLU I 405 48.64 -40.47 31.82
C GLU I 405 48.98 -40.59 33.31
N GLY I 406 50.05 -39.93 33.77
CA GLY I 406 50.43 -40.00 35.16
C GLY I 406 49.67 -39.07 36.08
N ILE I 407 48.81 -38.21 35.55
CA ILE I 407 48.03 -37.28 36.35
C ILE I 407 46.56 -37.64 36.22
N SER I 408 45.79 -37.23 37.23
CA SER I 408 44.35 -37.48 37.28
C SER I 408 43.63 -36.16 37.50
N GLY I 409 42.52 -35.96 36.81
CA GLY I 409 41.74 -34.75 36.95
C GLY I 409 41.38 -34.20 35.58
N ARG I 410 40.77 -33.01 35.59
CA ARG I 410 40.36 -32.36 34.36
C ARG I 410 41.52 -31.71 33.61
N GLU I 411 42.71 -31.68 34.19
CA GLU I 411 43.87 -31.10 33.54
C GLU I 411 44.47 -32.00 32.46
N GLN I 412 44.07 -33.28 32.41
CA GLN I 412 44.59 -34.18 31.39
C GLN I 412 44.04 -33.83 30.01
N LEU I 413 42.79 -33.38 29.93
CA LEU I 413 42.22 -33.00 28.65
C LEU I 413 42.91 -31.77 28.05
N ALA I 414 43.42 -30.89 28.90
CA ALA I 414 44.16 -29.74 28.40
C ALA I 414 45.50 -30.15 27.82
N VAL I 415 46.21 -31.06 28.50
CA VAL I 415 47.49 -31.54 27.99
C VAL I 415 47.28 -32.33 26.69
N ARG I 416 46.23 -33.14 26.64
CA ARG I 416 45.95 -33.89 25.41
C ARG I 416 45.60 -32.95 24.27
N ALA I 417 44.84 -31.89 24.54
CA ALA I 417 44.51 -30.93 23.51
C ALA I 417 45.76 -30.19 23.03
N PHE I 418 46.64 -29.82 23.95
CA PHE I 418 47.88 -29.14 23.56
C PHE I 418 48.77 -30.06 22.74
N ALA I 419 48.76 -31.37 23.05
CA ALA I 419 49.56 -32.32 22.28
C ALA I 419 48.97 -32.53 20.90
N ASP I 420 47.64 -32.59 20.79
CA ASP I 420 47.00 -32.78 19.49
C ASP I 420 47.11 -31.54 18.63
N ALA I 421 47.19 -30.35 19.24
CA ALA I 421 47.31 -29.12 18.46
C ALA I 421 48.69 -28.96 17.84
N LEU I 422 49.69 -29.68 18.33
CA LEU I 422 51.03 -29.59 17.77
C LEU I 422 51.15 -30.26 16.40
N GLU I 423 50.15 -31.05 16.00
CA GLU I 423 50.17 -31.72 14.71
C GLU I 423 49.66 -30.84 13.57
N VAL I 424 49.53 -29.54 13.79
CA VAL I 424 49.06 -28.65 12.74
C VAL I 424 50.18 -28.24 11.79
N ILE I 425 51.43 -28.31 12.25
CA ILE I 425 52.58 -27.95 11.41
C ILE I 425 52.73 -28.93 10.25
N PRO I 426 52.70 -30.25 10.46
CA PRO I 426 52.80 -31.15 9.29
C PRO I 426 51.59 -31.09 8.38
N ARG I 427 50.42 -30.73 8.90
CA ARG I 427 49.25 -30.59 8.05
C ARG I 427 49.32 -29.34 7.18
N THR I 428 49.97 -28.29 7.67
CA THR I 428 50.13 -27.07 6.89
C THR I 428 51.30 -27.17 5.92
N LEU I 429 52.36 -27.89 6.30
CA LEU I 429 53.50 -28.07 5.40
C LEU I 429 53.20 -29.04 4.27
N ALA I 430 52.20 -29.90 4.43
CA ALA I 430 51.82 -30.85 3.41
C ALA I 430 50.57 -30.45 2.64
N GLU I 431 49.89 -29.37 3.06
CA GLU I 431 48.70 -28.93 2.35
C GLU I 431 49.04 -28.33 0.99
N ASN I 432 50.24 -27.76 0.85
CA ASN I 432 50.64 -27.17 -0.42
C ASN I 432 50.80 -28.21 -1.53
N ALA I 433 51.03 -29.46 -1.18
CA ALA I 433 51.17 -30.54 -2.16
C ALA I 433 49.83 -31.21 -2.41
N GLY I 434 49.77 -31.97 -3.50
CA GLY I 434 48.56 -32.66 -3.87
C GLY I 434 48.58 -34.14 -3.55
N LEU I 435 49.77 -34.73 -3.54
CA LEU I 435 49.94 -36.15 -3.25
C LEU I 435 50.18 -36.44 -1.77
N ASP I 436 49.88 -35.48 -0.89
CA ASP I 436 50.08 -35.65 0.54
C ASP I 436 48.75 -35.88 1.25
N ALA I 437 47.83 -34.91 1.20
CA ALA I 437 46.52 -35.00 1.82
C ALA I 437 46.62 -35.29 3.31
N ILE I 438 46.43 -36.56 3.70
CA ILE I 438 46.46 -36.96 5.10
C ILE I 438 47.27 -38.22 5.33
N GLU I 439 47.63 -38.96 4.28
CA GLU I 439 48.38 -40.20 4.47
C GLU I 439 49.78 -39.93 5.00
N ILE I 440 50.37 -38.78 4.67
CA ILE I 440 51.71 -38.45 5.15
C ILE I 440 51.72 -38.34 6.67
N LEU I 441 50.70 -37.71 7.24
CA LEU I 441 50.64 -37.55 8.69
C LEU I 441 50.47 -38.89 9.39
N VAL I 442 49.74 -39.81 8.76
CA VAL I 442 49.55 -41.13 9.36
C VAL I 442 50.83 -41.95 9.25
N LYS I 443 51.58 -41.78 8.15
CA LYS I 443 52.80 -42.55 7.98
C LYS I 443 53.92 -42.05 8.88
N VAL I 444 54.02 -40.72 9.07
CA VAL I 444 55.06 -40.18 9.94
C VAL I 444 54.73 -40.29 11.42
N ARG I 445 53.52 -40.72 11.76
CA ARG I 445 53.15 -40.85 13.17
C ARG I 445 53.54 -42.22 13.72
N ALA I 446 53.31 -43.29 12.95
CA ALA I 446 53.65 -44.63 13.40
C ALA I 446 55.12 -44.98 13.16
N ALA I 447 55.87 -44.11 12.50
CA ALA I 447 57.29 -44.38 12.25
C ALA I 447 58.15 -44.16 13.48
N HIS I 448 57.77 -43.19 14.33
CA HIS I 448 58.51 -42.89 15.54
C HIS I 448 58.02 -43.69 16.75
N ALA I 449 57.30 -44.78 16.52
CA ALA I 449 56.80 -45.62 17.62
C ALA I 449 57.80 -46.65 18.09
N SER I 450 58.97 -46.74 17.45
CA SER I 450 59.97 -47.71 17.84
C SER I 450 60.95 -47.10 18.85
N ASN I 451 62.21 -47.55 18.82
CA ASN I 451 63.21 -47.03 19.74
C ASN I 451 63.84 -45.75 19.19
N GLY I 452 64.60 -45.86 18.10
CA GLY I 452 65.22 -44.70 17.50
C GLY I 452 64.33 -43.97 16.51
N ASN I 453 64.88 -43.68 15.33
CA ASN I 453 64.16 -42.99 14.26
C ASN I 453 63.62 -41.65 14.76
N LYS I 454 64.48 -40.63 14.78
CA LYS I 454 64.10 -39.29 15.24
C LYS I 454 64.35 -38.21 14.21
N CYS I 455 65.43 -38.33 13.42
CA CYS I 455 65.75 -37.32 12.43
C CYS I 455 64.83 -37.33 11.22
N ALA I 456 63.96 -38.33 11.11
CA ALA I 456 63.04 -38.39 9.98
C ALA I 456 61.94 -37.35 10.13
N GLY I 457 61.54 -36.74 9.02
CA GLY I 457 60.50 -35.73 9.03
C GLY I 457 59.67 -35.71 7.76
N LEU I 458 59.74 -34.61 7.02
CA LEU I 458 58.97 -34.48 5.79
C LEU I 458 59.66 -33.45 4.89
N ASN I 459 59.80 -33.79 3.61
CA ASN I 459 60.40 -32.90 2.63
C ASN I 459 59.46 -32.77 1.44
N VAL I 460 59.24 -31.52 1.00
CA VAL I 460 58.33 -31.27 -0.13
C VAL I 460 59.01 -31.38 -1.47
N PHE I 461 60.27 -31.82 -1.51
CA PHE I 461 61.02 -31.95 -2.76
C PHE I 461 61.16 -33.40 -3.21
N THR I 462 60.39 -34.31 -2.62
CA THR I 462 60.46 -35.73 -2.99
C THR I 462 59.08 -36.36 -2.98
N GLY I 463 58.50 -36.49 -1.79
CA GLY I 463 57.18 -37.10 -1.65
C GLY I 463 57.14 -38.22 -0.63
N ALA I 464 58.24 -38.95 -0.51
CA ALA I 464 58.32 -40.05 0.44
C ALA I 464 58.81 -39.52 1.79
N VAL I 465 59.24 -40.40 2.68
CA VAL I 465 59.73 -40.02 4.00
C VAL I 465 61.19 -40.46 4.13
N GLU I 466 62.00 -39.60 4.72
CA GLU I 466 63.42 -39.88 4.92
C GLU I 466 63.93 -38.97 6.03
N ASP I 467 65.23 -39.09 6.31
CA ASP I 467 65.85 -38.27 7.33
C ASP I 467 66.02 -36.83 6.84
N MET I 468 65.97 -35.90 7.80
CA MET I 468 66.09 -34.48 7.49
C MET I 468 67.51 -33.94 7.68
N CYS I 469 68.31 -34.57 8.54
CA CYS I 469 69.67 -34.10 8.78
C CYS I 469 70.60 -34.42 7.62
N GLU I 470 70.26 -35.43 6.81
CA GLU I 470 71.10 -35.79 5.68
C GLU I 470 70.80 -34.97 4.42
N ASN I 471 69.64 -34.32 4.36
CA ASN I 471 69.30 -33.52 3.18
C ASN I 471 69.95 -32.14 3.27
N GLY I 472 69.59 -31.36 4.28
CA GLY I 472 70.16 -30.03 4.44
C GLY I 472 69.26 -29.10 5.24
N VAL I 473 68.39 -29.66 6.06
CA VAL I 473 67.46 -28.89 6.89
C VAL I 473 67.89 -29.08 8.34
N VAL I 474 68.44 -28.02 8.94
CA VAL I 474 68.89 -28.06 10.32
C VAL I 474 68.39 -26.83 11.06
N GLU I 475 67.08 -26.74 11.25
CA GLU I 475 66.49 -25.59 11.93
C GLU I 475 66.90 -25.60 13.40
N PRO I 476 67.34 -24.46 13.96
CA PRO I 476 67.76 -24.44 15.37
C PRO I 476 66.62 -24.63 16.34
N LEU I 477 66.93 -24.68 17.63
CA LEU I 477 65.93 -24.91 18.66
C LEU I 477 65.38 -23.61 19.26
N ARG I 478 66.18 -22.54 19.25
CA ARG I 478 65.73 -21.28 19.84
C ARG I 478 64.51 -20.73 19.10
N VAL I 479 64.50 -20.84 17.78
CA VAL I 479 63.36 -20.36 17.00
C VAL I 479 62.10 -21.15 17.29
N LYS I 480 62.23 -22.37 17.80
CA LYS I 480 61.07 -23.17 18.20
C LYS I 480 60.66 -22.87 19.63
N THR I 481 61.63 -22.75 20.55
CA THR I 481 61.29 -22.46 21.94
C THR I 481 60.65 -21.09 22.08
N GLN I 482 61.19 -20.07 21.40
CA GLN I 482 60.60 -18.74 21.46
C GLN I 482 59.21 -18.73 20.86
N ALA I 483 59.01 -19.47 19.77
CA ALA I 483 57.68 -19.55 19.15
C ALA I 483 56.68 -20.22 20.09
N ILE I 484 57.09 -21.30 20.74
CA ILE I 484 56.20 -21.99 21.69
C ILE I 484 55.87 -21.08 22.86
N GLN I 485 56.87 -20.35 23.35
CA GLN I 485 56.62 -19.43 24.47
C GLN I 485 55.65 -18.32 24.06
N SER I 486 55.83 -17.76 22.86
CA SER I 486 54.93 -16.72 22.39
C SER I 486 53.51 -17.25 22.19
N ALA I 487 53.39 -18.48 21.68
CA ALA I 487 52.06 -19.07 21.49
C ALA I 487 51.38 -19.35 22.82
N ALA I 488 52.16 -19.77 23.82
CA ALA I 488 51.59 -20.05 25.14
C ALA I 488 51.24 -18.76 25.87
N GLU I 489 51.96 -17.67 25.61
CA GLU I 489 51.67 -16.40 26.26
C GLU I 489 50.51 -15.67 25.59
N SER I 490 50.35 -15.84 24.27
CA SER I 490 49.29 -15.14 23.56
C SER I 490 47.93 -15.79 23.75
N THR I 491 47.90 -17.11 23.97
CA THR I 491 46.63 -17.82 24.14
C THR I 491 45.99 -17.57 25.50
N GLU I 492 46.72 -16.99 26.45
CA GLU I 492 46.19 -16.71 27.78
C GLU I 492 45.70 -15.27 27.93
N MET I 493 46.04 -14.40 27.00
CA MET I 493 45.59 -13.00 27.06
C MET I 493 44.19 -12.80 26.52
N LEU I 494 43.55 -13.85 26.01
CA LEU I 494 42.20 -13.77 25.46
C LEU I 494 41.17 -14.52 26.29
N LEU I 495 41.54 -15.67 26.86
CA LEU I 495 40.61 -16.44 27.67
C LEU I 495 40.37 -15.81 29.04
N ARG I 496 41.27 -14.95 29.50
CA ARG I 496 41.14 -14.29 30.79
C ARG I 496 40.44 -12.94 30.68
N ILE I 497 39.66 -12.71 29.64
CA ILE I 497 38.95 -11.45 29.43
C ILE I 497 37.48 -11.59 29.80
N ASP I 498 36.83 -12.64 29.28
CA ASP I 498 35.41 -12.92 29.54
C ASP I 498 34.54 -11.74 29.13
N ASP I 499 34.39 -10.75 30.01
CA ASP I 499 33.58 -9.58 29.74
C ASP I 499 34.45 -8.43 29.23
N VAL I 500 33.80 -7.46 28.60
CA VAL I 500 34.47 -6.29 28.04
C VAL I 500 33.56 -5.08 28.25
N ILE I 501 34.14 -3.99 28.76
CA ILE I 501 33.38 -2.77 29.00
C ILE I 501 33.98 -1.63 28.18
N ALA I 502 33.46 -0.42 28.37
CA ALA I 502 33.94 0.75 27.65
C ALA I 502 33.88 1.96 28.56
N ALA I 503 34.63 3.00 28.19
CA ALA I 503 34.67 4.23 28.96
C ALA I 503 34.97 5.39 28.03
N GLU I 504 34.73 6.60 28.53
CA GLU I 504 34.95 7.82 27.78
C GLU I 504 36.17 8.60 28.28
N LYS I 505 36.92 8.05 29.23
CA LYS I 505 38.10 8.70 29.78
C LYS I 505 39.35 8.17 29.09
N LEU I 506 40.25 9.08 28.75
CA LEU I 506 41.50 8.71 28.09
C LEU I 506 42.41 7.96 29.06
N ARG I 507 42.92 6.82 28.62
CA ARG I 507 43.80 5.98 29.44
C ARG I 507 43.17 5.60 30.77
N MET J 1 3.90 4.80 40.85
CA MET J 1 4.97 5.77 40.97
C MET J 1 5.97 5.36 42.03
N GLY J 2 5.47 4.87 43.17
CA GLY J 2 6.36 4.44 44.24
C GLY J 2 7.08 3.15 43.94
N ARG J 3 6.48 2.27 43.14
CA ARG J 3 7.09 1.00 42.77
C ARG J 3 7.68 1.00 41.38
N ASP J 4 7.47 2.06 40.60
CA ASP J 4 8.02 2.11 39.24
C ASP J 4 9.43 2.66 39.24
N ALA J 5 9.65 3.80 39.91
CA ALA J 5 10.97 4.41 39.99
C ALA J 5 11.89 3.72 40.98
N GLN J 6 11.37 2.82 41.81
CA GLN J 6 12.18 2.11 42.79
C GLN J 6 12.89 0.89 42.21
N ARG J 7 12.21 0.12 41.37
CA ARG J 7 12.83 -1.05 40.77
C ARG J 7 13.89 -0.67 39.74
N MET J 8 13.69 0.45 39.04
CA MET J 8 14.67 0.88 38.04
C MET J 8 15.99 1.27 38.70
N ASN J 9 15.92 1.92 39.86
CA ASN J 9 17.14 2.29 40.57
C ASN J 9 17.92 1.08 41.05
N ILE J 10 17.22 -0.01 41.37
CA ILE J 10 17.90 -1.23 41.79
C ILE J 10 18.46 -1.97 40.58
N LEU J 11 17.73 -1.98 39.46
CA LEU J 11 18.22 -2.64 38.26
C LEU J 11 19.42 -1.91 37.67
N ALA J 12 19.47 -0.58 37.80
CA ALA J 12 20.63 0.16 37.30
C ALA J 12 21.85 -0.07 38.18
N GLY J 13 21.65 -0.38 39.46
CA GLY J 13 22.78 -0.65 40.34
C GLY J 13 23.27 -2.07 40.29
N ARG J 14 22.37 -3.03 40.03
CA ARG J 14 22.77 -4.43 39.94
C ARG J 14 23.65 -4.70 38.72
N ILE J 15 23.55 -3.87 37.68
CA ILE J 15 24.39 -4.05 36.49
C ILE J 15 25.83 -3.67 36.80
N ILE J 16 26.03 -2.53 37.46
CA ILE J 16 27.37 -2.09 37.80
C ILE J 16 27.92 -2.81 39.03
N ALA J 17 27.07 -3.44 39.83
CA ALA J 17 27.55 -4.15 41.01
C ALA J 17 28.12 -5.52 40.64
N GLU J 18 27.55 -6.18 39.62
CA GLU J 18 28.02 -7.48 39.19
C GLU J 18 29.13 -7.40 38.16
N THR J 19 29.62 -6.20 37.83
CA THR J 19 30.69 -6.08 36.84
C THR J 19 32.03 -6.51 37.43
N VAL J 20 32.30 -6.14 38.67
CA VAL J 20 33.56 -6.49 39.33
C VAL J 20 33.39 -7.76 40.14
N ARG J 21 32.36 -8.55 39.80
CA ARG J 21 32.12 -9.80 40.52
C ARG J 21 33.19 -10.83 40.21
N SER J 22 33.59 -10.94 38.93
CA SER J 22 34.61 -11.91 38.55
C SER J 22 36.01 -11.48 38.97
N THR J 23 36.24 -10.20 39.19
CA THR J 23 37.55 -9.69 39.59
C THR J 23 37.66 -9.59 41.12
N LEU J 24 37.50 -10.72 41.79
CA LEU J 24 37.59 -10.78 43.25
C LEU J 24 38.53 -11.85 43.75
N GLY J 25 38.53 -13.04 43.16
CA GLY J 25 39.41 -14.10 43.56
C GLY J 25 40.84 -13.88 43.11
N PRO J 26 41.77 -14.68 43.64
CA PRO J 26 43.16 -14.52 43.23
C PRO J 26 43.44 -14.96 41.81
N LYS J 27 42.69 -15.94 41.29
CA LYS J 27 42.89 -16.42 39.94
C LYS J 27 41.67 -16.12 39.07
N GLY J 28 41.25 -14.85 39.05
CA GLY J 28 40.09 -14.46 38.26
C GLY J 28 40.48 -13.85 36.93
N MET J 29 39.48 -13.70 36.06
CA MET J 29 39.70 -13.12 34.75
C MET J 29 39.86 -11.60 34.85
N ASP J 30 40.54 -11.05 33.85
CA ASP J 30 40.80 -9.61 33.81
C ASP J 30 39.69 -8.90 33.03
N LYS J 31 39.86 -7.60 32.84
CA LYS J 31 38.89 -6.78 32.14
C LYS J 31 39.61 -5.97 31.06
N MET J 32 39.09 -6.03 29.84
CA MET J 32 39.65 -5.29 28.72
C MET J 32 38.83 -4.02 28.50
N LEU J 33 39.49 -2.86 28.64
CA LEU J 33 38.83 -1.57 28.51
C LEU J 33 39.34 -0.86 27.26
N VAL J 34 38.41 -0.44 26.41
CA VAL J 34 38.75 0.28 25.19
C VAL J 34 38.21 1.71 25.30
N ASP J 35 38.79 2.60 24.49
CA ASP J 35 38.42 4.00 24.46
C ASP J 35 38.03 4.39 23.04
N ASP J 36 37.65 5.66 22.87
CA ASP J 36 37.25 6.15 21.55
C ASP J 36 38.45 6.33 20.64
N LEU J 37 39.60 6.76 21.19
CA LEU J 37 40.79 6.94 20.37
C LEU J 37 41.41 5.59 19.99
N GLY J 38 41.19 4.56 20.79
CA GLY J 38 41.74 3.25 20.49
C GLY J 38 42.78 2.80 21.50
N ASP J 39 42.52 3.04 22.78
CA ASP J 39 43.44 2.66 23.85
C ASP J 39 42.90 1.41 24.53
N VAL J 40 43.49 0.26 24.23
CA VAL J 40 43.09 -1.02 24.80
C VAL J 40 43.98 -1.31 26.00
N VAL J 41 43.39 -1.34 27.19
CA VAL J 41 44.12 -1.60 28.42
C VAL J 41 43.50 -2.81 29.12
N VAL J 42 44.30 -3.42 29.99
CA VAL J 42 43.89 -4.60 30.76
C VAL J 42 43.97 -4.25 32.23
N THR J 43 42.88 -4.47 32.95
CA THR J 43 42.80 -4.18 34.38
C THR J 43 42.31 -5.42 35.13
N ASN J 44 43.08 -5.84 36.13
CA ASN J 44 42.72 -7.01 36.93
C ASN J 44 42.02 -6.65 38.23
N ASP J 45 42.30 -5.48 38.80
CA ASP J 45 41.68 -5.07 40.05
C ASP J 45 40.28 -4.53 39.78
N GLY J 46 39.65 -3.97 40.82
CA GLY J 46 38.32 -3.43 40.69
C GLY J 46 38.25 -1.94 40.99
N VAL J 47 39.36 -1.37 41.46
CA VAL J 47 39.39 0.06 41.76
C VAL J 47 39.40 0.87 40.49
N THR J 48 40.20 0.46 39.50
CA THR J 48 40.24 1.18 38.24
C THR J 48 38.96 0.98 37.43
N ILE J 49 38.28 -0.14 37.62
CA ILE J 49 37.04 -0.39 36.89
C ILE J 49 35.96 0.60 37.29
N LEU J 50 35.89 0.95 38.57
CA LEU J 50 34.87 1.89 39.03
C LEU J 50 35.12 3.30 38.52
N ARG J 51 36.39 3.65 38.27
CA ARG J 51 36.70 4.99 37.77
C ARG J 51 36.34 5.12 36.30
N GLU J 52 36.99 4.35 35.43
CA GLU J 52 36.72 4.38 33.99
C GLU J 52 35.47 3.54 33.72
N MET J 53 34.31 4.17 33.93
CA MET J 53 33.03 3.52 33.72
C MET J 53 32.00 4.59 33.37
N SER J 54 31.09 4.24 32.46
CA SER J 54 30.04 5.16 32.04
C SER J 54 29.11 5.48 33.21
N VAL J 55 29.24 6.68 33.77
CA VAL J 55 28.43 7.11 34.90
C VAL J 55 27.28 7.98 34.40
N GLU J 56 26.72 7.63 33.24
CA GLU J 56 25.63 8.41 32.68
C GLU J 56 24.34 8.27 33.50
N HIS J 57 24.20 7.19 34.27
CA HIS J 57 22.99 7.03 35.05
C HIS J 57 23.21 7.52 36.48
N PRO J 58 22.21 8.20 37.06
CA PRO J 58 22.39 8.72 38.43
C PRO J 58 22.59 7.63 39.48
N ALA J 59 22.03 6.44 39.27
CA ALA J 59 22.20 5.37 40.25
C ALA J 59 23.62 4.82 40.25
N ALA J 60 24.30 4.85 39.11
CA ALA J 60 25.67 4.36 38.99
C ALA J 60 26.71 5.45 39.26
N LYS J 61 26.58 6.17 40.37
CA LYS J 61 27.50 7.24 40.69
C LYS J 61 27.72 7.34 42.20
N MET J 62 26.64 7.21 42.96
CA MET J 62 26.74 7.31 44.42
C MET J 62 27.55 6.15 44.99
N LEU J 63 27.34 4.94 44.47
CA LEU J 63 28.11 3.79 44.94
C LEU J 63 29.59 3.97 44.65
N ILE J 64 29.92 4.48 43.47
CA ILE J 64 31.33 4.71 43.12
C ILE J 64 31.92 5.79 44.01
N GLU J 65 31.16 6.85 44.29
CA GLU J 65 31.65 7.92 45.16
C GLU J 65 31.89 7.40 46.58
N VAL J 66 31.02 6.52 47.07
CA VAL J 66 31.21 5.95 48.40
C VAL J 66 32.42 5.02 48.41
N ALA J 67 32.60 4.23 47.34
CA ALA J 67 33.73 3.31 47.28
C ALA J 67 35.05 4.05 47.18
N LYS J 68 35.07 5.21 46.51
CA LYS J 68 36.29 5.98 46.40
C LYS J 68 36.72 6.55 47.75
N THR J 69 35.76 6.88 48.61
CA THR J 69 36.11 7.39 49.94
C THR J 69 36.64 6.29 50.84
N GLN J 70 36.24 5.04 50.60
CA GLN J 70 36.73 3.92 51.42
C GLN J 70 38.05 3.38 50.87
N GLU J 71 38.29 3.49 49.57
CA GLU J 71 39.53 3.00 48.99
C GLU J 71 40.74 3.81 49.47
N LYS J 72 40.55 5.09 49.79
CA LYS J 72 41.61 5.95 50.26
C LYS J 72 41.97 5.71 51.72
N GLU J 73 41.31 4.76 52.38
CA GLU J 73 41.59 4.45 53.79
C GLU J 73 42.71 3.43 53.93
N VAL J 74 42.46 2.18 53.53
CA VAL J 74 43.45 1.12 53.63
C VAL J 74 43.76 0.57 52.24
N GLY J 75 42.80 0.72 51.32
CA GLY J 75 42.99 0.24 49.96
C GLY J 75 43.09 -1.27 49.85
N ASP J 76 42.03 -1.97 50.23
CA ASP J 76 42.02 -3.43 50.16
C ASP J 76 40.60 -3.97 50.08
N GLY J 77 39.68 -3.35 50.81
CA GLY J 77 38.29 -3.78 50.82
C GLY J 77 37.39 -2.91 49.97
N THR J 78 37.69 -2.83 48.67
CA THR J 78 36.92 -2.02 47.75
C THR J 78 35.98 -2.86 46.88
N THR J 79 36.51 -3.89 46.21
CA THR J 79 35.67 -4.72 45.36
C THR J 79 34.71 -5.57 46.18
N THR J 80 35.20 -6.14 47.29
CA THR J 80 34.34 -6.97 48.13
C THR J 80 33.19 -6.17 48.73
N ALA J 81 33.42 -4.89 49.04
CA ALA J 81 32.34 -4.05 49.54
C ALA J 81 31.25 -3.87 48.49
N VAL J 82 31.64 -3.64 47.23
CA VAL J 82 30.66 -3.49 46.16
C VAL J 82 29.93 -4.80 45.94
N VAL J 83 30.63 -5.93 46.04
CA VAL J 83 29.98 -7.23 45.88
C VAL J 83 28.95 -7.46 46.98
N VAL J 84 29.30 -7.15 48.22
CA VAL J 84 28.37 -7.31 49.33
C VAL J 84 27.17 -6.38 49.18
N ALA J 85 27.41 -5.15 48.72
CA ALA J 85 26.31 -4.21 48.51
C ALA J 85 25.36 -4.71 47.42
N GLY J 86 25.92 -5.22 46.32
CA GLY J 86 25.08 -5.77 45.26
C GLY J 86 24.29 -6.98 45.72
N GLU J 87 24.92 -7.85 46.52
CA GLU J 87 24.21 -9.00 47.05
C GLU J 87 23.08 -8.58 47.98
N LEU J 88 23.33 -7.57 48.82
CA LEU J 88 22.28 -7.07 49.71
C LEU J 88 21.13 -6.47 48.89
N LEU J 89 21.44 -5.72 47.83
CA LEU J 89 20.40 -5.14 47.00
C LEU J 89 19.59 -6.22 46.30
N ARG J 90 20.26 -7.25 45.78
CA ARG J 90 19.55 -8.34 45.11
C ARG J 90 18.69 -9.13 46.09
N LYS J 91 19.14 -9.29 47.34
CA LYS J 91 18.35 -10.01 48.32
C LYS J 91 17.16 -9.18 48.79
N ALA J 92 17.33 -7.86 48.90
CA ALA J 92 16.24 -6.99 49.33
C ALA J 92 15.23 -6.73 48.22
N GLU J 93 15.63 -6.89 46.96
CA GLU J 93 14.69 -6.70 45.86
C GLU J 93 13.59 -7.75 45.88
N GLU J 94 13.93 -8.99 46.24
CA GLU J 94 12.93 -10.05 46.30
C GLU J 94 12.00 -9.88 47.49
N LEU J 95 12.48 -9.29 48.58
CA LEU J 95 11.65 -9.10 49.76
C LEU J 95 10.59 -8.03 49.57
N LEU J 96 10.68 -7.22 48.51
CA LEU J 96 9.69 -6.18 48.26
C LEU J 96 8.41 -6.71 47.61
N ASP J 97 8.35 -8.00 47.29
CA ASP J 97 7.17 -8.59 46.67
C ASP J 97 6.05 -8.85 47.66
N GLN J 98 6.36 -8.94 48.95
CA GLN J 98 5.36 -9.20 49.98
C GLN J 98 4.62 -7.93 50.41
N ASN J 99 4.94 -6.79 49.80
CA ASN J 99 4.30 -5.50 50.09
C ASN J 99 4.47 -5.14 51.57
N VAL J 100 5.71 -4.82 51.92
CA VAL J 100 6.05 -4.42 53.28
C VAL J 100 6.64 -3.02 53.26
N HIS J 101 7.14 -2.60 52.09
CA HIS J 101 7.75 -1.31 51.81
C HIS J 101 9.05 -1.12 52.58
N PRO J 102 10.05 -0.47 51.98
CA PRO J 102 11.37 -0.37 52.63
C PRO J 102 11.39 0.52 53.85
N THR J 103 11.48 -0.09 55.03
CA THR J 103 11.60 0.65 56.29
C THR J 103 12.15 -0.26 57.38
N ILE J 104 11.51 -1.41 57.59
CA ILE J 104 11.97 -2.34 58.61
C ILE J 104 13.28 -3.01 58.18
N VAL J 105 13.53 -3.10 56.88
CA VAL J 105 14.76 -3.71 56.39
C VAL J 105 15.96 -2.87 56.79
N VAL J 106 15.82 -1.54 56.74
CA VAL J 106 16.92 -0.66 57.12
C VAL J 106 17.22 -0.81 58.61
N LYS J 107 16.17 -0.88 59.45
CA LYS J 107 16.37 -1.08 60.87
C LYS J 107 17.01 -2.42 61.16
N GLY J 108 16.60 -3.47 60.43
CA GLY J 108 17.22 -4.78 60.61
C GLY J 108 18.69 -4.77 60.23
N TYR J 109 19.03 -4.11 59.13
CA TYR J 109 20.43 -4.00 58.73
C TYR J 109 21.24 -3.22 59.74
N GLN J 110 20.68 -2.13 60.27
CA GLN J 110 21.39 -1.35 61.28
C GLN J 110 21.58 -2.14 62.57
N ALA J 111 20.61 -2.98 62.93
CA ALA J 111 20.75 -3.80 64.13
C ALA J 111 21.73 -4.95 63.91
N ALA J 112 21.80 -5.48 62.70
CA ALA J 112 22.73 -6.58 62.42
C ALA J 112 24.16 -6.10 62.24
N ALA J 113 24.36 -4.86 61.77
CA ALA J 113 25.70 -4.35 61.59
C ALA J 113 26.43 -4.21 62.92
N GLN J 114 25.75 -3.71 63.95
CA GLN J 114 26.36 -3.59 65.26
C GLN J 114 26.72 -4.95 65.84
N LYS J 115 25.82 -5.94 65.67
CA LYS J 115 26.10 -7.28 66.16
C LYS J 115 27.30 -7.89 65.42
N ALA J 116 27.39 -7.66 64.12
CA ALA J 116 28.52 -8.18 63.35
C ALA J 116 29.82 -7.51 63.79
N GLN J 117 29.80 -6.20 64.02
CA GLN J 117 30.99 -5.51 64.48
C GLN J 117 31.40 -5.96 65.87
N GLU J 118 30.44 -6.29 66.74
CA GLU J 118 30.78 -6.79 68.06
C GLU J 118 31.32 -8.21 68.01
N LEU J 119 30.80 -9.03 67.09
CA LEU J 119 31.29 -10.40 66.97
C LEU J 119 32.65 -10.48 66.29
N LEU J 120 32.96 -9.54 65.40
CA LEU J 120 34.26 -9.55 64.74
C LEU J 120 35.39 -9.23 65.71
N LYS J 121 35.11 -8.42 66.73
CA LYS J 121 36.12 -8.05 67.72
C LYS J 121 36.37 -9.15 68.75
N THR J 122 35.63 -10.25 68.70
CA THR J 122 35.81 -11.35 69.63
C THR J 122 36.34 -12.62 69.00
N ILE J 123 36.61 -12.62 67.69
CA ILE J 123 37.12 -13.79 67.00
C ILE J 123 38.57 -13.59 66.55
N ALA J 124 39.26 -12.58 67.09
CA ALA J 124 40.63 -12.28 66.74
C ALA J 124 41.55 -12.65 67.90
N CYS J 125 42.84 -12.40 67.69
CA CYS J 125 43.87 -12.69 68.69
C CYS J 125 44.69 -11.42 68.96
N GLU J 126 45.74 -11.57 69.74
CA GLU J 126 46.63 -10.47 70.10
C GLU J 126 47.99 -10.69 69.46
N VAL J 127 48.41 -9.75 68.63
CA VAL J 127 49.69 -9.80 67.93
C VAL J 127 50.54 -8.63 68.42
N GLY J 128 51.62 -8.94 69.13
CA GLY J 128 52.50 -7.92 69.65
C GLY J 128 53.50 -7.42 68.62
N ALA J 129 54.37 -6.52 69.07
CA ALA J 129 55.38 -5.95 68.21
C ALA J 129 56.68 -6.74 68.20
N GLN J 130 56.80 -7.77 69.03
CA GLN J 130 58.01 -8.58 69.10
C GLN J 130 58.01 -9.73 68.10
N ASP J 131 56.96 -9.87 67.29
CA ASP J 131 56.89 -10.95 66.33
C ASP J 131 57.63 -10.58 65.04
N LYS J 132 57.85 -11.58 64.20
CA LYS J 132 58.54 -11.38 62.92
C LYS J 132 58.06 -12.39 61.89
N GLU J 133 57.88 -13.64 62.31
CA GLU J 133 57.39 -14.67 61.39
C GLU J 133 55.92 -14.48 61.03
N ILE J 134 55.18 -13.73 61.84
CA ILE J 134 53.77 -13.50 61.54
C ILE J 134 53.60 -12.33 60.57
N LEU J 135 54.52 -11.36 60.60
CA LEU J 135 54.38 -10.16 59.78
C LEU J 135 54.72 -10.40 58.31
N THR J 136 55.22 -11.57 57.94
CA THR J 136 55.56 -11.85 56.55
C THR J 136 54.46 -12.56 55.78
N LYS J 137 53.59 -13.30 56.47
CA LYS J 137 52.50 -13.98 55.77
C LYS J 137 51.49 -13.00 55.21
N ILE J 138 51.23 -11.89 55.92
CA ILE J 138 50.30 -10.89 55.41
C ILE J 138 50.86 -10.21 54.17
N ALA J 139 52.17 -10.02 54.12
CA ALA J 139 52.79 -9.44 52.93
C ALA J 139 52.85 -10.45 51.78
N MET J 140 52.99 -11.74 52.11
CA MET J 140 53.01 -12.75 51.06
C MET J 140 51.63 -12.94 50.43
N THR J 141 50.59 -12.95 51.26
CA THR J 141 49.23 -13.11 50.75
C THR J 141 48.65 -11.84 50.15
N SER J 142 49.34 -10.70 50.29
CA SER J 142 48.85 -9.46 49.72
C SER J 142 49.02 -9.39 48.21
N ILE J 143 49.93 -10.18 47.65
CA ILE J 143 50.16 -10.19 46.21
C ILE J 143 49.71 -11.54 45.64
N THR J 144 48.46 -11.63 45.23
CA THR J 144 47.90 -12.84 44.64
C THR J 144 47.33 -12.62 43.25
N GLY J 145 46.36 -11.71 43.12
CA GLY J 145 45.79 -11.43 41.81
C GLY J 145 46.68 -10.58 40.93
N LYS J 146 47.74 -9.99 41.50
CA LYS J 146 48.65 -9.17 40.70
C LYS J 146 49.55 -10.04 39.83
N GLY J 147 50.29 -10.96 40.44
CA GLY J 147 51.18 -11.84 39.71
C GLY J 147 51.95 -12.77 40.61
N ALA J 148 51.34 -13.91 40.96
CA ALA J 148 51.98 -14.88 41.83
C ALA J 148 52.99 -15.77 41.11
N GLU J 149 53.18 -15.58 39.80
CA GLU J 149 54.15 -16.37 39.06
C GLU J 149 55.58 -15.85 39.20
N LYS J 150 55.80 -14.79 39.98
CA LYS J 150 57.13 -14.24 40.17
C LYS J 150 57.22 -13.49 41.49
N ALA J 151 56.08 -13.24 42.12
CA ALA J 151 56.00 -12.51 43.38
C ALA J 151 55.28 -13.40 44.40
N LYS J 152 56.05 -14.19 45.15
CA LYS J 152 55.49 -15.07 46.16
C LYS J 152 56.53 -15.43 47.22
N GLU J 153 57.79 -15.11 46.94
CA GLU J 153 58.86 -15.41 47.88
C GLU J 153 59.89 -14.29 47.91
N LYS J 154 60.24 -13.76 46.74
CA LYS J 154 61.22 -12.68 46.69
C LYS J 154 60.62 -11.37 47.16
N LEU J 155 59.36 -11.11 46.83
CA LEU J 155 58.68 -9.89 47.25
C LEU J 155 58.07 -9.99 48.63
N ALA J 156 58.30 -11.08 49.35
CA ALA J 156 57.77 -11.26 50.70
C ALA J 156 58.82 -11.14 51.79
N GLU J 157 60.08 -10.95 51.42
CA GLU J 157 61.16 -10.82 52.39
C GLU J 157 61.83 -9.45 52.37
N ILE J 158 61.47 -8.58 51.44
CA ILE J 158 62.04 -7.24 51.37
C ILE J 158 61.08 -6.15 51.82
N ILE J 159 59.78 -6.46 51.93
CA ILE J 159 58.82 -5.45 52.40
C ILE J 159 58.84 -5.38 53.92
N VAL J 160 58.91 -6.53 54.60
CA VAL J 160 58.91 -6.54 56.06
C VAL J 160 60.20 -5.93 56.59
N GLU J 161 61.32 -6.21 55.94
CA GLU J 161 62.60 -5.64 56.36
C GLU J 161 62.69 -4.15 56.08
N ALA J 162 61.87 -3.63 55.17
CA ALA J 162 61.87 -2.21 54.86
C ALA J 162 60.90 -1.41 55.70
N VAL J 163 59.73 -1.97 56.00
CA VAL J 163 58.74 -1.27 56.81
C VAL J 163 59.14 -1.27 58.28
N SER J 164 59.60 -2.41 58.79
CA SER J 164 60.01 -2.51 60.18
C SER J 164 61.28 -1.70 60.44
N ALA J 165 61.14 -0.39 60.59
CA ALA J 165 62.28 0.48 60.87
C ALA J 165 61.89 1.55 61.87
N VAL J 166 60.78 2.23 61.63
CA VAL J 166 60.27 3.25 62.53
C VAL J 166 58.89 2.90 63.09
N VAL J 167 58.33 1.76 62.71
CA VAL J 167 57.01 1.38 63.21
C VAL J 167 57.13 0.65 64.54
N ASP J 168 58.15 -0.18 64.70
CA ASP J 168 58.33 -0.92 65.95
C ASP J 168 58.73 0.02 67.10
N ASP J 169 59.43 1.10 66.79
CA ASP J 169 59.83 2.05 67.82
C ASP J 169 58.65 2.92 68.26
N GLU J 170 57.94 3.50 67.29
CA GLU J 170 56.77 4.34 67.55
C GLU J 170 55.55 3.67 66.92
N GLY J 171 54.73 3.04 67.76
CA GLY J 171 53.55 2.36 67.28
C GLY J 171 52.31 3.23 67.26
N LYS J 172 52.40 4.36 66.56
CA LYS J 172 51.27 5.29 66.46
C LYS J 172 51.36 6.12 65.19
N VAL J 173 52.47 6.83 65.00
CA VAL J 173 52.69 7.67 63.83
C VAL J 173 53.84 7.06 63.03
N ASP J 174 53.55 6.67 61.79
CA ASP J 174 54.54 6.07 60.91
C ASP J 174 54.30 6.49 59.46
N LYS J 175 53.95 7.76 59.26
CA LYS J 175 53.69 8.29 57.93
C LYS J 175 55.01 8.50 57.20
N ASP J 176 55.29 7.67 56.20
CA ASP J 176 56.51 7.75 55.41
C ASP J 176 56.17 8.18 53.99
N LEU J 177 57.22 8.32 53.18
CA LEU J 177 57.09 8.73 51.78
C LEU J 177 57.73 7.65 50.92
N ILE J 178 56.91 6.74 50.38
CA ILE J 178 57.37 5.66 49.53
C ILE J 178 57.06 6.01 48.08
N LYS J 179 58.08 6.02 47.24
CA LYS J 179 57.96 6.34 45.83
C LYS J 179 58.37 5.15 44.98
N ILE J 180 57.52 4.77 44.04
CA ILE J 180 57.77 3.66 43.14
C ILE J 180 58.00 4.21 41.74
N GLU J 181 59.15 3.90 41.16
CA GLU J 181 59.51 4.37 39.82
C GLU J 181 59.15 3.30 38.79
N LYS J 182 58.59 3.75 37.67
CA LYS J 182 58.17 2.87 36.58
C LYS J 182 59.24 2.89 35.50
N LYS J 183 60.16 1.93 35.56
CA LYS J 183 61.23 1.80 34.58
C LYS J 183 61.38 0.33 34.19
N SER J 184 61.73 0.10 32.93
CA SER J 184 61.90 -1.25 32.41
C SER J 184 63.38 -1.65 32.49
N GLY J 185 63.69 -2.82 31.94
CA GLY J 185 65.04 -3.32 31.96
C GLY J 185 65.27 -4.45 30.97
N ALA J 186 65.76 -5.59 31.46
CA ALA J 186 66.03 -6.73 30.60
C ALA J 186 65.89 -8.04 31.37
N SER J 187 65.94 -7.96 32.70
CA SER J 187 65.81 -9.15 33.54
C SER J 187 64.36 -9.59 33.61
N ILE J 188 64.13 -10.74 34.24
CA ILE J 188 62.79 -11.28 34.39
C ILE J 188 62.03 -10.48 35.43
N ASP J 189 62.49 -10.52 36.68
CA ASP J 189 61.84 -9.77 37.76
C ASP J 189 62.90 -9.51 38.83
N ASP J 190 63.38 -8.28 38.91
CA ASP J 190 64.39 -7.88 39.87
C ASP J 190 63.84 -6.80 40.80
N THR J 191 64.13 -6.94 42.08
CA THR J 191 63.66 -6.00 43.10
C THR J 191 64.86 -5.48 43.87
N GLU J 192 65.07 -4.16 43.82
CA GLU J 192 66.16 -3.51 44.54
C GLU J 192 65.60 -2.63 45.64
N LEU J 193 66.23 -2.69 46.81
CA LEU J 193 65.82 -1.92 47.98
C LEU J 193 66.95 -0.96 48.32
N ILE J 194 66.84 0.28 47.84
CA ILE J 194 67.89 1.27 48.05
C ILE J 194 67.74 1.86 49.44
N LYS J 195 68.82 1.81 50.22
CA LYS J 195 68.82 2.35 51.58
C LYS J 195 69.46 3.75 51.59
N GLY J 196 68.95 4.60 50.70
CA GLY J 196 69.47 5.95 50.59
C GLY J 196 68.62 6.86 49.73
N VAL J 197 69.27 7.61 48.84
CA VAL J 197 68.61 8.58 47.97
C VAL J 197 68.80 8.13 46.53
N LEU J 198 67.72 8.17 45.75
CA LEU J 198 67.74 7.79 44.34
C LEU J 198 67.30 9.00 43.51
N VAL J 199 68.12 9.38 42.55
CA VAL J 199 67.84 10.49 41.65
C VAL J 199 67.72 9.95 40.23
N ASP J 200 66.61 10.27 39.57
CA ASP J 200 66.34 9.78 38.23
C ASP J 200 66.61 10.92 37.23
N LYS J 201 67.88 11.14 36.97
CA LYS J 201 68.29 12.18 36.02
C LYS J 201 69.71 11.87 35.53
N GLU J 202 69.91 11.97 34.23
CA GLU J 202 71.20 11.71 33.61
C GLU J 202 71.95 13.02 33.40
N ARG J 203 72.98 12.99 32.56
CA ARG J 203 73.77 14.17 32.24
C ARG J 203 74.03 14.19 30.75
N VAL J 204 75.02 14.97 30.32
CA VAL J 204 75.37 15.08 28.91
C VAL J 204 76.89 15.19 28.80
N SER J 205 77.56 15.59 29.88
CA SER J 205 79.00 15.74 29.92
C SER J 205 79.55 14.81 30.99
N ALA J 206 80.12 13.68 30.57
CA ALA J 206 80.68 12.69 31.49
C ALA J 206 82.15 13.01 31.73
N GLN J 207 82.38 14.15 32.39
CA GLN J 207 83.73 14.60 32.72
C GLN J 207 83.88 14.88 34.21
N MET J 208 83.04 14.28 35.05
CA MET J 208 83.10 14.47 36.48
C MET J 208 83.20 13.14 37.19
N PRO J 209 83.96 13.07 38.29
CA PRO J 209 84.08 11.81 39.03
C PRO J 209 82.75 11.41 39.66
N LYS J 210 82.67 10.13 40.03
CA LYS J 210 81.45 9.59 40.63
C LYS J 210 81.78 8.65 41.79
N LYS J 211 82.87 8.92 42.52
CA LYS J 211 83.27 8.08 43.66
C LYS J 211 84.03 8.97 44.63
N VAL J 212 83.29 9.56 45.57
CA VAL J 212 83.85 10.43 46.60
C VAL J 212 83.50 9.84 47.97
N THR J 213 84.50 9.71 48.83
CA THR J 213 84.30 9.13 50.15
C THR J 213 83.88 10.21 51.14
N ASP J 214 82.94 9.85 52.02
CA ASP J 214 82.37 10.73 53.05
C ASP J 214 82.12 12.14 52.53
N ALA J 215 81.46 12.21 51.38
CA ALA J 215 81.13 13.49 50.79
C ALA J 215 79.99 14.17 51.56
N LYS J 216 79.89 15.48 51.39
CA LYS J 216 78.86 16.28 52.04
C LYS J 216 77.94 16.89 50.98
N ILE J 217 76.64 16.82 51.23
CA ILE J 217 75.63 17.32 50.30
C ILE J 217 75.31 18.77 50.67
N ALA J 218 75.38 19.65 49.68
CA ALA J 218 75.06 21.06 49.85
C ALA J 218 73.93 21.43 48.90
N LEU J 219 72.80 21.85 49.46
CA LEU J 219 71.63 22.19 48.67
C LEU J 219 71.67 23.67 48.30
N LEU J 220 71.75 23.96 47.00
CA LEU J 220 71.78 25.33 46.50
C LEU J 220 70.68 25.49 45.46
N ASN J 221 69.87 26.53 45.61
CA ASN J 221 68.78 26.78 44.67
C ASN J 221 69.26 27.61 43.50
N CYS J 222 68.49 28.65 43.13
CA CYS J 222 68.84 29.50 42.00
C CYS J 222 69.67 30.69 42.46
N ALA J 223 69.60 31.79 41.70
CA ALA J 223 70.36 33.01 42.01
C ALA J 223 71.85 32.73 42.08
N ILE J 224 72.34 31.92 41.14
CA ILE J 224 73.76 31.57 41.07
C ILE J 224 74.39 32.03 39.77
N GLU J 225 73.70 31.84 38.64
CA GLU J 225 74.25 32.21 37.35
C GLU J 225 74.26 33.74 37.21
N ILE J 226 74.77 34.20 36.07
CA ILE J 226 74.87 35.65 35.82
C ILE J 226 73.49 36.22 35.46
N LYS J 227 72.71 35.51 34.67
CA LYS J 227 71.40 35.96 34.23
C LYS J 227 70.40 34.82 34.42
N GLU J 228 69.42 35.03 35.30
CA GLU J 228 68.41 34.02 35.56
C GLU J 228 67.07 34.69 35.85
N THR J 229 67.10 35.96 36.29
CA THR J 229 65.89 36.70 36.60
C THR J 229 65.84 38.00 35.83
N GLU J 230 65.59 39.11 36.53
CA GLU J 230 65.53 40.42 35.91
C GLU J 230 66.10 41.46 36.88
N THR J 231 66.38 42.65 36.35
CA THR J 231 66.91 43.75 37.13
C THR J 231 66.16 45.03 36.79
N ASP J 232 65.61 45.67 37.81
CA ASP J 232 64.85 46.90 37.59
C ASP J 232 65.78 48.10 37.40
N ALA J 233 66.82 48.21 38.22
CA ALA J 233 67.77 49.32 38.12
C ALA J 233 68.68 49.08 36.94
N GLU J 234 68.44 49.79 35.84
CA GLU J 234 69.25 49.64 34.65
C GLU J 234 70.60 50.31 34.83
N ILE J 235 71.59 49.84 34.07
CA ILE J 235 72.95 50.36 34.12
C ILE J 235 73.30 50.92 32.75
N ARG J 236 74.42 51.62 32.69
CA ARG J 236 74.93 52.23 31.46
C ARG J 236 76.39 51.85 31.28
N ILE J 237 76.92 52.20 30.10
CA ILE J 237 78.30 51.91 29.75
C ILE J 237 79.00 53.22 29.39
N THR J 238 80.29 53.29 29.72
CA THR J 238 81.09 54.48 29.42
C THR J 238 82.29 54.12 28.56
N ASP J 239 83.19 53.24 29.02
CA ASP J 239 84.37 52.87 28.25
C ASP J 239 84.28 51.40 27.85
N PRO J 240 84.77 51.06 26.66
CA PRO J 240 84.73 49.64 26.23
C PRO J 240 85.59 48.72 27.08
N ALA J 241 86.62 49.25 27.75
CA ALA J 241 87.49 48.44 28.59
C ALA J 241 86.90 48.14 29.95
N LYS J 242 85.70 48.65 30.25
CA LYS J 242 85.06 48.42 31.54
C LYS J 242 84.10 47.23 31.53
N LEU J 243 83.33 47.06 30.45
CA LEU J 243 82.42 45.93 30.37
C LEU J 243 83.18 44.60 30.32
N MET J 244 84.27 44.55 29.56
CA MET J 244 85.07 43.33 29.51
C MET J 244 85.70 43.03 30.86
N GLU J 245 86.15 44.06 31.57
CA GLU J 245 86.73 43.86 32.90
C GLU J 245 85.67 43.34 33.87
N PHE J 246 84.45 43.89 33.80
CA PHE J 246 83.38 43.42 34.67
C PHE J 246 83.01 41.97 34.35
N ILE J 247 82.99 41.61 33.06
CA ILE J 247 82.69 40.24 32.67
C ILE J 247 83.77 39.30 33.18
N GLU J 248 85.03 39.69 33.05
CA GLU J 248 86.13 38.85 33.54
C GLU J 248 86.06 38.71 35.06
N GLN J 249 85.71 39.78 35.76
CA GLN J 249 85.59 39.70 37.23
C GLN J 249 84.44 38.77 37.63
N GLU J 250 83.30 38.88 36.96
CA GLU J 250 82.17 38.00 37.27
C GLU J 250 82.47 36.55 36.91
N GLU J 251 83.32 36.33 35.90
CA GLU J 251 83.70 34.96 35.56
C GLU J 251 84.67 34.39 36.58
N LYS J 252 85.64 35.19 37.03
CA LYS J 252 86.60 34.73 38.03
C LYS J 252 86.01 34.64 39.43
N MET J 253 84.87 35.30 39.67
CA MET J 253 84.23 35.21 40.99
C MET J 253 83.79 33.78 41.29
N LEU J 254 83.48 32.99 40.26
CA LEU J 254 83.06 31.61 40.47
C LEU J 254 84.17 30.78 41.11
N LYS J 255 85.43 31.10 40.83
CA LYS J 255 86.54 30.38 41.44
C LYS J 255 86.51 30.50 42.95
N ASP J 256 86.46 31.73 43.46
CA ASP J 256 86.40 31.93 44.91
C ASP J 256 85.08 31.46 45.48
N MET J 257 84.00 31.53 44.69
CA MET J 257 82.70 31.02 45.18
C MET J 257 82.77 29.52 45.44
N VAL J 258 83.41 28.78 44.53
CA VAL J 258 83.56 27.34 44.73
C VAL J 258 84.60 27.06 45.82
N ALA J 259 85.63 27.89 45.93
CA ALA J 259 86.64 27.69 46.97
C ALA J 259 86.04 27.87 48.36
N GLU J 260 85.11 28.82 48.50
CA GLU J 260 84.44 29.01 49.79
C GLU J 260 83.61 27.80 50.17
N ILE J 261 82.89 27.22 49.21
CA ILE J 261 82.09 26.02 49.49
C ILE J 261 83.01 24.85 49.82
N LYS J 262 84.16 24.75 49.15
CA LYS J 262 85.10 23.68 49.45
C LYS J 262 85.68 23.83 50.86
N ALA J 263 86.01 25.06 51.25
CA ALA J 263 86.56 25.28 52.59
C ALA J 263 85.50 25.12 53.66
N SER J 264 84.23 25.35 53.32
CA SER J 264 83.16 25.18 54.31
C SER J 264 82.92 23.71 54.63
N GLY J 265 83.19 22.81 53.69
CA GLY J 265 83.00 21.40 53.93
C GLY J 265 81.86 20.80 53.13
N ALA J 266 81.99 20.79 51.81
CA ALA J 266 80.96 20.25 50.93
C ALA J 266 81.61 19.71 49.67
N ASN J 267 81.09 18.58 49.19
CA ASN J 267 81.62 17.95 47.99
C ASN J 267 80.54 17.54 46.99
N VAL J 268 79.26 17.75 47.32
CA VAL J 268 78.15 17.41 46.44
C VAL J 268 77.36 18.69 46.16
N LEU J 269 77.10 18.94 44.87
CA LEU J 269 76.39 20.14 44.43
C LEU J 269 75.09 19.70 43.77
N PHE J 270 73.96 20.10 44.37
CA PHE J 270 72.63 19.81 43.84
C PHE J 270 71.95 21.13 43.50
N CYS J 271 71.81 21.41 42.21
CA CYS J 271 71.19 22.63 41.73
C CYS J 271 69.82 22.31 41.12
N GLN J 272 68.91 23.29 41.22
CA GLN J 272 67.56 23.08 40.68
C GLN J 272 67.57 23.11 39.15
N LYS J 273 68.28 24.07 38.57
CA LYS J 273 68.36 24.19 37.11
C LYS J 273 69.52 23.38 36.57
N GLY J 274 70.08 23.83 35.45
CA GLY J 274 71.19 23.15 34.81
C GLY J 274 72.51 23.85 35.06
N ILE J 275 73.59 23.07 35.03
CA ILE J 275 74.94 23.58 35.23
C ILE J 275 75.62 23.72 33.88
N ASP J 276 76.20 24.89 33.64
CA ASP J 276 76.87 25.14 32.37
C ASP J 276 78.15 24.30 32.27
N ASP J 277 78.57 24.05 31.02
CA ASP J 277 79.76 23.24 30.79
C ASP J 277 81.03 23.95 31.23
N LEU J 278 81.03 25.28 31.23
CA LEU J 278 82.21 26.03 31.65
C LEU J 278 82.43 25.98 33.15
N ALA J 279 81.39 25.66 33.93
CA ALA J 279 81.49 25.56 35.37
C ALA J 279 81.81 24.16 35.86
N GLN J 280 82.18 23.25 34.96
CA GLN J 280 82.50 21.88 35.33
C GLN J 280 83.97 21.71 35.71
N HIS J 281 84.88 22.32 34.94
CA HIS J 281 86.31 22.20 35.24
C HIS J 281 86.64 22.73 36.61
N TYR J 282 86.01 23.84 37.02
CA TYR J 282 86.22 24.38 38.35
C TYR J 282 85.77 23.41 39.44
N LEU J 283 84.87 22.49 39.11
CA LEU J 283 84.43 21.47 40.05
C LEU J 283 85.24 20.18 39.93
N ALA J 284 86.14 20.10 38.95
CA ALA J 284 86.96 18.90 38.74
C ALA J 284 88.32 18.98 39.39
N LYS J 285 88.89 20.19 39.53
CA LYS J 285 90.19 20.36 40.14
C LYS J 285 90.15 20.33 41.66
N GLU J 286 88.97 20.20 42.26
CA GLU J 286 88.83 20.17 43.71
C GLU J 286 88.14 18.92 44.23
N GLY J 287 87.58 18.08 43.35
CA GLY J 287 86.91 16.88 43.79
C GLY J 287 85.53 17.13 44.35
N ILE J 288 84.67 17.77 43.57
CA ILE J 288 83.31 18.11 43.96
C ILE J 288 82.35 17.46 42.97
N VAL J 289 81.35 16.76 43.50
CA VAL J 289 80.36 16.10 42.65
C VAL J 289 79.48 17.15 41.99
N ALA J 290 79.36 17.07 40.66
CA ALA J 290 78.56 18.01 39.89
C ALA J 290 77.26 17.34 39.45
N ALA J 291 76.15 18.00 39.73
CA ALA J 291 74.83 17.50 39.34
C ALA J 291 73.94 18.66 38.94
N ARG J 292 72.88 18.35 38.21
CA ARG J 292 71.95 19.36 37.72
C ARG J 292 70.57 18.73 37.57
N ARG J 293 69.57 19.61 37.45
CA ARG J 293 68.18 19.21 37.26
C ARG J 293 67.71 18.29 38.38
N VAL J 294 67.38 18.86 39.53
CA VAL J 294 66.90 18.11 40.69
C VAL J 294 65.41 18.40 40.85
N LYS J 295 64.59 17.36 40.76
CA LYS J 295 63.16 17.52 40.92
C LYS J 295 62.80 17.83 42.37
N LYS J 296 61.71 18.58 42.55
CA LYS J 296 61.27 18.94 43.89
C LYS J 296 60.90 17.70 44.70
N SER J 297 60.31 16.70 44.06
CA SER J 297 59.97 15.46 44.76
C SER J 297 61.21 14.73 45.24
N ASP J 298 62.32 14.84 44.50
CA ASP J 298 63.58 14.24 44.92
C ASP J 298 64.41 15.17 45.80
N MET J 299 64.12 16.47 45.79
CA MET J 299 64.84 17.42 46.63
C MET J 299 64.26 17.52 48.03
N GLU J 300 62.95 17.32 48.19
CA GLU J 300 62.33 17.40 49.50
C GLU J 300 62.77 16.27 50.42
N LYS J 301 63.30 15.18 49.86
CA LYS J 301 63.77 14.05 50.65
C LYS J 301 65.20 14.22 51.14
N LEU J 302 65.79 15.41 50.98
CA LEU J 302 67.16 15.65 51.42
C LEU J 302 67.24 16.43 52.73
N ALA J 303 66.21 17.19 53.07
CA ALA J 303 66.21 17.97 54.31
C ALA J 303 65.87 17.13 55.53
N LYS J 304 65.05 16.08 55.36
CA LYS J 304 64.66 15.24 56.47
C LYS J 304 65.52 13.98 56.61
N ALA J 305 66.42 13.74 55.66
CA ALA J 305 67.29 12.57 55.69
C ALA J 305 68.74 12.95 55.98
N THR J 306 69.34 13.79 55.14
CA THR J 306 70.73 14.20 55.36
C THR J 306 70.83 15.30 56.42
N GLY J 307 69.90 16.26 56.41
CA GLY J 307 69.92 17.33 57.38
C GLY J 307 70.62 18.57 56.88
N ALA J 308 69.94 19.33 56.02
CA ALA J 308 70.51 20.55 55.46
C ALA J 308 69.37 21.50 55.09
N ASN J 309 69.70 22.79 55.04
CA ASN J 309 68.74 23.83 54.70
C ASN J 309 68.93 24.26 53.25
N VAL J 310 68.11 25.22 52.83
CA VAL J 310 68.16 25.74 51.47
C VAL J 310 68.63 27.19 51.52
N ILE J 311 69.19 27.64 50.39
CA ILE J 311 69.70 28.99 50.25
C ILE J 311 68.99 29.64 49.06
N THR J 312 68.26 30.73 49.32
CA THR J 312 67.54 31.41 48.26
C THR J 312 68.45 32.26 47.37
N ASN J 313 69.64 32.61 47.86
CA ASN J 313 70.56 33.43 47.08
C ASN J 313 71.85 32.66 46.80
N ILE J 314 72.99 33.31 47.00
CA ILE J 314 74.30 32.69 46.76
C ILE J 314 75.25 33.11 47.88
N LYS J 315 75.04 34.31 48.42
CA LYS J 315 75.88 34.83 49.49
C LYS J 315 75.36 34.50 50.88
N ASP J 316 74.29 33.71 50.97
CA ASP J 316 73.71 33.33 52.26
C ASP J 316 74.17 31.96 52.72
N LEU J 317 75.24 31.44 52.15
CA LEU J 317 75.78 30.13 52.51
C LEU J 317 76.95 30.31 53.46
N SER J 318 76.90 29.60 54.60
CA SER J 318 77.96 29.68 55.59
C SER J 318 78.51 28.30 55.91
N ALA J 319 78.20 27.79 57.10
CA ALA J 319 78.67 26.48 57.53
C ALA J 319 77.58 25.60 58.14
N GLN J 320 76.51 26.19 58.66
CA GLN J 320 75.43 25.41 59.26
C GLN J 320 74.42 24.90 58.24
N ASP J 321 74.48 25.38 57.01
CA ASP J 321 73.56 24.96 55.95
C ASP J 321 74.14 23.82 55.11
N LEU J 322 74.88 22.91 55.72
CA LEU J 322 75.47 21.78 55.04
C LEU J 322 74.98 20.47 55.64
N GLY J 323 75.07 19.41 54.83
CA GLY J 323 74.63 18.09 55.28
C GLY J 323 75.76 17.09 55.35
N ASP J 324 75.41 15.81 55.27
CA ASP J 324 76.39 14.74 55.33
C ASP J 324 75.88 13.55 54.55
N ALA J 325 76.77 12.91 53.79
CA ALA J 325 76.40 11.74 52.99
C ALA J 325 77.40 10.62 53.17
N GLY J 326 77.31 9.59 52.33
CA GLY J 326 78.21 8.46 52.42
C GLY J 326 78.95 8.19 51.12
N LEU J 327 78.23 7.76 50.09
CA LEU J 327 78.84 7.45 48.81
C LEU J 327 77.86 7.82 47.70
N VAL J 328 78.29 8.70 46.80
CA VAL J 328 77.48 9.12 45.65
C VAL J 328 78.05 8.46 44.41
N GLU J 329 77.21 7.72 43.70
CA GLU J 329 77.62 7.00 42.51
C GLU J 329 76.59 7.20 41.40
N GLU J 330 77.06 7.06 40.15
CA GLU J 330 76.21 7.20 38.97
C GLU J 330 76.45 5.96 38.10
N ARG J 331 75.60 4.96 38.26
CA ARG J 331 75.70 3.72 37.51
C ARG J 331 74.63 3.66 36.42
N LYS J 332 74.93 2.93 35.35
CA LYS J 332 74.00 2.74 34.23
C LYS J 332 73.38 1.36 34.37
N ILE J 333 72.24 1.30 35.04
CA ILE J 333 71.53 0.05 35.30
C ILE J 333 70.16 0.14 34.65
N SER J 334 69.75 -0.96 34.01
CA SER J 334 68.45 -1.05 33.33
C SER J 334 68.30 0.02 32.25
N GLY J 335 69.37 0.23 31.48
CA GLY J 335 69.35 1.18 30.40
C GLY J 335 69.65 2.60 30.82
N ASP J 336 68.74 3.22 31.57
CA ASP J 336 68.91 4.60 31.99
C ASP J 336 70.00 4.69 33.08
N SER J 337 70.43 5.92 33.34
CA SER J 337 71.44 6.19 34.36
C SER J 337 70.79 6.92 35.52
N MET J 338 71.04 6.44 36.73
CA MET J 338 70.48 7.01 37.95
C MET J 338 71.59 7.27 38.95
N ILE J 339 71.33 8.20 39.88
CA ILE J 339 72.28 8.59 40.90
C ILE J 339 71.86 7.94 42.22
N PHE J 340 72.80 7.23 42.84
CA PHE J 340 72.57 6.55 44.11
C PHE J 340 73.44 7.19 45.18
N VAL J 341 72.81 7.66 46.25
CA VAL J 341 73.51 8.25 47.39
C VAL J 341 73.25 7.32 48.58
N GLU J 342 74.27 6.58 48.98
CA GLU J 342 74.17 5.63 50.07
C GLU J 342 74.79 6.20 51.34
N GLU J 343 74.34 5.66 52.48
CA GLU J 343 74.78 6.07 53.80
C GLU J 343 74.49 7.54 54.05
N CYS J 344 73.28 7.84 54.55
CA CYS J 344 72.90 9.21 54.83
C CYS J 344 73.10 9.51 56.32
N LYS J 345 72.01 9.58 57.07
CA LYS J 345 72.09 9.86 58.51
C LYS J 345 70.86 9.33 59.23
N HIS J 346 69.66 9.72 58.77
CA HIS J 346 68.39 9.29 59.35
C HIS J 346 67.62 8.51 58.30
N PRO J 347 67.76 7.18 58.27
CA PRO J 347 67.02 6.38 57.29
C PRO J 347 65.53 6.30 57.59
N LYS J 348 64.79 7.34 57.25
CA LYS J 348 63.35 7.36 57.50
C LYS J 348 62.59 6.56 56.46
N ALA J 349 62.59 7.05 55.22
CA ALA J 349 61.90 6.38 54.12
C ALA J 349 62.84 5.39 53.44
N VAL J 350 62.32 4.74 52.39
CA VAL J 350 63.08 3.76 51.62
C VAL J 350 62.59 3.80 50.18
N THR J 351 63.45 3.34 49.27
CA THR J 351 63.15 3.34 47.84
C THR J 351 63.17 1.92 47.31
N MET J 352 62.14 1.58 46.53
CA MET J 352 62.01 0.26 45.93
C MET J 352 61.99 0.40 44.41
N LEU J 353 62.85 -0.37 43.74
CA LEU J 353 62.95 -0.36 42.29
C LEU J 353 62.59 -1.72 41.75
N ILE J 354 61.72 -1.75 40.75
CA ILE J 354 61.27 -2.99 40.11
C ILE J 354 61.70 -2.98 38.66
N ARG J 355 62.36 -4.06 38.23
CA ARG J 355 62.85 -4.21 36.87
C ARG J 355 62.22 -5.46 36.26
N GLY J 356 61.56 -5.28 35.12
CA GLY J 356 60.90 -6.36 34.42
C GLY J 356 61.39 -6.49 32.99
N THR J 357 60.51 -6.95 32.12
CA THR J 357 60.85 -7.15 30.72
C THR J 357 60.27 -6.04 29.85
N THR J 358 58.95 -6.07 29.62
CA THR J 358 58.30 -5.08 28.78
C THR J 358 57.98 -3.81 29.57
N GLU J 359 56.79 -3.25 29.36
CA GLU J 359 56.37 -2.03 30.04
C GLU J 359 55.12 -2.21 30.88
N HIS J 360 54.31 -3.23 30.63
CA HIS J 360 53.10 -3.46 31.40
C HIS J 360 53.32 -4.34 32.62
N VAL J 361 54.50 -4.96 32.75
CA VAL J 361 54.77 -5.80 33.91
C VAL J 361 55.15 -4.94 35.12
N ILE J 362 56.05 -3.98 34.92
CA ILE J 362 56.47 -3.10 36.01
C ILE J 362 55.28 -2.33 36.56
N GLU J 363 54.42 -1.83 35.67
CA GLU J 363 53.20 -1.16 36.11
C GLU J 363 52.32 -2.10 36.92
N GLU J 364 52.32 -3.39 36.57
CA GLU J 364 51.57 -4.36 37.35
C GLU J 364 52.08 -4.44 38.79
N VAL J 365 53.38 -4.19 39.00
CA VAL J 365 53.90 -4.14 40.35
C VAL J 365 53.61 -2.79 40.99
N ALA J 366 53.43 -1.74 40.18
CA ALA J 366 53.13 -0.42 40.72
C ALA J 366 51.82 -0.40 41.49
N ARG J 367 50.84 -1.18 41.04
CA ARG J 367 49.57 -1.31 41.74
C ARG J 367 49.59 -2.42 42.79
N ALA J 368 50.76 -3.01 43.05
CA ALA J 368 50.88 -4.08 44.02
C ALA J 368 51.65 -3.69 45.27
N VAL J 369 52.60 -2.76 45.16
CA VAL J 369 53.37 -2.34 46.33
C VAL J 369 52.53 -1.48 47.26
N ASP J 370 51.78 -0.53 46.71
CA ASP J 370 50.95 0.33 47.54
C ASP J 370 49.88 -0.46 48.28
N ASP J 371 49.41 -1.56 47.70
CA ASP J 371 48.45 -2.44 48.36
C ASP J 371 49.10 -3.47 49.26
N ALA J 372 50.44 -3.49 49.33
CA ALA J 372 51.16 -4.44 50.17
C ALA J 372 51.68 -3.83 51.46
N VAL J 373 51.91 -2.51 51.49
CA VAL J 373 52.40 -1.84 52.69
C VAL J 373 51.21 -1.34 53.51
N GLY J 374 50.10 -1.05 52.84
CA GLY J 374 48.92 -0.56 53.53
C GLY J 374 48.35 -1.55 54.52
N VAL J 375 48.54 -2.85 54.26
CA VAL J 375 48.10 -3.88 55.19
C VAL J 375 49.09 -4.14 56.31
N VAL J 376 50.22 -3.45 56.31
CA VAL J 376 51.23 -3.64 57.36
C VAL J 376 51.11 -2.56 58.43
N GLY J 377 50.96 -1.30 58.01
CA GLY J 377 50.84 -0.21 58.98
C GLY J 377 49.62 -0.35 59.86
N CYS J 378 48.56 -0.98 59.37
CA CYS J 378 47.36 -1.23 60.16
C CYS J 378 47.45 -2.51 60.97
N THR J 379 48.60 -3.20 60.95
CA THR J 379 48.77 -4.43 61.70
C THR J 379 49.44 -4.19 63.05
N ILE J 380 50.51 -3.39 63.06
CA ILE J 380 51.21 -3.11 64.31
C ILE J 380 50.39 -2.19 65.19
N GLU J 381 49.70 -1.21 64.59
CA GLU J 381 48.90 -0.28 65.37
C GLU J 381 47.65 -0.95 65.94
N ASP J 382 47.17 -2.00 65.28
CA ASP J 382 45.99 -2.71 65.76
C ASP J 382 46.36 -4.06 66.37
N GLY J 383 46.48 -5.09 65.53
CA GLY J 383 46.84 -6.41 65.97
C GLY J 383 45.71 -7.40 66.09
N ARG J 384 44.52 -7.07 65.56
CA ARG J 384 43.37 -7.97 65.62
C ARG J 384 43.28 -8.76 64.31
N ILE J 385 44.30 -9.59 64.09
CA ILE J 385 44.38 -10.41 62.89
C ILE J 385 43.40 -11.56 63.01
N VAL J 386 42.52 -11.71 62.02
CA VAL J 386 41.53 -12.77 62.00
C VAL J 386 41.93 -13.81 60.95
N SER J 387 41.08 -14.82 60.78
CA SER J 387 41.33 -15.88 59.81
C SER J 387 40.75 -15.47 58.46
N GLY J 388 41.63 -15.20 57.49
CA GLY J 388 41.20 -14.79 56.17
C GLY J 388 40.81 -15.97 55.29
N GLY J 389 40.49 -15.65 54.05
CA GLY J 389 40.09 -16.66 53.09
C GLY J 389 38.62 -16.98 53.06
N GLY J 390 37.77 -16.04 53.48
CA GLY J 390 36.34 -16.29 53.48
C GLY J 390 35.85 -17.13 54.63
N SER J 391 36.43 -16.95 55.82
CA SER J 391 36.03 -17.71 57.00
C SER J 391 35.27 -16.89 58.03
N THR J 392 35.41 -15.57 58.01
CA THR J 392 34.70 -14.73 58.98
C THR J 392 33.22 -14.62 58.63
N GLU J 393 32.90 -14.52 57.35
CA GLU J 393 31.50 -14.41 56.95
C GLU J 393 30.72 -15.68 57.28
N VAL J 394 31.32 -16.85 57.02
CA VAL J 394 30.66 -18.12 57.34
C VAL J 394 30.50 -18.26 58.85
N GLU J 395 31.46 -17.77 59.62
CA GLU J 395 31.36 -17.86 61.08
C GLU J 395 30.27 -16.94 61.62
N LEU J 396 30.15 -15.74 61.04
CA LEU J 396 29.13 -14.80 61.51
C LEU J 396 27.74 -15.22 61.03
N SER J 397 27.65 -15.94 59.91
CA SER J 397 26.35 -16.39 59.43
C SER J 397 25.73 -17.43 60.35
N MET J 398 26.56 -18.29 60.95
CA MET J 398 26.05 -19.28 61.89
C MET J 398 25.64 -18.65 63.22
N LYS J 399 26.14 -17.47 63.54
CA LYS J 399 25.78 -16.78 64.77
C LYS J 399 24.57 -15.87 64.59
N LEU J 400 24.44 -15.22 63.43
CA LEU J 400 23.30 -14.36 63.19
C LEU J 400 21.99 -15.13 63.14
N ARG J 401 22.03 -16.38 62.65
CA ARG J 401 20.81 -17.18 62.59
C ARG J 401 20.26 -17.47 63.98
N GLU J 402 21.14 -17.77 64.93
CA GLU J 402 20.70 -18.03 66.30
C GLU J 402 20.48 -16.74 67.10
N TYR J 403 21.08 -15.62 66.66
CA TYR J 403 20.83 -14.35 67.33
C TYR J 403 19.51 -13.73 66.92
N ALA J 404 19.07 -13.95 65.68
CA ALA J 404 17.82 -13.39 65.21
C ALA J 404 16.60 -14.09 65.79
N GLU J 405 16.78 -15.21 66.50
CA GLU J 405 15.66 -15.94 67.08
C GLU J 405 15.15 -15.30 68.37
N GLY J 406 15.93 -14.43 69.00
CA GLY J 406 15.52 -13.78 70.23
C GLY J 406 14.60 -12.60 70.07
N ILE J 407 14.34 -12.17 68.83
CA ILE J 407 13.45 -11.05 68.56
C ILE J 407 12.23 -11.54 67.81
N SER J 408 11.15 -10.77 67.91
CA SER J 408 9.89 -11.09 67.26
C SER J 408 9.43 -9.89 66.45
N GLY J 409 8.90 -10.14 65.26
CA GLY J 409 8.43 -9.08 64.39
C GLY J 409 8.94 -9.29 62.98
N ARG J 410 8.69 -8.28 62.15
CA ARG J 410 9.12 -8.31 60.76
C ARG J 410 10.60 -8.01 60.58
N GLU J 411 11.30 -7.62 61.64
CA GLU J 411 12.72 -7.32 61.55
C GLU J 411 13.59 -8.57 61.52
N GLN J 412 13.03 -9.75 61.82
CA GLN J 412 13.81 -10.97 61.78
C GLN J 412 14.15 -11.37 60.35
N LEU J 413 13.24 -11.11 59.40
CA LEU J 413 13.51 -11.44 58.00
C LEU J 413 14.65 -10.60 57.44
N ALA J 414 14.81 -9.37 57.93
CA ALA J 414 15.92 -8.54 57.47
C ALA J 414 17.25 -9.08 57.98
N VAL J 415 17.30 -9.49 59.26
CA VAL J 415 18.53 -10.05 59.81
C VAL J 415 18.87 -11.37 59.13
N ARG J 416 17.85 -12.20 58.87
CA ARG J 416 18.09 -13.46 58.17
C ARG J 416 18.60 -13.21 56.75
N ALA J 417 18.04 -12.22 56.07
CA ALA J 417 18.50 -11.89 54.73
C ALA J 417 19.95 -11.38 54.75
N PHE J 418 20.27 -10.53 55.73
CA PHE J 418 21.65 -10.03 55.84
C PHE J 418 22.61 -11.17 56.16
N ALA J 419 22.18 -12.15 56.94
CA ALA J 419 23.04 -13.28 57.26
C ALA J 419 23.23 -14.19 56.03
N ASP J 420 22.17 -14.39 55.26
CA ASP J 420 22.28 -15.23 54.07
C ASP J 420 23.07 -14.55 52.97
N ALA J 421 23.06 -13.22 52.93
CA ALA J 421 23.82 -12.50 51.91
C ALA J 421 25.31 -12.54 52.16
N LEU J 422 25.74 -12.86 53.37
CA LEU J 422 27.17 -12.93 53.68
C LEU J 422 27.83 -14.16 53.07
N GLU J 423 27.06 -15.12 52.58
CA GLU J 423 27.60 -16.33 51.96
C GLU J 423 27.95 -16.15 50.49
N VAL J 424 27.99 -14.91 50.00
CA VAL J 424 28.33 -14.66 48.61
C VAL J 424 29.84 -14.68 48.37
N ILE J 425 30.63 -14.42 49.41
CA ILE J 425 32.09 -14.40 49.30
C ILE J 425 32.61 -15.81 48.99
N PRO J 426 32.21 -16.87 49.72
CA PRO J 426 32.71 -18.20 49.35
C PRO J 426 32.19 -18.68 48.00
N ARG J 427 31.02 -18.22 47.57
CA ARG J 427 30.52 -18.61 46.25
C ARG J 427 31.29 -17.92 45.13
N THR J 428 31.76 -16.70 45.36
CA THR J 428 32.56 -16.01 44.36
C THR J 428 34.01 -16.48 44.35
N LEU J 429 34.55 -16.84 45.52
CA LEU J 429 35.91 -17.34 45.59
C LEU J 429 36.04 -18.75 45.04
N ALA J 430 34.94 -19.50 44.99
CA ALA J 430 34.95 -20.86 44.46
C ALA J 430 34.39 -20.96 43.05
N GLU J 431 33.82 -19.88 42.52
CA GLU J 431 33.30 -19.92 41.16
C GLU J 431 34.42 -19.96 40.12
N ASN J 432 35.59 -19.40 40.45
CA ASN J 432 36.71 -19.41 39.52
C ASN J 432 37.27 -20.80 39.27
N ALA J 433 36.96 -21.77 40.12
CA ALA J 433 37.43 -23.14 39.96
C ALA J 433 36.39 -23.98 39.25
N GLY J 434 36.73 -25.25 39.03
CA GLY J 434 35.84 -26.17 38.35
C GLY J 434 35.34 -27.29 39.23
N LEU J 435 36.19 -27.74 40.17
CA LEU J 435 35.85 -28.83 41.07
C LEU J 435 35.23 -28.33 42.37
N ASP J 436 34.72 -27.10 42.40
CA ASP J 436 34.11 -26.54 43.59
C ASP J 436 32.59 -26.51 43.46
N ALA J 437 32.06 -25.76 42.50
CA ALA J 437 30.62 -25.66 42.26
C ALA J 437 29.88 -25.19 43.51
N ILE J 438 29.23 -26.13 44.21
CA ILE J 438 28.46 -25.82 45.40
C ILE J 438 28.75 -26.74 46.57
N GLU J 439 29.45 -27.86 46.34
CA GLU J 439 29.72 -28.79 47.44
C GLU J 439 30.66 -28.17 48.47
N ILE J 440 31.55 -27.27 48.05
CA ILE J 440 32.48 -26.64 48.98
C ILE J 440 31.73 -25.81 50.01
N LEU J 441 30.71 -25.07 49.57
CA LEU J 441 29.94 -24.24 50.50
C LEU J 441 29.17 -25.10 51.50
N VAL J 442 28.70 -26.27 51.06
CA VAL J 442 27.97 -27.16 51.98
C VAL J 442 28.94 -27.82 52.96
N LYS J 443 30.16 -28.12 52.51
CA LYS J 443 31.12 -28.77 53.39
C LYS J 443 31.68 -27.81 54.42
N VAL J 444 31.92 -26.55 54.03
CA VAL J 444 32.45 -25.56 54.97
C VAL J 444 31.39 -25.00 55.90
N ARG J 445 30.11 -25.32 55.68
CA ARG J 445 29.04 -24.83 56.53
C ARG J 445 28.79 -25.72 57.74
N ALA J 446 28.76 -27.03 57.54
CA ALA J 446 28.54 -27.97 58.64
C ALA J 446 29.80 -28.25 59.44
N ALA J 447 30.96 -27.75 59.00
CA ALA J 447 32.20 -27.99 59.72
C ALA J 447 32.33 -27.14 60.97
N HIS J 448 31.77 -25.93 60.95
CA HIS J 448 31.82 -25.01 62.08
C HIS J 448 30.64 -25.18 63.02
N ALA J 449 29.92 -26.28 62.94
CA ALA J 449 28.76 -26.53 63.80
C ALA J 449 29.14 -27.14 65.15
N SER J 450 30.42 -27.43 65.37
CA SER J 450 30.86 -28.01 66.64
C SER J 450 31.27 -26.92 67.62
N ASN J 451 32.24 -27.21 68.48
CA ASN J 451 32.70 -26.23 69.46
C ASN J 451 33.76 -25.32 68.85
N GLY J 452 34.93 -25.87 68.54
CA GLY J 452 36.01 -25.09 67.97
C GLY J 452 35.94 -25.01 66.45
N ASN J 453 37.06 -25.27 65.78
CA ASN J 453 37.16 -25.22 64.33
C ASN J 453 36.72 -23.87 63.79
N LYS J 454 37.63 -22.90 63.82
CA LYS J 454 37.35 -21.54 63.35
C LYS J 454 38.32 -21.07 62.28
N CYS J 455 39.59 -21.45 62.37
CA CYS J 455 40.58 -21.02 61.40
C CYS J 455 40.43 -21.68 60.03
N ALA J 456 39.57 -22.68 59.91
CA ALA J 456 39.38 -23.35 58.63
C ALA J 456 38.59 -22.46 57.68
N GLY J 457 38.98 -22.48 56.41
CA GLY J 457 38.31 -21.68 55.40
C GLY J 457 38.28 -22.34 54.04
N LEU J 458 38.95 -21.73 53.06
CA LEU J 458 38.99 -22.26 51.71
C LEU J 458 40.24 -21.74 51.00
N ASN J 459 40.94 -22.63 50.32
CA ASN J 459 42.14 -22.28 49.56
C ASN J 459 42.00 -22.82 48.14
N VAL J 460 42.29 -21.95 47.16
CA VAL J 460 42.18 -22.35 45.75
C VAL J 460 43.42 -23.03 45.22
N PHE J 461 44.40 -23.31 46.08
CA PHE J 461 45.63 -23.97 45.67
C PHE J 461 45.69 -25.44 46.06
N THR J 462 44.56 -26.02 46.46
CA THR J 462 44.53 -27.43 46.85
C THR J 462 43.24 -28.09 46.39
N GLY J 463 42.11 -27.68 46.96
CA GLY J 463 40.83 -28.26 46.60
C GLY J 463 40.04 -28.75 47.79
N ALA J 464 40.73 -29.25 48.81
CA ALA J 464 40.08 -29.75 50.02
C ALA J 464 39.89 -28.59 51.00
N VAL J 465 39.60 -28.90 52.26
CA VAL J 465 39.40 -27.90 53.30
C VAL J 465 40.44 -28.09 54.38
N GLU J 466 41.00 -27.00 54.87
CA GLU J 466 42.01 -27.04 55.92
C GLU J 466 42.05 -25.67 56.59
N ASP J 467 42.97 -25.53 57.55
CA ASP J 467 43.12 -24.26 58.27
C ASP J 467 43.80 -23.23 57.38
N MET J 468 43.46 -21.97 57.62
CA MET J 468 44.01 -20.87 56.84
C MET J 468 45.19 -20.18 57.53
N CYS J 469 45.28 -20.25 58.86
CA CYS J 469 46.39 -19.62 59.56
C CYS J 469 47.70 -20.37 59.38
N GLU J 470 47.64 -21.66 59.08
CA GLU J 470 48.84 -22.46 58.89
C GLU J 470 49.41 -22.37 57.48
N ASN J 471 48.61 -21.92 56.51
CA ASN J 471 49.09 -21.80 55.13
C ASN J 471 49.88 -20.51 54.93
N GLY J 472 49.22 -19.37 55.12
CA GLY J 472 49.87 -18.08 54.96
C GLY J 472 48.90 -16.96 54.62
N VAL J 473 47.63 -17.14 54.98
CA VAL J 473 46.60 -16.15 54.72
C VAL J 473 46.16 -15.58 56.06
N VAL J 474 46.51 -14.33 56.32
CA VAL J 474 46.16 -13.66 57.57
C VAL J 474 45.62 -12.27 57.27
N GLU J 475 44.44 -12.21 56.65
CA GLU J 475 43.84 -10.94 56.30
C GLU J 475 43.41 -10.21 57.57
N PRO J 476 43.72 -8.91 57.70
CA PRO J 476 43.35 -8.18 58.93
C PRO J 476 41.85 -7.97 59.07
N LEU J 477 41.43 -7.38 60.19
CA LEU J 477 40.02 -7.17 60.46
C LEU J 477 39.52 -5.80 60.01
N ARG J 478 40.40 -4.80 59.97
CA ARG J 478 39.98 -3.45 59.59
C ARG J 478 39.46 -3.43 58.16
N VAL J 479 40.12 -4.16 57.26
CA VAL J 479 39.69 -4.20 55.86
C VAL J 479 38.32 -4.86 55.73
N LYS J 480 37.91 -5.68 56.69
CA LYS J 480 36.58 -6.28 56.69
C LYS J 480 35.55 -5.37 57.34
N THR J 481 35.91 -4.74 58.47
CA THR J 481 34.96 -3.85 59.15
C THR J 481 34.64 -2.63 58.29
N GLN J 482 35.65 -2.03 57.66
CA GLN J 482 35.40 -0.89 56.79
C GLN J 482 34.55 -1.28 55.59
N ALA J 483 34.80 -2.48 55.03
CA ALA J 483 34.00 -2.93 53.90
C ALA J 483 32.55 -3.17 54.30
N ILE J 484 32.33 -3.77 55.47
CA ILE J 484 30.96 -3.99 55.94
C ILE J 484 30.27 -2.67 56.21
N GLN J 485 30.98 -1.69 56.78
CA GLN J 485 30.40 -0.38 57.02
C GLN J 485 30.03 0.32 55.72
N SER J 486 30.91 0.24 54.72
CA SER J 486 30.62 0.85 53.42
C SER J 486 29.44 0.17 52.74
N ALA J 487 29.35 -1.16 52.86
CA ALA J 487 28.24 -1.87 52.25
C ALA J 487 26.92 -1.55 52.95
N ALA J 488 26.95 -1.37 54.27
CA ALA J 488 25.74 -1.02 55.01
C ALA J 488 25.33 0.43 54.77
N GLU J 489 26.30 1.32 54.51
CA GLU J 489 25.98 2.71 54.24
C GLU J 489 25.50 2.93 52.80
N SER J 490 26.03 2.14 51.86
CA SER J 490 25.66 2.32 50.46
C SER J 490 24.30 1.71 50.13
N THR J 491 23.89 0.68 50.86
CA THR J 491 22.61 0.02 50.59
C THR J 491 21.42 0.84 51.08
N GLU J 492 21.65 1.86 51.91
CA GLU J 492 20.57 2.69 52.42
C GLU J 492 20.37 3.98 51.62
N MET J 493 21.33 4.34 50.76
CA MET J 493 21.20 5.54 49.95
C MET J 493 20.35 5.33 48.69
N LEU J 494 19.88 4.11 48.45
CA LEU J 494 19.06 3.81 47.29
C LEU J 494 17.62 3.44 47.63
N LEU J 495 17.40 2.74 48.74
CA LEU J 495 16.05 2.37 49.15
C LEU J 495 15.27 3.54 49.71
N ARG J 496 15.95 4.60 50.16
CA ARG J 496 15.30 5.77 50.71
C ARG J 496 15.05 6.86 49.67
N ILE J 497 14.99 6.49 48.39
CA ILE J 497 14.76 7.43 47.31
C ILE J 497 13.32 7.37 46.81
N ASP J 498 12.82 6.16 46.56
CA ASP J 498 11.46 5.94 46.09
C ASP J 498 11.18 6.69 44.79
N ASP J 499 10.82 7.97 44.90
CA ASP J 499 10.53 8.81 43.74
C ASP J 499 11.75 9.64 43.37
N VAL J 500 11.74 10.14 42.13
CA VAL J 500 12.82 10.96 41.60
C VAL J 500 12.22 12.02 40.70
N ILE J 501 12.64 13.27 40.90
CA ILE J 501 12.15 14.39 40.10
C ILE J 501 13.30 15.04 39.37
N ALA J 502 13.02 16.14 38.67
CA ALA J 502 14.04 16.86 37.92
C ALA J 502 13.75 18.35 37.98
N ALA J 503 14.77 19.15 37.68
CA ALA J 503 14.64 20.60 37.70
C ALA J 503 15.62 21.19 36.70
N GLU J 504 15.40 22.48 36.38
CA GLU J 504 16.25 23.20 35.44
C GLU J 504 17.15 24.21 36.13
N LYS J 505 17.15 24.25 37.46
CA LYS J 505 17.98 25.17 38.22
C LYS J 505 19.27 24.50 38.65
N LEU J 506 20.38 25.22 38.51
CA LEU J 506 21.67 24.67 38.89
C LEU J 506 21.77 24.55 40.40
N ARG J 507 22.21 23.38 40.88
CA ARG J 507 22.36 23.10 42.30
C ARG J 507 21.06 23.35 43.07
N MET K 1 -17.03 24.03 29.01
CA MET K 1 -15.99 25.04 29.26
C MET K 1 -15.79 25.25 30.75
N GLY K 2 -16.90 25.31 31.49
CA GLY K 2 -16.81 25.53 32.93
C GLY K 2 -16.30 24.31 33.68
N ARG K 3 -16.58 23.11 33.16
CA ARG K 3 -16.14 21.88 33.79
C ARG K 3 -14.91 21.26 33.13
N ASP K 4 -14.47 21.80 31.99
CA ASP K 4 -13.30 21.28 31.30
C ASP K 4 -12.01 21.88 31.83
N ALA K 5 -11.94 23.20 31.93
CA ALA K 5 -10.76 23.89 32.43
C ALA K 5 -10.64 23.84 33.95
N GLN K 6 -11.68 23.42 34.66
CA GLN K 6 -11.67 23.32 36.11
C GLN K 6 -11.02 22.05 36.62
N ARG K 7 -11.31 20.91 35.99
CA ARG K 7 -10.71 19.65 36.43
C ARG K 7 -9.23 19.58 36.10
N MET K 8 -8.80 20.21 35.01
CA MET K 8 -7.38 20.19 34.65
C MET K 8 -6.56 20.97 35.67
N ASN K 9 -7.08 22.08 36.17
CA ASN K 9 -6.36 22.86 37.18
C ASN K 9 -6.21 22.09 38.48
N ILE K 10 -7.17 21.22 38.81
CA ILE K 10 -7.07 20.42 40.02
C ILE K 10 -6.13 19.24 39.80
N LEU K 11 -6.16 18.64 38.61
CA LEU K 11 -5.26 17.53 38.32
C LEU K 11 -3.81 17.98 38.24
N ALA K 12 -3.57 19.22 37.77
CA ALA K 12 -2.21 19.73 37.73
C ALA K 12 -1.68 20.05 39.11
N GLY K 13 -2.58 20.38 40.05
CA GLY K 13 -2.15 20.66 41.41
C GLY K 13 -2.00 19.43 42.27
N ARG K 14 -2.81 18.40 42.02
CA ARG K 14 -2.71 17.16 42.79
C ARG K 14 -1.40 16.43 42.53
N ILE K 15 -0.78 16.64 41.38
CA ILE K 15 0.49 15.98 41.08
C ILE K 15 1.61 16.58 41.92
N ILE K 16 1.67 17.92 41.99
CA ILE K 16 2.70 18.57 42.78
C ILE K 16 2.37 18.59 44.27
N ALA K 17 1.12 18.34 44.64
CA ALA K 17 0.77 18.32 46.06
C ALA K 17 1.16 17.00 46.71
N GLU K 18 1.08 15.89 45.97
CA GLU K 18 1.43 14.58 46.50
C GLU K 18 2.91 14.25 46.34
N THR K 19 3.72 15.19 45.85
CA THR K 19 5.14 14.92 45.68
C THR K 19 5.88 14.94 47.03
N VAL K 20 5.52 15.88 47.90
CA VAL K 20 6.16 16.00 49.20
C VAL K 20 5.33 15.25 50.25
N ARG K 21 4.49 14.31 49.78
CA ARG K 21 3.68 13.55 50.71
C ARG K 21 4.52 12.58 51.54
N SER K 22 5.49 11.91 50.90
CA SER K 22 6.35 10.98 51.62
C SER K 22 7.37 11.67 52.50
N THR K 23 7.71 12.92 52.22
CA THR K 23 8.69 13.67 52.99
C THR K 23 8.01 14.49 54.09
N LEU K 24 7.29 13.81 54.99
CA LEU K 24 6.60 14.47 56.09
C LEU K 24 6.92 13.86 57.44
N GLY K 25 6.97 12.53 57.53
CA GLY K 25 7.28 11.87 58.78
C GLY K 25 8.75 11.97 59.15
N PRO K 26 9.08 11.60 60.38
CA PRO K 26 10.49 11.67 60.80
C PRO K 26 11.36 10.62 60.14
N LYS K 27 10.81 9.47 59.79
CA LYS K 27 11.59 8.41 59.15
C LYS K 27 11.09 8.15 57.73
N GLY K 28 11.00 9.21 56.93
CA GLY K 28 10.55 9.08 55.56
C GLY K 28 11.68 9.02 54.55
N MET K 29 11.33 8.65 53.33
CA MET K 29 12.30 8.56 52.26
C MET K 29 12.70 9.94 51.76
N ASP K 30 13.88 10.02 51.16
CA ASP K 30 14.41 11.26 50.64
C ASP K 30 14.04 11.42 49.17
N LYS K 31 14.52 12.50 48.56
CA LYS K 31 14.26 12.79 47.16
C LYS K 31 15.57 13.04 46.44
N MET K 32 15.78 12.37 45.31
CA MET K 32 16.97 12.53 44.49
C MET K 32 16.65 13.48 43.34
N LEU K 33 17.36 14.60 43.28
CA LEU K 33 17.15 15.62 42.27
C LEU K 33 18.36 15.68 41.34
N VAL K 34 18.12 15.57 40.04
CA VAL K 34 19.17 15.65 39.04
C VAL K 34 18.96 16.90 38.20
N ASP K 35 20.03 17.34 37.56
CA ASP K 35 20.02 18.52 36.70
C ASP K 35 20.52 18.15 35.31
N ASP K 36 20.54 19.15 34.42
CA ASP K 36 20.99 18.91 33.05
C ASP K 36 22.50 18.74 32.97
N LEU K 37 23.26 19.47 33.81
CA LEU K 37 24.70 19.33 33.80
C LEU K 37 25.16 18.03 34.46
N GLY K 38 24.36 17.49 35.38
CA GLY K 38 24.70 16.26 36.06
C GLY K 38 24.95 16.43 37.54
N ASP K 39 24.12 17.24 38.20
CA ASP K 39 24.25 17.49 39.63
C ASP K 39 23.18 16.68 40.36
N VAL K 40 23.61 15.58 40.99
CA VAL K 40 22.71 14.70 41.73
C VAL K 40 22.77 15.09 43.20
N VAL K 41 21.66 15.58 43.73
CA VAL K 41 21.58 16.00 45.12
C VAL K 41 20.47 15.22 45.81
N VAL K 42 20.54 15.17 47.14
CA VAL K 42 19.57 14.47 47.97
C VAL K 42 18.94 15.48 48.91
N THR K 43 17.61 15.54 48.92
CA THR K 43 16.87 16.47 49.77
C THR K 43 15.83 15.70 50.56
N ASN K 44 15.85 15.87 51.89
CA ASN K 44 14.91 15.21 52.78
C ASN K 44 13.72 16.07 53.15
N ASP K 45 13.89 17.39 53.19
CA ASP K 45 12.81 18.29 53.56
C ASP K 45 11.90 18.52 52.36
N GLY K 46 10.94 19.44 52.49
CA GLY K 46 10.02 19.74 51.42
C GLY K 46 10.10 21.18 50.94
N VAL K 47 10.89 22.00 51.64
CA VAL K 47 11.04 23.39 51.25
C VAL K 47 11.88 23.50 49.98
N THR K 48 12.97 22.74 49.91
CA THR K 48 13.82 22.77 48.71
C THR K 48 13.13 22.10 47.52
N ILE K 49 12.23 21.16 47.78
CA ILE K 49 11.54 20.46 46.70
C ILE K 49 10.64 21.44 45.94
N LEU K 50 9.97 22.35 46.66
CA LEU K 50 9.08 23.30 46.01
C LEU K 50 9.84 24.31 45.17
N ARG K 51 11.09 24.61 45.53
CA ARG K 51 11.88 25.57 44.77
C ARG K 51 12.37 24.96 43.46
N GLU K 52 13.21 23.92 43.55
CA GLU K 52 13.73 23.24 42.37
C GLU K 52 12.67 22.27 41.85
N MET K 53 11.73 22.82 41.08
CA MET K 53 10.64 22.04 40.52
C MET K 53 10.17 22.72 39.24
N SER K 54 9.82 21.89 38.24
CA SER K 54 9.35 22.41 36.96
C SER K 54 8.04 23.16 37.13
N VAL K 55 8.10 24.49 37.08
CA VAL K 55 6.92 25.33 37.24
C VAL K 55 6.41 25.76 35.88
N GLU K 56 6.47 24.85 34.90
CA GLU K 56 6.00 25.17 33.55
C GLU K 56 4.49 25.32 33.48
N HIS K 57 3.76 24.74 34.43
CA HIS K 57 2.30 24.87 34.40
C HIS K 57 1.85 25.99 35.31
N PRO K 58 0.86 26.78 34.88
CA PRO K 58 0.39 27.90 35.72
C PRO K 58 -0.20 27.47 37.04
N ALA K 59 -0.79 26.28 37.12
CA ALA K 59 -1.38 25.83 38.38
C ALA K 59 -0.31 25.46 39.41
N ALA K 60 0.86 25.00 38.96
CA ALA K 60 1.95 24.64 39.85
C ALA K 60 2.89 25.80 40.12
N LYS K 61 2.36 26.96 40.51
CA LYS K 61 3.18 28.14 40.78
C LYS K 61 2.59 28.95 41.93
N MET K 62 1.27 29.12 41.93
CA MET K 62 0.63 29.91 42.97
C MET K 62 0.76 29.24 44.33
N LEU K 63 0.61 27.92 44.39
CA LEU K 63 0.77 27.19 45.65
C LEU K 63 2.20 27.34 46.18
N ILE K 64 3.19 27.25 45.30
CA ILE K 64 4.57 27.40 45.72
C ILE K 64 4.83 28.83 46.20
N GLU K 65 4.25 29.82 45.52
CA GLU K 65 4.44 31.21 45.93
C GLU K 65 3.79 31.46 47.29
N VAL K 66 2.64 30.84 47.55
CA VAL K 66 2.00 30.99 48.86
C VAL K 66 2.80 30.29 49.94
N ALA K 67 3.34 29.11 49.63
CA ALA K 67 4.13 28.37 50.62
C ALA K 67 5.44 29.09 50.94
N LYS K 68 6.02 29.78 49.97
CA LYS K 68 7.26 30.51 50.23
C LYS K 68 7.03 31.69 51.16
N THR K 69 5.84 32.31 51.11
CA THR K 69 5.55 33.42 52.01
C THR K 69 5.30 32.94 53.43
N GLN K 70 4.84 31.69 53.59
CA GLN K 70 4.61 31.14 54.92
C GLN K 70 5.87 30.53 55.51
N GLU K 71 6.77 30.03 54.66
CA GLU K 71 8.00 29.43 55.16
C GLU K 71 8.92 30.47 55.80
N LYS K 72 8.85 31.71 55.35
CA LYS K 72 9.67 32.79 55.89
C LYS K 72 9.16 33.31 57.23
N GLU K 73 8.09 32.73 57.77
CA GLU K 73 7.51 33.15 59.05
C GLU K 73 8.16 32.43 60.22
N VAL K 74 7.91 31.12 60.34
CA VAL K 74 8.48 30.33 61.43
C VAL K 74 9.34 29.22 60.85
N GLY K 75 9.05 28.81 59.62
CA GLY K 75 9.82 27.77 58.95
C GLY K 75 9.66 26.41 59.61
N ASP K 76 8.43 25.88 59.60
CA ASP K 76 8.18 24.58 60.19
C ASP K 76 6.93 23.95 59.58
N GLY K 77 5.91 24.76 59.33
CA GLY K 77 4.67 24.26 58.77
C GLY K 77 4.53 24.54 57.28
N THR K 78 5.47 24.02 56.49
CA THR K 78 5.47 24.21 55.04
C THR K 78 4.97 22.98 54.28
N THR K 79 5.55 21.81 54.56
CA THR K 79 5.13 20.60 53.86
C THR K 79 3.73 20.17 54.29
N THR K 80 3.45 20.24 55.59
CA THR K 80 2.13 19.84 56.09
C THR K 80 1.04 20.73 55.52
N ALA K 81 1.32 22.02 55.30
CA ALA K 81 0.33 22.90 54.70
C ALA K 81 0.00 22.46 53.27
N VAL K 82 1.03 22.10 52.50
CA VAL K 82 0.80 21.63 51.14
C VAL K 82 0.05 20.31 51.15
N VAL K 83 0.34 19.44 52.11
CA VAL K 83 -0.37 18.16 52.20
C VAL K 83 -1.84 18.40 52.52
N VAL K 84 -2.13 19.31 53.45
CA VAL K 84 -3.51 19.61 53.81
C VAL K 84 -4.24 20.24 52.62
N ALA K 85 -3.56 21.13 51.89
CA ALA K 85 -4.18 21.74 50.72
C ALA K 85 -4.50 20.71 49.65
N GLY K 86 -3.57 19.79 49.40
CA GLY K 86 -3.82 18.73 48.43
C GLY K 86 -4.95 17.82 48.86
N GLU K 87 -5.02 17.50 50.15
CA GLU K 87 -6.13 16.68 50.65
C GLU K 87 -7.46 17.39 50.49
N LEU K 88 -7.49 18.70 50.79
CA LEU K 88 -8.72 19.47 50.61
C LEU K 88 -9.14 19.51 49.15
N LEU K 89 -8.17 19.69 48.24
CA LEU K 89 -8.50 19.71 46.81
C LEU K 89 -9.03 18.36 46.35
N ARG K 90 -8.40 17.26 46.80
CA ARG K 90 -8.86 15.94 46.42
C ARG K 90 -10.24 15.64 46.99
N LYS K 91 -10.54 16.14 48.19
CA LYS K 91 -11.86 15.91 48.77
C LYS K 91 -12.92 16.74 48.08
N ALA K 92 -12.58 17.97 47.68
CA ALA K 92 -13.53 18.84 47.00
C ALA K 92 -13.74 18.45 45.54
N GLU K 93 -12.78 17.75 44.93
CA GLU K 93 -12.96 17.30 43.56
C GLU K 93 -14.10 16.30 43.44
N GLU K 94 -14.24 15.41 44.44
CA GLU K 94 -15.31 14.43 44.41
C GLU K 94 -16.67 15.07 44.67
N LEU K 95 -16.70 16.17 45.43
CA LEU K 95 -17.95 16.84 45.73
C LEU K 95 -18.53 17.60 44.55
N LEU K 96 -17.79 17.71 43.44
CA LEU K 96 -18.27 18.40 42.26
C LEU K 96 -19.11 17.51 41.34
N ASP K 97 -19.29 16.24 41.70
CA ASP K 97 -20.07 15.33 40.87
C ASP K 97 -21.57 15.47 41.08
N GLN K 98 -21.99 16.20 42.12
CA GLN K 98 -23.40 16.38 42.42
C GLN K 98 -23.98 17.63 41.76
N ASN K 99 -23.24 18.27 40.85
CA ASN K 99 -23.68 19.47 40.13
C ASN K 99 -24.09 20.57 41.11
N VAL K 100 -23.08 21.06 41.84
CA VAL K 100 -23.27 22.12 42.81
C VAL K 100 -22.46 23.36 42.50
N HIS K 101 -21.31 23.24 41.82
CA HIS K 101 -20.41 24.32 41.42
C HIS K 101 -19.77 24.99 42.64
N PRO K 102 -18.51 25.44 42.53
CA PRO K 102 -17.83 25.98 43.71
C PRO K 102 -18.40 27.31 44.20
N THR K 103 -19.05 27.27 45.36
CA THR K 103 -19.58 28.47 46.00
C THR K 103 -19.83 28.23 47.47
N ILE K 104 -20.67 27.25 47.79
CA ILE K 104 -21.00 26.96 49.18
C ILE K 104 -19.82 26.29 49.89
N VAL K 105 -18.96 25.62 49.14
CA VAL K 105 -17.80 24.95 49.74
C VAL K 105 -16.84 25.99 50.32
N VAL K 106 -16.66 27.11 49.61
CA VAL K 106 -15.78 28.16 50.11
C VAL K 106 -16.33 28.76 51.40
N LYS K 107 -17.64 29.01 51.44
CA LYS K 107 -18.25 29.54 52.66
C LYS K 107 -18.13 28.55 53.81
N GLY K 108 -18.32 27.25 53.52
CA GLY K 108 -18.16 26.25 54.56
C GLY K 108 -16.74 26.18 55.09
N TYR K 109 -15.75 26.28 54.20
CA TYR K 109 -14.35 26.29 54.64
C TYR K 109 -14.04 27.52 55.46
N GLN K 110 -14.57 28.68 55.06
CA GLN K 110 -14.33 29.90 55.82
C GLN K 110 -15.00 29.85 57.18
N ALA K 111 -16.16 29.20 57.27
CA ALA K 111 -16.83 29.07 58.57
C ALA K 111 -16.14 28.04 59.46
N ALA K 112 -15.55 27.01 58.87
CA ALA K 112 -14.86 26.00 59.65
C ALA K 112 -13.48 26.45 60.11
N ALA K 113 -12.83 27.33 59.33
CA ALA K 113 -11.51 27.80 59.71
C ALA K 113 -11.56 28.62 61.00
N GLN K 114 -12.56 29.48 61.13
CA GLN K 114 -12.70 30.28 62.35
C GLN K 114 -12.98 29.40 63.56
N LYS K 115 -13.84 28.38 63.38
CA LYS K 115 -14.12 27.46 64.47
C LYS K 115 -12.88 26.69 64.88
N ALA K 116 -12.08 26.25 63.90
CA ALA K 116 -10.85 25.54 64.22
C ALA K 116 -9.85 26.45 64.94
N GLN K 117 -9.73 27.70 64.50
CA GLN K 117 -8.84 28.63 65.18
C GLN K 117 -9.30 28.93 66.60
N GLU K 118 -10.62 28.98 66.83
CA GLU K 118 -11.13 29.21 68.17
C GLU K 118 -10.94 27.99 69.07
N LEU K 119 -11.06 26.79 68.49
CA LEU K 119 -10.88 25.57 69.28
C LEU K 119 -9.41 25.30 69.59
N LEU K 120 -8.49 25.72 68.70
CA LEU K 120 -7.08 25.50 68.96
C LEU K 120 -6.57 26.34 70.13
N LYS K 121 -7.18 27.52 70.34
CA LYS K 121 -6.77 28.40 71.44
C LYS K 121 -7.31 27.95 72.79
N THR K 122 -8.13 26.91 72.84
CA THR K 122 -8.69 26.41 74.09
C THR K 122 -8.16 25.05 74.49
N ILE K 123 -7.27 24.44 73.71
CA ILE K 123 -6.72 23.13 74.02
C ILE K 123 -5.24 23.22 74.41
N ALA K 124 -4.75 24.41 74.71
CA ALA K 124 -3.37 24.62 75.09
C ALA K 124 -3.27 24.94 76.58
N CYS K 125 -2.06 25.17 77.03
CA CYS K 125 -1.76 25.48 78.43
C CYS K 125 -0.98 26.80 78.50
N GLU K 126 -0.53 27.12 79.72
CA GLU K 126 0.23 28.34 79.97
C GLU K 126 1.65 27.95 80.36
N VAL K 127 2.63 28.42 79.58
CA VAL K 127 4.04 28.14 79.82
C VAL K 127 4.71 29.46 80.12
N GLY K 128 5.19 29.63 81.35
CA GLY K 128 5.85 30.84 81.76
C GLY K 128 7.32 30.87 81.36
N ALA K 129 7.98 31.96 81.75
CA ALA K 129 9.40 32.14 81.45
C ALA K 129 10.32 31.56 82.50
N GLN K 130 9.77 31.05 83.62
CA GLN K 130 10.59 30.49 84.68
C GLN K 130 10.88 29.01 84.48
N ASP K 131 10.39 28.40 83.40
CA ASP K 131 10.62 26.99 83.14
C ASP K 131 11.97 26.77 82.48
N LYS K 132 12.39 25.51 82.45
CA LYS K 132 13.67 25.14 81.83
C LYS K 132 13.60 23.73 81.28
N GLU K 133 12.98 22.81 82.03
CA GLU K 133 12.85 21.43 81.57
C GLU K 133 11.86 21.30 80.42
N ILE K 134 10.96 22.28 80.25
CA ILE K 134 10.00 22.22 79.15
C ILE K 134 10.59 22.76 77.86
N LEU K 135 11.54 23.69 77.96
CA LEU K 135 12.10 24.34 76.78
C LEU K 135 13.09 23.47 76.03
N THR K 136 13.46 22.30 76.56
CA THR K 136 14.41 21.43 75.89
C THR K 136 13.75 20.35 75.05
N LYS K 137 12.52 19.95 75.39
CA LYS K 137 11.84 18.93 74.60
C LYS K 137 11.49 19.43 73.20
N ILE K 138 11.14 20.72 73.07
CA ILE K 138 10.82 21.28 71.76
C ILE K 138 12.07 21.31 70.89
N ALA K 139 13.24 21.58 71.49
CA ALA K 139 14.47 21.57 70.72
C ALA K 139 14.91 20.15 70.40
N MET K 140 14.60 19.18 71.27
CA MET K 140 14.96 17.79 70.99
C MET K 140 14.11 17.22 69.87
N THR K 141 12.81 17.52 69.88
CA THR K 141 11.91 17.01 68.84
C THR K 141 12.00 17.79 67.54
N SER K 142 12.73 18.90 67.51
CA SER K 142 12.85 19.68 66.29
C SER K 142 13.79 19.03 65.29
N ILE K 143 14.69 18.15 65.74
CA ILE K 143 15.62 17.48 64.85
C ILE K 143 15.28 15.99 64.80
N THR K 144 14.43 15.61 63.85
CA THR K 144 14.03 14.23 63.67
C THR K 144 14.33 13.71 62.27
N GLY K 145 13.77 14.34 61.24
CA GLY K 145 14.04 13.92 59.87
C GLY K 145 15.41 14.32 59.36
N LYS K 146 16.10 15.20 60.09
CA LYS K 146 17.44 15.61 59.66
C LYS K 146 18.45 14.51 59.92
N GLY K 147 18.57 14.07 61.17
CA GLY K 147 19.51 13.03 61.53
C GLY K 147 19.50 12.70 63.01
N ALA K 148 18.60 11.82 63.42
CA ALA K 148 18.46 11.44 64.81
C ALA K 148 19.51 10.42 65.26
N GLU K 149 20.38 9.98 64.35
CA GLU K 149 21.41 9.01 64.70
C GLU K 149 22.63 9.65 65.36
N LYS K 150 22.62 10.97 65.55
CA LYS K 150 23.74 11.65 66.19
C LYS K 150 23.28 12.95 66.85
N ALA K 151 22.05 13.37 66.54
CA ALA K 151 21.48 14.60 67.09
C ALA K 151 20.17 14.25 67.79
N LYS K 152 20.26 13.99 69.09
CA LYS K 152 19.09 13.65 69.89
C LYS K 152 19.34 13.93 71.37
N GLU K 153 20.59 14.19 71.73
CA GLU K 153 20.93 14.47 73.13
C GLU K 153 22.00 15.56 73.22
N LYS K 154 23.00 15.49 72.35
CA LYS K 154 24.07 16.49 72.36
C LYS K 154 23.58 17.81 71.79
N LEU K 155 22.76 17.77 70.75
CA LEU K 155 22.23 18.98 70.14
C LEU K 155 20.98 19.50 70.82
N ALA K 156 20.58 18.90 71.95
CA ALA K 156 19.40 19.34 72.68
C ALA K 156 19.73 20.06 73.98
N GLU K 157 21.02 20.16 74.34
CA GLU K 157 21.43 20.83 75.56
C GLU K 157 22.27 22.07 75.31
N ILE K 158 22.63 22.37 74.06
CA ILE K 158 23.42 23.55 73.74
C ILE K 158 22.59 24.63 73.05
N ILE K 159 21.40 24.32 72.55
CA ILE K 159 20.56 25.33 71.92
C ILE K 159 19.79 26.12 72.97
N VAL K 160 19.27 25.44 73.99
CA VAL K 160 18.51 26.12 75.04
C VAL K 160 19.43 27.02 75.85
N GLU K 161 20.65 26.56 76.13
CA GLU K 161 21.60 27.38 76.88
C GLU K 161 22.12 28.56 76.08
N ALA K 162 22.02 28.51 74.75
CA ALA K 162 22.47 29.60 73.91
C ALA K 162 21.37 30.62 73.61
N VAL K 163 20.14 30.17 73.43
CA VAL K 163 19.04 31.09 73.15
C VAL K 163 18.62 31.82 74.41
N SER K 164 18.50 31.11 75.54
CA SER K 164 18.09 31.72 76.79
C SER K 164 19.17 32.66 77.32
N ALA K 165 19.25 33.86 76.77
CA ALA K 165 20.24 34.85 77.20
C ALA K 165 19.60 36.24 77.23
N VAL K 166 18.94 36.62 76.14
CA VAL K 166 18.25 37.90 76.05
C VAL K 166 16.75 37.74 75.84
N VAL K 167 16.25 36.51 75.76
CA VAL K 167 14.81 36.30 75.56
C VAL K 167 14.07 36.31 76.89
N ASP K 168 14.68 35.75 77.94
CA ASP K 168 14.02 35.72 79.25
C ASP K 168 13.95 37.12 79.87
N ASP K 169 14.92 37.98 79.55
CA ASP K 169 14.90 39.34 80.09
C ASP K 169 13.86 40.20 79.36
N GLU K 170 13.89 40.19 78.03
CA GLU K 170 12.95 40.95 77.21
C GLU K 170 12.13 39.95 76.38
N GLY K 171 10.89 39.73 76.81
CA GLY K 171 10.03 38.80 76.11
C GLY K 171 9.19 39.45 75.03
N LYS K 172 9.85 40.11 74.08
CA LYS K 172 9.15 40.78 72.99
C LYS K 172 10.05 40.90 71.77
N VAL K 173 11.21 41.53 71.93
CA VAL K 173 12.17 41.72 70.85
C VAL K 173 13.42 40.91 71.18
N ASP K 174 13.74 39.95 70.33
CA ASP K 174 14.91 39.09 70.50
C ASP K 174 15.53 38.75 69.17
N LYS K 175 15.61 39.74 68.28
CA LYS K 175 16.19 39.53 66.94
C LYS K 175 17.71 39.49 67.07
N ASP K 176 18.28 38.31 66.88
CA ASP K 176 19.72 38.11 66.95
C ASP K 176 20.27 37.78 65.57
N LEU K 177 21.59 37.60 65.50
CA LEU K 177 22.29 37.27 64.25
C LEU K 177 23.06 35.98 64.48
N ILE K 178 22.47 34.87 64.05
CA ILE K 178 23.08 33.55 64.18
C ILE K 178 23.64 33.14 62.82
N LYS K 179 24.93 32.83 62.79
CA LYS K 179 25.62 32.44 61.56
C LYS K 179 26.17 31.02 61.73
N ILE K 180 25.88 30.17 60.76
CA ILE K 180 26.33 28.78 60.75
C ILE K 180 27.35 28.62 59.64
N GLU K 181 28.55 28.17 59.99
CA GLU K 181 29.64 27.98 59.04
C GLU K 181 29.66 26.52 58.57
N LYS K 182 29.87 26.33 57.27
CA LYS K 182 29.90 25.00 56.66
C LYS K 182 31.36 24.59 56.48
N LYS K 183 31.90 23.86 57.45
CA LYS K 183 33.27 23.37 57.41
C LYS K 183 33.31 21.92 57.86
N SER K 184 34.19 21.14 57.26
CA SER K 184 34.34 19.74 57.58
C SER K 184 35.44 19.55 58.63
N GLY K 185 35.75 18.28 58.92
CA GLY K 185 36.77 17.98 59.89
C GLY K 185 37.25 16.54 59.81
N ALA K 186 37.17 15.82 60.94
CA ALA K 186 37.60 14.43 60.98
C ALA K 186 36.82 13.64 62.03
N SER K 187 36.19 14.34 62.96
CA SER K 187 35.42 13.70 64.02
C SER K 187 34.07 13.23 63.46
N ILE K 188 33.33 12.49 64.28
CA ILE K 188 32.03 11.98 63.90
C ILE K 188 31.02 13.11 63.85
N ASP K 189 30.75 13.71 65.01
CA ASP K 189 29.79 14.83 65.10
C ASP K 189 30.17 15.65 66.33
N ASP K 190 30.78 16.81 66.10
CA ASP K 190 31.20 17.71 67.15
C ASP K 190 30.47 19.04 67.03
N THR K 191 30.03 19.57 68.17
CA THR K 191 29.30 20.83 68.22
C THR K 191 29.99 21.76 69.20
N GLU K 192 30.46 22.90 68.70
CA GLU K 192 31.13 23.91 69.51
C GLU K 192 30.26 25.15 69.60
N LEU K 193 30.17 25.72 70.80
CA LEU K 193 29.36 26.91 71.06
C LEU K 193 30.33 28.02 71.50
N ILE K 194 30.74 28.86 70.55
CA ILE K 194 31.70 29.92 70.84
C ILE K 194 30.97 31.08 71.49
N LYS K 195 31.45 31.50 72.66
CA LYS K 195 30.86 32.63 73.38
C LYS K 195 31.66 33.90 73.13
N GLY K 196 31.87 34.19 71.84
CA GLY K 196 32.63 35.36 71.45
C GLY K 196 32.56 35.66 69.97
N VAL K 197 33.71 35.96 69.37
CA VAL K 197 33.81 36.33 67.96
C VAL K 197 34.63 35.27 67.24
N LEU K 198 34.14 34.83 66.08
CA LEU K 198 34.81 33.84 65.26
C LEU K 198 35.12 34.45 63.90
N VAL K 199 36.38 34.41 63.49
CA VAL K 199 36.84 34.93 62.21
C VAL K 199 37.36 33.77 61.39
N ASP K 200 36.85 33.63 60.17
CA ASP K 200 37.23 32.53 59.27
C ASP K 200 38.19 33.08 58.22
N LYS K 201 39.44 33.27 58.63
CA LYS K 201 40.48 33.75 57.73
C LYS K 201 41.84 33.37 58.30
N GLU K 202 42.71 32.86 57.44
CA GLU K 202 44.04 32.45 57.83
C GLU K 202 45.04 33.56 57.50
N ARG K 203 46.32 33.21 57.49
CA ARG K 203 47.39 34.17 57.19
C ARG K 203 48.39 33.48 56.25
N VAL K 204 49.58 34.06 56.16
CA VAL K 204 50.63 33.52 55.30
C VAL K 204 51.98 33.68 56.00
N SER K 205 52.04 34.60 56.96
CA SER K 205 53.26 34.88 57.72
C SER K 205 52.97 34.62 59.19
N ALA K 206 53.43 33.48 59.70
CA ALA K 206 53.22 33.10 61.10
C ALA K 206 54.38 33.63 61.94
N GLN K 207 54.45 34.96 62.03
CA GLN K 207 55.50 35.63 62.80
C GLN K 207 54.91 36.60 63.83
N MET K 208 53.65 36.39 64.22
CA MET K 208 52.99 37.26 65.18
C MET K 208 52.44 36.44 66.34
N PRO K 209 52.49 36.97 67.56
CA PRO K 209 51.95 36.22 68.71
C PRO K 209 50.44 36.06 68.60
N LYS K 210 49.92 35.12 69.38
CA LYS K 210 48.49 34.82 69.39
C LYS K 210 47.97 34.59 70.80
N LYS K 211 48.56 35.26 71.78
CA LYS K 211 48.14 35.10 73.18
C LYS K 211 48.43 36.43 73.91
N VAL K 212 47.44 37.32 73.91
CA VAL K 212 47.55 38.61 74.56
C VAL K 212 46.43 38.72 75.60
N THR K 213 46.79 39.10 76.82
CA THR K 213 45.82 39.21 77.89
C THR K 213 45.17 40.59 77.89
N ASP K 214 43.86 40.60 78.15
CA ASP K 214 43.03 41.82 78.20
C ASP K 214 43.39 42.79 77.06
N ALA K 215 43.44 42.25 75.85
CA ALA K 215 43.73 43.06 74.68
C ALA K 215 42.53 43.92 74.30
N LYS K 216 42.80 44.98 73.54
CA LYS K 216 41.77 45.90 73.08
C LYS K 216 41.67 45.84 71.56
N ILE K 217 40.45 45.77 71.05
CA ILE K 217 40.20 45.69 69.62
C ILE K 217 40.02 47.10 69.05
N ALA K 218 40.78 47.42 68.01
CA ALA K 218 40.71 48.70 67.33
C ALA K 218 40.34 48.48 65.88
N LEU K 219 39.19 49.01 65.46
CA LEU K 219 38.69 48.83 64.11
C LEU K 219 39.22 49.96 63.22
N LEU K 220 40.02 49.60 62.22
CA LEU K 220 40.57 50.55 61.27
C LEU K 220 40.24 50.10 59.86
N ASN K 221 39.70 51.01 59.06
CA ASN K 221 39.32 50.69 57.69
C ASN K 221 40.50 50.90 56.74
N CYS K 222 40.26 51.55 55.61
CA CYS K 222 41.31 51.80 54.62
C CYS K 222 42.00 53.12 54.88
N ALA K 223 42.56 53.72 53.83
CA ALA K 223 43.27 55.00 53.91
C ALA K 223 44.43 54.92 54.91
N ILE K 224 45.16 53.80 54.87
CA ILE K 224 46.29 53.59 55.76
C ILE K 224 47.59 53.42 54.99
N GLU K 225 47.56 52.66 53.89
CA GLU K 225 48.76 52.43 53.09
C GLU K 225 49.15 53.68 52.33
N ILE K 226 50.26 53.60 51.60
CA ILE K 226 50.75 54.75 50.84
C ILE K 226 49.92 54.96 49.59
N LYS K 227 49.54 53.88 48.91
CA LYS K 227 48.76 53.96 47.67
C LYS K 227 47.61 52.97 47.75
N GLU K 228 46.39 53.49 47.77
CA GLU K 228 45.20 52.64 47.81
C GLU K 228 44.06 53.25 47.00
N THR K 229 44.13 54.57 46.78
CA THR K 229 43.11 55.26 46.00
C THR K 229 43.74 56.03 44.84
N GLU K 230 43.39 57.31 44.72
CA GLU K 230 43.92 58.16 43.66
C GLU K 230 44.08 59.58 44.20
N THR K 231 44.84 60.39 43.46
CA THR K 231 45.10 61.77 43.83
C THR K 231 44.91 62.65 42.61
N ASP K 232 44.05 63.67 42.74
CA ASP K 232 43.79 64.57 41.63
C ASP K 232 44.90 65.61 41.47
N ALA K 233 45.35 66.18 42.57
CA ALA K 233 46.42 67.19 42.54
C ALA K 233 47.75 66.49 42.31
N GLU K 234 48.25 66.57 41.08
CA GLU K 234 49.51 65.93 40.75
C GLU K 234 50.68 66.73 41.32
N ILE K 235 51.80 66.04 41.53
CA ILE K 235 53.01 66.63 42.08
C ILE K 235 54.13 66.49 41.06
N ARG K 236 55.23 67.19 41.34
CA ARG K 236 56.41 67.17 40.47
C ARG K 236 57.64 66.88 41.30
N ILE K 237 58.76 66.67 40.61
CA ILE K 237 60.04 66.38 41.25
C ILE K 237 61.07 67.40 40.80
N THR K 238 61.99 67.73 41.71
CA THR K 238 63.04 68.70 41.42
C THR K 238 64.42 68.07 41.62
N ASP K 239 64.75 67.62 42.83
CA ASP K 239 66.04 67.01 43.11
C ASP K 239 65.89 65.53 43.42
N PRO K 240 66.85 64.70 42.99
CA PRO K 240 66.75 63.26 43.30
C PRO K 240 66.84 62.94 44.77
N ALA K 241 67.45 63.80 45.58
CA ALA K 241 67.57 63.57 47.01
C ALA K 241 66.31 63.92 47.79
N LYS K 242 65.27 64.40 47.12
CA LYS K 242 64.02 64.76 47.78
C LYS K 242 62.99 63.63 47.77
N LEU K 243 62.88 62.89 46.65
CA LEU K 243 61.94 61.79 46.59
C LEU K 243 62.32 60.68 47.56
N MET K 244 63.62 60.36 47.65
CA MET K 244 64.06 59.33 48.59
C MET K 244 63.82 59.77 50.02
N GLU K 245 64.04 61.06 50.32
CA GLU K 245 63.78 61.56 51.67
C GLU K 245 62.30 61.48 52.00
N PHE K 246 61.43 61.83 51.04
CA PHE K 246 60.00 61.72 51.28
C PHE K 246 59.56 60.27 51.48
N ILE K 247 60.14 59.35 50.71
CA ILE K 247 59.81 57.94 50.89
C ILE K 247 60.26 57.45 52.26
N GLU K 248 61.45 57.84 52.68
CA GLU K 248 61.94 57.44 54.00
C GLU K 248 61.07 58.02 55.12
N GLN K 249 60.62 59.27 54.95
CA GLN K 249 59.75 59.88 55.94
C GLN K 249 58.40 59.17 56.01
N GLU K 250 57.81 58.85 54.86
CA GLU K 250 56.55 58.13 54.85
C GLU K 250 56.70 56.72 55.41
N GLU K 251 57.88 56.12 55.26
CA GLU K 251 58.09 54.78 55.82
C GLU K 251 58.26 54.86 57.34
N LYS K 252 58.98 55.86 57.82
CA LYS K 252 59.18 56.02 59.26
C LYS K 252 57.94 56.56 59.98
N MET K 253 57.00 57.15 59.22
CA MET K 253 55.77 57.64 59.85
C MET K 253 54.95 56.49 60.45
N LEU K 254 55.07 55.29 59.90
CA LEU K 254 54.34 54.14 60.42
C LEU K 254 54.76 53.83 61.86
N LYS K 255 56.02 54.08 62.21
CA LYS K 255 56.48 53.83 63.57
C LYS K 255 55.69 54.66 64.57
N ASP K 256 55.64 55.97 64.36
CA ASP K 256 54.88 56.83 65.28
C ASP K 256 53.38 56.57 65.16
N MET K 257 52.91 56.17 63.98
CA MET K 257 51.49 55.85 63.83
C MET K 257 51.10 54.66 64.71
N VAL K 258 51.96 53.63 64.75
CA VAL K 258 51.69 52.49 65.61
C VAL K 258 51.92 52.84 67.08
N ALA K 259 52.90 53.72 67.35
CA ALA K 259 53.15 54.12 68.74
C ALA K 259 51.96 54.90 69.31
N GLU K 260 51.31 55.71 68.48
CA GLU K 260 50.12 56.44 68.94
C GLU K 260 48.99 55.49 69.28
N ILE K 261 48.78 54.46 68.47
CA ILE K 261 47.74 53.47 68.76
C ILE K 261 48.08 52.69 70.02
N LYS K 262 49.36 52.38 70.21
CA LYS K 262 49.77 51.67 71.42
C LYS K 262 49.56 52.52 72.66
N ALA K 263 49.88 53.81 72.59
CA ALA K 263 49.68 54.69 73.74
C ALA K 263 48.21 54.98 73.99
N SER K 264 47.37 54.90 72.94
CA SER K 264 45.95 55.13 73.13
C SER K 264 45.28 53.99 73.88
N GLY K 265 45.81 52.78 73.76
CA GLY K 265 45.25 51.63 74.44
C GLY K 265 44.59 50.64 73.51
N ALA K 266 45.38 50.00 72.65
CA ALA K 266 44.88 49.02 71.71
C ALA K 266 45.96 48.00 71.40
N ASN K 267 45.56 46.73 71.28
CA ASN K 267 46.50 45.65 70.99
C ASN K 267 46.03 44.73 69.87
N VAL K 268 44.84 44.97 69.31
CA VAL K 268 44.31 44.14 68.22
C VAL K 268 44.06 45.06 67.03
N LEU K 269 44.56 44.66 65.87
CA LEU K 269 44.43 45.42 64.63
C LEU K 269 43.60 44.61 63.64
N PHE K 270 42.44 45.15 63.26
CA PHE K 270 41.55 44.52 62.29
C PHE K 270 41.42 45.46 61.09
N CYS K 271 42.05 45.08 59.98
CA CYS K 271 42.02 45.87 58.75
C CYS K 271 41.13 45.18 57.71
N GLN K 272 40.52 45.99 56.85
CA GLN K 272 39.64 45.45 55.82
C GLN K 272 40.45 44.76 54.72
N LYS K 273 41.54 45.37 54.28
CA LYS K 273 42.37 44.78 53.24
C LYS K 273 43.46 43.91 53.85
N GLY K 274 44.60 43.81 53.16
CA GLY K 274 45.72 43.01 53.62
C GLY K 274 46.82 43.86 54.21
N ILE K 275 47.58 43.26 55.13
CA ILE K 275 48.69 43.92 55.80
C ILE K 275 49.99 43.45 55.15
N ASP K 276 50.85 44.41 54.78
CA ASP K 276 52.10 44.08 54.14
C ASP K 276 53.06 43.41 55.14
N ASP K 277 53.99 42.63 54.60
CA ASP K 277 54.94 41.91 55.45
C ASP K 277 55.91 42.85 56.14
N LEU K 278 56.18 44.03 55.55
CA LEU K 278 57.08 44.98 56.17
C LEU K 278 56.47 45.66 57.38
N ALA K 279 55.15 45.67 57.49
CA ALA K 279 54.47 46.29 58.62
C ALA K 279 54.19 45.32 59.76
N GLN K 280 54.80 44.13 59.73
CA GLN K 280 54.59 43.13 60.77
C GLN K 280 55.58 43.28 61.92
N HIS K 281 56.85 43.54 61.61
CA HIS K 281 57.86 43.69 62.65
C HIS K 281 57.52 44.84 63.59
N TYR K 282 57.03 45.96 63.03
CA TYR K 282 56.62 47.08 63.86
C TYR K 282 55.48 46.71 64.80
N LEU K 283 54.71 45.68 64.48
CA LEU K 283 53.66 45.19 65.36
C LEU K 283 54.13 44.07 66.28
N ALA K 284 55.37 43.61 66.13
CA ALA K 284 55.91 42.54 66.96
C ALA K 284 56.74 43.04 68.13
N LYS K 285 57.37 44.21 68.01
CA LYS K 285 58.18 44.76 69.08
C LYS K 285 57.34 45.46 70.15
N GLU K 286 56.03 45.53 69.98
CA GLU K 286 55.15 46.18 70.95
C GLU K 286 54.05 45.27 71.48
N GLY K 287 53.88 44.08 70.93
CA GLY K 287 52.84 43.17 71.40
C GLY K 287 51.47 43.55 70.92
N ILE K 288 51.29 43.66 69.61
CA ILE K 288 50.02 44.03 69.00
C ILE K 288 49.60 42.90 68.06
N VAL K 289 48.35 42.45 68.19
CA VAL K 289 47.85 41.39 67.34
C VAL K 289 47.68 41.91 65.92
N ALA K 290 48.25 41.20 64.95
CA ALA K 290 48.17 41.58 63.55
C ALA K 290 47.19 40.68 62.82
N ALA K 291 46.25 41.29 62.10
CA ALA K 291 45.25 40.55 61.34
C ALA K 291 44.96 41.30 60.04
N ARG K 292 44.39 40.58 59.09
CA ARG K 292 44.07 41.15 57.78
C ARG K 292 42.89 40.42 57.18
N ARG K 293 42.29 41.03 56.16
CA ARG K 293 41.15 40.48 55.44
C ARG K 293 40.00 40.17 56.38
N VAL K 294 39.23 41.20 56.76
CA VAL K 294 38.09 41.04 57.64
C VAL K 294 36.83 41.25 56.82
N LYS K 295 35.98 40.22 56.77
CA LYS K 295 34.74 40.31 56.02
C LYS K 295 33.75 41.25 56.71
N LYS K 296 32.91 41.89 55.91
CA LYS K 296 31.91 42.81 56.47
C LYS K 296 30.94 42.09 57.38
N SER K 297 30.59 40.84 57.04
CA SER K 297 29.69 40.07 57.90
C SER K 297 30.33 39.77 59.25
N ASP K 298 31.65 39.60 59.28
CA ASP K 298 32.35 39.39 60.53
C ASP K 298 32.77 40.69 61.21
N MET K 299 32.80 41.80 60.47
CA MET K 299 33.16 43.10 61.03
C MET K 299 31.96 43.80 61.67
N GLU K 300 30.76 43.59 61.14
CA GLU K 300 29.57 44.23 61.70
C GLU K 300 29.23 43.71 63.10
N LYS K 301 29.75 42.55 63.47
CA LYS K 301 29.50 41.97 64.79
C LYS K 301 30.47 42.48 65.85
N LEU K 302 31.29 43.49 65.53
CA LEU K 302 32.24 44.04 66.48
C LEU K 302 31.79 45.34 67.11
N ALA K 303 30.90 46.08 66.46
CA ALA K 303 30.42 47.35 66.99
C ALA K 303 29.33 47.18 68.04
N LYS K 304 28.52 46.12 67.94
CA LYS K 304 27.45 45.86 68.87
C LYS K 304 27.85 44.91 70.00
N ALA K 305 29.04 44.32 69.93
CA ALA K 305 29.51 43.39 70.95
C ALA K 305 30.64 43.98 71.78
N THR K 306 31.75 44.38 71.15
CA THR K 306 32.86 44.96 71.89
C THR K 306 32.62 46.43 72.21
N GLY K 307 32.05 47.18 71.27
CA GLY K 307 31.78 48.58 71.49
C GLY K 307 32.86 49.49 70.97
N ALA K 308 32.91 49.69 69.66
CA ALA K 308 33.90 50.54 69.03
C ALA K 308 33.35 51.09 67.73
N ASN K 309 33.90 52.23 67.31
CA ASN K 309 33.49 52.89 66.07
C ASN K 309 34.48 52.59 64.97
N VAL K 310 34.22 53.15 63.78
CA VAL K 310 35.06 52.97 62.63
C VAL K 310 35.72 54.30 62.27
N ILE K 311 36.86 54.21 61.58
CA ILE K 311 37.64 55.36 61.16
C ILE K 311 37.79 55.30 59.65
N THR K 312 37.28 56.31 58.95
CA THR K 312 37.36 56.34 57.50
C THR K 312 38.75 56.74 57.00
N ASN K 313 39.55 57.38 57.84
CA ASN K 313 40.90 57.81 57.44
C ASN K 313 41.95 57.11 58.29
N ILE K 314 42.94 57.88 58.77
CA ILE K 314 44.01 57.33 59.60
C ILE K 314 44.31 58.31 60.72
N LYS K 315 44.09 59.60 60.47
CA LYS K 315 44.34 60.64 61.45
C LYS K 315 43.12 60.97 62.30
N ASP K 316 42.02 60.24 62.13
CA ASP K 316 40.80 60.47 62.88
C ASP K 316 40.66 59.52 64.07
N LEU K 317 41.75 58.88 64.48
CA LEU K 317 41.75 57.97 65.61
C LEU K 317 42.26 58.68 66.85
N SER K 318 41.48 58.59 67.94
CA SER K 318 41.87 59.24 69.20
C SER K 318 41.87 58.22 70.33
N ALA K 319 40.90 58.31 71.24
CA ALA K 319 40.80 57.41 72.37
C ALA K 319 39.41 56.84 72.59
N GLN K 320 38.35 57.51 72.12
CA GLN K 320 37.00 57.03 72.30
C GLN K 320 36.59 56.00 71.23
N ASP K 321 37.38 55.85 70.17
CA ASP K 321 37.07 54.89 69.11
C ASP K 321 37.75 53.55 69.34
N LEU K 322 37.87 53.10 70.58
CA LEU K 322 38.50 51.84 70.92
C LEU K 322 37.51 50.94 71.66
N GLY K 323 37.78 49.63 71.61
CA GLY K 323 36.94 48.67 72.26
C GLY K 323 37.63 47.91 73.37
N ASP K 324 37.12 46.72 73.69
CA ASP K 324 37.70 45.91 74.75
C ASP K 324 37.44 44.44 74.42
N ALA K 325 38.44 43.60 74.67
CA ALA K 325 38.31 42.16 74.41
C ALA K 325 38.83 41.35 75.59
N GLY K 326 38.98 40.05 75.39
CA GLY K 326 39.46 39.18 76.45
C GLY K 326 40.68 38.39 76.06
N LEU K 327 40.53 37.46 75.12
CA LEU K 327 41.65 36.63 74.67
C LEU K 327 41.48 36.33 73.19
N VAL K 328 42.48 36.71 72.40
CA VAL K 328 42.48 36.48 70.96
C VAL K 328 43.48 35.35 70.68
N GLU K 329 42.99 34.29 70.04
CA GLU K 329 43.81 33.12 69.74
C GLU K 329 43.58 32.68 68.30
N GLU K 330 44.58 32.00 67.74
CA GLU K 330 44.52 31.48 66.37
C GLU K 330 44.92 30.01 66.43
N ARG K 331 43.93 29.13 66.51
CA ARG K 331 44.16 27.69 66.58
C ARG K 331 43.82 27.03 65.25
N LYS K 332 44.47 25.91 64.99
CA LYS K 332 44.25 25.14 63.77
C LYS K 332 43.39 23.94 64.13
N ILE K 333 42.08 24.11 64.01
CA ILE K 333 41.09 23.08 64.34
C ILE K 333 40.31 22.72 63.09
N SER K 334 40.08 21.42 62.90
CA SER K 334 39.34 20.90 61.74
C SER K 334 40.00 21.32 60.43
N GLY K 335 41.33 21.23 60.38
CA GLY K 335 42.06 21.54 59.16
C GLY K 335 42.38 23.01 59.01
N ASP K 336 41.36 23.83 58.77
CA ASP K 336 41.56 25.25 58.56
C ASP K 336 41.90 25.94 59.88
N SER K 337 42.39 27.18 59.77
CA SER K 337 42.75 28.00 60.92
C SER K 337 41.75 29.13 61.07
N MET K 338 41.23 29.30 62.28
CA MET K 338 40.25 30.34 62.57
C MET K 338 40.71 31.14 63.78
N ILE K 339 40.18 32.36 63.89
CA ILE K 339 40.52 33.28 64.96
C ILE K 339 39.37 33.31 65.95
N PHE K 340 39.69 33.07 67.23
CA PHE K 340 38.69 33.05 68.30
C PHE K 340 38.99 34.20 69.25
N VAL K 341 38.01 35.08 69.45
CA VAL K 341 38.11 36.19 70.39
C VAL K 341 37.09 35.93 71.50
N GLU K 342 37.58 35.55 72.67
CA GLU K 342 36.75 35.23 73.82
C GLU K 342 36.72 36.38 74.81
N GLU K 343 35.64 36.42 75.60
CA GLU K 343 35.40 37.45 76.61
C GLU K 343 35.32 38.84 75.96
N CYS K 344 34.13 39.22 75.52
CA CYS K 344 33.93 40.53 74.91
C CYS K 344 33.39 41.52 75.94
N LYS K 345 32.10 41.85 75.84
CA LYS K 345 31.49 42.78 76.78
C LYS K 345 29.98 42.55 76.85
N HIS K 346 29.31 42.57 75.69
CA HIS K 346 27.87 42.37 75.59
C HIS K 346 27.61 41.11 74.77
N PRO K 347 27.48 39.95 75.42
CA PRO K 347 27.21 38.71 74.67
C PRO K 347 25.80 38.66 74.10
N LYS K 348 25.57 39.35 72.98
CA LYS K 348 24.25 39.36 72.37
C LYS K 348 24.00 38.10 71.56
N ALA K 349 24.74 37.92 70.47
CA ALA K 349 24.59 36.77 69.61
C ALA K 349 25.54 35.65 70.07
N VAL K 350 25.52 34.54 69.33
CA VAL K 350 26.35 33.38 69.64
C VAL K 350 26.70 32.69 68.33
N THR K 351 27.80 31.93 68.35
CA THR K 351 28.29 31.22 67.19
C THR K 351 28.29 29.72 67.44
N MET K 352 27.78 28.96 66.47
CA MET K 352 27.71 27.51 66.55
C MET K 352 28.52 26.90 65.41
N LEU K 353 29.42 26.00 65.74
CA LEU K 353 30.26 25.32 64.77
C LEU K 353 29.96 23.83 64.79
N ILE K 354 29.77 23.25 63.60
CA ILE K 354 29.46 21.82 63.46
C ILE K 354 30.58 21.18 62.66
N ARG K 355 31.14 20.09 63.20
CA ARG K 355 32.21 19.35 62.56
C ARG K 355 31.76 17.92 62.33
N GLY K 356 31.84 17.46 61.09
CA GLY K 356 31.43 16.13 60.71
C GLY K 356 32.57 15.39 60.02
N THR K 357 32.19 14.49 59.12
CA THR K 357 33.15 13.67 58.39
C THR K 357 33.35 14.18 56.97
N THR K 358 32.37 13.93 56.11
CA THR K 358 32.47 14.34 54.71
C THR K 358 32.05 15.79 54.54
N GLU K 359 31.27 16.08 53.48
CA GLU K 359 30.83 17.44 53.20
C GLU K 359 29.31 17.58 53.19
N HIS K 360 28.56 16.49 53.01
CA HIS K 360 27.11 16.54 52.99
C HIS K 360 26.49 16.39 54.38
N VAL K 361 27.26 16.01 55.38
CA VAL K 361 26.74 15.85 56.73
C VAL K 361 26.58 17.21 57.41
N ILE K 362 27.63 18.03 57.34
CA ILE K 362 27.59 19.36 57.96
C ILE K 362 26.47 20.19 57.35
N GLU K 363 26.32 20.13 56.02
CA GLU K 363 25.21 20.82 55.38
C GLU K 363 23.87 20.31 55.88
N GLU K 364 23.79 19.01 56.20
CA GLU K 364 22.56 18.47 56.78
C GLU K 364 22.23 19.14 58.10
N VAL K 365 23.25 19.57 58.85
CA VAL K 365 23.00 20.30 60.08
C VAL K 365 22.69 21.77 59.78
N ALA K 366 23.16 22.27 58.64
CA ALA K 366 22.90 23.67 58.28
C ALA K 366 21.42 23.94 58.09
N ARG K 367 20.68 22.96 57.58
CA ARG K 367 19.24 23.07 57.44
C ARG K 367 18.49 22.59 58.67
N ALA K 368 19.20 22.30 59.77
CA ALA K 368 18.58 21.84 61.01
C ALA K 368 18.66 22.85 62.14
N VAL K 369 19.69 23.70 62.17
CA VAL K 369 19.82 24.68 63.24
C VAL K 369 18.80 25.80 63.06
N ASP K 370 18.65 26.31 61.83
CA ASP K 370 17.70 27.39 61.57
C ASP K 370 16.26 26.95 61.87
N ASP K 371 15.96 25.67 61.68
CA ASP K 371 14.65 25.14 62.01
C ASP K 371 14.53 24.71 63.47
N ALA K 372 15.58 24.86 64.26
CA ALA K 372 15.55 24.49 65.66
C ALA K 372 15.44 25.68 66.60
N VAL K 373 15.87 26.87 66.16
CA VAL K 373 15.79 28.07 67.00
C VAL K 373 14.48 28.79 66.70
N GLY K 374 13.97 28.63 65.48
CA GLY K 374 12.73 29.29 65.11
C GLY K 374 11.55 28.84 65.93
N VAL K 375 11.58 27.61 66.43
CA VAL K 375 10.51 27.11 67.30
C VAL K 375 10.70 27.51 68.75
N VAL K 376 11.79 28.20 69.08
CA VAL K 376 12.04 28.62 70.45
C VAL K 376 11.61 30.07 70.68
N GLY K 377 11.95 30.96 69.73
CA GLY K 377 11.56 32.35 69.87
C GLY K 377 10.06 32.56 69.89
N CYS K 378 9.32 31.67 69.23
CA CYS K 378 7.86 31.73 69.25
C CYS K 378 7.26 31.01 70.43
N THR K 379 8.08 30.49 71.36
CA THR K 379 7.58 29.78 72.53
C THR K 379 7.49 30.70 73.74
N ILE K 380 8.53 31.49 73.98
CA ILE K 380 8.53 32.40 75.14
C ILE K 380 7.57 33.56 74.90
N GLU K 381 7.52 34.06 73.67
CA GLU K 381 6.62 35.18 73.36
C GLU K 381 5.16 34.76 73.38
N ASP K 382 4.88 33.48 73.12
CA ASP K 382 3.52 32.98 73.11
C ASP K 382 3.24 32.13 74.34
N GLY K 383 3.56 30.85 74.27
CA GLY K 383 3.37 29.93 75.37
C GLY K 383 2.16 29.02 75.26
N ARG K 384 1.53 28.95 74.09
CA ARG K 384 0.35 28.09 73.89
C ARG K 384 0.80 26.77 73.27
N ILE K 385 1.59 26.03 74.05
CA ILE K 385 2.12 24.74 73.60
C ILE K 385 1.02 23.71 73.65
N VAL K 386 0.77 23.03 72.52
CA VAL K 386 -0.26 22.01 72.44
C VAL K 386 0.40 20.64 72.37
N SER K 387 -0.41 19.59 72.23
CA SER K 387 0.08 18.22 72.15
C SER K 387 0.39 17.89 70.69
N GLY K 388 1.66 17.74 70.37
CA GLY K 388 2.07 17.43 69.02
C GLY K 388 1.98 15.94 68.69
N GLY K 389 2.42 15.61 67.49
CA GLY K 389 2.39 14.23 67.04
C GLY K 389 1.12 13.81 66.35
N GLY K 390 0.38 14.75 65.76
CA GLY K 390 -0.86 14.42 65.09
C GLY K 390 -2.03 14.19 66.01
N SER K 391 -2.13 14.97 67.09
CA SER K 391 -3.23 14.83 68.04
C SER K 391 -4.22 15.98 68.00
N THR K 392 -3.84 17.14 67.48
CA THR K 392 -4.76 18.27 67.41
C THR K 392 -5.79 18.08 66.30
N GLU K 393 -5.37 17.52 65.17
CA GLU K 393 -6.30 17.29 64.06
C GLU K 393 -7.37 16.27 64.44
N VAL K 394 -6.97 15.18 65.10
CA VAL K 394 -7.94 14.18 65.52
C VAL K 394 -8.88 14.75 66.58
N GLU K 395 -8.40 15.64 67.43
CA GLU K 395 -9.25 16.24 68.45
C GLU K 395 -10.25 17.21 67.82
N LEU K 396 -9.82 17.98 66.81
CA LEU K 396 -10.72 18.92 66.15
C LEU K 396 -11.71 18.20 65.23
N SER K 397 -11.34 17.02 64.71
CA SER K 397 -12.26 16.28 63.87
C SER K 397 -13.45 15.76 64.64
N MET K 398 -13.25 15.37 65.91
CA MET K 398 -14.35 14.91 66.73
C MET K 398 -15.27 16.05 67.16
N LYS K 399 -14.79 17.29 67.14
CA LYS K 399 -15.60 18.45 67.50
C LYS K 399 -16.32 19.06 66.31
N LEU K 400 -15.69 19.06 65.13
CA LEU K 400 -16.35 19.62 63.95
C LEU K 400 -17.56 18.80 63.53
N ARG K 401 -17.53 17.48 63.75
CA ARG K 401 -18.67 16.65 63.39
C ARG K 401 -19.90 17.01 64.20
N GLU K 402 -19.73 17.27 65.50
CA GLU K 402 -20.86 17.66 66.34
C GLU K 402 -21.18 19.14 66.21
N TYR K 403 -20.25 19.96 65.75
CA TYR K 403 -20.53 21.37 65.54
C TYR K 403 -21.30 21.62 64.24
N ALA K 404 -21.06 20.79 63.23
CA ALA K 404 -21.76 20.95 61.95
C ALA K 404 -23.22 20.51 62.00
N GLU K 405 -23.65 19.88 63.10
CA GLU K 405 -25.03 19.43 63.24
C GLU K 405 -26.00 20.56 63.58
N GLY K 406 -25.50 21.69 64.07
CA GLY K 406 -26.36 22.80 64.43
C GLY K 406 -26.80 23.68 63.29
N ILE K 407 -26.29 23.45 62.08
CA ILE K 407 -26.64 24.22 60.91
C ILE K 407 -27.38 23.32 59.93
N SER K 408 -28.18 23.96 59.07
CA SER K 408 -28.96 23.25 58.05
C SER K 408 -28.67 23.89 56.70
N GLY K 409 -28.54 23.05 55.68
CA GLY K 409 -28.27 23.53 54.34
C GLY K 409 -27.16 22.72 53.70
N ARG K 410 -26.73 23.16 52.53
CA ARG K 410 -25.67 22.50 51.80
C ARG K 410 -24.28 22.81 52.34
N GLU K 411 -24.16 23.72 53.31
CA GLU K 411 -22.87 24.05 53.89
C GLU K 411 -22.39 23.02 54.90
N GLN K 412 -23.24 22.09 55.31
CA GLN K 412 -22.81 21.06 56.26
C GLN K 412 -21.87 20.05 55.61
N LEU K 413 -22.09 19.75 54.32
CA LEU K 413 -21.20 18.82 53.62
C LEU K 413 -19.79 19.39 53.47
N ALA K 414 -19.67 20.71 53.37
CA ALA K 414 -18.34 21.32 53.29
C ALA K 414 -17.61 21.21 54.63
N VAL K 415 -18.31 21.46 55.74
CA VAL K 415 -17.70 21.34 57.05
C VAL K 415 -17.32 19.89 57.34
N ARG K 416 -18.19 18.96 56.96
CA ARG K 416 -17.88 17.54 57.15
C ARG K 416 -16.68 17.12 56.32
N ALA K 417 -16.59 17.62 55.08
CA ALA K 417 -15.44 17.31 54.24
C ALA K 417 -14.15 17.90 54.81
N PHE K 418 -14.22 19.13 55.32
CA PHE K 418 -13.04 19.74 55.93
C PHE K 418 -12.61 18.99 57.18
N ALA K 419 -13.58 18.46 57.94
CA ALA K 419 -13.24 17.69 59.13
C ALA K 419 -12.64 16.34 58.77
N ASP K 420 -13.16 15.70 57.72
CA ASP K 420 -12.63 14.41 57.32
C ASP K 420 -11.26 14.54 56.67
N ALA K 421 -10.98 15.69 56.04
CA ALA K 421 -9.68 15.90 55.42
C ALA K 421 -8.56 16.11 56.43
N LEU K 422 -8.91 16.46 57.67
CA LEU K 422 -7.90 16.66 58.70
C LEU K 422 -7.28 15.36 59.19
N GLU K 423 -7.86 14.20 58.84
CA GLU K 423 -7.34 12.91 59.23
C GLU K 423 -6.25 12.41 58.30
N VAL K 424 -5.72 13.25 57.42
CA VAL K 424 -4.66 12.83 56.52
C VAL K 424 -3.29 12.84 57.19
N ILE K 425 -3.12 13.63 58.24
CA ILE K 425 -1.84 13.72 58.96
C ILE K 425 -1.53 12.39 59.65
N PRO K 426 -2.46 11.78 60.42
CA PRO K 426 -2.12 10.49 61.02
C PRO K 426 -1.95 9.38 60.01
N ARG K 427 -2.61 9.47 58.84
CA ARG K 427 -2.42 8.46 57.81
C ARG K 427 -1.05 8.58 57.15
N THR K 428 -0.55 9.81 57.01
CA THR K 428 0.78 9.99 56.43
C THR K 428 1.89 9.71 57.43
N LEU K 429 1.66 10.00 58.72
CA LEU K 429 2.67 9.70 59.73
C LEU K 429 2.76 8.22 60.04
N ALA K 430 1.72 7.44 59.73
CA ALA K 430 1.72 6.01 59.96
C ALA K 430 1.99 5.20 58.69
N GLU K 431 2.02 5.85 57.52
CA GLU K 431 2.28 5.12 56.29
C GLU K 431 3.75 4.70 56.19
N ASN K 432 4.64 5.44 56.85
CA ASN K 432 6.07 5.11 56.80
C ASN K 432 6.39 3.82 57.54
N ALA K 433 5.47 3.33 58.38
CA ALA K 433 5.67 2.09 59.12
C ALA K 433 4.99 0.93 58.41
N GLY K 434 5.14 -0.26 59.00
CA GLY K 434 4.57 -1.45 58.42
C GLY K 434 3.48 -2.07 59.28
N LEU K 435 3.62 -1.94 60.60
CA LEU K 435 2.65 -2.49 61.54
C LEU K 435 1.55 -1.51 61.90
N ASP K 436 1.36 -0.45 61.12
CA ASP K 436 0.33 0.55 61.37
C ASP K 436 -0.85 0.37 60.43
N ALA K 437 -0.64 0.52 59.12
CA ALA K 437 -1.68 0.37 58.11
C ALA K 437 -2.86 1.31 58.37
N ILE K 438 -3.93 0.77 58.97
CA ILE K 438 -5.13 1.55 59.25
C ILE K 438 -5.68 1.32 60.64
N GLU K 439 -5.22 0.30 61.36
CA GLU K 439 -5.73 0.03 62.70
C GLU K 439 -5.37 1.14 63.68
N ILE K 440 -4.23 1.80 63.47
CA ILE K 440 -3.81 2.87 64.36
C ILE K 440 -4.81 4.03 64.32
N LEU K 441 -5.27 4.38 63.12
CA LEU K 441 -6.22 5.48 62.98
C LEU K 441 -7.56 5.14 63.65
N VAL K 442 -7.97 3.87 63.59
CA VAL K 442 -9.22 3.48 64.22
C VAL K 442 -9.07 3.45 65.73
N LYS K 443 -7.88 3.07 66.23
CA LYS K 443 -7.67 3.00 67.67
C LYS K 443 -7.54 4.39 68.29
N VAL K 444 -6.89 5.32 67.58
CA VAL K 444 -6.74 6.68 68.12
C VAL K 444 -7.99 7.53 67.94
N ARG K 445 -8.99 7.03 67.21
CA ARG K 445 -10.23 7.78 67.00
C ARG K 445 -11.24 7.55 68.12
N ALA K 446 -11.43 6.31 68.55
CA ALA K 446 -12.37 6.01 69.61
C ALA K 446 -11.79 6.24 71.01
N ALA K 447 -10.51 6.57 71.11
CA ALA K 447 -9.89 6.81 72.41
C ALA K 447 -10.27 8.17 72.99
N HIS K 448 -10.47 9.18 72.13
CA HIS K 448 -10.83 10.51 72.56
C HIS K 448 -12.33 10.72 72.64
N ALA K 449 -13.11 9.64 72.68
CA ALA K 449 -14.57 9.73 72.76
C ALA K 449 -15.08 9.89 74.19
N SER K 450 -14.19 9.85 75.19
CA SER K 450 -14.60 9.98 76.58
C SER K 450 -14.56 11.44 77.02
N ASN K 451 -14.25 11.67 78.30
CA ASN K 451 -14.18 13.03 78.82
C ASN K 451 -12.80 13.63 78.56
N GLY K 452 -11.77 13.10 79.23
CA GLY K 452 -10.42 13.60 79.07
C GLY K 452 -9.68 12.95 77.92
N ASN K 453 -8.46 12.50 78.18
CA ASN K 453 -7.61 11.85 77.17
C ASN K 453 -7.41 12.74 75.96
N LYS K 454 -6.49 13.69 76.05
CA LYS K 454 -6.21 14.62 74.97
C LYS K 454 -4.75 14.62 74.53
N CYS K 455 -3.81 14.42 75.46
CA CYS K 455 -2.39 14.43 75.13
C CYS K 455 -1.95 13.19 74.37
N ALA K 456 -2.80 12.18 74.25
CA ALA K 456 -2.43 10.97 73.53
C ALA K 456 -2.41 11.22 72.03
N GLY K 457 -1.43 10.62 71.35
CA GLY K 457 -1.30 10.78 69.92
C GLY K 457 -0.75 9.56 69.22
N LEU K 458 0.44 9.69 68.63
CA LEU K 458 1.06 8.58 67.93
C LEU K 458 2.56 8.81 67.88
N ASN K 459 3.33 7.76 68.17
CA ASN K 459 4.79 7.82 68.14
C ASN K 459 5.30 6.66 67.30
N VAL K 460 6.23 6.96 66.38
CA VAL K 460 6.78 5.94 65.50
C VAL K 460 7.96 5.19 66.11
N PHE K 461 8.27 5.43 67.38
CA PHE K 461 9.38 4.78 68.06
C PHE K 461 8.92 3.69 69.01
N THR K 462 7.66 3.26 68.93
CA THR K 462 7.15 2.23 69.82
C THR K 462 6.19 1.31 69.08
N GLY K 463 5.03 1.83 68.70
CA GLY K 463 4.04 1.04 67.99
C GLY K 463 2.65 1.12 68.61
N ALA K 464 2.60 1.22 69.93
CA ALA K 464 1.34 1.31 70.65
C ALA K 464 0.91 2.78 70.73
N VAL K 465 -0.05 3.08 71.59
CA VAL K 465 -0.57 4.44 71.77
C VAL K 465 -0.29 4.86 73.21
N GLU K 466 0.13 6.12 73.37
CA GLU K 466 0.43 6.67 74.69
C GLU K 466 0.38 8.20 74.58
N ASP K 467 0.67 8.85 75.70
CA ASP K 467 0.69 10.31 75.73
C ASP K 467 1.92 10.85 75.02
N MET K 468 1.77 12.05 74.45
CA MET K 468 2.85 12.69 73.72
C MET K 468 3.62 13.71 74.55
N CYS K 469 2.98 14.30 75.57
CA CYS K 469 3.67 15.28 76.39
C CYS K 469 4.68 14.65 77.33
N GLU K 470 4.54 13.37 77.65
CA GLU K 470 5.48 12.69 78.53
C GLU K 470 6.70 12.15 77.80
N ASN K 471 6.63 12.00 76.47
CA ASN K 471 7.78 11.49 75.72
C ASN K 471 8.78 12.60 75.44
N GLY K 472 8.37 13.62 74.70
CA GLY K 472 9.25 14.73 74.37
C GLY K 472 8.85 15.46 73.11
N VAL K 473 7.58 15.37 72.74
CA VAL K 473 7.05 16.02 71.55
C VAL K 473 6.10 17.12 72.01
N VAL K 474 6.52 18.37 71.84
CA VAL K 474 5.70 19.52 72.23
C VAL K 474 5.69 20.55 71.11
N GLU K 475 5.05 20.20 70.00
CA GLU K 475 4.99 21.09 68.86
C GLU K 475 4.12 22.31 69.20
N PRO K 476 4.57 23.53 68.89
CA PRO K 476 3.76 24.72 69.24
C PRO K 476 2.49 24.83 68.41
N LEU K 477 1.69 25.86 68.72
CA LEU K 477 0.42 26.05 68.05
C LEU K 477 0.51 26.98 66.85
N ARG K 478 1.46 27.92 66.87
CA ARG K 478 1.58 28.88 65.76
C ARG K 478 1.90 28.17 64.45
N VAL K 479 2.77 27.16 64.51
CA VAL K 479 3.12 26.42 63.30
C VAL K 479 1.93 25.66 62.73
N LYS K 480 0.92 25.37 63.56
CA LYS K 480 -0.30 24.73 63.09
C LYS K 480 -1.32 25.74 62.59
N THR K 481 -1.48 26.87 63.30
CA THR K 481 -2.43 27.88 62.87
C THR K 481 -2.01 28.51 61.55
N GLN K 482 -0.73 28.82 61.39
CA GLN K 482 -0.25 29.39 60.13
C GLN K 482 -0.41 28.39 58.99
N ALA K 483 -0.15 27.11 59.25
CA ALA K 483 -0.32 26.10 58.22
C ALA K 483 -1.78 25.96 57.81
N ILE K 484 -2.69 25.98 58.78
CA ILE K 484 -4.12 25.89 58.47
C ILE K 484 -4.57 27.11 57.68
N GLN K 485 -4.08 28.29 58.05
CA GLN K 485 -4.44 29.50 57.32
C GLN K 485 -3.91 29.46 55.89
N SER K 486 -2.68 29.00 55.70
CA SER K 486 -2.12 28.89 54.35
C SER K 486 -2.88 27.86 53.52
N ALA K 487 -3.28 26.75 54.13
CA ALA K 487 -4.04 25.73 53.40
C ALA K 487 -5.43 26.24 53.03
N ALA K 488 -6.05 27.03 53.90
CA ALA K 488 -7.37 27.57 53.60
C ALA K 488 -7.30 28.70 52.58
N GLU K 489 -6.19 29.43 52.53
CA GLU K 489 -6.04 30.49 51.55
C GLU K 489 -5.62 29.96 50.18
N SER K 490 -4.86 28.86 50.14
CA SER K 490 -4.41 28.33 48.86
C SER K 490 -5.50 27.54 48.15
N THR K 491 -6.41 26.92 48.88
CA THR K 491 -7.47 26.13 48.27
C THR K 491 -8.55 26.97 47.62
N GLU K 492 -8.58 28.28 47.88
CA GLU K 492 -9.57 29.17 47.29
C GLU K 492 -9.06 29.90 46.06
N MET K 493 -7.75 29.88 45.82
CA MET K 493 -7.19 30.54 44.64
C MET K 493 -7.29 29.70 43.37
N LEU K 494 -7.79 28.47 43.47
CA LEU K 494 -7.94 27.59 42.32
C LEU K 494 -9.38 27.33 41.94
N LEU K 495 -10.29 27.25 42.90
CA LEU K 495 -11.70 27.01 42.61
C LEU K 495 -12.39 28.25 42.06
N ARG K 496 -11.84 29.44 42.30
CA ARG K 496 -12.41 30.68 41.83
C ARG K 496 -11.85 31.11 40.46
N ILE K 497 -11.34 30.17 39.68
CA ILE K 497 -10.78 30.47 38.36
C ILE K 497 -11.73 30.02 37.25
N ASP K 498 -12.23 28.78 37.34
CA ASP K 498 -13.15 28.22 36.35
C ASP K 498 -12.55 28.25 34.95
N ASP K 499 -12.70 29.38 34.26
CA ASP K 499 -12.17 29.55 32.91
C ASP K 499 -10.79 30.20 32.95
N VAL K 500 -10.06 30.01 31.86
CA VAL K 500 -8.71 30.56 31.72
C VAL K 500 -8.53 31.04 30.27
N ILE K 501 -8.03 32.26 30.12
CA ILE K 501 -7.81 32.84 28.79
C ILE K 501 -6.32 33.15 28.62
N ALA K 502 -5.98 33.76 27.49
CA ALA K 502 -4.59 34.11 27.19
C ALA K 502 -4.58 35.41 26.41
N ALA K 503 -3.41 36.06 26.42
CA ALA K 503 -3.23 37.32 25.72
C ALA K 503 -1.77 37.45 25.28
N GLU K 504 -1.54 38.38 24.36
CA GLU K 504 -0.21 38.64 23.83
C GLU K 504 0.38 39.94 24.37
N LYS K 505 -0.29 40.61 25.30
CA LYS K 505 0.19 41.85 25.88
C LYS K 505 0.90 41.57 27.19
N LEU K 506 2.04 42.24 27.39
CA LEU K 506 2.81 42.06 28.62
C LEU K 506 2.08 42.70 29.80
N ARG K 507 1.95 41.94 30.88
CA ARG K 507 1.27 42.39 32.09
C ARG K 507 -0.14 42.87 31.81
N MET L 1 -24.22 33.53 0.62
CA MET L 1 -23.30 34.60 0.91
C MET L 1 -23.85 35.53 1.98
N GLY L 2 -25.14 35.85 1.86
CA GLY L 2 -25.77 36.73 2.84
C GLY L 2 -25.99 36.09 4.19
N ARG L 3 -26.18 34.77 4.21
CA ARG L 3 -26.40 34.03 5.44
C ARG L 3 -25.16 33.27 5.91
N ASP L 4 -24.10 33.24 5.11
CA ASP L 4 -22.88 32.53 5.52
C ASP L 4 -21.97 33.43 6.34
N ALA L 5 -21.70 34.64 5.85
CA ALA L 5 -20.85 35.59 6.55
C ALA L 5 -21.54 36.28 7.72
N GLN L 6 -22.87 36.15 7.83
CA GLN L 6 -23.63 36.76 8.91
C GLN L 6 -23.61 35.95 10.19
N ARG L 7 -23.75 34.62 10.09
CA ARG L 7 -23.73 33.78 11.28
C ARG L 7 -22.34 33.70 11.90
N MET L 8 -21.29 33.76 11.08
CA MET L 8 -19.94 33.70 11.60
C MET L 8 -19.61 34.94 12.45
N ASN L 9 -20.10 36.11 12.03
CA ASN L 9 -19.86 37.33 12.79
C ASN L 9 -20.57 37.29 14.14
N ILE L 10 -21.71 36.61 14.22
CA ILE L 10 -22.42 36.49 15.49
C ILE L 10 -21.76 35.44 16.38
N LEU L 11 -21.28 34.34 15.78
CA LEU L 11 -20.60 33.31 16.55
C LEU L 11 -19.27 33.80 17.09
N ALA L 12 -18.59 34.66 16.36
CA ALA L 12 -17.32 35.21 16.85
C ALA L 12 -17.55 36.20 17.98
N GLY L 13 -18.72 36.86 18.00
CA GLY L 13 -19.01 37.79 19.08
C GLY L 13 -19.57 37.14 20.31
N ARG L 14 -20.33 36.05 20.15
CA ARG L 14 -20.89 35.35 21.29
C ARG L 14 -19.82 34.69 22.15
N ILE L 15 -18.65 34.38 21.58
CA ILE L 15 -17.58 33.77 22.36
C ILE L 15 -16.97 34.80 23.31
N ILE L 16 -16.69 36.00 22.80
CA ILE L 16 -16.11 37.04 23.64
C ILE L 16 -17.14 37.73 24.50
N ALA L 17 -18.44 37.59 24.20
CA ALA L 17 -19.47 38.21 25.01
C ALA L 17 -19.75 37.42 26.27
N GLU L 18 -19.66 36.08 26.19
CA GLU L 18 -19.90 35.22 27.34
C GLU L 18 -18.66 34.99 28.19
N THR L 19 -17.53 35.64 27.86
CA THR L 19 -16.33 35.45 28.65
C THR L 19 -16.42 36.17 29.99
N VAL L 20 -16.97 37.37 30.01
CA VAL L 20 -17.10 38.15 31.23
C VAL L 20 -18.48 37.93 31.85
N ARG L 21 -19.12 36.82 31.47
CA ARG L 21 -20.44 36.52 32.01
C ARG L 21 -20.36 36.14 33.49
N SER L 22 -19.37 35.34 33.86
CA SER L 22 -19.22 34.93 35.25
C SER L 22 -18.68 36.04 36.14
N THR L 23 -18.00 37.02 35.57
CA THR L 23 -17.44 38.14 36.34
C THR L 23 -18.40 39.32 36.38
N LEU L 24 -19.59 39.09 36.92
CA LEU L 24 -20.61 40.12 37.03
C LEU L 24 -21.17 40.27 38.44
N GLY L 25 -21.44 39.17 39.12
CA GLY L 25 -21.97 39.21 40.47
C GLY L 25 -20.92 39.60 41.48
N PRO L 26 -21.34 39.90 42.71
CA PRO L 26 -20.38 40.28 43.75
C PRO L 26 -19.52 39.13 44.22
N LYS L 27 -20.03 37.90 44.18
CA LYS L 27 -19.26 36.73 44.63
C LYS L 27 -19.01 35.79 43.46
N GLY L 28 -18.45 36.32 42.37
CA GLY L 28 -18.16 35.50 41.20
C GLY L 28 -16.70 35.06 41.14
N MET L 29 -16.44 34.13 40.23
CA MET L 29 -15.09 33.61 40.05
C MET L 29 -14.22 34.61 39.31
N ASP L 30 -12.91 34.51 39.52
CA ASP L 30 -11.95 35.39 38.89
C ASP L 30 -11.47 34.78 37.57
N LYS L 31 -10.53 35.47 36.93
CA LYS L 31 -9.97 35.05 35.65
C LYS L 31 -8.45 35.04 35.75
N MET L 32 -7.84 33.92 35.36
CA MET L 32 -6.39 33.77 35.36
C MET L 32 -5.87 34.02 33.94
N LEU L 33 -5.01 35.03 33.80
CA LEU L 33 -4.46 35.41 32.51
C LEU L 33 -2.96 35.14 32.50
N VAL L 34 -2.50 34.39 31.49
CA VAL L 34 -1.10 34.07 31.33
C VAL L 34 -0.58 34.75 30.07
N ASP L 35 0.74 34.92 30.01
CA ASP L 35 1.41 35.56 28.89
C ASP L 35 2.47 34.61 28.33
N ASP L 36 3.15 35.06 27.28
CA ASP L 36 4.19 34.24 26.66
C ASP L 36 5.45 34.19 27.52
N LEU L 37 5.78 35.29 28.20
CA LEU L 37 6.96 35.29 29.05
C LEU L 37 6.73 34.52 30.34
N GLY L 38 5.48 34.39 30.77
CA GLY L 38 5.16 33.66 31.98
C GLY L 38 4.66 34.54 33.10
N ASP L 39 3.76 35.47 32.77
CA ASP L 39 3.18 36.39 33.73
C ASP L 39 1.75 35.95 34.03
N VAL L 40 1.56 35.30 35.19
CA VAL L 40 0.25 34.82 35.61
C VAL L 40 -0.38 35.87 36.52
N VAL L 41 -1.48 36.46 36.06
CA VAL L 41 -2.19 37.49 36.81
C VAL L 41 -3.63 37.04 37.03
N VAL L 42 -4.25 37.64 38.04
CA VAL L 42 -5.64 37.35 38.41
C VAL L 42 -6.44 38.63 38.29
N THR L 43 -7.54 38.57 37.54
CA THR L 43 -8.41 39.72 37.32
C THR L 43 -9.84 39.34 37.65
N ASN L 44 -10.46 40.13 38.52
CA ASN L 44 -11.85 39.89 38.94
C ASN L 44 -12.85 40.73 38.16
N ASP L 45 -12.46 41.91 37.70
CA ASP L 45 -13.36 42.79 36.98
C ASP L 45 -13.46 42.35 35.51
N GLY L 46 -14.13 43.14 34.69
CA GLY L 46 -14.29 42.82 33.29
C GLY L 46 -13.68 43.85 32.37
N VAL L 47 -13.22 44.96 32.94
CA VAL L 47 -12.61 46.01 32.11
C VAL L 47 -11.23 45.56 31.63
N THR L 48 -10.44 44.96 32.52
CA THR L 48 -9.12 44.49 32.13
C THR L 48 -9.20 43.28 31.19
N ILE L 49 -10.27 42.49 31.31
CA ILE L 49 -10.42 41.32 30.45
C ILE L 49 -10.59 41.73 28.99
N LEU L 50 -11.33 42.82 28.74
CA LEU L 50 -11.55 43.26 27.37
C LEU L 50 -10.27 43.81 26.74
N ARG L 51 -9.35 44.34 27.56
CA ARG L 51 -8.11 44.88 27.03
C ARG L 51 -7.14 43.77 26.64
N GLU L 52 -6.70 42.98 27.61
CA GLU L 52 -5.79 41.87 27.37
C GLU L 52 -6.61 40.68 26.84
N MET L 53 -6.88 40.71 25.54
CA MET L 53 -7.64 39.67 24.88
C MET L 53 -7.23 39.60 23.42
N SER L 54 -7.16 38.38 22.88
CA SER L 54 -6.79 38.18 21.49
C SER L 54 -7.82 38.82 20.55
N VAL L 55 -7.47 39.96 19.96
CA VAL L 55 -8.36 40.67 19.06
C VAL L 55 -7.99 40.35 17.61
N GLU L 56 -7.62 39.10 17.36
CA GLU L 56 -7.24 38.70 16.01
C GLU L 56 -8.43 38.67 15.05
N HIS L 57 -9.65 38.54 15.58
CA HIS L 57 -10.82 38.52 14.71
C HIS L 57 -11.44 39.89 14.60
N PRO L 58 -11.89 40.30 13.40
CA PRO L 58 -12.47 41.64 13.25
C PRO L 58 -13.74 41.84 14.06
N ALA L 59 -14.51 40.78 14.31
CA ALA L 59 -15.74 40.93 15.08
C ALA L 59 -15.47 41.20 16.56
N ALA L 60 -14.35 40.68 17.07
CA ALA L 60 -13.97 40.88 18.47
C ALA L 60 -13.10 42.11 18.67
N LYS L 61 -13.53 43.26 18.15
CA LYS L 61 -12.74 44.49 18.27
C LYS L 61 -13.66 45.70 18.40
N MET L 62 -14.73 45.73 17.60
CA MET L 62 -15.65 46.87 17.63
C MET L 62 -16.38 46.94 18.97
N LEU L 63 -16.79 45.79 19.51
CA LEU L 63 -17.46 45.79 20.82
C LEU L 63 -16.53 46.29 21.91
N ILE L 64 -15.26 45.87 21.87
CA ILE L 64 -14.29 46.33 22.87
C ILE L 64 -14.04 47.83 22.72
N GLU L 65 -13.96 48.31 21.48
CA GLU L 65 -13.76 49.75 21.26
C GLU L 65 -14.94 50.56 21.75
N VAL L 66 -16.16 50.04 21.58
CA VAL L 66 -17.34 50.74 22.08
C VAL L 66 -17.37 50.71 23.60
N ALA L 67 -17.01 49.58 24.20
CA ALA L 67 -17.01 49.48 25.66
C ALA L 67 -15.95 50.38 26.29
N LYS L 68 -14.81 50.55 25.62
CA LYS L 68 -13.78 51.43 26.15
C LYS L 68 -14.22 52.90 26.18
N THR L 69 -15.05 53.30 25.22
CA THR L 69 -15.54 54.67 25.20
C THR L 69 -16.58 54.91 26.29
N GLN L 70 -17.30 53.86 26.70
CA GLN L 70 -18.29 53.99 27.75
C GLN L 70 -17.67 53.84 29.14
N GLU L 71 -16.58 53.07 29.25
CA GLU L 71 -15.94 52.90 30.55
C GLU L 71 -15.30 54.19 31.05
N LYS L 72 -14.88 55.06 30.14
CA LYS L 72 -14.26 56.33 30.50
C LYS L 72 -15.28 57.39 30.94
N GLU L 73 -16.56 57.05 30.98
CA GLU L 73 -17.61 57.97 31.38
C GLU L 73 -17.83 57.95 32.89
N VAL L 74 -18.37 56.85 33.42
CA VAL L 74 -18.61 56.73 34.85
C VAL L 74 -17.83 55.55 35.40
N GLY L 75 -17.50 54.58 34.55
CA GLY L 75 -16.74 53.42 34.97
C GLY L 75 -17.49 52.52 35.94
N ASP L 76 -18.60 51.95 35.49
CA ASP L 76 -19.39 51.07 36.34
C ASP L 76 -20.24 50.12 35.51
N GLY L 77 -20.79 50.62 34.41
CA GLY L 77 -21.63 49.82 33.54
C GLY L 77 -20.92 49.33 32.30
N THR L 78 -19.83 48.59 32.48
CA THR L 78 -19.04 48.06 31.37
C THR L 78 -19.30 46.58 31.11
N THR L 79 -19.20 45.74 32.13
CA THR L 79 -19.44 44.31 31.94
C THR L 79 -20.91 44.02 31.67
N THR L 80 -21.80 44.68 32.40
CA THR L 80 -23.23 44.46 32.21
C THR L 80 -23.68 44.86 30.81
N ALA L 81 -23.07 45.91 30.24
CA ALA L 81 -23.39 46.30 28.88
C ALA L 81 -23.01 45.21 27.88
N VAL L 82 -21.83 44.61 28.06
CA VAL L 82 -21.40 43.54 27.17
C VAL L 82 -22.31 42.32 27.35
N VAL L 83 -22.74 42.04 28.58
CA VAL L 83 -23.63 40.91 28.81
C VAL L 83 -24.97 41.15 28.12
N VAL L 84 -25.52 42.36 28.23
CA VAL L 84 -26.79 42.66 27.59
C VAL L 84 -26.65 42.60 26.07
N ALA L 85 -25.52 43.08 25.53
CA ALA L 85 -25.30 43.01 24.09
C ALA L 85 -25.22 41.57 23.62
N GLY L 86 -24.50 40.71 24.35
CA GLY L 86 -24.43 39.31 23.99
C GLY L 86 -25.78 38.62 24.08
N GLU L 87 -26.57 38.95 25.10
CA GLU L 87 -27.91 38.37 25.21
C GLU L 87 -28.79 38.81 24.04
N LEU L 88 -28.71 40.09 23.66
CA LEU L 88 -29.47 40.57 22.52
C LEU L 88 -29.06 39.87 21.24
N LEU L 89 -27.74 39.68 21.04
CA LEU L 89 -27.27 38.99 19.85
C LEU L 89 -27.75 37.53 19.83
N ARG L 90 -27.68 36.85 20.96
CA ARG L 90 -28.13 35.47 21.03
C ARG L 90 -29.63 35.36 20.80
N LYS L 91 -30.41 36.35 21.27
CA LYS L 91 -31.84 36.31 21.06
C LYS L 91 -32.20 36.62 19.61
N ALA L 92 -31.46 37.53 18.98
CA ALA L 92 -31.72 37.88 17.59
C ALA L 92 -31.22 36.83 16.61
N GLU L 93 -30.25 35.99 17.02
CA GLU L 93 -29.77 34.94 16.14
C GLU L 93 -30.86 33.90 15.88
N GLU L 94 -31.67 33.60 16.90
CA GLU L 94 -32.74 32.62 16.72
C GLU L 94 -33.88 33.19 15.88
N LEU L 95 -34.08 34.51 15.92
CA LEU L 95 -35.15 35.14 15.15
C LEU L 95 -34.86 35.19 13.66
N LEU L 96 -33.65 34.82 13.24
CA LEU L 96 -33.30 34.83 11.81
C LEU L 96 -33.68 33.53 11.10
N ASP L 97 -34.27 32.57 11.82
CA ASP L 97 -34.66 31.31 11.20
C ASP L 97 -35.99 31.40 10.48
N GLN L 98 -36.74 32.48 10.67
CA GLN L 98 -38.04 32.66 10.02
C GLN L 98 -37.94 33.38 8.69
N ASN L 99 -36.72 33.59 8.17
CA ASN L 99 -36.49 34.25 6.89
C ASN L 99 -37.12 35.65 6.87
N VAL L 100 -36.55 36.50 7.73
CA VAL L 100 -37.01 37.88 7.85
C VAL L 100 -35.93 38.90 7.53
N HIS L 101 -34.65 38.57 7.70
CA HIS L 101 -33.47 39.41 7.42
C HIS L 101 -33.44 40.62 8.35
N PRO L 102 -32.24 41.06 8.76
CA PRO L 102 -32.16 42.14 9.75
C PRO L 102 -32.60 43.50 9.21
N THR L 103 -33.75 43.97 9.69
CA THR L 103 -34.25 45.29 9.32
C THR L 103 -35.28 45.77 10.35
N ILE L 104 -36.35 45.00 10.52
CA ILE L 104 -37.41 45.39 11.45
C ILE L 104 -36.94 45.24 12.89
N VAL L 105 -35.97 44.36 13.14
CA VAL L 105 -35.46 44.17 14.50
C VAL L 105 -34.74 45.43 14.98
N VAL L 106 -34.00 46.10 14.08
CA VAL L 106 -33.31 47.33 14.45
C VAL L 106 -34.33 48.42 14.80
N LYS L 107 -35.39 48.55 14.00
CA LYS L 107 -36.42 49.53 14.29
C LYS L 107 -37.12 49.22 15.60
N GLY L 108 -37.39 47.94 15.87
CA GLY L 108 -37.99 47.57 17.14
C GLY L 108 -37.10 47.90 18.32
N TYR L 109 -35.80 47.64 18.20
CA TYR L 109 -34.87 47.97 19.28
C TYR L 109 -34.80 49.48 19.49
N GLN L 110 -34.78 50.25 18.39
CA GLN L 110 -34.73 51.70 18.52
C GLN L 110 -36.01 52.25 19.15
N ALA L 111 -37.16 51.62 18.85
CA ALA L 111 -38.41 52.07 19.46
C ALA L 111 -38.50 51.66 20.93
N ALA L 112 -37.91 50.52 21.29
CA ALA L 112 -37.96 50.07 22.67
C ALA L 112 -36.95 50.81 23.55
N ALA L 113 -35.84 51.26 22.97
CA ALA L 113 -34.84 51.98 23.77
C ALA L 113 -35.39 53.30 24.28
N GLN L 114 -36.13 54.04 23.44
CA GLN L 114 -36.71 55.30 23.88
C GLN L 114 -37.75 55.07 24.97
N LYS L 115 -38.57 54.03 24.83
CA LYS L 115 -39.56 53.72 25.85
C LYS L 115 -38.89 53.35 27.17
N ALA L 116 -37.80 52.57 27.10
CA ALA L 116 -37.08 52.21 28.32
C ALA L 116 -36.46 53.42 28.97
N GLN L 117 -35.89 54.33 28.18
CA GLN L 117 -35.31 55.54 28.74
C GLN L 117 -36.37 56.44 29.37
N GLU L 118 -37.57 56.48 28.78
CA GLU L 118 -38.64 57.28 29.35
C GLU L 118 -39.19 56.65 30.62
N LEU L 119 -39.23 55.31 30.68
CA LEU L 119 -39.74 54.64 31.88
C LEU L 119 -38.73 54.68 33.02
N LEU L 120 -37.44 54.70 32.71
CA LEU L 120 -36.43 54.76 33.78
C LEU L 120 -36.46 56.10 34.50
N LYS L 121 -36.82 57.17 33.80
CA LYS L 121 -36.87 58.49 34.41
C LYS L 121 -38.12 58.70 35.28
N THR L 122 -39.03 57.74 35.31
CA THR L 122 -40.25 57.85 36.11
C THR L 122 -40.30 56.89 37.29
N ILE L 123 -39.27 56.07 37.50
CA ILE L 123 -39.24 55.12 38.60
C ILE L 123 -38.19 55.51 39.64
N ALA L 124 -37.69 56.74 39.59
CA ALA L 124 -36.69 57.23 40.53
C ALA L 124 -37.32 58.22 41.50
N CYS L 125 -36.50 58.75 42.40
CA CYS L 125 -36.93 59.71 43.40
C CYS L 125 -36.05 60.97 43.31
N GLU L 126 -36.25 61.87 44.27
CA GLU L 126 -35.50 63.12 44.34
C GLU L 126 -34.61 63.09 45.57
N VAL L 127 -33.29 63.20 45.35
CA VAL L 127 -32.30 63.20 46.42
C VAL L 127 -31.62 64.56 46.41
N GLY L 128 -31.84 65.34 47.48
CA GLY L 128 -31.25 66.65 47.60
C GLY L 128 -29.82 66.61 48.10
N ALA L 129 -29.25 67.81 48.27
CA ALA L 129 -27.89 67.94 48.75
C ALA L 129 -27.79 68.02 50.27
N GLN L 130 -28.92 68.06 50.97
CA GLN L 130 -28.91 68.14 52.44
C GLN L 130 -28.87 66.78 53.10
N ASP L 131 -28.82 65.69 52.34
CA ASP L 131 -28.79 64.35 52.90
C ASP L 131 -27.37 63.96 53.28
N LYS L 132 -27.25 62.88 54.04
CA LYS L 132 -25.96 62.37 54.47
C LYS L 132 -26.00 60.87 54.66
N GLU L 133 -27.09 60.36 55.26
CA GLU L 133 -27.24 58.93 55.46
C GLU L 133 -27.50 58.19 54.16
N ILE L 134 -27.95 58.87 53.12
CA ILE L 134 -28.19 58.22 51.84
C ILE L 134 -26.92 58.12 51.01
N LEU L 135 -25.99 59.08 51.19
CA LEU L 135 -24.79 59.13 50.37
C LEU L 135 -23.75 58.09 50.77
N THR L 136 -23.95 57.36 51.86
CA THR L 136 -22.99 56.36 52.29
C THR L 136 -23.32 54.95 51.81
N LYS L 137 -24.60 54.65 51.55
CA LYS L 137 -24.96 53.33 51.07
C LYS L 137 -24.42 53.07 49.67
N ILE L 138 -24.40 54.10 48.82
CA ILE L 138 -23.87 53.93 47.47
C ILE L 138 -22.37 53.66 47.52
N ALA L 139 -21.66 54.29 48.46
CA ALA L 139 -20.23 54.02 48.61
C ALA L 139 -19.99 52.66 49.24
N MET L 140 -20.88 52.21 50.12
CA MET L 140 -20.72 50.89 50.72
C MET L 140 -20.96 49.78 49.72
N THR L 141 -21.99 49.92 48.88
CA THR L 141 -22.30 48.91 47.87
C THR L 141 -21.39 48.98 46.65
N SER L 142 -20.55 50.01 46.54
CA SER L 142 -19.66 50.12 45.39
C SER L 142 -18.49 49.16 45.48
N ILE L 143 -18.15 48.68 46.67
CA ILE L 143 -17.04 47.75 46.85
C ILE L 143 -17.60 46.39 47.29
N THR L 144 -17.90 45.53 46.32
CA THR L 144 -18.42 44.19 46.59
C THR L 144 -17.55 43.10 45.98
N GLY L 145 -17.36 43.12 44.66
CA GLY L 145 -16.52 42.12 44.03
C GLY L 145 -15.04 42.33 44.24
N LYS L 146 -14.64 43.50 44.75
CA LYS L 146 -13.23 43.76 44.99
C LYS L 146 -12.74 43.00 46.21
N GLY L 147 -13.40 43.17 47.35
CA GLY L 147 -13.02 42.49 48.57
C GLY L 147 -13.85 42.92 49.76
N ALA L 148 -15.02 42.30 49.94
CA ALA L 148 -15.92 42.63 51.03
C ALA L 148 -15.48 42.05 52.36
N GLU L 149 -14.39 41.27 52.40
CA GLU L 149 -13.91 40.69 53.63
C GLU L 149 -13.15 41.67 54.52
N LYS L 150 -12.91 42.89 54.03
CA LYS L 150 -12.18 43.88 54.82
C LYS L 150 -12.63 45.29 54.45
N ALA L 151 -13.32 45.43 53.31
CA ALA L 151 -13.81 46.71 52.82
C ALA L 151 -15.34 46.66 52.82
N LYS L 152 -15.94 47.06 53.94
CA LYS L 152 -17.39 47.06 54.08
C LYS L 152 -17.92 48.04 55.11
N GLU L 153 -17.08 48.59 55.99
CA GLU L 153 -17.55 49.52 57.00
C GLU L 153 -16.54 50.66 57.20
N LYS L 154 -15.25 50.33 57.18
CA LYS L 154 -14.22 51.35 57.36
C LYS L 154 -14.08 52.21 56.10
N LEU L 155 -14.17 51.59 54.92
CA LEU L 155 -14.07 52.33 53.67
C LEU L 155 -15.34 53.06 53.30
N ALA L 156 -16.44 52.80 53.99
CA ALA L 156 -17.71 53.47 53.70
C ALA L 156 -17.93 54.74 54.53
N GLU L 157 -16.97 55.09 55.39
CA GLU L 157 -17.09 56.28 56.22
C GLU L 157 -16.01 57.31 55.95
N ILE L 158 -15.02 57.00 55.11
CA ILE L 158 -13.97 57.94 54.78
C ILE L 158 -14.07 58.49 53.37
N ILE L 159 -14.88 57.88 52.50
CA ILE L 159 -15.04 58.40 51.14
C ILE L 159 -16.07 59.53 51.11
N VAL L 160 -17.17 59.38 51.85
CA VAL L 160 -18.20 60.41 51.87
C VAL L 160 -17.68 61.66 52.56
N GLU L 161 -16.90 61.49 53.63
CA GLU L 161 -16.34 62.64 54.33
C GLU L 161 -15.25 63.34 53.52
N ALA L 162 -14.66 62.66 52.55
CA ALA L 162 -13.62 63.26 51.71
C ALA L 162 -14.18 63.91 50.46
N VAL L 163 -15.20 63.32 49.84
CA VAL L 163 -15.78 63.89 48.64
C VAL L 163 -16.64 65.10 48.98
N SER L 164 -17.46 65.00 50.02
CA SER L 164 -18.33 66.11 50.41
C SER L 164 -17.51 67.27 50.98
N ALA L 165 -16.93 68.06 50.09
CA ALA L 165 -16.14 69.22 50.50
C ALA L 165 -16.39 70.40 49.57
N VAL L 166 -16.31 70.15 48.26
CA VAL L 166 -16.58 71.17 47.25
C VAL L 166 -17.75 70.80 46.36
N VAL L 167 -18.37 69.64 46.57
CA VAL L 167 -19.49 69.24 45.73
C VAL L 167 -20.80 69.83 46.25
N ASP L 168 -20.96 69.87 47.57
CA ASP L 168 -22.18 70.43 48.15
C ASP L 168 -22.28 71.93 47.94
N ASP L 169 -21.14 72.62 47.86
CA ASP L 169 -21.17 74.06 47.63
C ASP L 169 -21.47 74.38 46.17
N GLU L 170 -20.76 73.74 45.25
CA GLU L 170 -20.96 73.93 43.82
C GLU L 170 -21.41 72.60 43.23
N GLY L 171 -22.72 72.50 42.93
CA GLY L 171 -23.26 71.28 42.38
C GLY L 171 -23.26 71.26 40.86
N LYS L 172 -22.08 71.43 40.26
CA LYS L 172 -21.97 71.44 38.81
C LYS L 172 -20.56 71.04 38.38
N VAL L 173 -19.56 71.76 38.87
CA VAL L 173 -18.16 71.51 38.54
C VAL L 173 -17.45 71.07 39.81
N ASP L 174 -16.94 69.84 39.81
CA ASP L 174 -16.23 69.28 40.96
C ASP L 174 -15.08 68.40 40.50
N LYS L 175 -14.36 68.84 39.48
CA LYS L 175 -13.24 68.07 38.94
C LYS L 175 -12.04 68.23 39.88
N ASP L 176 -11.70 67.15 40.59
CA ASP L 176 -10.58 67.14 41.52
C ASP L 176 -9.47 66.22 40.99
N LEU L 177 -8.38 66.16 41.74
CA LEU L 177 -7.22 65.34 41.39
C LEU L 177 -6.96 64.38 42.54
N ILE L 178 -7.45 63.15 42.40
CA ILE L 178 -7.28 62.11 43.41
C ILE L 178 -6.18 61.17 42.94
N LYS L 179 -5.16 60.99 43.77
CA LYS L 179 -4.03 60.12 43.45
C LYS L 179 -3.95 59.01 44.48
N ILE L 180 -3.85 57.76 44.02
CA ILE L 180 -3.76 56.59 44.88
C ILE L 180 -2.35 56.01 44.72
N GLU L 181 -1.64 55.88 45.82
CA GLU L 181 -0.29 55.35 45.83
C GLU L 181 -0.31 53.87 46.16
N LYS L 182 0.49 53.09 45.44
CA LYS L 182 0.58 51.64 45.61
C LYS L 182 1.80 51.33 46.46
N LYS L 183 1.59 51.19 47.77
CA LYS L 183 2.66 50.87 48.70
C LYS L 183 2.16 49.82 49.68
N SER L 184 3.06 48.92 50.09
CA SER L 184 2.73 47.86 51.02
C SER L 184 3.05 48.29 52.45
N GLY L 185 2.92 47.35 53.39
CA GLY L 185 3.19 47.63 54.78
C GLY L 185 3.34 46.38 55.62
N ALA L 186 2.55 46.27 56.69
CA ALA L 186 2.61 45.12 57.57
C ALA L 186 1.26 44.87 58.23
N SER L 187 0.39 45.88 58.24
CA SER L 187 -0.93 45.75 58.84
C SER L 187 -1.86 44.95 57.92
N ILE L 188 -3.04 44.65 58.42
CA ILE L 188 -4.04 43.89 57.66
C ILE L 188 -4.62 44.78 56.57
N ASP L 189 -5.33 45.84 56.98
CA ASP L 189 -5.95 46.76 56.02
C ASP L 189 -6.11 48.11 56.73
N ASP L 190 -5.23 49.05 56.40
CA ASP L 190 -5.25 50.38 57.00
C ASP L 190 -5.52 51.42 55.91
N THR L 191 -6.38 52.39 56.24
CA THR L 191 -6.75 53.45 55.32
C THR L 191 -6.49 54.79 55.99
N GLU L 192 -5.63 55.60 55.38
CA GLU L 192 -5.29 56.92 55.88
C GLU L 192 -5.80 57.98 54.92
N LEU L 193 -6.40 59.03 55.47
CA LEU L 193 -6.95 60.14 54.69
C LEU L 193 -6.17 61.40 55.04
N ILE L 194 -5.16 61.72 54.22
CA ILE L 194 -4.30 62.87 54.48
C ILE L 194 -5.00 64.13 54.02
N LYS L 195 -5.13 65.10 54.93
CA LYS L 195 -5.77 66.37 54.62
C LYS L 195 -4.72 67.44 54.32
N GLY L 196 -3.81 67.09 53.41
CA GLY L 196 -2.75 68.00 53.02
C GLY L 196 -1.98 67.55 51.80
N VAL L 197 -0.65 67.62 51.88
CA VAL L 197 0.24 67.28 50.77
C VAL L 197 1.07 66.07 51.18
N LEU L 198 1.18 65.10 50.27
CA LEU L 198 1.97 63.90 50.50
C LEU L 198 3.05 63.81 49.43
N VAL L 199 4.30 63.69 49.87
CA VAL L 199 5.45 63.57 48.98
C VAL L 199 6.08 62.20 49.19
N ASP L 200 6.26 61.46 48.10
CA ASP L 200 6.82 60.11 48.16
C ASP L 200 8.28 60.17 47.70
N LYS L 201 9.14 60.62 48.60
CA LYS L 201 10.56 60.71 48.32
C LYS L 201 11.32 60.78 49.64
N GLU L 202 12.39 60.00 49.74
CA GLU L 202 13.22 59.93 50.93
C GLU L 202 14.44 60.83 50.75
N ARG L 203 15.44 60.64 51.61
CA ARG L 203 16.67 61.42 51.56
C ARG L 203 17.85 60.46 51.74
N VAL L 204 19.01 61.02 52.08
CA VAL L 204 20.22 60.23 52.29
C VAL L 204 21.00 60.83 53.45
N SER L 205 20.74 62.10 53.76
CA SER L 205 21.41 62.81 54.85
C SER L 205 20.36 63.26 55.84
N ALA L 206 20.25 62.55 56.96
CA ALA L 206 19.27 62.87 58.00
C ALA L 206 19.90 63.83 59.02
N GLN L 207 20.19 65.04 58.53
CA GLN L 207 20.79 66.09 59.34
C GLN L 207 19.96 67.36 59.33
N MET L 208 18.68 67.27 59.00
CA MET L 208 17.80 68.43 58.94
C MET L 208 16.58 68.21 59.82
N PRO L 209 16.09 69.26 60.48
CA PRO L 209 14.89 69.11 61.32
C PRO L 209 13.67 68.79 60.48
N LYS L 210 12.64 68.29 61.17
CA LYS L 210 11.39 67.91 60.52
C LYS L 210 10.18 68.33 61.34
N LYS L 211 10.28 69.44 62.07
CA LYS L 211 9.17 69.94 62.89
C LYS L 211 9.31 71.46 62.98
N VAL L 212 8.67 72.16 62.06
CA VAL L 212 8.68 73.62 62.00
C VAL L 212 7.24 74.10 62.07
N THR L 213 6.98 75.05 62.96
CA THR L 213 5.64 75.58 63.15
C THR L 213 5.38 76.73 62.18
N ASP L 214 4.16 76.75 61.64
CA ASP L 214 3.69 77.76 60.68
C ASP L 214 4.76 78.10 59.64
N ALA L 215 5.33 77.05 59.05
CA ALA L 215 6.34 77.23 58.02
C ALA L 215 5.71 77.69 56.71
N LYS L 216 6.54 78.28 55.86
CA LYS L 216 6.11 78.77 54.55
C LYS L 216 6.81 78.00 53.45
N ILE L 217 6.04 77.59 52.44
CA ILE L 217 6.56 76.82 51.33
C ILE L 217 6.99 77.76 50.22
N ALA L 218 8.23 77.60 49.75
CA ALA L 218 8.77 78.40 48.65
C ALA L 218 9.18 77.47 47.53
N LEU L 219 8.55 77.64 46.36
CA LEU L 219 8.81 76.80 45.20
C LEU L 219 9.93 77.41 44.37
N LEU L 220 11.04 76.68 44.26
CA LEU L 220 12.18 77.11 43.47
C LEU L 220 12.55 76.01 42.49
N ASN L 221 12.70 76.38 41.22
CA ASN L 221 13.04 75.42 40.18
C ASN L 221 14.55 75.24 40.07
N CYS L 222 15.07 75.26 38.83
CA CYS L 222 16.50 75.08 38.61
C CYS L 222 17.21 76.43 38.60
N ALA L 223 18.34 76.50 37.88
CA ALA L 223 19.14 77.72 37.77
C ALA L 223 19.57 78.23 39.15
N ILE L 224 19.97 77.31 40.02
CA ILE L 224 20.41 77.63 41.37
C ILE L 224 21.86 77.23 41.61
N GLU L 225 22.25 76.04 41.15
CA GLU L 225 23.61 75.55 41.35
C GLU L 225 24.59 76.33 40.46
N ILE L 226 25.87 76.00 40.60
CA ILE L 226 26.90 76.68 39.82
C ILE L 226 26.91 76.20 38.38
N LYS L 227 26.73 74.90 38.17
CA LYS L 227 26.73 74.31 36.83
C LYS L 227 25.54 73.38 36.69
N GLU L 228 24.62 73.73 35.79
CA GLU L 228 23.44 72.92 35.55
C GLU L 228 23.05 72.97 34.08
N THR L 229 23.48 74.01 33.37
CA THR L 229 23.17 74.16 31.96
C THR L 229 24.44 74.33 31.15
N GLU L 230 24.48 75.37 30.30
CA GLU L 230 25.64 75.65 29.47
C GLU L 230 25.78 77.16 29.31
N THR L 231 26.95 77.58 28.85
CA THR L 231 27.27 78.99 28.64
C THR L 231 27.92 79.16 27.28
N ASP L 232 27.34 80.04 26.45
CA ASP L 232 27.88 80.27 25.12
C ASP L 232 29.09 81.19 25.17
N ALA L 233 29.01 82.27 25.94
CA ALA L 233 30.11 83.23 26.06
C ALA L 233 31.20 82.62 26.94
N GLU L 234 32.27 82.15 26.31
CA GLU L 234 33.37 81.54 27.05
C GLU L 234 34.19 82.61 27.75
N ILE L 235 34.87 82.20 28.81
CA ILE L 235 35.71 83.09 29.61
C ILE L 235 37.15 82.58 29.55
N ARG L 236 38.06 83.42 30.06
CA ARG L 236 39.47 83.10 30.09
C ARG L 236 40.01 83.34 31.50
N ILE L 237 41.26 82.92 31.72
CA ILE L 237 41.93 83.08 33.00
C ILE L 237 43.22 83.85 32.79
N THR L 238 43.58 84.65 33.80
CA THR L 238 44.80 85.45 33.74
C THR L 238 45.72 85.13 34.92
N ASP L 239 45.27 85.32 36.16
CA ASP L 239 46.08 85.04 37.34
C ASP L 239 45.49 83.89 38.13
N PRO L 240 46.34 83.03 38.72
CA PRO L 240 45.82 81.91 39.51
C PRO L 240 45.06 82.35 40.75
N ALA L 241 45.32 83.54 41.28
CA ALA L 241 44.64 84.02 42.47
C ALA L 241 43.25 84.59 42.17
N LYS L 242 42.83 84.60 40.91
CA LYS L 242 41.52 85.12 40.52
C LYS L 242 40.45 84.04 40.46
N LEU L 243 40.79 82.86 39.93
CA LEU L 243 39.81 81.78 39.85
C LEU L 243 39.40 81.30 41.24
N MET L 244 40.37 81.18 42.16
CA MET L 244 40.05 80.77 43.52
C MET L 244 39.19 81.82 44.22
N GLU L 245 39.48 83.10 43.98
CA GLU L 245 38.66 84.16 44.56
C GLU L 245 37.24 84.13 44.02
N PHE L 246 37.09 83.89 42.72
CA PHE L 246 35.75 83.79 42.14
C PHE L 246 35.00 82.59 42.68
N ILE L 247 35.69 81.46 42.87
CA ILE L 247 35.05 80.28 43.43
C ILE L 247 34.60 80.55 44.86
N GLU L 248 35.46 81.19 45.65
CA GLU L 248 35.10 81.51 47.03
C GLU L 248 33.91 82.48 47.08
N GLN L 249 33.88 83.45 46.16
CA GLN L 249 32.75 84.39 46.12
C GLN L 249 31.47 83.68 45.74
N GLU L 250 31.51 82.79 44.75
CA GLU L 250 30.32 82.05 44.36
C GLU L 250 29.87 81.10 45.46
N GLU L 251 30.80 80.59 46.27
CA GLU L 251 30.42 79.73 47.37
C GLU L 251 29.79 80.53 48.50
N LYS L 252 30.33 81.70 48.81
CA LYS L 252 29.78 82.54 49.87
C LYS L 252 28.49 83.24 49.45
N MET L 253 28.22 83.32 48.14
CA MET L 253 26.97 83.94 47.70
C MET L 253 25.75 83.16 48.18
N LEU L 254 25.90 81.85 48.38
CA LEU L 254 24.78 81.04 48.86
C LEU L 254 24.32 81.47 50.24
N LYS L 255 25.24 81.98 51.07
CA LYS L 255 24.87 82.45 52.41
C LYS L 255 23.85 83.58 52.32
N ASP L 256 24.19 84.64 51.55
CA ASP L 256 23.26 85.74 51.41
C ASP L 256 22.02 85.34 50.60
N MET L 257 22.15 84.38 49.69
CA MET L 257 20.99 83.91 48.95
C MET L 257 19.97 83.25 49.89
N VAL L 258 20.45 82.45 50.84
CA VAL L 258 19.56 81.83 51.81
C VAL L 258 19.06 82.87 52.81
N ALA L 259 19.90 83.85 53.17
CA ALA L 259 19.47 84.89 54.11
C ALA L 259 18.35 85.73 53.51
N GLU L 260 18.40 85.99 52.20
CA GLU L 260 17.33 86.74 51.57
C GLU L 260 16.01 85.98 51.61
N ILE L 261 16.05 84.67 51.36
CA ILE L 261 14.83 83.86 51.43
C ILE L 261 14.31 83.80 52.85
N LYS L 262 15.21 83.74 53.83
CA LYS L 262 14.79 83.73 55.23
C LYS L 262 14.13 85.05 55.62
N ALA L 263 14.70 86.17 55.17
CA ALA L 263 14.12 87.47 55.49
C ALA L 263 12.82 87.70 54.74
N SER L 264 12.65 87.07 53.58
CA SER L 264 11.42 87.24 52.81
C SER L 264 10.24 86.53 53.48
N GLY L 265 10.51 85.46 54.22
CA GLY L 265 9.45 84.74 54.91
C GLY L 265 9.18 83.37 54.33
N ALA L 266 10.16 82.47 54.43
CA ALA L 266 10.03 81.12 53.91
C ALA L 266 10.88 80.18 54.74
N ASN L 267 10.37 78.98 55.00
CA ASN L 267 11.07 77.97 55.78
C ASN L 267 11.08 76.60 55.14
N VAL L 268 10.43 76.42 53.99
CA VAL L 268 10.39 75.15 53.28
C VAL L 268 10.99 75.35 51.89
N LEU L 269 11.92 74.49 51.52
CA LEU L 269 12.62 74.56 50.23
C LEU L 269 12.28 73.31 49.43
N PHE L 270 11.62 73.50 48.29
CA PHE L 270 11.27 72.41 47.39
C PHE L 270 11.97 72.64 46.06
N CYS L 271 12.98 71.83 45.77
CA CYS L 271 13.75 71.93 44.54
C CYS L 271 13.41 70.76 43.62
N GLN L 272 13.52 71.01 42.32
CA GLN L 272 13.22 69.96 41.34
C GLN L 272 14.31 68.90 41.31
N LYS L 273 15.58 69.32 41.32
CA LYS L 273 16.69 68.39 41.30
C LYS L 273 17.11 68.01 42.72
N GLY L 274 18.39 67.69 42.91
CA GLY L 274 18.92 67.31 44.20
C GLY L 274 19.70 68.43 44.86
N ILE L 275 19.73 68.41 46.19
CA ILE L 275 20.45 69.40 46.98
C ILE L 275 21.76 68.80 47.43
N ASP L 276 22.85 69.53 47.23
CA ASP L 276 24.17 69.05 47.62
C ASP L 276 24.31 69.02 49.14
N ASP L 277 25.20 68.16 49.62
CA ASP L 277 25.40 68.02 51.05
C ASP L 277 26.04 69.26 51.66
N LEU L 278 26.80 70.02 50.88
CA LEU L 278 27.43 71.22 51.40
C LEU L 278 26.43 72.36 51.61
N ALA L 279 25.27 72.30 50.97
CA ALA L 279 24.25 73.32 51.11
C ALA L 279 23.23 72.99 52.20
N GLN L 280 23.51 71.99 53.03
CA GLN L 280 22.59 71.60 54.10
C GLN L 280 22.85 72.37 55.39
N HIS L 281 24.13 72.55 55.76
CA HIS L 281 24.45 73.27 56.98
C HIS L 281 23.92 74.69 56.96
N TYR L 282 24.01 75.35 55.80
CA TYR L 282 23.47 76.70 55.66
C TYR L 282 21.96 76.73 55.87
N LEU L 283 21.28 75.61 55.67
CA LEU L 283 19.85 75.50 55.93
C LEU L 283 19.55 75.00 57.33
N ALA L 284 20.56 74.64 58.11
CA ALA L 284 20.36 74.15 59.46
C ALA L 284 20.55 75.21 60.54
N LYS L 285 21.37 76.23 60.28
CA LYS L 285 21.59 77.30 61.25
C LYS L 285 20.48 78.35 61.24
N GLU L 286 19.49 78.21 60.36
CA GLU L 286 18.39 79.17 60.28
C GLU L 286 17.02 78.54 60.45
N GLY L 287 16.93 77.21 60.49
CA GLY L 287 15.64 76.55 60.66
C GLY L 287 14.81 76.54 59.40
N ILE L 288 15.37 75.99 58.31
CA ILE L 288 14.70 75.90 57.03
C ILE L 288 14.62 74.44 56.62
N VAL L 289 13.43 74.00 56.23
CA VAL L 289 13.24 72.61 55.81
C VAL L 289 13.94 72.39 54.48
N ALA L 290 14.77 71.35 54.43
CA ALA L 290 15.51 71.00 53.22
C ALA L 290 14.89 69.78 52.56
N ALA L 291 14.60 69.89 51.27
CA ALA L 291 14.02 68.81 50.50
C ALA L 291 14.61 68.81 49.10
N ARG L 292 14.49 67.68 48.41
CA ARG L 292 15.02 67.53 47.07
C ARG L 292 14.19 66.50 46.32
N ARG L 293 14.35 66.50 44.98
CA ARG L 293 13.67 65.57 44.10
C ARG L 293 12.16 65.65 44.26
N VAL L 294 11.54 66.65 43.67
CA VAL L 294 10.09 66.85 43.73
C VAL L 294 9.52 66.52 42.36
N LYS L 295 8.63 65.53 42.31
CA LYS L 295 8.01 65.14 41.06
C LYS L 295 7.02 66.20 40.59
N LYS L 296 6.86 66.31 39.27
CA LYS L 296 5.93 67.29 38.71
C LYS L 296 4.50 67.02 39.15
N SER L 297 4.13 65.74 39.26
CA SER L 297 2.79 65.39 39.71
C SER L 297 2.56 65.83 41.15
N ASP L 298 3.60 65.82 41.98
CA ASP L 298 3.50 66.29 43.35
C ASP L 298 3.75 67.78 43.48
N MET L 299 4.39 68.40 42.49
CA MET L 299 4.65 69.84 42.51
C MET L 299 3.47 70.66 41.99
N GLU L 300 2.70 70.12 41.05
CA GLU L 300 1.56 70.84 40.52
C GLU L 300 0.45 71.02 41.54
N LYS L 301 0.45 70.22 42.61
CA LYS L 301 -0.56 70.33 43.66
C LYS L 301 -0.21 71.36 44.72
N LEU L 302 0.84 72.17 44.49
CA LEU L 302 1.25 73.18 45.46
C LEU L 302 0.80 74.58 45.07
N ALA L 303 0.56 74.84 43.80
CA ALA L 303 0.14 76.17 43.36
C ALA L 303 -1.35 76.42 43.57
N LYS L 304 -2.17 75.37 43.53
CA LYS L 304 -3.61 75.51 43.71
C LYS L 304 -4.05 75.25 45.15
N ALA L 305 -3.14 74.80 46.02
CA ALA L 305 -3.47 74.52 47.41
C ALA L 305 -2.84 75.53 48.35
N THR L 306 -1.51 75.66 48.34
CA THR L 306 -0.85 76.62 49.22
C THR L 306 -0.93 78.04 48.67
N GLY L 307 -0.77 78.20 47.36
CA GLY L 307 -0.83 79.50 46.75
C GLY L 307 0.54 80.15 46.58
N ALA L 308 1.29 79.69 45.58
CA ALA L 308 2.62 80.23 45.31
C ALA L 308 2.94 80.04 43.84
N ASN L 309 3.85 80.88 43.34
CA ASN L 309 4.27 80.83 41.95
C ASN L 309 5.62 80.12 41.83
N VAL L 310 6.12 80.04 40.61
CA VAL L 310 7.40 79.40 40.33
C VAL L 310 8.40 80.44 39.86
N ILE L 311 9.68 80.13 40.04
CA ILE L 311 10.77 81.02 39.65
C ILE L 311 11.67 80.25 38.70
N THR L 312 11.81 80.75 37.47
CA THR L 312 12.65 80.10 36.47
C THR L 312 14.14 80.33 36.70
N ASN L 313 14.49 81.36 37.47
CA ASN L 313 15.90 81.65 37.73
C ASN L 313 16.20 81.54 39.22
N ILE L 314 16.92 82.53 39.76
CA ILE L 314 17.27 82.54 41.17
C ILE L 314 17.14 83.96 41.71
N LYS L 315 17.35 84.94 40.85
CA LYS L 315 17.26 86.35 41.22
C LYS L 315 15.86 86.93 41.01
N ASP L 316 14.89 86.12 40.59
CA ASP L 316 13.53 86.57 40.35
C ASP L 316 12.61 86.30 41.54
N LEU L 317 13.17 86.04 42.72
CA LEU L 317 12.39 85.77 43.91
C LEU L 317 12.32 87.03 44.77
N SER L 318 11.10 87.41 45.15
CA SER L 318 10.89 88.60 45.96
C SER L 318 10.10 88.26 47.23
N ALA L 319 8.85 88.68 47.29
CA ALA L 319 7.99 88.42 48.44
C ALA L 319 6.61 87.92 48.08
N GLN L 320 6.11 88.18 46.87
CA GLN L 320 4.80 87.72 46.46
C GLN L 320 4.79 86.29 45.94
N ASP L 321 5.97 85.71 45.69
CA ASP L 321 6.08 84.34 45.19
C ASP L 321 6.27 83.33 46.32
N LEU L 322 5.62 83.55 47.46
CA LEU L 322 5.72 82.66 48.61
C LEU L 322 4.33 82.14 48.98
N GLY L 323 4.32 81.00 49.66
CA GLY L 323 3.08 80.38 50.09
C GLY L 323 2.92 80.32 51.59
N ASP L 324 2.11 79.39 52.07
CA ASP L 324 1.87 79.23 53.50
C ASP L 324 1.51 77.77 53.77
N ALA L 325 2.06 77.24 54.86
CA ALA L 325 1.80 75.86 55.24
C ALA L 325 1.45 75.75 56.71
N GLY L 326 1.41 74.53 57.24
CA GLY L 326 1.09 74.31 58.64
C GLY L 326 2.15 73.54 59.39
N LEU L 327 2.33 72.26 59.05
CA LEU L 327 3.31 71.42 59.71
C LEU L 327 3.88 70.45 58.70
N VAL L 328 5.21 70.47 58.52
CA VAL L 328 5.91 69.58 57.61
C VAL L 328 6.65 68.55 58.44
N GLU L 329 6.38 67.28 58.20
CA GLU L 329 6.98 66.19 58.95
C GLU L 329 7.44 65.10 58.00
N GLU L 330 8.43 64.32 58.44
CA GLU L 330 8.99 63.21 57.68
C GLU L 330 8.99 61.98 58.59
N ARG L 331 7.95 61.17 58.48
CA ARG L 331 7.81 59.97 59.30
C ARG L 331 8.08 58.72 58.46
N LYS L 332 8.54 57.67 59.12
CA LYS L 332 8.84 56.39 58.48
C LYS L 332 7.68 55.44 58.79
N ILE L 333 6.69 55.42 57.91
CA ILE L 333 5.51 54.60 58.06
C ILE L 333 5.42 53.62 56.90
N SER L 334 5.07 52.37 57.21
CA SER L 334 4.95 51.31 56.21
C SER L 334 6.26 51.09 55.45
N GLY L 335 7.38 51.10 56.18
CA GLY L 335 8.68 50.87 55.60
C GLY L 335 9.32 52.11 55.02
N ASP L 336 8.77 52.61 53.91
CA ASP L 336 9.32 53.78 53.26
C ASP L 336 9.06 55.04 54.08
N SER L 337 9.77 56.10 53.71
CA SER L 337 9.64 57.40 54.37
C SER L 337 8.96 58.39 53.42
N MET L 338 7.93 59.06 53.92
CA MET L 338 7.18 60.02 53.14
C MET L 338 7.09 61.35 53.88
N ILE L 339 6.85 62.42 53.13
CA ILE L 339 6.76 63.77 53.68
C ILE L 339 5.29 64.17 53.74
N PHE L 340 4.84 64.59 54.92
CA PHE L 340 3.45 65.00 55.14
C PHE L 340 3.44 66.49 55.47
N VAL L 341 2.70 67.25 54.68
CA VAL L 341 2.51 68.69 54.92
C VAL L 341 1.05 68.90 55.26
N GLU L 342 0.77 69.18 56.53
CA GLU L 342 -0.59 69.37 57.02
C GLU L 342 -0.89 70.84 57.19
N GLU L 343 -2.19 71.16 57.15
CA GLU L 343 -2.70 72.53 57.28
C GLU L 343 -2.16 73.42 56.17
N CYS L 344 -2.85 73.45 55.03
CA CYS L 344 -2.43 74.28 53.91
C CYS L 344 -3.21 75.59 53.90
N LYS L 345 -4.16 75.72 52.99
CA LYS L 345 -4.98 76.93 52.90
C LYS L 345 -6.31 76.63 52.22
N HIS L 346 -6.26 76.04 51.03
CA HIS L 346 -7.45 75.69 50.26
C HIS L 346 -7.49 74.18 50.09
N PRO L 347 -8.18 73.46 50.98
CA PRO L 347 -8.25 71.99 50.84
C PRO L 347 -9.14 71.56 49.68
N LYS L 348 -8.61 71.60 48.47
CA LYS L 348 -9.38 71.21 47.30
C LYS L 348 -9.43 69.69 47.14
N ALA L 349 -8.29 69.08 46.85
CA ALA L 349 -8.19 67.64 46.68
C ALA L 349 -7.87 66.97 48.01
N VAL L 350 -7.72 65.64 47.98
CA VAL L 350 -7.42 64.85 49.16
C VAL L 350 -6.59 63.66 48.73
N THR L 351 -5.86 63.10 49.69
CA THR L 351 -4.97 61.97 49.44
C THR L 351 -5.41 60.77 50.28
N MET L 352 -5.48 59.60 49.65
CA MET L 352 -5.87 58.37 50.32
C MET L 352 -4.74 57.36 50.21
N LEU L 353 -4.33 56.80 51.35
CA LEU L 353 -3.26 55.82 51.41
C LEU L 353 -3.82 54.51 51.93
N ILE L 354 -3.49 53.41 51.24
CA ILE L 354 -3.95 52.08 51.59
C ILE L 354 -2.74 51.23 51.93
N ARG L 355 -2.78 50.57 53.08
CA ARG L 355 -1.70 49.72 53.56
C ARG L 355 -2.24 48.31 53.78
N GLY L 356 -1.62 47.33 53.14
CA GLY L 356 -2.03 45.95 53.23
C GLY L 356 -0.88 45.07 53.71
N THR L 357 -0.91 43.82 53.24
CA THR L 357 0.10 42.84 53.63
C THR L 357 1.11 42.62 52.50
N THR L 358 0.69 41.90 51.46
CA THR L 358 1.58 41.61 50.33
C THR L 358 1.61 42.76 49.35
N GLU L 359 1.58 42.45 48.05
CA GLU L 359 1.62 43.45 46.99
C GLU L 359 0.40 43.44 46.09
N HIS L 360 -0.35 42.34 46.04
CA HIS L 360 -1.53 42.26 45.20
C HIS L 360 -2.80 42.72 45.90
N VAL L 361 -2.76 42.94 47.22
CA VAL L 361 -3.93 43.40 47.94
C VAL L 361 -4.13 44.90 47.75
N ILE L 362 -3.06 45.67 47.92
CA ILE L 362 -3.16 47.13 47.74
C ILE L 362 -3.60 47.47 46.33
N GLU L 363 -3.05 46.77 45.33
CA GLU L 363 -3.50 46.97 43.96
C GLU L 363 -4.97 46.66 43.81
N GLU L 364 -5.47 45.66 44.56
CA GLU L 364 -6.89 45.35 44.53
C GLU L 364 -7.72 46.54 44.99
N VAL L 365 -7.17 47.36 45.90
CA VAL L 365 -7.88 48.57 46.30
C VAL L 365 -7.69 49.67 45.27
N ALA L 366 -6.60 49.62 44.51
CA ALA L 366 -6.34 50.65 43.50
C ALA L 366 -7.43 50.67 42.43
N ARG L 367 -7.97 49.50 42.09
CA ARG L 367 -9.07 49.40 41.14
C ARG L 367 -10.44 49.51 41.82
N ALA L 368 -10.47 49.84 43.11
CA ALA L 368 -11.72 49.97 43.86
C ALA L 368 -12.03 51.41 44.25
N VAL L 369 -11.02 52.25 44.48
CA VAL L 369 -11.28 53.63 44.86
C VAL L 369 -11.81 54.44 43.68
N ASP L 370 -11.19 54.27 42.50
CA ASP L 370 -11.63 55.02 41.34
C ASP L 370 -13.05 54.65 40.94
N ASP L 371 -13.48 53.42 41.20
CA ASP L 371 -14.85 53.00 40.95
C ASP L 371 -15.79 53.31 42.10
N ALA L 372 -15.30 53.91 43.19
CA ALA L 372 -16.13 54.25 44.32
C ALA L 372 -16.46 55.73 44.40
N VAL L 373 -15.64 56.60 43.81
CA VAL L 373 -15.89 58.03 43.82
C VAL L 373 -16.68 58.41 42.58
N GLY L 374 -16.50 57.64 41.49
CA GLY L 374 -17.20 57.94 40.26
C GLY L 374 -18.70 57.83 40.39
N VAL L 375 -19.19 57.00 41.31
CA VAL L 375 -20.63 56.88 41.55
C VAL L 375 -21.15 57.93 42.52
N VAL L 376 -20.28 58.80 43.03
CA VAL L 376 -20.69 59.84 43.96
C VAL L 376 -20.88 61.17 43.24
N GLY L 377 -19.93 61.54 42.37
CA GLY L 377 -20.04 62.78 41.64
C GLY L 377 -21.26 62.85 40.73
N CYS L 378 -21.71 61.70 40.25
CA CYS L 378 -22.92 61.62 39.43
C CYS L 378 -24.18 61.51 40.27
N THR L 379 -24.08 61.56 41.60
CA THR L 379 -25.24 61.46 42.47
C THR L 379 -25.76 62.84 42.87
N ILE L 380 -24.86 63.74 43.28
CA ILE L 380 -25.29 65.08 43.69
C ILE L 380 -25.73 65.89 42.47
N GLU L 381 -25.02 65.74 41.35
CA GLU L 381 -25.39 66.50 40.16
C GLU L 381 -26.70 66.01 39.55
N ASP L 382 -27.05 64.75 39.77
CA ASP L 382 -28.28 64.20 39.24
C ASP L 382 -29.32 64.01 40.34
N GLY L 383 -29.27 62.88 41.03
CA GLY L 383 -30.19 62.59 42.10
C GLY L 383 -31.31 61.63 41.76
N ARG L 384 -31.25 60.96 40.62
CA ARG L 384 -32.29 60.01 40.21
C ARG L 384 -31.87 58.60 40.59
N ILE L 385 -31.76 58.39 41.90
CA ILE L 385 -31.35 57.10 42.44
C ILE L 385 -32.50 56.12 42.33
N VAL L 386 -32.25 54.98 41.70
CA VAL L 386 -33.27 53.94 41.53
C VAL L 386 -32.96 52.77 42.44
N SER L 387 -33.77 51.72 42.36
CA SER L 387 -33.58 50.52 43.18
C SER L 387 -32.65 49.57 42.46
N GLY L 388 -31.44 49.39 43.01
CA GLY L 388 -30.47 48.51 42.42
C GLY L 388 -30.69 47.05 42.78
N GLY L 389 -29.76 46.21 42.34
CA GLY L 389 -29.84 44.79 42.60
C GLY L 389 -30.62 43.99 41.59
N GLY L 390 -30.74 44.48 40.36
CA GLY L 390 -31.48 43.76 39.35
C GLY L 390 -32.98 43.89 39.44
N SER L 391 -33.47 45.08 39.81
CA SER L 391 -34.90 45.32 39.95
C SER L 391 -35.48 46.20 38.86
N THR L 392 -34.65 47.02 38.19
CA THR L 392 -35.15 47.88 37.13
C THR L 392 -35.46 47.09 35.87
N GLU L 393 -34.65 46.10 35.54
CA GLU L 393 -34.89 45.29 34.34
C GLU L 393 -36.17 44.49 34.47
N VAL L 394 -36.41 43.88 35.64
CA VAL L 394 -37.64 43.13 35.85
C VAL L 394 -38.85 44.05 35.82
N GLU L 395 -38.71 45.28 36.31
CA GLU L 395 -39.82 46.21 36.28
C GLU L 395 -40.14 46.67 34.86
N LEU L 396 -39.10 46.90 34.05
CA LEU L 396 -39.31 47.33 32.68
C LEU L 396 -39.80 46.19 31.80
N SER L 397 -39.46 44.94 32.15
CA SER L 397 -39.94 43.80 31.37
C SER L 397 -41.44 43.62 31.50
N MET L 398 -42.00 43.91 32.68
CA MET L 398 -43.44 43.80 32.86
C MET L 398 -44.20 44.92 32.15
N LYS L 399 -43.54 46.04 31.86
CA LYS L 399 -44.16 47.15 31.16
C LYS L 399 -44.02 47.06 29.65
N LEU L 400 -42.89 46.55 29.16
CA LEU L 400 -42.70 46.43 27.72
C LEU L 400 -43.68 45.41 27.12
N ARG L 401 -44.01 44.36 27.86
CA ARG L 401 -44.95 43.35 27.35
C ARG L 401 -46.32 43.97 27.09
N GLU L 402 -46.80 44.82 27.99
CA GLU L 402 -48.09 45.46 27.79
C GLU L 402 -48.00 46.68 26.88
N TYR L 403 -46.80 47.26 26.70
CA TYR L 403 -46.65 48.37 25.77
C TYR L 403 -46.57 47.89 24.32
N ALA L 404 -46.01 46.70 24.08
CA ALA L 404 -45.90 46.17 22.74
C ALA L 404 -47.24 45.70 22.17
N GLU L 405 -48.28 45.60 22.99
CA GLU L 405 -49.58 45.15 22.53
C GLU L 405 -50.34 46.23 21.76
N GLY L 406 -49.91 47.48 21.83
CA GLY L 406 -50.57 48.56 21.13
C GLY L 406 -50.17 48.74 19.69
N ILE L 407 -49.20 47.97 19.21
CA ILE L 407 -48.74 48.07 17.83
C ILE L 407 -49.02 46.75 17.11
N SER L 408 -49.10 46.83 15.79
CA SER L 408 -49.37 45.67 14.95
C SER L 408 -48.30 45.59 13.87
N GLY L 409 -47.83 44.38 13.60
CA GLY L 409 -46.81 44.18 12.59
C GLY L 409 -45.72 43.26 13.12
N ARG L 410 -44.66 43.15 12.33
CA ARG L 410 -43.52 42.32 12.70
C ARG L 410 -42.61 42.98 13.72
N GLU L 411 -42.84 44.24 14.05
CA GLU L 411 -42.00 44.94 15.03
C GLU L 411 -42.33 44.55 16.47
N GLN L 412 -43.45 43.86 16.70
CA GLN L 412 -43.79 43.45 18.06
C GLN L 412 -42.87 42.34 18.56
N LEU L 413 -42.45 41.45 17.67
CA LEU L 413 -41.54 40.38 18.06
C LEU L 413 -40.17 40.92 18.48
N ALA L 414 -39.75 42.04 17.90
CA ALA L 414 -38.48 42.65 18.31
C ALA L 414 -38.59 43.26 19.70
N VAL L 415 -39.71 43.94 19.99
CA VAL L 415 -39.90 44.51 21.31
C VAL L 415 -40.03 43.42 22.36
N ARG L 416 -40.74 42.33 22.03
CA ARG L 416 -40.87 41.22 22.97
C ARG L 416 -39.52 40.56 23.22
N ALA L 417 -38.70 40.41 22.17
CA ALA L 417 -37.37 39.84 22.34
C ALA L 417 -36.49 40.74 23.20
N PHE L 418 -36.55 42.05 22.98
CA PHE L 418 -35.77 42.98 23.79
C PHE L 418 -36.22 42.96 25.24
N ALA L 419 -37.53 42.78 25.48
CA ALA L 419 -38.02 42.70 26.84
C ALA L 419 -37.60 41.40 27.51
N ASP L 420 -37.62 40.29 26.78
CA ASP L 420 -37.22 39.02 27.35
C ASP L 420 -35.72 38.94 27.58
N ALA L 421 -34.94 39.68 26.79
CA ALA L 421 -33.49 39.67 26.97
C ALA L 421 -33.05 40.44 28.21
N LEU L 422 -33.90 41.30 28.75
CA LEU L 422 -33.56 42.06 29.95
C LEU L 422 -33.56 41.19 31.21
N GLU L 423 -34.09 39.98 31.14
CA GLU L 423 -34.13 39.08 32.28
C GLU L 423 -32.84 38.28 32.45
N VAL L 424 -31.77 38.66 31.75
CA VAL L 424 -30.51 37.93 31.87
C VAL L 424 -29.72 38.38 33.10
N ILE L 425 -29.95 39.60 33.59
CA ILE L 425 -29.25 40.11 34.77
C ILE L 425 -29.62 39.31 36.02
N PRO L 426 -30.91 39.06 36.32
CA PRO L 426 -31.21 38.24 37.49
C PRO L 426 -30.76 36.79 37.35
N ARG L 427 -30.68 36.27 36.13
CA ARG L 427 -30.20 34.91 35.95
C ARG L 427 -28.69 34.82 36.16
N THR L 428 -27.95 35.87 35.81
CA THR L 428 -26.50 35.87 36.05
C THR L 428 -26.17 36.20 37.50
N LEU L 429 -26.97 37.04 38.16
CA LEU L 429 -26.72 37.35 39.56
C LEU L 429 -27.11 36.20 40.49
N ALA L 430 -27.94 35.28 40.02
CA ALA L 430 -28.36 34.13 40.82
C ALA L 430 -27.66 32.85 40.41
N GLU L 431 -26.91 32.84 39.31
CA GLU L 431 -26.20 31.64 38.89
C GLU L 431 -25.02 31.34 39.81
N ASN L 432 -24.44 32.37 40.43
CA ASN L 432 -23.30 32.16 41.32
C ASN L 432 -23.68 31.42 42.58
N ALA L 433 -24.97 31.39 42.95
CA ALA L 433 -25.44 30.69 44.12
C ALA L 433 -25.87 29.27 43.77
N GLY L 434 -26.27 28.53 44.78
CA GLY L 434 -26.70 27.16 44.59
C GLY L 434 -28.17 26.94 44.87
N LEU L 435 -28.72 27.67 45.84
CA LEU L 435 -30.12 27.55 46.21
C LEU L 435 -31.02 28.50 45.43
N ASP L 436 -30.56 29.02 44.30
CA ASP L 436 -31.34 29.94 43.49
C ASP L 436 -31.87 29.24 42.24
N ALA L 437 -30.99 28.77 41.35
CA ALA L 437 -31.37 28.08 40.13
C ALA L 437 -32.31 28.92 39.27
N ILE L 438 -33.60 28.63 39.32
CA ILE L 438 -34.58 29.33 38.50
C ILE L 438 -35.81 29.75 39.30
N GLU L 439 -36.00 29.24 40.52
CA GLU L 439 -37.18 29.60 41.30
C GLU L 439 -37.16 31.07 41.70
N ILE L 440 -35.97 31.65 41.89
CA ILE L 440 -35.87 33.05 42.28
C ILE L 440 -36.44 33.96 41.20
N LEU L 441 -36.14 33.65 39.92
CA LEU L 441 -36.64 34.47 38.82
C LEU L 441 -38.16 34.37 38.72
N VAL L 442 -38.72 33.21 39.02
CA VAL L 442 -40.17 33.04 38.96
C VAL L 442 -40.83 33.77 40.13
N LYS L 443 -40.18 33.77 41.30
CA LYS L 443 -40.76 34.41 42.46
C LYS L 443 -40.70 35.93 42.36
N VAL L 444 -39.61 36.47 41.80
CA VAL L 444 -39.48 37.92 41.67
C VAL L 444 -40.26 38.47 40.48
N ARG L 445 -40.83 37.60 39.64
CA ARG L 445 -41.58 38.05 38.48
C ARG L 445 -43.05 38.31 38.81
N ALA L 446 -43.67 37.40 39.56
CA ALA L 446 -45.08 37.56 39.93
C ALA L 446 -45.28 38.48 41.12
N ALA L 447 -44.20 38.92 41.78
CA ALA L 447 -44.33 39.80 42.93
C ALA L 447 -44.67 41.23 42.52
N HIS L 448 -44.18 41.68 41.36
CA HIS L 448 -44.42 43.03 40.87
C HIS L 448 -45.68 43.12 40.01
N ALA L 449 -46.57 42.13 40.09
CA ALA L 449 -47.79 42.13 39.31
C ALA L 449 -48.93 42.89 39.96
N SER L 450 -48.72 43.41 41.17
CA SER L 450 -49.75 44.16 41.87
C SER L 450 -49.65 45.65 41.57
N ASN L 451 -50.02 46.49 42.55
CA ASN L 451 -49.94 47.93 42.35
C ASN L 451 -48.55 48.47 42.67
N GLY L 452 -48.16 48.40 43.93
CA GLY L 452 -46.85 48.87 44.35
C GLY L 452 -45.77 47.82 44.23
N ASN L 453 -44.97 47.66 45.28
CA ASN L 453 -43.88 46.69 45.32
C ASN L 453 -42.91 46.90 44.17
N LYS L 454 -41.99 47.86 44.33
CA LYS L 454 -41.00 48.18 43.31
C LYS L 454 -39.57 48.09 43.81
N CYS L 455 -39.31 48.45 45.06
CA CYS L 455 -37.97 48.42 45.60
C CYS L 455 -37.45 47.01 45.85
N ALA L 456 -38.30 45.99 45.75
CA ALA L 456 -37.86 44.63 45.98
C ALA L 456 -37.02 44.13 44.82
N GLY L 457 -35.98 43.37 45.13
CA GLY L 457 -35.09 42.84 44.11
C GLY L 457 -34.52 41.49 44.48
N LEU L 458 -33.20 41.42 44.65
CA LEU L 458 -32.53 40.17 44.98
C LEU L 458 -31.22 40.47 45.67
N ASN L 459 -30.94 39.76 46.76
CA ASN L 459 -29.71 39.92 47.52
C ASN L 459 -29.07 38.55 47.71
N VAL L 460 -27.76 38.46 47.44
CA VAL L 460 -27.06 37.18 47.56
C VAL L 460 -26.55 36.93 48.98
N PHE L 461 -26.90 37.77 49.93
CA PHE L 461 -26.46 37.62 51.31
C PHE L 461 -27.56 37.09 52.23
N THR L 462 -28.65 36.57 51.66
CA THR L 462 -29.74 36.03 52.47
C THR L 462 -30.33 34.79 51.82
N GLY L 463 -30.99 34.97 50.67
CA GLY L 463 -31.60 33.86 49.97
C GLY L 463 -33.05 34.10 49.61
N ALA L 464 -33.76 34.82 50.47
CA ALA L 464 -35.17 35.13 50.26
C ALA L 464 -35.27 36.40 49.43
N VAL L 465 -36.46 37.01 49.39
CA VAL L 465 -36.70 38.24 48.64
C VAL L 465 -37.13 39.32 49.61
N GLU L 466 -36.62 40.53 49.41
CA GLU L 466 -36.96 41.67 50.26
C GLU L 466 -36.63 42.94 49.50
N ASP L 467 -36.84 44.08 50.16
CA ASP L 467 -36.55 45.38 49.54
C ASP L 467 -35.05 45.61 49.48
N MET L 468 -34.64 46.37 48.46
CA MET L 468 -33.22 46.67 48.25
C MET L 468 -32.81 48.03 48.81
N CYS L 469 -33.75 48.97 48.93
CA CYS L 469 -33.42 50.29 49.46
C CYS L 469 -33.18 50.28 50.96
N GLU L 470 -33.73 49.29 51.67
CA GLU L 470 -33.54 49.19 53.12
C GLU L 470 -32.26 48.48 53.51
N ASN L 471 -31.65 47.71 52.59
CA ASN L 471 -30.41 47.01 52.91
C ASN L 471 -29.21 47.93 52.77
N GLY L 472 -28.96 48.43 51.57
CA GLY L 472 -27.85 49.32 51.34
C GLY L 472 -27.37 49.33 49.91
N VAL L 473 -28.25 48.96 48.98
CA VAL L 473 -27.95 48.92 47.56
C VAL L 473 -28.75 50.01 46.87
N VAL L 474 -28.06 51.06 46.43
CA VAL L 474 -28.71 52.18 45.76
C VAL L 474 -27.93 52.54 44.51
N GLU L 475 -27.96 51.65 43.52
CA GLU L 475 -27.24 51.90 42.27
C GLU L 475 -27.90 53.04 41.51
N PRO L 476 -27.12 54.00 40.99
CA PRO L 476 -27.72 55.13 40.27
C PRO L 476 -28.33 54.73 38.94
N LEU L 477 -28.95 55.69 38.26
CA LEU L 477 -29.62 55.43 36.99
C LEU L 477 -28.73 55.70 35.78
N ARG L 478 -27.75 56.61 35.90
CA ARG L 478 -26.89 56.93 34.77
C ARG L 478 -26.09 55.71 34.33
N VAL L 479 -25.59 54.92 35.29
CA VAL L 479 -24.83 53.72 34.95
C VAL L 479 -25.68 52.70 34.24
N LYS L 480 -27.01 52.75 34.40
CA LYS L 480 -27.91 51.87 33.67
C LYS L 480 -28.29 52.42 32.30
N THR L 481 -28.56 53.73 32.22
CA THR L 481 -28.93 54.32 30.95
C THR L 481 -27.77 54.28 29.97
N GLN L 482 -26.55 54.59 30.42
CA GLN L 482 -25.39 54.53 29.55
C GLN L 482 -25.13 53.10 29.08
N ALA L 483 -25.31 52.12 29.98
CA ALA L 483 -25.12 50.72 29.60
C ALA L 483 -26.14 50.29 28.56
N ILE L 484 -27.41 50.68 28.75
CA ILE L 484 -28.45 50.33 27.78
C ILE L 484 -28.16 50.99 26.44
N GLN L 485 -27.70 52.25 26.45
CA GLN L 485 -27.38 52.93 25.20
C GLN L 485 -26.22 52.25 24.49
N SER L 486 -25.18 51.86 25.24
CA SER L 486 -24.04 51.17 24.64
C SER L 486 -24.45 49.81 24.08
N ALA L 487 -25.33 49.10 24.78
CA ALA L 487 -25.78 47.79 24.30
C ALA L 487 -26.64 47.94 23.05
N ALA L 488 -27.45 48.99 22.98
CA ALA L 488 -28.28 49.21 21.80
C ALA L 488 -27.46 49.70 20.61
N GLU L 489 -26.36 50.42 20.88
CA GLU L 489 -25.52 50.90 19.79
C GLU L 489 -24.57 49.81 19.28
N SER L 490 -24.14 48.89 20.15
CA SER L 490 -23.21 47.85 19.75
C SER L 490 -23.89 46.73 18.99
N THR L 491 -25.18 46.46 19.27
CA THR L 491 -25.90 45.38 18.61
C THR L 491 -26.28 45.72 17.18
N GLU L 492 -26.18 46.98 16.77
CA GLU L 492 -26.52 47.39 15.42
C GLU L 492 -25.31 47.48 14.50
N MET L 493 -24.10 47.44 15.05
CA MET L 493 -22.89 47.51 14.23
C MET L 493 -22.49 46.15 13.67
N LEU L 494 -23.21 45.09 14.00
CA LEU L 494 -22.91 43.74 13.51
C LEU L 494 -23.97 43.21 12.56
N LEU L 495 -25.25 43.52 12.80
CA LEU L 495 -26.30 43.02 11.92
C LEU L 495 -26.36 43.78 10.61
N ARG L 496 -25.78 44.97 10.54
CA ARG L 496 -25.77 45.78 9.33
C ARG L 496 -24.52 45.55 8.48
N ILE L 497 -23.87 44.40 8.64
CA ILE L 497 -22.66 44.08 7.88
C ILE L 497 -22.96 43.11 6.76
N ASP L 498 -23.68 42.02 7.07
CA ASP L 498 -24.05 41.00 6.09
C ASP L 498 -22.82 40.40 5.43
N ASP L 499 -22.32 41.05 4.38
CA ASP L 499 -21.15 40.59 3.65
C ASP L 499 -19.90 41.30 4.14
N VAL L 500 -18.75 40.70 3.84
CA VAL L 500 -17.44 41.24 4.23
C VAL L 500 -16.46 40.96 3.10
N ILE L 501 -15.71 41.99 2.71
CA ILE L 501 -14.72 41.86 1.64
C ILE L 501 -13.34 42.18 2.19
N ALA L 502 -12.34 42.20 1.31
CA ALA L 502 -10.96 42.50 1.70
C ALA L 502 -10.29 43.28 0.59
N ALA L 503 -9.18 43.94 0.94
CA ALA L 503 -8.42 44.73 0.00
C ALA L 503 -6.97 44.77 0.43
N GLU L 504 -6.09 45.18 -0.50
CA GLU L 504 -4.67 45.27 -0.25
C GLU L 504 -4.19 46.71 -0.11
N LYS L 505 -5.11 47.68 -0.13
CA LYS L 505 -4.76 49.09 -0.01
C LYS L 505 -4.91 49.53 1.44
N LEU L 506 -3.94 50.30 1.92
CA LEU L 506 -3.97 50.79 3.29
C LEU L 506 -5.05 51.84 3.45
N ARG L 507 -5.87 51.68 4.49
CA ARG L 507 -6.98 52.60 4.79
C ARG L 507 -7.92 52.75 3.59
N MET M 1 -13.66 27.52 -27.66
CA MET M 1 -12.82 28.69 -27.42
C MET M 1 -13.65 29.96 -27.38
N GLY M 2 -14.60 30.07 -28.32
CA GLY M 2 -15.45 31.25 -28.36
C GLY M 2 -16.46 31.31 -27.23
N ARG M 3 -16.90 30.14 -26.74
CA ARG M 3 -17.87 30.08 -25.65
C ARG M 3 -17.23 29.75 -24.31
N ASP M 4 -15.94 29.42 -24.27
CA ASP M 4 -15.29 29.11 -23.01
C ASP M 4 -14.77 30.37 -22.32
N ALA M 5 -14.07 31.21 -23.06
CA ALA M 5 -13.53 32.45 -22.50
C ALA M 5 -14.57 33.55 -22.37
N GLN M 6 -15.76 33.36 -22.95
CA GLN M 6 -16.83 34.35 -22.88
C GLN M 6 -17.64 34.25 -21.60
N ARG M 7 -17.97 33.03 -21.17
CA ARG M 7 -18.74 32.86 -19.94
C ARG M 7 -17.92 33.22 -18.70
N MET M 8 -16.61 32.97 -18.73
CA MET M 8 -15.77 33.29 -17.59
C MET M 8 -15.70 34.80 -17.36
N ASN M 9 -15.64 35.58 -18.44
CA ASN M 9 -15.60 37.03 -18.30
C ASN M 9 -16.90 37.58 -17.72
N ILE M 10 -18.03 36.92 -17.99
CA ILE M 10 -19.30 37.35 -17.42
C ILE M 10 -19.41 36.91 -15.97
N LEU M 11 -18.93 35.71 -15.66
CA LEU M 11 -18.98 35.24 -14.27
C LEU M 11 -18.05 36.04 -13.37
N ALA M 12 -16.92 36.51 -13.90
CA ALA M 12 -16.02 37.33 -13.10
C ALA M 12 -16.60 38.72 -12.86
N GLY M 13 -17.45 39.20 -13.77
CA GLY M 13 -18.06 40.51 -13.58
C GLY M 13 -19.32 40.47 -12.72
N ARG M 14 -20.07 39.37 -12.77
CA ARG M 14 -21.27 39.25 -11.96
C ARG M 14 -20.96 39.18 -10.47
N ILE M 15 -19.75 38.74 -10.11
CA ILE M 15 -19.38 38.67 -8.69
C ILE M 15 -19.16 40.08 -8.14
N ILE M 16 -18.42 40.92 -8.88
CA ILE M 16 -18.17 42.28 -8.42
C ILE M 16 -19.34 43.21 -8.68
N ALA M 17 -20.28 42.82 -9.55
CA ALA M 17 -21.45 43.66 -9.82
C ALA M 17 -22.50 43.53 -8.71
N GLU M 18 -22.63 42.35 -8.13
CA GLU M 18 -23.61 42.12 -7.07
C GLU M 18 -23.06 42.43 -5.69
N THR M 19 -21.83 42.94 -5.59
CA THR M 19 -21.27 43.25 -4.28
C THR M 19 -21.90 44.51 -3.69
N VAL M 20 -22.12 45.53 -4.53
CA VAL M 20 -22.72 46.78 -4.07
C VAL M 20 -24.22 46.75 -4.29
N ARG M 21 -24.78 45.56 -4.41
CA ARG M 21 -26.22 45.44 -4.62
C ARG M 21 -27.00 45.81 -3.37
N SER M 22 -26.52 45.38 -2.20
CA SER M 22 -27.20 45.71 -0.94
C SER M 22 -26.99 47.15 -0.52
N THR M 23 -25.93 47.80 -0.98
CA THR M 23 -25.65 49.19 -0.64
C THR M 23 -26.24 50.16 -1.66
N LEU M 24 -27.55 50.11 -1.83
CA LEU M 24 -28.26 50.98 -2.77
C LEU M 24 -29.42 51.73 -2.14
N GLY M 25 -30.22 51.06 -1.32
CA GLY M 25 -31.35 51.68 -0.68
C GLY M 25 -30.93 52.60 0.45
N PRO M 26 -31.87 53.41 0.95
CA PRO M 26 -31.53 54.32 2.05
C PRO M 26 -31.29 53.62 3.37
N LYS M 27 -31.93 52.48 3.61
CA LYS M 27 -31.76 51.74 4.84
C LYS M 27 -31.12 50.38 4.58
N GLY M 28 -29.98 50.38 3.89
CA GLY M 28 -29.29 49.15 3.58
C GLY M 28 -28.13 48.87 4.53
N MET M 29 -27.63 47.64 4.45
CA MET M 29 -26.52 47.22 5.30
C MET M 29 -25.21 47.82 4.79
N ASP M 30 -24.26 47.94 5.70
CA ASP M 30 -22.95 48.50 5.39
C ASP M 30 -21.98 47.38 4.99
N LYS M 31 -20.73 47.76 4.75
CA LYS M 31 -19.69 46.83 4.35
C LYS M 31 -18.48 47.01 5.25
N MET M 32 -17.99 45.90 5.81
CA MET M 32 -16.81 45.90 6.67
C MET M 32 -15.60 45.49 5.85
N LEU M 33 -14.61 46.38 5.76
CA LEU M 33 -13.40 46.15 4.98
C LEU M 33 -12.21 46.04 5.93
N VAL M 34 -11.46 44.95 5.79
CA VAL M 34 -10.26 44.72 6.58
C VAL M 34 -9.05 44.75 5.67
N ASP M 35 -7.89 44.98 6.28
CA ASP M 35 -6.62 45.05 5.57
C ASP M 35 -5.64 44.05 6.17
N ASP M 36 -4.44 44.01 5.60
CA ASP M 36 -3.42 43.09 6.10
C ASP M 36 -2.82 43.56 7.42
N LEU M 37 -2.68 44.87 7.60
CA LEU M 37 -2.15 45.39 8.86
C LEU M 37 -3.16 45.29 9.99
N GLY M 38 -4.46 45.31 9.66
CA GLY M 38 -5.49 45.21 10.68
C GLY M 38 -6.33 46.47 10.79
N ASP M 39 -6.69 47.06 9.65
CA ASP M 39 -7.50 48.26 9.60
C ASP M 39 -8.93 47.89 9.24
N VAL M 40 -9.82 47.88 10.22
CA VAL M 40 -11.21 47.53 10.03
C VAL M 40 -12.00 48.82 9.86
N VAL M 41 -12.57 49.02 8.66
CA VAL M 41 -13.34 50.22 8.37
C VAL M 41 -14.74 49.81 7.93
N VAL M 42 -15.66 50.75 8.03
CA VAL M 42 -17.06 50.55 7.66
C VAL M 42 -17.41 51.54 6.55
N THR M 43 -17.94 51.03 5.45
CA THR M 43 -18.32 51.85 4.31
C THR M 43 -19.76 51.56 3.93
N ASN M 44 -20.58 52.61 3.86
CA ASN M 44 -21.99 52.48 3.50
C ASN M 44 -22.25 52.75 2.03
N ASP M 45 -21.46 53.60 1.39
CA ASP M 45 -21.66 53.93 -0.01
C ASP M 45 -21.07 52.83 -0.90
N GLY M 46 -21.05 53.06 -2.20
CA GLY M 46 -20.51 52.09 -3.14
C GLY M 46 -19.32 52.61 -3.92
N VAL M 47 -19.01 53.90 -3.76
CA VAL M 47 -17.87 54.48 -4.46
C VAL M 47 -16.56 53.99 -3.86
N THR M 48 -16.48 53.95 -2.53
CA THR M 48 -15.26 53.46 -1.87
C THR M 48 -15.10 51.96 -2.04
N ILE M 49 -16.21 51.23 -2.21
CA ILE M 49 -16.12 49.78 -2.37
C ILE M 49 -15.41 49.43 -3.68
N LEU M 50 -15.69 50.19 -4.74
CA LEU M 50 -15.07 49.90 -6.03
C LEU M 50 -13.57 50.20 -6.01
N ARG M 51 -13.12 51.14 -5.18
CA ARG M 51 -11.71 51.48 -5.11
C ARG M 51 -10.93 50.39 -4.36
N GLU M 52 -11.23 50.21 -3.08
CA GLU M 52 -10.57 49.19 -2.26
C GLU M 52 -11.20 47.84 -2.55
N MET M 53 -10.75 47.22 -3.64
CA MET M 53 -11.25 45.92 -4.06
C MET M 53 -10.16 45.20 -4.85
N SER M 54 -10.07 43.89 -4.65
CA SER M 54 -9.08 43.08 -5.34
C SER M 54 -9.32 43.09 -6.85
N VAL M 55 -8.50 43.84 -7.57
CA VAL M 55 -8.63 43.96 -9.03
C VAL M 55 -7.65 43.02 -9.71
N GLU M 56 -7.45 41.83 -9.12
CA GLU M 56 -6.51 40.86 -9.70
C GLU M 56 -7.02 40.27 -11.01
N HIS M 57 -8.32 40.31 -11.26
CA HIS M 57 -8.84 39.77 -12.50
C HIS M 57 -9.04 40.87 -13.54
N PRO M 58 -8.70 40.61 -14.80
CA PRO M 58 -8.84 41.66 -15.82
C PRO M 58 -10.27 42.11 -16.04
N ALA M 59 -11.25 41.24 -15.81
CA ALA M 59 -12.65 41.63 -16.02
C ALA M 59 -13.12 42.59 -14.94
N ALA M 60 -12.58 42.49 -13.73
CA ALA M 60 -12.95 43.36 -12.61
C ALA M 60 -12.08 44.61 -12.55
N LYS M 61 -11.94 45.33 -13.66
CA LYS M 61 -11.11 46.53 -13.68
C LYS M 61 -11.69 47.56 -14.63
N MET M 62 -12.15 47.12 -15.80
CA MET M 62 -12.71 48.06 -16.77
C MET M 62 -14.01 48.69 -16.26
N LEU M 63 -14.85 47.90 -15.59
CA LEU M 63 -16.08 48.45 -15.03
C LEU M 63 -15.77 49.50 -13.97
N ILE M 64 -14.79 49.24 -13.11
CA ILE M 64 -14.42 50.20 -12.09
C ILE M 64 -13.83 51.45 -12.71
N GLU M 65 -13.03 51.30 -13.77
CA GLU M 65 -12.45 52.46 -14.44
C GLU M 65 -13.53 53.31 -15.10
N VAL M 66 -14.56 52.66 -15.66
CA VAL M 66 -15.66 53.41 -16.26
C VAL M 66 -16.49 54.11 -15.19
N ALA M 67 -16.72 53.44 -14.07
CA ALA M 67 -17.50 54.04 -12.99
C ALA M 67 -16.77 55.21 -12.35
N LYS M 68 -15.43 55.16 -12.29
CA LYS M 68 -14.68 56.27 -11.72
C LYS M 68 -14.77 57.51 -12.59
N THR M 69 -14.88 57.34 -13.92
CA THR M 69 -15.00 58.50 -14.80
C THR M 69 -16.38 59.12 -14.71
N GLN M 70 -17.40 58.34 -14.34
CA GLN M 70 -18.75 58.88 -14.20
C GLN M 70 -18.98 59.46 -12.81
N GLU M 71 -18.29 58.94 -11.79
CA GLU M 71 -18.46 59.46 -10.45
C GLU M 71 -17.93 60.89 -10.31
N LYS M 72 -16.93 61.25 -11.11
CA LYS M 72 -16.36 62.59 -11.07
C LYS M 72 -17.22 63.62 -11.78
N GLU M 73 -18.38 63.23 -12.32
CA GLU M 73 -19.28 64.15 -13.00
C GLU M 73 -20.24 64.83 -12.05
N VAL M 74 -21.19 64.07 -11.48
CA VAL M 74 -22.16 64.62 -10.55
C VAL M 74 -22.03 63.92 -9.20
N GLY M 75 -21.50 62.70 -9.20
CA GLY M 75 -21.32 61.95 -7.98
C GLY M 75 -22.62 61.56 -7.30
N ASP M 76 -23.43 60.76 -7.97
CA ASP M 76 -24.71 60.31 -7.41
C ASP M 76 -25.16 59.02 -8.06
N GLY M 77 -24.95 58.88 -9.36
CA GLY M 77 -25.36 57.68 -10.08
C GLY M 77 -24.21 56.74 -10.35
N THR M 78 -23.56 56.26 -9.31
CA THR M 78 -22.43 55.34 -9.42
C THR M 78 -22.80 53.90 -9.11
N THR M 79 -23.42 53.66 -7.95
CA THR M 79 -23.80 52.29 -7.58
C THR M 79 -24.94 51.79 -8.45
N THR M 80 -25.93 52.64 -8.72
CA THR M 80 -27.06 52.22 -9.54
C THR M 80 -26.62 51.87 -10.96
N ALA M 81 -25.61 52.57 -11.49
CA ALA M 81 -25.10 52.23 -12.81
C ALA M 81 -24.49 50.84 -12.82
N VAL M 82 -23.71 50.51 -11.79
CA VAL M 82 -23.11 49.18 -11.70
C VAL M 82 -24.20 48.12 -11.54
N VAL M 83 -25.25 48.42 -10.77
CA VAL M 83 -26.34 47.47 -10.60
C VAL M 83 -27.05 47.22 -11.92
N VAL M 84 -27.32 48.29 -12.68
CA VAL M 84 -27.98 48.14 -13.98
C VAL M 84 -27.08 47.37 -14.95
N ALA M 85 -25.77 47.62 -14.92
CA ALA M 85 -24.86 46.89 -15.80
C ALA M 85 -24.83 45.41 -15.44
N GLY M 86 -24.79 45.09 -14.15
CA GLY M 86 -24.82 43.70 -13.75
C GLY M 86 -26.12 43.01 -14.12
N GLU M 87 -27.24 43.72 -13.98
CA GLU M 87 -28.53 43.16 -14.38
C GLU M 87 -28.57 42.90 -15.88
N LEU M 88 -28.04 43.84 -16.68
CA LEU M 88 -28.00 43.65 -18.13
C LEU M 88 -27.11 42.46 -18.49
N LEU M 89 -25.97 42.32 -17.83
CA LEU M 89 -25.09 41.18 -18.10
C LEU M 89 -25.76 39.87 -17.74
N ARG M 90 -26.44 39.82 -16.59
CA ARG M 90 -27.12 38.59 -16.18
C ARG M 90 -28.28 38.26 -17.12
N LYS M 91 -28.97 39.28 -17.65
CA LYS M 91 -30.07 39.02 -18.58
C LYS M 91 -29.54 38.57 -19.94
N ALA M 92 -28.41 39.12 -20.37
CA ALA M 92 -27.84 38.75 -21.66
C ALA M 92 -27.12 37.41 -21.61
N GLU M 93 -26.69 36.96 -20.42
CA GLU M 93 -26.04 35.66 -20.32
C GLU M 93 -27.01 34.53 -20.65
N GLU M 94 -28.28 34.66 -20.24
CA GLU M 94 -29.26 33.63 -20.53
C GLU M 94 -29.64 33.61 -22.00
N LEU M 95 -29.60 34.76 -22.67
CA LEU M 95 -29.97 34.84 -24.08
C LEU M 95 -28.94 34.18 -25.00
N LEU M 96 -27.74 33.88 -24.49
CA LEU M 96 -26.71 33.24 -25.29
C LEU M 96 -26.91 31.74 -25.45
N ASP M 97 -27.91 31.16 -24.79
CA ASP M 97 -28.17 29.73 -24.90
C ASP M 97 -28.88 29.34 -26.18
N GLN M 98 -29.53 30.28 -26.86
CA GLN M 98 -30.22 30.01 -28.11
C GLN M 98 -29.29 30.02 -29.32
N ASN M 99 -27.99 30.24 -29.10
CA ASN M 99 -26.99 30.27 -30.16
C ASN M 99 -27.34 31.32 -31.22
N VAL M 100 -27.19 32.58 -30.80
CA VAL M 100 -27.45 33.71 -31.66
C VAL M 100 -26.18 34.54 -31.80
N HIS M 101 -25.26 34.39 -30.84
CA HIS M 101 -23.96 35.04 -30.73
C HIS M 101 -24.12 36.55 -30.52
N PRO M 102 -23.26 37.16 -29.71
CA PRO M 102 -23.44 38.58 -29.35
C PRO M 102 -23.18 39.54 -30.50
N THR M 103 -24.25 40.11 -31.05
CA THR M 103 -24.14 41.12 -32.10
C THR M 103 -25.43 41.91 -32.20
N ILE M 104 -26.56 41.21 -32.34
CA ILE M 104 -27.85 41.89 -32.43
C ILE M 104 -28.24 42.49 -31.09
N VAL M 105 -27.74 41.92 -29.99
CA VAL M 105 -28.06 42.46 -28.67
C VAL M 105 -27.47 43.85 -28.50
N VAL M 106 -26.26 44.07 -29.01
CA VAL M 106 -25.63 45.37 -28.92
C VAL M 106 -26.42 46.40 -29.71
N LYS M 107 -26.87 46.03 -30.91
CA LYS M 107 -27.68 46.95 -31.72
C LYS M 107 -29.01 47.24 -31.04
N GLY M 108 -29.62 46.23 -30.42
CA GLY M 108 -30.86 46.46 -29.69
C GLY M 108 -30.69 47.39 -28.51
N TYR M 109 -29.58 47.22 -27.77
CA TYR M 109 -29.30 48.11 -26.65
C TYR M 109 -29.05 49.54 -27.13
N GLN M 110 -28.31 49.69 -28.24
CA GLN M 110 -28.05 51.03 -28.78
C GLN M 110 -29.33 51.68 -29.27
N ALA M 111 -30.25 50.89 -29.82
CA ALA M 111 -31.52 51.46 -30.29
C ALA M 111 -32.44 51.79 -29.12
N ALA M 112 -32.37 51.02 -28.04
CA ALA M 112 -33.22 51.29 -26.88
C ALA M 112 -32.70 52.45 -26.03
N ALA M 113 -31.38 52.66 -26.01
CA ALA M 113 -30.82 53.75 -25.23
C ALA M 113 -31.29 55.10 -25.75
N GLN M 114 -31.31 55.28 -27.07
CA GLN M 114 -31.77 56.54 -27.64
C GLN M 114 -33.25 56.77 -27.34
N LYS M 115 -34.06 55.72 -27.43
CA LYS M 115 -35.48 55.85 -27.11
C LYS M 115 -35.68 56.21 -25.65
N ALA M 116 -34.90 55.59 -24.76
CA ALA M 116 -35.01 55.90 -23.33
C ALA M 116 -34.59 57.35 -23.06
N GLN M 117 -33.52 57.81 -23.70
CA GLN M 117 -33.09 59.20 -23.53
C GLN M 117 -34.11 60.18 -24.07
N GLU M 118 -34.80 59.83 -25.16
CA GLU M 118 -35.83 60.70 -25.69
C GLU M 118 -37.08 60.71 -24.81
N LEU M 119 -37.41 59.57 -24.20
CA LEU M 119 -38.58 59.51 -23.33
C LEU M 119 -38.33 60.17 -21.99
N LEU M 120 -37.08 60.16 -21.50
CA LEU M 120 -36.79 60.80 -20.23
C LEU M 120 -36.92 62.31 -20.32
N LYS M 121 -36.65 62.89 -21.49
CA LYS M 121 -36.75 64.34 -21.67
C LYS M 121 -38.18 64.82 -21.83
N THR M 122 -39.17 63.91 -21.88
CA THR M 122 -40.56 64.28 -22.03
C THR M 122 -41.40 64.00 -20.80
N ILE M 123 -40.82 63.47 -19.73
CA ILE M 123 -41.56 63.17 -18.50
C ILE M 123 -41.14 64.11 -17.36
N ALA M 124 -40.48 65.21 -17.67
CA ALA M 124 -40.03 66.18 -16.68
C ALA M 124 -40.87 67.45 -16.77
N CYS M 125 -40.55 68.40 -15.91
CA CYS M 125 -41.22 69.69 -15.86
C CYS M 125 -40.20 70.82 -16.00
N GLU M 126 -40.67 72.05 -15.82
CA GLU M 126 -39.84 73.24 -15.92
C GLU M 126 -39.74 73.88 -14.54
N VAL M 127 -38.52 73.99 -14.04
CA VAL M 127 -38.25 74.58 -12.73
C VAL M 127 -37.41 75.83 -12.96
N GLY M 128 -37.99 77.00 -12.66
CA GLY M 128 -37.30 78.26 -12.84
C GLY M 128 -36.39 78.59 -11.68
N ALA M 129 -35.76 79.77 -11.77
CA ALA M 129 -34.85 80.23 -10.74
C ALA M 129 -35.55 81.03 -9.65
N GLN M 130 -36.83 81.31 -9.79
CA GLN M 130 -37.57 82.07 -8.79
C GLN M 130 -38.15 81.20 -7.68
N ASP M 131 -37.93 79.88 -7.72
CA ASP M 131 -38.47 79.00 -6.71
C ASP M 131 -37.56 78.95 -5.49
N LYS M 132 -38.08 78.38 -4.40
CA LYS M 132 -37.32 78.26 -3.17
C LYS M 132 -37.76 77.03 -2.39
N GLU M 133 -39.07 76.78 -2.34
CA GLU M 133 -39.59 75.61 -1.64
C GLU M 133 -39.27 74.32 -2.38
N ILE M 134 -38.97 74.38 -3.67
CA ILE M 134 -38.65 73.18 -4.43
C ILE M 134 -37.17 72.82 -4.27
N LEU M 135 -36.31 73.81 -4.05
CA LEU M 135 -34.87 73.57 -4.00
C LEU M 135 -34.42 72.94 -2.68
N THR M 136 -35.30 72.81 -1.70
CA THR M 136 -34.93 72.22 -0.42
C THR M 136 -35.23 70.74 -0.32
N LYS M 137 -36.22 70.24 -1.08
CA LYS M 137 -36.53 68.81 -1.03
C LYS M 137 -35.41 67.97 -1.62
N ILE M 138 -34.73 68.47 -2.66
CA ILE M 138 -33.63 67.73 -3.25
C ILE M 138 -32.46 67.64 -2.28
N ALA M 139 -32.24 68.71 -1.49
CA ALA M 139 -31.18 68.67 -0.48
C ALA M 139 -31.58 67.80 0.71
N MET M 140 -32.88 67.74 1.03
CA MET M 140 -33.32 66.89 2.13
C MET M 140 -33.23 65.42 1.77
N THR M 141 -33.61 65.06 0.54
CA THR M 141 -33.55 63.67 0.12
C THR M 141 -32.15 63.23 -0.28
N SER M 142 -31.18 64.15 -0.35
CA SER M 142 -29.82 63.77 -0.71
C SER M 142 -29.09 63.08 0.43
N ILE M 143 -29.53 63.26 1.67
CA ILE M 143 -28.90 62.62 2.82
C ILE M 143 -29.85 61.60 3.41
N THR M 144 -29.76 60.35 2.94
CA THR M 144 -30.60 59.27 3.44
C THR M 144 -29.78 58.10 3.97
N GLY M 145 -28.92 57.51 3.14
CA GLY M 145 -28.08 56.41 3.59
C GLY M 145 -26.93 56.84 4.46
N LYS M 146 -26.64 58.14 4.52
CA LYS M 146 -25.54 58.62 5.34
C LYS M 146 -25.92 58.60 6.83
N GLY M 147 -27.00 59.28 7.19
CA GLY M 147 -27.45 59.32 8.55
C GLY M 147 -28.68 60.18 8.75
N ALA M 148 -29.86 59.60 8.53
CA ALA M 148 -31.12 60.32 8.67
C ALA M 148 -31.57 60.47 10.11
N GLU M 149 -30.82 59.93 11.07
CA GLU M 149 -31.18 60.05 12.48
C GLU M 149 -30.77 61.39 13.09
N LYS M 150 -30.16 62.28 12.31
CA LYS M 150 -29.74 63.58 12.81
C LYS M 150 -29.66 64.60 11.68
N ALA M 151 -29.72 64.12 10.44
CA ALA M 151 -29.64 64.98 9.26
C ALA M 151 -30.90 64.73 8.41
N LYS M 152 -31.92 65.55 8.65
CA LYS M 152 -33.18 65.44 7.91
C LYS M 152 -33.95 66.75 7.95
N GLU M 153 -33.53 67.68 8.81
CA GLU M 153 -34.21 68.96 8.94
C GLU M 153 -33.20 70.08 9.16
N LYS M 154 -32.20 69.84 10.01
CA LYS M 154 -31.20 70.87 10.28
C LYS M 154 -30.25 71.02 9.10
N LEU M 155 -29.88 69.92 8.46
CA LEU M 155 -28.98 69.95 7.31
C LEU M 155 -29.70 70.24 5.99
N ALA M 156 -30.99 70.52 6.03
CA ALA M 156 -31.76 70.80 4.82
C ALA M 156 -32.12 72.28 4.68
N GLU M 157 -31.78 73.11 5.66
CA GLU M 157 -32.08 74.53 5.61
C GLU M 157 -30.84 75.41 5.55
N ILE M 158 -29.65 74.84 5.66
CA ILE M 158 -28.41 75.61 5.59
C ILE M 158 -27.66 75.40 4.29
N ILE M 159 -27.98 74.38 3.51
CA ILE M 159 -27.31 74.16 2.23
C ILE M 159 -27.92 75.05 1.14
N VAL M 160 -29.26 75.17 1.13
CA VAL M 160 -29.92 75.99 0.13
C VAL M 160 -29.60 77.46 0.34
N GLU M 161 -29.53 77.89 1.61
CA GLU M 161 -29.20 79.28 1.90
C GLU M 161 -27.74 79.61 1.62
N ALA M 162 -26.87 78.59 1.55
CA ALA M 162 -25.46 78.81 1.27
C ALA M 162 -25.14 78.73 -0.22
N VAL M 163 -25.80 77.83 -0.95
CA VAL M 163 -25.53 77.71 -2.38
C VAL M 163 -26.18 78.85 -3.16
N SER M 164 -27.42 79.19 -2.81
CA SER M 164 -28.13 80.26 -3.50
C SER M 164 -27.52 81.62 -3.17
N ALA M 165 -26.41 81.95 -3.82
CA ALA M 165 -25.74 83.22 -3.61
C ALA M 165 -25.23 83.78 -4.93
N VAL M 166 -24.53 82.96 -5.70
CA VAL M 166 -24.03 83.34 -7.01
C VAL M 166 -24.60 82.48 -8.13
N VAL M 167 -25.46 81.52 -7.82
CA VAL M 167 -26.05 80.67 -8.85
C VAL M 167 -27.28 81.32 -9.45
N ASP M 168 -28.09 81.98 -8.62
CA ASP M 168 -29.30 82.62 -9.12
C ASP M 168 -28.97 83.83 -10.00
N ASP M 169 -27.85 84.50 -9.74
CA ASP M 169 -27.47 85.65 -10.54
C ASP M 169 -26.89 85.21 -11.89
N GLU M 170 -25.95 84.26 -11.87
CA GLU M 170 -25.33 83.73 -13.08
C GLU M 170 -25.67 82.24 -13.16
N GLY M 171 -26.62 81.89 -14.04
CA GLY M 171 -27.03 80.52 -14.19
C GLY M 171 -26.24 79.78 -15.26
N LYS M 172 -24.92 79.75 -15.12
CA LYS M 172 -24.06 79.08 -16.09
C LYS M 172 -22.75 78.65 -15.44
N VAL M 173 -22.03 79.61 -14.87
CA VAL M 173 -20.74 79.34 -14.21
C VAL M 173 -20.92 79.62 -12.73
N ASP M 174 -20.72 78.60 -11.91
CA ASP M 174 -20.85 78.72 -10.45
C ASP M 174 -19.83 77.82 -9.75
N LYS M 175 -18.61 77.78 -10.28
CA LYS M 175 -17.55 76.96 -9.70
C LYS M 175 -17.02 77.65 -8.45
N ASP M 176 -17.31 77.08 -7.28
CA ASP M 176 -16.87 77.61 -6.01
C ASP M 176 -15.86 76.67 -5.38
N LEU M 177 -15.35 77.06 -4.22
CA LEU M 177 -14.37 76.27 -3.47
C LEU M 177 -14.93 76.00 -2.07
N ILE M 178 -15.52 74.82 -1.89
CA ILE M 178 -16.11 74.41 -0.63
C ILE M 178 -15.14 73.45 0.05
N LYS M 179 -14.75 73.78 1.28
CA LYS M 179 -13.83 72.97 2.07
C LYS M 179 -14.52 72.50 3.34
N ILE M 180 -14.45 71.20 3.61
CA ILE M 180 -15.04 70.59 4.78
C ILE M 180 -13.91 70.13 5.70
N GLU M 181 -13.92 70.61 6.94
CA GLU M 181 -12.90 70.27 7.91
C GLU M 181 -13.39 69.13 8.80
N LYS M 182 -12.50 68.18 9.06
CA LYS M 182 -12.81 66.99 9.87
C LYS M 182 -12.30 67.24 11.28
N LYS M 183 -13.18 67.72 12.16
CA LYS M 183 -12.84 67.97 13.55
C LYS M 183 -13.98 67.48 14.44
N SER M 184 -13.61 66.97 15.62
CA SER M 184 -14.58 66.46 16.56
C SER M 184 -14.97 67.54 17.56
N GLY M 185 -15.76 67.15 18.56
CA GLY M 185 -16.21 68.09 19.58
C GLY M 185 -16.77 67.41 20.81
N ALA M 186 -18.00 67.75 21.17
CA ALA M 186 -18.64 67.17 22.35
C ALA M 186 -20.15 67.14 22.19
N SER M 187 -20.68 67.95 21.27
CA SER M 187 -22.11 68.01 21.03
C SER M 187 -22.56 66.79 20.22
N ILE M 188 -23.88 66.66 20.06
CA ILE M 188 -24.44 65.55 19.31
C ILE M 188 -24.19 65.75 17.82
N ASP M 189 -24.78 66.81 17.26
CA ASP M 189 -24.61 67.12 15.84
C ASP M 189 -24.84 68.62 15.66
N ASP M 190 -23.76 69.36 15.47
CA ASP M 190 -23.82 70.81 15.29
C ASP M 190 -23.28 71.18 13.91
N THR M 191 -23.97 72.10 13.25
CA THR M 191 -23.60 72.56 11.92
C THR M 191 -23.45 74.07 11.94
N GLU M 192 -22.25 74.57 11.63
CA GLU M 192 -21.97 75.98 11.59
C GLU M 192 -21.69 76.41 10.15
N LEU M 193 -22.26 77.54 9.76
CA LEU M 193 -22.10 78.09 8.42
C LEU M 193 -21.37 79.42 8.54
N ILE M 194 -20.05 79.40 8.37
CA ILE M 194 -19.24 80.61 8.52
C ILE M 194 -19.34 81.44 7.26
N LYS M 195 -19.72 82.71 7.40
CA LYS M 195 -19.84 83.62 6.27
C LYS M 195 -18.59 84.50 6.16
N GLY M 196 -17.43 83.84 6.16
CA GLY M 196 -16.17 84.53 6.07
C GLY M 196 -14.98 83.63 5.83
N VAL M 197 -13.90 83.85 6.57
CA VAL M 197 -12.66 83.10 6.44
C VAL M 197 -12.41 82.31 7.71
N LEU M 198 -12.05 81.04 7.57
CA LEU M 198 -11.75 80.17 8.69
C LEU M 198 -10.31 79.68 8.56
N VAL M 199 -9.52 79.89 9.61
CA VAL M 199 -8.14 79.47 9.67
C VAL M 199 -8.00 78.43 10.77
N ASP M 200 -7.43 77.27 10.43
CA ASP M 200 -7.26 76.17 11.36
C ASP M 200 -5.81 76.12 11.82
N LYS M 201 -5.46 77.04 12.72
CA LYS M 201 -4.11 77.10 13.27
C LYS M 201 -4.15 77.85 14.60
N GLU M 202 -3.47 77.31 15.60
CA GLU M 202 -3.42 77.89 16.93
C GLU M 202 -2.13 78.71 17.07
N ARG M 203 -1.79 79.03 18.32
CA ARG M 203 -0.58 79.80 18.60
C ARG M 203 0.11 79.15 19.81
N VAL M 204 1.01 79.91 20.44
CA VAL M 204 1.75 79.43 21.60
C VAL M 204 1.91 80.57 22.60
N SER M 205 1.79 81.80 22.10
CA SER M 205 1.93 83.00 22.93
C SER M 205 0.63 83.78 22.86
N ALA M 206 -0.19 83.67 23.91
CA ALA M 206 -1.48 84.37 23.97
C ALA M 206 -1.29 85.75 24.61
N GLN M 207 -0.56 86.60 23.89
CA GLN M 207 -0.27 87.96 24.34
C GLN M 207 -0.69 88.99 23.30
N MET M 208 -1.62 88.64 22.41
CA MET M 208 -2.08 89.54 21.37
C MET M 208 -3.60 89.67 21.42
N PRO M 209 -4.14 90.85 21.15
CA PRO M 209 -5.59 91.03 21.15
C PRO M 209 -6.24 90.23 20.03
N LYS M 210 -7.56 90.04 20.17
CA LYS M 210 -8.33 89.29 19.19
C LYS M 210 -9.68 89.94 18.92
N LYS M 211 -9.74 91.26 19.01
CA LYS M 211 -11.00 91.99 18.76
C LYS M 211 -10.63 93.38 18.24
N VAL M 212 -10.54 93.49 16.91
CA VAL M 212 -10.22 94.74 16.24
C VAL M 212 -11.35 95.08 15.28
N THR M 213 -11.83 96.31 15.36
CA THR M 213 -12.95 96.73 14.51
C THR M 213 -12.43 97.25 13.18
N ASP M 214 -13.16 96.92 12.11
CA ASP M 214 -12.85 97.30 10.73
C ASP M 214 -11.34 97.19 10.43
N ALA M 215 -10.78 96.04 10.78
CA ALA M 215 -9.37 95.80 10.53
C ALA M 215 -9.12 95.53 9.05
N LYS M 216 -7.88 95.70 8.64
CA LYS M 216 -7.45 95.47 7.26
C LYS M 216 -6.45 94.33 7.21
N ILE M 217 -6.65 93.43 6.25
CA ILE M 217 -5.79 92.26 6.09
C ILE M 217 -4.67 92.61 5.12
N ALA M 218 -3.43 92.34 5.53
CA ALA M 218 -2.25 92.58 4.71
C ALA M 218 -1.51 91.26 4.54
N LEU M 219 -1.40 90.79 3.29
CA LEU M 219 -0.75 89.53 2.99
C LEU M 219 0.73 89.76 2.75
N LEU M 220 1.57 89.17 3.60
CA LEU M 220 3.02 89.27 3.47
C LEU M 220 3.61 87.87 3.47
N ASN M 221 4.47 87.60 2.48
CA ASN M 221 5.10 86.29 2.36
C ASN M 221 6.38 86.22 3.19
N CYS M 222 7.45 85.69 2.59
CA CYS M 222 8.72 85.57 3.29
C CYS M 222 9.60 86.80 3.08
N ALA M 223 10.92 86.62 3.16
CA ALA M 223 11.88 87.71 2.99
C ALA M 223 11.62 88.84 3.97
N ILE M 224 11.32 88.49 5.22
CA ILE M 224 11.05 89.45 6.27
C ILE M 224 12.04 89.34 7.42
N GLU M 225 12.38 88.12 7.83
CA GLU M 225 13.31 87.91 8.94
C GLU M 225 14.72 88.25 8.50
N ILE M 226 15.66 88.13 9.45
CA ILE M 226 17.05 88.46 9.16
C ILE M 226 17.71 87.34 8.35
N LYS M 227 17.42 86.09 8.68
CA LYS M 227 18.01 84.94 8.00
C LYS M 227 16.90 83.96 7.65
N GLU M 228 16.67 83.76 6.35
CA GLU M 228 15.65 82.82 5.89
C GLU M 228 16.09 82.13 4.61
N THR M 229 17.03 82.75 3.89
CA THR M 229 17.54 82.17 2.65
C THR M 229 19.06 82.06 2.69
N GLU M 230 19.73 82.55 1.66
CA GLU M 230 21.18 82.51 1.58
C GLU M 230 21.68 83.76 0.89
N THR M 231 22.98 84.01 1.01
CA THR M 231 23.63 85.17 0.42
C THR M 231 24.91 84.73 -0.27
N ASP M 232 25.03 85.05 -1.56
CA ASP M 232 26.22 84.68 -2.31
C ASP M 232 27.39 85.61 -2.03
N ALA M 233 27.13 86.91 -1.98
CA ALA M 233 28.18 87.91 -1.72
C ALA M 233 28.51 87.89 -0.24
N GLU M 234 29.63 87.27 0.11
CA GLU M 234 30.03 87.19 1.51
C GLU M 234 30.58 88.54 1.98
N ILE M 235 30.50 88.74 3.29
CA ILE M 235 30.96 89.97 3.93
C ILE M 235 32.08 89.63 4.91
N ARG M 236 32.75 90.67 5.39
CA ARG M 236 33.84 90.54 6.34
C ARG M 236 33.62 91.47 7.52
N ILE M 237 34.44 91.32 8.55
CA ILE M 237 34.37 92.13 9.75
C ILE M 237 35.71 92.82 9.98
N THR M 238 35.64 94.02 10.53
CA THR M 238 36.84 94.81 10.81
C THR M 238 36.92 95.16 12.30
N ASP M 239 35.95 95.89 12.83
CA ASP M 239 35.96 96.29 14.23
C ASP M 239 34.82 95.59 14.99
N PRO M 240 35.06 95.20 16.25
CA PRO M 240 33.98 94.55 17.02
C PRO M 240 32.80 95.45 17.29
N ALA M 241 32.97 96.78 17.28
CA ALA M 241 31.89 97.70 17.54
C ALA M 241 31.00 97.94 16.31
N LYS M 242 31.31 97.31 15.18
CA LYS M 242 30.52 97.46 13.97
C LYS M 242 29.45 96.39 13.80
N LEU M 243 29.77 95.14 14.14
CA LEU M 243 28.78 94.07 14.03
C LEU M 243 27.63 94.28 15.00
N MET M 244 27.93 94.69 16.23
CA MET M 244 26.87 94.96 17.20
C MET M 244 26.02 96.13 16.76
N GLU M 245 26.63 97.16 16.18
CA GLU M 245 25.86 98.30 15.68
C GLU M 245 24.95 97.88 14.53
N PHE M 246 25.46 97.04 13.62
CA PHE M 246 24.63 96.56 12.53
C PHE M 246 23.48 95.70 13.04
N ILE M 247 23.74 94.86 14.04
CA ILE M 247 22.67 94.04 14.60
C ILE M 247 21.61 94.91 15.26
N GLU M 248 22.04 95.94 16.01
CA GLU M 248 21.08 96.85 16.64
C GLU M 248 20.27 97.60 15.60
N GLN M 249 20.91 98.02 14.50
CA GLN M 249 20.19 98.71 13.44
C GLN M 249 19.17 97.81 12.77
N GLU M 250 19.55 96.55 12.48
CA GLU M 250 18.61 95.62 11.88
C GLU M 250 17.47 95.26 12.83
N GLU M 251 17.73 95.30 14.14
CA GLU M 251 16.67 95.03 15.10
C GLU M 251 15.71 96.21 15.21
N LYS M 252 16.24 97.43 15.20
CA LYS M 252 15.40 98.63 15.28
C LYS M 252 14.68 98.92 13.97
N MET M 253 15.15 98.35 12.84
CA MET M 253 14.48 98.56 11.57
C MET M 253 13.06 98.01 11.59
N LEU M 254 12.81 96.97 12.40
CA LEU M 254 11.48 96.39 12.48
C LEU M 254 10.46 97.39 13.01
N LYS M 255 10.89 98.30 13.89
CA LYS M 255 9.98 99.31 14.42
C LYS M 255 9.41 100.18 13.31
N ASP M 256 10.29 100.76 12.48
CA ASP M 256 9.82 101.58 11.37
C ASP M 256 9.13 100.74 10.30
N MET M 257 9.52 99.48 10.15
CA MET M 257 8.84 98.60 9.19
C MET M 257 7.38 98.40 9.59
N VAL M 258 7.13 98.19 10.88
CA VAL M 258 5.76 98.03 11.35
C VAL M 258 5.02 99.37 11.33
N ALA M 259 5.73 100.47 11.62
CA ALA M 259 5.11 101.79 11.58
C ALA M 259 4.64 102.14 10.17
N GLU M 260 5.41 101.75 9.17
CA GLU M 260 5.00 102.01 7.78
C GLU M 260 3.74 101.24 7.43
N ILE M 261 3.64 99.98 7.85
CA ILE M 261 2.44 99.20 7.59
C ILE M 261 1.25 99.79 8.34
N LYS M 262 1.47 100.28 9.57
CA LYS M 262 0.39 100.90 10.33
C LYS M 262 -0.09 102.17 9.66
N ALA M 263 0.83 102.99 9.15
CA ALA M 263 0.45 104.23 8.49
C ALA M 263 -0.19 103.96 7.13
N SER M 264 0.15 102.84 6.49
CA SER M 264 -0.45 102.51 5.20
C SER M 264 -1.92 102.12 5.34
N GLY M 265 -2.30 101.55 6.49
CA GLY M 265 -3.67 101.16 6.71
C GLY M 265 -3.87 99.66 6.76
N ALA M 266 -3.28 99.01 7.76
CA ALA M 266 -3.39 97.57 7.93
C ALA M 266 -3.30 97.22 9.40
N ASN M 267 -4.11 96.24 9.83
CA ASN M 267 -4.13 95.80 11.21
C ASN M 267 -4.06 94.29 11.37
N VAL M 268 -4.03 93.53 10.28
CA VAL M 268 -3.96 92.08 10.31
C VAL M 268 -2.70 91.65 9.56
N LEU M 269 -1.90 90.79 10.20
CA LEU M 269 -0.65 90.31 9.63
C LEU M 269 -0.76 88.80 9.43
N PHE M 270 -0.68 88.36 8.18
CA PHE M 270 -0.71 86.95 7.82
C PHE M 270 0.61 86.58 7.16
N CYS M 271 1.44 85.83 7.88
CA CYS M 271 2.73 85.39 7.38
C CYS M 271 2.70 83.90 7.07
N GLN M 272 3.51 83.51 6.08
CA GLN M 272 3.56 82.10 5.70
C GLN M 272 4.27 81.26 6.74
N LYS M 273 5.40 81.74 7.26
CA LYS M 273 6.15 81.01 8.28
C LYS M 273 5.69 81.39 9.67
N GLY M 274 6.59 81.31 10.65
CA GLY M 274 6.28 81.64 12.02
C GLY M 274 6.81 83.01 12.42
N ILE M 275 6.15 83.62 13.40
CA ILE M 275 6.52 84.93 13.91
C ILE M 275 7.26 84.73 15.23
N ASP M 276 8.42 85.38 15.34
CA ASP M 276 9.22 85.26 16.56
C ASP M 276 8.53 85.96 17.72
N ASP M 277 8.86 85.52 18.94
CA ASP M 277 8.25 86.10 20.13
C ASP M 277 8.71 87.54 20.37
N LEU M 278 9.91 87.89 19.89
CA LEU M 278 10.40 89.25 20.08
C LEU M 278 9.69 90.25 19.18
N ALA M 279 9.04 89.80 18.11
CA ALA M 279 8.32 90.67 17.20
C ALA M 279 6.84 90.80 17.56
N GLN M 280 6.45 90.35 18.74
CA GLN M 280 5.05 90.44 19.17
C GLN M 280 4.75 91.75 19.89
N HIS M 281 5.66 92.19 20.76
CA HIS M 281 5.42 93.44 21.50
C HIS M 281 5.28 94.63 20.55
N TYR M 282 6.11 94.66 19.49
CA TYR M 282 5.98 95.72 18.50
C TYR M 282 4.63 95.71 17.80
N LEU M 283 3.94 94.57 17.79
CA LEU M 283 2.60 94.48 17.23
C LEU M 283 1.52 94.69 18.28
N ALA M 284 1.89 94.84 19.55
CA ALA M 284 0.91 95.03 20.62
C ALA M 284 0.72 96.49 21.00
N LYS M 285 1.74 97.32 20.83
CA LYS M 285 1.64 98.74 21.16
C LYS M 285 0.93 99.55 20.08
N GLU M 286 0.54 98.94 18.98
CA GLU M 286 -0.15 99.63 17.89
C GLU M 286 -1.50 99.05 17.55
N GLY M 287 -1.87 97.90 18.10
CA GLY M 287 -3.15 97.28 17.82
C GLY M 287 -3.18 96.59 16.46
N ILE M 288 -2.27 95.65 16.25
CA ILE M 288 -2.16 94.90 15.01
C ILE M 288 -2.31 93.42 15.32
N VAL M 289 -3.19 92.74 14.58
CA VAL M 289 -3.42 91.32 14.80
C VAL M 289 -2.19 90.54 14.34
N ALA M 290 -1.67 89.69 15.21
CA ALA M 290 -0.49 88.88 14.92
C ALA M 290 -0.91 87.44 14.65
N ALA M 291 -0.46 86.89 13.53
CA ALA M 291 -0.76 85.52 13.14
C ALA M 291 0.46 84.91 12.46
N ARG M 292 0.48 83.58 12.42
CA ARG M 292 1.59 82.86 11.81
C ARG M 292 1.10 81.53 11.29
N ARG M 293 1.92 80.91 10.44
CA ARG M 293 1.63 79.61 9.83
C ARG M 293 0.30 79.62 9.09
N VAL M 294 0.29 80.17 7.88
CA VAL M 294 -0.90 80.24 7.04
C VAL M 294 -0.73 79.25 5.90
N LYS M 295 -1.64 78.28 5.81
CA LYS M 295 -1.58 77.28 4.75
C LYS M 295 -1.95 77.91 3.42
N LYS M 296 -1.38 77.36 2.34
CA LYS M 296 -1.66 77.87 1.00
C LYS M 296 -3.14 77.71 0.65
N SER M 297 -3.75 76.61 1.09
CA SER M 297 -5.17 76.41 0.83
C SER M 297 -6.03 77.45 1.53
N ASP M 298 -5.59 77.93 2.69
CA ASP M 298 -6.30 78.99 3.40
C ASP M 298 -5.85 80.38 2.98
N MET M 299 -4.68 80.49 2.34
CA MET M 299 -4.19 81.79 1.87
C MET M 299 -4.73 82.15 0.50
N GLU M 300 -4.99 81.16 -0.37
CA GLU M 300 -5.53 81.43 -1.69
C GLU M 300 -6.95 81.99 -1.65
N LYS M 301 -7.66 81.81 -0.54
CA LYS M 301 -9.02 82.30 -0.40
C LYS M 301 -9.07 83.75 0.09
N LEU M 302 -7.93 84.44 0.15
CA LEU M 302 -7.88 85.82 0.61
C LEU M 302 -7.77 86.83 -0.52
N ALA M 303 -7.26 86.42 -1.68
CA ALA M 303 -7.12 87.33 -2.80
C ALA M 303 -8.42 87.52 -3.58
N LYS M 304 -9.28 86.51 -3.60
CA LYS M 304 -10.55 86.59 -4.32
C LYS M 304 -11.71 87.01 -3.43
N ALA M 305 -11.50 87.10 -2.12
CA ALA M 305 -12.55 87.50 -1.18
C ALA M 305 -12.32 88.89 -0.62
N THR M 306 -11.18 89.12 0.04
CA THR M 306 -10.90 90.44 0.61
C THR M 306 -10.39 91.40 -0.45
N GLY M 307 -9.55 90.94 -1.37
CA GLY M 307 -9.01 91.79 -2.41
C GLY M 307 -7.67 92.38 -2.06
N ALA M 308 -6.61 91.57 -2.16
CA ALA M 308 -5.27 92.03 -1.85
C ALA M 308 -4.26 91.20 -2.64
N ASN M 309 -3.08 91.77 -2.86
CA ASN M 309 -2.02 91.10 -3.60
C ASN M 309 -0.98 90.55 -2.62
N VAL M 310 0.06 89.93 -3.18
CA VAL M 310 1.13 89.35 -2.39
C VAL M 310 2.42 90.14 -2.64
N ILE M 311 3.32 90.06 -1.68
CA ILE M 311 4.61 90.74 -1.73
C ILE M 311 5.70 89.70 -1.58
N THR M 312 6.55 89.57 -2.60
CA THR M 312 7.63 88.59 -2.55
C THR M 312 8.80 89.04 -1.68
N ASN M 313 8.91 90.33 -1.39
CA ASN M 313 10.00 90.83 -0.56
C ASN M 313 9.45 91.48 0.71
N ILE M 314 9.96 92.66 1.05
CA ILE M 314 9.52 93.38 2.25
C ILE M 314 9.41 94.86 1.93
N LYS M 315 10.23 95.33 0.98
CA LYS M 315 10.24 96.73 0.58
C LYS M 315 9.32 97.01 -0.59
N ASP M 316 8.55 96.02 -1.05
CA ASP M 316 7.64 96.18 -2.17
C ASP M 316 6.21 96.42 -1.72
N LEU M 317 6.01 96.80 -0.46
CA LEU M 317 4.69 97.07 0.08
C LEU M 317 4.43 98.58 0.09
N SER M 318 3.29 98.99 -0.48
CA SER M 318 2.94 100.40 -0.54
C SER M 318 1.56 100.63 0.08
N ALA M 319 0.57 100.92 -0.77
CA ALA M 319 -0.79 101.17 -0.30
C ALA M 319 -1.85 100.43 -1.10
N GLN M 320 -1.58 100.04 -2.34
CA GLN M 320 -2.57 99.33 -3.15
C GLN M 320 -2.57 97.83 -2.89
N ASP M 321 -1.58 97.30 -2.16
CA ASP M 321 -1.51 95.88 -1.85
C ASP M 321 -2.14 95.55 -0.50
N LEU M 322 -3.22 96.23 -0.16
CA LEU M 322 -3.91 96.00 1.11
C LEU M 322 -5.36 95.61 0.84
N GLY M 323 -5.95 94.94 1.83
CA GLY M 323 -7.33 94.48 1.72
C GLY M 323 -8.25 95.13 2.73
N ASP M 324 -9.37 94.47 3.03
CA ASP M 324 -10.33 95.00 3.98
C ASP M 324 -11.06 93.82 4.63
N ALA M 325 -11.29 93.93 5.94
CA ALA M 325 -11.97 92.86 6.67
C ALA M 325 -13.05 93.45 7.58
N GLY M 326 -13.60 92.63 8.47
CA GLY M 326 -14.63 93.08 9.37
C GLY M 326 -14.29 92.85 10.83
N LEU M 327 -14.23 91.59 11.24
CA LEU M 327 -13.92 91.26 12.63
C LEU M 327 -13.11 89.97 12.67
N VAL M 328 -11.91 90.04 13.24
CA VAL M 328 -11.03 88.88 13.38
C VAL M 328 -11.06 88.44 14.83
N GLU M 329 -11.42 87.17 15.08
CA GLU M 329 -11.53 86.64 16.43
C GLU M 329 -10.86 85.27 16.48
N GLU M 330 -10.43 84.89 17.68
CA GLU M 330 -9.79 83.61 17.93
C GLU M 330 -10.49 82.96 19.12
N ARG M 331 -11.48 82.11 18.84
CA ARG M 331 -12.25 81.44 19.87
C ARG M 331 -11.84 79.98 19.97
N LYS M 332 -12.01 79.41 21.17
CA LYS M 332 -11.69 78.02 21.44
C LYS M 332 -13.00 77.23 21.44
N ILE M 333 -13.37 76.70 20.28
CA ILE M 333 -14.59 75.95 20.10
C ILE M 333 -14.25 74.54 19.67
N SER M 334 -14.96 73.56 20.24
CA SER M 334 -14.74 72.14 19.94
C SER M 334 -13.30 71.70 20.22
N GLY M 335 -12.77 72.16 21.35
CA GLY M 335 -11.42 71.78 21.75
C GLY M 335 -10.34 72.65 21.14
N ASP M 336 -10.13 72.52 19.83
CA ASP M 336 -9.08 73.28 19.16
C ASP M 336 -9.48 74.75 19.04
N SER M 337 -8.50 75.58 18.69
CA SER M 337 -8.68 77.00 18.52
C SER M 337 -8.57 77.35 17.04
N MET M 338 -9.54 78.10 16.53
CA MET M 338 -9.56 78.50 15.13
C MET M 338 -9.77 80.01 15.02
N ILE M 339 -9.36 80.56 13.89
CA ILE M 339 -9.45 81.99 13.64
C ILE M 339 -10.63 82.24 12.69
N PHE M 340 -11.53 83.12 13.09
CA PHE M 340 -12.71 83.47 12.31
C PHE M 340 -12.60 84.94 11.88
N VAL M 341 -12.66 85.17 10.57
CA VAL M 341 -12.65 86.51 10.00
C VAL M 341 -14.00 86.73 9.35
N GLU M 342 -14.83 87.55 9.97
CA GLU M 342 -16.17 87.83 9.49
C GLU M 342 -16.22 89.18 8.79
N GLU M 343 -17.22 89.33 7.91
CA GLU M 343 -17.44 90.53 7.11
C GLU M 343 -16.23 90.83 6.23
N CYS M 344 -16.20 90.25 5.03
CA CYS M 344 -15.10 90.49 4.10
C CYS M 344 -15.49 91.57 3.09
N LYS M 345 -15.78 91.16 1.86
CA LYS M 345 -16.17 92.09 0.82
C LYS M 345 -16.99 91.39 -0.26
N HIS M 346 -16.44 90.31 -0.82
CA HIS M 346 -17.10 89.53 -1.87
C HIS M 346 -17.35 88.12 -1.34
N PRO M 347 -18.52 87.85 -0.77
CA PRO M 347 -18.80 86.51 -0.26
C PRO M 347 -19.03 85.50 -1.37
N LYS M 348 -17.95 85.00 -1.97
CA LYS M 348 -18.06 84.04 -3.06
C LYS M 348 -18.33 82.63 -2.52
N ALA M 349 -17.34 82.06 -1.82
CA ALA M 349 -17.46 80.73 -1.25
C ALA M 349 -18.02 80.80 0.17
N VAL M 350 -18.14 79.64 0.79
CA VAL M 350 -18.67 79.54 2.15
C VAL M 350 -18.00 78.36 2.84
N THR M 351 -17.98 78.39 4.17
CA THR M 351 -17.35 77.35 4.98
C THR M 351 -18.40 76.69 5.86
N MET M 352 -18.35 75.35 5.89
CA MET M 352 -19.27 74.55 6.69
C MET M 352 -18.47 73.72 7.68
N LEU M 353 -18.85 73.81 8.96
CA LEU M 353 -18.18 73.07 10.02
C LEU M 353 -19.18 72.11 10.67
N ILE M 354 -18.77 70.87 10.84
CA ILE M 354 -19.59 69.82 11.43
C ILE M 354 -18.93 69.35 12.72
N ARG M 355 -19.70 69.32 13.80
CA ARG M 355 -19.22 68.90 15.11
C ARG M 355 -20.07 67.73 15.58
N GLY M 356 -19.42 66.61 15.90
CA GLY M 356 -20.08 65.42 16.36
C GLY M 356 -19.55 64.97 17.71
N THR M 357 -19.58 63.66 17.92
CA THR M 357 -19.13 63.07 19.18
C THR M 357 -17.75 62.44 19.03
N THR M 358 -17.70 61.28 18.38
CA THR M 358 -16.43 60.56 18.21
C THR M 358 -15.66 61.10 17.01
N GLU M 359 -15.08 60.20 16.22
CA GLU M 359 -14.30 60.58 15.05
C GLU M 359 -14.84 60.03 13.74
N HIS M 360 -15.66 58.98 13.77
CA HIS M 360 -16.23 58.40 12.57
C HIS M 360 -17.55 59.03 12.16
N VAL M 361 -18.15 59.85 13.03
CA VAL M 361 -19.42 60.50 12.70
C VAL M 361 -19.18 61.69 11.79
N ILE M 362 -18.22 62.56 12.15
CA ILE M 362 -17.92 63.73 11.34
C ILE M 362 -17.49 63.31 9.94
N GLU M 363 -16.66 62.28 9.84
CA GLU M 363 -16.27 61.76 8.53
C GLU M 363 -17.48 61.28 7.75
N GLU M 364 -18.48 60.73 8.45
CA GLU M 364 -19.71 60.32 7.79
C GLU M 364 -20.41 61.50 7.14
N VAL M 365 -20.27 62.70 7.72
CA VAL M 365 -20.81 63.89 7.08
C VAL M 365 -19.90 64.38 5.96
N ALA M 366 -18.60 64.06 6.04
CA ALA M 366 -17.66 64.50 5.01
C ALA M 366 -18.01 63.92 3.65
N ARG M 367 -18.51 62.69 3.62
CA ARG M 367 -18.96 62.05 2.39
C ARG M 367 -20.42 62.35 2.08
N ALA M 368 -21.05 63.26 2.83
CA ALA M 368 -22.44 63.61 2.62
C ALA M 368 -22.64 65.03 2.08
N VAL M 369 -21.74 65.96 2.42
CA VAL M 369 -21.88 67.33 1.95
C VAL M 369 -21.54 67.43 0.47
N ASP M 370 -20.45 66.78 0.04
CA ASP M 370 -20.06 66.83 -1.36
C ASP M 370 -21.11 66.20 -2.26
N ASP M 371 -21.85 65.21 -1.75
CA ASP M 371 -22.93 64.60 -2.51
C ASP M 371 -24.26 65.34 -2.35
N ALA M 372 -24.29 66.42 -1.56
CA ALA M 372 -25.50 67.19 -1.36
C ALA M 372 -25.53 68.49 -2.15
N VAL M 373 -24.36 69.04 -2.51
CA VAL M 373 -24.29 70.28 -3.27
C VAL M 373 -24.22 69.94 -4.75
N GLY M 374 -23.67 68.77 -5.08
CA GLY M 374 -23.55 68.38 -6.47
C GLY M 374 -24.89 68.22 -7.16
N VAL M 375 -25.94 67.89 -6.40
CA VAL M 375 -27.28 67.77 -6.97
C VAL M 375 -28.00 69.11 -7.03
N VAL M 376 -27.37 70.19 -6.57
CA VAL M 376 -27.99 71.50 -6.60
C VAL M 376 -27.51 72.31 -7.80
N GLY M 377 -26.20 72.29 -8.06
CA GLY M 377 -25.66 73.03 -9.19
C GLY M 377 -26.18 72.54 -10.53
N CYS M 378 -26.54 71.27 -10.61
CA CYS M 378 -27.14 70.71 -11.82
C CYS M 378 -28.64 70.89 -11.88
N THR M 379 -29.24 71.59 -10.90
CA THR M 379 -30.67 71.81 -10.88
C THR M 379 -31.05 73.16 -11.48
N ILE M 380 -30.33 74.22 -11.10
CA ILE M 380 -30.62 75.55 -11.64
C ILE M 380 -30.19 75.64 -13.10
N GLU M 381 -29.06 75.05 -13.45
CA GLU M 381 -28.59 75.10 -14.83
C GLU M 381 -29.46 74.26 -15.76
N ASP M 382 -30.12 73.23 -15.23
CA ASP M 382 -30.98 72.38 -16.05
C ASP M 382 -32.44 72.66 -15.75
N GLY M 383 -32.99 72.00 -14.74
CA GLY M 383 -34.37 72.18 -14.36
C GLY M 383 -35.32 71.09 -14.79
N ARG M 384 -34.80 69.96 -15.28
CA ARG M 384 -35.65 68.84 -15.72
C ARG M 384 -35.78 67.83 -14.58
N ILE M 385 -36.40 68.28 -13.49
CA ILE M 385 -36.60 67.44 -12.32
C ILE M 385 -37.71 66.43 -12.61
N VAL M 386 -37.39 65.15 -12.41
CA VAL M 386 -38.35 64.07 -12.64
C VAL M 386 -38.81 63.52 -11.30
N SER M 387 -39.65 62.48 -11.33
CA SER M 387 -40.17 61.85 -10.13
C SER M 387 -39.19 60.75 -9.70
N GLY M 388 -38.53 60.96 -8.57
CA GLY M 388 -37.58 59.99 -8.06
C GLY M 388 -38.24 58.88 -7.28
N GLY M 389 -37.39 58.01 -6.72
CA GLY M 389 -37.88 56.88 -5.94
C GLY M 389 -38.17 55.63 -6.74
N GLY M 390 -37.53 55.46 -7.89
CA GLY M 390 -37.76 54.28 -8.70
C GLY M 390 -39.04 54.32 -9.51
N SER M 391 -39.40 55.49 -10.04
CA SER M 391 -40.61 55.64 -10.84
C SER M 391 -40.35 55.84 -12.33
N THR M 392 -39.15 56.30 -12.70
CA THR M 392 -38.85 56.51 -14.10
C THR M 392 -38.61 55.19 -14.83
N GLU M 393 -37.95 54.23 -14.17
CA GLU M 393 -37.69 52.94 -14.79
C GLU M 393 -38.99 52.19 -15.06
N VAL M 394 -39.91 52.19 -14.09
CA VAL M 394 -41.19 51.53 -14.29
C VAL M 394 -42.01 52.20 -15.37
N GLU M 395 -41.89 53.53 -15.49
CA GLU M 395 -42.62 54.23 -16.54
C GLU M 395 -42.04 53.94 -17.92
N LEU M 396 -40.72 53.84 -18.03
CA LEU M 396 -40.10 53.54 -19.31
C LEU M 396 -40.28 52.08 -19.69
N SER M 397 -40.43 51.19 -18.71
CA SER M 397 -40.64 49.77 -19.02
C SER M 397 -41.99 49.54 -19.67
N MET M 398 -43.01 50.31 -19.27
CA MET M 398 -44.33 50.17 -19.88
C MET M 398 -44.37 50.74 -21.30
N LYS M 399 -43.45 51.64 -21.64
CA LYS M 399 -43.37 52.23 -22.97
C LYS M 399 -42.49 51.43 -23.92
N LEU M 400 -41.39 50.86 -23.42
CA LEU M 400 -40.52 50.07 -24.29
C LEU M 400 -41.21 48.81 -24.80
N ARG M 401 -42.09 48.22 -23.98
CA ARG M 401 -42.80 47.01 -24.42
C ARG M 401 -43.68 47.30 -25.63
N GLU M 402 -44.38 48.43 -25.63
CA GLU M 402 -45.22 48.78 -26.77
C GLU M 402 -44.43 49.42 -27.91
N TYR M 403 -43.23 49.95 -27.64
CA TYR M 403 -42.40 50.48 -28.70
C TYR M 403 -41.67 49.38 -29.47
N ALA M 404 -41.32 48.28 -28.79
CA ALA M 404 -40.62 47.19 -29.46
C ALA M 404 -41.53 46.38 -30.37
N GLU M 405 -42.84 46.62 -30.35
CA GLU M 405 -43.77 45.88 -31.20
C GLU M 405 -43.78 46.37 -32.64
N GLY M 406 -43.27 47.57 -32.90
CA GLY M 406 -43.24 48.11 -34.26
C GLY M 406 -42.12 47.60 -35.14
N ILE M 407 -41.19 46.84 -34.58
CA ILE M 407 -40.07 46.29 -35.34
C ILE M 407 -40.21 44.78 -35.41
N SER M 408 -39.57 44.19 -36.43
CA SER M 408 -39.58 42.76 -36.64
C SER M 408 -38.15 42.27 -36.80
N GLY M 409 -37.85 41.13 -36.20
CA GLY M 409 -36.52 40.56 -36.28
C GLY M 409 -36.06 40.11 -34.91
N ARG M 410 -34.78 39.72 -34.84
CA ARG M 410 -34.20 39.26 -33.60
C ARG M 410 -33.83 40.40 -32.66
N GLU M 411 -33.93 41.65 -33.10
CA GLU M 411 -33.61 42.79 -32.26
C GLU M 411 -34.70 43.11 -31.25
N GLN M 412 -35.89 42.52 -31.39
CA GLN M 412 -36.96 42.78 -30.44
C GLN M 412 -36.68 42.13 -29.09
N LEU M 413 -36.05 40.96 -29.09
CA LEU M 413 -35.72 40.29 -27.84
C LEU M 413 -34.70 41.09 -27.03
N ALA M 414 -33.81 41.82 -27.70
CA ALA M 414 -32.86 42.66 -26.98
C ALA M 414 -33.55 43.84 -26.33
N VAL M 415 -34.48 44.49 -27.03
CA VAL M 415 -35.21 45.61 -26.45
C VAL M 415 -36.09 45.13 -25.30
N ARG M 416 -36.73 43.96 -25.46
CA ARG M 416 -37.54 43.42 -24.37
C ARG M 416 -36.69 43.08 -23.16
N ALA M 417 -35.49 42.53 -23.38
CA ALA M 417 -34.59 42.23 -22.28
C ALA M 417 -34.13 43.50 -21.58
N PHE M 418 -33.81 44.54 -22.34
CA PHE M 418 -33.40 45.81 -21.75
C PHE M 418 -34.54 46.43 -20.95
N ALA M 419 -35.77 46.28 -21.43
CA ALA M 419 -36.92 46.82 -20.71
C ALA M 419 -37.17 46.04 -19.42
N ASP M 420 -37.03 44.72 -19.47
CA ASP M 420 -37.26 43.91 -18.28
C ASP M 420 -36.14 44.08 -17.25
N ALA M 421 -34.92 44.42 -17.70
CA ALA M 421 -33.83 44.62 -16.78
C ALA M 421 -33.95 45.92 -16.00
N LEU M 422 -34.78 46.86 -16.47
CA LEU M 422 -34.95 48.13 -15.76
C LEU M 422 -35.78 47.97 -14.48
N GLU M 423 -36.43 46.83 -14.29
CA GLU M 423 -37.23 46.58 -13.10
C GLU M 423 -36.40 46.07 -11.92
N VAL M 424 -35.08 46.17 -11.98
CA VAL M 424 -34.23 45.72 -10.89
C VAL M 424 -34.12 46.76 -9.78
N ILE M 425 -34.33 48.04 -10.10
CA ILE M 425 -34.25 49.11 -9.11
C ILE M 425 -35.37 48.97 -8.08
N PRO M 426 -36.64 48.78 -8.47
CA PRO M 426 -37.67 48.60 -7.42
C PRO M 426 -37.51 47.31 -6.64
N ARG M 427 -36.92 46.27 -7.23
CA ARG M 427 -36.69 45.04 -6.49
C ARG M 427 -35.57 45.20 -5.47
N THR M 428 -34.57 46.03 -5.77
CA THR M 428 -33.49 46.27 -4.81
C THR M 428 -33.90 47.27 -3.74
N LEU M 429 -34.74 48.26 -4.10
CA LEU M 429 -35.20 49.22 -3.11
C LEU M 429 -36.24 48.62 -2.15
N ALA M 430 -36.89 47.54 -2.55
CA ALA M 430 -37.88 46.87 -1.69
C ALA M 430 -37.33 45.63 -1.01
N GLU M 431 -36.13 45.17 -1.39
CA GLU M 431 -35.57 43.99 -0.74
C GLU M 431 -35.13 44.29 0.68
N ASN M 432 -34.78 45.54 0.97
CA ASN M 432 -34.35 45.91 2.32
C ASN M 432 -35.48 45.80 3.34
N ALA M 433 -36.73 45.81 2.89
CA ALA M 433 -37.88 45.72 3.78
C ALA M 433 -38.32 44.27 3.91
N GLY M 434 -39.34 44.06 4.75
CA GLY M 434 -39.85 42.73 4.99
C GLY M 434 -41.27 42.53 4.48
N LEU M 435 -42.07 43.59 4.52
CA LEU M 435 -43.46 43.54 4.07
C LEU M 435 -43.61 43.91 2.59
N ASP M 436 -42.53 43.86 1.81
CA ASP M 436 -42.57 44.20 0.39
C ASP M 436 -42.50 42.94 -0.46
N ALA M 437 -41.40 42.18 -0.38
CA ALA M 437 -41.20 40.95 -1.14
C ALA M 437 -41.36 41.18 -2.63
N ILE M 438 -42.53 40.88 -3.18
CA ILE M 438 -42.78 41.01 -4.61
C ILE M 438 -44.14 41.65 -4.92
N GLU M 439 -45.03 41.77 -3.93
CA GLU M 439 -46.34 42.35 -4.19
C GLU M 439 -46.25 43.82 -4.54
N ILE M 440 -45.24 44.53 -4.02
CA ILE M 440 -45.09 45.95 -4.31
C ILE M 440 -44.81 46.17 -5.78
N LEU M 441 -43.96 45.32 -6.38
CA LEU M 441 -43.64 45.46 -7.79
C LEU M 441 -44.86 45.19 -8.66
N VAL M 442 -45.71 44.26 -8.25
CA VAL M 442 -46.92 43.96 -9.02
C VAL M 442 -47.94 45.09 -8.88
N LYS M 443 -48.00 45.70 -7.69
CA LYS M 443 -48.97 46.78 -7.48
C LYS M 443 -48.56 48.06 -8.19
N VAL M 444 -47.25 48.36 -8.22
CA VAL M 444 -46.79 49.57 -8.89
C VAL M 444 -46.70 49.42 -10.40
N ARG M 445 -46.91 48.21 -10.92
CA ARG M 445 -46.85 47.97 -12.36
C ARG M 445 -48.19 48.23 -13.05
N ALA M 446 -49.28 47.73 -12.46
CA ALA M 446 -50.61 47.94 -13.03
C ALA M 446 -51.21 49.30 -12.69
N ALA M 447 -50.55 50.08 -11.84
CA ALA M 447 -51.08 51.40 -11.48
C ALA M 447 -50.86 52.43 -12.57
N HIS M 448 -49.77 52.31 -13.34
CA HIS M 448 -49.47 53.24 -14.41
C HIS M 448 -50.03 52.80 -15.75
N ALA M 449 -51.01 51.89 -15.75
CA ALA M 449 -51.61 51.41 -16.98
C ALA M 449 -52.75 52.29 -17.47
N SER M 450 -53.11 53.34 -16.72
CA SER M 450 -54.19 54.23 -17.12
C SER M 450 -53.65 55.40 -17.94
N ASN M 451 -54.28 56.56 -17.82
CA ASN M 451 -53.84 57.74 -18.55
C ASN M 451 -52.73 58.48 -17.80
N GLY M 452 -53.08 59.07 -16.65
CA GLY M 452 -52.11 59.79 -15.85
C GLY M 452 -51.36 58.91 -14.88
N ASN M 453 -51.28 59.34 -13.62
CA ASN M 453 -50.59 58.60 -12.56
C ASN M 453 -49.14 58.32 -12.94
N LYS M 454 -48.28 59.32 -12.75
CA LYS M 454 -46.86 59.20 -13.08
C LYS M 454 -45.95 59.48 -11.89
N CYS M 455 -46.31 60.42 -11.02
CA CYS M 455 -45.47 60.77 -9.89
C CYS M 455 -45.47 59.70 -8.79
N ALA M 456 -46.31 58.69 -8.89
CA ALA M 456 -46.34 57.64 -7.88
C ALA M 456 -45.13 56.72 -8.02
N GLY M 457 -44.58 56.31 -6.88
CA GLY M 457 -43.42 55.43 -6.89
C GLY M 457 -43.41 54.47 -5.72
N LEU M 458 -42.41 54.61 -4.84
CA LEU M 458 -42.29 53.74 -3.69
C LEU M 458 -41.48 54.45 -2.61
N ASN M 459 -41.97 54.38 -1.37
CA ASN M 459 -41.31 54.98 -0.22
C ASN M 459 -41.15 53.93 0.86
N VAL M 460 -39.94 53.83 1.43
CA VAL M 460 -39.67 52.84 2.48
C VAL M 460 -40.03 53.33 3.86
N PHE M 461 -40.64 54.51 3.98
CA PHE M 461 -41.03 55.07 5.27
C PHE M 461 -42.52 54.94 5.55
N THR M 462 -43.24 54.12 4.77
CA THR M 462 -44.67 53.94 4.98
C THR M 462 -45.08 52.49 4.74
N GLY M 463 -44.99 52.04 3.49
CA GLY M 463 -45.35 50.68 3.15
C GLY M 463 -46.33 50.59 1.99
N ALA M 464 -47.22 51.57 1.90
CA ALA M 464 -48.21 51.61 0.83
C ALA M 464 -47.62 52.33 -0.38
N VAL M 465 -48.46 52.73 -1.33
CA VAL M 465 -48.03 53.42 -2.53
C VAL M 465 -48.68 54.79 -2.56
N GLU M 466 -47.91 55.81 -2.96
CA GLU M 466 -48.41 57.18 -3.04
C GLU M 466 -47.47 57.96 -3.96
N ASP M 467 -47.77 59.25 -4.11
CA ASP M 467 -46.96 60.11 -4.96
C ASP M 467 -45.62 60.42 -4.29
N MET M 468 -44.60 60.62 -5.12
CA MET M 468 -43.26 60.93 -4.63
C MET M 468 -42.94 62.41 -4.61
N CYS M 469 -43.60 63.21 -5.45
CA CYS M 469 -43.32 64.65 -5.48
C CYS M 469 -43.92 65.37 -4.28
N GLU M 470 -44.93 64.80 -3.63
CA GLU M 470 -45.55 65.42 -2.46
C GLU M 470 -44.83 65.10 -1.17
N ASN M 471 -44.00 64.05 -1.15
CA ASN M 471 -43.28 63.68 0.07
C ASN M 471 -42.02 64.54 0.23
N GLY M 472 -41.09 64.42 -0.71
CA GLY M 472 -39.87 65.19 -0.66
C GLY M 472 -38.72 64.55 -1.42
N VAL M 473 -39.05 63.71 -2.39
CA VAL M 473 -38.06 63.02 -3.21
C VAL M 473 -38.17 63.58 -4.63
N VAL M 474 -37.15 64.35 -5.03
CA VAL M 474 -37.12 64.96 -6.35
C VAL M 474 -35.74 64.74 -6.98
N GLU M 475 -35.44 63.49 -7.29
CA GLU M 475 -34.14 63.17 -7.89
C GLU M 475 -34.06 63.75 -9.30
N PRO M 476 -32.95 64.40 -9.66
CA PRO M 476 -32.85 65.01 -11.00
C PRO M 476 -32.75 63.97 -12.11
N LEU M 477 -32.71 64.43 -13.36
CA LEU M 477 -32.68 63.54 -14.51
C LEU M 477 -31.26 63.27 -14.99
N ARG M 478 -30.33 64.21 -14.77
CA ARG M 478 -28.96 64.01 -15.24
C ARG M 478 -28.30 62.82 -14.57
N VAL M 479 -28.55 62.63 -13.28
CA VAL M 479 -27.97 61.50 -12.57
C VAL M 479 -28.51 60.17 -13.09
N LYS M 480 -29.68 60.17 -13.73
CA LYS M 480 -30.23 58.98 -14.34
C LYS M 480 -29.73 58.77 -15.77
N THR M 481 -29.66 59.86 -16.55
CA THR M 481 -29.18 59.74 -17.92
C THR M 481 -27.71 59.34 -17.96
N GLN M 482 -26.88 59.94 -17.10
CA GLN M 482 -25.47 59.57 -17.06
C GLN M 482 -25.29 58.12 -16.61
N ALA M 483 -26.11 57.68 -15.65
CA ALA M 483 -26.02 56.29 -15.20
C ALA M 483 -26.43 55.32 -16.30
N ILE M 484 -27.50 55.64 -17.04
CA ILE M 484 -27.93 54.78 -18.14
C ILE M 484 -26.86 54.74 -19.23
N GLN M 485 -26.24 55.89 -19.52
CA GLN M 485 -25.19 55.92 -20.53
C GLN M 485 -23.98 55.09 -20.09
N SER M 486 -23.59 55.20 -18.83
CA SER M 486 -22.47 54.40 -18.32
C SER M 486 -22.79 52.92 -18.34
N ALA M 487 -24.03 52.54 -18.01
CA ALA M 487 -24.41 51.14 -18.03
C ALA M 487 -24.44 50.59 -19.45
N ALA M 488 -24.88 51.42 -20.41
CA ALA M 488 -24.91 50.97 -21.80
C ALA M 488 -23.51 50.92 -22.41
N GLU M 489 -22.59 51.76 -21.94
CA GLU M 489 -21.23 51.73 -22.46
C GLU M 489 -20.40 50.62 -21.82
N SER M 490 -20.66 50.28 -20.56
CA SER M 490 -19.89 49.25 -19.88
C SER M 490 -20.30 47.85 -20.29
N THR M 491 -21.57 47.66 -20.68
CA THR M 491 -22.04 46.33 -21.06
C THR M 491 -21.55 45.90 -22.43
N GLU M 492 -21.00 46.80 -23.23
CA GLU M 492 -20.49 46.48 -24.55
C GLU M 492 -19.00 46.23 -24.58
N MET M 493 -18.27 46.58 -23.51
CA MET M 493 -16.84 46.35 -23.46
C MET M 493 -16.47 44.93 -23.03
N LEU M 494 -17.46 44.09 -22.72
CA LEU M 494 -17.23 42.71 -22.31
C LEU M 494 -17.73 41.69 -23.32
N LEU M 495 -18.86 41.96 -23.98
CA LEU M 495 -19.38 41.02 -24.97
C LEU M 495 -18.59 41.04 -26.27
N ARG M 496 -17.84 42.11 -26.53
CA ARG M 496 -17.05 42.23 -27.74
C ARG M 496 -15.61 41.75 -27.56
N ILE M 497 -15.37 40.88 -26.58
CA ILE M 497 -14.05 40.34 -26.30
C ILE M 497 -13.90 38.92 -26.84
N ASP M 498 -14.88 38.05 -26.54
CA ASP M 498 -14.88 36.67 -26.99
C ASP M 498 -13.63 35.93 -26.53
N ASP M 499 -12.55 36.04 -27.29
CA ASP M 499 -11.28 35.40 -26.96
C ASP M 499 -10.36 36.36 -26.23
N VAL M 500 -9.35 35.78 -25.58
CA VAL M 500 -8.37 36.56 -24.82
C VAL M 500 -7.02 35.87 -24.95
N ILE M 501 -5.99 36.65 -25.27
CA ILE M 501 -4.64 36.13 -25.42
C ILE M 501 -3.71 36.80 -24.41
N ALA M 502 -2.43 36.49 -24.48
CA ALA M 502 -1.44 37.06 -23.59
C ALA M 502 -0.13 37.27 -24.34
N ALA M 503 0.73 38.11 -23.78
CA ALA M 503 2.03 38.40 -24.38
C ALA M 503 3.01 38.77 -23.28
N GLU M 504 4.29 38.76 -23.65
CA GLU M 504 5.37 39.09 -22.71
C GLU M 504 5.99 40.46 -22.99
N LYS M 505 5.43 41.21 -23.93
CA LYS M 505 5.92 42.53 -24.28
C LYS M 505 5.14 43.60 -23.53
N LEU M 506 5.86 44.58 -22.99
CA LEU M 506 5.22 45.66 -22.25
C LEU M 506 4.44 46.57 -23.20
N ARG M 507 3.19 46.84 -22.85
CA ARG M 507 2.29 47.69 -23.64
C ARG M 507 2.16 47.17 -25.07
N MET N 1 8.53 9.67 -39.31
CA MET N 1 9.34 10.87 -39.19
C MET N 1 8.90 11.94 -40.19
N GLY N 2 8.62 11.51 -41.42
CA GLY N 2 8.19 12.45 -42.43
C GLY N 2 6.78 12.98 -42.22
N ARG N 3 5.92 12.16 -41.61
CA ARG N 3 4.53 12.56 -41.35
C ARG N 3 4.30 12.98 -39.90
N ASP N 4 5.26 12.75 -39.02
CA ASP N 4 5.08 13.13 -37.62
C ASP N 4 5.40 14.60 -37.40
N ALA N 5 6.55 15.07 -37.89
CA ALA N 5 6.95 16.46 -37.74
C ALA N 5 6.23 17.39 -38.70
N GLN N 6 5.52 16.85 -39.70
CA GLN N 6 4.80 17.66 -40.67
C GLN N 6 3.43 18.11 -40.17
N ARG N 7 2.68 17.22 -39.50
CA ARG N 7 1.37 17.60 -38.99
C ARG N 7 1.47 18.56 -37.82
N MET N 8 2.53 18.45 -37.01
CA MET N 8 2.70 19.35 -35.87
C MET N 8 2.94 20.78 -36.34
N ASN N 9 3.71 20.94 -37.41
CA ASN N 9 3.96 22.28 -37.93
C ASN N 9 2.69 22.93 -38.47
N ILE N 10 1.76 22.13 -39.00
CA ILE N 10 0.50 22.68 -39.48
C ILE N 10 -0.43 22.97 -38.33
N LEU N 11 -0.45 22.12 -37.31
CA LEU N 11 -1.30 22.36 -36.15
C LEU N 11 -0.83 23.57 -35.34
N ALA N 12 0.48 23.82 -35.30
CA ALA N 12 0.98 25.00 -34.61
C ALA N 12 0.65 26.28 -35.37
N GLY N 13 0.51 26.19 -36.70
CA GLY N 13 0.17 27.37 -37.48
C GLY N 13 -1.32 27.64 -37.54
N ARG N 14 -2.14 26.59 -37.51
CA ARG N 14 -3.59 26.78 -37.54
C ARG N 14 -4.12 27.45 -36.28
N ILE N 15 -3.40 27.34 -35.16
CA ILE N 15 -3.84 27.99 -33.93
C ILE N 15 -3.66 29.50 -34.03
N ILE N 16 -2.50 29.94 -34.52
CA ILE N 16 -2.24 31.37 -34.66
C ILE N 16 -2.89 31.96 -35.90
N ALA N 17 -3.30 31.12 -36.86
CA ALA N 17 -3.96 31.63 -38.06
C ALA N 17 -5.42 31.96 -37.79
N GLU N 18 -6.08 31.19 -36.95
CA GLU N 18 -7.49 31.41 -36.63
C GLU N 18 -7.69 32.39 -35.48
N THR N 19 -6.62 32.99 -34.96
CA THR N 19 -6.76 33.94 -33.85
C THR N 19 -7.34 35.27 -34.34
N VAL N 20 -6.88 35.73 -35.50
CA VAL N 20 -7.36 37.01 -36.05
C VAL N 20 -8.50 36.75 -37.03
N ARG N 21 -9.15 35.58 -36.90
CA ARG N 21 -10.25 35.26 -37.78
C ARG N 21 -11.47 36.13 -37.49
N SER N 22 -11.77 36.35 -36.20
CA SER N 22 -12.92 37.16 -35.82
C SER N 22 -12.68 38.65 -36.04
N THR N 23 -11.43 39.09 -36.08
CA THR N 23 -11.09 40.50 -36.29
C THR N 23 -10.86 40.80 -37.76
N LEU N 24 -11.86 40.56 -38.58
CA LEU N 24 -11.78 40.81 -40.02
C LEU N 24 -12.92 41.66 -40.54
N GLY N 25 -14.15 41.41 -40.11
CA GLY N 25 -15.30 42.16 -40.55
C GLY N 25 -15.35 43.54 -39.93
N PRO N 26 -16.22 44.41 -40.45
CA PRO N 26 -16.32 45.77 -39.88
C PRO N 26 -16.96 45.79 -38.50
N LYS N 27 -17.85 44.85 -38.19
CA LYS N 27 -18.50 44.81 -36.89
C LYS N 27 -18.10 43.56 -36.12
N GLY N 28 -16.80 43.32 -35.98
CA GLY N 28 -16.31 42.15 -35.28
C GLY N 28 -15.91 42.47 -33.85
N MET N 29 -15.70 41.40 -33.08
CA MET N 29 -15.29 41.53 -31.69
C MET N 29 -13.83 41.93 -31.60
N ASP N 30 -13.47 42.55 -30.47
CA ASP N 30 -12.11 42.99 -30.22
C ASP N 30 -11.33 41.92 -29.48
N LYS N 31 -10.09 42.23 -29.13
CA LYS N 31 -9.21 41.32 -28.43
C LYS N 31 -8.63 42.01 -27.20
N MET N 32 -8.74 41.35 -26.05
CA MET N 32 -8.21 41.87 -24.79
C MET N 32 -6.86 41.22 -24.52
N LEU N 33 -5.82 42.04 -24.44
CA LEU N 33 -4.45 41.57 -24.23
C LEU N 33 -3.97 42.03 -22.86
N VAL N 34 -3.50 41.07 -22.06
CA VAL N 34 -2.97 41.35 -20.73
C VAL N 34 -1.47 41.05 -20.72
N ASP N 35 -0.78 41.63 -19.75
CA ASP N 35 0.66 41.46 -19.59
C ASP N 35 0.95 40.96 -18.18
N ASP N 36 2.24 40.75 -17.90
CA ASP N 36 2.65 40.27 -16.58
C ASP N 36 2.54 41.36 -15.53
N LEU N 37 2.83 42.61 -15.90
CA LEU N 37 2.73 43.71 -14.94
C LEU N 37 1.28 44.07 -14.66
N GLY N 38 0.38 43.84 -15.61
CA GLY N 38 -1.02 44.15 -15.42
C GLY N 38 -1.52 45.23 -16.37
N ASP N 39 -1.10 45.16 -17.62
CA ASP N 39 -1.51 46.14 -18.63
C ASP N 39 -2.59 45.51 -19.51
N VAL N 40 -3.83 45.89 -19.30
CA VAL N 40 -4.97 45.38 -20.05
C VAL N 40 -5.28 46.36 -21.17
N VAL N 41 -5.08 45.92 -22.42
CA VAL N 41 -5.33 46.75 -23.59
C VAL N 41 -6.35 46.06 -24.48
N VAL N 42 -6.99 46.86 -25.34
CA VAL N 42 -7.99 46.37 -26.28
C VAL N 42 -7.51 46.69 -27.70
N THR N 43 -7.48 45.67 -28.54
CA THR N 43 -7.04 45.80 -29.93
C THR N 43 -8.10 45.25 -30.86
N ASN N 44 -8.53 46.06 -31.82
CA ASN N 44 -9.54 45.65 -32.79
C ASN N 44 -8.94 45.15 -34.10
N ASP N 45 -7.77 45.66 -34.49
CA ASP N 45 -7.15 45.27 -35.75
C ASP N 45 -6.42 43.94 -35.56
N GLY N 46 -5.67 43.52 -36.57
CA GLY N 46 -4.94 42.27 -36.52
C GLY N 46 -3.44 42.46 -36.64
N VAL N 47 -3.00 43.68 -36.93
CA VAL N 47 -1.58 43.95 -37.06
C VAL N 47 -0.91 43.93 -35.68
N THR N 48 -1.53 44.53 -34.68
CA THR N 48 -0.97 44.53 -33.33
C THR N 48 -1.05 43.14 -32.70
N ILE N 49 -2.02 42.33 -33.09
CA ILE N 49 -2.16 41.00 -32.54
C ILE N 49 -0.96 40.13 -32.91
N LEU N 50 -0.48 40.26 -34.16
CA LEU N 50 0.64 39.45 -34.60
C LEU N 50 1.94 39.84 -33.89
N ARG N 51 2.05 41.10 -33.48
CA ARG N 51 3.26 41.55 -32.79
C ARG N 51 3.31 41.03 -31.36
N GLU N 52 2.36 41.46 -30.53
CA GLU N 52 2.27 41.01 -29.14
C GLU N 52 1.62 39.63 -29.11
N MET N 53 2.44 38.61 -29.35
CA MET N 53 1.98 37.23 -29.36
C MET N 53 3.14 36.32 -28.99
N SER N 54 2.85 35.27 -28.22
CA SER N 54 3.86 34.32 -27.81
C SER N 54 4.46 33.59 -29.01
N VAL N 55 5.68 33.96 -29.40
CA VAL N 55 6.33 33.36 -30.56
C VAL N 55 7.32 32.30 -30.08
N GLU N 56 6.95 31.56 -29.04
CA GLU N 56 7.81 30.53 -28.50
C GLU N 56 7.96 29.34 -29.46
N HIS N 57 7.01 29.14 -30.36
CA HIS N 57 7.11 28.03 -31.29
C HIS N 57 7.72 28.48 -32.61
N PRO N 58 8.60 27.68 -33.21
CA PRO N 58 9.23 28.09 -34.47
C PRO N 58 8.25 28.26 -35.62
N ALA N 59 7.13 27.52 -35.61
CA ALA N 59 6.17 27.65 -36.70
C ALA N 59 5.41 28.97 -36.62
N ALA N 60 5.21 29.51 -35.42
CA ALA N 60 4.50 30.77 -35.22
C ALA N 60 5.44 31.96 -35.24
N LYS N 61 6.27 32.08 -36.27
CA LYS N 61 7.21 33.19 -36.36
C LYS N 61 7.44 33.60 -37.81
N MET N 62 7.56 32.61 -38.70
CA MET N 62 7.80 32.91 -40.11
C MET N 62 6.59 33.60 -40.73
N LEU N 63 5.38 33.16 -40.38
CA LEU N 63 4.18 33.81 -40.91
C LEU N 63 4.10 35.26 -40.45
N ILE N 64 4.42 35.52 -39.17
CA ILE N 64 4.39 36.89 -38.66
C ILE N 64 5.46 37.74 -39.34
N GLU N 65 6.64 37.16 -39.58
CA GLU N 65 7.70 37.90 -40.25
C GLU N 65 7.31 38.23 -41.69
N VAL N 66 6.63 37.32 -42.37
CA VAL N 66 6.18 37.59 -43.73
C VAL N 66 5.08 38.65 -43.73
N ALA N 67 4.16 38.58 -42.75
CA ALA N 67 3.08 39.56 -42.69
C ALA N 67 3.60 40.95 -42.35
N LYS N 68 4.66 41.04 -41.55
CA LYS N 68 5.22 42.35 -41.23
C LYS N 68 5.85 43.01 -42.44
N THR N 69 6.41 42.23 -43.35
CA THR N 69 6.99 42.79 -44.57
C THR N 69 5.93 43.28 -45.53
N GLN N 70 4.73 42.67 -45.49
CA GLN N 70 3.66 43.10 -46.37
C GLN N 70 2.86 44.25 -45.78
N GLU N 71 2.80 44.34 -44.44
CA GLU N 71 2.05 45.42 -43.81
C GLU N 71 2.71 46.78 -44.05
N LYS N 72 4.03 46.80 -44.23
CA LYS N 72 4.76 48.04 -44.47
C LYS N 72 4.62 48.53 -45.91
N GLU N 73 3.86 47.84 -46.75
CA GLU N 73 3.66 48.23 -48.15
C GLU N 73 2.48 49.20 -48.30
N VAL N 74 1.27 48.73 -48.07
CA VAL N 74 0.08 49.56 -48.20
C VAL N 74 -0.65 49.61 -46.86
N GLY N 75 -0.46 48.58 -46.04
CA GLY N 75 -1.10 48.53 -44.74
C GLY N 75 -2.60 48.40 -44.80
N ASP N 76 -3.09 47.30 -45.37
CA ASP N 76 -4.53 47.07 -45.47
C ASP N 76 -4.84 45.59 -45.61
N GLY N 77 -4.01 44.87 -46.36
CA GLY N 77 -4.22 43.45 -46.57
C GLY N 77 -3.32 42.59 -45.72
N THR N 78 -3.42 42.73 -44.40
CA THR N 78 -2.60 41.96 -43.46
C THR N 78 -3.37 40.82 -42.81
N THR N 79 -4.53 41.11 -42.22
CA THR N 79 -5.31 40.06 -41.57
C THR N 79 -5.92 39.10 -42.59
N THR N 80 -6.43 39.63 -43.70
CA THR N 80 -7.02 38.78 -44.72
C THR N 80 -6.00 37.83 -45.34
N ALA N 81 -4.73 38.28 -45.46
CA ALA N 81 -3.69 37.40 -45.97
C ALA N 81 -3.45 36.23 -45.01
N VAL N 82 -3.42 36.50 -43.72
CA VAL N 82 -3.24 35.43 -42.74
C VAL N 82 -4.44 34.48 -42.76
N VAL N 83 -5.64 35.03 -42.92
CA VAL N 83 -6.83 34.18 -42.99
C VAL N 83 -6.79 33.27 -44.21
N VAL N 84 -6.39 33.82 -45.36
CA VAL N 84 -6.30 33.01 -46.58
C VAL N 84 -5.22 31.95 -46.43
N ALA N 85 -4.09 32.30 -45.80
CA ALA N 85 -3.03 31.33 -45.60
C ALA N 85 -3.48 30.20 -44.68
N GLY N 86 -4.19 30.54 -43.61
CA GLY N 86 -4.70 29.51 -42.72
C GLY N 86 -5.73 28.62 -43.39
N GLU N 87 -6.58 29.20 -44.22
CA GLU N 87 -7.56 28.41 -44.98
C GLU N 87 -6.86 27.47 -45.95
N LEU N 88 -5.82 27.96 -46.63
CA LEU N 88 -5.08 27.11 -47.55
C LEU N 88 -4.39 25.96 -46.80
N LEU N 89 -3.82 26.26 -45.63
CA LEU N 89 -3.17 25.20 -44.85
C LEU N 89 -4.19 24.17 -44.38
N ARG N 90 -5.35 24.62 -43.92
CA ARG N 90 -6.38 23.69 -43.47
C ARG N 90 -6.93 22.85 -44.62
N LYS N 91 -7.01 23.42 -45.82
CA LYS N 91 -7.49 22.66 -46.97
C LYS N 91 -6.44 21.67 -47.44
N ALA N 92 -5.17 22.04 -47.39
CA ALA N 92 -4.10 21.14 -47.82
C ALA N 92 -3.80 20.06 -46.79
N GLU N 93 -4.16 20.27 -45.52
CA GLU N 93 -3.93 19.24 -44.51
C GLU N 93 -4.79 18.01 -44.78
N GLU N 94 -6.03 18.21 -45.25
CA GLU N 94 -6.91 17.09 -45.54
C GLU N 94 -6.47 16.35 -46.79
N LEU N 95 -5.84 17.03 -47.74
CA LEU N 95 -5.40 16.40 -48.98
C LEU N 95 -4.20 15.48 -48.78
N LEU N 96 -3.55 15.53 -47.61
CA LEU N 96 -2.41 14.67 -47.34
C LEU N 96 -2.80 13.28 -46.89
N ASP N 97 -4.09 13.00 -46.74
CA ASP N 97 -4.55 11.68 -46.31
C ASP N 97 -4.57 10.66 -47.45
N GLN N 98 -4.51 11.10 -48.70
CA GLN N 98 -4.51 10.20 -49.85
C GLN N 98 -3.11 9.71 -50.21
N ASN N 99 -2.11 10.00 -49.38
CA ASN N 99 -0.73 9.58 -49.61
C ASN N 99 -0.22 10.09 -50.96
N VAL N 100 -0.12 11.42 -51.05
CA VAL N 100 0.34 12.07 -52.25
C VAL N 100 1.65 12.84 -52.03
N HIS N 101 1.93 13.26 -50.79
CA HIS N 101 3.12 13.99 -50.36
C HIS N 101 3.18 15.38 -50.99
N PRO N 102 3.64 16.40 -50.24
CA PRO N 102 3.59 17.77 -50.76
C PRO N 102 4.59 18.04 -51.87
N THR N 103 4.09 18.19 -53.10
CA THR N 103 4.92 18.54 -54.24
C THR N 103 4.06 19.09 -55.37
N ILE N 104 3.05 18.31 -55.78
CA ILE N 104 2.17 18.75 -56.86
C ILE N 104 1.27 19.88 -56.39
N VAL N 105 0.99 19.95 -55.08
CA VAL N 105 0.15 21.02 -54.56
C VAL N 105 0.82 22.38 -54.72
N VAL N 106 2.15 22.42 -54.52
CA VAL N 106 2.88 23.67 -54.69
C VAL N 106 2.84 24.13 -56.13
N LYS N 107 3.02 23.19 -57.07
CA LYS N 107 2.95 23.54 -58.50
C LYS N 107 1.55 24.01 -58.87
N GLY N 108 0.52 23.36 -58.33
CA GLY N 108 -0.84 23.80 -58.59
C GLY N 108 -1.12 25.19 -58.06
N TYR N 109 -0.63 25.49 -56.85
CA TYR N 109 -0.80 26.83 -56.29
C TYR N 109 -0.05 27.87 -57.12
N GLN N 110 1.17 27.54 -57.57
CA GLN N 110 1.93 28.48 -58.38
C GLN N 110 1.26 28.71 -59.73
N ALA N 111 0.63 27.68 -60.29
CA ALA N 111 -0.07 27.85 -61.56
C ALA N 111 -1.38 28.61 -61.39
N ALA N 112 -2.04 28.46 -60.24
CA ALA N 112 -3.30 29.16 -60.00
C ALA N 112 -3.07 30.62 -59.62
N ALA N 113 -1.93 30.93 -58.98
CA ALA N 113 -1.67 32.32 -58.59
C ALA N 113 -1.51 33.21 -59.82
N GLN N 114 -0.80 32.73 -60.84
CA GLN N 114 -0.64 33.53 -62.06
C GLN N 114 -1.97 33.75 -62.75
N LYS N 115 -2.81 32.71 -62.81
CA LYS N 115 -4.13 32.85 -63.42
C LYS N 115 -4.99 33.85 -62.65
N ALA N 116 -4.93 33.80 -61.31
CA ALA N 116 -5.69 34.74 -60.50
C ALA N 116 -5.20 36.17 -60.72
N GLN N 117 -3.88 36.36 -60.78
CA GLN N 117 -3.34 37.70 -61.03
C GLN N 117 -3.70 38.20 -62.42
N GLU N 118 -3.77 37.32 -63.41
CA GLU N 118 -4.18 37.75 -64.75
C GLU N 118 -5.67 38.06 -64.80
N LEU N 119 -6.49 37.32 -64.06
CA LEU N 119 -7.93 37.59 -64.05
C LEU N 119 -8.29 38.83 -63.26
N LEU N 120 -7.51 39.16 -62.22
CA LEU N 120 -7.80 40.35 -61.44
C LEU N 120 -7.56 41.62 -62.24
N LYS N 121 -6.60 41.60 -63.17
CA LYS N 121 -6.30 42.76 -64.00
C LYS N 121 -7.30 42.98 -65.12
N THR N 122 -8.27 42.08 -65.28
CA THR N 122 -9.28 42.22 -66.33
C THR N 122 -10.68 42.49 -65.80
N ILE N 123 -10.86 42.60 -64.48
CA ILE N 123 -12.17 42.85 -63.89
C ILE N 123 -12.23 44.25 -63.26
N ALA N 124 -11.29 45.12 -63.59
CA ALA N 124 -11.24 46.48 -63.06
C ALA N 124 -11.63 47.47 -64.15
N CYS N 125 -11.60 48.75 -63.79
CA CYS N 125 -11.94 49.84 -64.70
C CYS N 125 -10.80 50.85 -64.74
N GLU N 126 -11.04 51.97 -65.41
CA GLU N 126 -10.05 53.03 -65.55
C GLU N 126 -10.56 54.26 -64.79
N VAL N 127 -9.78 54.71 -63.80
CA VAL N 127 -10.12 55.87 -63.00
C VAL N 127 -9.06 56.93 -63.25
N GLY N 128 -9.45 58.04 -63.87
CA GLY N 128 -8.54 59.11 -64.17
C GLY N 128 -8.31 60.04 -62.98
N ALA N 129 -7.50 61.07 -63.22
CA ALA N 129 -7.19 62.06 -62.20
C ALA N 129 -8.17 63.21 -62.15
N GLN N 130 -9.12 63.28 -63.09
CA GLN N 130 -10.09 64.36 -63.12
C GLN N 130 -11.33 64.08 -62.27
N ASP N 131 -11.38 62.93 -61.60
CA ASP N 131 -12.54 62.58 -60.79
C ASP N 131 -12.42 63.20 -59.40
N LYS N 132 -13.54 63.17 -58.67
CA LYS N 132 -13.58 63.72 -57.32
C LYS N 132 -14.59 62.98 -56.46
N GLU N 133 -15.76 62.67 -57.04
CA GLU N 133 -16.79 61.94 -56.32
C GLU N 133 -16.41 60.48 -56.10
N ILE N 134 -15.47 59.95 -56.89
CA ILE N 134 -15.05 58.57 -56.70
C ILE N 134 -13.99 58.45 -55.63
N LEU N 135 -13.18 59.49 -55.43
CA LEU N 135 -12.06 59.43 -54.49
C LEU N 135 -12.50 59.55 -53.03
N THR N 136 -13.77 59.82 -52.76
CA THR N 136 -14.24 59.96 -51.39
C THR N 136 -14.85 58.67 -50.84
N LYS N 137 -15.38 57.79 -51.70
CA LYS N 137 -15.94 56.55 -51.22
C LYS N 137 -14.88 55.62 -50.64
N ILE N 138 -13.68 55.62 -51.23
CA ILE N 138 -12.60 54.79 -50.71
C ILE N 138 -12.15 55.28 -49.34
N ALA N 139 -12.18 56.60 -49.13
CA ALA N 139 -11.83 57.14 -47.81
C ALA N 139 -12.94 56.90 -46.81
N MET N 140 -14.20 56.90 -47.27
CA MET N 140 -15.32 56.64 -46.37
C MET N 140 -15.35 55.19 -45.91
N THR N 141 -15.10 54.25 -46.83
CA THR N 141 -15.11 52.84 -46.49
C THR N 141 -13.82 52.38 -45.80
N SER N 142 -12.81 53.25 -45.72
CA SER N 142 -11.56 52.86 -45.07
C SER N 142 -11.68 52.85 -43.55
N ILE N 143 -12.66 53.57 -43.00
CA ILE N 143 -12.86 53.62 -41.56
C ILE N 143 -14.17 52.92 -41.21
N THR N 144 -14.11 51.62 -40.94
CA THR N 144 -15.27 50.83 -40.57
C THR N 144 -15.11 50.14 -39.24
N GLY N 145 -14.08 49.29 -39.09
CA GLY N 145 -13.86 48.61 -37.82
C GLY N 145 -13.25 49.50 -36.76
N LYS N 146 -12.78 50.70 -37.13
CA LYS N 146 -12.21 51.61 -36.15
C LYS N 146 -13.29 52.26 -35.30
N GLY N 147 -14.23 52.93 -35.95
CA GLY N 147 -15.31 53.59 -35.23
C GLY N 147 -16.27 54.32 -36.16
N ALA N 148 -17.24 53.61 -36.70
CA ALA N 148 -18.21 54.20 -37.62
C ALA N 148 -19.32 54.98 -36.91
N GLU N 149 -19.30 55.03 -35.58
CA GLU N 149 -20.30 55.78 -34.84
C GLU N 149 -20.00 57.27 -34.77
N LYS N 150 -18.92 57.73 -35.37
CA LYS N 150 -18.56 59.14 -35.36
C LYS N 150 -17.71 59.50 -36.56
N ALA N 151 -17.21 58.50 -37.27
CA ALA N 151 -16.35 58.68 -38.44
C ALA N 151 -17.00 57.95 -39.62
N LYS N 152 -17.81 58.69 -40.38
CA LYS N 152 -18.49 58.14 -41.54
C LYS N 152 -18.89 59.24 -42.52
N GLU N 153 -18.80 60.50 -42.08
CA GLU N 153 -19.17 61.62 -42.93
C GLU N 153 -18.22 62.79 -42.72
N LYS N 154 -17.89 63.08 -41.45
CA LYS N 154 -16.98 64.19 -41.16
C LYS N 154 -15.55 63.84 -41.54
N LEU N 155 -15.14 62.59 -41.31
CA LEU N 155 -13.79 62.16 -41.64
C LEU N 155 -13.64 61.72 -43.09
N ALA N 156 -14.68 61.87 -43.91
CA ALA N 156 -14.63 61.49 -45.31
C ALA N 156 -14.55 62.68 -46.26
N GLU N 157 -14.61 63.90 -45.75
CA GLU N 157 -14.55 65.09 -46.57
C GLU N 157 -13.31 65.94 -46.32
N ILE N 158 -12.49 65.59 -45.33
CA ILE N 158 -11.27 66.34 -45.04
C ILE N 158 -10.01 65.60 -45.45
N ILE N 159 -10.09 64.30 -45.74
CA ILE N 159 -8.91 63.57 -46.18
C ILE N 159 -8.67 63.77 -47.67
N VAL N 160 -9.75 63.76 -48.46
CA VAL N 160 -9.61 63.93 -49.91
C VAL N 160 -9.15 65.36 -50.22
N GLU N 161 -9.67 66.34 -49.48
CA GLU N 161 -9.27 67.73 -49.70
C GLU N 161 -7.84 68.00 -49.25
N ALA N 162 -7.30 67.16 -48.36
CA ALA N 162 -5.94 67.34 -47.88
C ALA N 162 -4.91 66.58 -48.72
N VAL N 163 -5.25 65.38 -49.21
CA VAL N 163 -4.31 64.62 -50.03
C VAL N 163 -4.23 65.20 -51.43
N SER N 164 -5.36 65.55 -52.03
CA SER N 164 -5.38 66.11 -53.38
C SER N 164 -4.77 67.50 -53.39
N ALA N 165 -3.44 67.58 -53.39
CA ALA N 165 -2.73 68.85 -53.44
C ALA N 165 -1.52 68.75 -54.34
N VAL N 166 -0.69 67.72 -54.13
CA VAL N 166 0.48 67.47 -54.96
C VAL N 166 0.41 66.14 -55.69
N VAL N 167 -0.66 65.38 -55.52
CA VAL N 167 -0.78 64.09 -56.19
C VAL N 167 -1.36 64.26 -57.59
N ASP N 168 -2.33 65.17 -57.74
CA ASP N 168 -2.94 65.38 -59.05
C ASP N 168 -1.97 66.05 -60.01
N ASP N 169 -1.04 66.86 -59.51
CA ASP N 169 -0.07 67.51 -60.37
C ASP N 169 1.01 66.53 -60.81
N GLU N 170 1.59 65.80 -59.87
CA GLU N 170 2.63 64.80 -60.14
C GLU N 170 2.09 63.43 -59.74
N GLY N 171 1.69 62.64 -60.72
CA GLY N 171 1.15 61.33 -60.45
C GLY N 171 2.21 60.24 -60.45
N LYS N 172 3.23 60.39 -59.61
CA LYS N 172 4.30 59.41 -59.53
C LYS N 172 4.97 59.45 -58.16
N VAL N 173 5.47 60.63 -57.77
CA VAL N 173 6.14 60.82 -56.49
C VAL N 173 5.28 61.77 -55.65
N ASP N 174 4.81 61.27 -54.51
CA ASP N 174 3.97 62.06 -53.61
C ASP N 174 4.27 61.70 -52.16
N LYS N 175 5.55 61.52 -51.84
CA LYS N 175 5.97 61.16 -50.48
C LYS N 175 5.90 62.41 -49.61
N ASP N 176 4.94 62.44 -48.69
CA ASP N 176 4.73 63.55 -47.77
C ASP N 176 5.06 63.10 -46.35
N LEU N 177 4.95 64.05 -45.42
CA LEU N 177 5.22 63.81 -44.00
C LEU N 177 3.97 64.18 -43.21
N ILE N 178 3.16 63.19 -42.89
CA ILE N 178 1.92 63.38 -42.13
C ILE N 178 2.18 62.95 -40.69
N LYS N 179 1.93 63.85 -39.75
CA LYS N 179 2.13 63.60 -38.33
C LYS N 179 0.80 63.73 -37.60
N ILE N 180 0.46 62.73 -36.80
CA ILE N 180 -0.77 62.71 -36.03
C ILE N 180 -0.41 62.83 -34.56
N GLU N 181 -0.96 63.84 -33.90
CA GLU N 181 -0.69 64.09 -32.48
C GLU N 181 -1.79 63.48 -31.63
N LYS N 182 -1.38 62.84 -30.53
CA LYS N 182 -2.30 62.18 -29.61
C LYS N 182 -2.56 63.10 -28.43
N LYS N 183 -3.65 63.87 -28.51
CA LYS N 183 -4.05 64.78 -27.45
C LYS N 183 -5.54 64.68 -27.23
N SER N 184 -5.95 64.82 -25.97
CA SER N 184 -7.36 64.74 -25.61
C SER N 184 -7.98 66.13 -25.59
N GLY N 185 -9.23 66.21 -25.15
CA GLY N 185 -9.94 67.47 -25.08
C GLY N 185 -11.18 67.42 -24.22
N ALA N 186 -12.33 67.79 -24.79
CA ALA N 186 -13.59 67.78 -24.06
C ALA N 186 -14.76 67.55 -24.99
N SER N 187 -14.56 67.78 -26.29
CA SER N 187 -15.61 67.59 -27.27
C SER N 187 -15.81 66.10 -27.56
N ILE N 188 -16.84 65.79 -28.34
CA ILE N 188 -17.15 64.41 -28.70
C ILE N 188 -16.13 63.91 -29.70
N ASP N 189 -16.11 64.52 -30.90
CA ASP N 189 -15.17 64.12 -31.94
C ASP N 189 -14.97 65.32 -32.85
N ASP N 190 -13.81 65.98 -32.72
CA ASP N 190 -13.48 67.15 -33.51
C ASP N 190 -12.24 66.87 -34.35
N THR N 191 -12.28 67.30 -35.62
CA THR N 191 -11.19 67.10 -36.55
C THR N 191 -10.77 68.45 -37.13
N GLU N 192 -9.53 68.83 -36.90
CA GLU N 192 -8.97 70.08 -37.40
C GLU N 192 -7.91 69.79 -38.45
N LEU N 193 -7.94 70.55 -39.54
CA LEU N 193 -7.00 70.39 -40.64
C LEU N 193 -6.19 71.69 -40.75
N ILE N 194 -5.01 71.70 -40.13
CA ILE N 194 -4.17 72.89 -40.10
C ILE N 194 -3.42 73.00 -41.42
N LYS N 195 -3.56 74.15 -42.08
CA LYS N 195 -2.89 74.40 -43.36
C LYS N 195 -1.62 75.22 -43.13
N GLY N 196 -0.80 74.74 -42.19
CA GLY N 196 0.44 75.43 -41.87
C GLY N 196 1.37 74.61 -40.99
N VAL N 197 1.92 75.26 -39.96
CA VAL N 197 2.87 74.63 -39.05
C VAL N 197 2.25 74.58 -37.67
N LEU N 198 2.38 73.43 -37.00
CA LEU N 198 1.86 73.23 -35.65
C LEU N 198 3.02 72.86 -34.74
N VAL N 199 3.17 73.62 -33.65
CA VAL N 199 4.21 73.39 -32.66
C VAL N 199 3.55 73.02 -31.35
N ASP N 200 3.97 71.89 -30.76
CA ASP N 200 3.39 71.38 -29.52
C ASP N 200 4.35 71.69 -28.37
N LYS N 201 4.35 72.95 -27.95
CA LYS N 201 5.20 73.39 -26.85
C LYS N 201 4.62 74.67 -26.27
N GLU N 202 4.56 74.72 -24.94
CA GLU N 202 4.03 75.87 -24.23
C GLU N 202 5.19 76.77 -23.78
N ARG N 203 4.90 77.68 -22.85
CA ARG N 203 5.90 78.58 -22.31
C ARG N 203 5.72 78.66 -20.79
N VAL N 204 6.30 79.69 -20.18
CA VAL N 204 6.20 79.88 -18.73
C VAL N 204 6.06 81.37 -18.45
N SER N 205 6.46 82.21 -19.40
CA SER N 205 6.39 83.66 -19.27
C SER N 205 5.50 84.21 -20.39
N ALA N 206 4.26 84.54 -20.04
CA ALA N 206 3.29 85.06 -21.01
C ALA N 206 3.40 86.59 -21.06
N GLN N 207 4.55 87.05 -21.54
CA GLN N 207 4.83 88.48 -21.67
C GLN N 207 5.23 88.86 -23.09
N MET N 208 4.86 88.04 -24.08
CA MET N 208 5.19 88.30 -25.46
C MET N 208 3.93 88.31 -26.32
N PRO N 209 3.86 89.17 -27.32
CA PRO N 209 2.69 89.19 -28.20
C PRO N 209 2.57 87.91 -29.02
N LYS N 210 1.37 87.69 -29.55
CA LYS N 210 1.08 86.50 -30.33
C LYS N 210 0.24 86.83 -31.55
N LYS N 211 0.41 88.03 -32.12
CA LYS N 211 -0.36 88.44 -33.31
C LYS N 211 0.50 89.43 -34.08
N VAL N 212 1.29 88.91 -35.02
CA VAL N 212 2.16 89.71 -35.87
C VAL N 212 1.79 89.44 -37.33
N THR N 213 1.59 90.52 -38.08
CA THR N 213 1.19 90.40 -39.48
C THR N 213 2.42 90.26 -40.38
N ASP N 214 2.31 89.38 -41.38
CA ASP N 214 3.36 89.09 -42.35
C ASP N 214 4.74 88.98 -41.70
N ALA N 215 4.80 88.20 -40.62
CA ALA N 215 6.04 87.99 -39.91
C ALA N 215 6.96 87.06 -40.71
N LYS N 216 8.26 87.13 -40.39
CA LYS N 216 9.26 86.31 -41.04
C LYS N 216 9.89 85.36 -40.02
N ILE N 217 10.05 84.10 -40.40
CA ILE N 217 10.60 83.08 -39.54
C ILE N 217 12.11 83.01 -39.75
N ALA N 218 12.87 83.08 -38.67
CA ALA N 218 14.33 83.00 -38.70
C ALA N 218 14.76 81.82 -37.83
N LEU N 219 15.40 80.84 -38.45
CA LEU N 219 15.85 79.64 -37.76
C LEU N 219 17.26 79.85 -37.21
N LEU N 220 17.39 79.82 -35.89
CA LEU N 220 18.67 79.97 -35.22
C LEU N 220 18.89 78.79 -34.28
N ASN N 221 20.06 78.15 -34.38
CA ASN N 221 20.38 77.00 -33.55
C ASN N 221 21.00 77.45 -32.23
N CYS N 222 22.09 76.80 -31.82
CA CYS N 222 22.76 77.13 -30.57
C CYS N 222 23.84 78.18 -30.79
N ALA N 223 24.85 78.18 -29.92
CA ALA N 223 25.97 79.12 -29.99
C ALA N 223 25.47 80.56 -29.94
N ILE N 224 24.50 80.81 -29.06
CA ILE N 224 23.92 82.14 -28.89
C ILE N 224 24.13 82.68 -27.48
N GLU N 225 23.94 81.84 -26.46
CA GLU N 225 24.09 82.26 -25.08
C GLU N 225 25.57 82.47 -24.75
N ILE N 226 25.83 82.91 -23.52
CA ILE N 226 27.20 83.16 -23.09
C ILE N 226 27.94 81.86 -22.81
N LYS N 227 27.27 80.90 -22.19
CA LYS N 227 27.88 79.61 -21.85
C LYS N 227 26.95 78.50 -22.27
N GLU N 228 27.39 77.68 -23.22
CA GLU N 228 26.59 76.55 -23.70
C GLU N 228 27.49 75.38 -24.06
N THR N 229 28.76 75.65 -24.33
CA THR N 229 29.71 74.60 -24.67
C THR N 229 30.93 74.65 -23.75
N GLU N 230 32.13 74.65 -24.33
CA GLU N 230 33.36 74.70 -23.57
C GLU N 230 34.39 75.52 -24.34
N THR N 231 35.46 75.90 -23.64
CA THR N 231 36.54 76.69 -24.22
C THR N 231 37.87 76.09 -23.81
N ASP N 232 38.70 75.76 -24.79
CA ASP N 232 40.01 75.17 -24.51
C ASP N 232 41.02 76.23 -24.07
N ALA N 233 41.05 77.36 -24.76
CA ALA N 233 41.98 78.44 -24.43
C ALA N 233 41.47 79.17 -23.19
N GLU N 234 42.10 78.89 -22.05
CA GLU N 234 41.69 79.52 -20.80
C GLU N 234 42.17 80.97 -20.75
N ILE N 235 41.46 81.77 -19.96
CA ILE N 235 41.76 83.19 -19.80
C ILE N 235 42.12 83.44 -18.34
N ARG N 236 42.63 84.64 -18.09
CA ARG N 236 43.02 85.08 -16.75
C ARG N 236 42.41 86.43 -16.45
N ILE N 237 42.53 86.85 -15.20
CA ILE N 237 42.00 88.13 -14.74
C ILE N 237 43.14 88.96 -14.15
N THR N 238 43.04 90.28 -14.32
CA THR N 238 44.04 91.20 -13.80
C THR N 238 43.41 92.22 -12.86
N ASP N 239 42.47 93.03 -13.34
CA ASP N 239 41.82 94.04 -12.52
C ASP N 239 40.36 93.70 -12.30
N PRO N 240 39.81 93.98 -11.11
CA PRO N 240 38.40 93.69 -10.87
C PRO N 240 37.45 94.51 -11.73
N ALA N 241 37.87 95.67 -12.22
CA ALA N 241 37.02 96.51 -13.04
C ALA N 241 36.97 96.06 -14.50
N LYS N 242 37.69 95.00 -14.86
CA LYS N 242 37.70 94.48 -16.22
C LYS N 242 36.68 93.37 -16.46
N LEU N 243 36.52 92.47 -15.49
CA LEU N 243 35.54 91.40 -15.65
C LEU N 243 34.13 91.94 -15.68
N MET N 244 33.81 92.91 -14.82
CA MET N 244 32.49 93.52 -14.83
C MET N 244 32.23 94.26 -16.14
N GLU N 245 33.26 94.95 -16.67
CA GLU N 245 33.11 95.63 -17.94
C GLU N 245 32.86 94.64 -19.07
N PHE N 246 33.59 93.52 -19.07
CA PHE N 246 33.37 92.50 -20.09
C PHE N 246 31.98 91.90 -20.00
N ILE N 247 31.51 91.66 -18.77
CA ILE N 247 30.16 91.12 -18.59
C ILE N 247 29.11 92.12 -19.10
N GLU N 248 29.29 93.40 -18.78
CA GLU N 248 28.36 94.42 -19.26
C GLU N 248 28.38 94.51 -20.78
N GLN N 249 29.56 94.40 -21.39
CA GLN N 249 29.65 94.45 -22.84
C GLN N 249 28.97 93.24 -23.48
N GLU N 250 29.18 92.05 -22.92
CA GLU N 250 28.53 90.86 -23.46
C GLU N 250 27.02 90.91 -23.25
N GLU N 251 26.55 91.58 -22.19
CA GLU N 251 25.12 91.72 -21.98
C GLU N 251 24.51 92.72 -22.96
N LYS N 252 25.19 93.83 -23.21
CA LYS N 252 24.70 94.83 -24.14
C LYS N 252 24.85 94.41 -25.60
N MET N 253 25.71 93.41 -25.88
CA MET N 253 25.84 92.94 -27.25
C MET N 253 24.55 92.34 -27.77
N LEU N 254 23.71 91.79 -26.88
CA LEU N 254 22.45 91.21 -27.30
C LEU N 254 21.52 92.26 -27.92
N LYS N 255 21.61 93.51 -27.47
CA LYS N 255 20.79 94.57 -28.04
C LYS N 255 21.08 94.75 -29.52
N ASP N 256 22.35 94.94 -29.89
CA ASP N 256 22.70 95.09 -31.29
C ASP N 256 22.51 93.78 -32.06
N MET N 257 22.66 92.63 -31.39
CA MET N 257 22.42 91.36 -32.06
C MET N 257 20.96 91.24 -32.49
N VAL N 258 20.03 91.65 -31.62
CA VAL N 258 18.62 91.63 -31.98
C VAL N 258 18.30 92.73 -32.99
N ALA N 259 18.96 93.88 -32.88
CA ALA N 259 18.72 94.95 -33.83
C ALA N 259 19.14 94.56 -35.23
N GLU N 260 20.23 93.81 -35.36
CA GLU N 260 20.66 93.34 -36.68
C GLU N 260 19.63 92.40 -37.29
N ILE N 261 19.08 91.49 -36.48
CA ILE N 261 18.05 90.57 -36.99
C ILE N 261 16.80 91.34 -37.38
N LYS N 262 16.45 92.37 -36.60
CA LYS N 262 15.28 93.18 -36.92
C LYS N 262 15.49 93.94 -38.23
N ALA N 263 16.68 94.50 -38.44
CA ALA N 263 16.96 95.22 -39.67
C ALA N 263 17.08 94.29 -40.86
N SER N 264 17.47 93.03 -40.64
CA SER N 264 17.57 92.08 -41.74
C SER N 264 16.20 91.68 -42.27
N GLY N 265 15.18 91.70 -41.42
CA GLY N 265 13.85 91.34 -41.84
C GLY N 265 13.35 90.04 -41.25
N ALA N 266 13.18 90.00 -39.93
CA ALA N 266 12.71 88.81 -39.25
C ALA N 266 11.95 89.21 -38.00
N ASN N 267 10.86 88.49 -37.72
CA ASN N 267 10.04 88.76 -36.55
C ASN N 267 9.71 87.52 -35.73
N VAL N 268 10.15 86.34 -36.16
CA VAL N 268 9.90 85.08 -35.45
C VAL N 268 11.24 84.47 -35.10
N LEU N 269 11.41 84.09 -33.83
CA LEU N 269 12.64 83.49 -33.33
C LEU N 269 12.35 82.08 -32.87
N PHE N 270 12.97 81.10 -33.52
CA PHE N 270 12.84 79.68 -33.17
C PHE N 270 14.21 79.16 -32.75
N CYS N 271 14.37 78.92 -31.45
CA CYS N 271 15.61 78.42 -30.90
C CYS N 271 15.45 76.96 -30.48
N GLN N 272 16.56 76.21 -30.56
CA GLN N 272 16.51 74.80 -30.19
C GLN N 272 16.39 74.62 -28.68
N LYS N 273 17.15 75.39 -27.91
CA LYS N 273 17.10 75.29 -26.46
C LYS N 273 16.06 76.26 -25.88
N GLY N 274 16.30 76.73 -24.67
CA GLY N 274 15.39 77.65 -24.01
C GLY N 274 15.91 79.07 -24.03
N ILE N 275 14.97 80.02 -23.98
CA ILE N 275 15.27 81.44 -23.98
C ILE N 275 15.16 81.97 -22.55
N ASP N 276 16.20 82.68 -22.11
CA ASP N 276 16.20 83.22 -20.76
C ASP N 276 15.18 84.34 -20.62
N ASP N 277 14.72 84.56 -19.39
CA ASP N 277 13.72 85.59 -19.13
C ASP N 277 14.26 86.99 -19.34
N LEU N 278 15.57 87.18 -19.17
CA LEU N 278 16.16 88.50 -19.37
C LEU N 278 16.23 88.89 -20.84
N ALA N 279 16.17 87.91 -21.76
CA ALA N 279 16.22 88.18 -23.18
C ALA N 279 14.83 88.34 -23.80
N GLN N 280 13.79 88.48 -22.98
CA GLN N 280 12.44 88.64 -23.49
C GLN N 280 12.08 90.10 -23.72
N HIS N 281 12.46 90.99 -22.80
CA HIS N 281 12.14 92.41 -22.94
C HIS N 281 12.76 92.98 -24.22
N TYR N 282 13.99 92.58 -24.53
CA TYR N 282 14.63 93.03 -25.77
C TYR N 282 13.86 92.58 -27.01
N LEU N 283 13.07 91.51 -26.89
CA LEU N 283 12.22 91.05 -27.99
C LEU N 283 10.82 91.64 -27.94
N ALA N 284 10.49 92.41 -26.90
CA ALA N 284 9.17 93.00 -26.75
C ALA N 284 9.11 94.44 -27.23
N LYS N 285 10.21 95.18 -27.17
CA LYS N 285 10.24 96.56 -27.60
C LYS N 285 10.38 96.71 -29.11
N GLU N 286 10.51 95.60 -29.85
CA GLU N 286 10.65 95.64 -31.30
C GLU N 286 9.59 94.84 -32.03
N GLY N 287 8.75 94.07 -31.33
CA GLY N 287 7.72 93.29 -31.98
C GLY N 287 8.25 92.03 -32.66
N ILE N 288 8.93 91.19 -31.88
CA ILE N 288 9.51 89.95 -32.37
C ILE N 288 8.92 88.79 -31.58
N VAL N 289 8.45 87.77 -32.30
CA VAL N 289 7.86 86.61 -31.64
C VAL N 289 8.96 85.81 -30.95
N ALA N 290 8.77 85.52 -29.67
CA ALA N 290 9.73 84.78 -28.87
C ALA N 290 9.23 83.35 -28.66
N ALA N 291 10.09 82.38 -28.96
CA ALA N 291 9.75 80.97 -28.79
C ALA N 291 10.99 80.22 -28.34
N ARG N 292 10.77 79.04 -27.78
CA ARG N 292 11.86 78.21 -27.27
C ARG N 292 11.44 76.75 -27.33
N ARG N 293 12.45 75.87 -27.21
CA ARG N 293 12.25 74.43 -27.23
C ARG N 293 11.54 73.97 -28.49
N VAL N 294 12.29 73.87 -29.59
CA VAL N 294 11.74 73.43 -30.88
C VAL N 294 12.28 72.04 -31.16
N LYS N 295 11.37 71.07 -31.29
CA LYS N 295 11.77 69.70 -31.57
C LYS N 295 12.28 69.58 -33.00
N LYS N 296 13.20 68.63 -33.20
CA LYS N 296 13.76 68.42 -34.53
C LYS N 296 12.69 67.98 -35.52
N SER N 297 11.74 67.17 -35.07
CA SER N 297 10.65 66.75 -35.95
C SER N 297 9.78 67.93 -36.38
N ASP N 298 9.64 68.94 -35.52
CA ASP N 298 8.90 70.14 -35.88
C ASP N 298 9.78 71.19 -36.55
N MET N 299 11.09 71.09 -36.41
CA MET N 299 12.01 72.04 -37.04
C MET N 299 12.34 71.66 -38.48
N GLU N 300 12.38 70.36 -38.79
CA GLU N 300 12.68 69.93 -40.15
C GLU N 300 11.60 70.31 -41.14
N LYS N 301 10.39 70.61 -40.67
CA LYS N 301 9.29 71.00 -41.53
C LYS N 301 9.29 72.49 -41.85
N LEU N 302 10.33 73.22 -41.48
CA LEU N 302 10.41 74.65 -41.74
C LEU N 302 11.30 75.01 -42.92
N ALA N 303 12.25 74.14 -43.28
CA ALA N 303 13.13 74.41 -44.41
C ALA N 303 12.50 74.10 -45.75
N LYS N 304 11.59 73.12 -45.80
CA LYS N 304 10.92 72.75 -47.05
C LYS N 304 9.59 73.44 -47.24
N ALA N 305 9.09 74.17 -46.24
CA ALA N 305 7.81 74.87 -46.33
C ALA N 305 7.99 76.38 -46.40
N THR N 306 8.64 76.98 -45.41
CA THR N 306 8.85 78.42 -45.43
C THR N 306 10.01 78.81 -46.33
N GLY N 307 11.09 78.04 -46.31
CA GLY N 307 12.26 78.33 -47.13
C GLY N 307 13.31 79.13 -46.40
N ALA N 308 14.07 78.48 -45.53
CA ALA N 308 15.12 79.14 -44.78
C ALA N 308 16.20 78.12 -44.42
N ASN N 309 17.40 78.61 -44.18
CA ASN N 309 18.54 77.77 -43.81
C ASN N 309 18.78 77.85 -42.31
N VAL N 310 19.81 77.12 -41.86
CA VAL N 310 20.17 77.08 -40.45
C VAL N 310 21.52 77.76 -40.27
N ILE N 311 21.76 78.23 -39.05
CA ILE N 311 23.00 78.91 -38.69
C ILE N 311 23.61 78.16 -37.51
N THR N 312 24.82 77.63 -37.70
CA THR N 312 25.50 76.89 -36.65
C THR N 312 26.09 77.80 -35.57
N ASN N 313 26.30 79.08 -35.89
CA ASN N 313 26.88 80.00 -34.92
C ASN N 313 25.90 81.13 -34.60
N ILE N 314 26.38 82.38 -34.60
CA ILE N 314 25.54 83.53 -34.31
C ILE N 314 25.92 84.67 -35.25
N LYS N 315 27.18 84.70 -35.66
CA LYS N 315 27.68 85.73 -36.57
C LYS N 315 27.58 85.34 -38.03
N ASP N 316 26.99 84.18 -38.34
CA ASP N 316 26.84 83.72 -39.71
C ASP N 316 25.47 84.03 -40.30
N LEU N 317 24.72 84.94 -39.67
CA LEU N 317 23.40 85.32 -40.13
C LEU N 317 23.49 86.62 -40.94
N SER N 318 22.92 86.60 -42.14
CA SER N 318 22.94 87.78 -43.01
C SER N 318 21.53 88.16 -43.42
N ALA N 319 21.20 87.93 -44.70
CA ALA N 319 19.89 88.25 -45.23
C ALA N 319 19.26 87.14 -46.06
N GLN N 320 20.06 86.23 -46.62
CA GLN N 320 19.52 85.14 -47.41
C GLN N 320 19.07 83.95 -46.58
N ASP N 321 19.41 83.92 -45.29
CA ASP N 321 19.03 82.83 -44.39
C ASP N 321 17.73 83.12 -43.65
N LEU N 322 16.78 83.79 -44.29
CA LEU N 322 15.51 84.14 -43.68
C LEU N 322 14.37 83.54 -44.48
N GLY N 323 13.23 83.38 -43.82
CA GLY N 323 12.05 82.81 -44.47
C GLY N 323 10.89 83.78 -44.54
N ASP N 324 9.68 83.25 -44.66
CA ASP N 324 8.48 84.08 -44.73
C ASP N 324 7.31 83.29 -44.17
N ALA N 325 6.46 83.99 -43.41
CA ALA N 325 5.30 83.36 -42.80
C ALA N 325 4.06 84.21 -43.00
N GLY N 326 2.97 83.87 -42.32
CA GLY N 326 1.72 84.60 -42.45
C GLY N 326 1.20 85.13 -41.12
N LEU N 327 0.79 84.23 -40.24
CA LEU N 327 0.25 84.62 -38.94
C LEU N 327 0.65 83.58 -37.90
N VAL N 328 1.36 84.02 -36.86
CA VAL N 328 1.78 83.14 -35.77
C VAL N 328 0.91 83.45 -34.56
N GLU N 329 0.24 82.43 -34.03
CA GLU N 329 -0.66 82.60 -32.90
C GLU N 329 -0.42 81.49 -31.89
N GLU N 330 -0.76 81.76 -30.64
CA GLU N 330 -0.62 80.81 -29.54
C GLU N 330 -1.95 80.75 -28.80
N ARG N 331 -2.79 79.80 -29.17
CA ARG N 331 -4.10 79.63 -28.57
C ARG N 331 -4.11 78.44 -27.63
N LYS N 332 -5.00 78.49 -26.63
CA LYS N 332 -5.15 77.43 -25.64
C LYS N 332 -6.40 76.63 -26.01
N ILE N 333 -6.20 75.58 -26.81
CA ILE N 333 -7.28 74.73 -27.29
C ILE N 333 -7.06 73.32 -26.77
N SER N 334 -8.14 72.68 -26.33
CA SER N 334 -8.10 71.31 -25.80
C SER N 334 -7.14 71.19 -24.62
N GLY N 335 -7.19 72.17 -23.72
CA GLY N 335 -6.35 72.15 -22.54
C GLY N 335 -4.96 72.70 -22.75
N ASP N 336 -4.13 71.99 -23.50
CA ASP N 336 -2.77 72.42 -23.74
C ASP N 336 -2.73 73.62 -24.69
N SER N 337 -1.57 74.26 -24.75
CA SER N 337 -1.34 75.41 -25.61
C SER N 337 -0.40 75.03 -26.74
N MET N 338 -0.80 75.35 -27.97
CA MET N 338 -0.01 75.02 -29.15
C MET N 338 0.18 76.28 -30.00
N ILE N 339 1.22 76.25 -30.82
CA ILE N 339 1.56 77.37 -31.70
C ILE N 339 1.14 77.04 -33.11
N PHE N 340 0.35 77.94 -33.72
CA PHE N 340 -0.14 77.77 -35.07
C PHE N 340 0.46 78.85 -35.96
N VAL N 341 1.14 78.42 -37.02
CA VAL N 341 1.72 79.33 -38.01
C VAL N 341 0.99 79.09 -39.32
N GLU N 342 0.13 80.04 -39.69
CA GLU N 342 -0.68 79.94 -40.90
C GLU N 342 -0.08 80.78 -42.02
N GLU N 343 -0.41 80.39 -43.25
CA GLU N 343 0.06 81.05 -44.46
C GLU N 343 1.58 81.00 -44.56
N CYS N 344 2.11 79.93 -45.14
CA CYS N 344 3.55 79.78 -45.30
C CYS N 344 3.97 80.21 -46.70
N LYS N 345 4.29 79.24 -47.56
CA LYS N 345 4.70 79.53 -48.93
C LYS N 345 4.45 78.33 -49.83
N HIS N 346 4.97 77.16 -49.45
CA HIS N 346 4.81 75.93 -50.21
C HIS N 346 4.04 74.92 -49.36
N PRO N 347 2.72 74.86 -49.49
CA PRO N 347 1.94 73.90 -48.68
C PRO N 347 2.13 72.47 -49.16
N LYS N 348 3.24 71.85 -48.76
CA LYS N 348 3.51 70.47 -49.16
C LYS N 348 2.73 69.48 -48.31
N ALA N 349 3.06 69.39 -47.02
CA ALA N 349 2.41 68.49 -46.10
C ALA N 349 1.22 69.19 -45.44
N VAL N 350 0.55 68.46 -44.54
CA VAL N 350 -0.61 68.97 -43.83
C VAL N 350 -0.64 68.32 -42.45
N THR N 351 -1.31 68.98 -41.52
CA THR N 351 -1.43 68.52 -40.14
C THR N 351 -2.89 68.26 -39.79
N MET N 352 -3.14 67.11 -39.17
CA MET N 352 -4.48 66.72 -38.75
C MET N 352 -4.50 66.54 -37.24
N LEU N 353 -5.46 67.19 -36.58
CA LEU N 353 -5.61 67.11 -35.14
C LEU N 353 -6.96 66.49 -34.81
N ILE N 354 -6.96 65.51 -33.91
CA ILE N 354 -8.16 64.81 -33.49
C ILE N 354 -8.38 65.07 -32.00
N ARG N 355 -9.59 65.50 -31.65
CA ARG N 355 -9.95 65.79 -30.26
C ARG N 355 -11.14 64.92 -29.88
N GLY N 356 -10.99 64.16 -28.81
CA GLY N 356 -12.01 63.27 -28.32
C GLY N 356 -12.37 63.56 -26.88
N THR N 357 -12.78 62.52 -26.17
CA THR N 357 -13.17 62.65 -24.77
C THR N 357 -12.08 62.14 -23.84
N THR N 358 -11.93 60.81 -23.75
CA THR N 358 -10.94 60.21 -22.87
C THR N 358 -9.56 60.18 -23.53
N GLU N 359 -8.85 59.06 -23.38
CA GLU N 359 -7.52 58.91 -23.94
C GLU N 359 -7.40 57.76 -24.92
N HIS N 360 -8.31 56.78 -24.89
CA HIS N 360 -8.27 55.65 -25.80
C HIS N 360 -9.04 55.89 -27.09
N VAL N 361 -9.82 56.98 -27.17
CA VAL N 361 -10.56 57.28 -28.39
C VAL N 361 -9.65 57.91 -29.44
N ILE N 362 -8.87 58.91 -29.02
CA ILE N 362 -7.96 59.58 -29.95
C ILE N 362 -6.96 58.58 -30.53
N GLU N 363 -6.42 57.71 -29.68
CA GLU N 363 -5.53 56.66 -30.17
C GLU N 363 -6.23 55.76 -31.17
N GLU N 364 -7.53 55.54 -30.98
CA GLU N 364 -8.29 54.76 -31.95
C GLU N 364 -8.29 55.42 -33.32
N VAL N 365 -8.23 56.75 -33.36
CA VAL N 365 -8.11 57.45 -34.63
C VAL N 365 -6.68 57.42 -35.13
N ALA N 366 -5.71 57.29 -34.23
CA ALA N 366 -4.31 57.27 -34.64
C ALA N 366 -3.99 56.08 -35.53
N ARG N 367 -4.65 54.94 -35.29
CA ARG N 367 -4.51 53.76 -36.13
C ARG N 367 -5.50 53.75 -37.28
N ALA N 368 -6.23 54.84 -37.50
CA ALA N 368 -7.20 54.93 -38.57
C ALA N 368 -6.81 55.90 -39.68
N VAL N 369 -6.05 56.95 -39.35
CA VAL N 369 -5.64 57.91 -40.37
C VAL N 369 -4.57 57.32 -41.28
N ASP N 370 -3.57 56.65 -40.69
CA ASP N 370 -2.51 56.06 -41.50
C ASP N 370 -3.04 54.98 -42.44
N ASP N 371 -4.11 54.30 -42.05
CA ASP N 371 -4.74 53.31 -42.91
C ASP N 371 -5.78 53.92 -43.85
N ALA N 372 -5.99 55.24 -43.78
CA ALA N 372 -6.95 55.91 -44.66
C ALA N 372 -6.30 56.67 -45.80
N VAL N 373 -5.03 57.07 -45.64
CA VAL N 373 -4.33 57.81 -46.69
C VAL N 373 -3.57 56.81 -47.56
N GLY N 374 -3.17 55.68 -46.98
CA GLY N 374 -2.43 54.68 -47.73
C GLY N 374 -3.22 54.10 -48.88
N VAL N 375 -4.55 54.07 -48.77
CA VAL N 375 -5.39 53.58 -49.87
C VAL N 375 -5.68 54.66 -50.90
N VAL N 376 -5.19 55.88 -50.69
CA VAL N 376 -5.41 56.97 -51.65
C VAL N 376 -4.23 57.14 -52.58
N GLY N 377 -3.01 57.12 -52.03
CA GLY N 377 -1.82 57.27 -52.86
C GLY N 377 -1.67 56.16 -53.89
N CYS N 378 -2.18 54.97 -53.58
CA CYS N 378 -2.16 53.86 -54.52
C CYS N 378 -3.35 53.86 -55.48
N THR N 379 -4.20 54.88 -55.41
CA THR N 379 -5.36 54.97 -56.29
C THR N 379 -5.09 55.83 -57.51
N ILE N 380 -4.46 56.99 -57.31
CA ILE N 380 -4.17 57.88 -58.44
C ILE N 380 -3.04 57.30 -59.28
N GLU N 381 -2.03 56.71 -58.63
CA GLU N 381 -0.91 56.15 -59.38
C GLU N 381 -1.32 54.90 -60.16
N ASP N 382 -2.34 54.19 -59.69
CA ASP N 382 -2.80 52.98 -60.38
C ASP N 382 -4.12 53.24 -61.09
N GLY N 383 -5.23 53.10 -60.38
CA GLY N 383 -6.54 53.33 -60.96
C GLY N 383 -7.33 52.08 -61.31
N ARG N 384 -6.87 50.90 -60.86
CA ARG N 384 -7.58 49.64 -61.15
C ARG N 384 -8.48 49.28 -59.97
N ILE N 385 -9.47 50.14 -59.75
CA ILE N 385 -10.42 49.95 -58.66
C ILE N 385 -11.39 48.84 -59.02
N VAL N 386 -11.49 47.84 -58.14
CA VAL N 386 -12.38 46.71 -58.36
C VAL N 386 -13.57 46.82 -57.42
N SER N 387 -14.45 45.83 -57.45
CA SER N 387 -15.64 45.80 -56.60
C SER N 387 -15.28 45.13 -55.28
N GLY N 388 -15.27 45.91 -54.20
CA GLY N 388 -14.94 45.39 -52.89
C GLY N 388 -16.13 44.72 -52.21
N GLY N 389 -15.89 44.30 -50.97
CA GLY N 389 -16.93 43.65 -50.20
C GLY N 389 -17.01 42.15 -50.36
N GLY N 390 -15.92 41.51 -50.75
CA GLY N 390 -15.92 40.07 -50.94
C GLY N 390 -16.55 39.60 -52.23
N SER N 391 -16.33 40.34 -53.32
CA SER N 391 -16.90 39.99 -54.61
C SER N 391 -15.86 39.48 -55.62
N THR N 392 -14.59 39.81 -55.42
CA THR N 392 -13.55 39.35 -56.35
C THR N 392 -13.24 37.87 -56.15
N GLU N 393 -13.24 37.41 -54.89
CA GLU N 393 -12.96 35.99 -54.63
C GLU N 393 -14.06 35.10 -55.20
N VAL N 394 -15.32 35.49 -55.03
CA VAL N 394 -16.42 34.70 -55.57
C VAL N 394 -16.39 34.71 -57.09
N GLU N 395 -15.96 35.82 -57.69
CA GLU N 395 -15.88 35.88 -59.15
C GLU N 395 -14.75 35.01 -59.68
N LEU N 396 -13.61 34.98 -58.98
CA LEU N 396 -12.49 34.16 -59.43
C LEU N 396 -12.74 32.68 -59.15
N SER N 397 -13.55 32.36 -58.14
CA SER N 397 -13.86 30.96 -57.86
C SER N 397 -14.69 30.33 -58.97
N MET N 398 -15.58 31.10 -59.58
CA MET N 398 -16.38 30.59 -60.68
C MET N 398 -15.56 30.40 -61.95
N LYS N 399 -14.44 31.10 -62.09
CA LYS N 399 -13.57 30.98 -63.25
C LYS N 399 -12.50 29.91 -63.08
N LEU N 400 -11.97 29.74 -61.87
CA LEU N 400 -10.95 28.71 -61.65
C LEU N 400 -11.52 27.31 -61.84
N ARG N 401 -12.79 27.10 -61.49
CA ARG N 401 -13.39 25.78 -61.66
C ARG N 401 -13.44 25.38 -63.12
N GLU N 402 -13.78 26.31 -64.01
CA GLU N 402 -13.82 26.00 -65.44
C GLU N 402 -12.45 26.08 -66.08
N TYR N 403 -11.49 26.78 -65.46
CA TYR N 403 -10.13 26.81 -65.99
C TYR N 403 -9.35 25.54 -65.65
N ALA N 404 -9.63 24.93 -64.50
CA ALA N 404 -8.92 23.72 -64.11
C ALA N 404 -9.37 22.50 -64.89
N GLU N 405 -10.42 22.60 -65.70
CA GLU N 405 -10.91 21.48 -66.50
C GLU N 405 -10.06 21.22 -67.74
N GLY N 406 -9.25 22.18 -68.18
CA GLY N 406 -8.41 22.01 -69.35
C GLY N 406 -7.13 21.26 -69.13
N ILE N 407 -6.81 20.91 -67.88
CA ILE N 407 -5.60 20.17 -67.57
C ILE N 407 -5.97 18.80 -67.02
N SER N 408 -5.03 17.87 -67.12
CA SER N 408 -5.22 16.50 -66.65
C SER N 408 -4.04 16.13 -65.75
N GLY N 409 -4.33 15.43 -64.68
CA GLY N 409 -3.31 15.01 -63.74
C GLY N 409 -3.74 15.30 -62.32
N ARG N 410 -2.79 15.12 -61.40
CA ARG N 410 -3.05 15.37 -59.98
C ARG N 410 -2.99 16.84 -59.62
N GLU N 411 -2.61 17.71 -60.55
CA GLU N 411 -2.55 19.14 -60.27
C GLU N 411 -3.92 19.82 -60.30
N GLN N 412 -4.95 19.13 -60.81
CA GLN N 412 -6.29 19.72 -60.83
C GLN N 412 -6.88 19.82 -59.44
N LEU N 413 -6.59 18.85 -58.56
CA LEU N 413 -7.10 18.89 -57.20
C LEU N 413 -6.52 20.06 -56.41
N ALA N 414 -5.28 20.46 -56.74
CA ALA N 414 -4.69 21.62 -56.06
C ALA N 414 -5.37 22.91 -56.50
N VAL N 415 -5.64 23.05 -57.80
CA VAL N 415 -6.33 24.24 -58.29
C VAL N 415 -7.75 24.30 -57.74
N ARG N 416 -8.44 23.15 -57.69
CA ARG N 416 -9.78 23.13 -57.13
C ARG N 416 -9.78 23.48 -55.66
N ALA N 417 -8.78 22.99 -54.91
CA ALA N 417 -8.68 23.33 -53.49
C ALA N 417 -8.40 24.82 -53.31
N PHE N 418 -7.52 25.39 -54.14
CA PHE N 418 -7.23 26.81 -54.04
C PHE N 418 -8.45 27.64 -54.39
N ALA N 419 -9.27 27.17 -55.33
CA ALA N 419 -10.49 27.89 -55.69
C ALA N 419 -11.52 27.81 -54.58
N ASP N 420 -11.66 26.63 -53.95
CA ASP N 420 -12.62 26.48 -52.87
C ASP N 420 -12.20 27.22 -51.62
N ALA N 421 -10.89 27.39 -51.41
CA ALA N 421 -10.41 28.11 -50.23
C ALA N 421 -10.66 29.61 -50.32
N LEU N 422 -10.91 30.14 -51.52
CA LEU N 422 -11.17 31.56 -51.68
C LEU N 422 -12.56 31.97 -51.16
N GLU N 423 -13.43 31.01 -50.88
CA GLU N 423 -14.76 31.29 -50.36
C GLU N 423 -14.79 31.48 -48.86
N VAL N 424 -13.62 31.63 -48.22
CA VAL N 424 -13.59 31.83 -46.77
C VAL N 424 -13.86 33.28 -46.39
N ILE N 425 -13.62 34.22 -47.29
CA ILE N 425 -13.84 35.64 -47.02
C ILE N 425 -15.32 35.92 -46.84
N PRO N 426 -16.22 35.47 -47.73
CA PRO N 426 -17.65 35.72 -47.49
C PRO N 426 -18.19 34.99 -46.27
N ARG N 427 -17.60 33.84 -45.91
CA ARG N 427 -18.06 33.14 -44.71
C ARG N 427 -17.62 33.85 -43.44
N THR N 428 -16.46 34.51 -43.47
CA THR N 428 -16.01 35.27 -42.31
C THR N 428 -16.69 36.63 -42.21
N LEU N 429 -17.01 37.25 -43.35
CA LEU N 429 -17.70 38.53 -43.32
C LEU N 429 -19.17 38.38 -42.96
N ALA N 430 -19.74 37.20 -43.11
CA ALA N 430 -21.14 36.94 -42.76
C ALA N 430 -21.29 36.22 -41.42
N GLU N 431 -20.19 35.76 -40.82
CA GLU N 431 -20.29 35.07 -39.54
C GLU N 431 -20.62 36.04 -38.40
N ASN N 432 -20.25 37.31 -38.55
CA ASN N 432 -20.52 38.30 -37.52
C ASN N 432 -22.01 38.60 -37.38
N ALA N 433 -22.81 38.24 -38.37
CA ALA N 433 -24.25 38.46 -38.33
C ALA N 433 -24.98 37.20 -37.88
N GLY N 434 -26.29 37.33 -37.70
CA GLY N 434 -27.11 36.22 -37.25
C GLY N 434 -28.05 35.71 -38.31
N LEU N 435 -28.51 36.59 -39.20
CA LEU N 435 -29.44 36.25 -40.25
C LEU N 435 -28.73 35.86 -41.55
N ASP N 436 -27.44 35.55 -41.49
CA ASP N 436 -26.67 35.17 -42.67
C ASP N 436 -26.43 33.67 -42.70
N ALA N 437 -25.71 33.13 -41.71
CA ALA N 437 -25.41 31.71 -41.61
C ALA N 437 -24.71 31.19 -42.86
N ILE N 438 -25.46 30.54 -43.75
CA ILE N 438 -24.90 29.96 -44.97
C ILE N 438 -25.74 30.26 -46.20
N GLU N 439 -26.97 30.76 -46.04
CA GLU N 439 -27.80 31.04 -47.21
C GLU N 439 -27.24 32.16 -48.05
N ILE N 440 -26.54 33.12 -47.43
CA ILE N 440 -25.97 34.24 -48.18
C ILE N 440 -24.94 33.75 -49.17
N LEU N 441 -24.09 32.80 -48.75
CA LEU N 441 -23.05 32.28 -49.64
C LEU N 441 -23.67 31.52 -50.82
N VAL N 442 -24.79 30.83 -50.58
CA VAL N 442 -25.44 30.10 -51.66
C VAL N 442 -26.14 31.07 -52.61
N LYS N 443 -26.68 32.17 -52.08
CA LYS N 443 -27.39 33.12 -52.93
C LYS N 443 -26.41 33.95 -53.77
N VAL N 444 -25.25 34.31 -53.21
CA VAL N 444 -24.28 35.10 -53.96
C VAL N 444 -23.46 34.24 -54.92
N ARG N 445 -23.59 32.92 -54.86
CA ARG N 445 -22.84 32.04 -55.76
C ARG N 445 -23.54 31.82 -57.09
N ALA N 446 -24.86 31.58 -57.06
CA ALA N 446 -25.62 31.35 -58.28
C ALA N 446 -26.02 32.66 -58.97
N ALA N 447 -25.75 33.81 -58.36
CA ALA N 447 -26.11 35.09 -58.97
C ALA N 447 -25.15 35.48 -60.09
N HIS N 448 -23.88 35.11 -59.97
CA HIS N 448 -22.87 35.44 -60.97
C HIS N 448 -22.74 34.36 -62.04
N ALA N 449 -23.74 33.48 -62.17
CA ALA N 449 -23.70 32.42 -63.18
C ALA N 449 -24.21 32.87 -64.53
N SER N 450 -24.68 34.11 -64.66
CA SER N 450 -25.18 34.60 -65.93
C SER N 450 -24.07 35.28 -66.73
N ASN N 451 -24.43 36.31 -67.51
CA ASN N 451 -23.44 37.02 -68.31
C ASN N 451 -22.76 38.13 -67.48
N GLY N 452 -23.53 39.16 -67.12
CA GLY N 452 -23.00 40.26 -66.34
C GLY N 452 -23.06 40.00 -64.84
N ASN N 453 -23.56 40.99 -64.10
CA ASN N 453 -23.68 40.92 -62.65
C ASN N 453 -22.34 40.62 -61.99
N LYS N 454 -21.52 41.65 -61.82
CA LYS N 454 -20.20 41.51 -61.21
C LYS N 454 -19.99 42.40 -60.00
N CYS N 455 -20.57 43.60 -59.99
CA CYS N 455 -20.39 44.53 -58.88
C CYS N 455 -21.16 44.12 -57.64
N ALA N 456 -22.03 43.10 -57.73
CA ALA N 456 -22.78 42.66 -56.56
C ALA N 456 -21.89 41.91 -55.60
N GLY N 457 -22.11 42.13 -54.31
CA GLY N 457 -21.33 41.46 -53.28
C GLY N 457 -22.12 41.17 -52.01
N LEU N 458 -21.72 41.80 -50.91
CA LEU N 458 -22.39 41.59 -49.63
C LEU N 458 -22.14 42.80 -48.75
N ASN N 459 -23.20 43.28 -48.10
CA ASN N 459 -23.12 44.42 -47.19
C ASN N 459 -23.78 44.03 -45.87
N VAL N 460 -23.08 44.32 -44.76
CA VAL N 460 -23.59 43.98 -43.44
C VAL N 460 -24.52 45.04 -42.87
N PHE N 461 -24.86 46.06 -43.64
CA PHE N 461 -25.73 47.13 -43.18
C PHE N 461 -27.15 47.03 -43.75
N THR N 462 -27.51 45.89 -44.33
CA THR N 462 -28.84 45.70 -44.90
C THR N 462 -29.34 44.28 -44.66
N GLY N 463 -28.70 43.30 -45.29
CA GLY N 463 -29.10 41.92 -45.14
C GLY N 463 -29.34 41.21 -46.46
N ALA N 464 -29.83 41.95 -47.45
CA ALA N 464 -30.09 41.39 -48.76
C ALA N 464 -28.82 41.48 -49.62
N VAL N 465 -28.95 41.31 -50.93
CA VAL N 465 -27.83 41.39 -51.85
C VAL N 465 -28.07 42.52 -52.83
N GLU N 466 -27.02 43.28 -53.13
CA GLU N 466 -27.11 44.40 -54.06
C GLU N 466 -25.70 44.72 -54.55
N ASP N 467 -25.60 45.74 -55.39
CA ASP N 467 -24.32 46.16 -55.92
C ASP N 467 -23.50 46.88 -54.84
N MET N 468 -22.18 46.75 -54.96
CA MET N 468 -21.25 47.35 -54.00
C MET N 468 -20.70 48.69 -54.47
N CYS N 469 -20.65 48.94 -55.78
CA CYS N 469 -20.12 50.20 -56.28
C CYS N 469 -21.09 51.36 -56.07
N GLU N 470 -22.38 51.08 -55.92
CA GLU N 470 -23.36 52.12 -55.71
C GLU N 470 -23.51 52.52 -54.25
N ASN N 471 -23.05 51.68 -53.33
CA ASN N 471 -23.16 52.01 -51.90
C ASN N 471 -22.02 52.94 -51.46
N GLY N 472 -20.79 52.47 -51.58
CA GLY N 472 -19.64 53.27 -51.19
C GLY N 472 -18.43 52.45 -50.82
N VAL N 473 -18.37 51.21 -51.32
CA VAL N 473 -17.25 50.30 -51.06
C VAL N 473 -16.49 50.12 -52.36
N VAL N 474 -15.29 50.68 -52.43
CA VAL N 474 -14.45 50.59 -53.61
C VAL N 474 -13.03 50.21 -53.20
N GLU N 475 -12.86 48.99 -52.70
CA GLU N 475 -11.54 48.54 -52.28
C GLU N 475 -10.62 48.38 -53.48
N PRO N 476 -9.38 48.88 -53.42
CA PRO N 476 -8.48 48.77 -54.58
C PRO N 476 -8.04 47.34 -54.85
N LEU N 477 -7.26 47.16 -55.92
CA LEU N 477 -6.81 45.83 -56.31
C LEU N 477 -5.43 45.49 -55.76
N ARG N 478 -4.58 46.49 -55.50
CA ARG N 478 -3.24 46.22 -55.01
C ARG N 478 -3.28 45.54 -53.64
N VAL N 479 -4.20 45.98 -52.77
CA VAL N 479 -4.32 45.37 -51.46
C VAL N 479 -4.77 43.92 -51.54
N LYS N 480 -5.41 43.52 -52.64
CA LYS N 480 -5.78 42.13 -52.85
C LYS N 480 -4.66 41.33 -53.50
N THR N 481 -3.99 41.90 -54.48
CA THR N 481 -2.90 41.19 -55.15
C THR N 481 -1.74 40.94 -54.19
N GLN N 482 -1.38 41.94 -53.38
CA GLN N 482 -0.30 41.75 -52.42
C GLN N 482 -0.69 40.71 -51.36
N ALA N 483 -1.94 40.72 -50.93
CA ALA N 483 -2.40 39.74 -49.96
C ALA N 483 -2.36 38.32 -50.54
N ILE N 484 -2.78 38.16 -51.79
CA ILE N 484 -2.74 36.84 -52.43
C ILE N 484 -1.30 36.39 -52.60
N GLN N 485 -0.41 37.30 -52.97
CA GLN N 485 1.00 36.94 -53.11
C GLN N 485 1.61 36.51 -51.78
N SER N 486 1.29 37.24 -50.71
CA SER N 486 1.80 36.89 -49.39
C SER N 486 1.24 35.55 -48.93
N ALA N 487 -0.03 35.28 -49.20
CA ALA N 487 -0.63 34.01 -48.80
C ALA N 487 -0.03 32.85 -49.59
N ALA N 488 0.27 33.07 -50.88
CA ALA N 488 0.89 32.02 -51.69
C ALA N 488 2.35 31.79 -51.33
N GLU N 489 3.04 32.84 -50.84
CA GLU N 489 4.43 32.69 -50.45
C GLU N 489 4.57 32.09 -49.06
N SER N 490 3.62 32.36 -48.17
CA SER N 490 3.70 31.85 -46.80
C SER N 490 3.29 30.39 -46.70
N THR N 491 2.41 29.92 -47.58
CA THR N 491 1.94 28.55 -47.53
C THR N 491 2.97 27.55 -48.04
N GLU N 492 4.03 28.02 -48.71
CA GLU N 492 5.07 27.14 -49.23
C GLU N 492 6.27 27.03 -48.31
N MET N 493 6.39 27.89 -47.30
CA MET N 493 7.51 27.83 -46.36
C MET N 493 7.28 26.84 -45.24
N LEU N 494 6.13 26.17 -45.21
CA LEU N 494 5.81 25.18 -44.17
C LEU N 494 5.70 23.77 -44.70
N LEU N 495 5.15 23.59 -45.91
CA LEU N 495 5.03 22.25 -46.49
C LEU N 495 6.36 21.70 -46.97
N ARG N 496 7.34 22.56 -47.23
CA ARG N 496 8.66 22.14 -47.69
C ARG N 496 9.65 21.92 -46.55
N ILE N 497 9.14 21.69 -45.33
CA ILE N 497 10.00 21.47 -44.17
C ILE N 497 10.14 19.99 -43.85
N ASP N 498 9.01 19.26 -43.83
CA ASP N 498 8.98 17.83 -43.56
C ASP N 498 9.61 17.51 -42.21
N ASP N 499 10.93 17.36 -42.17
CA ASP N 499 11.65 17.06 -40.94
C ASP N 499 12.23 18.34 -40.33
N VAL N 500 12.63 18.23 -39.07
CA VAL N 500 13.20 19.34 -38.33
C VAL N 500 14.26 18.79 -37.37
N ILE N 501 15.43 19.41 -37.37
CA ILE N 501 16.53 18.99 -36.50
C ILE N 501 16.91 20.14 -35.59
N ALA N 502 17.96 19.95 -34.79
CA ALA N 502 18.44 20.96 -33.86
C ALA N 502 19.95 20.89 -33.77
N ALA N 503 20.55 21.98 -33.28
CA ALA N 503 21.99 22.05 -33.12
C ALA N 503 22.32 22.97 -31.96
N GLU N 504 23.58 22.93 -31.52
CA GLU N 504 24.06 23.75 -30.42
C GLU N 504 25.00 24.86 -30.88
N LYS N 505 25.14 25.04 -32.19
CA LYS N 505 26.02 26.07 -32.74
C LYS N 505 25.20 27.30 -33.10
N LEU N 506 25.72 28.48 -32.76
CA LEU N 506 25.03 29.72 -33.05
C LEU N 506 25.04 29.99 -34.54
N ARG N 507 23.88 30.31 -35.10
CA ARG N 507 23.71 30.61 -36.52
C ARG N 507 24.22 29.46 -37.40
N MET O 1 29.30 -9.71 -27.47
CA MET O 1 30.15 -8.52 -27.47
C MET O 1 30.50 -8.11 -28.90
N GLY O 2 30.83 -9.09 -29.73
CA GLY O 2 31.18 -8.80 -31.11
C GLY O 2 29.99 -8.38 -31.96
N ARG O 3 28.80 -8.88 -31.63
CA ARG O 3 27.58 -8.55 -32.36
C ARG O 3 26.72 -7.52 -31.66
N ASP O 4 27.06 -7.15 -30.42
CA ASP O 4 26.25 -6.17 -29.70
C ASP O 4 26.70 -4.75 -30.01
N ALA O 5 28.01 -4.49 -29.93
CA ALA O 5 28.56 -3.17 -30.22
C ALA O 5 28.65 -2.87 -31.71
N GLN O 6 28.46 -3.87 -32.57
CA GLN O 6 28.52 -3.70 -34.01
C GLN O 6 27.22 -3.18 -34.60
N ARG O 7 26.07 -3.70 -34.15
CA ARG O 7 24.79 -3.24 -34.68
C ARG O 7 24.47 -1.82 -34.21
N MET O 8 24.90 -1.45 -33.01
CA MET O 8 24.63 -0.11 -32.51
C MET O 8 25.36 0.94 -33.33
N ASN O 9 26.59 0.64 -33.75
CA ASN O 9 27.35 1.58 -34.57
C ASN O 9 26.70 1.79 -35.93
N ILE O 10 26.05 0.75 -36.46
CA ILE O 10 25.37 0.88 -37.75
C ILE O 10 24.03 1.62 -37.58
N LEU O 11 23.33 1.35 -36.48
CA LEU O 11 22.07 2.05 -36.23
C LEU O 11 22.29 3.53 -35.94
N ALA O 12 23.41 3.88 -35.30
CA ALA O 12 23.69 5.29 -35.06
C ALA O 12 24.07 6.02 -36.34
N GLY O 13 24.63 5.30 -37.32
CA GLY O 13 24.98 5.93 -38.58
C GLY O 13 23.83 6.00 -39.56
N ARG O 14 22.92 5.02 -39.53
CA ARG O 14 21.77 5.05 -40.42
C ARG O 14 20.81 6.19 -40.10
N ILE O 15 20.81 6.69 -38.88
CA ILE O 15 19.95 7.81 -38.52
C ILE O 15 20.45 9.10 -39.16
N ILE O 16 21.76 9.35 -39.06
CA ILE O 16 22.33 10.56 -39.64
C ILE O 16 22.54 10.43 -41.14
N ALA O 17 22.53 9.21 -41.68
CA ALA O 17 22.69 9.04 -43.12
C ALA O 17 21.41 9.31 -43.89
N GLU O 18 20.25 8.98 -43.31
CA GLU O 18 18.97 9.20 -43.95
C GLU O 18 18.40 10.59 -43.69
N THR O 19 19.15 11.46 -43.01
CA THR O 19 18.65 12.80 -42.73
C THR O 19 18.70 13.67 -43.98
N VAL O 20 19.77 13.57 -44.75
CA VAL O 20 19.93 14.38 -45.96
C VAL O 20 19.43 13.59 -47.17
N ARG O 21 18.59 12.59 -46.92
CA ARG O 21 18.05 11.79 -48.02
C ARG O 21 17.06 12.59 -48.86
N SER O 22 16.20 13.36 -48.21
CA SER O 22 15.22 14.16 -48.94
C SER O 22 15.84 15.38 -49.61
N THR O 23 16.98 15.85 -49.14
CA THR O 23 17.66 17.02 -49.72
C THR O 23 18.68 16.60 -50.77
N LEU O 24 18.22 15.90 -51.80
CA LEU O 24 19.08 15.44 -52.88
C LEU O 24 18.57 15.83 -54.26
N GLY O 25 17.28 15.70 -54.51
CA GLY O 25 16.71 16.05 -55.79
C GLY O 25 16.62 17.55 -55.99
N PRO O 26 16.33 17.98 -57.22
CA PRO O 26 16.22 19.42 -57.48
C PRO O 26 14.99 20.06 -56.87
N LYS O 27 13.90 19.30 -56.71
CA LYS O 27 12.67 19.83 -56.13
C LYS O 27 12.36 19.14 -54.82
N GLY O 28 13.32 19.12 -53.89
CA GLY O 28 13.13 18.49 -52.61
C GLY O 28 12.79 19.49 -51.51
N MET O 29 12.35 18.94 -50.37
CA MET O 29 12.00 19.77 -49.23
C MET O 29 13.25 20.28 -48.53
N ASP O 30 13.09 21.39 -47.82
CA ASP O 30 14.18 22.01 -47.09
C ASP O 30 14.23 21.49 -45.66
N LYS O 31 15.14 22.05 -44.87
CA LYS O 31 15.34 21.65 -43.48
C LYS O 31 15.31 22.89 -42.60
N MET O 32 14.50 22.86 -41.54
CA MET O 32 14.39 23.96 -40.59
C MET O 32 15.25 23.64 -39.38
N LEU O 33 16.24 24.50 -39.11
CA LEU O 33 17.17 24.30 -38.01
C LEU O 33 16.95 25.39 -36.96
N VAL O 34 16.73 24.98 -35.72
CA VAL O 34 16.53 25.90 -34.61
C VAL O 34 17.71 25.76 -33.64
N ASP O 35 17.90 26.80 -32.83
CA ASP O 35 18.96 26.84 -31.84
C ASP O 35 18.37 27.10 -30.46
N ASP O 36 19.25 27.15 -29.46
CA ASP O 36 18.80 27.39 -28.09
C ASP O 36 18.39 28.85 -27.88
N LEU O 37 19.07 29.78 -28.54
CA LEU O 37 18.71 31.19 -28.39
C LEU O 37 17.42 31.52 -29.16
N GLY O 38 17.15 30.81 -30.24
CA GLY O 38 15.94 31.05 -31.02
C GLY O 38 16.24 31.49 -32.43
N ASP O 39 17.26 30.88 -33.06
CA ASP O 39 17.64 31.21 -34.43
C ASP O 39 17.08 30.15 -35.35
N VAL O 40 16.01 30.49 -36.07
CA VAL O 40 15.35 29.59 -37.01
C VAL O 40 15.88 29.88 -38.41
N VAL O 41 16.59 28.91 -38.98
CA VAL O 41 17.16 29.05 -40.32
C VAL O 41 16.63 27.93 -41.20
N VAL O 42 16.71 28.16 -42.52
CA VAL O 42 16.26 27.20 -43.52
C VAL O 42 17.45 26.84 -44.39
N THR O 43 17.70 25.54 -44.54
CA THR O 43 18.83 25.04 -45.34
C THR O 43 18.31 24.02 -46.33
N ASN O 44 18.61 24.23 -47.60
CA ASN O 44 18.19 23.33 -48.67
C ASN O 44 19.26 22.31 -49.05
N ASP O 45 20.54 22.66 -48.91
CA ASP O 45 21.63 21.77 -49.27
C ASP O 45 21.86 20.76 -48.15
N GLY O 46 22.92 19.96 -48.27
CA GLY O 46 23.24 18.97 -47.27
C GLY O 46 24.59 19.20 -46.61
N VAL O 47 25.35 20.17 -47.12
CA VAL O 47 26.65 20.47 -46.54
C VAL O 47 26.50 21.16 -45.19
N THR O 48 25.58 22.11 -45.10
CA THR O 48 25.35 22.81 -43.83
C THR O 48 24.68 21.89 -42.81
N ILE O 49 23.91 20.91 -43.28
CA ILE O 49 23.23 19.99 -42.36
C ILE O 49 24.25 19.15 -41.59
N LEU O 50 25.31 18.72 -42.27
CA LEU O 50 26.31 17.88 -41.60
C LEU O 50 27.10 18.68 -40.56
N ARG O 51 27.25 20.00 -40.75
CA ARG O 51 27.99 20.81 -39.81
C ARG O 51 27.18 21.06 -38.53
N GLU O 52 26.04 21.73 -38.66
CA GLU O 52 25.16 22.01 -37.52
C GLU O 52 24.32 20.76 -37.25
N MET O 53 24.92 19.82 -36.53
CA MET O 53 24.26 18.58 -36.18
C MET O 53 24.86 18.05 -34.88
N SER O 54 24.00 17.48 -34.03
CA SER O 54 24.44 16.93 -32.75
C SER O 54 25.41 15.77 -32.96
N VAL O 55 26.70 16.02 -32.73
CA VAL O 55 27.72 15.00 -32.92
C VAL O 55 28.08 14.38 -31.57
N GLU O 56 27.07 14.19 -30.71
CA GLU O 56 27.31 13.62 -29.40
C GLU O 56 27.68 12.14 -29.47
N HIS O 57 27.34 11.45 -30.55
CA HIS O 57 27.67 10.04 -30.66
C HIS O 57 28.95 9.86 -31.47
N PRO O 58 29.83 8.95 -31.05
CA PRO O 58 31.10 8.76 -31.78
C PRO O 58 30.91 8.28 -33.22
N ALA O 59 29.83 7.55 -33.50
CA ALA O 59 29.62 7.05 -34.86
C ALA O 59 29.20 8.18 -35.80
N ALA O 60 28.53 9.20 -35.29
CA ALA O 60 28.09 10.34 -36.09
C ALA O 60 29.12 11.46 -36.13
N LYS O 61 30.38 11.14 -36.43
CA LYS O 61 31.43 12.15 -36.47
C LYS O 61 32.45 11.83 -37.56
N MET O 62 32.82 10.56 -37.69
CA MET O 62 33.81 10.16 -38.68
C MET O 62 33.27 10.37 -40.09
N LEU O 63 31.98 10.04 -40.32
CA LEU O 63 31.40 10.25 -41.63
C LEU O 63 31.37 11.73 -42.00
N ILE O 64 31.03 12.59 -41.03
CA ILE O 64 31.01 14.03 -41.28
C ILE O 64 32.42 14.54 -41.56
N GLU O 65 33.41 14.03 -40.82
CA GLU O 65 34.80 14.45 -41.04
C GLU O 65 35.29 14.03 -42.42
N VAL O 66 34.88 12.84 -42.88
CA VAL O 66 35.28 12.38 -44.21
C VAL O 66 34.57 13.21 -45.28
N ALA O 67 33.29 13.54 -45.07
CA ALA O 67 32.55 14.33 -46.05
C ALA O 67 33.08 15.75 -46.14
N LYS O 68 33.57 16.31 -45.03
CA LYS O 68 34.13 17.66 -45.07
C LYS O 68 35.41 17.71 -45.87
N THR O 69 36.20 16.64 -45.86
CA THR O 69 37.43 16.62 -46.65
C THR O 69 37.14 16.47 -48.14
N GLN O 70 36.00 15.86 -48.50
CA GLN O 70 35.65 15.72 -49.90
C GLN O 70 34.91 16.94 -50.43
N GLU O 71 34.18 17.65 -49.55
CA GLU O 71 33.46 18.84 -49.99
C GLU O 71 34.40 19.96 -50.40
N LYS O 72 35.59 20.01 -49.82
CA LYS O 72 36.57 21.04 -50.14
C LYS O 72 37.30 20.78 -51.44
N GLU O 73 36.96 19.70 -52.15
CA GLU O 73 37.60 19.37 -53.43
C GLU O 73 36.91 20.04 -54.60
N VAL O 74 35.68 19.62 -54.91
CA VAL O 74 34.93 20.19 -56.02
C VAL O 74 33.64 20.82 -55.50
N GLY O 75 33.16 20.33 -54.36
CA GLY O 75 31.95 20.85 -53.75
C GLY O 75 30.71 20.58 -54.57
N ASP O 76 30.37 19.31 -54.76
CA ASP O 76 29.19 18.93 -55.54
C ASP O 76 28.70 17.54 -55.14
N GLY O 77 29.63 16.62 -54.90
CA GLY O 77 29.27 15.26 -54.53
C GLY O 77 29.41 15.00 -53.05
N THR O 78 28.68 15.74 -52.23
CA THR O 78 28.71 15.59 -50.78
C THR O 78 27.51 14.83 -50.24
N THR O 79 26.29 15.26 -50.59
CA THR O 79 25.10 14.59 -50.09
C THR O 79 24.93 13.21 -50.71
N THR O 80 25.19 13.10 -52.03
CA THR O 80 25.05 11.81 -52.70
C THR O 80 26.04 10.79 -52.15
N ALA O 81 27.23 11.22 -51.75
CA ALA O 81 28.19 10.30 -51.14
C ALA O 81 27.66 9.76 -49.82
N VAL O 82 27.07 10.62 -49.00
CA VAL O 82 26.49 10.16 -47.73
C VAL O 82 25.32 9.22 -47.98
N VAL O 83 24.52 9.51 -49.01
CA VAL O 83 23.39 8.65 -49.34
C VAL O 83 23.88 7.26 -49.77
N VAL O 84 24.92 7.23 -50.61
CA VAL O 84 25.46 5.95 -51.07
C VAL O 84 26.07 5.19 -49.90
N ALA O 85 26.76 5.89 -49.00
CA ALA O 85 27.34 5.22 -47.83
C ALA O 85 26.26 4.64 -46.94
N GLY O 86 25.18 5.39 -46.71
CA GLY O 86 24.09 4.87 -45.90
C GLY O 86 23.41 3.67 -46.56
N GLU O 87 23.24 3.72 -47.88
CA GLU O 87 22.66 2.59 -48.59
C GLU O 87 23.56 1.35 -48.49
N LEU O 88 24.87 1.55 -48.62
CA LEU O 88 25.79 0.43 -48.48
C LEU O 88 25.75 -0.16 -47.08
N LEU O 89 25.68 0.71 -46.05
CA LEU O 89 25.60 0.21 -44.68
C LEU O 89 24.31 -0.55 -44.45
N ARG O 90 23.19 -0.04 -44.96
CA ARG O 90 21.91 -0.73 -44.79
C ARG O 90 21.89 -2.06 -45.54
N LYS O 91 22.55 -2.13 -46.69
CA LYS O 91 22.60 -3.39 -47.44
C LYS O 91 23.51 -4.40 -46.77
N ALA O 92 24.62 -3.93 -46.18
CA ALA O 92 25.55 -4.82 -45.50
C ALA O 92 25.05 -5.27 -44.13
N GLU O 93 24.14 -4.51 -43.52
CA GLU O 93 23.60 -4.91 -42.23
C GLU O 93 22.78 -6.19 -42.35
N GLU O 94 22.04 -6.33 -43.45
CA GLU O 94 21.23 -7.54 -43.64
C GLU O 94 22.09 -8.74 -43.95
N LEU O 95 23.24 -8.54 -44.60
CA LEU O 95 24.12 -9.65 -44.95
C LEU O 95 24.82 -10.25 -43.73
N LEU O 96 24.79 -9.59 -42.58
CA LEU O 96 25.43 -10.10 -41.38
C LEU O 96 24.60 -11.16 -40.66
N ASP O 97 23.39 -11.44 -41.14
CA ASP O 97 22.53 -12.44 -40.51
C ASP O 97 22.93 -13.87 -40.86
N GLN O 98 23.66 -14.07 -41.94
CA GLN O 98 24.10 -15.39 -42.35
C GLN O 98 25.34 -15.86 -41.61
N ASN O 99 25.86 -15.05 -40.68
CA ASN O 99 27.04 -15.39 -39.87
C ASN O 99 28.25 -15.67 -40.78
N VAL O 100 28.73 -14.60 -41.40
CA VAL O 100 29.90 -14.66 -42.27
C VAL O 100 30.99 -13.75 -41.72
N HIS O 101 30.59 -12.77 -40.90
CA HIS O 101 31.43 -11.78 -40.23
C HIS O 101 32.08 -10.84 -41.25
N PRO O 102 32.23 -9.56 -40.91
CA PRO O 102 32.72 -8.58 -41.90
C PRO O 102 34.19 -8.76 -42.26
N THR O 103 34.45 -9.26 -43.46
CA THR O 103 35.81 -9.40 -43.97
C THR O 103 35.79 -9.54 -45.49
N ILE O 104 35.01 -10.49 -45.99
CA ILE O 104 34.92 -10.70 -47.44
C ILE O 104 34.15 -9.55 -48.10
N VAL O 105 33.27 -8.89 -47.35
CA VAL O 105 32.52 -7.78 -47.91
C VAL O 105 33.44 -6.62 -48.24
N VAL O 106 34.43 -6.36 -47.39
CA VAL O 106 35.39 -5.29 -47.65
C VAL O 106 36.20 -5.58 -48.90
N LYS O 107 36.64 -6.84 -49.06
CA LYS O 107 37.38 -7.21 -50.25
C LYS O 107 36.52 -7.10 -51.50
N GLY O 108 35.24 -7.50 -51.40
CA GLY O 108 34.35 -7.36 -52.53
C GLY O 108 34.12 -5.91 -52.92
N TYR O 109 33.97 -5.03 -51.93
CA TYR O 109 33.81 -3.61 -52.21
C TYR O 109 35.07 -3.03 -52.84
N GLN O 110 36.25 -3.43 -52.35
CA GLN O 110 37.49 -2.94 -52.92
C GLN O 110 37.69 -3.43 -54.35
N ALA O 111 37.24 -4.66 -54.64
CA ALA O 111 37.36 -5.18 -56.00
C ALA O 111 36.33 -4.54 -56.93
N ALA O 112 35.15 -4.18 -56.42
CA ALA O 112 34.14 -3.56 -57.26
C ALA O 112 34.42 -2.08 -57.50
N ALA O 113 35.09 -1.41 -56.57
CA ALA O 113 35.40 0.01 -56.74
C ALA O 113 36.35 0.23 -57.92
N GLN O 114 37.36 -0.62 -58.05
CA GLN O 114 38.30 -0.50 -59.17
C GLN O 114 37.59 -0.75 -60.50
N LYS O 115 36.71 -1.75 -60.54
CA LYS O 115 35.96 -2.04 -61.76
C LYS O 115 35.05 -0.87 -62.12
N ALA O 116 34.40 -0.27 -61.12
CA ALA O 116 33.54 0.87 -61.39
C ALA O 116 34.35 2.07 -61.89
N GLN O 117 35.52 2.31 -61.30
CA GLN O 117 36.36 3.41 -61.76
C GLN O 117 36.88 3.17 -63.17
N GLU O 118 37.16 1.90 -63.52
CA GLU O 118 37.60 1.61 -64.88
C GLU O 118 36.46 1.73 -65.88
N LEU O 119 35.24 1.37 -65.48
CA LEU O 119 34.10 1.47 -66.39
C LEU O 119 33.64 2.91 -66.57
N LEU O 120 33.80 3.76 -65.55
CA LEU O 120 33.40 5.16 -65.68
C LEU O 120 34.28 5.90 -66.67
N LYS O 121 35.55 5.51 -66.81
CA LYS O 121 36.46 6.17 -67.74
C LYS O 121 36.25 5.75 -69.18
N THR O 122 35.35 4.79 -69.44
CA THR O 122 35.08 4.32 -70.79
C THR O 122 33.70 4.69 -71.30
N ILE O 123 32.89 5.39 -70.51
CA ILE O 123 31.55 5.78 -70.92
C ILE O 123 31.44 7.29 -71.13
N ALA O 124 32.57 7.99 -71.23
CA ALA O 124 32.62 9.43 -71.44
C ALA O 124 33.06 9.74 -72.87
N CYS O 125 33.14 11.03 -73.16
CA CYS O 125 33.56 11.53 -74.46
C CYS O 125 34.73 12.50 -74.29
N GLU O 126 35.11 13.13 -75.40
CA GLU O 126 36.21 14.09 -75.43
C GLU O 126 35.65 15.47 -75.71
N VAL O 127 35.87 16.40 -74.78
CA VAL O 127 35.40 17.77 -74.90
C VAL O 127 36.63 18.68 -74.96
N GLY O 128 36.85 19.31 -76.11
CA GLY O 128 37.98 20.19 -76.29
C GLY O 128 37.74 21.58 -75.74
N ALA O 129 38.74 22.44 -75.92
CA ALA O 129 38.67 23.81 -75.45
C ALA O 129 38.06 24.77 -76.48
N GLN O 130 37.77 24.30 -77.69
CA GLN O 130 37.19 25.14 -78.72
C GLN O 130 35.67 25.19 -78.68
N ASP O 131 35.05 24.50 -77.73
CA ASP O 131 33.59 24.49 -77.64
C ASP O 131 33.10 25.70 -76.87
N LYS O 132 31.79 25.93 -76.94
CA LYS O 132 31.17 27.05 -76.25
C LYS O 132 29.72 26.72 -75.88
N GLU O 133 29.00 26.07 -76.79
CA GLU O 133 27.62 25.68 -76.53
C GLU O 133 27.53 24.56 -75.52
N ILE O 134 28.61 23.80 -75.31
CA ILE O 134 28.58 22.70 -74.36
C ILE O 134 28.89 23.21 -72.94
N LEU O 135 29.67 24.29 -72.82
CA LEU O 135 30.09 24.78 -71.52
C LEU O 135 29.00 25.54 -70.78
N THR O 136 27.86 25.80 -71.40
CA THR O 136 26.78 26.53 -70.75
C THR O 136 25.73 25.61 -70.13
N LYS O 137 25.57 24.39 -70.64
CA LYS O 137 24.59 23.48 -70.05
C LYS O 137 25.00 23.04 -68.66
N ILE O 138 26.29 22.86 -68.41
CA ILE O 138 26.75 22.47 -67.08
C ILE O 138 26.51 23.60 -66.08
N ALA O 139 26.65 24.85 -66.51
CA ALA O 139 26.36 25.98 -65.64
C ALA O 139 24.86 26.16 -65.44
N MET O 140 24.06 25.82 -66.45
CA MET O 140 22.61 25.95 -66.31
C MET O 140 22.07 24.88 -65.37
N THR O 141 22.55 23.65 -65.47
CA THR O 141 22.09 22.57 -64.61
C THR O 141 22.70 22.60 -63.22
N SER O 142 23.68 23.49 -62.98
CA SER O 142 24.29 23.57 -61.66
C SER O 142 23.41 24.27 -60.65
N ILE O 143 22.45 25.09 -61.11
CA ILE O 143 21.55 25.79 -60.22
C ILE O 143 20.14 25.24 -60.39
N THR O 144 19.79 24.23 -59.58
CA THR O 144 18.46 23.62 -59.62
C THR O 144 17.77 23.67 -58.27
N GLY O 145 18.37 23.08 -57.24
CA GLY O 145 17.77 23.12 -55.92
C GLY O 145 17.90 24.46 -55.22
N LYS O 146 18.73 25.36 -55.75
CA LYS O 146 18.88 26.68 -55.14
C LYS O 146 17.67 27.55 -55.42
N GLY O 147 17.35 27.75 -56.69
CA GLY O 147 16.21 28.58 -57.07
C GLY O 147 16.06 28.70 -58.58
N ALA O 148 15.37 27.73 -59.19
CA ALA O 148 15.16 27.72 -60.62
C ALA O 148 14.05 28.65 -61.07
N GLU O 149 13.38 29.34 -60.15
CA GLU O 149 12.30 30.25 -60.50
C GLU O 149 12.81 31.62 -60.94
N LYS O 150 14.13 31.82 -60.97
CA LYS O 150 14.70 33.10 -61.39
C LYS O 150 16.11 32.91 -61.94
N ALA O 151 16.69 31.73 -61.71
CA ALA O 151 18.04 31.41 -62.16
C ALA O 151 17.97 30.16 -63.04
N LYS O 152 17.84 30.37 -64.34
CA LYS O 152 17.77 29.27 -65.30
C LYS O 152 18.16 29.74 -66.70
N GLU O 153 18.26 31.05 -66.89
CA GLU O 153 18.62 31.60 -68.19
C GLU O 153 19.54 32.81 -68.04
N LYS O 154 19.22 33.69 -67.08
CA LYS O 154 20.05 34.87 -66.87
C LYS O 154 21.36 34.51 -66.20
N LEU O 155 21.34 33.57 -65.26
CA LEU O 155 22.54 33.15 -64.55
C LEU O 155 23.33 32.08 -65.31
N ALA O 156 22.92 31.73 -66.53
CA ALA O 156 23.61 30.73 -67.32
C ALA O 156 24.40 31.33 -68.48
N GLU O 157 24.33 32.64 -68.69
CA GLU O 157 25.06 33.29 -69.77
C GLU O 157 26.12 34.27 -69.27
N ILE O 158 26.21 34.50 -67.97
CA ILE O 158 27.22 35.40 -67.43
C ILE O 158 28.34 34.67 -66.70
N ILE O 159 28.17 33.39 -66.37
CA ILE O 159 29.23 32.64 -65.72
C ILE O 159 30.24 32.12 -66.73
N VAL O 160 29.76 31.64 -67.87
CA VAL O 160 30.66 31.12 -68.90
C VAL O 160 31.49 32.25 -69.50
N GLU O 161 30.87 33.42 -69.71
CA GLU O 161 31.60 34.56 -70.25
C GLU O 161 32.60 35.14 -69.26
N ALA O 162 32.43 34.87 -67.96
CA ALA O 162 33.35 35.37 -66.94
C ALA O 162 34.48 34.40 -66.64
N VAL O 163 34.20 33.10 -66.65
CA VAL O 163 35.25 32.12 -66.37
C VAL O 163 36.17 31.96 -67.58
N SER O 164 35.61 31.89 -68.78
CA SER O 164 36.40 31.73 -69.99
C SER O 164 37.21 32.99 -70.28
N ALA O 165 38.32 33.17 -69.58
CA ALA O 165 39.19 34.33 -69.79
C ALA O 165 40.65 33.91 -69.72
N VAL O 166 41.01 33.18 -68.66
CA VAL O 166 42.37 32.68 -68.49
C VAL O 166 42.42 31.16 -68.47
N VAL O 167 41.29 30.47 -68.59
CA VAL O 167 41.28 29.01 -68.56
C VAL O 167 41.56 28.45 -69.96
N ASP O 168 41.01 29.09 -71.00
CA ASP O 168 41.23 28.60 -72.35
C ASP O 168 42.67 28.81 -72.80
N ASP O 169 43.34 29.84 -72.29
CA ASP O 169 44.74 30.08 -72.65
C ASP O 169 45.67 29.10 -71.93
N GLU O 170 45.51 28.96 -70.62
CA GLU O 170 46.31 28.05 -69.82
C GLU O 170 45.37 27.00 -69.22
N GLY O 171 45.39 25.80 -69.78
CA GLY O 171 44.55 24.73 -69.31
C GLY O 171 45.20 23.87 -68.25
N LYS O 172 45.65 24.49 -67.16
CA LYS O 172 46.30 23.77 -66.07
C LYS O 172 46.15 24.53 -64.76
N VAL O 173 46.60 25.78 -64.72
CA VAL O 173 46.53 26.61 -63.54
C VAL O 173 45.57 27.76 -63.83
N ASP O 174 44.48 27.83 -63.06
CA ASP O 174 43.48 28.89 -63.23
C ASP O 174 42.90 29.28 -61.88
N LYS O 175 43.77 29.39 -60.87
CA LYS O 175 43.34 29.76 -59.53
C LYS O 175 43.07 31.27 -59.49
N ASP O 176 41.81 31.65 -59.38
CA ASP O 176 41.39 33.04 -59.33
C ASP O 176 40.83 33.35 -57.95
N LEU O 177 40.44 34.62 -57.76
CA LEU O 177 39.89 35.11 -56.51
C LEU O 177 38.51 35.70 -56.80
N ILE O 178 37.47 34.91 -56.57
CA ILE O 178 36.09 35.34 -56.79
C ILE O 178 35.47 35.67 -55.46
N LYS O 179 34.95 36.89 -55.32
CA LYS O 179 34.33 37.36 -54.09
C LYS O 179 32.87 37.71 -54.36
N ILE O 180 31.97 37.18 -53.54
CA ILE O 180 30.54 37.43 -53.66
C ILE O 180 30.10 38.27 -52.47
N GLU O 181 29.52 39.43 -52.75
CA GLU O 181 29.05 40.34 -51.72
C GLU O 181 27.57 40.11 -51.43
N LYS O 182 27.21 40.13 -50.16
CA LYS O 182 25.84 39.90 -49.72
C LYS O 182 25.19 41.24 -49.43
N LYS O 183 24.49 41.78 -50.42
CA LYS O 183 23.80 43.06 -50.29
C LYS O 183 22.41 42.94 -50.91
N SER O 184 21.44 43.63 -50.32
CA SER O 184 20.08 43.61 -50.79
C SER O 184 19.83 44.79 -51.73
N GLY O 185 18.57 44.95 -52.14
CA GLY O 185 18.20 46.03 -53.04
C GLY O 185 16.71 46.29 -53.09
N ALA O 186 16.13 46.24 -54.29
CA ALA O 186 14.70 46.46 -54.46
C ALA O 186 14.17 45.72 -55.67
N SER O 187 15.05 45.32 -56.57
CA SER O 187 14.66 44.59 -57.77
C SER O 187 14.34 43.14 -57.42
N ILE O 188 13.83 42.40 -58.41
CA ILE O 188 13.47 41.00 -58.22
C ILE O 188 14.75 40.17 -58.15
N ASP O 189 15.51 40.13 -59.25
CA ASP O 189 16.75 39.37 -59.30
C ASP O 189 17.64 40.01 -60.36
N ASP O 190 18.65 40.74 -59.93
CA ASP O 190 19.58 41.42 -60.82
C ASP O 190 20.99 40.87 -60.62
N THR O 191 21.69 40.65 -61.73
CA THR O 191 23.06 40.12 -61.70
C THR O 191 23.96 41.05 -62.48
N GLU O 192 24.96 41.61 -61.79
CA GLU O 192 25.93 42.51 -62.40
C GLU O 192 27.29 41.86 -62.42
N LEU O 193 27.99 41.99 -63.55
CA LEU O 193 29.31 41.41 -63.74
C LEU O 193 30.29 42.56 -63.94
N ILE O 194 30.96 42.97 -62.86
CA ILE O 194 31.88 44.10 -62.92
C ILE O 194 33.21 43.63 -63.49
N LYS O 195 33.67 44.30 -64.54
CA LYS O 195 34.94 43.97 -65.18
C LYS O 195 36.05 44.92 -64.68
N GLY O 196 36.14 45.01 -63.36
CA GLY O 196 37.14 45.87 -62.75
C GLY O 196 37.30 45.67 -61.26
N VAL O 197 37.35 46.76 -60.51
CA VAL O 197 37.54 46.73 -59.07
C VAL O 197 36.30 47.29 -58.40
N LEU O 198 35.82 46.61 -57.36
CA LEU O 198 34.65 47.03 -56.59
C LEU O 198 35.07 47.25 -55.15
N VAL O 199 34.78 48.44 -54.62
CA VAL O 199 35.09 48.81 -53.25
C VAL O 199 33.78 49.05 -52.51
N ASP O 200 33.60 48.38 -51.38
CA ASP O 200 32.36 48.49 -50.59
C ASP O 200 32.64 49.38 -49.38
N LYS O 201 32.67 50.69 -49.64
CA LYS O 201 32.89 51.66 -48.58
C LYS O 201 32.37 53.02 -49.05
N GLU O 202 31.63 53.69 -48.16
CA GLU O 202 31.06 55.00 -48.45
C GLU O 202 31.96 56.09 -47.90
N ARG O 203 31.42 57.30 -47.80
CA ARG O 203 32.16 58.44 -47.27
C ARG O 203 31.24 59.21 -46.32
N VAL O 204 31.61 60.46 -46.03
CA VAL O 204 30.82 61.31 -45.14
C VAL O 204 30.84 62.73 -45.67
N SER O 205 31.84 63.05 -46.49
CA SER O 205 32.00 64.38 -47.09
C SER O 205 31.95 64.23 -48.60
N ALA O 206 30.81 64.59 -49.19
CA ALA O 206 30.62 64.49 -50.64
C ALA O 206 31.03 65.82 -51.29
N GLN O 207 32.34 66.09 -51.21
CA GLN O 207 32.93 67.31 -51.77
C GLN O 207 34.07 66.99 -52.73
N MET O 208 34.11 65.77 -53.28
CA MET O 208 35.16 65.37 -54.19
C MET O 208 34.56 64.86 -55.49
N PRO O 209 35.20 65.13 -56.62
CA PRO O 209 34.68 64.63 -57.90
C PRO O 209 34.75 63.11 -57.97
N LYS O 210 33.98 62.56 -58.92
CA LYS O 210 33.91 61.12 -59.11
C LYS O 210 33.91 60.75 -60.58
N LYS O 211 34.59 61.54 -61.42
CA LYS O 211 34.66 61.27 -62.86
C LYS O 211 35.97 61.84 -63.38
N VAL O 212 37.01 61.00 -63.38
CA VAL O 212 38.33 61.37 -63.85
C VAL O 212 38.72 60.42 -64.97
N THR O 213 39.17 60.97 -66.09
CA THR O 213 39.54 60.17 -67.25
C THR O 213 40.99 59.73 -67.14
N ASP O 214 41.25 58.48 -67.54
CA ASP O 214 42.57 57.84 -67.52
C ASP O 214 43.34 58.19 -66.24
N ALA O 215 42.68 58.01 -65.11
CA ALA O 215 43.31 58.27 -63.83
C ALA O 215 44.30 57.17 -63.47
N LYS O 216 45.22 57.49 -62.56
CA LYS O 216 46.23 56.55 -62.10
C LYS O 216 46.04 56.26 -60.62
N ILE O 217 46.11 54.99 -60.25
CA ILE O 217 45.91 54.56 -58.88
C ILE O 217 47.27 54.52 -58.17
N ALA O 218 47.34 55.18 -57.02
CA ALA O 218 48.56 55.21 -56.20
C ALA O 218 48.23 54.63 -54.83
N LEU O 219 48.90 53.54 -54.48
CA LEU O 219 48.65 52.85 -53.22
C LEU O 219 49.58 53.42 -52.15
N LEU O 220 49.00 54.03 -51.12
CA LEU O 220 49.75 54.60 -50.01
C LEU O 220 49.20 54.03 -48.71
N ASN O 221 50.10 53.53 -47.86
CA ASN O 221 49.71 52.95 -46.58
C ASN O 221 49.63 54.02 -45.50
N CYS O 222 50.19 53.74 -44.33
CA CYS O 222 50.16 54.68 -43.22
C CYS O 222 51.37 55.59 -43.23
N ALA O 223 51.77 56.09 -42.05
CA ALA O 223 52.92 56.97 -41.92
C ALA O 223 52.77 58.22 -42.78
N ILE O 224 51.55 58.78 -42.81
CA ILE O 224 51.25 59.97 -43.59
C ILE O 224 50.81 61.13 -42.71
N GLU O 225 49.95 60.86 -41.73
CA GLU O 225 49.45 61.91 -40.84
C GLU O 225 50.55 62.38 -39.89
N ILE O 226 50.21 63.36 -39.07
CA ILE O 226 51.18 63.92 -38.13
C ILE O 226 51.39 62.98 -36.94
N LYS O 227 50.31 62.37 -36.45
CA LYS O 227 50.39 61.46 -35.31
C LYS O 227 49.60 60.20 -35.63
N GLU O 228 50.30 59.07 -35.70
CA GLU O 228 49.66 57.79 -35.98
C GLU O 228 50.35 56.67 -35.22
N THR O 229 51.61 56.89 -34.83
CA THR O 229 52.37 55.89 -34.09
C THR O 229 52.90 56.47 -32.79
N GLU O 230 54.20 56.30 -32.55
CA GLU O 230 54.84 56.82 -31.34
C GLU O 230 56.26 57.25 -31.68
N THR O 231 56.86 58.02 -30.77
CA THR O 231 58.22 58.51 -30.93
C THR O 231 58.99 58.30 -29.65
N ASP O 232 60.13 57.62 -29.74
CA ASP O 232 60.95 57.36 -28.56
C ASP O 232 61.76 58.57 -28.16
N ALA O 233 62.38 59.24 -29.13
CA ALA O 233 63.20 60.43 -28.87
C ALA O 233 62.28 61.60 -28.58
N GLU O 234 62.16 61.96 -27.30
CA GLU O 234 61.30 63.06 -26.92
C GLU O 234 61.96 64.40 -27.27
N ILE O 235 61.12 65.42 -27.45
CA ILE O 235 61.57 66.76 -27.79
C ILE O 235 61.16 67.71 -26.68
N ARG O 236 61.69 68.93 -26.75
CA ARG O 236 61.41 69.98 -25.78
C ARG O 236 61.02 71.26 -26.50
N ILE O 237 60.55 72.24 -25.73
CA ILE O 237 60.14 73.53 -26.26
C ILE O 237 60.94 74.63 -25.58
N THR O 238 61.21 75.68 -26.34
CA THR O 238 61.97 76.83 -25.83
C THR O 238 61.16 78.12 -25.96
N ASP O 239 60.79 78.52 -27.18
CA ASP O 239 60.03 79.74 -27.38
C ASP O 239 58.62 79.42 -27.89
N PRO O 240 57.61 80.18 -27.46
CA PRO O 240 56.25 79.92 -27.95
C PRO O 240 56.07 80.14 -29.44
N ALA O 241 56.91 80.97 -30.07
CA ALA O 241 56.81 81.23 -31.50
C ALA O 241 57.43 80.14 -32.35
N LYS O 242 58.00 79.10 -31.74
CA LYS O 242 58.61 78.00 -32.48
C LYS O 242 57.66 76.84 -32.72
N LEU O 243 56.84 76.48 -31.72
CA LEU O 243 55.90 75.39 -31.90
C LEU O 243 54.85 75.72 -32.95
N MET O 244 54.34 76.97 -32.93
CA MET O 244 53.36 77.37 -33.94
C MET O 244 53.99 77.37 -35.33
N GLU O 245 55.25 77.81 -35.44
CA GLU O 245 55.92 77.79 -36.73
C GLU O 245 56.11 76.36 -37.24
N PHE O 246 56.48 75.44 -36.33
CA PHE O 246 56.64 74.04 -36.73
C PHE O 246 55.30 73.44 -37.16
N ILE O 247 54.22 73.78 -36.45
CA ILE O 247 52.90 73.27 -36.83
C ILE O 247 52.50 73.81 -38.19
N GLU O 248 52.74 75.10 -38.44
CA GLU O 248 52.41 75.68 -39.74
C GLU O 248 53.23 75.04 -40.86
N GLN O 249 54.51 74.76 -40.58
CA GLN O 249 55.35 74.11 -41.59
C GLN O 249 54.87 72.70 -41.88
N GLU O 250 54.52 71.94 -40.84
CA GLU O 250 54.02 70.58 -41.06
C GLU O 250 52.67 70.59 -41.76
N GLU O 251 51.88 71.65 -41.56
CA GLU O 251 50.59 71.74 -42.26
C GLU O 251 50.79 72.10 -43.73
N LYS O 252 51.72 73.02 -44.02
CA LYS O 252 51.99 73.41 -45.40
C LYS O 252 52.79 72.35 -46.16
N MET O 253 53.44 71.42 -45.45
CA MET O 253 54.18 70.36 -46.13
C MET O 253 53.25 69.47 -46.95
N LEU O 254 51.99 69.35 -46.54
CA LEU O 254 51.04 68.53 -47.29
C LEU O 254 50.81 69.06 -48.69
N LYS O 255 50.89 70.39 -48.87
CA LYS O 255 50.72 70.97 -50.20
C LYS O 255 51.76 70.44 -51.17
N ASP O 256 53.04 70.55 -50.80
CA ASP O 256 54.10 70.04 -51.68
C ASP O 256 54.07 68.51 -51.75
N MET O 257 53.62 67.85 -50.68
CA MET O 257 53.51 66.39 -50.73
C MET O 257 52.50 65.95 -51.79
N VAL O 258 51.36 66.64 -51.87
CA VAL O 258 50.37 66.32 -52.89
C VAL O 258 50.84 66.78 -54.26
N ALA O 259 51.57 67.90 -54.32
CA ALA O 259 52.08 68.37 -55.61
C ALA O 259 53.08 67.39 -56.20
N GLU O 260 53.90 66.75 -55.36
CA GLU O 260 54.84 65.77 -55.85
C GLU O 260 54.12 64.55 -56.43
N ILE O 261 53.06 64.10 -55.76
CA ILE O 261 52.29 62.97 -56.28
C ILE O 261 51.60 63.35 -57.59
N LYS O 262 51.12 64.59 -57.68
CA LYS O 262 50.48 65.04 -58.91
C LYS O 262 51.47 65.10 -60.06
N ALA O 263 52.68 65.59 -59.80
CA ALA O 263 53.71 65.67 -60.84
C ALA O 263 54.23 64.29 -61.21
N SER O 264 54.18 63.33 -60.28
CA SER O 264 54.66 61.99 -60.58
C SER O 264 53.72 61.26 -61.53
N GLY O 265 52.43 61.59 -61.50
CA GLY O 265 51.46 60.96 -62.38
C GLY O 265 50.48 60.06 -61.66
N ALA O 266 49.65 60.64 -60.80
CA ALA O 266 48.67 59.88 -60.04
C ALA O 266 47.47 60.77 -59.76
N ASN O 267 46.28 60.17 -59.83
CA ASN O 267 45.04 60.90 -59.58
C ASN O 267 44.09 60.17 -58.63
N VAL O 268 44.43 58.97 -58.17
CA VAL O 268 43.61 58.19 -57.25
C VAL O 268 44.41 57.93 -55.99
N LEU O 269 43.82 58.23 -54.84
CA LEU O 269 44.47 58.06 -53.54
C LEU O 269 43.69 57.01 -52.74
N PHE O 270 44.36 55.90 -52.44
CA PHE O 270 43.78 54.83 -51.64
C PHE O 270 44.60 54.69 -50.36
N CYS O 271 44.01 55.10 -49.24
CA CYS O 271 44.66 55.03 -47.94
C CYS O 271 44.02 53.94 -47.09
N GLN O 272 44.81 53.35 -46.20
CA GLN O 272 44.30 52.28 -45.35
C GLN O 272 43.38 52.84 -44.27
N LYS O 273 43.77 53.95 -43.63
CA LYS O 273 42.96 54.55 -42.59
C LYS O 273 41.99 55.57 -43.19
N GLY O 274 41.65 56.60 -42.40
CA GLY O 274 40.73 57.63 -42.84
C GLY O 274 41.46 58.91 -43.21
N ILE O 275 40.84 59.68 -44.11
CA ILE O 275 41.39 60.96 -44.56
C ILE O 275 40.66 62.08 -43.84
N ASP O 276 41.43 63.01 -43.27
CA ASP O 276 40.84 64.13 -42.55
C ASP O 276 40.15 65.08 -43.51
N ASP O 277 39.17 65.82 -42.98
CA ASP O 277 38.41 66.75 -43.81
C ASP O 277 39.26 67.93 -44.28
N LEU O 278 40.29 68.28 -43.52
CA LEU O 278 41.15 69.40 -43.91
C LEU O 278 42.05 69.04 -45.09
N ALA O 279 42.28 67.76 -45.34
CA ALA O 279 43.11 67.31 -46.45
C ALA O 279 42.32 67.04 -47.72
N GLN O 280 41.06 67.46 -47.77
CA GLN O 280 40.22 67.23 -48.95
C GLN O 280 40.33 68.37 -49.96
N HIS O 281 40.36 69.62 -49.48
CA HIS O 281 40.45 70.76 -50.39
C HIS O 281 41.74 70.71 -51.21
N TYR O 282 42.84 70.31 -50.57
CA TYR O 282 44.11 70.18 -51.29
C TYR O 282 44.02 69.12 -52.39
N LEU O 283 43.09 68.18 -52.28
CA LEU O 283 42.86 67.17 -53.32
C LEU O 283 41.80 67.59 -54.32
N ALA O 284 41.14 68.73 -54.09
CA ALA O 284 40.08 69.21 -54.98
C ALA O 284 40.57 70.23 -56.00
N LYS O 285 41.60 71.01 -55.66
CA LYS O 285 42.13 72.01 -56.57
C LYS O 285 43.06 71.43 -57.63
N GLU O 286 43.32 70.12 -57.59
CA GLU O 286 44.19 69.47 -58.56
C GLU O 286 43.53 68.33 -59.31
N GLY O 287 42.33 67.92 -58.93
CA GLY O 287 41.65 66.84 -59.61
C GLY O 287 42.19 65.47 -59.25
N ILE O 288 42.18 65.15 -57.95
CA ILE O 288 42.67 63.88 -57.44
C ILE O 288 41.54 63.20 -56.69
N VAL O 289 41.31 61.92 -57.01
CA VAL O 289 40.25 61.17 -56.35
C VAL O 289 40.65 60.90 -54.90
N ALA O 290 39.75 61.24 -53.97
CA ALA O 290 39.99 61.05 -52.55
C ALA O 290 39.18 59.87 -52.05
N ALA O 291 39.86 58.95 -51.36
CA ALA O 291 39.20 57.77 -50.80
C ALA O 291 39.84 57.43 -49.46
N ARG O 292 39.13 56.64 -48.66
CA ARG O 292 39.60 56.27 -47.35
C ARG O 292 39.00 54.92 -46.96
N ARG O 293 39.60 54.29 -45.95
CA ARG O 293 39.15 53.01 -45.42
C ARG O 293 39.12 51.94 -46.51
N VAL O 294 40.29 51.40 -46.84
CA VAL O 294 40.42 50.35 -47.86
C VAL O 294 40.73 49.04 -47.14
N LYS O 295 39.85 48.05 -47.31
CA LYS O 295 40.05 46.76 -46.69
C LYS O 295 41.20 46.01 -47.36
N LYS O 296 41.88 45.17 -46.58
CA LYS O 296 43.00 44.39 -47.12
C LYS O 296 42.53 43.45 -48.22
N SER O 297 41.33 42.88 -48.07
CA SER O 297 40.80 41.99 -49.11
C SER O 297 40.55 42.74 -50.41
N ASP O 298 40.19 44.02 -50.33
CA ASP O 298 40.00 44.85 -51.51
C ASP O 298 41.28 45.51 -51.97
N MET O 299 42.29 45.61 -51.11
CA MET O 299 43.57 46.22 -51.47
C MET O 299 44.51 45.22 -52.13
N GLU O 300 44.44 43.95 -51.76
CA GLU O 300 45.31 42.95 -52.36
C GLU O 300 45.00 42.71 -53.84
N LYS O 301 43.81 43.09 -54.30
CA LYS O 301 43.43 42.92 -55.69
C LYS O 301 43.89 44.08 -56.58
N LEU O 302 44.71 44.98 -56.05
CA LEU O 302 45.20 46.12 -56.83
C LEU O 302 46.62 45.94 -57.33
N ALA O 303 47.43 45.09 -56.69
CA ALA O 303 48.80 44.87 -57.12
C ALA O 303 48.91 43.90 -58.28
N LYS O 304 47.98 42.95 -58.39
CA LYS O 304 47.99 41.97 -59.47
C LYS O 304 47.12 42.37 -60.65
N ALA O 305 46.34 43.44 -60.53
CA ALA O 305 45.47 43.90 -61.60
C ALA O 305 45.96 45.19 -62.23
N THR O 306 46.11 46.26 -61.44
CA THR O 306 46.58 47.53 -61.98
C THR O 306 48.10 47.53 -62.15
N GLY O 307 48.82 46.96 -61.19
CA GLY O 307 50.27 46.92 -61.26
C GLY O 307 50.94 48.06 -60.52
N ALA O 308 50.98 47.97 -59.19
CA ALA O 308 51.59 49.00 -58.37
C ALA O 308 52.09 48.37 -57.08
N ASN O 309 53.08 49.02 -56.46
CA ASN O 309 53.66 48.56 -55.20
C ASN O 309 53.09 49.36 -54.04
N VAL O 310 53.56 49.04 -52.84
CA VAL O 310 53.12 49.71 -51.62
C VAL O 310 54.30 50.50 -51.04
N ILE O 311 53.95 51.52 -50.26
CA ILE O 311 54.93 52.38 -49.62
C ILE O 311 54.67 52.35 -48.12
N THR O 312 55.67 51.90 -47.36
CA THR O 312 55.54 51.81 -45.91
C THR O 312 55.66 53.17 -45.22
N ASN O 313 56.26 54.16 -45.89
CA ASN O 313 56.41 55.48 -45.30
C ASN O 313 55.66 56.53 -46.11
N ILE O 314 56.31 57.66 -46.40
CA ILE O 314 55.69 58.73 -47.16
C ILE O 314 56.72 59.31 -48.12
N LYS O 315 58.00 59.26 -47.73
CA LYS O 315 59.09 59.77 -48.55
C LYS O 315 59.69 58.72 -49.48
N ASP O 316 59.13 57.51 -49.51
CA ASP O 316 59.62 56.43 -50.36
C ASP O 316 58.84 56.31 -51.66
N LEU O 317 58.09 57.34 -52.03
CA LEU O 317 57.30 57.34 -53.26
C LEU O 317 58.05 58.10 -54.35
N SER O 318 58.21 57.46 -55.50
CA SER O 318 58.91 58.08 -56.63
C SER O 318 58.03 58.08 -57.87
N ALA O 319 58.37 57.25 -58.86
CA ALA O 319 57.62 57.17 -60.09
C ALA O 319 57.31 55.74 -60.53
N GLN O 320 58.07 54.75 -60.09
CA GLN O 320 57.82 53.37 -60.47
C GLN O 320 56.78 52.69 -59.60
N ASP O 321 56.39 53.30 -58.48
CA ASP O 321 55.38 52.74 -57.59
C ASP O 321 53.97 53.25 -57.89
N LEU O 322 53.66 53.45 -59.17
CA LEU O 322 52.36 53.93 -59.59
C LEU O 322 51.70 52.93 -60.52
N GLY O 323 50.38 52.99 -60.61
CA GLY O 323 49.62 52.09 -61.46
C GLY O 323 48.89 52.81 -62.58
N ASP O 324 47.84 52.19 -63.10
CA ASP O 324 47.05 52.77 -64.17
C ASP O 324 45.62 52.25 -64.07
N ALA O 325 44.67 53.14 -64.30
CA ALA O 325 43.25 52.79 -64.23
C ALA O 325 42.50 53.32 -65.45
N GLY O 326 41.17 53.25 -65.40
CA GLY O 326 40.36 53.73 -66.50
C GLY O 326 39.34 54.78 -66.08
N LEU O 327 38.35 54.37 -65.28
CA LEU O 327 37.32 55.30 -64.83
C LEU O 327 36.90 54.92 -63.42
N VAL O 328 37.03 55.85 -62.48
CA VAL O 328 36.64 55.65 -61.09
C VAL O 328 35.35 56.42 -60.85
N GLU O 329 34.31 55.72 -60.40
CA GLU O 329 33.01 56.33 -60.16
C GLU O 329 32.47 55.85 -58.81
N GLU O 330 31.59 56.67 -58.24
CA GLU O 330 30.94 56.37 -56.96
C GLU O 330 29.44 56.56 -57.15
N ARG O 331 28.75 55.47 -57.45
CA ARG O 331 27.30 55.49 -57.68
C ARG O 331 26.57 54.90 -56.48
N LYS O 332 25.33 55.36 -56.28
CA LYS O 332 24.47 54.88 -55.20
C LYS O 332 23.48 53.90 -55.79
N ILE O 333 23.84 52.62 -55.79
CA ILE O 333 23.02 51.56 -56.35
C ILE O 333 22.66 50.58 -55.24
N SER O 334 21.39 50.14 -55.23
CA SER O 334 20.88 49.20 -54.24
C SER O 334 21.04 49.74 -52.82
N GLY O 335 20.74 51.03 -52.64
CA GLY O 335 20.81 51.65 -51.32
C GLY O 335 22.19 52.16 -50.96
N ASP O 336 23.11 51.24 -50.73
CA ASP O 336 24.46 51.61 -50.32
C ASP O 336 25.23 52.21 -51.51
N SER O 337 26.35 52.84 -51.20
CA SER O 337 27.22 53.46 -52.19
C SER O 337 28.50 52.66 -52.31
N MET O 338 28.89 52.33 -53.54
CA MET O 338 30.09 51.55 -53.80
C MET O 338 30.93 52.26 -54.85
N ILE O 339 32.22 51.93 -54.85
CA ILE O 339 33.18 52.53 -55.77
C ILE O 339 33.50 51.53 -56.87
N PHE O 340 33.35 51.95 -58.12
CA PHE O 340 33.60 51.10 -59.28
C PHE O 340 34.78 51.68 -60.05
N VAL O 341 35.81 50.86 -60.24
CA VAL O 341 36.99 51.23 -61.03
C VAL O 341 37.01 50.34 -62.25
N GLU O 342 36.69 50.92 -63.41
CA GLU O 342 36.62 50.18 -64.67
C GLU O 342 37.87 50.44 -65.50
N GLU O 343 38.16 49.48 -66.39
CA GLU O 343 39.31 49.52 -67.28
C GLU O 343 40.61 49.56 -66.49
N CYS O 344 41.13 48.39 -66.14
CA CYS O 344 42.38 48.31 -65.39
C CYS O 344 43.55 48.05 -66.34
N LYS O 345 44.06 46.82 -66.35
CA LYS O 345 45.17 46.46 -67.21
C LYS O 345 45.19 44.96 -67.47
N HIS O 346 45.19 44.16 -66.40
CA HIS O 346 45.20 42.71 -66.48
C HIS O 346 43.92 42.18 -65.85
N PRO O 347 42.87 41.95 -66.65
CA PRO O 347 41.62 41.42 -66.08
C PRO O 347 41.74 39.95 -65.68
N LYS O 348 42.33 39.70 -64.51
CA LYS O 348 42.48 38.33 -64.05
C LYS O 348 41.19 37.79 -63.43
N ALA O 349 40.79 38.36 -62.30
CA ALA O 349 39.58 37.95 -61.60
C ALA O 349 38.39 38.78 -62.09
N VAL O 350 37.22 38.51 -61.50
CA VAL O 350 36.00 39.20 -61.86
C VAL O 350 35.12 39.28 -60.62
N THR O 351 34.20 40.26 -60.62
CA THR O 351 33.30 40.50 -59.50
C THR O 351 31.86 40.30 -59.94
N MET O 352 31.09 39.58 -59.13
CA MET O 352 29.68 39.31 -59.40
C MET O 352 28.85 39.87 -58.26
N LEU O 353 27.84 40.68 -58.61
CA LEU O 353 26.95 41.29 -57.63
C LEU O 353 25.53 40.79 -57.87
N ILE O 354 24.87 40.36 -56.80
CA ILE O 354 23.51 39.84 -56.86
C ILE O 354 22.61 40.75 -56.04
N ARG O 355 21.51 41.20 -56.64
CA ARG O 355 20.55 42.09 -55.99
C ARG O 355 19.19 41.40 -55.98
N GLY O 356 18.60 41.26 -54.80
CA GLY O 356 17.31 40.62 -54.63
C GLY O 356 16.33 41.55 -53.93
N THR O 357 15.41 40.93 -53.19
CA THR O 357 14.39 41.68 -52.46
C THR O 357 14.71 41.77 -50.98
N THR O 358 14.52 40.66 -50.26
CA THR O 358 14.77 40.65 -48.82
C THR O 358 16.24 40.42 -48.52
N GLU O 359 16.52 39.58 -47.52
CA GLU O 359 17.90 39.29 -47.12
C GLU O 359 18.28 37.82 -47.25
N HIS O 360 17.31 36.91 -47.29
CA HIS O 360 17.59 35.48 -47.42
C HIS O 360 17.67 35.03 -48.87
N VAL O 361 17.28 35.86 -49.83
CA VAL O 361 17.36 35.47 -51.23
C VAL O 361 18.78 35.61 -51.75
N ILE O 362 19.43 36.75 -51.47
CA ILE O 362 20.80 36.97 -51.92
C ILE O 362 21.72 35.91 -51.34
N GLU O 363 21.55 35.59 -50.06
CA GLU O 363 22.34 34.53 -49.45
C GLU O 363 22.09 33.20 -50.15
N GLU O 364 20.87 32.98 -50.64
CA GLU O 364 20.58 31.77 -51.40
C GLU O 364 21.43 31.70 -52.65
N VAL O 365 21.77 32.85 -53.24
CA VAL O 365 22.67 32.86 -54.39
C VAL O 365 24.12 32.73 -53.94
N ALA O 366 24.43 33.13 -52.71
CA ALA O 366 25.80 33.04 -52.21
C ALA O 366 26.27 31.59 -52.15
N ARG O 367 25.38 30.66 -51.83
CA ARG O 367 25.69 29.24 -51.83
C ARG O 367 25.47 28.59 -53.19
N ALA O 368 25.19 29.38 -54.23
CA ALA O 368 24.96 28.86 -55.57
C ALA O 368 26.06 29.22 -56.56
N VAL O 369 26.73 30.35 -56.38
CA VAL O 369 27.80 30.75 -57.30
C VAL O 369 29.04 29.89 -57.10
N ASP O 370 29.42 29.67 -55.84
CA ASP O 370 30.61 28.85 -55.55
C ASP O 370 30.43 27.42 -56.04
N ASP O 371 29.20 26.92 -56.06
CA ASP O 371 28.93 25.58 -56.58
C ASP O 371 28.68 25.58 -58.08
N ALA O 372 28.74 26.75 -58.74
CA ALA O 372 28.53 26.83 -60.18
C ALA O 372 29.82 27.01 -60.96
N VAL O 373 30.86 27.54 -60.34
CA VAL O 373 32.14 27.74 -61.02
C VAL O 373 33.03 26.53 -60.78
N GLY O 374 32.83 25.85 -59.64
CA GLY O 374 33.62 24.68 -59.33
C GLY O 374 33.45 23.56 -60.32
N VAL O 375 32.28 23.47 -60.97
CA VAL O 375 32.06 22.45 -61.99
C VAL O 375 32.56 22.88 -63.35
N VAL O 376 33.12 24.08 -63.48
CA VAL O 376 33.64 24.56 -64.76
C VAL O 376 35.15 24.37 -64.84
N GLY O 377 35.87 24.72 -63.77
CA GLY O 377 37.31 24.55 -63.78
C GLY O 377 37.76 23.11 -63.93
N CYS O 378 36.93 22.17 -63.47
CA CYS O 378 37.22 20.75 -63.62
C CYS O 378 36.73 20.20 -64.95
N THR O 379 36.18 21.04 -65.83
CA THR O 379 35.69 20.60 -67.13
C THR O 379 36.74 20.80 -68.23
N ILE O 380 37.38 21.96 -68.27
CA ILE O 380 38.39 22.22 -69.29
C ILE O 380 39.65 21.41 -69.01
N GLU O 381 40.03 21.29 -67.74
CA GLU O 381 41.24 20.54 -67.39
C GLU O 381 41.05 19.05 -67.62
N ASP O 382 39.81 18.55 -67.54
CA ASP O 382 39.54 17.13 -67.75
C ASP O 382 38.87 16.90 -69.10
N GLY O 383 37.55 17.02 -69.15
CA GLY O 383 36.80 16.83 -70.36
C GLY O 383 36.08 15.50 -70.49
N ARG O 384 36.00 14.72 -69.42
CA ARG O 384 35.31 13.43 -69.45
C ARG O 384 33.87 13.60 -68.95
N ILE O 385 33.11 14.37 -69.72
CA ILE O 385 31.72 14.64 -69.38
C ILE O 385 30.88 13.41 -69.68
N VAL O 386 30.14 12.94 -68.67
CA VAL O 386 29.29 11.78 -68.82
C VAL O 386 27.82 12.22 -68.85
N SER O 387 26.90 11.26 -68.93
CA SER O 387 25.47 11.54 -68.97
C SER O 387 24.95 11.61 -67.53
N GLY O 388 24.56 12.81 -67.11
CA GLY O 388 24.05 13.01 -65.76
C GLY O 388 22.58 12.65 -65.65
N GLY O 389 22.05 12.89 -64.45
CA GLY O 389 20.65 12.61 -64.18
C GLY O 389 20.37 11.21 -63.68
N GLY O 390 21.35 10.55 -63.06
CA GLY O 390 21.15 9.21 -62.57
C GLY O 390 21.21 8.14 -63.63
N SER O 391 22.09 8.27 -64.61
CA SER O 391 22.22 7.30 -65.68
C SER O 391 23.51 6.47 -65.60
N THR O 392 24.53 6.96 -64.90
CA THR O 392 25.77 6.20 -64.79
C THR O 392 25.63 5.02 -63.83
N GLU O 393 24.89 5.22 -62.73
CA GLU O 393 24.71 4.14 -61.76
C GLU O 393 23.91 2.99 -62.38
N VAL O 394 22.85 3.30 -63.12
CA VAL O 394 22.06 2.26 -63.77
C VAL O 394 22.88 1.54 -64.82
N GLU O 395 23.77 2.25 -65.51
CA GLU O 395 24.60 1.63 -66.53
C GLU O 395 25.64 0.71 -65.90
N LEU O 396 26.22 1.12 -64.76
CA LEU O 396 27.21 0.29 -64.10
C LEU O 396 26.57 -0.90 -63.38
N SER O 397 25.31 -0.76 -62.98
CA SER O 397 24.63 -1.88 -62.32
C SER O 397 24.38 -3.03 -63.29
N MET O 398 24.11 -2.73 -64.56
CA MET O 398 23.91 -3.78 -65.55
C MET O 398 25.21 -4.47 -65.92
N LYS O 399 26.36 -3.83 -65.71
CA LYS O 399 27.66 -4.41 -66.00
C LYS O 399 28.25 -5.17 -64.82
N LEU O 400 28.03 -4.70 -63.59
CA LEU O 400 28.55 -5.41 -62.43
C LEU O 400 27.90 -6.76 -62.26
N ARG O 401 26.62 -6.90 -62.62
CA ARG O 401 25.93 -8.17 -62.48
C ARG O 401 26.58 -9.24 -63.37
N GLU O 402 26.94 -8.88 -64.60
CA GLU O 402 27.59 -9.83 -65.49
C GLU O 402 29.09 -9.95 -65.23
N TYR O 403 29.69 -8.96 -64.58
CA TYR O 403 31.10 -9.06 -64.22
C TYR O 403 31.32 -9.94 -62.99
N ALA O 404 30.37 -9.96 -62.06
CA ALA O 404 30.51 -10.77 -60.86
C ALA O 404 30.30 -12.26 -61.11
N GLU O 405 29.87 -12.64 -62.32
CA GLU O 405 29.65 -14.04 -62.65
C GLU O 405 30.95 -14.79 -62.95
N GLY O 406 32.03 -14.08 -63.24
CA GLY O 406 33.30 -14.71 -63.55
C GLY O 406 34.11 -15.17 -62.36
N ILE O 407 33.66 -14.85 -61.14
CA ILE O 407 34.36 -15.23 -59.93
C ILE O 407 33.48 -16.20 -59.14
N SER O 408 34.14 -17.00 -58.29
CA SER O 408 33.46 -17.98 -57.46
C SER O 408 33.89 -17.78 -56.02
N GLY O 409 32.95 -17.90 -55.09
CA GLY O 409 33.23 -17.73 -53.69
C GLY O 409 32.19 -16.82 -53.04
N ARG O 410 32.45 -16.47 -51.78
CA ARG O 410 31.56 -15.61 -51.03
C ARG O 410 31.70 -14.14 -51.40
N GLU O 411 32.69 -13.78 -52.22
CA GLU O 411 32.88 -12.39 -52.62
C GLU O 411 31.90 -11.95 -53.69
N GLN O 412 31.16 -12.87 -54.31
CA GLN O 412 30.19 -12.48 -55.32
C GLN O 412 28.98 -11.79 -54.70
N LEU O 413 28.59 -12.19 -53.50
CA LEU O 413 27.46 -11.54 -52.83
C LEU O 413 27.78 -10.10 -52.47
N ALA O 414 29.04 -9.79 -52.19
CA ALA O 414 29.42 -8.42 -51.90
C ALA O 414 29.35 -7.55 -53.15
N VAL O 415 29.81 -8.07 -54.29
CA VAL O 415 29.74 -7.32 -55.53
C VAL O 415 28.29 -7.13 -55.95
N ARG O 416 27.47 -8.17 -55.79
CA ARG O 416 26.04 -8.04 -56.12
C ARG O 416 25.36 -7.02 -55.22
N ALA O 417 25.71 -7.01 -53.94
CA ALA O 417 25.13 -6.03 -53.02
C ALA O 417 25.56 -4.61 -53.39
N PHE O 418 26.83 -4.43 -53.74
CA PHE O 418 27.31 -3.11 -54.15
C PHE O 418 26.64 -2.66 -55.44
N ALA O 419 26.36 -3.60 -56.34
CA ALA O 419 25.68 -3.24 -57.58
C ALA O 419 24.21 -2.88 -57.32
N ASP O 420 23.55 -3.61 -56.44
CA ASP O 420 22.15 -3.32 -56.13
C ASP O 420 22.00 -2.04 -55.33
N ALA O 421 23.02 -1.67 -54.55
CA ALA O 421 22.95 -0.44 -53.76
C ALA O 421 23.09 0.80 -54.62
N LEU O 422 23.62 0.68 -55.85
CA LEU O 422 23.75 1.83 -56.73
C LEU O 422 22.42 2.30 -57.30
N GLU O 423 21.36 1.52 -57.15
CA GLU O 423 20.04 1.90 -57.64
C GLU O 423 19.27 2.79 -56.68
N VAL O 424 19.93 3.33 -55.65
CA VAL O 424 19.25 4.19 -54.69
C VAL O 424 19.13 5.63 -55.21
N ILE O 425 20.00 6.04 -56.13
CA ILE O 425 19.96 7.39 -56.70
C ILE O 425 18.68 7.60 -57.51
N PRO O 426 18.29 6.69 -58.43
CA PRO O 426 17.03 6.92 -59.14
C PRO O 426 15.81 6.80 -58.25
N ARG O 427 15.88 6.03 -57.17
CA ARG O 427 14.74 5.94 -56.25
C ARG O 427 14.59 7.22 -55.43
N THR O 428 15.70 7.90 -55.13
CA THR O 428 15.62 9.16 -54.39
C THR O 428 15.29 10.33 -55.30
N LEU O 429 15.76 10.31 -56.56
CA LEU O 429 15.44 11.38 -57.49
C LEU O 429 14.00 11.31 -57.98
N ALA O 430 13.36 10.15 -57.90
CA ALA O 430 11.97 10.00 -58.31
C ALA O 430 11.00 9.98 -57.14
N GLU O 431 11.50 9.97 -55.90
CA GLU O 431 10.61 9.98 -54.74
C GLU O 431 9.92 11.33 -54.57
N ASN O 432 10.56 12.41 -55.03
CA ASN O 432 9.97 13.74 -54.90
C ASN O 432 8.72 13.90 -55.75
N ALA O 433 8.51 13.06 -56.75
CA ALA O 433 7.35 13.12 -57.61
C ALA O 433 6.27 12.15 -57.13
N GLY O 434 5.10 12.27 -57.73
CA GLY O 434 3.97 11.42 -57.35
C GLY O 434 3.63 10.39 -58.40
N LEU O 435 3.91 10.70 -59.66
CA LEU O 435 3.62 9.80 -60.77
C LEU O 435 4.80 8.89 -61.13
N ASP O 436 5.78 8.77 -60.24
CA ASP O 436 6.96 7.93 -60.48
C ASP O 436 6.86 6.63 -59.69
N ALA O 437 6.83 6.71 -58.37
CA ALA O 437 6.74 5.54 -57.49
C ALA O 437 7.87 4.54 -57.76
N ILE O 438 7.57 3.49 -58.52
CA ILE O 438 8.55 2.45 -58.82
C ILE O 438 8.57 2.05 -60.29
N GLU O 439 7.57 2.45 -61.08
CA GLU O 439 7.52 2.05 -62.48
C GLU O 439 8.67 2.69 -63.27
N ILE O 440 9.11 3.88 -62.87
CA ILE O 440 10.20 4.55 -63.58
C ILE O 440 11.48 3.74 -63.50
N LEU O 441 11.77 3.19 -62.31
CA LEU O 441 12.99 2.40 -62.15
C LEU O 441 12.93 1.12 -62.97
N VAL O 442 11.74 0.53 -63.12
CA VAL O 442 11.60 -0.68 -63.92
C VAL O 442 11.72 -0.35 -65.41
N LYS O 443 11.22 0.82 -65.82
CA LYS O 443 11.27 1.18 -67.23
C LYS O 443 12.68 1.58 -67.66
N VAL O 444 13.42 2.27 -66.77
CA VAL O 444 14.78 2.68 -67.11
C VAL O 444 15.78 1.56 -66.97
N ARG O 445 15.39 0.41 -66.42
CA ARG O 445 16.29 -0.72 -66.24
C ARG O 445 16.35 -1.61 -67.48
N ALA O 446 15.21 -1.92 -68.08
CA ALA O 446 15.16 -2.76 -69.26
C ALA O 446 15.45 -1.98 -70.55
N ALA O 447 15.59 -0.66 -70.48
CA ALA O 447 15.85 0.13 -71.67
C ALA O 447 17.31 0.03 -72.11
N HIS O 448 18.23 -0.13 -71.17
CA HIS O 448 19.65 -0.23 -71.46
C HIS O 448 20.11 -1.67 -71.68
N ALA O 449 19.17 -2.59 -71.93
CA ALA O 449 19.51 -3.99 -72.15
C ALA O 449 19.88 -4.30 -73.60
N SER O 450 19.81 -3.31 -74.49
CA SER O 450 20.14 -3.53 -75.89
C SER O 450 21.61 -3.22 -76.14
N ASN O 451 21.93 -2.72 -77.34
CA ASN O 451 23.32 -2.39 -77.68
C ASN O 451 23.66 -0.99 -77.22
N GLY O 452 23.05 0.03 -77.83
CA GLY O 452 23.30 1.41 -77.47
C GLY O 452 22.43 1.90 -76.33
N ASN O 453 21.83 3.07 -76.51
CA ASN O 453 20.95 3.68 -75.52
C ASN O 453 21.66 3.85 -74.19
N LYS O 454 22.46 4.91 -74.06
CA LYS O 454 23.21 5.19 -72.85
C LYS O 454 22.94 6.56 -72.27
N CYS O 455 22.70 7.57 -73.11
CA CYS O 455 22.46 8.92 -72.63
C CYS O 455 21.08 9.10 -71.99
N ALA O 456 20.22 8.09 -72.08
CA ALA O 456 18.88 8.19 -71.49
C ALA O 456 18.98 8.07 -69.96
N GLY O 457 18.17 8.86 -69.27
CA GLY O 457 18.15 8.84 -67.82
C GLY O 457 16.79 9.12 -67.23
N LEU O 458 16.67 10.23 -66.50
CA LEU O 458 15.40 10.60 -65.88
C LEU O 458 15.38 12.10 -65.65
N ASN O 459 14.27 12.75 -65.99
CA ASN O 459 14.09 14.18 -65.79
C ASN O 459 12.79 14.41 -65.05
N VAL O 460 12.85 15.25 -64.01
CA VAL O 460 11.67 15.54 -63.20
C VAL O 460 10.81 16.66 -63.78
N PHE O 461 11.14 17.16 -64.95
CA PHE O 461 10.39 18.23 -65.59
C PHE O 461 9.49 17.75 -66.72
N THR O 462 9.27 16.44 -66.83
CA THR O 462 8.42 15.89 -67.88
C THR O 462 7.59 14.73 -67.35
N GLY O 463 8.25 13.63 -67.03
CA GLY O 463 7.55 12.45 -66.53
C GLY O 463 7.91 11.18 -67.28
N ALA O 464 8.16 11.31 -68.57
CA ALA O 464 8.52 10.17 -69.41
C ALA O 464 10.03 9.96 -69.36
N VAL O 465 10.57 9.17 -70.28
CA VAL O 465 12.00 8.89 -70.34
C VAL O 465 12.53 9.40 -71.69
N GLU O 466 13.71 10.01 -71.66
CA GLU O 466 14.35 10.53 -72.85
C GLU O 466 15.84 10.69 -72.57
N ASP O 467 16.56 11.21 -73.56
CA ASP O 467 17.99 11.44 -73.41
C ASP O 467 18.25 12.63 -72.51
N MET O 468 19.39 12.59 -71.81
CA MET O 468 19.78 13.65 -70.89
C MET O 468 20.75 14.65 -71.51
N CYS O 469 21.52 14.24 -72.52
CA CYS O 469 22.48 15.15 -73.13
C CYS O 469 21.80 16.18 -74.03
N GLU O 470 20.59 15.89 -74.52
CA GLU O 470 19.87 16.83 -75.38
C GLU O 470 19.07 17.85 -74.59
N ASN O 471 18.80 17.61 -73.30
CA ASN O 471 18.04 18.57 -72.50
C ASN O 471 18.94 19.68 -71.99
N GLY O 472 19.93 19.32 -71.17
CA GLY O 472 20.85 20.31 -70.62
C GLY O 472 21.50 19.87 -69.33
N VAL O 473 21.57 18.56 -69.10
CA VAL O 473 22.17 17.98 -67.91
C VAL O 473 23.44 17.26 -68.33
N VAL O 474 24.58 17.83 -67.96
CA VAL O 474 25.88 17.25 -68.30
C VAL O 474 26.77 17.25 -67.06
N GLU O 475 26.41 16.44 -66.08
CA GLU O 475 27.19 16.36 -64.84
C GLU O 475 28.55 15.72 -65.13
N PRO O 476 29.64 16.30 -64.63
CA PRO O 476 30.97 15.73 -64.90
C PRO O 476 31.20 14.39 -64.22
N LEU O 477 32.36 13.79 -64.47
CA LEU O 477 32.68 12.47 -63.92
C LEU O 477 33.46 12.55 -62.62
N ARG O 478 34.23 13.62 -62.41
CA ARG O 478 35.03 13.74 -61.20
C ARG O 478 34.15 13.80 -59.95
N VAL O 479 33.02 14.51 -60.04
CA VAL O 479 32.11 14.60 -58.91
C VAL O 479 31.49 13.26 -58.57
N LYS O 480 31.45 12.32 -59.52
CA LYS O 480 30.97 10.98 -59.26
C LYS O 480 32.08 10.06 -58.75
N THR O 481 33.27 10.15 -59.33
CA THR O 481 34.38 9.31 -58.88
C THR O 481 34.79 9.65 -57.45
N GLN O 482 34.88 10.94 -57.13
CA GLN O 482 35.23 11.33 -55.77
C GLN O 482 34.15 10.89 -54.77
N ALA O 483 32.88 10.99 -55.17
CA ALA O 483 31.80 10.56 -54.29
C ALA O 483 31.85 9.05 -54.06
N ILE O 484 32.12 8.27 -55.11
CA ILE O 484 32.22 6.82 -54.96
C ILE O 484 33.41 6.46 -54.08
N GLN O 485 34.54 7.16 -54.25
CA GLN O 485 35.71 6.90 -53.42
C GLN O 485 35.43 7.22 -51.96
N SER O 486 34.75 8.35 -51.70
CA SER O 486 34.43 8.70 -50.32
C SER O 486 33.45 7.71 -49.70
N ALA O 487 32.48 7.23 -50.49
CA ALA O 487 31.53 6.26 -49.98
C ALA O 487 32.20 4.92 -49.70
N ALA O 488 33.17 4.52 -50.53
CA ALA O 488 33.88 3.27 -50.30
C ALA O 488 34.87 3.38 -49.15
N GLU O 489 35.41 4.58 -48.88
CA GLU O 489 36.33 4.75 -47.77
C GLU O 489 35.59 4.91 -46.45
N SER O 490 34.39 5.49 -46.46
CA SER O 490 33.65 5.70 -45.21
C SER O 490 32.96 4.45 -44.73
N THR O 491 32.59 3.54 -45.65
CA THR O 491 31.90 2.32 -45.25
C THR O 491 32.83 1.29 -44.60
N GLU O 492 34.15 1.48 -44.71
CA GLU O 492 35.10 0.56 -44.11
C GLU O 492 35.61 1.01 -42.75
N MET O 493 35.36 2.26 -42.37
CA MET O 493 35.79 2.76 -41.07
C MET O 493 34.84 2.39 -39.94
N LEU O 494 33.73 1.72 -40.24
CA LEU O 494 32.75 1.32 -39.24
C LEU O 494 32.67 -0.18 -39.05
N LEU O 495 32.80 -0.96 -40.12
CA LEU O 495 32.75 -2.41 -40.01
C LEU O 495 34.01 -3.00 -39.39
N ARG O 496 35.12 -2.27 -39.41
CA ARG O 496 36.38 -2.72 -38.85
C ARG O 496 36.56 -2.28 -37.40
N ILE O 497 35.48 -1.99 -36.70
CA ILE O 497 35.54 -1.56 -35.30
C ILE O 497 35.16 -2.69 -34.35
N ASP O 498 34.05 -3.37 -34.64
CA ASP O 498 33.57 -4.49 -33.82
C ASP O 498 33.34 -4.06 -32.37
N ASP O 499 34.40 -4.09 -31.58
CA ASP O 499 34.33 -3.71 -30.17
C ASP O 499 34.76 -2.26 -29.98
N VAL O 500 34.38 -1.70 -28.84
CA VAL O 500 34.70 -0.32 -28.48
C VAL O 500 34.97 -0.26 -26.98
N ILE O 501 36.07 0.38 -26.61
CA ILE O 501 36.44 0.52 -25.20
C ILE O 501 36.49 1.99 -24.83
N ALA O 502 36.92 2.29 -23.61
CA ALA O 502 37.02 3.66 -23.13
C ALA O 502 38.23 3.78 -22.21
N ALA O 503 38.68 5.01 -21.99
CA ALA O 503 39.81 5.28 -21.14
C ALA O 503 39.67 6.67 -20.54
N GLU O 504 40.47 6.93 -19.50
CA GLU O 504 40.46 8.21 -18.81
C GLU O 504 41.69 9.05 -19.11
N LYS O 505 42.55 8.60 -20.03
CA LYS O 505 43.76 9.32 -20.40
C LYS O 505 43.52 10.13 -21.66
N LEU O 506 44.00 11.37 -21.65
CA LEU O 506 43.83 12.26 -22.79
C LEU O 506 44.69 11.78 -23.96
N ARG O 507 44.07 11.67 -25.14
CA ARG O 507 44.74 11.23 -26.36
C ARG O 507 45.39 9.86 -26.18
N MET P 1 36.66 -19.06 0.93
CA MET P 1 37.61 -17.95 0.88
C MET P 1 38.73 -18.24 -0.13
N GLY P 2 39.22 -19.48 -0.11
CA GLY P 2 40.29 -19.85 -1.02
C GLY P 2 39.83 -19.99 -2.46
N ARG P 3 38.56 -20.36 -2.66
CA ARG P 3 38.01 -20.52 -4.00
C ARG P 3 37.12 -19.37 -4.43
N ASP P 4 36.83 -18.42 -3.53
CA ASP P 4 35.99 -17.29 -3.87
C ASP P 4 36.81 -16.16 -4.49
N ALA P 5 37.91 -15.79 -3.82
CA ALA P 5 38.79 -14.72 -4.31
C ALA P 5 39.69 -15.17 -5.45
N GLN P 6 39.77 -16.47 -5.72
CA GLN P 6 40.62 -17.00 -6.79
C GLN P 6 39.94 -16.95 -8.16
N ARG P 7 38.65 -17.28 -8.23
CA ARG P 7 37.95 -17.24 -9.51
C ARG P 7 37.72 -15.80 -9.98
N MET P 8 37.52 -14.87 -9.05
CA MET P 8 37.31 -13.48 -9.44
C MET P 8 38.56 -12.89 -10.08
N ASN P 9 39.75 -13.25 -9.58
CA ASN P 9 40.98 -12.75 -10.16
C ASN P 9 41.19 -13.28 -11.57
N ILE P 10 40.72 -14.49 -11.86
CA ILE P 10 40.84 -15.04 -13.20
C ILE P 10 39.79 -14.44 -14.13
N LEU P 11 38.58 -14.21 -13.62
CA LEU P 11 37.54 -13.59 -14.44
C LEU P 11 37.87 -12.14 -14.77
N ALA P 12 38.54 -11.43 -13.86
CA ALA P 12 38.93 -10.05 -14.16
C ALA P 12 40.06 -10.00 -15.17
N GLY P 13 40.88 -11.05 -15.24
CA GLY P 13 41.96 -11.06 -16.21
C GLY P 13 41.54 -11.57 -17.58
N ARG P 14 40.56 -12.49 -17.63
CA ARG P 14 40.09 -13.00 -18.91
C ARG P 14 39.36 -11.92 -19.72
N ILE P 15 38.81 -10.90 -19.07
CA ILE P 15 38.13 -9.83 -19.80
C ILE P 15 39.15 -8.97 -20.54
N ILE P 16 40.23 -8.59 -19.86
CA ILE P 16 41.25 -7.76 -20.49
C ILE P 16 42.19 -8.58 -21.38
N ALA P 17 42.21 -9.90 -21.22
CA ALA P 17 43.07 -10.73 -22.06
C ALA P 17 42.46 -10.97 -23.44
N GLU P 18 41.13 -11.07 -23.51
CA GLU P 18 40.44 -11.29 -24.78
C GLU P 18 40.11 -10.00 -25.51
N THR P 19 40.55 -8.84 -25.00
CA THR P 19 40.24 -7.58 -25.67
C THR P 19 41.10 -7.41 -26.91
N VAL P 20 42.38 -7.77 -26.84
CA VAL P 20 43.30 -7.63 -27.96
C VAL P 20 43.35 -8.95 -28.74
N ARG P 21 42.32 -9.79 -28.58
CA ARG P 21 42.29 -11.06 -29.30
C ARG P 21 42.07 -10.85 -30.79
N SER P 22 41.17 -9.93 -31.15
CA SER P 22 40.88 -9.66 -32.56
C SER P 22 41.99 -8.88 -33.24
N THR P 23 42.79 -8.14 -32.49
CA THR P 23 43.88 -7.34 -33.04
C THR P 23 45.20 -8.11 -33.04
N LEU P 24 45.21 -9.26 -33.72
CA LEU P 24 46.40 -10.10 -33.81
C LEU P 24 46.78 -10.45 -35.24
N GLY P 25 45.81 -10.80 -36.08
CA GLY P 25 46.07 -11.14 -37.45
C GLY P 25 46.40 -9.93 -38.30
N PRO P 26 46.89 -10.17 -39.52
CA PRO P 26 47.22 -9.03 -40.40
C PRO P 26 46.00 -8.29 -40.92
N LYS P 27 44.87 -8.98 -41.09
CA LYS P 27 43.66 -8.34 -41.58
C LYS P 27 42.56 -8.36 -40.51
N GLY P 28 42.88 -7.86 -39.31
CA GLY P 28 41.92 -7.83 -38.23
C GLY P 28 41.26 -6.47 -38.08
N MET P 29 40.21 -6.44 -37.27
CA MET P 29 39.47 -5.21 -37.02
C MET P 29 40.25 -4.32 -36.06
N ASP P 30 39.95 -3.02 -36.14
CA ASP P 30 40.61 -2.03 -35.31
C ASP P 30 39.80 -1.80 -34.03
N LYS P 31 40.27 -0.85 -33.21
CA LYS P 31 39.62 -0.52 -31.95
C LYS P 31 39.39 0.99 -31.88
N MET P 32 38.16 1.38 -31.58
CA MET P 32 37.78 2.79 -31.44
C MET P 32 37.81 3.16 -29.97
N LEU P 33 38.65 4.12 -29.61
CA LEU P 33 38.81 4.56 -28.23
C LEU P 33 38.31 5.99 -28.10
N VAL P 34 37.40 6.21 -27.15
CA VAL P 34 36.84 7.53 -26.88
C VAL P 34 37.30 7.97 -25.49
N ASP P 35 37.25 9.28 -25.27
CA ASP P 35 37.64 9.90 -24.00
C ASP P 35 36.48 10.73 -23.47
N ASP P 36 36.71 11.33 -22.30
CA ASP P 36 35.68 12.17 -21.68
C ASP P 36 35.52 13.49 -22.39
N LEU P 37 36.62 14.06 -22.90
CA LEU P 37 36.53 15.33 -23.62
C LEU P 37 35.93 15.15 -25.01
N GLY P 38 36.07 13.96 -25.59
CA GLY P 38 35.54 13.70 -26.91
C GLY P 38 36.60 13.45 -27.95
N ASP P 39 37.62 12.68 -27.59
CA ASP P 39 38.72 12.36 -28.50
C ASP P 39 38.53 10.92 -29.00
N VAL P 40 38.07 10.79 -30.24
CA VAL P 40 37.83 9.49 -30.86
C VAL P 40 39.05 9.14 -31.69
N VAL P 41 39.76 8.08 -31.29
CA VAL P 41 40.95 7.62 -31.98
C VAL P 41 40.76 6.17 -32.41
N VAL P 42 41.55 5.75 -33.39
CA VAL P 42 41.51 4.40 -33.92
C VAL P 42 42.88 3.77 -33.73
N THR P 43 42.91 2.59 -33.12
CA THR P 43 44.16 1.87 -32.85
C THR P 43 44.04 0.46 -33.38
N ASN P 44 45.00 0.06 -34.21
CA ASN P 44 45.02 -1.27 -34.79
C ASN P 44 45.92 -2.25 -34.03
N ASP P 45 46.98 -1.76 -33.39
CA ASP P 45 47.90 -2.60 -32.66
C ASP P 45 47.32 -2.94 -31.28
N GLY P 46 48.11 -3.59 -30.45
CA GLY P 46 47.66 -3.97 -29.11
C GLY P 46 48.48 -3.33 -28.01
N VAL P 47 49.57 -2.66 -28.39
CA VAL P 47 50.41 -2.00 -27.39
C VAL P 47 49.72 -0.77 -26.81
N THR P 48 49.09 0.03 -27.68
CA THR P 48 48.38 1.21 -27.21
C THR P 48 47.11 0.85 -26.45
N ILE P 49 46.51 -0.31 -26.77
CA ILE P 49 45.29 -0.72 -26.09
C ILE P 49 45.57 -1.00 -24.62
N LEU P 50 46.72 -1.61 -24.31
CA LEU P 50 47.05 -1.93 -22.93
C LEU P 50 47.32 -0.67 -22.11
N ARG P 51 47.79 0.39 -22.75
CA ARG P 51 48.08 1.63 -22.02
C ARG P 51 46.79 2.37 -21.68
N GLU P 52 46.05 2.81 -22.69
CA GLU P 52 44.78 3.52 -22.49
C GLU P 52 43.70 2.48 -22.20
N MET P 53 43.63 2.06 -20.94
CA MET P 53 42.65 1.08 -20.51
C MET P 53 42.37 1.30 -19.03
N SER P 54 41.11 1.13 -18.64
CA SER P 54 40.70 1.29 -17.26
C SER P 54 41.37 0.25 -16.36
N VAL P 55 42.38 0.69 -15.60
CA VAL P 55 43.13 -0.20 -14.72
C VAL P 55 42.60 -0.06 -13.30
N GLU P 56 41.28 0.09 -13.16
CA GLU P 56 40.68 0.24 -11.84
C GLU P 56 40.74 -1.05 -11.02
N HIS P 57 40.87 -2.20 -11.68
CA HIS P 57 40.93 -3.46 -10.95
C HIS P 57 42.37 -3.89 -10.74
N PRO P 58 42.70 -4.41 -9.56
CA PRO P 58 44.09 -4.81 -9.30
C PRO P 58 44.58 -5.93 -10.21
N ALA P 59 43.69 -6.80 -10.67
CA ALA P 59 44.11 -7.90 -11.53
C ALA P 59 44.49 -7.41 -12.93
N ALA P 60 43.86 -6.33 -13.39
CA ALA P 60 44.15 -5.76 -14.71
C ALA P 60 45.23 -4.70 -14.65
N LYS P 61 46.39 -5.02 -14.04
CA LYS P 61 47.47 -4.06 -13.93
C LYS P 61 48.82 -4.78 -14.01
N MET P 62 48.94 -5.92 -13.32
CA MET P 62 50.20 -6.65 -13.33
C MET P 62 50.53 -7.19 -14.71
N LEU P 63 49.52 -7.70 -15.43
CA LEU P 63 49.75 -8.19 -16.78
C LEU P 63 50.21 -7.07 -17.71
N ILE P 64 49.61 -5.89 -17.58
CA ILE P 64 50.01 -4.76 -18.40
C ILE P 64 51.43 -4.31 -18.06
N GLU P 65 51.77 -4.31 -16.76
CA GLU P 65 53.11 -3.94 -16.35
C GLU P 65 54.15 -4.93 -16.86
N VAL P 66 53.81 -6.21 -16.88
CA VAL P 66 54.73 -7.21 -17.41
C VAL P 66 54.88 -7.06 -18.92
N ALA P 67 53.77 -6.79 -19.61
CA ALA P 67 53.83 -6.63 -21.07
C ALA P 67 54.60 -5.38 -21.47
N LYS P 68 54.54 -4.32 -20.66
CA LYS P 68 55.29 -3.10 -20.98
C LYS P 68 56.79 -3.34 -20.86
N THR P 69 57.22 -4.21 -19.95
CA THR P 69 58.64 -4.49 -19.82
C THR P 69 59.15 -5.35 -20.98
N GLN P 70 58.27 -6.15 -21.58
CA GLN P 70 58.68 -6.98 -22.71
C GLN P 70 58.58 -6.22 -24.04
N GLU P 71 57.67 -5.25 -24.13
CA GLU P 71 57.53 -4.48 -25.36
C GLU P 71 58.75 -3.62 -25.62
N LYS P 72 59.44 -3.18 -24.57
CA LYS P 72 60.63 -2.35 -24.71
C LYS P 72 61.87 -3.15 -25.13
N GLU P 73 61.74 -4.46 -25.34
CA GLU P 73 62.86 -5.30 -25.74
C GLU P 73 63.03 -5.34 -27.26
N VAL P 74 62.09 -5.95 -27.96
CA VAL P 74 62.16 -6.04 -29.42
C VAL P 74 60.94 -5.36 -30.03
N GLY P 75 59.85 -5.29 -29.27
CA GLY P 75 58.63 -4.65 -29.74
C GLY P 75 57.97 -5.39 -30.88
N ASP P 76 57.53 -6.63 -30.64
CA ASP P 76 56.88 -7.42 -31.67
C ASP P 76 56.00 -8.49 -31.05
N GLY P 77 56.46 -9.10 -29.96
CA GLY P 77 55.71 -10.14 -29.29
C GLY P 77 54.98 -9.67 -28.05
N THR P 78 54.10 -8.69 -28.20
CA THR P 78 53.34 -8.12 -27.09
C THR P 78 51.91 -8.62 -27.03
N THR P 79 51.17 -8.52 -28.13
CA THR P 79 49.79 -8.98 -28.14
C THR P 79 49.70 -10.50 -28.08
N THR P 80 50.57 -11.20 -28.81
CA THR P 80 50.55 -12.65 -28.80
C THR P 80 50.87 -13.20 -27.41
N ALA P 81 51.74 -12.52 -26.66
CA ALA P 81 52.03 -12.96 -25.30
C ALA P 81 50.80 -12.85 -24.41
N VAL P 82 50.05 -11.76 -24.53
CA VAL P 82 48.83 -11.61 -23.75
C VAL P 82 47.80 -12.65 -24.16
N VAL P 83 47.72 -12.96 -25.47
CA VAL P 83 46.78 -13.98 -25.92
C VAL P 83 47.13 -15.34 -25.36
N VAL P 84 48.43 -15.68 -25.37
CA VAL P 84 48.85 -16.97 -24.83
C VAL P 84 48.62 -17.03 -23.33
N ALA P 85 48.85 -15.92 -22.62
CA ALA P 85 48.60 -15.90 -21.18
C ALA P 85 47.11 -16.08 -20.88
N GLY P 86 46.25 -15.40 -21.64
CA GLY P 86 44.81 -15.58 -21.45
C GLY P 86 44.35 -16.99 -21.76
N GLU P 87 44.91 -17.60 -22.80
CA GLU P 87 44.57 -18.97 -23.13
C GLU P 87 45.01 -19.92 -22.03
N LEU P 88 46.21 -19.70 -21.48
CA LEU P 88 46.68 -20.53 -20.37
C LEU P 88 45.79 -20.38 -19.14
N LEU P 89 45.38 -19.14 -18.84
CA LEU P 89 44.50 -18.92 -17.70
C LEU P 89 43.15 -19.60 -17.90
N ARG P 90 42.59 -19.49 -19.11
CA ARG P 90 41.30 -20.12 -19.39
C ARG P 90 41.41 -21.64 -19.34
N LYS P 91 42.54 -22.20 -19.75
CA LYS P 91 42.71 -23.65 -19.71
C LYS P 91 42.92 -24.13 -18.28
N ALA P 92 43.64 -23.35 -17.46
CA ALA P 92 43.87 -23.73 -16.08
C ALA P 92 42.65 -23.50 -15.19
N GLU P 93 41.74 -22.62 -15.59
CA GLU P 93 40.53 -22.41 -14.80
C GLU P 93 39.66 -23.66 -14.78
N GLU P 94 39.58 -24.37 -15.91
CA GLU P 94 38.77 -25.58 -15.96
C GLU P 94 39.43 -26.72 -15.19
N LEU P 95 40.76 -26.73 -15.08
CA LEU P 95 41.45 -27.79 -14.36
C LEU P 95 41.30 -27.69 -12.86
N LEU P 96 40.72 -26.60 -12.35
CA LEU P 96 40.52 -26.43 -10.91
C LEU P 96 39.23 -27.07 -10.42
N ASP P 97 38.43 -27.66 -11.31
CA ASP P 97 37.19 -28.29 -10.90
C ASP P 97 37.40 -29.68 -10.32
N GLN P 98 38.59 -30.25 -10.45
CA GLN P 98 38.88 -31.58 -9.93
C GLN P 98 39.46 -31.55 -8.52
N ASN P 99 39.43 -30.39 -7.84
CA ASN P 99 39.93 -30.23 -6.48
C ASN P 99 41.41 -30.65 -6.40
N VAL P 100 42.24 -29.87 -7.10
CA VAL P 100 43.66 -30.13 -7.14
C VAL P 100 44.49 -29.00 -6.53
N HIS P 101 43.99 -27.75 -6.54
CA HIS P 101 44.61 -26.54 -6.01
C HIS P 101 45.89 -26.19 -6.77
N PRO P 102 46.16 -24.89 -6.98
CA PRO P 102 47.30 -24.51 -7.83
C PRO P 102 48.65 -24.78 -7.19
N THR P 103 49.36 -25.77 -7.71
CA THR P 103 50.72 -26.08 -7.27
C THR P 103 51.46 -26.92 -8.31
N ILE P 104 50.87 -28.07 -8.67
CA ILE P 104 51.52 -28.94 -9.65
C ILE P 104 51.45 -28.34 -11.04
N VAL P 105 50.46 -27.48 -11.30
CA VAL P 105 50.34 -26.86 -12.61
C VAL P 105 51.51 -25.91 -12.86
N VAL P 106 51.95 -25.20 -11.82
CA VAL P 106 53.09 -24.30 -11.96
C VAL P 106 54.36 -25.09 -12.28
N LYS P 107 54.56 -26.22 -11.59
CA LYS P 107 55.73 -27.05 -11.86
C LYS P 107 55.67 -27.63 -13.27
N GLY P 108 54.48 -28.04 -13.72
CA GLY P 108 54.34 -28.54 -15.08
C GLY P 108 54.64 -27.48 -16.12
N TYR P 109 54.17 -26.25 -15.89
CA TYR P 109 54.47 -25.17 -16.82
C TYR P 109 55.96 -24.84 -16.83
N GLN P 110 56.61 -24.85 -15.66
CA GLN P 110 58.04 -24.58 -15.60
C GLN P 110 58.84 -25.69 -16.29
N ALA P 111 58.38 -26.93 -16.20
CA ALA P 111 59.07 -28.02 -16.87
C ALA P 111 58.83 -27.99 -18.38
N ALA P 112 57.66 -27.55 -18.81
CA ALA P 112 57.37 -27.47 -20.24
C ALA P 112 58.03 -26.28 -20.91
N ALA P 113 58.24 -25.19 -20.18
CA ALA P 113 58.87 -24.01 -20.76
C ALA P 113 60.31 -24.29 -21.17
N GLN P 114 61.05 -25.01 -20.33
CA GLN P 114 62.43 -25.36 -20.67
C GLN P 114 62.49 -26.28 -21.88
N LYS P 115 61.57 -27.24 -21.95
CA LYS P 115 61.53 -28.14 -23.10
C LYS P 115 61.20 -27.37 -24.37
N ALA P 116 60.26 -26.43 -24.29
CA ALA P 116 59.91 -25.62 -25.46
C ALA P 116 61.08 -24.76 -25.89
N GLN P 117 61.80 -24.16 -24.94
CA GLN P 117 62.95 -23.34 -25.29
C GLN P 117 64.07 -24.19 -25.90
N GLU P 118 64.23 -25.43 -25.44
CA GLU P 118 65.24 -26.30 -26.03
C GLU P 118 64.84 -26.78 -27.42
N LEU P 119 63.54 -27.00 -27.65
CA LEU P 119 63.09 -27.44 -28.96
C LEU P 119 63.09 -26.30 -29.98
N LEU P 120 62.87 -25.07 -29.53
CA LEU P 120 62.88 -23.94 -30.46
C LEU P 120 64.28 -23.68 -31.02
N LYS P 121 65.32 -23.98 -30.25
CA LYS P 121 66.69 -23.77 -30.69
C LYS P 121 67.18 -24.85 -31.65
N THR P 122 66.38 -25.89 -31.90
CA THR P 122 66.76 -26.97 -32.80
C THR P 122 65.95 -27.01 -34.09
N ILE P 123 65.02 -26.08 -34.28
CA ILE P 123 64.19 -26.05 -35.49
C ILE P 123 64.52 -24.85 -36.36
N ALA P 124 65.65 -24.19 -36.11
CA ALA P 124 66.08 -23.03 -36.88
C ALA P 124 67.25 -23.39 -37.78
N CYS P 125 67.73 -22.39 -38.51
CA CYS P 125 68.85 -22.55 -39.43
C CYS P 125 69.93 -21.52 -39.09
N GLU P 126 70.95 -21.46 -39.94
CA GLU P 126 72.07 -20.54 -39.78
C GLU P 126 72.03 -19.50 -40.90
N VAL P 127 71.92 -18.23 -40.53
CA VAL P 127 71.87 -17.13 -41.47
C VAL P 127 73.11 -16.27 -41.24
N GLY P 128 74.01 -16.23 -42.22
CA GLY P 128 75.22 -15.46 -42.11
C GLY P 128 75.01 -14.00 -42.46
N ALA P 129 76.11 -13.26 -42.43
CA ALA P 129 76.08 -11.83 -42.74
C ALA P 129 76.30 -11.54 -44.22
N GLN P 130 76.60 -12.56 -45.03
CA GLN P 130 76.83 -12.35 -46.45
C GLN P 130 75.54 -12.43 -47.27
N ASP P 131 74.40 -12.63 -46.65
CA ASP P 131 73.13 -12.72 -47.37
C ASP P 131 72.57 -11.34 -47.64
N LYS P 132 71.56 -11.29 -48.51
CA LYS P 132 70.92 -10.03 -48.86
C LYS P 132 69.46 -10.27 -49.23
N GLU P 133 69.20 -11.33 -50.00
CA GLU P 133 67.84 -11.66 -50.39
C GLU P 133 67.01 -12.18 -49.23
N ILE P 134 67.65 -12.66 -48.17
CA ILE P 134 66.91 -13.15 -47.01
C ILE P 134 66.53 -12.01 -46.07
N LEU P 135 67.34 -10.95 -46.03
CA LEU P 135 67.10 -9.86 -45.09
C LEU P 135 65.97 -8.93 -45.49
N THR P 136 65.40 -9.10 -46.68
CA THR P 136 64.31 -8.25 -47.13
C THR P 136 62.93 -8.83 -46.87
N LYS P 137 62.82 -10.17 -46.78
CA LYS P 137 61.51 -10.77 -46.50
C LYS P 137 61.03 -10.45 -45.10
N ILE P 138 61.95 -10.38 -44.13
CA ILE P 138 61.56 -10.05 -42.76
C ILE P 138 61.07 -8.60 -42.68
N ALA P 139 61.67 -7.71 -43.47
CA ALA P 139 61.19 -6.33 -43.50
C ALA P 139 59.88 -6.20 -44.26
N MET P 140 59.68 -7.04 -45.28
CA MET P 140 58.42 -6.99 -46.02
C MET P 140 57.26 -7.52 -45.19
N THR P 141 57.48 -8.62 -44.44
CA THR P 141 56.42 -9.18 -43.61
C THR P 141 56.22 -8.43 -42.31
N SER P 142 57.08 -7.47 -41.99
CA SER P 142 56.94 -6.71 -40.75
C SER P 142 55.81 -5.69 -40.84
N ILE P 143 55.42 -5.28 -42.04
CA ILE P 143 54.34 -4.31 -42.22
C ILE P 143 53.15 -5.00 -42.87
N THR P 144 52.24 -5.53 -42.06
CA THR P 144 51.05 -6.20 -42.52
C THR P 144 49.78 -5.57 -41.98
N GLY P 145 49.62 -5.54 -40.66
CA GLY P 145 48.44 -4.92 -40.06
C GLY P 145 48.45 -3.41 -40.09
N LYS P 146 49.60 -2.80 -40.42
CA LYS P 146 49.67 -1.35 -40.47
C LYS P 146 48.99 -0.82 -41.73
N GLY P 147 49.43 -1.27 -42.90
CA GLY P 147 48.85 -0.84 -44.15
C GLY P 147 49.52 -1.46 -45.36
N ALA P 148 49.08 -2.67 -45.73
CA ALA P 148 49.65 -3.37 -46.87
C ALA P 148 49.13 -2.87 -48.22
N GLU P 149 48.24 -1.89 -48.22
CA GLU P 149 47.71 -1.36 -49.47
C GLU P 149 48.64 -0.32 -50.10
N LYS P 150 49.79 -0.04 -49.50
CA LYS P 150 50.74 0.92 -50.05
C LYS P 150 52.15 0.62 -49.57
N ALA P 151 52.29 -0.25 -48.58
CA ALA P 151 53.58 -0.63 -48.01
C ALA P 151 53.73 -2.15 -48.12
N LYS P 152 54.33 -2.60 -49.22
CA LYS P 152 54.56 -4.02 -49.44
C LYS P 152 55.70 -4.25 -50.42
N GLU P 153 56.14 -3.18 -51.08
CA GLU P 153 57.23 -3.29 -52.04
C GLU P 153 58.15 -2.09 -51.97
N LYS P 154 57.57 -0.89 -51.85
CA LYS P 154 58.38 0.32 -51.78
C LYS P 154 59.05 0.45 -50.41
N LEU P 155 58.36 0.06 -49.35
CA LEU P 155 58.90 0.13 -47.99
C LEU P 155 59.74 -1.09 -47.63
N ALA P 156 59.96 -2.02 -48.57
CA ALA P 156 60.74 -3.21 -48.30
C ALA P 156 62.12 -3.17 -48.96
N GLU P 157 62.44 -2.12 -49.71
CA GLU P 157 63.73 -2.01 -50.37
C GLU P 157 64.56 -0.83 -49.87
N ILE P 158 64.01 0.00 -49.00
CA ILE P 158 64.74 1.14 -48.45
C ILE P 158 65.15 0.95 -46.99
N ILE P 159 64.57 -0.04 -46.30
CA ILE P 159 64.96 -0.28 -44.91
C ILE P 159 66.22 -1.14 -44.86
N VAL P 160 66.32 -2.15 -45.72
CA VAL P 160 67.50 -3.01 -45.72
C VAL P 160 68.73 -2.24 -46.19
N GLU P 161 68.55 -1.37 -47.19
CA GLU P 161 69.67 -0.57 -47.68
C GLU P 161 70.10 0.50 -46.68
N ALA P 162 69.23 0.87 -45.74
CA ALA P 162 69.57 1.87 -44.74
C ALA P 162 70.16 1.27 -43.47
N VAL P 163 69.66 0.10 -43.05
CA VAL P 163 70.20 -0.53 -41.85
C VAL P 163 71.56 -1.17 -42.12
N SER P 164 71.70 -1.86 -43.25
CA SER P 164 72.96 -2.51 -43.60
C SER P 164 74.03 -1.48 -43.92
N ALA P 165 74.63 -0.89 -42.89
CA ALA P 165 75.69 0.11 -43.07
C ALA P 165 76.79 -0.09 -42.03
N VAL P 166 76.40 -0.20 -40.77
CA VAL P 166 77.32 -0.44 -39.68
C VAL P 166 77.05 -1.76 -38.96
N VAL P 167 76.04 -2.50 -39.37
CA VAL P 167 75.73 -3.78 -38.71
C VAL P 167 76.56 -4.91 -39.30
N ASP P 168 76.78 -4.89 -40.62
CA ASP P 168 77.56 -5.95 -41.25
C ASP P 168 79.04 -5.85 -40.86
N ASP P 169 79.53 -4.65 -40.58
CA ASP P 169 80.93 -4.50 -40.17
C ASP P 169 81.13 -4.92 -38.73
N GLU P 170 80.29 -4.44 -37.82
CA GLU P 170 80.35 -4.77 -36.40
C GLU P 170 79.06 -5.49 -36.03
N GLY P 171 79.13 -6.81 -35.90
CA GLY P 171 77.96 -7.59 -35.55
C GLY P 171 77.78 -7.79 -34.06
N LYS P 172 77.71 -6.68 -33.32
CA LYS P 172 77.55 -6.74 -31.87
C LYS P 172 76.89 -5.47 -31.35
N VAL P 173 77.49 -4.31 -31.64
CA VAL P 173 76.99 -3.01 -31.20
C VAL P 173 76.57 -2.23 -32.44
N ASP P 174 75.29 -1.90 -32.53
CA ASP P 174 74.75 -1.15 -33.66
C ASP P 174 73.65 -0.20 -33.20
N LYS P 175 73.86 0.45 -32.06
CA LYS P 175 72.88 1.38 -31.51
C LYS P 175 72.95 2.68 -32.28
N ASP P 176 71.93 2.95 -33.07
CA ASP P 176 71.82 4.16 -33.88
C ASP P 176 70.71 5.05 -33.34
N LEU P 177 70.54 6.21 -33.98
CA LEU P 177 69.52 7.19 -33.61
C LEU P 177 68.66 7.45 -34.83
N ILE P 178 67.51 6.78 -34.91
CA ILE P 178 66.57 6.92 -36.02
C ILE P 178 65.42 7.80 -35.54
N LYS P 179 65.17 8.88 -36.27
CA LYS P 179 64.10 9.83 -35.96
C LYS P 179 63.11 9.88 -37.11
N ILE P 180 61.83 9.74 -36.78
CA ILE P 180 60.76 9.77 -37.77
C ILE P 180 59.94 11.04 -37.53
N GLU P 181 59.83 11.86 -38.56
CA GLU P 181 59.10 13.12 -38.50
C GLU P 181 57.67 12.92 -39.00
N LYS P 182 56.71 13.51 -38.30
CA LYS P 182 55.30 13.40 -38.64
C LYS P 182 54.88 14.66 -39.39
N LYS P 183 54.92 14.60 -40.71
CA LYS P 183 54.53 15.72 -41.56
C LYS P 183 53.68 15.20 -42.71
N SER P 184 52.70 16.00 -43.13
CA SER P 184 51.81 15.64 -44.22
C SER P 184 52.33 16.20 -45.54
N GLY P 185 51.54 16.04 -46.59
CA GLY P 185 51.92 16.52 -47.91
C GLY P 185 50.75 16.58 -48.87
N ALA P 186 50.88 15.92 -50.03
CA ALA P 186 49.83 15.93 -51.03
C ALA P 186 49.86 14.64 -51.85
N SER P 187 50.99 13.94 -51.83
CA SER P 187 51.13 12.70 -52.58
C SER P 187 50.40 11.57 -51.87
N ILE P 188 50.33 10.41 -52.52
CA ILE P 188 49.67 9.24 -51.97
C ILE P 188 50.52 8.66 -50.84
N ASP P 189 51.71 8.17 -51.19
CA ASP P 189 52.62 7.58 -50.20
C ASP P 189 54.04 7.71 -50.76
N ASP P 190 54.80 8.64 -50.21
CA ASP P 190 56.17 8.89 -50.64
C ASP P 190 57.13 8.64 -49.47
N THR P 191 58.24 7.97 -49.76
CA THR P 191 59.25 7.64 -48.76
C THR P 191 60.60 8.16 -49.23
N GLU P 192 61.18 9.06 -48.45
CA GLU P 192 62.48 9.65 -48.75
C GLU P 192 63.50 9.18 -47.71
N LEU P 193 64.68 8.81 -48.20
CA LEU P 193 65.78 8.33 -47.35
C LEU P 193 66.93 9.33 -47.46
N ILE P 194 66.99 10.26 -46.51
CA ILE P 194 68.01 11.30 -46.53
C ILE P 194 69.32 10.74 -46.00
N LYS P 195 70.38 10.86 -46.80
CA LYS P 195 71.71 10.38 -46.40
C LYS P 195 72.55 11.53 -45.86
N GLY P 196 71.98 12.25 -44.91
CA GLY P 196 72.66 13.39 -44.30
C GLY P 196 71.97 13.93 -43.06
N VAL P 197 71.84 15.25 -43.00
CA VAL P 197 71.25 15.93 -41.85
C VAL P 197 69.97 16.64 -42.32
N LEU P 198 68.90 16.50 -41.53
CA LEU P 198 67.62 17.12 -41.82
C LEU P 198 67.26 18.04 -40.66
N VAL P 199 66.99 19.31 -40.98
CA VAL P 199 66.60 20.31 -39.99
C VAL P 199 65.18 20.76 -40.30
N ASP P 200 64.31 20.70 -39.30
CA ASP P 200 62.90 21.06 -39.46
C ASP P 200 62.68 22.44 -38.85
N LYS P 201 63.10 23.47 -39.59
CA LYS P 201 62.93 24.84 -39.15
C LYS P 201 63.01 25.76 -40.36
N GLU P 202 62.08 26.71 -40.44
CA GLU P 202 62.02 27.66 -41.54
C GLU P 202 62.69 28.97 -41.13
N ARG P 203 62.44 30.02 -41.89
CA ARG P 203 63.00 31.33 -41.61
C ARG P 203 61.90 32.38 -41.80
N VAL P 204 62.30 33.64 -41.93
CA VAL P 204 61.36 34.74 -42.11
C VAL P 204 61.95 35.74 -43.10
N SER P 205 63.27 35.70 -43.28
CA SER P 205 63.97 36.59 -44.18
C SER P 205 64.69 35.75 -45.23
N ALA P 206 64.12 35.68 -46.44
CA ALA P 206 64.70 34.89 -47.52
C ALA P 206 65.64 35.77 -48.34
N GLN P 207 66.75 36.17 -47.68
CA GLN P 207 67.76 37.00 -48.30
C GLN P 207 69.16 36.37 -48.21
N MET P 208 69.22 35.05 -48.04
CA MET P 208 70.49 34.35 -47.92
C MET P 208 70.56 33.23 -48.95
N PRO P 209 71.74 32.98 -49.53
CA PRO P 209 71.88 31.89 -50.50
C PRO P 209 71.65 30.53 -49.84
N LYS P 210 71.39 29.54 -50.69
CA LYS P 210 71.15 28.17 -50.22
C LYS P 210 71.83 27.15 -51.11
N LYS P 211 72.99 27.50 -51.68
CA LYS P 211 73.73 26.58 -52.55
C LYS P 211 75.22 26.95 -52.44
N VAL P 212 75.91 26.30 -51.50
CA VAL P 212 77.34 26.52 -51.27
C VAL P 212 78.04 25.18 -51.43
N THR P 213 79.11 25.17 -52.22
CA THR P 213 79.86 23.95 -52.48
C THR P 213 80.92 23.74 -51.41
N ASP P 214 81.08 22.48 -51.00
CA ASP P 214 82.05 22.04 -49.98
C ASP P 214 82.10 23.02 -48.80
N ALA P 215 80.92 23.36 -48.29
CA ALA P 215 80.83 24.25 -47.14
C ALA P 215 81.24 23.54 -45.86
N LYS P 216 81.60 24.32 -44.86
CA LYS P 216 82.02 23.81 -43.56
C LYS P 216 81.03 24.26 -42.48
N ILE P 217 80.65 23.32 -41.63
CA ILE P 217 79.68 23.59 -40.56
C ILE P 217 80.43 24.01 -39.30
N ALA P 218 80.02 25.14 -38.73
CA ALA P 218 80.62 25.66 -37.51
C ALA P 218 79.51 25.78 -36.45
N LEU P 219 79.67 25.05 -35.36
CA LEU P 219 78.67 25.04 -34.29
C LEU P 219 79.00 26.12 -33.28
N LEU P 220 78.11 27.10 -33.14
CA LEU P 220 78.26 28.19 -32.18
C LEU P 220 77.03 28.26 -31.31
N ASN P 221 77.23 28.32 -29.99
CA ASN P 221 76.12 28.38 -29.05
C ASN P 221 75.71 29.82 -28.80
N CYS P 222 75.51 30.19 -27.54
CA CYS P 222 75.09 31.53 -27.19
C CYS P 222 76.30 32.42 -26.92
N ALA P 223 76.11 33.46 -26.10
CA ALA P 223 77.18 34.41 -25.75
C ALA P 223 77.76 35.07 -27.01
N ILE P 224 76.87 35.44 -27.94
CA ILE P 224 77.27 36.08 -29.18
C ILE P 224 76.66 37.48 -29.31
N GLU P 225 75.39 37.64 -28.96
CA GLU P 225 74.73 38.92 -29.08
C GLU P 225 75.25 39.88 -28.00
N ILE P 226 74.73 41.11 -28.04
CA ILE P 226 75.17 42.13 -27.08
C ILE P 226 74.54 41.89 -25.73
N LYS P 227 73.26 41.50 -25.69
CA LYS P 227 72.54 41.26 -24.45
C LYS P 227 71.81 39.94 -24.54
N GLU P 228 72.20 38.97 -23.71
CA GLU P 228 71.55 37.67 -23.70
C GLU P 228 71.51 37.11 -22.28
N THR P 229 72.39 37.59 -21.41
CA THR P 229 72.44 37.14 -20.03
C THR P 229 72.33 38.32 -19.07
N GLU P 230 73.24 38.40 -18.10
CA GLU P 230 73.25 39.49 -17.13
C GLU P 230 74.70 39.82 -16.78
N THR P 231 74.88 40.97 -16.14
CA THR P 231 76.20 41.45 -15.74
C THR P 231 76.11 41.95 -14.30
N ASP P 232 76.98 41.40 -13.44
CA ASP P 232 76.98 41.81 -12.04
C ASP P 232 77.70 43.13 -11.84
N ALA P 233 78.85 43.31 -12.49
CA ALA P 233 79.64 44.54 -12.37
C ALA P 233 78.96 45.62 -13.20
N GLU P 234 78.27 46.53 -12.52
CA GLU P 234 77.58 47.61 -13.21
C GLU P 234 78.58 48.67 -13.68
N ILE P 235 78.18 49.40 -14.72
CA ILE P 235 79.00 50.45 -15.30
C ILE P 235 78.27 51.78 -15.16
N ARG P 236 79.00 52.85 -15.45
CA ARG P 236 78.47 54.21 -15.38
C ARG P 236 78.77 54.95 -16.68
N ILE P 237 78.19 56.14 -16.81
CA ILE P 237 78.37 56.97 -17.99
C ILE P 237 78.91 58.32 -17.55
N THR P 238 79.74 58.92 -18.41
CA THR P 238 80.33 60.23 -18.14
C THR P 238 79.99 61.22 -19.24
N ASP P 239 80.39 60.96 -20.48
CA ASP P 239 80.12 61.87 -21.59
C ASP P 239 79.15 61.22 -22.57
N PRO P 240 78.24 61.99 -23.17
CA PRO P 240 77.31 61.42 -24.15
C PRO P 240 77.98 60.89 -25.40
N ALA P 241 79.17 61.38 -25.75
CA ALA P 241 79.88 60.93 -26.93
C ALA P 241 80.62 59.61 -26.72
N LYS P 242 80.56 59.04 -25.51
CA LYS P 242 81.24 57.78 -25.20
C LYS P 242 80.34 56.57 -25.39
N LEU P 243 79.07 56.67 -24.98
CA LEU P 243 78.15 55.55 -25.13
C LEU P 243 77.89 55.25 -26.61
N MET P 244 77.71 56.29 -27.42
CA MET P 244 77.51 56.09 -28.85
C MET P 244 78.74 55.48 -29.50
N GLU P 245 79.94 55.92 -29.08
CA GLU P 245 81.17 55.34 -29.61
C GLU P 245 81.29 53.86 -29.23
N PHE P 246 80.95 53.52 -27.98
CA PHE P 246 81.01 52.13 -27.56
C PHE P 246 80.00 51.28 -28.34
N ILE P 247 78.80 51.82 -28.59
CA ILE P 247 77.80 51.08 -29.35
C ILE P 247 78.28 50.87 -30.78
N GLU P 248 78.87 51.90 -31.39
CA GLU P 248 79.39 51.75 -32.74
C GLU P 248 80.52 50.74 -32.80
N GLN P 249 81.39 50.73 -31.77
CA GLN P 249 82.48 49.76 -31.74
C GLN P 249 81.94 48.34 -31.60
N GLU P 250 80.96 48.14 -30.71
CA GLU P 250 80.38 46.81 -30.55
C GLU P 250 79.63 46.37 -31.79
N GLU P 251 79.07 47.32 -32.56
CA GLU P 251 78.39 46.95 -33.80
C GLU P 251 79.40 46.58 -34.88
N LYS P 252 80.50 47.33 -34.98
CA LYS P 252 81.52 47.03 -35.98
C LYS P 252 82.37 45.81 -35.62
N MET P 253 82.36 45.40 -34.34
CA MET P 253 83.10 44.21 -33.96
C MET P 253 82.58 42.96 -34.66
N LEU P 254 81.29 42.94 -35.01
CA LEU P 254 80.72 41.78 -35.69
C LEU P 254 81.37 41.56 -37.06
N LYS P 255 81.80 42.64 -37.72
CA LYS P 255 82.46 42.50 -39.02
C LYS P 255 83.73 41.67 -38.90
N ASP P 256 84.63 42.04 -37.98
CA ASP P 256 85.85 41.27 -37.79
C ASP P 256 85.56 39.91 -37.18
N MET P 257 84.50 39.78 -36.38
CA MET P 257 84.14 38.48 -35.84
C MET P 257 83.75 37.51 -36.95
N VAL P 258 82.99 37.98 -37.93
CA VAL P 258 82.63 37.12 -39.06
C VAL P 258 83.83 36.91 -39.98
N ALA P 259 84.69 37.92 -40.12
CA ALA P 259 85.88 37.76 -40.96
C ALA P 259 86.82 36.71 -40.40
N GLU P 260 86.93 36.63 -39.06
CA GLU P 260 87.78 35.61 -38.45
C GLU P 260 87.24 34.21 -38.73
N ILE P 261 85.92 34.04 -38.63
CA ILE P 261 85.31 32.73 -38.93
C ILE P 261 85.49 32.38 -40.40
N LYS P 262 85.40 33.38 -41.28
CA LYS P 262 85.60 33.13 -42.71
C LYS P 262 87.04 32.72 -43.00
N ALA P 263 88.01 33.38 -42.36
CA ALA P 263 89.40 33.04 -42.58
C ALA P 263 89.76 31.71 -41.93
N SER P 264 89.04 31.31 -40.88
CA SER P 264 89.32 30.02 -40.24
C SER P 264 88.88 28.85 -41.11
N GLY P 265 87.86 29.05 -41.95
CA GLY P 265 87.40 28.00 -42.82
C GLY P 265 86.03 27.47 -42.45
N ALA P 266 85.00 28.31 -42.56
CA ALA P 266 83.64 27.93 -42.23
C ALA P 266 82.67 28.74 -43.07
N ASN P 267 81.60 28.08 -43.52
CA ASN P 267 80.59 28.73 -44.34
C ASN P 267 79.16 28.46 -43.88
N VAL P 268 78.98 27.66 -42.82
CA VAL P 268 77.66 27.35 -42.29
C VAL P 268 77.62 27.78 -40.84
N LEU P 269 76.58 28.55 -40.48
CA LEU P 269 76.41 29.08 -39.13
C LEU P 269 75.15 28.47 -38.52
N PHE P 270 75.32 27.70 -37.44
CA PHE P 270 74.21 27.09 -36.72
C PHE P 270 74.19 27.65 -35.31
N CYS P 271 73.20 28.50 -35.02
CA CYS P 271 73.05 29.11 -33.71
C CYS P 271 71.86 28.51 -32.99
N GLN P 272 71.94 28.49 -31.65
CA GLN P 272 70.86 27.92 -30.85
C GLN P 272 69.64 28.84 -30.84
N LYS P 273 69.86 30.14 -30.67
CA LYS P 273 68.77 31.10 -30.64
C LYS P 273 68.48 31.63 -32.04
N GLY P 274 67.99 32.86 -32.13
CA GLY P 274 67.67 33.48 -33.40
C GLY P 274 68.72 34.50 -33.82
N ILE P 275 68.82 34.69 -35.14
CA ILE P 275 69.77 35.62 -35.73
C ILE P 275 69.03 36.89 -36.11
N ASP P 276 69.55 38.04 -35.70
CA ASP P 276 68.92 39.31 -36.00
C ASP P 276 69.02 39.62 -37.49
N ASP P 277 68.10 40.45 -37.97
CA ASP P 277 68.07 40.79 -39.39
C ASP P 277 69.25 41.67 -39.78
N LEU P 278 69.79 42.44 -38.83
CA LEU P 278 70.94 43.30 -39.13
C LEU P 278 72.22 42.50 -39.30
N ALA P 279 72.29 41.27 -38.80
CA ALA P 279 73.46 40.43 -38.92
C ALA P 279 73.41 39.52 -40.14
N GLN P 280 72.47 39.75 -41.05
CA GLN P 280 72.35 38.93 -42.25
C GLN P 280 73.20 39.44 -43.40
N HIS P 281 73.21 40.76 -43.61
CA HIS P 281 73.99 41.34 -44.71
C HIS P 281 75.48 41.02 -44.55
N TYR P 282 75.99 41.07 -43.31
CA TYR P 282 77.38 40.71 -43.07
C TYR P 282 77.67 39.25 -43.43
N LEU P 283 76.65 38.40 -43.45
CA LEU P 283 76.80 37.01 -43.87
C LEU P 283 76.51 36.82 -45.35
N ALA P 284 76.08 37.86 -46.06
CA ALA P 284 75.76 37.76 -47.48
C ALA P 284 76.89 38.21 -48.38
N LYS P 285 77.74 39.13 -47.92
CA LYS P 285 78.86 39.63 -48.72
C LYS P 285 80.06 38.69 -48.70
N GLU P 286 79.98 37.58 -47.94
CA GLU P 286 81.08 36.64 -47.87
C GLU P 286 80.70 35.22 -48.26
N GLY P 287 79.42 34.94 -48.47
CA GLY P 287 78.99 33.60 -48.85
C GLY P 287 78.97 32.63 -47.69
N ILE P 288 78.22 32.97 -46.64
CA ILE P 288 78.11 32.14 -45.44
C ILE P 288 76.65 31.81 -45.23
N VAL P 289 76.36 30.53 -45.02
CA VAL P 289 74.99 30.09 -44.80
C VAL P 289 74.51 30.57 -43.44
N ALA P 290 73.36 31.24 -43.42
CA ALA P 290 72.78 31.78 -42.20
C ALA P 290 71.60 30.91 -41.77
N ALA P 291 71.62 30.49 -40.51
CA ALA P 291 70.56 29.66 -39.95
C ALA P 291 70.33 30.07 -38.49
N ARG P 292 69.16 29.70 -37.97
CA ARG P 292 68.80 30.04 -36.61
C ARG P 292 67.83 28.99 -36.08
N ARG P 293 67.67 28.99 -34.75
CA ARG P 293 66.77 28.07 -34.06
C ARG P 293 67.10 26.62 -34.38
N VAL P 294 68.13 26.08 -33.73
CA VAL P 294 68.54 24.69 -33.91
C VAL P 294 68.17 23.91 -32.67
N LYS P 295 67.33 22.90 -32.83
CA LYS P 295 66.91 22.08 -31.70
C LYS P 295 68.06 21.20 -31.23
N LYS P 296 68.06 20.90 -29.93
CA LYS P 296 69.11 20.06 -29.36
C LYS P 296 69.10 18.66 -29.97
N SER P 297 67.91 18.13 -30.27
CA SER P 297 67.83 16.82 -30.90
C SER P 297 68.44 16.83 -32.29
N ASP P 298 68.36 17.96 -33.00
CA ASP P 298 68.99 18.09 -34.30
C ASP P 298 70.43 18.58 -34.23
N MET P 299 70.83 19.16 -33.10
CA MET P 299 72.20 19.62 -32.92
C MET P 299 73.14 18.53 -32.44
N GLU P 300 72.62 17.58 -31.65
CA GLU P 300 73.46 16.48 -31.15
C GLU P 300 73.91 15.55 -32.27
N LYS P 301 73.25 15.57 -33.42
CA LYS P 301 73.62 14.72 -34.54
C LYS P 301 74.69 15.35 -35.42
N LEU P 302 75.29 16.46 -35.00
CA LEU P 302 76.32 17.13 -35.78
C LEU P 302 77.73 16.85 -35.28
N ALA P 303 77.90 16.49 -34.01
CA ALA P 303 79.21 16.21 -33.45
C ALA P 303 79.71 14.81 -33.80
N LYS P 304 78.81 13.85 -33.96
CA LYS P 304 79.19 12.48 -34.28
C LYS P 304 79.15 12.19 -35.77
N ALA P 305 78.66 13.11 -36.60
CA ALA P 305 78.58 12.92 -38.04
C ALA P 305 79.58 13.80 -38.78
N THR P 306 79.50 15.12 -38.61
CA THR P 306 80.43 16.02 -39.29
C THR P 306 81.78 16.08 -38.58
N GLY P 307 81.77 16.10 -37.25
CA GLY P 307 82.99 16.15 -36.50
C GLY P 307 83.40 17.56 -36.10
N ALA P 308 82.73 18.11 -35.09
CA ALA P 308 83.01 19.46 -34.62
C ALA P 308 82.63 19.58 -33.16
N ASN P 309 83.26 20.52 -32.47
CA ASN P 309 83.01 20.76 -31.06
C ASN P 309 82.09 21.97 -30.89
N VAL P 310 81.79 22.31 -29.64
CA VAL P 310 80.92 23.43 -29.31
C VAL P 310 81.76 24.50 -28.61
N ILE P 311 81.27 25.74 -28.70
CA ILE P 311 81.92 26.89 -28.08
C ILE P 311 80.92 27.55 -27.14
N THR P 312 81.27 27.61 -25.85
CA THR P 312 80.39 28.21 -24.86
C THR P 312 80.41 29.73 -24.90
N ASN P 313 81.45 30.33 -25.50
CA ASN P 313 81.54 31.79 -25.57
C ASN P 313 81.54 32.25 -27.02
N ILE P 314 82.45 33.16 -27.36
CA ILE P 314 82.56 33.68 -28.72
C ILE P 314 84.03 33.81 -29.09
N LYS P 315 84.88 34.06 -28.09
CA LYS P 315 86.31 34.21 -28.30
C LYS P 315 87.07 32.90 -28.16
N ASP P 316 86.38 31.78 -27.97
CA ASP P 316 87.02 30.48 -27.81
C ASP P 316 87.02 29.69 -29.11
N LEU P 317 86.80 30.35 -30.24
CA LEU P 317 86.78 29.68 -31.54
C LEU P 317 88.12 29.90 -32.24
N SER P 318 88.73 28.80 -32.70
CA SER P 318 90.01 28.87 -33.38
C SER P 318 89.93 28.21 -34.74
N ALA P 319 90.56 27.04 -34.88
CA ALA P 319 90.56 26.30 -36.14
C ALA P 319 90.23 24.82 -35.99
N GLN P 320 90.45 24.23 -34.83
CA GLN P 320 90.15 22.82 -34.62
C GLN P 320 88.70 22.55 -34.27
N ASP P 321 87.92 23.59 -33.97
CA ASP P 321 86.50 23.44 -33.65
C ASP P 321 85.60 23.62 -34.86
N LEU P 322 86.04 23.15 -36.03
CA LEU P 322 85.27 23.26 -37.26
C LEU P 322 85.01 21.87 -37.82
N GLY P 323 83.97 21.79 -38.65
CA GLY P 323 83.60 20.53 -39.27
C GLY P 323 83.72 20.55 -40.78
N ASP P 324 82.99 19.66 -41.45
CA ASP P 324 83.01 19.59 -42.91
C ASP P 324 81.67 19.07 -43.39
N ALA P 325 81.17 19.66 -44.48
CA ALA P 325 79.89 19.25 -45.04
C ALA P 325 80.01 19.08 -46.56
N GLY P 326 78.86 18.93 -47.22
CA GLY P 326 78.85 18.75 -48.66
C GLY P 326 78.00 19.78 -49.39
N LEU P 327 76.68 19.72 -49.18
CA LEU P 327 75.77 20.65 -49.84
C LEU P 327 74.62 20.96 -48.90
N VAL P 328 74.43 22.23 -48.58
CA VAL P 328 73.35 22.68 -47.71
C VAL P 328 72.30 23.36 -48.59
N GLU P 329 71.07 22.88 -48.54
CA GLU P 329 69.98 23.40 -49.35
C GLU P 329 68.74 23.58 -48.49
N GLU P 330 67.87 24.50 -48.93
CA GLU P 330 66.62 24.79 -48.24
C GLU P 330 65.50 24.74 -49.28
N ARG P 331 64.86 23.59 -49.40
CA ARG P 331 63.78 23.37 -50.37
C ARG P 331 62.43 23.36 -49.65
N LYS P 332 61.39 23.75 -50.40
CA LYS P 332 60.02 23.77 -49.88
C LYS P 332 59.31 22.54 -50.44
N ILE P 333 59.35 21.46 -49.66
CA ILE P 333 58.74 20.18 -50.04
C ILE P 333 57.66 19.84 -49.02
N SER P 334 56.53 19.35 -49.52
CA SER P 334 55.40 18.96 -48.68
C SER P 334 54.91 20.12 -47.82
N GLY P 335 54.82 21.30 -48.43
CA GLY P 335 54.32 22.47 -47.73
C GLY P 335 55.38 23.21 -46.94
N ASP P 336 55.84 22.60 -45.86
CA ASP P 336 56.83 23.24 -45.00
C ASP P 336 58.20 23.25 -45.68
N SER P 337 59.10 24.06 -45.12
CA SER P 337 60.46 24.20 -45.63
C SER P 337 61.43 23.56 -44.64
N MET P 338 62.31 22.71 -45.16
CA MET P 338 63.29 22.01 -44.34
C MET P 338 64.68 22.20 -44.93
N ILE P 339 65.69 22.03 -44.08
CA ILE P 339 67.08 22.19 -44.47
C ILE P 339 67.71 20.82 -44.63
N PHE P 340 68.33 20.58 -45.79
CA PHE P 340 68.97 19.32 -46.11
C PHE P 340 70.46 19.54 -46.25
N VAL P 341 71.26 18.84 -45.46
CA VAL P 341 72.72 18.89 -45.54
C VAL P 341 73.18 17.52 -46.00
N GLU P 342 73.63 17.43 -47.25
CA GLU P 342 74.09 16.20 -47.85
C GLU P 342 75.61 16.13 -47.87
N GLU P 343 76.11 14.90 -47.92
CA GLU P 343 77.55 14.60 -47.94
C GLU P 343 78.22 15.13 -46.67
N CYS P 344 78.23 14.32 -45.62
CA CYS P 344 78.87 14.72 -44.37
C CYS P 344 80.28 14.13 -44.28
N LYS P 345 80.46 13.10 -43.47
CA LYS P 345 81.76 12.46 -43.32
C LYS P 345 81.60 11.03 -42.82
N HIS P 346 80.89 10.85 -41.71
CA HIS P 346 80.65 9.54 -41.11
C HIS P 346 79.16 9.26 -41.15
N PRO P 347 78.64 8.59 -42.18
CA PRO P 347 77.21 8.29 -42.23
C PRO P 347 76.80 7.22 -41.25
N LYS P 348 76.63 7.59 -39.98
CA LYS P 348 76.25 6.63 -38.95
C LYS P 348 74.75 6.35 -38.99
N ALA P 349 73.94 7.36 -38.66
CA ALA P 349 72.49 7.22 -38.65
C ALA P 349 71.92 7.60 -40.02
N VAL P 350 70.60 7.55 -40.12
CA VAL P 350 69.90 7.87 -41.36
C VAL P 350 68.54 8.47 -41.00
N THR P 351 67.98 9.23 -41.93
CA THR P 351 66.70 9.90 -41.74
C THR P 351 65.69 9.40 -42.76
N MET P 352 64.49 9.09 -42.29
CA MET P 352 63.41 8.60 -43.13
C MET P 352 62.23 9.56 -43.03
N LEU P 353 61.74 10.02 -44.18
CA LEU P 353 60.61 10.94 -44.25
C LEU P 353 59.46 10.26 -44.98
N ILE P 354 58.27 10.34 -44.40
CA ILE P 354 57.06 9.75 -44.96
C ILE P 354 56.07 10.86 -45.27
N ARG P 355 55.55 10.87 -46.50
CA ARG P 355 54.60 11.86 -46.96
C ARG P 355 53.34 11.15 -47.41
N GLY P 356 52.19 11.54 -46.83
CA GLY P 356 50.91 10.96 -47.13
C GLY P 356 49.92 12.01 -47.59
N THR P 357 48.65 11.75 -47.30
CA THR P 357 47.57 12.65 -47.68
C THR P 357 47.09 13.47 -46.49
N THR P 358 46.33 12.83 -45.59
CA THR P 358 45.78 13.53 -44.43
C THR P 358 46.81 13.60 -43.30
N GLU P 359 46.36 13.36 -42.07
CA GLU P 359 47.24 13.42 -40.90
C GLU P 359 47.33 12.11 -40.13
N HIS P 360 46.35 11.21 -40.30
CA HIS P 360 46.37 9.93 -39.61
C HIS P 360 47.10 8.84 -40.38
N VAL P 361 47.43 9.09 -41.65
CA VAL P 361 48.15 8.08 -42.44
C VAL P 361 49.63 8.08 -42.07
N ILE P 362 50.25 9.26 -42.02
CA ILE P 362 51.67 9.35 -41.69
C ILE P 362 51.92 8.78 -40.30
N GLU P 363 51.05 9.10 -39.35
CA GLU P 363 51.17 8.53 -38.01
C GLU P 363 51.07 7.01 -38.06
N GLU P 364 50.26 6.48 -38.97
CA GLU P 364 50.17 5.04 -39.14
C GLU P 364 51.51 4.44 -39.54
N VAL P 365 52.33 5.21 -40.27
CA VAL P 365 53.67 4.74 -40.59
C VAL P 365 54.62 4.96 -39.41
N ALA P 366 54.32 5.93 -38.56
CA ALA P 366 55.18 6.21 -37.41
C ALA P 366 55.25 5.01 -36.46
N ARG P 367 54.16 4.27 -36.32
CA ARG P 367 54.13 3.06 -35.52
C ARG P 367 54.52 1.82 -36.33
N ALA P 368 54.98 2.00 -37.56
CA ALA P 368 55.40 0.88 -38.41
C ALA P 368 56.89 0.82 -38.65
N VAL P 369 57.58 1.95 -38.66
CA VAL P 369 59.02 1.95 -38.91
C VAL P 369 59.77 1.41 -37.70
N ASP P 370 59.39 1.85 -36.49
CA ASP P 370 60.06 1.37 -35.29
C ASP P 370 59.89 -0.13 -35.09
N ASP P 371 58.77 -0.68 -35.56
CA ASP P 371 58.55 -2.12 -35.49
C ASP P 371 59.13 -2.86 -36.69
N ALA P 372 59.75 -2.15 -37.64
CA ALA P 372 60.33 -2.78 -38.81
C ALA P 372 61.85 -2.89 -38.74
N VAL P 373 62.51 -2.03 -37.96
CA VAL P 373 63.96 -2.06 -37.83
C VAL P 373 64.32 -2.95 -36.63
N GLY P 374 63.43 -3.01 -35.64
CA GLY P 374 63.69 -3.81 -34.46
C GLY P 374 63.84 -5.29 -34.76
N VAL P 375 63.18 -5.77 -35.81
CA VAL P 375 63.33 -7.17 -36.22
C VAL P 375 64.55 -7.40 -37.10
N VAL P 376 65.31 -6.36 -37.41
CA VAL P 376 66.50 -6.51 -38.24
C VAL P 376 67.76 -6.59 -37.39
N GLY P 377 67.88 -5.72 -36.38
CA GLY P 377 69.05 -5.73 -35.53
C GLY P 377 69.20 -7.03 -34.75
N CYS P 378 68.08 -7.70 -34.47
CA CYS P 378 68.12 -9.00 -33.79
C CYS P 378 68.29 -10.15 -34.76
N THR P 379 68.47 -9.88 -36.06
CA THR P 379 68.64 -10.93 -37.05
C THR P 379 70.12 -11.20 -37.35
N ILE P 380 70.91 -10.14 -37.53
CA ILE P 380 72.33 -10.31 -37.82
C ILE P 380 73.07 -10.78 -36.57
N GLU P 381 72.70 -10.24 -35.40
CA GLU P 381 73.37 -10.64 -34.17
C GLU P 381 73.04 -12.06 -33.77
N ASP P 382 71.87 -12.56 -34.18
CA ASP P 382 71.46 -13.93 -33.85
C ASP P 382 71.57 -14.83 -35.06
N GLY P 383 70.51 -14.86 -35.88
CA GLY P 383 70.49 -15.68 -37.07
C GLY P 383 69.68 -16.96 -36.98
N ARG P 384 68.90 -17.13 -35.92
CA ARG P 384 68.09 -18.34 -35.74
C ARG P 384 66.67 -18.08 -36.25
N ILE P 385 66.59 -17.83 -37.56
CA ILE P 385 65.32 -17.55 -38.20
C ILE P 385 64.52 -18.85 -38.33
N VAL P 386 63.29 -18.84 -37.83
CA VAL P 386 62.42 -20.01 -37.88
C VAL P 386 61.32 -19.76 -38.91
N SER P 387 60.40 -20.72 -39.04
CA SER P 387 59.29 -20.61 -39.97
C SER P 387 58.13 -19.91 -39.27
N GLY P 388 57.82 -18.70 -39.72
CA GLY P 388 56.74 -17.93 -39.13
C GLY P 388 55.38 -18.31 -39.70
N GLY P 389 54.37 -17.57 -39.25
CA GLY P 389 53.01 -17.81 -39.70
C GLY P 389 52.25 -18.82 -38.89
N GLY P 390 52.60 -19.02 -37.62
CA GLY P 390 51.89 -19.98 -36.79
C GLY P 390 52.28 -21.42 -37.04
N SER P 391 53.56 -21.69 -37.30
CA SER P 391 54.03 -23.03 -37.56
C SER P 391 54.88 -23.61 -36.44
N THR P 392 55.47 -22.77 -35.59
CA THR P 392 56.30 -23.26 -34.49
C THR P 392 55.44 -23.84 -33.38
N GLU P 393 54.30 -23.22 -33.09
CA GLU P 393 53.42 -23.71 -32.04
C GLU P 393 52.85 -25.09 -32.39
N VAL P 394 52.42 -25.26 -33.65
CA VAL P 394 51.88 -26.55 -34.07
C VAL P 394 52.97 -27.61 -34.06
N GLU P 395 54.21 -27.23 -34.37
CA GLU P 395 55.30 -28.20 -34.36
C GLU P 395 55.66 -28.60 -32.93
N LEU P 396 55.63 -27.66 -31.99
CA LEU P 396 55.95 -27.98 -30.60
C LEU P 396 54.80 -28.73 -29.93
N SER P 397 53.56 -28.53 -30.39
CA SER P 397 52.44 -29.25 -29.81
C SER P 397 52.50 -30.74 -30.13
N MET P 398 53.00 -31.11 -31.31
CA MET P 398 53.14 -32.52 -31.65
C MET P 398 54.27 -33.19 -30.90
N LYS P 399 55.23 -32.42 -30.40
CA LYS P 399 56.35 -32.95 -29.63
C LYS P 399 56.08 -33.01 -28.13
N LEU P 400 55.35 -32.03 -27.60
CA LEU P 400 55.05 -32.04 -26.18
C LEU P 400 54.13 -33.21 -25.81
N ARG P 401 53.23 -33.60 -26.71
CA ARG P 401 52.34 -34.72 -26.42
C ARG P 401 53.12 -36.02 -26.23
N GLU P 402 54.13 -36.25 -27.07
CA GLU P 402 54.94 -37.46 -26.92
C GLU P 402 56.02 -37.31 -25.86
N TYR P 403 56.38 -36.07 -25.49
CA TYR P 403 57.35 -35.88 -24.42
C TYR P 403 56.72 -36.04 -23.04
N ALA P 404 55.44 -35.69 -22.90
CA ALA P 404 54.77 -35.81 -21.61
C ALA P 404 54.43 -37.26 -21.25
N GLU P 405 54.63 -38.20 -22.17
CA GLU P 405 54.33 -39.60 -21.90
C GLU P 405 55.42 -40.30 -21.08
N GLY P 406 56.61 -39.72 -21.00
CA GLY P 406 57.70 -40.31 -20.24
C GLY P 406 57.64 -40.07 -18.75
N ILE P 407 56.72 -39.25 -18.28
CA ILE P 407 56.58 -38.94 -16.86
C ILE P 407 55.25 -39.49 -16.36
N SER P 408 55.19 -39.72 -15.05
CA SER P 408 54.00 -40.25 -14.40
C SER P 408 53.66 -39.35 -13.21
N GLY P 409 52.38 -39.08 -13.04
CA GLY P 409 51.92 -38.24 -11.95
C GLY P 409 50.90 -37.23 -12.45
N ARG P 410 50.55 -36.30 -11.56
CA ARG P 410 49.59 -35.25 -11.89
C ARG P 410 50.19 -34.13 -12.71
N GLU P 411 51.50 -34.14 -12.94
CA GLU P 411 52.15 -33.10 -13.73
C GLU P 411 51.97 -33.29 -15.23
N GLN P 412 51.49 -34.46 -15.66
CA GLN P 412 51.29 -34.69 -17.08
C GLN P 412 50.11 -33.89 -17.62
N LEU P 413 49.06 -33.70 -16.81
CA LEU P 413 47.91 -32.92 -17.24
C LEU P 413 48.27 -31.45 -17.45
N ALA P 414 49.25 -30.94 -16.69
CA ALA P 414 49.69 -29.56 -16.89
C ALA P 414 50.45 -29.42 -18.20
N VAL P 415 51.33 -30.38 -18.51
CA VAL P 415 52.06 -30.32 -19.77
C VAL P 415 51.11 -30.48 -20.95
N ARG P 416 50.13 -31.39 -20.84
CA ARG P 416 49.16 -31.56 -21.91
C ARG P 416 48.32 -30.30 -22.09
N ALA P 417 47.94 -29.64 -21.00
CA ALA P 417 47.19 -28.40 -21.11
C ALA P 417 48.02 -27.30 -21.75
N PHE P 418 49.30 -27.20 -21.38
CA PHE P 418 50.17 -26.20 -21.99
C PHE P 418 50.37 -26.48 -23.47
N ALA P 419 50.43 -27.75 -23.86
CA ALA P 419 50.58 -28.09 -25.26
C ALA P 419 49.30 -27.78 -26.06
N ASP P 420 48.14 -28.04 -25.46
CA ASP P 420 46.88 -27.78 -26.14
C ASP P 420 46.60 -26.28 -26.22
N ALA P 421 47.11 -25.50 -25.26
CA ALA P 421 46.90 -24.06 -25.30
C ALA P 421 47.71 -23.37 -26.38
N LEU P 422 48.75 -24.02 -26.89
CA LEU P 422 49.56 -23.43 -27.95
C LEU P 422 48.84 -23.39 -29.30
N GLU P 423 47.73 -24.10 -29.44
CA GLU P 423 46.97 -24.12 -30.68
C GLU P 423 46.01 -22.95 -30.81
N VAL P 424 46.14 -21.93 -29.95
CA VAL P 424 45.24 -20.77 -30.03
C VAL P 424 45.69 -19.78 -31.10
N ILE P 425 46.98 -19.78 -31.46
CA ILE P 425 47.51 -18.88 -32.48
C ILE P 425 46.91 -19.19 -33.85
N PRO P 426 46.90 -20.46 -34.30
CA PRO P 426 46.27 -20.73 -35.61
C PRO P 426 44.77 -20.51 -35.60
N ARG P 427 44.10 -20.66 -34.45
CA ARG P 427 42.67 -20.40 -34.39
C ARG P 427 42.37 -18.90 -34.46
N THR P 428 43.24 -18.07 -33.90
CA THR P 428 43.05 -16.62 -33.98
C THR P 428 43.48 -16.07 -35.33
N LEU P 429 44.50 -16.65 -35.96
CA LEU P 429 44.91 -16.19 -37.28
C LEU P 429 43.95 -16.62 -38.37
N ALA P 430 43.13 -17.64 -38.13
CA ALA P 430 42.15 -18.10 -39.11
C ALA P 430 40.74 -17.63 -38.80
N GLU P 431 40.50 -17.03 -37.63
CA GLU P 431 39.17 -16.54 -37.30
C GLU P 431 38.81 -15.30 -38.11
N ASN P 432 39.81 -14.54 -38.56
CA ASN P 432 39.54 -13.34 -39.35
C ASN P 432 39.00 -13.67 -40.73
N ALA P 433 39.13 -14.90 -41.19
CA ALA P 433 38.63 -15.33 -42.48
C ALA P 433 37.27 -16.00 -42.34
N GLY P 434 36.71 -16.38 -43.48
CA GLY P 434 35.40 -17.01 -43.51
C GLY P 434 35.44 -18.46 -43.97
N LEU P 435 36.37 -18.77 -44.87
CA LEU P 435 36.52 -20.12 -45.41
C LEU P 435 37.50 -20.97 -44.62
N ASP P 436 37.82 -20.57 -43.39
CA ASP P 436 38.76 -21.31 -42.55
C ASP P 436 38.02 -22.09 -41.46
N ALA P 437 37.31 -21.39 -40.57
CA ALA P 437 36.56 -22.01 -39.48
C ALA P 437 37.44 -22.91 -38.63
N ILE P 438 37.37 -24.22 -38.86
CA ILE P 438 38.15 -25.19 -38.07
C ILE P 438 38.83 -26.24 -38.93
N GLU P 439 38.48 -26.35 -40.22
CA GLU P 439 39.11 -27.36 -41.07
C GLU P 439 40.58 -27.08 -41.28
N ILE P 440 40.99 -25.80 -41.27
CA ILE P 440 42.39 -25.47 -41.47
C ILE P 440 43.25 -26.03 -40.35
N LEU P 441 42.77 -25.93 -39.11
CA LEU P 441 43.54 -26.44 -37.98
C LEU P 441 43.66 -27.95 -38.03
N VAL P 442 42.63 -28.64 -38.53
CA VAL P 442 42.70 -30.09 -38.64
C VAL P 442 43.62 -30.50 -39.78
N LYS P 443 43.65 -29.72 -40.86
CA LYS P 443 44.51 -30.07 -41.99
C LYS P 443 45.97 -29.79 -41.69
N VAL P 444 46.28 -28.71 -40.97
CA VAL P 444 47.66 -28.41 -40.64
C VAL P 444 48.20 -29.23 -39.48
N ARG P 445 47.34 -30.01 -38.81
CA ARG P 445 47.79 -30.83 -37.70
C ARG P 445 48.30 -32.19 -38.15
N ALA P 446 47.58 -32.85 -39.06
CA ALA P 446 48.00 -34.15 -39.56
C ALA P 446 49.05 -34.07 -40.65
N ALA P 447 49.40 -32.86 -41.11
CA ALA P 447 50.40 -32.72 -42.16
C ALA P 447 51.82 -32.89 -41.62
N HIS P 448 52.07 -32.49 -40.37
CA HIS P 448 53.38 -32.61 -39.76
C HIS P 448 53.57 -33.94 -39.03
N ALA P 449 52.74 -34.94 -39.31
CA ALA P 449 52.86 -36.23 -38.67
C ALA P 449 53.85 -37.16 -39.36
N SER P 450 54.46 -36.73 -40.46
CA SER P 450 55.42 -37.56 -41.17
C SER P 450 56.84 -37.27 -40.68
N ASN P 451 57.83 -37.39 -41.57
CA ASN P 451 59.21 -37.14 -41.20
C ASN P 451 59.54 -35.65 -41.30
N GLY P 452 59.55 -35.12 -42.52
CA GLY P 452 59.86 -33.72 -42.73
C GLY P 452 58.64 -32.83 -42.62
N ASN P 453 58.47 -31.94 -43.60
CA ASN P 453 57.35 -31.01 -43.65
C ASN P 453 57.29 -30.15 -42.38
N LYS P 454 58.10 -29.11 -42.32
CA LYS P 454 58.16 -28.21 -41.17
C LYS P 454 57.90 -26.76 -41.52
N CYS P 455 58.33 -26.30 -42.69
CA CYS P 455 58.15 -24.90 -43.08
C CYS P 455 56.72 -24.58 -43.45
N ALA P 456 55.85 -25.57 -43.56
CA ALA P 456 54.45 -25.31 -43.91
C ALA P 456 53.71 -24.69 -42.73
N GLY P 457 52.84 -23.73 -43.03
CA GLY P 457 52.07 -23.06 -42.00
C GLY P 457 50.68 -22.65 -42.46
N LEU P 458 50.43 -21.34 -42.50
CA LEU P 458 49.13 -20.83 -42.92
C LEU P 458 49.30 -19.41 -43.42
N ASN P 459 48.68 -19.11 -44.56
CA ASN P 459 48.72 -17.78 -45.15
C ASN P 459 47.30 -17.33 -45.45
N VAL P 460 46.97 -16.09 -45.05
CA VAL P 460 45.63 -15.56 -45.25
C VAL P 460 45.44 -14.93 -46.62
N PHE P 461 46.43 -15.03 -47.50
CA PHE P 461 46.36 -14.45 -48.84
C PHE P 461 46.09 -15.50 -49.92
N THR P 462 45.70 -16.70 -49.54
CA THR P 462 45.43 -17.76 -50.51
C THR P 462 44.23 -18.60 -50.08
N GLY P 463 44.39 -19.36 -49.00
CA GLY P 463 43.32 -20.20 -48.50
C GLY P 463 43.75 -21.64 -48.28
N ALA P 464 44.66 -22.12 -49.12
CA ALA P 464 45.16 -23.49 -49.02
C ALA P 464 46.34 -23.51 -48.05
N VAL P 465 47.11 -24.60 -48.06
CA VAL P 465 48.28 -24.76 -47.20
C VAL P 465 49.51 -24.91 -48.08
N GLU P 466 50.60 -24.26 -47.67
CA GLU P 466 51.86 -24.32 -48.41
C GLU P 466 52.98 -23.91 -47.45
N ASP P 467 54.20 -23.87 -47.99
CA ASP P 467 55.35 -23.48 -47.20
C ASP P 467 55.35 -21.98 -46.95
N MET P 468 55.92 -21.58 -45.81
CA MET P 468 55.98 -20.18 -45.41
C MET P 468 57.31 -19.51 -45.75
N CYS P 469 58.39 -20.29 -45.86
CA CYS P 469 59.69 -19.71 -46.18
C CYS P 469 59.80 -19.30 -47.64
N GLU P 470 58.98 -19.88 -48.52
CA GLU P 470 59.02 -19.53 -49.94
C GLU P 470 58.15 -18.33 -50.27
N ASN P 471 57.22 -17.96 -49.41
CA ASN P 471 56.36 -16.80 -49.67
C ASN P 471 57.06 -15.50 -49.31
N GLY P 472 57.39 -15.33 -48.02
CA GLY P 472 58.07 -14.13 -47.57
C GLY P 472 57.84 -13.85 -46.10
N VAL P 473 57.53 -14.88 -45.32
CA VAL P 473 57.28 -14.76 -43.89
C VAL P 473 58.41 -15.48 -43.18
N VAL P 474 59.29 -14.71 -42.53
CA VAL P 474 60.42 -15.26 -41.80
C VAL P 474 60.52 -14.61 -40.44
N GLU P 475 59.55 -14.88 -39.58
CA GLU P 475 59.54 -14.29 -38.24
C GLU P 475 60.68 -14.86 -37.42
N PRO P 476 61.45 -14.02 -36.71
CA PRO P 476 62.58 -14.54 -35.92
C PRO P 476 62.14 -15.36 -34.72
N LEU P 477 63.12 -15.92 -33.99
CA LEU P 477 62.83 -16.77 -32.85
C LEU P 477 62.83 -16.01 -31.53
N ARG P 478 63.58 -14.90 -31.43
CA ARG P 478 63.64 -14.15 -30.19
C ARG P 478 62.28 -13.59 -29.81
N VAL P 479 61.51 -13.10 -30.81
CA VAL P 479 60.19 -12.56 -30.54
C VAL P 479 59.24 -13.63 -30.04
N LYS P 480 59.51 -14.90 -30.33
CA LYS P 480 58.70 -16.00 -29.82
C LYS P 480 59.17 -16.46 -28.44
N THR P 481 60.48 -16.55 -28.24
CA THR P 481 60.99 -16.99 -26.94
C THR P 481 60.67 -15.98 -25.86
N GLN P 482 60.83 -14.68 -26.15
CA GLN P 482 60.50 -13.67 -25.16
C GLN P 482 59.00 -13.66 -24.85
N ALA P 483 58.17 -13.88 -25.88
CA ALA P 483 56.72 -13.93 -25.65
C ALA P 483 56.35 -15.13 -24.80
N ILE P 484 56.95 -16.29 -25.06
CA ILE P 484 56.67 -17.47 -24.25
C ILE P 484 57.12 -17.27 -22.81
N GLN P 485 58.29 -16.64 -22.63
CA GLN P 485 58.78 -16.38 -21.28
C GLN P 485 57.86 -15.41 -20.54
N SER P 486 57.39 -14.37 -21.22
CA SER P 486 56.47 -13.42 -20.58
C SER P 486 55.14 -14.09 -20.24
N ALA P 487 54.65 -14.96 -21.12
CA ALA P 487 53.39 -15.65 -20.85
C ALA P 487 53.54 -16.62 -19.68
N ALA P 488 54.69 -17.28 -19.58
CA ALA P 488 54.91 -18.20 -18.47
C ALA P 488 55.15 -17.48 -17.16
N GLU P 489 55.70 -16.26 -17.21
CA GLU P 489 55.92 -15.50 -15.99
C GLU P 489 54.66 -14.79 -15.52
N SER P 490 53.79 -14.39 -16.45
CA SER P 490 52.58 -13.68 -16.07
C SER P 490 51.50 -14.61 -15.54
N THR P 491 51.47 -15.86 -15.99
CA THR P 491 50.45 -16.81 -15.54
C THR P 491 50.69 -17.31 -14.12
N GLU P 492 51.87 -17.09 -13.56
CA GLU P 492 52.19 -17.53 -12.21
C GLU P 492 51.98 -16.44 -11.16
N MET P 493 51.82 -15.19 -11.57
CA MET P 493 51.60 -14.09 -10.64
C MET P 493 50.15 -13.96 -10.20
N LEU P 494 49.25 -14.78 -10.74
CA LEU P 494 47.83 -14.74 -10.39
C LEU P 494 47.37 -15.98 -9.64
N LEU P 495 47.88 -17.15 -9.99
CA LEU P 495 47.47 -18.37 -9.30
C LEU P 495 48.07 -18.48 -7.90
N ARG P 496 49.16 -17.77 -7.63
CA ARG P 496 49.83 -17.79 -6.34
C ARG P 496 49.32 -16.70 -5.40
N ILE P 497 48.11 -16.19 -5.63
CA ILE P 497 47.52 -15.15 -4.79
C ILE P 497 46.49 -15.72 -3.83
N ASP P 498 45.58 -16.55 -4.34
CA ASP P 498 44.54 -17.18 -3.53
C ASP P 498 43.69 -16.14 -2.80
N ASP P 499 44.14 -15.69 -1.65
CA ASP P 499 43.44 -14.71 -0.85
C ASP P 499 43.97 -13.30 -1.13
N VAL P 500 43.18 -12.30 -0.74
CA VAL P 500 43.55 -10.90 -0.94
C VAL P 500 43.00 -10.11 0.24
N ILE P 501 43.86 -9.27 0.84
CA ILE P 501 43.46 -8.44 1.96
C ILE P 501 43.64 -6.97 1.60
N ALA P 502 43.40 -6.09 2.57
CA ALA P 502 43.52 -4.65 2.35
C ALA P 502 44.05 -4.00 3.62
N ALA P 503 44.56 -2.78 3.47
CA ALA P 503 45.11 -2.04 4.60
C ALA P 503 44.97 -0.55 4.32
N GLU P 504 45.12 0.25 5.37
CA GLU P 504 45.02 1.70 5.28
C GLU P 504 46.38 2.39 5.37
N LYS P 505 47.46 1.63 5.41
CA LYS P 505 48.81 2.19 5.50
C LYS P 505 49.42 2.29 4.10
N LEU P 506 50.07 3.41 3.83
CA LEU P 506 50.70 3.62 2.54
C LEU P 506 51.92 2.72 2.39
N ARG P 507 51.99 2.02 1.25
CA ARG P 507 53.09 1.10 0.96
C ARG P 507 53.27 0.06 2.05
#